data_7DOP
#
_entry.id   7DOP
#
_cell.length_a   1.00
_cell.length_b   1.00
_cell.length_c   1.00
_cell.angle_alpha   90.00
_cell.angle_beta   90.00
_cell.angle_gamma   90.00
#
_symmetry.space_group_name_H-M   'P 1'
#
loop_
_entity.id
_entity.type
_entity.pdbx_description
1 polymer 'Nonstructural Protein 1'
2 non-polymer 'ZINC ION'
#
_entity_poly.entity_id   1
_entity_poly.type   'polypeptide(L)'
_entity_poly.pdbx_seq_one_letter_code
;MDPVYVDIDADSAFLKALQRAYPMFEVEPRQVTPNDHANARAFSHLAIKLIEQEIDPDSTILDIGSAPARRMMSDRKYHC
VCPMRSAEDPERLANYARKLASAAGKVLDRNISGKIGDLQAVMAVPDTETPTFCLHTDVSCRQRADVAIYQDVYAVHAPT
SLYHQAIKGVRLAYWVGFDTTPFMYNAMAGAYPSYSTNWADEQVLKAKNIGLCSTDLTEGRRGKLSIMRGKKLEPCDRVL
FSVGSTLYPESRKLLKSWHLPSVFHLKGKLSFTCRCDTVVSCEGYVVKRITMSPGLYGKTTGYAVTHHADGFLMCKTTDT
VDGERVSFSVCTYVPATICDQMTGILATEVTPEDAQKLLVGLNQRIVVNGRTQRNTNTMKNYMIPVVAQAFSKWAKECRK
DMEDEKLLGVRERTLTCCCLWAFKKQKTHTVYKRPDTQSIQKVQAEFDSFVVPSLWSSGLSIPLRTRIKWLLSKVPKTDL
TPYSGDAQEARDAEKEAEEEREAELTLEALPPLQAAGGGGSWSHPQFEKMDYKDHDGDYKDHDIDYKDDDDK
;
_entity_poly.pdbx_strand_id   A,B,C,D,E,F,G,H,I,J,K,L
#
# COMPACT_ATOMS: atom_id res chain seq x y z
N ASP A 2 50.01 29.94 28.71
CA ASP A 2 49.01 30.61 27.89
C ASP A 2 47.56 30.37 28.37
N PRO A 3 47.10 29.12 28.40
CA PRO A 3 45.68 28.88 28.71
C PRO A 3 45.35 29.28 30.14
N VAL A 4 44.10 29.66 30.34
CA VAL A 4 43.59 30.08 31.64
C VAL A 4 42.42 29.19 32.00
N TYR A 5 42.38 28.77 33.27
CA TYR A 5 41.41 27.79 33.73
C TYR A 5 40.47 28.44 34.72
N VAL A 6 39.18 28.15 34.59
CA VAL A 6 38.16 28.65 35.51
C VAL A 6 37.62 27.49 36.33
N ASP A 7 37.25 27.78 37.57
CA ASP A 7 36.74 26.78 38.49
C ASP A 7 35.23 26.62 38.39
N ILE A 8 34.72 26.39 37.17
CA ILE A 8 33.32 26.12 36.93
C ILE A 8 33.21 24.85 36.08
N ASP A 9 31.97 24.46 35.78
CA ASP A 9 31.71 23.21 35.09
C ASP A 9 32.00 23.36 33.60
N ALA A 10 31.64 22.35 32.82
CA ALA A 10 31.89 22.33 31.39
C ALA A 10 30.64 22.25 30.53
N ASP A 11 29.49 21.93 31.12
CA ASP A 11 28.23 21.87 30.37
C ASP A 11 27.36 23.09 30.60
N SER A 12 27.79 24.04 31.42
CA SER A 12 27.00 25.22 31.72
C SER A 12 27.02 26.21 30.58
N ALA A 13 26.00 27.06 30.52
CA ALA A 13 25.93 28.10 29.50
C ALA A 13 26.77 29.31 29.84
N PHE A 14 27.22 29.46 31.09
CA PHE A 14 28.04 30.60 31.46
C PHE A 14 29.45 30.51 30.90
N LEU A 15 29.92 29.30 30.54
CA LEU A 15 31.25 29.15 29.99
C LEU A 15 31.38 29.90 28.66
N LYS A 16 30.38 29.79 27.80
CA LYS A 16 30.41 30.48 26.52
C LYS A 16 30.41 31.99 26.70
N ALA A 17 29.58 32.48 27.63
CA ALA A 17 29.54 33.92 27.89
C ALA A 17 30.89 34.42 28.41
N LEU A 18 31.50 33.66 29.32
CA LEU A 18 32.83 34.04 29.81
C LEU A 18 33.85 34.04 28.69
N GLN A 19 33.78 33.05 27.80
CA GLN A 19 34.68 33.02 26.65
C GLN A 19 34.54 34.27 25.79
N ARG A 20 33.30 34.58 25.39
CA ARG A 20 33.11 35.70 24.48
C ARG A 20 33.26 37.06 25.16
N ALA A 21 33.32 37.10 26.50
CA ALA A 21 33.64 38.36 27.18
C ALA A 21 35.15 38.61 27.22
N TYR A 22 35.96 37.55 27.14
CA TYR A 22 37.41 37.65 27.13
C TYR A 22 37.90 36.94 25.88
N PRO A 23 37.89 37.61 24.71
CA PRO A 23 38.16 36.91 23.45
C PRO A 23 39.64 36.72 23.14
N MET A 24 40.52 37.34 23.92
CA MET A 24 41.97 37.23 23.78
C MET A 24 42.57 36.22 24.75
N PHE A 25 41.75 35.43 25.43
CA PHE A 25 42.21 34.36 26.29
C PHE A 25 41.65 33.04 25.76
N GLU A 26 42.04 31.95 26.40
CA GLU A 26 41.49 30.63 26.12
C GLU A 26 41.07 30.04 27.46
N VAL A 27 39.83 30.28 27.82
CA VAL A 27 39.29 29.85 29.10
C VAL A 27 38.89 28.38 29.01
N GLU A 28 39.21 27.62 30.05
CA GLU A 28 38.93 26.19 30.02
C GLU A 28 38.29 25.74 31.33
N PRO A 29 37.37 24.77 31.26
CA PRO A 29 36.76 24.24 32.48
C PRO A 29 37.70 23.33 33.24
N ARG A 30 37.77 23.52 34.56
CA ARG A 30 38.53 22.59 35.39
C ARG A 30 37.78 22.31 36.70
N ASP A 36 26.40 29.09 44.84
CA ASP A 36 25.87 30.07 43.89
C ASP A 36 26.74 31.33 43.86
N HIS A 37 28.05 31.14 43.72
CA HIS A 37 28.97 32.26 43.61
C HIS A 37 30.10 31.98 42.63
N ALA A 38 30.06 30.85 41.91
CA ALA A 38 31.15 30.51 41.00
C ALA A 38 31.18 31.44 39.79
N ASN A 39 30.00 31.87 39.32
CA ASN A 39 29.96 32.77 38.17
C ASN A 39 30.64 34.09 38.49
N ALA A 40 30.38 34.65 39.67
CA ALA A 40 30.99 35.93 40.02
C ALA A 40 32.47 35.78 40.33
N ARG A 41 32.89 34.62 40.85
CA ARG A 41 34.30 34.41 41.14
C ARG A 41 35.13 34.51 39.87
N ALA A 42 34.74 33.73 38.86
CA ALA A 42 35.56 33.56 37.67
C ALA A 42 35.69 34.87 36.91
N PHE A 43 34.64 35.69 36.92
CA PHE A 43 34.76 37.01 36.31
C PHE A 43 35.80 37.84 37.03
N SER A 44 35.85 37.73 38.36
CA SER A 44 36.83 38.48 39.13
C SER A 44 38.23 37.90 38.97
N HIS A 45 38.34 36.59 38.76
CA HIS A 45 39.64 35.97 38.50
C HIS A 45 40.24 36.45 37.19
N LEU A 46 39.45 36.44 36.10
CA LEU A 46 39.95 36.90 34.82
C LEU A 46 40.18 38.42 34.79
N ALA A 47 39.46 39.17 35.60
CA ALA A 47 39.65 40.62 35.59
C ALA A 47 40.99 41.01 36.20
N ILE A 48 41.41 40.32 37.27
CA ILE A 48 42.70 40.58 37.88
C ILE A 48 43.83 40.12 36.96
N LYS A 49 43.64 38.98 36.30
CA LYS A 49 44.65 38.49 35.36
C LYS A 49 44.88 39.49 34.23
N LEU A 50 43.79 40.06 33.70
CA LEU A 50 43.92 41.05 32.63
C LEU A 50 44.72 42.27 33.06
N ILE A 51 44.46 42.77 34.27
CA ILE A 51 45.11 44.00 34.71
C ILE A 51 46.62 43.79 34.81
N GLU A 52 47.04 42.65 35.36
CA GLU A 52 48.46 42.35 35.47
C GLU A 52 49.12 42.30 34.09
N GLN A 53 48.48 41.64 33.12
CA GLN A 53 49.00 41.60 31.76
C GLN A 53 49.03 42.98 31.13
N GLU A 54 48.25 43.92 31.65
CA GLU A 54 48.13 45.25 31.07
C GLU A 54 49.16 46.24 31.62
N ILE A 55 49.93 45.87 32.64
CA ILE A 55 50.87 46.78 33.27
C ILE A 55 52.24 46.12 33.37
N ASP A 56 53.28 46.94 33.25
CA ASP A 56 54.64 46.44 33.39
C ASP A 56 54.88 46.00 34.83
N PRO A 57 55.58 44.88 35.04
CA PRO A 57 55.84 44.42 36.41
C PRO A 57 56.76 45.37 37.17
N ASP A 58 57.06 45.05 38.43
CA ASP A 58 57.81 45.94 39.32
C ASP A 58 57.12 47.30 39.44
N SER A 59 55.80 47.28 39.55
CA SER A 59 54.98 48.47 39.76
C SER A 59 54.27 48.35 41.10
N THR A 60 54.13 49.48 41.79
CA THR A 60 53.45 49.49 43.09
C THR A 60 51.94 49.59 42.87
N ILE A 61 51.21 48.62 43.43
CA ILE A 61 49.76 48.49 43.20
C ILE A 61 49.05 48.73 44.53
N LEU A 62 48.15 49.70 44.56
CA LEU A 62 47.28 49.90 45.71
C LEU A 62 46.06 49.01 45.63
N ASP A 63 45.46 48.74 46.79
CA ASP A 63 44.20 47.99 46.87
C ASP A 63 43.28 48.74 47.84
N ILE A 64 42.27 49.40 47.30
CA ILE A 64 41.33 50.15 48.14
C ILE A 64 40.29 49.19 48.71
N GLY A 65 40.13 49.22 50.03
CA GLY A 65 39.16 48.39 50.72
C GLY A 65 39.27 46.93 50.36
N SER A 66 40.37 46.30 50.74
CA SER A 66 40.71 44.97 50.26
C SER A 66 40.63 43.93 51.37
N ALA A 67 40.78 42.67 50.97
CA ALA A 67 40.96 41.55 51.88
C ALA A 67 42.33 40.96 51.61
N PRO A 68 43.33 41.23 52.46
CA PRO A 68 44.72 40.90 52.08
C PRO A 68 44.98 39.43 51.82
N ALA A 69 44.14 38.53 52.33
CA ALA A 69 44.38 37.10 52.12
C ALA A 69 44.29 36.70 50.66
N ARG A 70 43.71 37.53 49.80
CA ARG A 70 43.63 37.20 48.38
C ARG A 70 44.89 37.62 47.63
N ARG A 71 45.55 38.69 48.07
CA ARG A 71 46.75 39.20 47.42
C ARG A 71 48.04 38.61 48.00
N MET A 72 47.93 37.70 48.96
CA MET A 72 49.11 37.24 49.68
C MET A 72 50.05 36.45 48.76
N MET A 73 49.50 35.60 47.89
CA MET A 73 50.28 34.67 47.09
C MET A 73 50.56 35.16 45.68
N SER A 74 50.75 36.47 45.50
CA SER A 74 50.99 37.05 44.18
C SER A 74 52.31 37.79 44.17
N ASP A 75 52.98 37.75 43.02
CA ASP A 75 54.31 38.32 42.85
C ASP A 75 54.26 39.77 42.35
N ARG A 76 53.50 40.62 43.03
CA ARG A 76 53.41 42.02 42.64
C ARG A 76 53.42 42.88 43.89
N LYS A 77 53.81 44.14 43.72
CA LYS A 77 53.95 45.09 44.83
C LYS A 77 52.57 45.57 45.25
N TYR A 78 51.86 44.71 45.98
CA TYR A 78 50.54 45.05 46.50
C TYR A 78 50.66 45.74 47.85
N HIS A 79 49.93 46.83 48.02
CA HIS A 79 49.83 47.55 49.29
C HIS A 79 48.36 47.59 49.70
N CYS A 80 47.95 46.66 50.55
CA CYS A 80 46.55 46.52 50.91
C CYS A 80 46.14 47.59 51.93
N VAL A 81 44.94 48.13 51.74
CA VAL A 81 44.38 49.16 52.61
C VAL A 81 43.13 48.59 53.25
N CYS A 82 43.09 48.55 54.58
CA CYS A 82 42.06 47.82 55.33
C CYS A 82 41.56 48.62 56.51
N PRO A 83 40.66 49.58 56.29
CA PRO A 83 40.01 50.26 57.40
C PRO A 83 38.93 49.38 58.04
N MET A 84 38.60 49.71 59.28
CA MET A 84 37.58 48.99 60.05
C MET A 84 36.24 49.71 59.87
N ARG A 85 35.59 49.43 58.75
CA ARG A 85 34.35 50.09 58.39
C ARG A 85 33.12 49.19 58.55
N SER A 86 33.27 47.87 58.43
CA SER A 86 32.12 46.97 58.50
C SER A 86 32.41 45.83 59.47
N ALA A 87 31.34 45.15 59.87
CA ALA A 87 31.44 44.06 60.84
C ALA A 87 32.18 42.84 60.30
N GLU A 88 32.41 42.76 59.00
CA GLU A 88 33.14 41.65 58.40
C GLU A 88 34.64 41.92 58.28
N ASP A 89 35.10 43.11 58.68
CA ASP A 89 36.49 43.48 58.49
C ASP A 89 37.44 42.76 59.45
N PRO A 90 37.17 42.70 60.75
CA PRO A 90 38.08 41.95 61.64
C PRO A 90 38.23 40.49 61.28
N GLU A 91 37.21 39.88 60.68
CA GLU A 91 37.35 38.52 60.19
C GLU A 91 38.36 38.46 59.04
N ARG A 92 38.34 39.47 58.16
CA ARG A 92 39.32 39.53 57.08
C ARG A 92 40.74 39.67 57.63
N LEU A 93 40.91 40.52 58.64
CA LEU A 93 42.21 40.69 59.26
C LEU A 93 42.68 39.40 59.93
N ALA A 94 41.78 38.75 60.67
CA ALA A 94 42.16 37.55 61.41
C ALA A 94 42.52 36.40 60.46
N ASN A 95 41.82 36.31 59.33
CA ASN A 95 42.13 35.25 58.37
C ASN A 95 43.51 35.44 57.76
N TYR A 96 43.91 36.70 57.54
CA TYR A 96 45.26 36.98 57.06
C TYR A 96 46.30 36.52 58.07
N ALA A 97 46.09 36.81 59.34
CA ALA A 97 47.06 36.48 60.37
C ALA A 97 47.23 34.96 60.51
N ARG A 98 46.26 34.19 60.06
CA ARG A 98 46.35 32.73 60.16
C ARG A 98 47.18 32.17 59.00
N LYS A 99 46.79 32.50 57.77
CA LYS A 99 47.51 31.99 56.60
C LYS A 99 48.96 32.43 56.59
N LEU A 100 49.27 33.56 57.20
CA LEU A 100 50.66 34.00 57.30
C LEU A 100 51.45 33.06 58.19
N ALA A 101 50.94 32.78 59.39
CA ALA A 101 51.58 31.81 60.27
C ALA A 101 51.52 30.40 59.68
N SER A 102 50.37 30.03 59.12
CA SER A 102 50.18 28.67 58.62
C SER A 102 51.05 28.36 57.41
N ALA A 103 51.64 29.37 56.78
CA ALA A 103 52.54 29.18 55.65
C ALA A 103 53.78 30.05 55.82
N ALA A 104 54.36 30.03 57.01
CA ALA A 104 55.50 30.87 57.33
C ALA A 104 56.84 30.24 57.00
N GLY A 105 56.87 28.97 56.58
CA GLY A 105 58.12 28.34 56.25
C GLY A 105 58.08 27.36 55.10
N LYS A 106 56.94 27.28 54.41
CA LYS A 106 56.73 26.27 53.39
C LYS A 106 56.95 26.79 51.97
N VAL A 107 57.31 28.06 51.80
CA VAL A 107 57.57 28.62 50.48
C VAL A 107 58.83 29.49 50.57
N LEU A 108 59.72 29.34 49.59
CA LEU A 108 60.98 30.08 49.58
C LEU A 108 61.13 30.87 48.28
N ASP A 109 60.03 31.21 47.63
CA ASP A 109 60.06 31.98 46.39
C ASP A 109 59.43 33.35 46.54
N ARG A 110 58.17 33.42 46.98
CA ARG A 110 57.50 34.68 47.19
C ARG A 110 57.75 35.18 48.61
N ASN A 111 57.87 36.50 48.76
CA ASN A 111 58.08 37.10 50.07
C ASN A 111 56.94 36.76 51.00
N ILE A 112 57.24 36.08 52.10
CA ILE A 112 56.21 35.73 53.07
C ILE A 112 56.62 36.23 54.45
N SER A 113 57.92 36.29 54.71
CA SER A 113 58.39 36.75 56.02
C SER A 113 58.29 38.26 56.15
N GLY A 114 58.46 39.00 55.05
CA GLY A 114 58.31 40.44 55.10
C GLY A 114 56.89 40.87 55.41
N LYS A 115 55.90 40.13 54.91
CA LYS A 115 54.51 40.44 55.21
C LYS A 115 54.20 40.19 56.68
N ILE A 116 54.82 39.18 57.29
CA ILE A 116 54.63 38.91 58.71
C ILE A 116 55.15 40.08 59.54
N GLY A 117 56.32 40.61 59.18
CA GLY A 117 56.87 41.72 59.94
C GLY A 117 56.05 42.99 59.85
N ASP A 118 55.46 43.25 58.68
CA ASP A 118 54.65 44.44 58.51
C ASP A 118 53.41 44.41 59.40
N LEU A 119 52.76 43.25 59.49
CA LEU A 119 51.56 43.13 60.32
C LEU A 119 51.87 43.41 61.78
N GLN A 120 52.87 42.72 62.34
CA GLN A 120 53.18 42.88 63.75
C GLN A 120 53.78 44.25 64.05
N ALA A 121 54.29 44.96 63.05
CA ALA A 121 54.67 46.35 63.26
C ALA A 121 53.44 47.25 63.38
N VAL A 122 52.45 47.05 62.51
CA VAL A 122 51.21 47.82 62.61
C VAL A 122 50.43 47.41 63.85
N MET A 123 50.47 46.12 64.20
CA MET A 123 49.83 45.65 65.43
C MET A 123 50.41 46.36 66.64
N ALA A 124 51.74 46.44 66.72
CA ALA A 124 52.37 47.19 67.81
C ALA A 124 52.08 48.68 67.71
N VAL A 125 52.31 49.27 66.53
CA VAL A 125 52.09 50.70 66.32
C VAL A 125 50.94 50.86 65.32
N PRO A 126 49.74 51.20 65.78
CA PRO A 126 48.55 51.13 64.91
C PRO A 126 48.40 52.29 63.94
N ASP A 127 49.38 53.19 63.83
CA ASP A 127 49.30 54.32 62.92
C ASP A 127 50.62 54.47 62.17
N THR A 128 51.13 53.36 61.64
CA THR A 128 52.35 53.36 60.85
C THR A 128 52.04 52.88 59.44
N GLU A 129 52.56 53.61 58.45
CA GLU A 129 52.42 53.21 57.06
C GLU A 129 53.56 52.29 56.69
N THR A 130 53.22 51.12 56.18
CA THR A 130 54.15 50.04 55.89
C THR A 130 54.02 49.64 54.43
N PRO A 131 55.02 48.95 53.88
CA PRO A 131 54.96 48.61 52.45
C PRO A 131 53.76 47.78 52.04
N THR A 132 53.30 46.85 52.87
CA THR A 132 52.25 45.92 52.44
C THR A 132 51.01 45.93 53.34
N PHE A 133 50.79 47.00 54.10
CA PHE A 133 49.65 47.04 55.00
C PHE A 133 49.51 48.45 55.56
N CYS A 134 48.28 48.80 55.90
CA CYS A 134 47.94 50.01 56.63
C CYS A 134 46.50 49.87 57.11
N LEU A 135 46.11 50.74 58.02
CA LEU A 135 44.79 50.71 58.65
C LEU A 135 44.08 52.03 58.46
N HIS A 136 44.16 52.59 57.26
CA HIS A 136 43.55 53.86 56.93
C HIS A 136 42.44 53.66 55.89
N THR A 137 41.73 54.74 55.60
CA THR A 137 40.74 54.74 54.54
C THR A 137 41.45 54.93 53.20
N ASP A 138 40.70 55.25 52.15
CA ASP A 138 41.28 55.62 50.87
C ASP A 138 41.66 57.09 50.79
N VAL A 139 41.13 57.92 51.69
CA VAL A 139 41.42 59.35 51.69
C VAL A 139 42.59 59.69 52.60
N SER A 140 42.68 59.05 53.77
CA SER A 140 43.68 59.41 54.76
C SER A 140 45.01 58.69 54.59
N CYS A 141 45.08 57.66 53.74
CA CYS A 141 46.35 57.00 53.51
C CYS A 141 47.31 57.95 52.80
N ARG A 142 48.60 57.82 53.11
CA ARG A 142 49.61 58.76 52.64
C ARG A 142 50.71 58.11 51.83
N GLN A 143 50.61 56.81 51.54
CA GLN A 143 51.60 56.13 50.72
C GLN A 143 51.47 56.56 49.26
N ARG A 144 52.60 56.78 48.61
CA ARG A 144 52.61 57.15 47.20
C ARG A 144 52.71 55.91 46.31
N ALA A 145 52.03 55.96 45.18
CA ALA A 145 52.02 54.85 44.22
C ALA A 145 51.68 55.40 42.84
N ASP A 146 51.42 54.50 41.90
CA ASP A 146 51.06 54.88 40.53
C ASP A 146 49.83 54.17 39.98
N VAL A 147 49.43 53.03 40.53
CA VAL A 147 48.30 52.24 40.04
C VAL A 147 47.40 51.89 41.22
N ALA A 148 46.10 52.10 41.06
CA ALA A 148 45.11 51.76 42.07
C ALA A 148 44.10 50.77 41.50
N ILE A 149 43.50 49.98 42.37
CA ILE A 149 42.51 48.98 41.98
C ILE A 149 41.37 48.98 43.00
N TYR A 150 40.14 48.88 42.49
CA TYR A 150 38.94 48.78 43.32
C TYR A 150 38.22 47.48 42.97
N GLN A 151 37.69 46.81 43.99
CA GLN A 151 36.85 45.65 43.77
C GLN A 151 35.64 45.73 44.68
N ASP A 152 34.45 45.69 44.06
CA ASP A 152 33.18 45.70 44.79
C ASP A 152 33.11 46.86 45.77
N VAL A 153 33.56 48.02 45.35
CA VAL A 153 33.56 49.23 46.17
C VAL A 153 32.39 50.08 45.70
N TYR A 154 31.33 50.13 46.50
CA TYR A 154 30.12 50.85 46.12
C TYR A 154 29.79 52.01 47.04
N ALA A 155 30.56 52.23 48.10
CA ALA A 155 30.19 53.20 49.13
C ALA A 155 31.19 54.34 49.23
N VAL A 156 31.71 54.82 48.11
CA VAL A 156 32.59 55.98 48.10
C VAL A 156 32.23 56.88 46.92
N HIS A 157 32.41 58.18 47.11
CA HIS A 157 32.23 59.15 46.04
C HIS A 157 33.40 59.06 45.06
N ALA A 158 33.10 58.77 43.79
CA ALA A 158 34.18 58.49 42.83
C ALA A 158 35.07 59.70 42.56
N PRO A 159 34.55 60.90 42.25
CA PRO A 159 35.49 62.02 42.02
C PRO A 159 36.35 62.38 43.22
N THR A 160 35.81 62.27 44.43
CA THR A 160 36.60 62.59 45.62
C THR A 160 37.66 61.53 45.87
N SER A 161 37.31 60.26 45.73
CA SER A 161 38.30 59.20 45.90
C SER A 161 39.39 59.29 44.84
N LEU A 162 39.00 59.53 43.58
CA LEU A 162 39.98 59.55 42.50
C LEU A 162 40.93 60.75 42.58
N TYR A 163 40.47 61.87 43.13
CA TYR A 163 41.37 63.00 43.32
C TYR A 163 42.51 62.62 44.26
N HIS A 164 42.18 61.99 45.40
CA HIS A 164 43.19 61.73 46.42
C HIS A 164 44.20 60.68 45.98
N GLN A 165 43.90 59.89 44.96
CA GLN A 165 44.91 59.01 44.40
C GLN A 165 45.79 59.74 43.39
N ALA A 166 45.29 60.84 42.81
CA ALA A 166 46.03 61.57 41.79
C ALA A 166 47.22 62.33 42.38
N ILE A 167 47.01 63.07 43.46
CA ILE A 167 48.04 63.92 44.04
C ILE A 167 49.08 63.08 44.77
N LYS A 168 48.91 61.76 44.73
CA LYS A 168 49.92 60.84 45.22
C LYS A 168 50.57 60.04 44.10
N GLY A 169 50.39 60.49 42.86
CA GLY A 169 51.11 59.95 41.72
C GLY A 169 50.46 58.79 40.97
N VAL A 170 49.19 58.50 41.23
CA VAL A 170 48.52 57.41 40.52
C VAL A 170 48.07 57.90 39.16
N ARG A 171 48.39 57.13 38.11
CA ARG A 171 48.01 57.47 36.74
C ARG A 171 46.95 56.54 36.17
N LEU A 172 46.78 55.34 36.72
CA LEU A 172 45.94 54.32 36.12
C LEU A 172 45.13 53.65 37.22
N ALA A 173 43.80 53.61 37.06
CA ALA A 173 42.90 53.01 38.03
C ALA A 173 41.92 52.08 37.35
N TYR A 174 41.50 51.04 38.07
CA TYR A 174 40.46 50.15 37.59
C TYR A 174 39.34 50.03 38.61
N TRP A 175 38.21 49.50 38.16
CA TRP A 175 37.01 49.35 38.96
C TRP A 175 36.24 48.15 38.44
N VAL A 176 35.99 47.18 39.32
CA VAL A 176 35.22 45.98 38.99
C VAL A 176 33.95 46.00 39.85
N GLY A 177 32.83 45.62 39.24
CA GLY A 177 31.57 45.63 39.97
C GLY A 177 30.39 45.51 39.03
N PHE A 178 29.21 45.73 39.61
CA PHE A 178 27.95 45.64 38.89
C PHE A 178 27.75 46.85 37.98
N ASP A 179 27.10 46.61 36.84
CA ASP A 179 26.76 47.67 35.90
C ASP A 179 25.86 48.72 36.55
N THR A 180 26.17 49.98 36.30
CA THR A 180 25.48 51.12 36.90
C THR A 180 24.33 51.65 36.05
N THR A 181 24.09 51.07 34.87
CA THR A 181 23.04 51.56 33.99
C THR A 181 21.63 51.52 34.57
N PRO A 182 21.20 50.46 35.28
CA PRO A 182 19.83 50.49 35.84
C PRO A 182 19.58 51.62 36.82
N PHE A 183 20.60 52.12 37.51
CA PHE A 183 20.40 53.23 38.43
C PHE A 183 20.43 54.58 37.74
N MET A 184 20.89 54.65 36.49
CA MET A 184 20.76 55.89 35.73
C MET A 184 19.40 56.01 35.08
N TYR A 185 18.74 54.89 34.80
CA TYR A 185 17.36 54.90 34.34
C TYR A 185 16.36 55.05 35.48
N ASN A 186 16.80 54.96 36.74
CA ASN A 186 15.99 55.24 37.92
C ASN A 186 14.88 54.21 38.14
N ALA A 187 15.21 52.93 38.03
CA ALA A 187 14.23 51.87 38.28
C ALA A 187 14.00 51.65 39.77
N MET A 188 12.83 51.11 40.11
CA MET A 188 12.52 50.86 41.52
C MET A 188 13.02 49.50 42.01
N ALA A 189 13.15 48.51 41.14
CA ALA A 189 13.69 47.20 41.50
C ALA A 189 14.26 46.54 40.25
N GLY A 190 15.03 45.48 40.44
CA GLY A 190 15.59 44.79 39.28
C GLY A 190 16.35 43.54 39.67
N ALA A 191 16.88 42.89 38.65
CA ALA A 191 17.58 41.61 38.78
C ALA A 191 18.87 41.60 37.98
N TYR A 192 19.83 40.78 38.45
CA TYR A 192 21.03 40.40 37.70
C TYR A 192 21.05 38.88 37.65
N PRO A 193 20.20 38.27 36.81
CA PRO A 193 19.88 36.85 37.00
C PRO A 193 21.05 35.88 36.88
N SER A 194 22.10 36.22 36.14
CA SER A 194 23.22 35.29 35.99
C SER A 194 24.15 35.25 37.19
N TYR A 195 24.02 36.18 38.12
CA TYR A 195 24.87 36.23 39.31
C TYR A 195 24.07 36.01 40.59
N SER A 196 22.86 35.46 40.49
CA SER A 196 22.02 35.12 41.65
C SER A 196 21.74 36.33 42.53
N THR A 197 21.45 37.48 41.90
CA THR A 197 21.29 38.73 42.63
C THR A 197 19.94 39.37 42.31
N ASN A 198 19.28 39.87 43.35
CA ASN A 198 18.11 40.73 43.24
C ASN A 198 18.33 41.95 44.12
N TRP A 199 17.75 43.08 43.73
CA TRP A 199 17.83 44.30 44.52
C TRP A 199 16.47 44.98 44.50
N ALA A 200 16.21 45.81 45.51
CA ALA A 200 14.95 46.53 45.57
C ALA A 200 15.09 47.77 46.43
N ASP A 201 14.22 48.75 46.14
CA ASP A 201 14.05 49.92 47.00
C ASP A 201 13.38 49.55 48.32
N GLU A 202 13.74 50.28 49.37
CA GLU A 202 13.16 50.08 50.69
C GLU A 202 11.64 50.12 50.68
N GLN A 203 11.06 50.98 49.83
CA GLN A 203 9.63 51.23 49.86
C GLN A 203 8.80 50.06 49.33
N VAL A 204 9.40 49.10 48.63
CA VAL A 204 8.64 48.02 48.02
C VAL A 204 9.03 46.64 48.56
N LEU A 205 9.66 46.60 49.74
CA LEU A 205 10.05 45.31 50.33
C LEU A 205 8.86 44.44 50.73
N LYS A 206 7.65 45.00 50.83
CA LYS A 206 6.46 44.23 51.17
C LYS A 206 5.58 43.96 49.96
N ALA A 207 6.17 43.86 48.77
CA ALA A 207 5.45 43.49 47.56
C ALA A 207 5.24 41.98 47.53
N LYS A 208 4.71 41.48 46.44
CA LYS A 208 4.33 40.07 46.33
C LYS A 208 5.08 39.31 45.24
N ASN A 209 5.35 39.91 44.08
CA ASN A 209 5.80 39.14 42.93
C ASN A 209 7.11 39.64 42.32
N ILE A 210 7.96 40.31 43.08
CA ILE A 210 9.30 40.67 42.60
C ILE A 210 10.31 39.72 43.25
N GLY A 211 11.56 39.87 42.84
CA GLY A 211 12.60 38.93 43.27
C GLY A 211 12.89 38.97 44.76
N LEU A 212 12.85 40.15 45.38
CA LEU A 212 13.24 40.33 46.79
C LEU A 212 12.12 41.03 47.55
N CYS A 213 11.24 40.25 48.19
CA CYS A 213 10.08 40.79 48.87
C CYS A 213 9.49 39.74 49.80
N SER A 214 8.50 40.15 50.59
CA SER A 214 7.81 39.25 51.52
C SER A 214 6.50 39.89 51.94
N THR A 215 5.39 39.14 51.86
CA THR A 215 4.09 39.69 52.22
C THR A 215 3.30 38.63 53.02
N ASP A 216 2.03 38.94 53.30
CA ASP A 216 1.18 38.18 54.22
C ASP A 216 -0.13 37.77 53.54
N LEU A 217 -0.82 36.81 54.15
CA LEU A 217 -2.16 36.41 53.75
C LEU A 217 -3.19 37.29 54.46
N THR A 218 -4.21 37.69 53.71
CA THR A 218 -5.19 38.63 54.26
C THR A 218 -6.52 38.49 53.51
N GLU A 219 -7.59 38.94 54.16
CA GLU A 219 -8.90 38.96 53.55
C GLU A 219 -9.23 40.29 52.89
N GLY A 220 -8.76 41.40 53.46
CA GLY A 220 -8.90 42.68 52.80
C GLY A 220 -10.10 43.51 53.23
N ARG A 221 -9.88 44.77 53.54
CA ARG A 221 -10.93 45.69 53.93
C ARG A 221 -11.29 46.63 52.78
N ARG A 222 -12.54 47.08 52.78
CA ARG A 222 -12.99 48.12 51.86
C ARG A 222 -12.72 49.52 52.40
N GLY A 223 -12.18 49.63 53.61
CA GLY A 223 -11.80 50.92 54.16
C GLY A 223 -10.69 50.79 55.18
N LYS A 224 -9.59 51.52 54.96
CA LYS A 224 -8.46 51.57 55.89
C LYS A 224 -8.06 53.03 56.07
N LEU A 225 -8.70 53.69 57.02
CA LEU A 225 -8.46 55.12 57.22
C LEU A 225 -7.04 55.37 57.70
N SER A 226 -6.46 56.49 57.24
CA SER A 226 -5.17 56.95 57.71
C SER A 226 -5.24 58.45 57.93
N ILE A 227 -4.40 58.95 58.83
CA ILE A 227 -4.29 60.40 59.01
C ILE A 227 -3.14 60.93 58.17
N MET A 228 -2.17 60.10 57.84
CA MET A 228 -1.05 60.52 57.00
C MET A 228 -1.29 60.06 55.56
N ARG A 229 -1.19 60.99 54.62
CA ARG A 229 -1.44 60.72 53.21
C ARG A 229 -0.13 60.90 52.44
N GLY A 230 0.34 59.81 51.83
CA GLY A 230 1.50 59.88 50.97
C GLY A 230 1.17 60.31 49.55
N LYS A 231 0.41 59.48 48.83
CA LYS A 231 -0.02 59.74 47.45
C LYS A 231 1.15 59.94 46.49
N LYS A 232 2.37 59.57 46.89
CA LYS A 232 3.53 59.73 46.04
C LYS A 232 4.49 58.58 46.30
N LEU A 233 4.80 57.82 45.25
CA LEU A 233 5.69 56.66 45.32
C LEU A 233 6.79 56.83 44.29
N GLU A 234 7.98 57.23 44.73
CA GLU A 234 9.13 57.49 43.88
C GLU A 234 10.39 56.92 44.52
N PRO A 235 11.41 56.61 43.71
CA PRO A 235 12.65 56.07 44.27
C PRO A 235 13.27 57.01 45.29
N CYS A 236 13.80 56.41 46.35
N CYS A 236 13.81 56.42 46.34
CA CYS A 236 14.52 57.08 47.42
CA CYS A 236 14.53 57.12 47.39
C CYS A 236 15.93 56.53 47.50
C CYS A 236 15.94 56.53 47.49
N ASP A 237 16.76 57.16 48.33
CA ASP A 237 18.20 56.90 48.27
C ASP A 237 18.58 55.46 48.65
N ARG A 238 17.95 54.88 49.65
CA ARG A 238 18.44 53.62 50.22
C ARG A 238 17.88 52.41 49.46
N VAL A 239 18.78 51.48 49.14
CA VAL A 239 18.51 50.31 48.31
C VAL A 239 19.15 49.08 48.95
N LEU A 240 18.53 47.93 48.81
CA LEU A 240 19.02 46.68 49.39
C LEU A 240 19.41 45.69 48.31
N PHE A 241 20.60 45.12 48.43
CA PHE A 241 21.11 44.10 47.52
C PHE A 241 21.14 42.74 48.21
N SER A 242 20.82 41.69 47.47
CA SER A 242 20.89 40.33 47.97
C SER A 242 21.68 39.48 46.99
N VAL A 243 22.93 39.20 47.31
CA VAL A 243 23.79 38.37 46.48
C VAL A 243 23.76 36.96 47.08
N GLY A 244 23.06 36.05 46.42
CA GLY A 244 22.71 34.80 47.06
C GLY A 244 21.86 35.05 48.29
N SER A 245 22.38 34.73 49.47
CA SER A 245 21.71 35.01 50.73
C SER A 245 22.45 36.04 51.58
N THR A 246 23.42 36.76 51.01
CA THR A 246 24.12 37.82 51.72
C THR A 246 23.48 39.17 51.40
N LEU A 247 23.26 39.98 52.43
CA LEU A 247 22.58 41.26 52.30
C LEU A 247 23.58 42.40 52.34
N TYR A 248 23.36 43.42 51.49
CA TYR A 248 24.17 44.64 51.39
C TYR A 248 23.26 45.84 51.22
N PRO A 249 23.30 46.82 52.12
CA PRO A 249 22.65 48.11 51.85
C PRO A 249 23.58 49.07 51.10
N GLU A 250 23.01 49.81 50.15
CA GLU A 250 23.76 50.75 49.32
C GLU A 250 22.98 52.06 49.15
N SER A 251 23.64 53.02 48.50
CA SER A 251 23.09 54.35 48.24
C SER A 251 23.01 54.61 46.75
N ARG A 252 21.91 55.23 46.30
CA ARG A 252 21.76 55.57 44.90
C ARG A 252 22.81 56.59 44.45
N LYS A 253 23.06 57.61 45.27
CA LYS A 253 23.96 58.68 44.88
C LYS A 253 25.38 58.18 44.67
N LEU A 254 25.86 57.29 45.53
CA LEU A 254 27.22 56.79 45.39
C LEU A 254 27.34 55.77 44.27
N LEU A 255 26.27 55.05 43.95
CA LEU A 255 26.29 54.14 42.81
C LEU A 255 26.33 54.90 41.49
N LYS A 256 25.56 55.98 41.40
CA LYS A 256 25.48 56.76 40.17
C LYS A 256 26.77 57.53 39.89
N SER A 257 27.57 57.82 40.92
CA SER A 257 28.79 58.59 40.74
C SER A 257 29.90 57.80 40.08
N TRP A 258 29.78 56.48 39.94
CA TRP A 258 30.72 55.70 39.16
C TRP A 258 30.28 55.51 37.71
N HIS A 259 29.21 56.19 37.29
CA HIS A 259 28.79 56.22 35.89
C HIS A 259 29.34 57.51 35.28
N LEU A 260 30.64 57.47 34.94
CA LEU A 260 31.50 58.58 34.53
C LEU A 260 31.48 58.79 33.02
N PRO A 261 31.64 60.03 32.56
CA PRO A 261 31.64 60.31 31.12
C PRO A 261 32.98 59.96 30.48
N SER A 262 33.04 60.18 29.16
CA SER A 262 34.25 59.90 28.40
C SER A 262 35.42 60.77 28.84
N VAL A 263 35.16 62.06 29.09
CA VAL A 263 36.20 63.01 29.47
C VAL A 263 35.68 63.86 30.62
N PHE A 264 36.48 64.02 31.67
CA PHE A 264 36.12 64.90 32.78
C PHE A 264 37.38 65.50 33.39
N HIS A 265 37.23 66.65 34.03
CA HIS A 265 38.33 67.40 34.64
C HIS A 265 38.18 67.45 36.15
N LEU A 266 39.29 67.27 36.86
CA LEU A 266 39.37 67.44 38.31
C LEU A 266 40.14 68.73 38.61
N LYS A 267 39.50 69.68 39.26
CA LYS A 267 40.06 71.02 39.48
C LYS A 267 40.27 71.25 40.98
N GLY A 268 41.48 70.93 41.45
CA GLY A 268 41.85 71.22 42.82
C GLY A 268 43.09 72.08 42.89
N LYS A 269 43.94 71.86 43.91
CA LYS A 269 45.24 72.49 43.94
C LYS A 269 46.20 71.87 42.92
N LEU A 270 45.81 70.76 42.30
CA LEU A 270 46.57 70.17 41.20
C LEU A 270 45.55 69.67 40.19
N SER A 271 45.49 70.31 39.03
CA SER A 271 44.47 70.00 38.04
C SER A 271 44.82 68.73 37.26
N PHE A 272 43.78 68.00 36.87
CA PHE A 272 43.94 66.76 36.13
C PHE A 272 42.90 66.68 35.02
N THR A 273 43.19 65.86 34.01
CA THR A 273 42.31 65.58 32.90
C THR A 273 42.20 64.07 32.75
N CYS A 274 40.97 63.56 32.67
CA CYS A 274 40.74 62.14 32.89
C CYS A 274 39.82 61.55 31.81
N ARG A 275 40.01 60.26 31.55
CA ARG A 275 39.21 59.48 30.62
C ARG A 275 38.66 58.25 31.34
N CYS A 276 37.55 57.72 30.82
CA CYS A 276 36.92 56.53 31.37
C CYS A 276 36.40 55.66 30.23
N ASP A 277 36.90 54.42 30.15
CA ASP A 277 36.45 53.48 29.14
C ASP A 277 36.05 52.16 29.79
N THR A 278 35.10 51.47 29.17
CA THR A 278 34.64 50.17 29.63
C THR A 278 35.34 49.09 28.80
N VAL A 279 36.04 48.20 29.48
CA VAL A 279 36.95 47.26 28.83
C VAL A 279 36.36 45.85 28.75
N VAL A 280 35.60 45.43 29.75
CA VAL A 280 34.94 44.13 29.75
C VAL A 280 33.48 44.34 30.11
N SER A 281 32.63 43.42 29.66
CA SER A 281 31.19 43.52 29.90
C SER A 281 30.58 42.14 29.72
N CYS A 282 29.99 41.58 30.78
CA CYS A 282 29.42 40.24 30.73
C CYS A 282 28.15 40.17 31.57
N GLU A 283 27.00 40.37 30.91
CA GLU A 283 25.67 40.08 31.47
C GLU A 283 25.35 40.88 32.74
N GLY A 284 25.94 42.05 32.91
CA GLY A 284 25.69 42.86 34.09
C GLY A 284 26.89 43.11 34.97
N TYR A 285 28.07 42.59 34.63
CA TYR A 285 29.27 42.79 35.42
C TYR A 285 30.31 43.42 34.49
N VAL A 286 31.00 44.47 34.94
CA VAL A 286 31.87 45.23 34.06
C VAL A 286 33.23 45.50 34.68
N VAL A 287 34.21 45.82 33.83
CA VAL A 287 35.51 46.34 34.22
C VAL A 287 35.70 47.69 33.55
N LYS A 288 36.01 48.71 34.33
CA LYS A 288 36.31 50.04 33.83
C LYS A 288 37.79 50.36 33.99
N ARG A 289 38.29 51.23 33.12
CA ARG A 289 39.67 51.70 33.18
C ARG A 289 39.69 53.22 33.10
N ILE A 290 40.39 53.85 34.03
CA ILE A 290 40.46 55.31 34.12
C ILE A 290 41.92 55.73 34.06
N THR A 291 42.27 56.49 33.02
CA THR A 291 43.58 57.10 32.90
C THR A 291 43.50 58.56 33.34
N MET A 292 44.60 59.05 33.92
CA MET A 292 44.62 60.39 34.50
C MET A 292 45.97 61.02 34.18
N SER A 293 46.00 62.36 34.13
CA SER A 293 47.18 63.08 33.67
C SER A 293 47.12 64.51 34.17
N PRO A 294 48.26 65.13 34.44
CA PRO A 294 48.27 66.48 35.04
C PRO A 294 48.00 67.57 34.03
N GLY A 295 47.43 68.67 34.53
CA GLY A 295 47.11 69.81 33.70
C GLY A 295 45.82 69.62 32.93
N LEU A 296 45.02 70.67 32.80
CA LEU A 296 43.70 70.58 32.21
C LEU A 296 43.74 71.03 30.74
N TYR A 297 43.27 70.17 29.85
CA TYR A 297 43.30 70.41 28.42
C TYR A 297 42.23 69.57 27.73
N GLY A 298 41.88 69.96 26.52
CA GLY A 298 40.80 69.32 25.80
C GLY A 298 39.45 69.94 26.12
N LYS A 299 38.41 69.29 25.60
CA LYS A 299 37.05 69.77 25.82
C LYS A 299 36.15 68.61 26.22
N THR A 300 35.15 68.92 27.03
CA THR A 300 34.21 67.94 27.56
C THR A 300 32.82 68.16 26.97
N THR A 301 32.09 67.06 26.78
CA THR A 301 30.69 67.13 26.39
C THR A 301 29.73 66.77 27.51
N GLY A 302 30.11 65.87 28.41
CA GLY A 302 29.22 65.43 29.46
C GLY A 302 28.27 64.32 29.06
N TYR A 303 28.70 63.40 28.21
CA TYR A 303 27.88 62.27 27.78
C TYR A 303 28.56 60.97 28.16
N ALA A 304 27.78 60.03 28.68
CA ALA A 304 28.25 58.69 28.97
C ALA A 304 27.48 57.69 28.11
N VAL A 305 28.19 56.70 27.59
CA VAL A 305 27.66 55.78 26.61
C VAL A 305 27.79 54.35 27.12
N THR A 306 26.73 53.56 26.96
CA THR A 306 26.72 52.13 27.30
C THR A 306 26.42 51.34 26.02
N HIS A 307 27.27 50.37 25.72
CA HIS A 307 27.03 49.46 24.60
C HIS A 307 26.40 48.17 25.10
N HIS A 308 25.32 47.74 24.46
CA HIS A 308 24.51 46.61 24.90
C HIS A 308 24.82 45.38 24.07
N ALA A 309 25.49 44.39 24.66
CA ALA A 309 25.71 43.13 23.98
C ALA A 309 24.53 42.17 24.13
N ASP A 310 23.79 42.27 25.23
CA ASP A 310 22.52 41.60 25.40
C ASP A 310 21.40 42.66 25.48
N GLY A 311 20.16 42.18 25.55
CA GLY A 311 19.04 43.09 25.68
C GLY A 311 18.89 43.64 27.09
N PHE A 312 18.42 44.87 27.18
CA PHE A 312 18.11 45.53 28.45
C PHE A 312 16.65 45.99 28.41
N LEU A 313 15.88 45.62 29.42
CA LEU A 313 14.45 45.91 29.49
C LEU A 313 14.12 46.72 30.73
N MET A 314 13.01 47.46 30.65
CA MET A 314 12.50 48.25 31.76
C MET A 314 11.04 48.58 31.49
N CYS A 315 10.13 48.13 32.35
CA CYS A 315 8.71 48.27 32.08
C CYS A 315 7.94 48.61 33.35
N LYS A 316 6.66 48.92 33.16
CA LYS A 316 5.73 49.19 34.24
C LYS A 316 5.01 47.91 34.66
N THR A 317 4.97 47.66 35.97
CA THR A 317 4.26 46.51 36.51
C THR A 317 3.27 46.97 37.57
N THR A 318 2.24 46.16 37.79
CA THR A 318 1.26 46.37 38.85
C THR A 318 1.41 45.26 39.87
N ASP A 319 1.42 45.63 41.15
CA ASP A 319 1.56 44.68 42.24
C ASP A 319 0.77 45.20 43.44
N THR A 320 0.77 44.42 44.50
CA THR A 320 0.20 44.83 45.78
C THR A 320 1.33 44.98 46.78
N VAL A 321 1.40 46.15 47.42
CA VAL A 321 2.43 46.43 48.42
C VAL A 321 1.72 46.66 49.75
N ASP A 322 1.90 45.72 50.68
CA ASP A 322 1.24 45.75 51.98
C ASP A 322 -0.28 45.82 51.87
N GLY A 323 -0.85 45.18 50.85
CA GLY A 323 -2.28 45.16 50.65
C GLY A 323 -2.80 46.15 49.62
N GLU A 324 -2.04 47.18 49.28
CA GLU A 324 -2.49 48.26 48.41
C GLU A 324 -1.94 48.10 47.00
N ARG A 325 -2.81 48.14 46.00
CA ARG A 325 -2.43 47.99 44.60
C ARG A 325 -1.78 49.27 44.07
N VAL A 326 -0.60 49.13 43.45
CA VAL A 326 0.22 50.24 42.99
C VAL A 326 0.94 49.85 41.71
N SER A 327 1.67 50.81 41.12
CA SER A 327 2.46 50.59 39.90
C SER A 327 3.85 51.19 40.04
N PHE A 328 4.85 50.49 39.51
CA PHE A 328 6.24 50.96 39.52
C PHE A 328 7.02 50.20 38.45
N SER A 329 8.31 50.51 38.32
CA SER A 329 9.14 50.03 37.22
C SER A 329 10.18 49.01 37.67
N VAL A 330 10.42 48.00 36.82
CA VAL A 330 11.33 46.90 37.07
C VAL A 330 12.22 46.72 35.84
N CYS A 331 13.49 46.32 36.08
CA CYS A 331 14.44 46.14 34.99
C CYS A 331 15.10 44.76 35.06
N THR A 332 15.61 44.29 33.91
CA THR A 332 16.25 42.99 33.82
C THR A 332 17.08 42.91 32.53
N TYR A 333 17.86 41.83 32.42
CA TYR A 333 18.69 41.53 31.26
C TYR A 333 18.18 40.29 30.54
N VAL A 334 18.21 40.30 29.21
CA VAL A 334 17.69 39.21 28.38
C VAL A 334 18.80 38.75 27.45
N PRO A 335 19.04 37.45 27.31
CA PRO A 335 20.12 36.98 26.43
C PRO A 335 19.84 37.25 24.96
N ALA A 336 20.94 37.44 24.20
CA ALA A 336 20.85 37.91 22.83
C ALA A 336 20.15 36.91 21.91
N THR A 337 20.36 35.61 22.14
CA THR A 337 19.69 34.60 21.32
C THR A 337 18.18 34.67 21.45
N ILE A 338 17.66 34.92 22.66
CA ILE A 338 16.23 35.04 22.85
C ILE A 338 15.69 36.27 22.12
N CYS A 339 16.39 37.38 22.21
CA CYS A 339 15.94 38.62 21.56
C CYS A 339 15.88 38.47 20.04
N ASP A 340 16.86 37.79 19.45
CA ASP A 340 16.88 37.60 18.00
C ASP A 340 15.70 36.76 17.53
N GLN A 341 15.31 35.76 18.31
CA GLN A 341 14.24 34.86 17.89
C GLN A 341 12.85 35.42 18.10
N MET A 342 12.71 36.60 18.71
CA MET A 342 11.42 37.24 18.84
C MET A 342 11.19 38.35 17.82
N THR A 343 12.12 38.54 16.88
CA THR A 343 12.01 39.64 15.92
C THR A 343 10.77 39.52 15.05
N GLY A 344 10.50 38.31 14.55
CA GLY A 344 9.33 38.08 13.72
C GLY A 344 8.01 38.25 14.44
N ILE A 345 7.92 37.76 15.68
CA ILE A 345 6.67 37.79 16.44
C ILE A 345 6.25 39.22 16.77
N LEU A 346 7.19 40.11 17.06
CA LEU A 346 6.84 41.45 17.53
C LEU A 346 6.44 42.39 16.40
N ALA A 347 6.35 41.89 15.17
CA ALA A 347 5.86 42.70 14.05
C ALA A 347 4.38 43.04 14.20
N THR A 348 3.61 42.15 14.81
CA THR A 348 2.19 42.36 15.06
C THR A 348 1.93 42.55 16.55
N GLU A 349 0.65 42.67 16.90
CA GLU A 349 0.24 42.82 18.30
C GLU A 349 -0.04 41.45 18.90
N VAL A 350 0.61 41.17 20.02
CA VAL A 350 0.53 39.87 20.69
C VAL A 350 0.09 40.11 22.12
N THR A 351 -0.72 39.18 22.65
CA THR A 351 -1.15 39.27 24.04
C THR A 351 -0.05 38.81 24.99
N PRO A 352 -0.07 39.26 26.25
CA PRO A 352 0.92 38.76 27.21
C PRO A 352 0.88 37.26 27.40
N GLU A 353 -0.31 36.65 27.34
CA GLU A 353 -0.41 35.21 27.51
C GLU A 353 0.29 34.46 26.38
N ASP A 354 0.09 34.92 25.15
CA ASP A 354 0.70 34.24 24.00
C ASP A 354 2.21 34.47 23.94
N ALA A 355 2.68 35.65 24.36
CA ALA A 355 4.11 35.88 24.46
C ALA A 355 4.75 34.93 25.48
N GLN A 356 4.07 34.68 26.60
CA GLN A 356 4.61 33.80 27.63
C GLN A 356 4.79 32.38 27.14
N LYS A 357 3.80 31.85 26.40
CA LYS A 357 3.91 30.49 25.88
C LYS A 357 5.03 30.36 24.87
N LEU A 358 5.19 31.36 24.00
CA LEU A 358 6.30 31.34 23.04
C LEU A 358 7.65 31.36 23.73
N LEU A 359 7.79 32.18 24.78
CA LEU A 359 9.06 32.28 25.49
C LEU A 359 9.42 30.98 26.20
N VAL A 360 8.43 30.29 26.77
CA VAL A 360 8.69 29.01 27.42
C VAL A 360 9.18 27.99 26.41
N GLY A 361 8.58 27.96 25.22
CA GLY A 361 9.05 27.05 24.17
C GLY A 361 10.48 27.32 23.76
N LEU A 362 10.84 28.60 23.59
CA LEU A 362 12.20 28.94 23.19
C LEU A 362 13.23 28.69 24.30
N ASN A 363 12.78 28.53 25.53
CA ASN A 363 13.68 28.43 26.67
C ASN A 363 14.16 27.01 26.97
N GLN A 364 13.42 25.98 26.52
CA GLN A 364 13.76 24.61 26.85
C GLN A 364 15.01 24.11 26.13
N ARG A 365 15.72 24.96 25.41
CA ARG A 365 16.94 24.54 24.72
C ARG A 365 18.06 24.22 25.70
N THR A 376 17.53 21.98 30.98
CA THR A 376 18.31 23.21 31.13
C THR A 376 17.63 24.37 30.42
N ASN A 377 17.67 25.54 31.02
CA ASN A 377 17.02 26.74 30.51
C ASN A 377 18.05 27.80 30.16
N THR A 378 17.73 28.63 29.16
CA THR A 378 18.59 29.75 28.82
C THR A 378 18.48 30.88 29.84
N MET A 379 17.27 31.19 30.27
CA MET A 379 17.03 32.21 31.28
C MET A 379 16.22 31.63 32.42
N LYS A 380 16.30 32.29 33.57
CA LYS A 380 15.56 31.88 34.76
C LYS A 380 14.07 32.07 34.56
N ASN A 381 13.29 31.12 35.08
CA ASN A 381 11.85 31.10 34.82
C ASN A 381 11.07 32.14 35.62
N TYR A 382 11.61 32.63 36.73
CA TYR A 382 10.85 33.59 37.54
C TYR A 382 10.80 34.98 36.93
N MET A 383 11.65 35.28 35.95
CA MET A 383 11.59 36.56 35.27
C MET A 383 10.75 36.52 34.00
N ILE A 384 10.32 35.32 33.57
CA ILE A 384 9.61 35.20 32.28
C ILE A 384 8.29 35.97 32.25
N PRO A 385 7.42 35.93 33.25
CA PRO A 385 6.15 36.67 33.14
C PRO A 385 6.30 38.18 32.97
N VAL A 386 7.30 38.81 33.58
CA VAL A 386 7.44 40.26 33.43
C VAL A 386 8.09 40.60 32.10
N VAL A 387 8.94 39.73 31.56
CA VAL A 387 9.52 39.93 30.25
C VAL A 387 8.45 39.81 29.17
N ALA A 388 7.55 38.83 29.30
CA ALA A 388 6.50 38.65 28.31
C ALA A 388 5.53 39.81 28.29
N GLN A 389 5.33 40.46 29.45
CA GLN A 389 4.46 41.62 29.53
C GLN A 389 5.10 42.87 28.93
N ALA A 390 6.41 43.03 29.09
CA ALA A 390 7.11 44.16 28.48
C ALA A 390 7.11 44.06 26.96
N PHE A 391 7.33 42.86 26.42
CA PHE A 391 7.42 42.68 24.97
C PHE A 391 6.10 43.03 24.29
N SER A 392 4.97 42.69 24.91
CA SER A 392 3.68 42.96 24.26
C SER A 392 3.30 44.43 24.35
N LYS A 393 3.70 45.14 25.41
CA LYS A 393 3.46 46.58 25.47
C LYS A 393 4.33 47.33 24.48
N TRP A 394 5.57 46.86 24.24
CA TRP A 394 6.43 47.49 23.26
C TRP A 394 5.88 47.35 21.84
N ALA A 395 5.37 46.17 21.49
CA ALA A 395 4.81 45.95 20.17
C ALA A 395 3.55 46.79 19.94
N LYS A 396 2.80 47.07 21.00
CA LYS A 396 1.60 47.88 20.84
C LYS A 396 1.94 49.35 20.64
N GLU A 397 2.94 49.86 21.34
CA GLU A 397 3.34 51.25 21.18
C GLU A 397 4.04 51.53 19.85
N CYS A 398 4.61 50.50 19.21
CA CYS A 398 5.18 50.69 17.88
C CYS A 398 4.09 50.83 16.82
N ARG A 399 2.99 50.08 16.96
CA ARG A 399 1.89 50.19 16.02
C ARG A 399 1.25 51.58 16.07
N LYS A 400 1.12 52.15 17.26
CA LYS A 400 0.46 53.44 17.40
C LYS A 400 1.27 54.56 16.76
N ASP A 401 2.60 54.48 16.81
CA ASP A 401 3.44 55.45 16.13
C ASP A 401 3.20 55.40 14.63
N MET A 402 3.13 54.21 14.06
CA MET A 402 2.98 54.04 12.62
C MET A 402 1.64 54.54 12.10
N GLU A 403 0.60 54.51 12.93
CA GLU A 403 -0.73 54.91 12.49
C GLU A 403 -1.05 56.36 12.82
N ASP A 404 -0.15 57.10 13.47
CA ASP A 404 -0.31 58.52 13.74
C ASP A 404 0.97 59.21 13.26
N GLU A 405 1.02 59.48 11.97
CA GLU A 405 2.25 59.90 11.30
C GLU A 405 2.20 61.38 10.98
N LYS A 406 3.32 62.06 11.22
CA LYS A 406 3.40 63.51 11.12
C LYS A 406 4.06 63.94 9.81
N LEU A 407 4.24 65.25 9.67
CA LEU A 407 4.92 65.82 8.52
C LEU A 407 6.40 65.98 8.80
N LEU A 408 7.22 65.88 7.75
CA LEU A 408 8.66 65.97 7.91
C LEU A 408 9.05 67.38 8.34
N GLY A 409 9.93 67.47 9.33
CA GLY A 409 10.52 68.75 9.68
C GLY A 409 9.62 69.69 10.44
N VAL A 410 8.47 69.21 10.91
CA VAL A 410 7.45 70.07 11.51
C VAL A 410 7.01 69.46 12.83
N ARG A 411 7.15 70.25 13.89
CA ARG A 411 6.48 70.00 15.16
C ARG A 411 5.15 70.74 15.05
N GLU A 412 4.03 70.08 15.35
CA GLU A 412 2.76 70.82 15.37
C GLU A 412 2.35 71.10 16.81
N ARG A 413 2.92 72.18 17.34
CA ARG A 413 2.55 72.73 18.63
C ARG A 413 1.45 73.77 18.53
N THR A 414 0.88 73.94 17.34
CA THR A 414 -0.20 74.91 17.09
C THR A 414 0.21 76.32 17.50
N CYS A 419 -2.32 77.65 19.18
CA CYS A 419 -2.28 79.10 19.28
C CYS A 419 -1.35 79.52 20.41
N LEU A 420 -1.41 78.79 21.51
CA LEU A 420 -0.43 78.88 22.58
C LEU A 420 0.37 77.59 22.62
N TRP A 421 1.67 77.71 22.92
CA TRP A 421 2.59 76.60 22.70
C TRP A 421 2.40 75.52 23.76
N ALA A 422 1.44 74.62 23.51
CA ALA A 422 1.15 73.54 24.45
C ALA A 422 0.96 72.26 23.65
N PHE A 423 1.87 71.31 23.82
CA PHE A 423 1.83 70.06 23.08
C PHE A 423 1.46 68.91 23.99
N LYS A 424 1.02 67.81 23.37
CA LYS A 424 0.58 66.62 24.09
C LYS A 424 1.71 65.61 24.18
N LYS A 425 1.94 65.09 25.37
CA LYS A 425 2.93 64.04 25.59
C LYS A 425 2.27 62.67 25.56
N GLN A 426 2.92 61.72 24.93
CA GLN A 426 2.41 60.36 24.85
C GLN A 426 2.90 59.54 26.04
N LYS A 427 2.23 58.42 26.26
CA LYS A 427 2.59 57.51 27.35
C LYS A 427 3.60 56.48 26.87
N THR A 428 4.62 56.26 27.68
CA THR A 428 5.66 55.26 27.41
C THR A 428 5.73 54.30 28.59
N HIS A 429 5.47 53.02 28.34
CA HIS A 429 5.48 52.01 29.39
C HIS A 429 6.62 51.01 29.28
N THR A 430 7.38 51.00 28.19
CA THR A 430 8.49 50.08 28.02
C THR A 430 9.68 50.78 27.40
N VAL A 431 10.86 50.51 27.92
CA VAL A 431 12.13 50.88 27.31
C VAL A 431 12.86 49.59 26.97
N TYR A 432 13.16 49.39 25.70
CA TYR A 432 13.77 48.15 25.19
C TYR A 432 15.01 48.51 24.39
N LYS A 433 16.18 48.17 24.92
CA LYS A 433 17.45 48.35 24.22
C LYS A 433 17.90 47.01 23.64
N ARG A 434 17.80 46.88 22.32
CA ARG A 434 18.15 45.66 21.62
C ARG A 434 19.65 45.49 21.54
N PRO A 435 20.13 44.26 21.34
CA PRO A 435 21.56 44.05 21.13
C PRO A 435 22.10 44.85 19.95
N ASP A 436 23.31 45.38 20.12
CA ASP A 436 24.04 46.24 19.19
C ASP A 436 23.53 47.68 19.14
N THR A 437 22.78 48.14 20.15
CA THR A 437 22.40 49.54 20.29
C THR A 437 23.18 50.14 21.45
N GLN A 438 23.01 51.45 21.67
CA GLN A 438 23.77 52.16 22.69
C GLN A 438 22.89 53.17 23.42
N SER A 439 23.02 53.21 24.74
CA SER A 439 22.41 54.26 25.56
C SER A 439 23.38 55.43 25.70
N ILE A 440 22.82 56.63 25.87
CA ILE A 440 23.62 57.83 26.01
C ILE A 440 22.96 58.75 27.04
N GLN A 441 23.74 59.14 28.05
CA GLN A 441 23.24 59.87 29.21
C GLN A 441 24.05 61.13 29.46
N LYS A 442 23.36 62.20 29.84
CA LYS A 442 24.00 63.49 30.13
C LYS A 442 24.30 63.57 31.62
N VAL A 443 25.59 63.59 31.98
CA VAL A 443 26.03 63.62 33.38
C VAL A 443 27.00 64.78 33.57
N GLN A 444 27.40 64.98 34.83
CA GLN A 444 28.28 66.07 35.20
C GLN A 444 29.74 65.71 34.93
N ALA A 445 30.50 66.69 34.45
CA ALA A 445 31.86 66.43 33.99
C ALA A 445 32.92 67.40 34.52
N GLU A 446 32.56 68.39 35.32
CA GLU A 446 33.51 69.32 35.92
C GLU A 446 33.44 69.23 37.44
N PHE A 447 34.54 68.85 38.07
CA PHE A 447 34.57 68.56 39.51
C PHE A 447 35.58 69.47 40.18
N ASP A 448 35.13 70.22 41.18
CA ASP A 448 36.04 71.11 41.93
C ASP A 448 35.92 70.99 43.43
N SER A 449 34.75 70.62 43.95
CA SER A 449 34.54 70.49 45.38
C SER A 449 34.81 69.06 45.82
N PHE A 450 35.67 68.89 46.81
CA PHE A 450 36.10 67.58 47.29
C PHE A 450 36.07 67.62 48.82
N VAL A 451 34.91 67.30 49.38
CA VAL A 451 34.70 67.40 50.83
C VAL A 451 35.45 66.31 51.56
N GLY A 459 39.09 52.06 65.67
CA GLY A 459 38.64 50.75 65.27
C GLY A 459 39.30 49.62 66.04
N LEU A 460 40.58 49.40 65.76
CA LEU A 460 41.31 48.31 66.40
C LEU A 460 41.39 48.54 67.91
N SER A 461 41.26 47.46 68.68
CA SER A 461 41.30 47.54 70.13
C SER A 461 42.00 46.31 70.68
N ILE A 462 42.30 46.35 71.98
CA ILE A 462 43.20 45.37 72.59
C ILE A 462 42.72 43.93 72.42
N PRO A 463 41.47 43.57 72.73
CA PRO A 463 41.07 42.17 72.56
C PRO A 463 41.29 41.64 71.16
N LEU A 464 41.00 42.46 70.14
CA LEU A 464 41.33 42.09 68.77
C LEU A 464 42.83 42.21 68.52
N ARG A 465 43.44 43.28 69.05
CA ARG A 465 44.88 43.46 68.89
C ARG A 465 45.66 42.30 69.48
N THR A 466 45.26 41.86 70.68
CA THR A 466 45.95 40.75 71.34
C THR A 466 45.82 39.47 70.53
N ARG A 467 44.63 39.20 69.99
CA ARG A 467 44.42 37.95 69.26
C ARG A 467 45.27 37.90 68.00
N ILE A 468 45.36 39.01 67.26
CA ILE A 468 46.20 39.03 66.07
C ILE A 468 47.66 38.80 66.43
N LYS A 469 48.13 39.50 67.47
CA LYS A 469 49.53 39.41 67.85
C LYS A 469 49.90 38.00 68.30
N TRP A 470 48.95 37.27 68.88
CA TRP A 470 49.25 35.96 69.44
C TRP A 470 49.62 34.96 68.34
N LEU A 471 48.95 35.00 67.20
CA LEU A 471 49.25 34.05 66.14
C LEU A 471 50.64 34.27 65.56
N LEU A 472 50.99 35.52 65.25
CA LEU A 472 52.29 35.79 64.67
C LEU A 472 53.44 35.60 65.65
N SER A 473 53.15 35.45 66.93
CA SER A 473 54.19 35.21 67.93
C SER A 473 54.90 33.89 67.68
N ASP B 2 53.55 36.81 -0.63
CA ASP B 2 52.33 37.12 -1.38
C ASP B 2 51.08 37.18 -0.49
N PRO B 3 50.72 36.10 0.19
CA PRO B 3 49.44 36.09 0.92
C PRO B 3 49.45 37.09 2.07
N VAL B 4 48.26 37.58 2.39
CA VAL B 4 48.07 38.54 3.46
C VAL B 4 47.08 37.97 4.45
N TYR B 5 47.39 38.13 5.74
CA TYR B 5 46.64 37.50 6.82
C TYR B 5 45.93 38.56 7.63
N VAL B 6 44.66 38.31 7.95
CA VAL B 6 43.87 39.21 8.80
C VAL B 6 43.63 38.56 10.14
N ASP B 7 43.56 39.37 11.18
CA ASP B 7 43.36 38.89 12.55
C ASP B 7 41.89 38.78 12.90
N ILE B 8 41.12 38.08 12.07
CA ILE B 8 39.71 37.80 12.33
C ILE B 8 39.48 36.30 12.19
N ASP B 9 38.23 35.88 12.40
CA ASP B 9 37.88 34.47 12.41
C ASP B 9 37.79 33.94 10.98
N ALA B 10 37.32 32.71 10.83
CA ALA B 10 37.21 32.06 9.54
C ALA B 10 35.79 31.68 9.14
N ASP B 11 34.84 31.70 10.07
CA ASP B 11 33.45 31.39 9.77
C ASP B 11 32.58 32.64 9.66
N SER B 12 33.14 33.82 9.85
CA SER B 12 32.36 35.05 9.81
C SER B 12 32.05 35.45 8.37
N ALA B 13 30.98 36.24 8.22
CA ALA B 13 30.59 36.74 6.91
C ALA B 13 31.41 37.94 6.46
N PHE B 14 32.15 38.58 7.37
CA PHE B 14 32.96 39.73 6.98
C PHE B 14 34.20 39.34 6.19
N LEU B 15 34.63 38.07 6.29
CA LEU B 15 35.79 37.62 5.52
C LEU B 15 35.54 37.71 4.03
N LYS B 16 34.35 37.28 3.59
CA LYS B 16 34.04 37.36 2.17
C LYS B 16 33.98 38.80 1.67
N ALA B 17 33.39 39.68 2.47
CA ALA B 17 33.32 41.10 2.09
C ALA B 17 34.71 41.69 1.99
N LEU B 18 35.59 41.38 2.95
CA LEU B 18 36.95 41.87 2.87
C LEU B 18 37.67 41.32 1.65
N GLN B 19 37.45 40.05 1.32
CA GLN B 19 38.04 39.48 0.11
C GLN B 19 37.59 40.23 -1.13
N ARG B 20 36.29 40.41 -1.31
CA ARG B 20 35.81 41.03 -2.54
C ARG B 20 36.03 42.54 -2.56
N ALA B 21 36.41 43.15 -1.44
CA ALA B 21 36.81 44.55 -1.48
C ALA B 21 38.25 44.73 -1.93
N TYR B 22 39.09 43.70 -1.74
CA TYR B 22 40.49 43.71 -2.16
C TYR B 22 40.70 42.50 -3.07
N PRO B 23 40.36 42.60 -4.35
CA PRO B 23 40.35 41.41 -5.22
C PRO B 23 41.71 41.04 -5.78
N MET B 24 42.72 41.88 -5.59
CA MET B 24 44.09 41.65 -6.03
C MET B 24 44.99 41.13 -4.91
N PHE B 25 44.40 40.75 -3.77
CA PHE B 25 45.13 40.14 -2.67
C PHE B 25 44.54 38.76 -2.42
N GLU B 26 45.15 38.03 -1.50
CA GLU B 26 44.63 36.75 -1.03
C GLU B 26 44.60 36.82 0.49
N VAL B 27 43.47 37.26 1.01
CA VAL B 27 43.29 37.45 2.45
C VAL B 27 42.99 36.11 3.09
N GLU B 28 43.61 35.86 4.24
CA GLU B 28 43.43 34.59 4.92
C GLU B 28 43.16 34.78 6.41
N PRO B 29 42.31 33.93 6.99
CA PRO B 29 42.05 34.01 8.43
C PRO B 29 43.21 33.48 9.26
N ARG B 30 43.60 34.20 10.29
CA ARG B 30 44.59 33.69 11.22
C ARG B 30 44.21 34.05 12.66
N ASP B 36 34.80 44.26 19.65
CA ASP B 36 33.99 44.76 18.54
C ASP B 36 34.74 45.83 17.75
N HIS B 37 35.99 45.53 17.37
CA HIS B 37 36.78 46.44 16.56
C HIS B 37 37.64 45.70 15.55
N ALA B 38 37.49 44.39 15.42
CA ALA B 38 38.34 43.63 14.51
C ALA B 38 38.00 43.94 13.05
N ASN B 39 36.73 44.18 12.75
CA ASN B 39 36.34 44.50 11.39
C ASN B 39 36.99 45.78 10.91
N ALA B 40 36.99 46.82 11.75
CA ALA B 40 37.59 48.08 11.36
C ALA B 40 39.11 48.00 11.32
N ARG B 41 39.72 47.17 12.17
CA ARG B 41 41.17 47.04 12.14
C ARG B 41 41.65 46.53 10.81
N ALA B 42 41.07 45.40 10.36
CA ALA B 42 41.57 44.70 9.20
C ALA B 42 41.44 45.54 7.94
N PHE B 43 40.37 46.34 7.86
CA PHE B 43 40.24 47.25 6.73
C PHE B 43 41.38 48.26 6.73
N SER B 44 41.76 48.74 7.92
CA SER B 44 42.85 49.69 8.01
C SER B 44 44.21 49.04 7.77
N HIS B 45 44.34 47.75 8.13
CA HIS B 45 45.57 47.02 7.86
C HIS B 45 45.80 46.86 6.35
N LEU B 46 44.76 46.42 5.62
CA LEU B 46 44.90 46.24 4.18
C LEU B 46 45.02 47.58 3.44
N ALA B 47 44.47 48.66 4.00
CA ALA B 47 44.56 49.94 3.32
C ALA B 47 45.98 50.48 3.35
N ILE B 48 46.69 50.31 4.46
CA ILE B 48 48.08 50.75 4.54
C ILE B 48 48.97 49.87 3.67
N LYS B 49 48.71 48.57 3.64
CA LYS B 49 49.48 47.68 2.78
C LYS B 49 49.34 48.07 1.32
N LEU B 50 48.13 48.40 0.87
CA LEU B 50 47.92 48.83 -0.50
C LEU B 50 48.72 50.07 -0.85
N ILE B 51 48.75 51.05 0.03
CA ILE B 51 49.40 52.32 -0.27
C ILE B 51 50.89 52.10 -0.47
N GLU B 52 51.51 51.28 0.38
CA GLU B 52 52.93 50.99 0.25
C GLU B 52 53.23 50.32 -1.08
N GLN B 53 52.42 49.33 -1.48
CA GLN B 53 52.58 48.68 -2.77
C GLN B 53 52.36 49.65 -3.93
N GLU B 54 51.67 50.76 -3.68
CA GLU B 54 51.33 51.72 -4.72
C GLU B 54 52.40 52.78 -4.93
N ILE B 55 53.42 52.85 -4.09
CA ILE B 55 54.43 53.90 -4.18
C ILE B 55 55.82 53.28 -4.14
N ASP B 56 56.74 53.90 -4.86
CA ASP B 56 58.12 53.45 -4.86
C ASP B 56 58.74 53.67 -3.49
N PRO B 57 59.54 52.72 -2.99
CA PRO B 57 60.17 52.88 -1.68
C PRO B 57 61.18 54.02 -1.67
N ASP B 58 61.79 54.27 -0.52
CA ASP B 58 62.69 55.41 -0.31
C ASP B 58 61.97 56.72 -0.62
N SER B 59 60.72 56.82 -0.19
CA SER B 59 59.91 58.03 -0.32
C SER B 59 59.55 58.54 1.07
N THR B 60 59.51 59.86 1.23
CA THR B 60 59.18 60.46 2.51
C THR B 60 57.67 60.55 2.66
N ILE B 61 57.15 59.95 3.74
CA ILE B 61 55.72 59.81 3.97
C ILE B 61 55.34 60.63 5.19
N LEU B 62 54.41 61.56 5.03
CA LEU B 62 53.85 62.30 6.15
C LEU B 62 52.70 61.51 6.78
N ASP B 63 52.42 61.80 8.04
CA ASP B 63 51.27 61.24 8.76
C ASP B 63 50.58 62.37 9.51
N ILE B 64 49.42 62.79 9.01
CA ILE B 64 48.68 63.87 9.65
C ILE B 64 47.88 63.31 10.81
N GLY B 65 48.04 63.92 11.99
CA GLY B 65 47.33 63.53 13.20
C GLY B 65 47.44 62.04 13.48
N SER B 66 48.65 61.58 13.80
CA SER B 66 48.95 60.17 13.87
C SER B 66 49.21 59.72 15.31
N ALA B 67 49.33 58.41 15.47
CA ALA B 67 49.81 57.78 16.71
C ALA B 67 51.11 57.06 16.37
N PRO B 68 52.26 57.61 16.74
CA PRO B 68 53.54 57.09 16.21
C PRO B 68 53.82 55.64 16.55
N ALA B 69 53.19 55.10 17.59
CA ALA B 69 53.45 53.71 17.97
C ALA B 69 53.04 52.71 16.89
N ARG B 70 52.21 53.12 15.93
CA ARG B 70 51.81 52.21 14.87
C ARG B 70 52.80 52.20 13.72
N ARG B 71 53.48 53.31 13.47
CA ARG B 71 54.45 53.43 12.39
C ARG B 71 55.87 53.09 12.82
N MET B 72 56.07 52.70 14.08
CA MET B 72 57.42 52.52 14.60
C MET B 72 58.16 51.37 13.92
N MET B 73 57.45 50.26 13.66
CA MET B 73 58.07 49.03 13.18
C MET B 73 57.96 48.86 11.67
N SER B 74 58.01 49.94 10.90
CA SER B 74 57.88 49.87 9.45
C SER B 74 59.11 50.47 8.78
N ASP B 75 59.47 49.90 7.63
CA ASP B 75 60.68 50.28 6.92
C ASP B 75 60.41 51.36 5.87
N ARG B 76 59.80 52.46 6.27
CA ARG B 76 59.51 53.55 5.36
C ARG B 76 59.78 54.87 6.07
N LYS B 77 60.03 55.91 5.27
CA LYS B 77 60.39 57.23 5.79
C LYS B 77 59.12 57.93 6.30
N TYR B 78 58.68 57.51 7.47
CA TYR B 78 57.51 58.10 8.11
C TYR B 78 57.91 59.30 8.95
N HIS B 79 57.17 60.40 8.81
CA HIS B 79 57.35 61.60 9.63
C HIS B 79 56.03 61.89 10.33
N CYS B 80 55.90 61.43 11.58
CA CYS B 80 54.65 61.55 12.31
C CYS B 80 54.44 62.96 12.82
N VAL B 81 53.19 63.43 12.74
CA VAL B 81 52.80 64.77 13.18
C VAL B 81 51.78 64.60 14.29
N CYS B 82 52.09 65.14 15.47
CA CYS B 82 51.32 64.85 16.69
C CYS B 82 51.07 66.13 17.50
N PRO B 83 50.09 66.93 17.11
CA PRO B 83 49.69 68.06 17.96
C PRO B 83 48.88 67.60 19.16
N MET B 84 48.83 68.46 20.17
CA MET B 84 48.09 68.19 21.41
C MET B 84 46.71 68.83 21.28
N ARG B 85 45.82 68.12 20.58
CA ARG B 85 44.47 68.62 20.30
C ARG B 85 43.40 67.95 21.15
N SER B 86 43.58 66.70 21.57
CA SER B 86 42.56 65.97 22.31
C SER B 86 43.15 65.35 23.56
N ALA B 87 42.27 64.97 24.47
CA ALA B 87 42.65 64.41 25.76
C ALA B 87 43.32 63.05 25.64
N GLU B 88 43.23 62.40 24.49
CA GLU B 88 43.86 61.10 24.26
C GLU B 88 45.26 61.22 23.68
N ASP B 89 45.72 62.43 23.38
CA ASP B 89 47.01 62.60 22.70
C ASP B 89 48.21 62.33 23.61
N PRO B 90 48.27 62.86 24.83
CA PRO B 90 49.42 62.52 25.69
C PRO B 90 49.56 61.04 25.98
N GLU B 91 48.47 60.29 25.98
CA GLU B 91 48.58 58.84 26.10
C GLU B 91 49.27 58.24 24.89
N ARG B 92 48.97 58.77 23.69
CA ARG B 92 49.64 58.31 22.49
C ARG B 92 51.13 58.60 22.54
N LEU B 93 51.50 59.79 23.01
CA LEU B 93 52.91 60.14 23.14
C LEU B 93 53.60 59.25 24.16
N ALA B 94 52.97 59.03 25.31
CA ALA B 94 53.59 58.25 26.38
C ALA B 94 53.77 56.80 25.96
N ASN B 95 52.83 56.25 25.19
CA ASN B 95 52.96 54.87 24.74
C ASN B 95 54.14 54.71 23.79
N TYR B 96 54.38 55.72 22.95
CA TYR B 96 55.55 55.70 22.07
C TYR B 96 56.83 55.66 22.89
N ALA B 97 56.92 56.51 23.92
CA ALA B 97 58.14 56.59 24.71
C ALA B 97 58.45 55.28 25.43
N ARG B 98 57.43 54.44 25.63
CA ARG B 98 57.65 53.16 26.31
C ARG B 98 58.20 52.12 25.35
N LYS B 99 57.50 51.89 24.23
CA LYS B 99 57.93 50.89 23.27
C LYS B 99 59.30 51.20 22.70
N LEU B 100 59.68 52.49 22.66
CA LEU B 100 61.02 52.84 22.22
C LEU B 100 62.07 52.34 23.20
N ALA B 101 61.88 52.64 24.48
CA ALA B 101 62.79 52.11 25.50
C ALA B 101 62.67 50.60 25.61
N SER B 102 61.45 50.08 25.58
CA SER B 102 61.23 48.64 25.78
C SER B 102 61.79 47.79 24.65
N ALA B 103 62.13 48.40 23.52
CA ALA B 103 62.74 47.70 22.40
C ALA B 103 63.91 48.49 21.85
N ALA B 104 64.78 48.96 22.75
CA ALA B 104 65.91 49.80 22.38
C ALA B 104 67.17 49.02 22.03
N GLY B 105 67.17 47.70 22.19
CA GLY B 105 68.34 46.92 21.87
C GLY B 105 68.06 45.53 21.31
N LYS B 106 66.81 45.22 21.03
CA LYS B 106 66.42 43.88 20.64
C LYS B 106 66.24 43.72 19.13
N VAL B 107 66.47 44.77 18.34
CA VAL B 107 66.36 44.70 16.89
C VAL B 107 67.53 45.45 16.28
N LEU B 108 68.16 44.85 15.27
CA LEU B 108 69.33 45.44 14.62
C LEU B 108 69.11 45.58 13.12
N ASP B 109 67.85 45.65 12.68
CA ASP B 109 67.53 45.81 11.27
C ASP B 109 66.86 47.14 10.97
N ARG B 110 65.76 47.46 11.64
CA ARG B 110 65.08 48.73 11.44
C ARG B 110 65.63 49.77 12.40
N ASN B 111 65.69 51.01 11.93
CA ASN B 111 66.20 52.11 12.74
C ASN B 111 65.34 52.28 13.98
N ILE B 112 65.96 52.13 15.15
CA ILE B 112 65.22 52.28 16.41
C ILE B 112 65.92 53.31 17.29
N SER B 113 67.25 53.41 17.15
CA SER B 113 67.99 54.37 17.97
C SER B 113 67.84 55.79 17.45
N GLY B 114 67.67 55.96 16.14
CA GLY B 114 67.44 57.29 15.60
C GLY B 114 66.12 57.89 16.04
N LYS B 115 65.09 57.04 16.18
CA LYS B 115 63.80 57.54 16.65
C LYS B 115 63.88 57.97 18.11
N ILE B 116 64.70 57.28 18.92
CA ILE B 116 64.88 57.67 20.31
C ILE B 116 65.51 59.06 20.39
N GLY B 117 66.52 59.32 19.56
CA GLY B 117 67.17 60.62 19.61
C GLY B 117 66.28 61.75 19.19
N ASP B 118 65.40 61.52 18.21
CA ASP B 118 64.49 62.56 17.75
C ASP B 118 63.53 62.98 18.84
N LEU B 119 62.99 62.01 19.59
CA LEU B 119 62.05 62.33 20.65
C LEU B 119 62.69 63.19 21.73
N GLN B 120 63.83 62.76 22.25
CA GLN B 120 64.48 63.50 23.33
C GLN B 120 65.05 64.84 22.85
N ALA B 121 65.24 65.01 21.54
CA ALA B 121 65.57 66.34 21.02
C ALA B 121 64.36 67.26 21.05
N VAL B 122 63.20 66.76 20.63
CA VAL B 122 61.97 67.55 20.70
C VAL B 122 61.55 67.75 22.15
N MET B 123 61.77 66.74 23.00
CA MET B 123 61.48 66.90 24.42
C MET B 123 62.29 68.04 25.02
N ALA B 124 63.59 68.08 24.72
CA ALA B 124 64.43 69.18 25.18
C ALA B 124 64.02 70.50 24.52
N VAL B 125 63.91 70.51 23.20
CA VAL B 125 63.55 71.71 22.45
C VAL B 125 62.19 71.48 21.80
N PRO B 126 61.11 72.04 22.36
CA PRO B 126 59.76 71.67 21.93
C PRO B 126 59.29 72.30 20.62
N ASP B 127 60.15 73.00 19.90
CA ASP B 127 59.78 73.63 18.64
C ASP B 127 60.86 73.37 17.59
N THR B 128 61.30 72.12 17.49
CA THR B 128 62.28 71.72 16.50
C THR B 128 61.66 70.69 15.56
N GLU B 129 61.87 70.89 14.25
CA GLU B 129 61.41 69.94 13.26
C GLU B 129 62.48 68.88 13.05
N THR B 130 62.09 67.63 13.20
CA THR B 130 62.99 66.49 13.18
C THR B 130 62.54 65.50 12.13
N PRO B 131 63.42 64.58 11.69
CA PRO B 131 63.03 63.66 10.61
C PRO B 131 61.81 62.80 10.92
N THR B 132 61.63 62.34 12.16
CA THR B 132 60.57 61.37 12.45
C THR B 132 59.61 61.83 13.54
N PHE B 133 59.51 63.14 13.79
CA PHE B 133 58.62 63.64 14.84
C PHE B 133 58.54 65.15 14.76
N CYS B 134 57.40 65.67 15.20
CA CYS B 134 57.19 67.10 15.40
C CYS B 134 55.92 67.25 16.23
N LEU B 135 55.71 68.45 16.74
CA LEU B 135 54.59 68.76 17.64
C LEU B 135 53.77 69.91 17.07
N HIS B 136 53.52 69.87 15.78
CA HIS B 136 52.76 70.91 15.10
C HIS B 136 51.46 70.33 14.57
N THR B 137 50.62 71.21 14.02
CA THR B 137 49.40 70.81 13.35
C THR B 137 49.75 70.36 11.93
N ASP B 138 48.74 70.23 11.08
CA ASP B 138 48.96 69.97 9.66
C ASP B 138 49.20 71.24 8.86
N VAL B 139 48.87 72.41 9.41
CA VAL B 139 49.05 73.68 8.71
C VAL B 139 50.38 74.33 9.07
N SER B 140 50.80 74.26 10.33
CA SER B 140 51.99 74.96 10.79
C SER B 140 53.28 74.16 10.61
N CYS B 141 53.20 72.87 10.32
CA CYS B 141 54.42 72.10 10.07
C CYS B 141 55.12 72.61 8.81
N ARG B 142 56.44 72.56 8.82
CA ARG B 142 57.24 73.15 7.75
C ARG B 142 58.14 72.15 7.04
N GLN B 143 58.05 70.87 7.39
CA GLN B 143 58.85 69.84 6.71
C GLN B 143 58.34 69.61 5.30
N ARG B 144 59.26 69.47 4.35
CA ARG B 144 58.90 69.18 2.96
C ARG B 144 58.85 67.68 2.72
N ALA B 145 57.90 67.27 1.87
CA ALA B 145 57.74 65.86 1.54
C ALA B 145 57.03 65.77 0.18
N ASP B 146 56.60 64.56 -0.17
CA ASP B 146 55.88 64.33 -1.44
C ASP B 146 54.60 63.51 -1.29
N VAL B 147 54.44 62.75 -0.22
CA VAL B 147 53.27 61.89 -0.02
C VAL B 147 52.72 62.13 1.38
N ALA B 148 51.40 62.30 1.47
CA ALA B 148 50.71 62.49 2.75
C ALA B 148 49.66 61.41 2.92
N ILE B 149 49.35 61.10 4.19
CA ILE B 149 48.36 60.08 4.52
C ILE B 149 47.52 60.59 5.69
N TYR B 150 46.21 60.34 5.60
CA TYR B 150 45.26 60.67 6.66
C TYR B 150 44.56 59.39 7.11
N GLN B 151 44.35 59.26 8.41
CA GLN B 151 43.55 58.16 8.93
C GLN B 151 42.60 58.68 9.98
N ASP B 152 41.31 58.44 9.78
CA ASP B 152 40.25 58.83 10.71
C ASP B 152 40.36 60.31 11.09
N VAL B 153 40.62 61.14 10.10
CA VAL B 153 40.74 62.58 10.29
C VAL B 153 39.44 63.21 9.81
N TYR B 154 38.61 63.66 10.75
CA TYR B 154 37.30 64.20 10.42
C TYR B 154 37.13 65.65 10.79
N ALA B 155 38.12 66.28 11.43
CA ALA B 155 37.96 67.61 11.98
C ALA B 155 38.87 68.64 11.33
N VAL B 156 39.07 68.55 10.02
CA VAL B 156 39.85 69.55 9.28
C VAL B 156 39.14 69.86 7.97
N HIS B 157 39.29 71.10 7.52
CA HIS B 157 38.78 71.52 6.22
C HIS B 157 39.67 70.96 5.13
N ALA B 158 39.09 70.16 4.23
CA ALA B 158 39.90 69.43 3.25
C ALA B 158 40.62 70.35 2.26
N PRO B 159 39.97 71.33 1.61
CA PRO B 159 40.74 72.19 0.68
C PRO B 159 41.84 72.99 1.36
N THR B 160 41.63 73.45 2.58
CA THR B 160 42.67 74.20 3.28
C THR B 160 43.83 73.31 3.69
N SER B 161 43.54 72.12 4.20
CA SER B 161 44.61 71.20 4.55
C SER B 161 45.39 70.76 3.33
N LEU B 162 44.70 70.45 2.23
CA LEU B 162 45.37 69.95 1.03
C LEU B 162 46.22 71.01 0.35
N TYR B 163 45.84 72.29 0.45
CA TYR B 163 46.70 73.34 -0.09
C TYR B 163 48.05 73.34 0.61
N HIS B 164 48.05 73.29 1.94
CA HIS B 164 49.30 73.44 2.68
C HIS B 164 50.23 72.26 2.50
N GLN B 165 49.74 71.11 2.04
CA GLN B 165 50.64 70.04 1.67
C GLN B 165 51.18 70.20 0.26
N ALA B 166 50.50 70.97 -0.59
CA ALA B 166 50.91 71.15 -1.97
C ALA B 166 52.15 72.02 -2.09
N ILE B 167 52.16 73.17 -1.42
CA ILE B 167 53.25 74.13 -1.54
C ILE B 167 54.49 73.64 -0.81
N LYS B 168 54.41 72.44 -0.23
CA LYS B 168 55.57 71.78 0.34
C LYS B 168 55.96 70.53 -0.46
N GLY B 169 55.45 70.41 -1.67
CA GLY B 169 55.89 69.40 -2.60
C GLY B 169 55.16 68.07 -2.59
N VAL B 170 54.02 67.98 -1.93
CA VAL B 170 53.27 66.73 -1.90
C VAL B 170 52.46 66.60 -3.18
N ARG B 171 52.57 65.44 -3.84
CA ARG B 171 51.83 65.17 -5.06
C ARG B 171 50.72 64.14 -4.91
N LEU B 172 50.78 63.31 -3.87
CA LEU B 172 49.88 62.17 -3.72
C LEU B 172 49.42 62.09 -2.28
N ALA B 173 48.09 62.05 -2.06
CA ALA B 173 47.51 61.99 -0.74
C ALA B 173 46.44 60.90 -0.68
N TYR B 174 46.28 60.29 0.49
CA TYR B 174 45.22 59.34 0.73
C TYR B 174 44.40 59.74 1.95
N TRP B 175 43.23 59.11 2.06
CA TRP B 175 42.27 59.39 3.13
C TRP B 175 41.48 58.12 3.39
N VAL B 176 41.52 57.64 4.63
CA VAL B 176 40.78 56.47 5.07
C VAL B 176 39.75 56.91 6.11
N GLY B 177 38.55 56.37 6.04
CA GLY B 177 37.52 56.76 6.97
C GLY B 177 36.14 56.31 6.52
N PHE B 178 35.13 56.81 7.22
CA PHE B 178 33.75 56.48 6.95
C PHE B 178 33.24 57.19 5.69
N ASP B 179 32.35 56.51 4.97
CA ASP B 179 31.71 57.07 3.78
C ASP B 179 30.94 58.35 4.11
N THR B 180 31.10 59.37 3.27
CA THR B 180 30.50 60.68 3.48
C THR B 180 29.14 60.84 2.81
N THR B 181 28.66 59.83 2.10
CA THR B 181 27.40 59.94 1.37
C THR B 181 26.19 60.22 2.26
N PRO B 182 26.01 59.60 3.44
CA PRO B 182 24.83 59.93 4.25
C PRO B 182 24.74 61.40 4.67
N PHE B 183 25.87 62.08 4.81
CA PHE B 183 25.84 63.49 5.17
C PHE B 183 25.61 64.41 3.98
N MET B 184 25.74 63.91 2.75
CA MET B 184 25.35 64.69 1.59
C MET B 184 23.86 64.59 1.31
N TYR B 185 23.23 63.49 1.73
CA TYR B 185 21.77 63.37 1.67
C TYR B 185 21.08 64.06 2.85
N ASN B 186 21.83 64.50 3.86
CA ASN B 186 21.32 65.31 4.97
C ASN B 186 20.36 64.53 5.89
N ALA B 187 20.74 63.32 6.26
CA ALA B 187 19.93 62.51 7.17
C ALA B 187 20.09 62.99 8.62
N MET B 188 19.07 62.71 9.44
CA MET B 188 19.14 63.11 10.84
C MET B 188 19.85 62.07 11.73
N ALA B 189 19.81 60.80 11.37
CA ALA B 189 20.52 59.75 12.12
C ALA B 189 20.78 58.58 11.19
N GLY B 190 21.65 57.67 11.61
CA GLY B 190 21.94 56.52 10.76
C GLY B 190 22.86 55.53 11.44
N ALA B 191 23.16 54.46 10.71
CA ALA B 191 23.95 53.35 11.20
C ALA B 191 25.01 52.91 10.20
N TYR B 192 26.09 52.33 10.71
CA TYR B 192 27.10 51.62 9.92
C TYR B 192 27.21 50.23 10.53
N PRO B 193 26.23 49.35 10.28
CA PRO B 193 26.04 48.17 11.14
C PRO B 193 27.21 47.19 11.15
N SER B 194 28.03 47.12 10.10
CA SER B 194 29.12 46.15 10.10
C SER B 194 30.31 46.60 10.93
N TYR B 195 30.36 47.85 11.35
CA TYR B 195 31.48 48.36 12.16
C TYR B 195 31.04 48.76 13.56
N SER B 196 29.89 48.28 14.01
CA SER B 196 29.38 48.52 15.37
C SER B 196 29.24 50.01 15.68
N THR B 197 28.74 50.78 14.71
CA THR B 197 28.68 52.24 14.84
C THR B 197 27.25 52.74 14.63
N ASN B 198 26.84 53.68 15.49
CA ASN B 198 25.64 54.46 15.31
C ASN B 198 25.98 55.93 15.49
N TRP B 199 25.25 56.80 14.81
CA TRP B 199 25.45 58.24 14.94
C TRP B 199 24.08 58.92 14.98
N ALA B 200 24.04 60.11 15.56
CA ALA B 200 22.78 60.85 15.62
C ALA B 200 23.05 62.34 15.78
N ASP B 201 22.08 63.13 15.34
CA ASP B 201 22.04 64.56 15.61
C ASP B 201 21.75 64.84 17.08
N GLU B 202 22.31 65.94 17.59
CA GLU B 202 22.09 66.35 18.97
C GLU B 202 20.61 66.47 19.32
N GLN B 203 19.79 66.90 18.36
CA GLN B 203 18.39 67.20 18.63
C GLN B 203 17.53 65.97 18.89
N VAL B 204 18.00 64.77 18.56
CA VAL B 204 17.18 63.56 18.68
C VAL B 204 17.79 62.56 19.65
N LEU B 205 18.69 62.99 20.54
CA LEU B 205 19.31 62.07 21.49
C LEU B 205 18.31 61.51 22.52
N LYS B 206 17.14 62.12 22.67
CA LYS B 206 16.11 61.64 23.59
C LYS B 206 14.98 60.92 22.89
N ALA B 207 15.26 60.29 21.75
CA ALA B 207 14.30 59.46 21.04
C ALA B 207 14.18 58.11 21.72
N LYS B 208 13.43 57.20 21.13
CA LYS B 208 13.12 55.91 21.73
C LYS B 208 13.62 54.71 20.94
N ASN B 209 13.55 54.74 19.61
CA ASN B 209 13.75 53.52 18.82
C ASN B 209 14.84 53.65 17.75
N ILE B 210 15.81 54.53 17.90
CA ILE B 210 16.96 54.59 17.01
C ILE B 210 18.16 53.96 17.72
N GLY B 211 19.27 53.84 16.98
CA GLY B 211 20.43 53.14 17.50
C GLY B 211 21.08 53.80 18.70
N LEU B 212 21.11 55.13 18.74
CA LEU B 212 21.83 55.88 19.78
C LEU B 212 20.89 56.90 20.42
N CYS B 213 20.27 56.53 21.54
CA CYS B 213 19.26 57.37 22.19
C CYS B 213 19.00 56.86 23.60
N SER B 214 18.20 57.62 24.35
CA SER B 214 17.82 57.25 25.70
C SER B 214 16.62 58.07 26.13
N THR B 215 15.58 57.42 26.66
CA THR B 215 14.37 58.13 27.07
C THR B 215 13.89 57.58 28.41
N ASP B 216 12.71 58.04 28.85
CA ASP B 216 12.16 57.79 30.18
C ASP B 216 10.76 57.19 30.10
N LEU B 217 10.31 56.63 31.22
CA LEU B 217 8.93 56.17 31.37
C LEU B 217 8.05 57.31 31.87
N THR B 218 6.85 57.42 31.31
CA THR B 218 5.98 58.54 31.62
C THR B 218 4.53 58.17 31.37
N GLU B 219 3.62 58.91 32.01
CA GLU B 219 2.19 58.72 31.80
C GLU B 219 1.63 59.65 30.74
N GLY B 220 2.16 60.86 30.63
CA GLY B 220 1.77 61.75 29.54
C GLY B 220 0.66 62.74 29.86
N ARG B 221 0.88 64.00 29.52
CA ARG B 221 -0.11 65.04 29.73
C ARG B 221 -0.80 65.41 28.41
N ARG B 222 -2.04 65.88 28.53
CA ARG B 222 -2.77 66.44 27.40
C ARG B 222 -2.46 67.91 27.19
N GLY B 223 -1.65 68.52 28.05
CA GLY B 223 -1.23 69.89 27.88
C GLY B 223 0.10 70.16 28.54
N LYS B 224 1.07 70.67 27.77
CA LYS B 224 2.39 71.05 28.27
C LYS B 224 2.72 72.42 27.69
N LEU B 225 2.30 73.47 28.39
CA LEU B 225 2.48 74.82 27.89
C LEU B 225 3.96 75.18 27.83
N SER B 226 4.33 75.95 26.80
CA SER B 226 5.67 76.51 26.69
C SER B 226 5.57 77.96 26.24
N ILE B 227 6.57 78.77 26.61
CA ILE B 227 6.62 80.13 26.11
C ILE B 227 7.48 80.20 24.85
N MET B 228 8.40 79.25 24.67
CA MET B 228 9.24 79.21 23.49
C MET B 228 8.68 78.18 22.51
N ARG B 229 8.48 78.61 21.27
CA ARG B 229 7.91 77.77 20.21
C ARG B 229 8.97 77.52 19.15
N GLY B 230 9.35 76.25 18.98
CA GLY B 230 10.25 75.88 17.90
C GLY B 230 9.55 75.67 16.57
N LYS B 231 8.70 74.65 16.50
CA LYS B 231 7.92 74.31 15.31
C LYS B 231 8.80 74.01 14.09
N LYS B 232 10.10 73.79 14.29
CA LYS B 232 11.01 73.52 13.18
C LYS B 232 12.06 72.53 13.66
N LEU B 233 12.15 71.39 13.01
CA LEU B 233 13.10 70.32 13.36
C LEU B 233 13.91 69.97 12.11
N GLU B 234 15.14 70.47 12.02
CA GLU B 234 16.02 70.27 10.88
C GLU B 234 17.43 69.97 11.36
N PRO B 235 18.23 69.28 10.55
CA PRO B 235 19.62 68.99 10.95
C PRO B 235 20.40 70.24 11.28
N CYS B 236 21.22 70.13 12.32
N CYS B 236 21.22 70.14 12.30
CA CYS B 236 22.13 71.17 12.77
CA CYS B 236 22.13 71.18 12.72
C CYS B 236 23.56 70.63 12.73
C CYS B 236 23.56 70.63 12.72
N ASP B 237 24.53 71.52 12.96
CA ASP B 237 25.93 71.19 12.66
C ASP B 237 26.48 70.04 13.51
N ARG B 238 26.15 69.97 14.80
CA ARG B 238 26.84 69.06 15.70
C ARG B 238 26.20 67.68 15.71
N VAL B 239 27.04 66.64 15.60
CA VAL B 239 26.65 65.24 15.46
C VAL B 239 27.52 64.40 16.38
N LEU B 240 26.94 63.33 16.93
CA LEU B 240 27.64 62.44 17.85
C LEU B 240 27.83 61.06 17.23
N PHE B 241 29.04 60.53 17.29
CA PHE B 241 29.38 59.20 16.81
C PHE B 241 29.66 58.28 17.99
N SER B 242 29.24 57.02 17.87
CA SER B 242 29.52 56.01 18.88
C SER B 242 30.09 54.77 18.21
N VAL B 243 31.40 54.60 18.28
CA VAL B 243 32.08 53.45 17.71
C VAL B 243 32.29 52.44 18.84
N GLY B 244 31.52 51.37 18.84
CA GLY B 244 31.42 50.54 20.03
C GLY B 244 30.88 51.35 21.19
N SER B 245 31.69 51.54 22.22
CA SER B 245 31.34 52.39 23.36
C SER B 245 32.20 53.64 23.47
N THR B 246 32.94 53.99 22.43
CA THR B 246 33.74 55.22 22.40
C THR B 246 32.95 56.32 21.70
N LEU B 247 32.94 57.50 22.30
CA LEU B 247 32.17 58.63 21.80
C LEU B 247 33.07 59.64 21.09
N TYR B 248 32.58 60.19 19.97
CA TYR B 248 33.27 61.21 19.16
C TYR B 248 32.26 62.27 18.72
N PRO B 249 32.46 63.53 19.07
CA PRO B 249 31.68 64.60 18.43
C PRO B 249 32.33 65.09 17.14
N GLU B 250 31.48 65.38 16.14
CA GLU B 250 31.95 65.82 14.82
C GLU B 250 31.08 66.96 14.31
N SER B 251 31.48 67.52 13.17
CA SER B 251 30.81 68.62 12.51
C SER B 251 30.34 68.21 11.12
N ARG B 252 29.12 68.64 10.74
CA ARG B 252 28.61 68.34 9.42
C ARG B 252 29.44 69.01 8.32
N LYS B 253 29.82 70.27 8.53
CA LYS B 253 30.53 71.03 7.50
C LYS B 253 31.88 70.40 7.18
N LEU B 254 32.61 69.95 8.19
CA LEU B 254 33.93 69.37 7.94
C LEU B 254 33.83 67.96 7.38
N LEU B 255 32.76 67.22 7.69
CA LEU B 255 32.57 65.91 7.08
C LEU B 255 32.23 66.03 5.60
N LYS B 256 31.38 66.99 5.25
CA LYS B 256 30.96 67.17 3.87
C LYS B 256 32.08 67.67 2.98
N SER B 257 33.09 68.34 3.55
CA SER B 257 34.16 68.90 2.74
C SER B 257 35.14 67.84 2.23
N TRP B 258 35.07 66.60 2.71
CA TRP B 258 35.83 65.51 2.14
C TRP B 258 35.06 64.74 1.08
N HIS B 259 33.87 65.21 0.69
CA HIS B 259 33.12 64.66 -0.43
C HIS B 259 33.42 65.52 -1.66
N LEU B 260 34.60 65.28 -2.27
CA LEU B 260 35.25 66.05 -3.31
C LEU B 260 34.83 65.58 -4.70
N PRO B 261 34.80 66.49 -5.68
CA PRO B 261 34.43 66.12 -7.05
C PRO B 261 35.58 65.46 -7.80
N SER B 262 35.30 65.08 -9.04
CA SER B 262 36.30 64.43 -9.88
C SER B 262 37.48 65.36 -10.17
N VAL B 263 37.22 66.63 -10.45
CA VAL B 263 38.26 67.59 -10.79
C VAL B 263 37.98 68.89 -10.04
N PHE B 264 39.01 69.45 -9.40
CA PHE B 264 38.87 70.74 -8.73
C PHE B 264 40.21 71.47 -8.78
N HIS B 265 40.14 72.80 -8.67
CA HIS B 265 41.30 73.67 -8.75
C HIS B 265 41.54 74.38 -7.42
N LEU B 266 42.80 74.48 -7.01
CA LEU B 266 43.22 75.26 -5.85
C LEU B 266 43.96 76.50 -6.34
N LYS B 267 43.43 77.68 -6.02
CA LYS B 267 43.94 78.95 -6.55
C LYS B 267 44.51 79.79 -5.41
N GLY B 268 45.81 79.65 -5.17
CA GLY B 268 46.49 80.50 -4.20
C GLY B 268 47.65 81.24 -4.82
N LYS B 269 48.73 81.43 -4.06
CA LYS B 269 49.97 81.93 -4.63
C LYS B 269 50.68 80.90 -5.49
N LEU B 270 50.22 79.64 -5.45
CA LEU B 270 50.72 78.59 -6.33
C LEU B 270 49.52 77.76 -6.74
N SER B 271 49.13 77.84 -8.00
CA SER B 271 47.92 77.18 -8.48
C SER B 271 48.15 75.69 -8.68
N PHE B 272 47.10 74.92 -8.44
CA PHE B 272 47.15 73.47 -8.60
C PHE B 272 45.87 72.97 -9.25
N THR B 273 45.95 71.78 -9.85
CA THR B 273 44.83 71.09 -10.48
C THR B 273 44.80 69.68 -9.92
N CYS B 274 43.62 69.24 -9.45
CA CYS B 274 43.54 68.07 -8.60
C CYS B 274 42.43 67.13 -9.04
N ARG B 275 42.63 65.84 -8.76
CA ARG B 275 41.68 64.77 -9.03
C ARG B 275 41.40 64.00 -7.74
N CYS B 276 40.24 63.36 -7.68
CA CYS B 276 39.84 62.55 -6.52
C CYS B 276 39.12 61.30 -7.00
N ASP B 277 39.65 60.14 -6.67
CA ASP B 277 39.04 58.86 -7.02
C ASP B 277 38.89 57.99 -5.78
N THR B 278 37.87 57.14 -5.79
CA THR B 278 37.61 56.19 -4.71
C THR B 278 38.16 54.83 -5.14
N VAL B 279 39.07 54.28 -4.34
CA VAL B 279 39.84 53.11 -4.73
C VAL B 279 39.35 51.85 -4.04
N VAL B 280 38.89 51.94 -2.79
CA VAL B 280 38.34 50.80 -2.07
C VAL B 280 37.00 51.22 -1.48
N SER B 281 36.12 50.24 -1.27
CA SER B 281 34.78 50.51 -0.73
C SER B 281 34.23 49.23 -0.15
N CYS B 282 33.96 49.22 1.16
CA CYS B 282 33.49 48.01 1.85
C CYS B 282 32.47 48.38 2.92
N GLU B 283 31.19 48.33 2.56
CA GLU B 283 30.05 48.38 3.50
C GLU B 283 30.02 49.66 4.33
N GLY B 284 30.55 50.77 3.83
CA GLY B 284 30.54 52.01 4.55
C GLY B 284 31.91 52.55 4.92
N TYR B 285 32.99 51.89 4.55
CA TYR B 285 34.34 52.35 4.84
C TYR B 285 35.08 52.45 3.51
N VAL B 286 35.78 53.56 3.27
CA VAL B 286 36.36 53.82 1.95
C VAL B 286 37.82 54.27 2.04
N VAL B 287 38.52 54.13 0.92
CA VAL B 287 39.85 54.70 0.71
C VAL B 287 39.78 55.61 -0.51
N LYS B 288 40.20 56.86 -0.35
CA LYS B 288 40.27 57.82 -1.44
C LYS B 288 41.73 58.09 -1.80
N ARG B 289 41.94 58.48 -3.06
CA ARG B 289 43.26 58.86 -3.56
C ARG B 289 43.16 60.19 -4.29
N ILE B 290 44.04 61.13 -3.95
CA ILE B 290 44.03 62.47 -4.50
C ILE B 290 45.39 62.76 -5.12
N THR B 291 45.43 62.96 -6.43
CA THR B 291 46.63 63.39 -7.12
C THR B 291 46.56 64.89 -7.35
N MET B 292 47.73 65.54 -7.34
CA MET B 292 47.81 66.99 -7.42
C MET B 292 48.99 67.35 -8.31
N SER B 293 48.92 68.53 -8.93
CA SER B 293 49.91 68.92 -9.94
C SER B 293 49.88 70.44 -10.11
N PRO B 294 51.01 71.05 -10.44
CA PRO B 294 51.07 72.51 -10.50
C PRO B 294 50.50 73.08 -11.79
N GLY B 295 50.00 74.31 -11.68
CA GLY B 295 49.41 74.99 -12.82
C GLY B 295 47.98 74.55 -13.07
N LEU B 296 47.11 75.49 -13.44
CA LEU B 296 45.68 75.21 -13.58
C LEU B 296 45.33 74.98 -15.05
N TYR B 297 44.71 73.83 -15.33
CA TYR B 297 44.37 73.44 -16.69
C TYR B 297 43.22 72.44 -16.64
N GLY B 298 42.55 72.28 -17.78
CA GLY B 298 41.37 71.44 -17.85
C GLY B 298 40.12 72.20 -17.51
N LYS B 299 39.02 71.46 -17.42
CA LYS B 299 37.73 72.04 -17.09
C LYS B 299 37.04 71.22 -16.01
N THR B 300 36.24 71.90 -15.19
CA THR B 300 35.53 71.30 -14.08
C THR B 300 34.02 71.32 -14.34
N THR B 301 33.35 70.29 -13.83
CA THR B 301 31.89 70.24 -13.85
C THR B 301 31.26 70.45 -12.49
N GLY B 302 31.92 70.02 -11.42
CA GLY B 302 31.34 70.12 -10.10
C GLY B 302 30.39 69.01 -9.72
N TYR B 303 30.66 67.78 -10.17
CA TYR B 303 29.84 66.62 -9.85
C TYR B 303 30.68 65.59 -9.12
N ALA B 304 30.12 65.00 -8.07
CA ALA B 304 30.73 63.90 -7.34
C ALA B 304 29.84 62.67 -7.48
N VAL B 305 30.46 61.51 -7.68
CA VAL B 305 29.75 60.28 -7.99
C VAL B 305 30.10 59.21 -6.97
N THR B 306 29.08 58.49 -6.49
CA THR B 306 29.25 57.35 -5.59
C THR B 306 28.70 56.11 -6.27
N HIS B 307 29.50 55.06 -6.33
CA HIS B 307 29.06 53.77 -6.85
C HIS B 307 28.65 52.86 -5.69
N HIS B 308 27.48 52.24 -5.80
CA HIS B 308 26.89 51.46 -4.72
C HIS B 308 27.05 49.98 -4.99
N ALA B 309 27.91 49.32 -4.22
CA ALA B 309 28.04 47.86 -4.31
C ALA B 309 27.01 47.14 -3.48
N ASP B 310 26.55 47.74 -2.38
CA ASP B 310 25.39 47.27 -1.63
C ASP B 310 24.28 48.31 -1.73
N GLY B 311 23.13 47.98 -1.16
CA GLY B 311 22.02 48.91 -1.15
C GLY B 311 22.19 50.02 -0.13
N PHE B 312 21.66 51.20 -0.46
CA PHE B 312 21.64 52.35 0.42
C PHE B 312 20.20 52.83 0.55
N LEU B 313 19.73 52.97 1.79
CA LEU B 313 18.35 53.33 2.08
C LEU B 313 18.27 54.62 2.89
N MET B 314 17.14 55.30 2.78
CA MET B 314 16.87 56.52 3.53
C MET B 314 15.37 56.78 3.51
N CYS B 315 14.74 56.79 4.69
CA CYS B 315 13.29 56.87 4.75
C CYS B 315 12.84 57.77 5.89
N LYS B 316 11.53 58.03 5.92
CA LYS B 316 10.89 58.79 6.97
C LYS B 316 10.37 57.87 8.07
N THR B 317 10.68 58.19 9.32
CA THR B 317 10.19 57.44 10.47
C THR B 317 9.47 58.37 11.44
N THR B 318 8.58 57.78 12.24
CA THR B 318 7.90 58.49 13.31
C THR B 318 8.35 57.92 14.64
N ASP B 319 8.67 58.80 15.58
CA ASP B 319 9.13 58.42 16.91
C ASP B 319 8.63 59.45 17.91
N THR B 320 8.94 59.22 19.17
CA THR B 320 8.68 60.16 20.24
C THR B 320 10.02 60.69 20.76
N VAL B 321 10.17 62.00 20.80
CA VAL B 321 11.39 62.64 21.28
C VAL B 321 11.03 63.46 22.50
N ASP B 322 11.49 63.01 23.68
CA ASP B 322 11.17 63.63 24.96
C ASP B 322 9.67 63.72 25.21
N GLY B 323 8.91 62.73 24.75
CA GLY B 323 7.47 62.70 24.93
C GLY B 323 6.65 63.17 23.76
N GLU B 324 7.24 63.91 22.83
CA GLU B 324 6.51 64.52 21.71
C GLU B 324 6.72 63.73 20.43
N ARG B 325 5.61 63.40 19.76
CA ARG B 325 5.65 62.63 18.52
C ARG B 325 6.06 63.52 17.34
N VAL B 326 7.05 63.06 16.57
CA VAL B 326 7.66 63.82 15.48
C VAL B 326 8.08 62.87 14.35
N SER B 327 8.57 63.43 13.25
CA SER B 327 9.03 62.68 12.10
C SER B 327 10.37 63.20 11.61
N PHE B 328 11.26 62.29 11.19
CA PHE B 328 12.57 62.65 10.65
C PHE B 328 13.12 61.46 9.86
N SER B 329 14.30 61.63 9.29
CA SER B 329 14.85 60.67 8.33
C SER B 329 16.04 59.90 8.90
N VAL B 330 16.13 58.61 8.55
CA VAL B 330 17.14 57.67 9.01
C VAL B 330 17.72 56.94 7.80
N CYS B 331 19.02 56.62 7.85
CA CYS B 331 19.69 55.93 6.75
C CYS B 331 20.43 54.69 7.24
N THR B 332 20.66 53.74 6.33
CA THR B 332 21.35 52.49 6.65
C THR B 332 21.84 51.82 5.36
N TYR B 333 22.64 50.76 5.53
CA TYR B 333 23.17 49.95 4.44
C TYR B 333 22.57 48.55 4.49
N VAL B 334 22.27 47.98 3.32
CA VAL B 334 21.64 46.67 3.21
C VAL B 334 22.51 45.79 2.33
N PRO B 335 22.79 44.55 2.70
CA PRO B 335 23.64 43.68 1.87
C PRO B 335 22.99 43.31 0.54
N ALA B 336 23.85 43.09 -0.46
CA ALA B 336 23.39 42.93 -1.84
C ALA B 336 22.56 41.66 -2.02
N THR B 337 22.90 40.58 -1.32
CA THR B 337 22.12 39.36 -1.43
C THR B 337 20.68 39.55 -0.96
N ILE B 338 20.47 40.32 0.10
CA ILE B 338 19.11 40.58 0.59
C ILE B 338 18.33 41.39 -0.44
N CYS B 339 18.97 42.41 -1.03
CA CYS B 339 18.29 43.26 -2.01
C CYS B 339 17.86 42.47 -3.23
N ASP B 340 18.71 41.56 -3.71
CA ASP B 340 18.38 40.75 -4.89
C ASP B 340 17.18 39.85 -4.64
N GLN B 341 17.06 39.31 -3.43
CA GLN B 341 15.98 38.37 -3.13
C GLN B 341 14.65 39.04 -2.84
N MET B 342 14.60 40.37 -2.79
CA MET B 342 13.33 41.07 -2.62
C MET B 342 12.79 41.64 -3.93
N THR B 343 13.44 41.35 -5.07
CA THR B 343 13.02 41.93 -6.34
C THR B 343 11.62 41.50 -6.73
N GLY B 344 11.31 40.21 -6.58
CA GLY B 344 9.99 39.71 -6.89
C GLY B 344 8.87 40.24 -6.01
N ILE B 345 9.13 40.35 -4.71
CA ILE B 345 8.12 40.77 -3.75
C ILE B 345 7.69 42.22 -3.98
N LEU B 346 8.62 43.09 -4.35
CA LEU B 346 8.31 44.52 -4.43
C LEU B 346 7.59 44.89 -5.72
N ALA B 347 7.22 43.92 -6.55
CA ALA B 347 6.42 44.19 -7.74
C ALA B 347 5.01 44.63 -7.38
N THR B 348 4.47 44.13 -6.28
CA THR B 348 3.14 44.51 -5.79
C THR B 348 3.26 45.33 -4.52
N GLU B 349 2.10 45.66 -3.95
CA GLU B 349 2.04 46.43 -2.70
C GLU B 349 2.00 45.48 -1.52
N VAL B 350 2.92 45.67 -0.58
CA VAL B 350 3.09 44.79 0.57
C VAL B 350 3.01 45.66 1.82
N THR B 351 2.43 45.10 2.88
CA THR B 351 2.34 45.79 4.16
C THR B 351 3.67 45.74 4.90
N PRO B 352 3.93 46.69 5.80
CA PRO B 352 5.17 46.61 6.60
C PRO B 352 5.27 45.35 7.42
N GLU B 353 4.14 44.83 7.93
CA GLU B 353 4.19 43.61 8.74
C GLU B 353 4.63 42.41 7.91
N ASP B 354 4.10 42.30 6.69
CA ASP B 354 4.45 41.16 5.83
C ASP B 354 5.87 41.26 5.30
N ALA B 355 6.35 42.48 5.04
CA ALA B 355 7.76 42.66 4.67
C ALA B 355 8.68 42.22 5.80
N GLN B 356 8.32 42.51 7.05
CA GLN B 356 9.17 42.14 8.19
C GLN B 356 9.30 40.63 8.32
N LYS B 357 8.20 39.89 8.17
CA LYS B 357 8.26 38.43 8.28
C LYS B 357 9.11 37.83 7.17
N LEU B 358 8.98 38.34 5.95
CA LEU B 358 9.81 37.85 4.85
C LEU B 358 11.29 38.10 5.10
N LEU B 359 11.63 39.28 5.62
CA LEU B 359 13.03 39.62 5.87
C LEU B 359 13.64 38.74 6.95
N VAL B 360 12.86 38.41 8.00
CA VAL B 360 13.36 37.53 9.05
C VAL B 360 13.65 36.15 8.49
N GLY B 361 12.78 35.64 7.62
CA GLY B 361 13.03 34.35 6.99
C GLY B 361 14.29 34.33 6.15
N LEU B 362 14.52 35.39 5.37
CA LEU B 362 15.71 35.46 4.53
C LEU B 362 16.99 35.65 5.33
N ASN B 363 16.88 36.06 6.60
CA ASN B 363 18.04 36.43 7.39
C ASN B 363 18.65 35.25 8.14
N GLN B 364 17.90 34.19 8.39
CA GLN B 364 18.41 33.06 9.18
C GLN B 364 19.47 32.24 8.47
N ARG B 365 19.93 32.66 7.29
CA ARG B 365 20.95 31.92 6.56
C ARG B 365 22.30 32.00 7.28
N THR B 376 23.25 32.31 12.94
CA THR B 376 23.96 33.44 12.34
C THR B 376 23.04 34.20 11.40
N ASN B 377 23.16 35.52 11.40
CA ASN B 377 22.32 36.41 10.61
C ASN B 377 23.16 37.15 9.58
N THR B 378 22.54 37.48 8.45
CA THR B 378 23.22 38.29 7.44
C THR B 378 23.30 39.76 7.87
N MET B 379 22.22 40.29 8.42
CA MET B 379 22.17 41.66 8.90
C MET B 379 21.71 41.68 10.35
N LYS B 380 22.04 42.77 11.05
CA LYS B 380 21.65 42.94 12.43
C LYS B 380 20.14 43.11 12.56
N ASN B 381 19.56 42.52 13.61
CA ASN B 381 18.11 42.46 13.75
C ASN B 381 17.49 43.79 14.19
N TYR B 382 18.25 44.68 14.81
CA TYR B 382 17.66 45.93 15.29
C TYR B 382 17.37 46.92 14.17
N MET B 383 17.93 46.72 12.98
CA MET B 383 17.63 47.58 11.85
C MET B 383 16.50 47.03 10.98
N ILE B 384 16.06 45.80 11.23
CA ILE B 384 15.06 45.17 10.35
C ILE B 384 13.72 45.90 10.32
N PRO B 385 13.13 46.35 11.43
CA PRO B 385 11.83 47.04 11.33
C PRO B 385 11.83 48.32 10.49
N VAL B 386 12.90 49.10 10.50
CA VAL B 386 12.91 50.32 9.70
C VAL B 386 13.19 50.02 8.23
N VAL B 387 13.94 48.96 7.95
CA VAL B 387 14.15 48.54 6.56
C VAL B 387 12.86 48.01 5.95
N ALA B 388 12.09 47.23 6.71
CA ALA B 388 10.84 46.69 6.20
C ALA B 388 9.83 47.79 5.93
N GLN B 389 9.87 48.87 6.69
CA GLN B 389 8.98 50.00 6.48
C GLN B 389 9.37 50.83 5.27
N ALA B 390 10.66 50.98 5.00
CA ALA B 390 11.10 51.70 3.81
C ALA B 390 10.74 50.95 2.54
N PHE B 391 10.90 49.62 2.53
CA PHE B 391 10.63 48.83 1.34
C PHE B 391 9.17 48.91 0.92
N SER B 392 8.25 48.93 1.89
CA SER B 392 6.84 48.97 1.54
C SER B 392 6.39 50.35 1.07
N LYS B 393 6.99 51.42 1.59
CA LYS B 393 6.68 52.76 1.08
C LYS B 393 7.23 52.96 -0.33
N TRP B 394 8.38 52.37 -0.64
CA TRP B 394 8.95 52.46 -1.98
C TRP B 394 8.06 51.76 -3.01
N ALA B 395 7.57 50.57 -2.67
CA ALA B 395 6.71 49.82 -3.58
C ALA B 395 5.39 50.54 -3.82
N LYS B 396 4.90 51.29 -2.84
CA LYS B 396 3.65 52.01 -3.02
C LYS B 396 3.83 53.23 -3.92
N GLU B 397 4.95 53.94 -3.79
CA GLU B 397 5.19 55.11 -4.62
C GLU B 397 5.52 54.73 -6.07
N CYS B 398 5.98 53.52 -6.33
CA CYS B 398 6.20 53.07 -7.70
C CYS B 398 4.87 52.79 -8.41
N ARG B 399 3.89 52.24 -7.69
CA ARG B 399 2.58 51.99 -8.28
C ARG B 399 1.88 53.28 -8.67
N LYS B 400 2.02 54.32 -7.85
CA LYS B 400 1.34 55.58 -8.13
C LYS B 400 1.88 56.26 -9.37
N ASP B 401 3.19 56.14 -9.62
CA ASP B 401 3.76 56.68 -10.84
C ASP B 401 3.17 56.00 -12.07
N MET B 402 3.03 54.68 -12.01
CA MET B 402 2.54 53.91 -13.15
C MET B 402 1.09 54.20 -13.49
N GLU B 403 0.29 54.59 -12.49
CA GLU B 403 -1.13 54.83 -12.71
C GLU B 403 -1.46 56.30 -12.97
N ASP B 404 -0.47 57.18 -12.96
CA ASP B 404 -0.65 58.60 -13.29
C ASP B 404 0.42 58.94 -14.32
N GLU B 405 0.14 58.63 -15.57
CA GLU B 405 1.13 58.65 -16.65
C GLU B 405 0.90 59.85 -17.55
N LYS B 406 2.01 60.51 -17.92
CA LYS B 406 1.96 61.76 -18.65
C LYS B 406 2.25 61.54 -20.13
N LEU B 407 2.30 62.65 -20.87
CA LEU B 407 2.63 62.63 -22.28
C LEU B 407 4.13 62.82 -22.49
N LEU B 408 4.66 62.23 -23.56
CA LEU B 408 6.09 62.31 -23.82
C LEU B 408 6.49 63.75 -24.15
N GLY B 409 7.57 64.21 -23.56
CA GLY B 409 8.14 65.48 -23.95
C GLY B 409 7.40 66.70 -23.47
N VAL B 410 6.43 66.53 -22.57
CA VAL B 410 5.55 67.62 -22.17
C VAL B 410 5.48 67.68 -20.66
N ARG B 411 5.83 68.82 -20.10
CA ARG B 411 5.52 69.18 -18.72
C ARG B 411 4.16 69.88 -18.81
N GLU B 412 3.19 69.47 -17.99
CA GLU B 412 1.93 70.21 -17.97
C GLU B 412 1.87 71.11 -16.74
N ARG B 413 2.48 72.28 -16.90
CA ARG B 413 2.42 73.36 -15.92
C ARG B 413 1.26 74.30 -16.18
N THR B 414 0.39 73.97 -17.14
CA THR B 414 -0.77 74.78 -17.50
C THR B 414 -0.37 76.22 -17.87
N CYS B 419 -2.49 78.26 -16.35
CA CYS B 419 -2.52 79.61 -16.89
C CYS B 419 -1.36 80.43 -16.33
N LEU B 420 -1.10 80.25 -15.05
CA LEU B 420 0.11 80.75 -14.41
C LEU B 420 0.98 79.56 -14.01
N TRP B 421 2.29 79.74 -14.14
CA TRP B 421 3.21 78.60 -14.08
C TRP B 421 3.34 78.10 -12.65
N ALA B 422 2.43 77.22 -12.23
CA ALA B 422 2.44 76.67 -10.88
C ALA B 422 2.15 75.19 -10.98
N PHE B 423 3.13 74.36 -10.64
CA PHE B 423 2.99 72.92 -10.74
C PHE B 423 2.93 72.29 -9.35
N LYS B 424 2.43 71.07 -9.30
CA LYS B 424 2.25 70.34 -8.06
C LYS B 424 3.43 69.40 -7.83
N LYS B 425 3.99 69.43 -6.62
CA LYS B 425 5.07 68.54 -6.23
C LYS B 425 4.51 67.33 -5.49
N GLN B 426 5.05 66.16 -5.80
CA GLN B 426 4.62 64.93 -5.15
C GLN B 426 5.44 64.69 -3.89
N LYS B 427 4.93 63.81 -3.05
CA LYS B 427 5.60 63.45 -1.80
C LYS B 427 6.52 62.26 -2.02
N THR B 428 7.73 62.36 -1.47
CA THR B 428 8.73 61.30 -1.54
C THR B 428 9.14 60.94 -0.12
N HIS B 429 8.92 59.69 0.27
CA HIS B 429 9.25 59.23 1.61
C HIS B 429 10.40 58.24 1.66
N THR B 430 10.85 57.71 0.53
CA THR B 430 11.95 56.75 0.51
C THR B 430 12.89 57.06 -0.63
N VAL B 431 14.19 56.98 -0.35
CA VAL B 431 15.24 56.97 -1.37
C VAL B 431 15.94 55.63 -1.28
N TYR B 432 15.93 54.88 -2.38
CA TYR B 432 16.47 53.53 -2.43
C TYR B 432 17.45 53.42 -3.59
N LYS B 433 18.74 53.29 -3.28
CA LYS B 433 19.78 53.09 -4.29
C LYS B 433 20.16 51.62 -4.33
N ARG B 434 19.74 50.94 -5.38
CA ARG B 434 19.98 49.51 -5.56
C ARG B 434 21.43 49.25 -5.94
N PRO B 435 21.92 48.02 -5.69
CA PRO B 435 23.27 47.67 -6.13
C PRO B 435 23.44 47.85 -7.65
N ASP B 436 24.62 48.35 -8.02
CA ASP B 436 25.03 48.67 -9.40
C ASP B 436 24.44 49.98 -9.93
N THR B 437 23.93 50.86 -9.06
CA THR B 437 23.51 52.20 -9.45
C THR B 437 24.52 53.21 -8.90
N GLN B 438 24.30 54.49 -9.23
CA GLN B 438 25.25 55.53 -8.85
C GLN B 438 24.52 56.80 -8.43
N SER B 439 24.97 57.41 -7.34
CA SER B 439 24.53 58.74 -6.92
C SER B 439 25.41 59.80 -7.56
N ILE B 440 24.84 60.98 -7.78
CA ILE B 440 25.58 62.09 -8.39
C ILE B 440 25.13 63.38 -7.73
N GLN B 441 26.10 64.14 -7.22
CA GLN B 441 25.86 65.32 -6.39
C GLN B 441 26.62 66.52 -6.94
N LYS B 442 25.98 67.69 -6.90
CA LYS B 442 26.59 68.94 -7.36
C LYS B 442 27.25 69.65 -6.18
N VAL B 443 28.58 69.75 -6.20
CA VAL B 443 29.35 70.35 -5.12
C VAL B 443 30.26 71.44 -5.69
N GLN B 444 30.94 72.14 -4.79
CA GLN B 444 31.82 73.25 -5.16
C GLN B 444 33.19 72.73 -5.60
N ALA B 445 33.74 73.36 -6.64
CA ALA B 445 34.96 72.86 -7.27
C ALA B 445 36.05 73.90 -7.49
N GLU B 446 35.83 75.17 -7.13
CA GLU B 446 36.84 76.21 -7.25
C GLU B 446 37.16 76.79 -5.88
N PHE B 447 38.41 76.67 -5.45
CA PHE B 447 38.81 77.03 -4.09
C PHE B 447 39.89 78.09 -4.15
N ASP B 448 39.66 79.23 -3.50
CA ASP B 448 40.65 80.30 -3.47
C ASP B 448 40.92 80.85 -2.07
N SER B 449 39.94 80.81 -1.17
CA SER B 449 40.11 81.32 0.18
C SER B 449 40.56 80.20 1.10
N PHE B 450 41.66 80.44 1.82
CA PHE B 450 42.28 79.46 2.70
C PHE B 450 42.62 80.15 4.01
N VAL B 451 41.67 80.16 4.92
CA VAL B 451 41.82 80.89 6.18
C VAL B 451 42.81 80.19 7.10
N GLY B 459 50.73 73.31 24.56
CA GLY B 459 50.28 71.98 24.90
C GLY B 459 51.19 71.27 25.88
N LEU B 460 52.37 70.88 25.43
CA LEU B 460 53.31 70.15 26.27
C LEU B 460 53.74 71.01 27.45
N SER B 461 53.88 70.37 28.61
CA SER B 461 54.28 71.07 29.83
C SER B 461 55.17 70.16 30.67
N ILE B 462 55.78 70.76 31.69
CA ILE B 462 56.86 70.10 32.42
C ILE B 462 56.45 68.74 33.01
N PRO B 463 55.34 68.62 33.74
CA PRO B 463 55.01 67.30 34.31
C PRO B 463 54.90 66.21 33.27
N LEU B 464 54.32 66.52 32.11
CA LEU B 464 54.33 65.57 31.00
C LEU B 464 55.70 65.50 30.35
N ARG B 465 56.36 66.66 30.20
CA ARG B 465 57.69 66.69 29.61
C ARG B 465 58.67 65.86 30.44
N THR B 466 58.61 66.00 31.75
CA THR B 466 59.51 65.25 32.63
C THR B 466 59.26 63.75 32.52
N ARG B 467 58.00 63.34 32.48
CA ARG B 467 57.69 61.91 32.42
C ARG B 467 58.20 61.27 31.14
N ILE B 468 58.04 61.94 30.01
CA ILE B 468 58.55 61.40 28.74
C ILE B 468 60.07 61.28 28.80
N LYS B 469 60.74 62.34 29.27
CA LYS B 469 62.20 62.35 29.30
C LYS B 469 62.75 61.26 30.20
N TRP B 470 62.02 60.91 31.25
CA TRP B 470 62.54 59.95 32.23
C TRP B 470 62.70 58.55 31.63
N LEU B 471 61.76 58.13 30.78
CA LEU B 471 61.84 56.80 30.21
C LEU B 471 63.03 56.68 29.25
N LEU B 472 63.21 57.66 28.36
CA LEU B 472 64.31 57.57 27.40
C LEU B 472 65.67 57.77 28.05
N SER B 473 65.73 58.21 29.30
CA SER B 473 66.99 58.38 30.01
C SER B 473 67.70 57.03 30.17
N ASP C 2 49.25 30.11 -30.01
CA ASP C 2 47.86 30.12 -30.48
C ASP C 2 46.86 30.62 -29.42
N PRO C 3 46.75 29.95 -28.27
CA PRO C 3 45.70 30.33 -27.31
C PRO C 3 45.93 31.71 -26.75
N VAL C 4 44.83 32.36 -26.39
CA VAL C 4 44.86 33.71 -25.82
C VAL C 4 44.18 33.67 -24.46
N TYR C 5 44.79 34.34 -23.49
CA TYR C 5 44.37 34.28 -22.10
C TYR C 5 43.81 35.63 -21.66
N VAL C 6 42.69 35.61 -20.96
CA VAL C 6 42.09 36.82 -20.42
C VAL C 6 42.22 36.82 -18.91
N ASP C 7 42.36 38.00 -18.33
CA ASP C 7 42.54 38.18 -16.89
C ASP C 7 41.20 38.30 -16.17
N ILE C 8 40.30 37.35 -16.40
CA ILE C 8 39.03 37.29 -15.70
C ILE C 8 38.86 35.87 -15.12
N ASP C 9 37.73 35.66 -14.45
CA ASP C 9 37.49 34.41 -13.75
C ASP C 9 37.08 33.32 -14.74
N ALA C 10 36.66 32.17 -14.21
CA ALA C 10 36.28 31.04 -15.03
C ALA C 10 34.83 30.60 -14.87
N ASP C 11 34.14 31.06 -13.82
CA ASP C 11 32.74 30.74 -13.60
C ASP C 11 31.80 31.85 -14.01
N SER C 12 32.31 32.97 -14.50
CA SER C 12 31.48 34.10 -14.87
C SER C 12 30.78 33.85 -16.20
N ALA C 13 29.66 34.56 -16.41
CA ALA C 13 28.93 34.47 -17.65
C ALA C 13 29.54 35.31 -18.77
N PHE C 14 30.44 36.24 -18.43
CA PHE C 14 31.05 37.07 -19.47
C PHE C 14 32.08 36.31 -20.30
N LEU C 15 32.59 35.19 -19.78
CA LEU C 15 33.56 34.40 -20.54
C LEU C 15 32.94 33.85 -21.82
N LYS C 16 31.71 33.33 -21.72
CA LYS C 16 31.04 32.80 -22.91
C LYS C 16 30.77 33.89 -23.93
N ALA C 17 30.34 35.07 -23.48
CA ALA C 17 30.09 36.18 -24.40
C ALA C 17 31.38 36.60 -25.09
N LEU C 18 32.47 36.68 -24.35
CA LEU C 18 33.76 37.02 -24.95
C LEU C 18 34.17 35.97 -25.97
N GLN C 19 33.96 34.70 -25.66
CA GLN C 19 34.26 33.62 -26.61
C GLN C 19 33.48 33.80 -27.90
N ARG C 20 32.17 33.94 -27.80
CA ARG C 20 31.35 34.00 -29.01
C ARG C 20 31.46 35.34 -29.73
N ALA C 21 32.08 36.35 -29.12
CA ALA C 21 32.36 37.57 -29.85
C ALA C 21 33.64 37.47 -30.67
N TYR C 22 34.55 36.58 -30.29
CA TYR C 22 35.81 36.33 -31.01
C TYR C 22 35.86 34.84 -31.32
N PRO C 23 35.20 34.40 -32.40
CA PRO C 23 35.05 32.95 -32.63
C PRO C 23 36.25 32.31 -33.31
N MET C 24 37.22 33.10 -33.76
CA MET C 24 38.46 32.63 -34.38
C MET C 24 39.63 32.60 -33.41
N PHE C 25 39.38 32.77 -32.12
CA PHE C 25 40.38 32.66 -31.08
C PHE C 25 39.96 31.55 -30.13
N GLU C 26 40.84 31.26 -29.16
CA GLU C 26 40.53 30.33 -28.07
C GLU C 26 40.87 31.05 -26.78
N VAL C 27 39.89 31.73 -26.24
CA VAL C 27 40.06 32.53 -25.03
C VAL C 27 40.00 31.62 -23.81
N GLU C 28 40.90 31.86 -22.86
CA GLU C 28 40.97 31.01 -21.69
C GLU C 28 41.07 31.83 -20.41
N PRO C 29 40.45 31.36 -19.33
CA PRO C 29 40.56 32.07 -18.04
C PRO C 29 41.92 31.88 -17.39
N ARG C 30 42.51 32.96 -16.90
CA ARG C 30 43.73 32.85 -16.12
C ARG C 30 43.69 33.81 -14.95
N ASP C 36 35.69 46.50 -10.89
CA ASP C 36 34.60 46.52 -11.87
C ASP C 36 35.06 47.10 -13.19
N HIS C 37 36.19 46.61 -13.70
CA HIS C 37 36.70 47.05 -15.00
C HIS C 37 37.33 45.89 -15.77
N ALA C 38 37.23 44.66 -15.28
CA ALA C 38 37.87 43.55 -15.96
C ALA C 38 37.18 43.22 -17.27
N ASN C 39 35.84 43.37 -17.31
CA ASN C 39 35.11 43.09 -18.54
C ASN C 39 35.55 44.01 -19.67
N ALA C 40 35.69 45.29 -19.38
CA ALA C 40 36.08 46.24 -20.42
C ALA C 40 37.55 46.08 -20.80
N ARG C 41 38.39 45.66 -19.86
CA ARG C 41 39.81 45.46 -20.18
C ARG C 41 39.98 44.39 -21.25
N ALA C 42 39.37 43.22 -21.01
CA ALA C 42 39.61 42.06 -21.85
C ALA C 42 39.11 42.29 -23.25
N PHE C 43 38.01 43.02 -23.40
CA PHE C 43 37.55 43.37 -24.74
C PHE C 43 38.59 44.22 -25.45
N SER C 44 39.22 45.14 -24.73
CA SER C 44 40.24 45.98 -25.33
C SER C 44 41.53 45.21 -25.60
N HIS C 45 41.83 44.21 -24.77
CA HIS C 45 43.00 43.37 -25.01
C HIS C 45 42.85 42.57 -26.29
N LEU C 46 41.70 41.90 -26.48
CA LEU C 46 41.49 41.12 -27.70
C LEU C 46 41.33 42.00 -28.93
N ALA C 47 40.87 43.23 -28.77
CA ALA C 47 40.71 44.10 -29.94
C ALA C 47 42.06 44.52 -30.51
N ILE C 48 43.03 44.81 -29.64
CA ILE C 48 44.36 45.17 -30.11
C ILE C 48 45.07 43.96 -30.72
N LYS C 49 44.88 42.78 -30.12
CA LYS C 49 45.47 41.57 -30.67
C LYS C 49 44.95 41.30 -32.08
N LEU C 50 43.65 41.49 -32.30
CA LEU C 50 43.08 41.27 -33.62
C LEU C 50 43.68 42.21 -34.66
N ILE C 51 43.86 43.47 -34.32
CA ILE C 51 44.35 44.44 -35.30
C ILE C 51 45.75 44.09 -35.75
N GLU C 52 46.61 43.68 -34.81
CA GLU C 52 47.97 43.28 -35.16
C GLU C 52 47.97 42.10 -36.11
N GLN C 53 47.15 41.08 -35.81
CA GLN C 53 47.03 39.93 -36.70
C GLN C 53 46.48 40.32 -38.06
N GLU C 54 45.79 41.46 -38.16
CA GLU C 54 45.14 41.89 -39.38
C GLU C 54 46.06 42.71 -40.29
N ILE C 55 47.24 43.08 -39.84
CA ILE C 55 48.13 43.94 -40.62
C ILE C 55 49.52 43.33 -40.67
N ASP C 56 50.20 43.53 -41.80
CA ASP C 56 51.56 43.05 -41.95
C ASP C 56 52.49 43.80 -41.01
N PRO C 57 53.45 43.11 -40.37
CA PRO C 57 54.37 43.79 -39.46
C PRO C 57 55.28 44.77 -40.19
N ASP C 58 56.14 45.46 -39.45
CA ASP C 58 56.98 46.53 -39.99
C ASP C 58 56.14 47.62 -40.64
N SER C 59 55.03 47.96 -39.98
CA SER C 59 54.14 49.03 -40.41
C SER C 59 54.10 50.11 -39.34
N THR C 60 54.02 51.37 -39.77
CA THR C 60 53.98 52.48 -38.83
C THR C 60 52.55 52.70 -38.34
N ILE C 61 52.35 52.64 -37.02
CA ILE C 61 51.03 52.70 -36.41
C ILE C 61 50.92 53.98 -35.60
N LEU C 62 49.92 54.80 -35.91
CA LEU C 62 49.60 55.97 -35.10
C LEU C 62 48.71 55.59 -33.95
N ASP C 63 48.73 56.41 -32.89
CA ASP C 63 47.83 56.27 -31.75
C ASP C 63 47.28 57.66 -31.41
N ILE C 64 46.01 57.88 -31.73
CA ILE C 64 45.39 59.17 -31.46
C ILE C 64 44.93 59.20 -30.01
N GLY C 65 45.35 60.24 -29.28
CA GLY C 65 44.99 60.45 -27.89
C GLY C 65 45.26 59.23 -27.03
N SER C 66 46.53 58.89 -26.86
CA SER C 66 46.93 57.63 -26.26
C SER C 66 47.56 57.83 -24.89
N ALA C 67 47.81 56.71 -24.22
CA ALA C 67 48.61 56.65 -23.00
C ALA C 67 49.83 55.80 -23.31
N PRO C 68 51.00 56.39 -23.51
CA PRO C 68 52.13 55.62 -24.07
C PRO C 68 52.58 54.45 -23.23
N ALA C 69 52.27 54.44 -21.93
CA ALA C 69 52.71 53.34 -21.07
C ALA C 69 52.10 52.00 -21.48
N ARG C 70 51.03 52.00 -22.27
CA ARG C 70 50.44 50.74 -22.70
C ARG C 70 51.12 50.18 -23.95
N ARG C 71 51.64 51.04 -24.82
CA ARG C 71 52.31 50.64 -26.05
C ARG C 71 53.80 50.44 -25.88
N MET C 72 54.34 50.62 -24.67
CA MET C 72 55.79 50.62 -24.49
C MET C 72 56.40 49.24 -24.76
N MET C 73 55.73 48.17 -24.34
CA MET C 73 56.28 46.82 -24.39
C MET C 73 55.80 46.02 -25.59
N SER C 74 55.59 46.66 -26.74
CA SER C 74 55.11 45.99 -27.93
C SER C 74 56.09 46.17 -29.08
N ASP C 75 56.19 45.15 -29.92
CA ASP C 75 57.16 45.11 -31.02
C ASP C 75 56.57 45.65 -32.32
N ARG C 76 56.01 46.85 -32.28
CA ARG C 76 55.44 47.46 -33.47
C ARG C 76 55.79 48.94 -33.48
N LYS C 77 55.77 49.52 -34.68
CA LYS C 77 56.16 50.92 -34.89
C LYS C 77 55.03 51.83 -34.44
N TYR C 78 54.90 51.98 -33.12
CA TYR C 78 53.90 52.84 -32.53
C TYR C 78 54.42 54.27 -32.41
N HIS C 79 53.61 55.24 -32.82
CA HIS C 79 53.90 56.65 -32.67
C HIS C 79 52.78 57.29 -31.86
N CYS C 80 53.01 57.42 -30.55
CA CYS C 80 51.97 57.90 -29.65
C CYS C 80 51.79 59.42 -29.75
N VAL C 81 50.55 59.86 -29.72
CA VAL C 81 50.19 61.27 -29.81
C VAL C 81 49.49 61.66 -28.51
N CYS C 82 50.04 62.64 -27.79
CA CYS C 82 49.62 62.95 -26.42
C CYS C 82 49.50 64.44 -26.21
N PRO C 83 48.41 65.06 -26.63
CA PRO C 83 48.16 66.46 -26.28
C PRO C 83 47.70 66.60 -24.84
N MET C 84 47.87 67.82 -24.32
CA MET C 84 47.46 68.14 -22.95
C MET C 84 46.05 68.73 -22.99
N ARG C 85 45.06 67.85 -23.06
CA ARG C 85 43.67 68.24 -23.17
C ARG C 85 42.87 68.06 -21.89
N SER C 86 43.24 67.11 -21.04
CA SER C 86 42.48 66.82 -19.83
C SER C 86 43.40 66.77 -18.63
N ALA C 87 42.80 66.86 -17.45
CA ALA C 87 43.53 66.89 -16.19
C ALA C 87 44.23 65.58 -15.87
N GLU C 88 43.90 64.50 -16.58
CA GLU C 88 44.53 63.20 -16.37
C GLU C 88 45.73 62.97 -17.28
N ASP C 89 46.04 63.92 -18.17
CA ASP C 89 47.09 63.73 -19.16
C ASP C 89 48.49 63.80 -18.55
N PRO C 90 48.83 64.81 -17.74
CA PRO C 90 50.17 64.82 -17.13
C PRO C 90 50.47 63.60 -16.29
N GLU C 91 49.46 62.97 -15.68
CA GLU C 91 49.70 61.72 -14.98
C GLU C 91 50.10 60.61 -15.96
N ARG C 92 49.48 60.59 -17.15
CA ARG C 92 49.86 59.62 -18.17
C ARG C 92 51.29 59.83 -18.62
N LEU C 93 51.69 61.08 -18.82
CA LEU C 93 53.07 61.39 -19.21
C LEU C 93 54.05 60.99 -18.11
N ALA C 94 53.73 61.31 -16.85
CA ALA C 94 54.64 61.04 -15.76
C ALA C 94 54.81 59.54 -15.54
N ASN C 95 53.74 58.77 -15.74
CA ASN C 95 53.84 57.32 -15.57
C ASN C 95 54.75 56.71 -16.62
N TYR C 96 54.71 57.23 -17.84
CA TYR C 96 55.62 56.79 -18.88
C TYR C 96 57.07 57.04 -18.49
N ALA C 97 57.36 58.23 -17.98
CA ALA C 97 58.73 58.59 -17.63
C ALA C 97 59.28 57.71 -16.51
N ARG C 98 58.41 57.08 -15.73
CA ARG C 98 58.87 56.22 -14.65
C ARG C 98 59.22 54.84 -15.18
N LYS C 99 58.28 54.19 -15.87
CA LYS C 99 58.52 52.84 -16.39
C LYS C 99 59.70 52.82 -17.36
N LEU C 100 59.96 53.93 -18.04
CA LEU C 100 61.13 54.00 -18.91
C LEU C 100 62.41 53.91 -18.12
N ALA C 101 62.54 54.74 -17.08
CA ALA C 101 63.70 54.65 -16.20
C ALA C 101 63.71 53.34 -15.42
N SER C 102 62.55 52.92 -14.92
CA SER C 102 62.48 51.73 -14.07
C SER C 102 62.79 50.45 -14.83
N ALA C 103 62.82 50.49 -16.15
CA ALA C 103 63.16 49.35 -16.99
C ALA C 103 64.11 49.77 -18.09
N ALA C 104 65.15 50.53 -17.73
CA ALA C 104 66.09 51.07 -18.70
C ALA C 104 67.26 50.15 -18.98
N GLY C 105 67.39 49.03 -18.27
CA GLY C 105 68.49 48.12 -18.51
C GLY C 105 68.18 46.65 -18.34
N LYS C 106 66.91 46.32 -18.12
CA LYS C 106 66.52 44.96 -17.80
C LYS C 106 65.99 44.16 -18.99
N VAL C 107 65.95 44.76 -20.18
CA VAL C 107 65.48 44.09 -21.39
C VAL C 107 66.42 44.44 -22.53
N LEU C 108 66.82 43.44 -23.31
CA LEU C 108 67.73 43.63 -24.43
C LEU C 108 67.15 43.12 -25.73
N ASP C 109 65.82 43.06 -25.82
CA ASP C 109 65.15 42.61 -27.03
C ASP C 109 64.35 43.72 -27.70
N ARG C 110 63.43 44.34 -26.98
CA ARG C 110 62.63 45.44 -27.52
C ARG C 110 63.34 46.76 -27.27
N ASN C 111 63.21 47.67 -28.24
CA ASN C 111 63.82 48.99 -28.13
C ASN C 111 63.30 49.71 -26.90
N ILE C 112 64.19 50.05 -25.97
CA ILE C 112 63.78 50.77 -24.77
C ILE C 112 64.62 52.04 -24.62
N SER C 113 65.86 52.00 -25.12
CA SER C 113 66.71 53.18 -25.00
C SER C 113 66.35 54.25 -26.02
N GLY C 114 65.86 53.85 -27.19
CA GLY C 114 65.42 54.83 -28.18
C GLY C 114 64.21 55.61 -27.72
N LYS C 115 63.30 54.97 -26.98
CA LYS C 115 62.15 55.68 -26.46
C LYS C 115 62.55 56.69 -25.39
N ILE C 116 63.59 56.39 -24.61
CA ILE C 116 64.08 57.32 -23.62
C ILE C 116 64.64 58.58 -24.28
N GLY C 117 65.38 58.41 -25.37
CA GLY C 117 65.95 59.56 -26.05
C GLY C 117 64.89 60.45 -26.69
N ASP C 118 63.82 59.85 -27.21
CA ASP C 118 62.76 60.65 -27.84
C ASP C 118 62.07 61.54 -26.81
N LEU C 119 61.81 61.02 -25.62
CA LEU C 119 61.13 61.81 -24.59
C LEU C 119 61.97 63.02 -24.19
N GLN C 120 63.24 62.80 -23.83
CA GLN C 120 64.07 63.90 -23.39
C GLN C 120 64.42 64.87 -24.51
N ALA C 121 64.27 64.45 -25.78
CA ALA C 121 64.38 65.40 -26.87
C ALA C 121 63.16 66.31 -26.94
N VAL C 122 61.96 65.73 -26.80
CA VAL C 122 60.75 66.55 -26.77
C VAL C 122 60.69 67.37 -25.50
N MET C 123 61.17 66.82 -24.38
CA MET C 123 61.23 67.58 -23.14
C MET C 123 62.09 68.83 -23.30
N ALA C 124 63.27 68.66 -23.92
CA ALA C 124 64.13 69.81 -24.20
C ALA C 124 63.49 70.73 -25.23
N VAL C 125 63.06 70.18 -26.36
CA VAL C 125 62.44 70.96 -27.43
C VAL C 125 60.99 70.55 -27.55
N PRO C 126 60.05 71.35 -27.04
CA PRO C 126 58.66 70.90 -26.91
C PRO C 126 57.84 70.93 -28.20
N ASP C 127 58.45 71.21 -29.35
CA ASP C 127 57.73 71.25 -30.62
C ASP C 127 58.52 70.51 -31.68
N THR C 128 59.01 69.32 -31.35
CA THR C 128 59.74 68.47 -32.28
C THR C 128 58.97 67.18 -32.50
N GLU C 129 58.84 66.79 -33.77
CA GLU C 129 58.21 65.53 -34.11
C GLU C 129 59.26 64.43 -34.11
N THR C 130 59.00 63.38 -33.35
CA THR C 130 59.94 62.30 -33.10
C THR C 130 59.30 60.98 -33.48
N PRO C 131 60.10 59.93 -33.68
CA PRO C 131 59.50 58.65 -34.13
C PRO C 131 58.46 58.06 -33.19
N THR C 132 58.63 58.19 -31.87
CA THR C 132 57.74 57.51 -30.93
C THR C 132 57.05 58.44 -29.94
N PHE C 133 56.92 59.72 -30.26
CA PHE C 133 56.30 60.66 -29.34
C PHE C 133 56.11 62.00 -30.04
N CYS C 134 55.09 62.72 -29.59
CA CYS C 134 54.83 64.10 -29.97
C CYS C 134 53.80 64.66 -29.00
N LEU C 135 53.65 65.98 -29.02
CA LEU C 135 52.77 66.69 -28.10
C LEU C 135 51.77 67.54 -28.87
N HIS C 136 51.20 66.96 -29.91
CA HIS C 136 50.24 67.64 -30.76
C HIS C 136 48.88 66.96 -30.65
N THR C 137 47.89 67.56 -31.29
CA THR C 137 46.56 66.96 -31.39
C THR C 137 46.58 65.94 -32.52
N ASP C 138 45.39 65.52 -32.96
CA ASP C 138 45.26 64.65 -34.13
C ASP C 138 45.23 65.45 -35.43
N VAL C 139 44.97 66.75 -35.36
CA VAL C 139 44.89 67.59 -36.55
C VAL C 139 46.23 68.26 -36.86
N SER C 140 46.95 68.71 -35.84
CA SER C 140 48.17 69.48 -36.05
C SER C 140 49.43 68.62 -36.18
N CYS C 141 49.36 67.33 -35.87
CA CYS C 141 50.52 66.46 -36.06
C CYS C 141 50.84 66.34 -37.54
N ARG C 142 52.14 66.23 -37.85
CA ARG C 142 52.61 66.26 -39.22
C ARG C 142 53.37 65.01 -39.64
N GLN C 143 53.45 64.01 -38.77
CA GLN C 143 54.11 62.77 -39.11
C GLN C 143 53.27 61.97 -40.11
N ARG C 144 53.94 61.38 -41.11
CA ARG C 144 53.26 60.55 -42.10
C ARG C 144 53.25 59.08 -41.65
N ALA C 145 52.16 58.40 -41.96
CA ALA C 145 52.00 56.99 -41.62
C ALA C 145 50.99 56.37 -42.57
N ASP C 146 50.56 55.14 -42.26
CA ASP C 146 49.57 54.44 -43.07
C ASP C 146 48.42 53.83 -42.28
N VAL C 147 48.56 53.61 -40.98
CA VAL C 147 47.54 52.98 -40.15
C VAL C 147 47.34 53.82 -38.90
N ALA C 148 46.09 54.10 -38.56
CA ALA C 148 45.72 54.85 -37.36
C ALA C 148 44.82 54.01 -36.48
N ILE C 149 44.85 54.29 -35.17
CA ILE C 149 44.04 53.56 -34.20
C ILE C 149 43.48 54.56 -33.19
N TYR C 150 42.21 54.37 -32.83
CA TYR C 150 41.54 55.16 -31.81
C TYR C 150 41.06 54.25 -30.71
N GLN C 151 41.18 54.70 -29.46
CA GLN C 151 40.61 53.96 -28.34
C GLN C 151 39.93 54.95 -27.41
N ASP C 152 38.63 54.70 -27.16
CA ASP C 152 37.82 55.51 -26.25
C ASP C 152 37.93 57.00 -26.58
N VAL C 153 37.88 57.31 -27.87
CA VAL C 153 37.95 58.69 -28.35
C VAL C 153 36.54 59.11 -28.70
N TYR C 154 35.93 59.97 -27.88
CA TYR C 154 34.55 60.38 -28.07
C TYR C 154 34.39 61.87 -28.32
N ALA C 155 35.47 62.64 -28.29
CA ALA C 155 35.38 64.10 -28.34
C ALA C 155 36.03 64.69 -29.58
N VAL C 156 35.90 64.04 -30.72
CA VAL C 156 36.40 64.58 -31.98
C VAL C 156 35.37 64.33 -33.08
N HIS C 157 35.32 65.25 -34.04
CA HIS C 157 34.48 65.09 -35.22
C HIS C 157 35.10 64.07 -36.15
N ALA C 158 34.37 62.99 -36.44
CA ALA C 158 34.96 61.87 -37.19
C ALA C 158 35.35 62.25 -38.62
N PRO C 159 34.50 62.88 -39.44
CA PRO C 159 34.95 63.21 -40.80
C PRO C 159 36.14 64.17 -40.84
N THR C 160 36.22 65.13 -39.92
CA THR C 160 37.34 66.05 -39.90
C THR C 160 38.63 65.36 -39.46
N SER C 161 38.54 64.52 -38.42
CA SER C 161 39.73 63.78 -37.99
C SER C 161 40.20 62.82 -39.07
N LEU C 162 39.27 62.11 -39.71
CA LEU C 162 39.66 61.11 -40.70
C LEU C 162 40.26 61.73 -41.96
N TYR C 163 39.83 62.94 -42.33
CA TYR C 163 40.45 63.60 -43.46
C TYR C 163 41.93 63.85 -43.20
N HIS C 164 42.28 64.37 -42.03
CA HIS C 164 43.65 64.76 -41.76
C HIS C 164 44.58 63.57 -41.63
N GLN C 165 44.06 62.37 -41.43
CA GLN C 165 44.91 61.19 -41.51
C GLN C 165 45.08 60.71 -42.94
N ALA C 166 44.15 61.07 -43.83
CA ALA C 166 44.19 60.61 -45.22
C ALA C 166 45.31 61.28 -46.00
N ILE C 167 45.41 62.61 -45.91
CA ILE C 167 46.38 63.36 -46.71
C ILE C 167 47.79 63.17 -46.18
N LYS C 168 47.93 62.35 -45.14
CA LYS C 168 49.24 61.93 -44.65
C LYS C 168 49.49 60.44 -44.90
N GLY C 169 48.70 59.84 -45.78
CA GLY C 169 48.97 58.50 -46.27
C GLY C 169 48.35 57.36 -45.50
N VAL C 170 47.41 57.61 -44.60
CA VAL C 170 46.77 56.54 -43.85
C VAL C 170 45.67 55.91 -44.70
N ARG C 171 45.69 54.58 -44.81
CA ARG C 171 44.70 53.84 -45.57
C ARG C 171 43.73 53.05 -44.71
N LEU C 172 44.08 52.74 -43.46
CA LEU C 172 43.33 51.82 -42.63
C LEU C 172 43.25 52.39 -41.22
N ALA C 173 42.02 52.51 -40.69
CA ALA C 173 41.79 53.06 -39.36
C ALA C 173 40.84 52.16 -38.58
N TYR C 174 41.02 52.13 -37.27
CA TYR C 174 40.11 51.42 -36.38
C TYR C 174 39.60 52.34 -35.28
N TRP C 175 38.53 51.90 -34.63
CA TRP C 175 37.85 52.65 -33.58
C TRP C 175 37.23 51.66 -32.62
N VAL C 176 37.61 51.76 -31.34
CA VAL C 176 37.07 50.93 -30.27
C VAL C 176 36.32 51.83 -29.30
N GLY C 177 35.17 51.37 -28.84
CA GLY C 177 34.38 52.18 -27.93
C GLY C 177 32.97 51.65 -27.78
N PHE C 178 32.13 52.46 -27.14
CA PHE C 178 30.74 52.11 -26.88
C PHE C 178 29.90 52.23 -28.15
N ASP C 179 28.90 51.36 -28.26
CA ASP C 179 27.96 51.39 -29.37
C ASP C 179 27.21 52.72 -29.43
N THR C 180 27.09 53.27 -30.64
CA THR C 180 26.49 54.57 -30.87
C THR C 180 25.00 54.50 -31.19
N THR C 181 24.41 53.31 -31.25
CA THR C 181 23.01 53.17 -31.61
C THR C 181 22.04 53.86 -30.66
N PRO C 182 22.20 53.81 -29.33
CA PRO C 182 21.24 54.53 -28.47
C PRO C 182 21.17 56.03 -28.70
N PHE C 183 22.24 56.65 -29.17
CA PHE C 183 22.22 58.08 -29.43
C PHE C 183 21.65 58.41 -30.81
N MET C 184 21.50 57.41 -31.70
CA MET C 184 20.79 57.65 -32.94
C MET C 184 19.28 57.51 -32.77
N TYR C 185 18.84 56.73 -31.78
CA TYR C 185 17.43 56.68 -31.41
C TYR C 185 17.00 57.83 -30.50
N ASN C 186 17.96 58.63 -30.01
CA ASN C 186 17.69 59.86 -29.27
C ASN C 186 17.04 59.61 -27.90
N ALA C 187 17.57 58.65 -27.14
CA ALA C 187 17.06 58.36 -25.80
C ALA C 187 17.55 59.41 -24.79
N MET C 188 16.79 59.56 -23.70
CA MET C 188 17.18 60.51 -22.67
C MET C 188 18.14 59.93 -21.64
N ALA C 189 18.10 58.63 -21.38
CA ALA C 189 19.03 57.97 -20.47
C ALA C 189 19.13 56.50 -20.85
N GLY C 190 20.13 55.82 -20.31
CA GLY C 190 20.28 54.41 -20.62
C GLY C 190 21.39 53.75 -19.84
N ALA C 191 21.58 52.46 -20.09
CA ALA C 191 22.54 51.62 -19.38
C ALA C 191 23.33 50.76 -20.34
N TYR C 192 24.54 50.39 -19.92
CA TYR C 192 25.37 49.35 -20.55
C TYR C 192 25.71 48.35 -19.45
N PRO C 193 24.75 47.51 -19.05
CA PRO C 193 24.86 46.82 -17.74
C PRO C 193 26.06 45.89 -17.60
N SER C 194 26.59 45.33 -18.69
CA SER C 194 27.71 44.40 -18.56
C SER C 194 29.04 45.09 -18.33
N TYR C 195 29.11 46.41 -18.50
CA TYR C 195 30.36 47.14 -18.30
C TYR C 195 30.26 48.14 -17.15
N SER C 196 29.28 47.96 -16.26
CA SER C 196 29.12 48.79 -15.06
C SER C 196 28.97 50.27 -15.40
N THR C 197 28.19 50.58 -16.44
CA THR C 197 28.08 51.94 -16.93
C THR C 197 26.62 52.38 -16.98
N ASN C 198 26.37 53.61 -16.54
CA ASN C 198 25.11 54.31 -16.73
C ASN C 198 25.39 55.69 -17.28
N TRP C 199 24.47 56.23 -18.05
CA TRP C 199 24.60 57.57 -18.61
C TRP C 199 23.25 58.26 -18.54
N ALA C 200 23.28 59.59 -18.53
CA ALA C 200 22.02 60.35 -18.47
C ALA C 200 22.22 61.75 -19.04
N ASP C 201 21.13 62.31 -19.51
CA ASP C 201 21.08 63.72 -19.89
C ASP C 201 21.14 64.62 -18.65
N GLU C 202 21.74 65.80 -18.83
CA GLU C 202 21.84 66.78 -17.75
C GLU C 202 20.49 67.12 -17.13
N GLN C 203 19.43 67.14 -17.93
CA GLN C 203 18.13 67.60 -17.47
C GLN C 203 17.44 66.64 -16.51
N VAL C 204 17.89 65.39 -16.40
CA VAL C 204 17.21 64.40 -15.58
C VAL C 204 18.09 63.87 -14.46
N LEU C 205 19.16 64.60 -14.10
CA LEU C 205 20.05 64.15 -13.02
C LEU C 205 19.37 64.15 -11.65
N LYS C 206 18.24 64.82 -11.48
CA LYS C 206 17.51 64.83 -10.22
C LYS C 206 16.28 63.93 -10.24
N ALA C 207 16.32 62.87 -11.02
CA ALA C 207 15.25 61.88 -11.04
C ALA C 207 15.40 60.94 -9.84
N LYS C 208 14.58 59.92 -9.78
CA LYS C 208 14.52 59.03 -8.63
C LYS C 208 14.88 57.58 -8.93
N ASN C 209 14.48 57.03 -10.08
CA ASN C 209 14.56 55.58 -10.29
C ASN C 209 15.33 55.18 -11.54
N ILE C 210 16.25 56.00 -12.04
CA ILE C 210 17.14 55.60 -13.12
C ILE C 210 18.51 55.28 -12.54
N GLY C 211 19.41 54.80 -13.40
CA GLY C 211 20.70 54.33 -12.94
C GLY C 211 21.59 55.41 -12.35
N LEU C 212 21.55 56.62 -12.89
CA LEU C 212 22.46 57.71 -12.49
C LEU C 212 21.64 58.96 -12.14
N CYS C 213 21.33 59.12 -10.85
CA CYS C 213 20.47 60.22 -10.40
C CYS C 213 20.61 60.37 -8.89
N SER C 214 19.97 61.42 -8.37
CA SER C 214 19.97 61.69 -6.93
C SER C 214 18.86 62.69 -6.61
N THR C 215 18.03 62.38 -5.62
CA THR C 215 16.91 63.26 -5.26
C THR C 215 16.81 63.35 -3.73
N ASP C 216 15.75 64.03 -3.26
CA ASP C 216 15.56 64.40 -1.86
C ASP C 216 14.22 63.90 -1.32
N LEU C 217 14.11 63.90 0.00
CA LEU C 217 12.85 63.62 0.69
C LEU C 217 12.05 64.91 0.84
N THR C 218 10.73 64.82 0.61
CA THR C 218 9.90 66.02 0.62
C THR C 218 8.46 65.64 0.93
N GLU C 219 7.70 66.63 1.40
CA GLU C 219 6.28 66.45 1.65
C GLU C 219 5.41 66.87 0.47
N GLY C 220 5.81 67.89 -0.27
CA GLY C 220 5.12 68.23 -1.49
C GLY C 220 4.07 69.32 -1.36
N ARG C 221 4.11 70.30 -2.27
CA ARG C 221 3.13 71.38 -2.28
C ARG C 221 2.12 71.18 -3.40
N ARG C 222 0.93 71.72 -3.19
CA ARG C 222 -0.10 71.77 -4.23
C ARG C 222 0.05 72.99 -5.12
N GLY C 223 1.01 73.87 -4.83
CA GLY C 223 1.29 75.01 -5.68
C GLY C 223 2.73 75.47 -5.56
N LYS C 224 3.43 75.55 -6.69
CA LYS C 224 4.81 76.04 -6.75
C LYS C 224 4.89 77.00 -7.92
N LEU C 225 4.61 78.27 -7.66
CA LEU C 225 4.57 79.26 -8.72
C LEU C 225 5.97 79.50 -9.30
N SER C 226 6.02 79.73 -10.60
CA SER C 226 7.24 80.11 -11.28
C SER C 226 6.94 81.23 -12.27
N ILE C 227 7.95 82.05 -12.54
CA ILE C 227 7.79 83.07 -13.58
C ILE C 227 8.32 82.55 -14.91
N MET C 228 9.21 81.57 -14.88
CA MET C 228 9.74 80.98 -16.11
C MET C 228 9.02 79.67 -16.38
N ARG C 229 8.49 79.52 -17.60
CA ARG C 229 7.72 78.34 -18.00
C ARG C 229 8.50 77.60 -19.09
N GLY C 230 8.90 76.37 -18.79
CA GLY C 230 9.53 75.52 -19.79
C GLY C 230 8.54 74.81 -20.68
N LYS C 231 7.76 73.89 -20.09
CA LYS C 231 6.73 73.11 -20.78
C LYS C 231 7.30 72.28 -21.93
N LYS C 232 8.61 72.09 -21.99
CA LYS C 232 9.24 71.32 -23.06
C LYS C 232 10.44 70.60 -22.48
N LEU C 233 10.45 69.27 -22.58
CA LEU C 233 11.51 68.42 -22.07
C LEU C 233 12.00 67.51 -23.20
N GLU C 234 13.13 67.87 -23.80
CA GLU C 234 13.72 67.15 -24.93
C GLU C 234 15.22 67.02 -24.74
N PRO C 235 15.84 66.01 -25.35
CA PRO C 235 17.29 65.84 -25.22
C PRO C 235 18.05 67.06 -25.67
N CYS C 236 19.11 67.37 -24.93
N CYS C 236 19.12 67.36 -24.94
CA CYS C 236 20.04 68.45 -25.20
CA CYS C 236 20.03 68.44 -25.27
C CYS C 236 21.43 67.87 -25.39
C CYS C 236 21.43 67.87 -25.41
N ASP C 237 22.39 68.73 -25.79
CA ASP C 237 23.67 68.23 -26.26
C ASP C 237 24.49 67.53 -25.17
N ARG C 238 24.49 68.05 -23.95
CA ARG C 238 25.45 67.57 -22.94
C ARG C 238 24.92 66.36 -22.18
N VAL C 239 25.77 65.35 -22.04
CA VAL C 239 25.44 64.05 -21.47
C VAL C 239 26.57 63.64 -20.52
N LEU C 240 26.21 62.93 -19.45
CA LEU C 240 27.18 62.49 -18.44
C LEU C 240 27.29 60.96 -18.43
N PHE C 241 28.51 60.46 -18.46
CA PHE C 241 28.80 59.03 -18.38
C PHE C 241 29.43 58.69 -17.05
N SER C 242 29.07 57.53 -16.50
CA SER C 242 29.66 57.05 -15.25
C SER C 242 30.12 55.60 -15.46
N VAL C 243 31.41 55.41 -15.65
CA VAL C 243 32.00 54.09 -15.82
C VAL C 243 32.54 53.67 -14.47
N GLY C 244 31.86 52.74 -13.81
CA GLY C 244 32.11 52.51 -12.39
C GLY C 244 31.83 53.77 -11.59
N SER C 245 32.86 54.34 -10.98
CA SER C 245 32.75 55.60 -10.27
C SER C 245 33.53 56.74 -10.94
N THR C 246 33.97 56.56 -12.18
CA THR C 246 34.65 57.62 -12.93
C THR C 246 33.65 58.36 -13.80
N LEU C 247 33.71 59.68 -13.79
CA LEU C 247 32.78 60.52 -14.51
C LEU C 247 33.40 61.08 -15.79
N TYR C 248 32.61 61.11 -16.87
CA TYR C 248 33.01 61.65 -18.18
C TYR C 248 31.87 62.47 -18.77
N PRO C 249 32.06 63.74 -19.06
CA PRO C 249 31.09 64.48 -19.87
C PRO C 249 31.36 64.33 -21.37
N GLU C 250 30.28 64.20 -22.15
CA GLU C 250 30.38 64.02 -23.59
C GLU C 250 29.34 64.86 -24.31
N SER C 251 29.41 64.85 -25.64
CA SER C 251 28.52 65.61 -26.52
C SER C 251 27.75 64.66 -27.43
N ARG C 252 26.46 64.95 -27.63
CA ARG C 252 25.64 64.13 -28.53
C ARG C 252 26.13 64.22 -29.97
N LYS C 253 26.48 65.42 -30.43
CA LYS C 253 26.86 65.62 -31.82
C LYS C 253 28.12 64.85 -32.18
N LEU C 254 29.11 64.84 -31.29
CA LEU C 254 30.35 64.15 -31.58
C LEU C 254 30.22 62.64 -31.44
N LEU C 255 29.30 62.17 -30.60
CA LEU C 255 29.05 60.73 -30.51
C LEU C 255 28.34 60.22 -31.75
N LYS C 256 27.38 60.98 -32.26
CA LYS C 256 26.61 60.57 -33.43
C LYS C 256 27.44 60.59 -34.71
N SER C 257 28.51 61.38 -34.75
CA SER C 257 29.33 61.48 -35.95
C SER C 257 30.19 60.25 -36.19
N TRP C 258 30.32 59.35 -35.23
CA TRP C 258 31.00 58.07 -35.45
C TRP C 258 30.04 56.96 -35.84
N HIS C 259 28.77 57.28 -36.08
CA HIS C 259 27.79 56.34 -36.63
C HIS C 259 27.72 56.58 -38.14
N LEU C 260 28.72 56.04 -38.86
CA LEU C 260 29.05 56.25 -40.26
C LEU C 260 28.34 55.25 -41.17
N PRO C 261 27.99 55.65 -42.40
CA PRO C 261 27.32 54.74 -43.33
C PRO C 261 28.29 53.77 -43.98
N SER C 262 27.73 52.90 -44.83
CA SER C 262 28.53 51.91 -45.53
C SER C 262 29.54 52.56 -46.48
N VAL C 263 29.14 53.60 -47.20
CA VAL C 263 30.00 54.27 -48.17
C VAL C 263 29.83 55.78 -48.01
N PHE C 264 30.95 56.50 -47.95
CA PHE C 264 30.91 57.96 -47.88
C PHE C 264 32.14 58.53 -48.57
N HIS C 265 32.02 59.78 -49.04
CA HIS C 265 33.07 60.48 -49.77
C HIS C 265 33.58 61.68 -48.98
N LEU C 266 34.90 61.86 -48.98
CA LEU C 266 35.55 63.05 -48.42
C LEU C 266 36.05 63.91 -49.56
N LYS C 267 35.55 65.14 -49.65
CA LYS C 267 35.83 66.03 -50.78
C LYS C 267 36.61 67.26 -50.30
N GLY C 268 37.94 67.17 -50.35
CA GLY C 268 38.78 68.30 -50.05
C GLY C 268 39.71 68.65 -51.20
N LYS C 269 40.93 69.09 -50.88
CA LYS C 269 41.95 69.24 -51.91
C LYS C 269 42.49 67.89 -52.39
N LEU C 270 42.13 66.81 -51.70
CA LEU C 270 42.46 65.46 -52.14
C LEU C 270 41.25 64.59 -51.83
N SER C 271 40.56 64.14 -52.88
CA SER C 271 39.31 63.41 -52.69
C SER C 271 39.57 61.96 -52.30
N PHE C 272 38.67 61.41 -51.49
CA PHE C 272 38.77 60.04 -51.02
C PHE C 272 37.40 59.38 -51.05
N THR C 273 37.41 58.05 -51.08
CA THR C 273 36.22 57.22 -51.04
C THR C 273 36.41 56.18 -49.94
N CYS C 274 35.41 56.04 -49.06
CA CYS C 274 35.62 55.36 -47.80
C CYS C 274 34.50 54.38 -47.50
N ARG C 275 34.84 53.33 -46.76
CA ARG C 275 33.92 52.30 -46.28
C ARG C 275 34.03 52.18 -44.77
N CYS C 276 32.95 51.69 -44.15
CA CYS C 276 32.91 51.48 -42.71
C CYS C 276 32.16 50.19 -42.41
N ASP C 277 32.84 49.25 -41.74
CA ASP C 277 32.24 47.99 -41.35
C ASP C 277 32.46 47.73 -39.87
N THR C 278 31.52 47.02 -39.25
CA THR C 278 31.61 46.64 -37.85
C THR C 278 32.11 45.21 -37.77
N VAL C 279 33.22 45.00 -37.07
CA VAL C 279 33.95 43.74 -37.10
C VAL C 279 33.73 42.92 -35.84
N VAL C 280 33.58 43.56 -34.68
CA VAL C 280 33.30 42.87 -33.42
C VAL C 280 32.12 43.58 -32.76
N SER C 281 31.39 42.83 -31.92
CA SER C 281 30.21 43.37 -31.25
C SER C 281 29.91 42.49 -30.04
N CYS C 282 29.98 43.06 -28.84
CA CYS C 282 29.77 42.30 -27.61
C CYS C 282 29.03 43.15 -26.58
N GLU C 283 27.70 43.01 -26.55
CA GLU C 283 26.83 43.52 -25.48
C GLU C 283 26.92 45.04 -25.29
N GLY C 284 27.24 45.78 -26.33
CA GLY C 284 27.33 47.23 -26.24
C GLY C 284 28.71 47.80 -26.50
N TYR C 285 29.71 46.98 -26.80
CA TYR C 285 31.05 47.45 -27.09
C TYR C 285 31.43 46.93 -28.47
N VAL C 286 31.99 47.79 -29.33
CA VAL C 286 32.20 47.43 -30.74
C VAL C 286 33.60 47.79 -31.21
N VAL C 287 34.01 47.15 -32.30
CA VAL C 287 35.20 47.50 -33.07
C VAL C 287 34.77 47.81 -34.49
N LYS C 288 35.15 48.98 -35.00
CA LYS C 288 34.89 49.37 -36.37
C LYS C 288 36.18 49.38 -37.17
N ARG C 289 36.06 49.19 -38.48
CA ARG C 289 37.18 49.25 -39.42
C ARG C 289 36.82 50.14 -40.59
N ILE C 290 37.69 51.09 -40.91
CA ILE C 290 37.45 52.06 -41.96
C ILE C 290 38.61 51.98 -42.96
N THR C 291 38.31 51.59 -44.19
CA THR C 291 39.27 51.62 -45.28
C THR C 291 39.05 52.89 -46.11
N MET C 292 40.14 53.41 -46.67
CA MET C 292 40.11 54.68 -47.38
C MET C 292 41.01 54.57 -48.61
N SER C 293 40.71 55.35 -49.64
CA SER C 293 41.38 55.22 -50.93
C SER C 293 41.22 56.52 -51.71
N PRO C 294 42.19 56.87 -52.54
CA PRO C 294 42.15 58.17 -53.24
C PRO C 294 41.23 58.15 -54.46
N GLY C 295 40.71 59.34 -54.77
CA GLY C 295 39.81 59.49 -55.89
C GLY C 295 38.39 59.06 -55.57
N LEU C 296 37.40 59.78 -56.07
CA LEU C 296 36.00 59.54 -55.71
C LEU C 296 35.31 58.73 -56.80
N TYR C 297 34.72 57.61 -56.40
CA TYR C 297 34.07 56.68 -57.32
C TYR C 297 33.04 55.86 -56.57
N GLY C 298 32.12 55.27 -57.33
CA GLY C 298 31.02 54.53 -56.73
C GLY C 298 29.84 55.44 -56.44
N LYS C 299 28.85 54.86 -55.77
CA LYS C 299 27.64 55.60 -55.42
C LYS C 299 27.29 55.36 -53.95
N THR C 300 26.69 56.37 -53.33
CA THR C 300 26.31 56.33 -51.93
C THR C 300 24.80 56.32 -51.78
N THR C 301 24.33 55.64 -50.74
CA THR C 301 22.92 55.67 -50.37
C THR C 301 22.63 56.48 -49.12
N GLY C 302 23.57 56.51 -48.17
CA GLY C 302 23.33 57.21 -46.92
C GLY C 302 22.58 56.41 -45.87
N TYR C 303 22.81 55.10 -45.81
CA TYR C 303 22.16 54.24 -44.82
C TYR C 303 23.21 53.57 -43.96
N ALA C 304 22.97 53.52 -42.66
CA ALA C 304 23.81 52.82 -41.71
C ALA C 304 23.00 51.70 -41.07
N VAL C 305 23.62 50.53 -40.90
CA VAL C 305 22.94 49.32 -40.47
C VAL C 305 23.59 48.78 -39.21
N THR C 306 22.78 48.38 -38.24
CA THR C 306 23.23 47.74 -37.02
C THR C 306 22.61 46.36 -36.93
N HIS C 307 23.43 45.34 -36.72
CA HIS C 307 22.96 43.97 -36.51
C HIS C 307 22.91 43.68 -35.02
N HIS C 308 21.79 43.13 -34.55
CA HIS C 308 21.53 42.93 -33.13
C HIS C 308 21.72 41.46 -32.78
N ALA C 309 22.79 41.15 -32.04
CA ALA C 309 22.97 39.80 -31.53
C ALA C 309 22.23 39.56 -30.23
N ASP C 310 22.02 40.60 -29.42
CA ASP C 310 21.13 40.56 -28.28
C ASP C 310 19.96 41.51 -28.54
N GLY C 311 19.00 41.52 -27.60
CA GLY C 311 17.88 42.42 -27.72
C GLY C 311 18.22 43.84 -27.34
N PHE C 312 17.56 44.79 -28.01
CA PHE C 312 17.68 46.21 -27.73
C PHE C 312 16.30 46.77 -27.46
N LEU C 313 16.14 47.46 -26.33
CA LEU C 313 14.85 47.98 -25.89
C LEU C 313 14.90 49.49 -25.71
N MET C 314 13.73 50.12 -25.83
CA MET C 314 13.58 51.56 -25.64
C MET C 314 12.11 51.85 -25.37
N CYS C 315 11.80 52.41 -24.21
CA CYS C 315 10.40 52.58 -23.83
C CYS C 315 10.20 53.91 -23.09
N LYS C 316 8.92 54.21 -22.86
CA LYS C 316 8.51 55.40 -22.11
C LYS C 316 8.35 55.06 -20.63
N THR C 317 8.92 55.87 -19.77
CA THR C 317 8.79 55.71 -18.33
C THR C 317 8.28 57.00 -17.69
N THR C 318 7.65 56.86 -16.54
CA THR C 318 7.21 57.99 -15.73
C THR C 318 8.02 58.03 -14.45
N ASP C 319 8.50 59.22 -14.09
CA ASP C 319 9.30 59.42 -12.89
C ASP C 319 9.01 60.80 -12.34
N THR C 320 9.64 61.12 -11.22
CA THR C 320 9.59 62.45 -10.63
C THR C 320 10.98 63.07 -10.74
N VAL C 321 11.05 64.27 -11.30
CA VAL C 321 12.30 64.98 -11.46
C VAL C 321 12.20 66.27 -10.66
N ASP C 322 12.96 66.34 -9.57
CA ASP C 322 12.95 67.47 -8.64
C ASP C 322 11.56 67.74 -8.09
N GLY C 323 10.76 66.70 -7.87
CA GLY C 323 9.43 66.81 -7.33
C GLY C 323 8.30 66.77 -8.36
N GLU C 324 8.60 67.01 -9.63
CA GLU C 324 7.58 67.12 -10.67
C GLU C 324 7.50 65.85 -11.51
N ARG C 325 6.30 65.31 -11.66
CA ARG C 325 6.07 64.09 -12.41
C ARG C 325 6.13 64.36 -13.92
N VAL C 326 6.92 63.56 -14.65
CA VAL C 326 7.19 63.75 -16.08
C VAL C 326 7.36 62.39 -16.75
N SER C 327 7.53 62.40 -18.07
CA SER C 327 7.74 61.19 -18.87
C SER C 327 8.88 61.39 -19.85
N PHE C 328 9.70 60.34 -20.04
CA PHE C 328 10.80 60.36 -21.00
C PHE C 328 11.21 58.92 -21.31
N SER C 329 12.20 58.76 -22.18
CA SER C 329 12.56 57.46 -22.73
C SER C 329 13.90 56.95 -22.20
N VAL C 330 13.98 55.63 -21.98
CA VAL C 330 15.14 54.94 -21.43
C VAL C 330 15.44 53.72 -22.31
N CYS C 331 16.73 53.38 -22.45
CA CYS C 331 17.14 52.26 -23.28
C CYS C 331 18.06 51.31 -22.52
N THR C 332 18.12 50.06 -22.96
CA THR C 332 18.94 49.04 -22.33
C THR C 332 19.13 47.85 -23.27
N TYR C 333 20.00 46.93 -22.87
CA TYR C 333 20.31 45.70 -23.60
C TYR C 333 19.83 44.48 -22.81
N VAL C 334 19.29 43.49 -23.50
CA VAL C 334 18.73 42.29 -22.88
C VAL C 334 19.41 41.07 -23.49
N PRO C 335 19.85 40.10 -22.70
CA PRO C 335 20.53 38.92 -23.27
C PRO C 335 19.59 38.05 -24.10
N ALA C 336 20.18 37.37 -25.09
CA ALA C 336 19.41 36.65 -26.09
C ALA C 336 18.64 35.47 -25.51
N THR C 337 19.21 34.79 -24.51
CA THR C 337 18.50 33.68 -23.90
C THR C 337 17.22 34.13 -23.21
N ILE C 338 17.24 35.29 -22.55
CA ILE C 338 16.02 35.81 -21.92
C ILE C 338 14.96 36.14 -22.96
N CYS C 339 15.37 36.77 -24.07
CA CYS C 339 14.42 37.15 -25.10
C CYS C 339 13.74 35.93 -25.73
N ASP C 340 14.50 34.86 -25.96
CA ASP C 340 13.95 33.64 -26.55
C ASP C 340 12.90 33.00 -25.65
N GLN C 341 13.11 33.03 -24.33
CA GLN C 341 12.21 32.37 -23.41
C GLN C 341 10.96 33.17 -23.11
N MET C 342 10.83 34.39 -23.62
CA MET C 342 9.60 35.17 -23.47
C MET C 342 8.72 35.14 -24.70
N THR C 343 9.09 34.36 -25.72
CA THR C 343 8.33 34.36 -26.98
C THR C 343 6.90 33.86 -26.78
N GLY C 344 6.73 32.80 -26.02
CA GLY C 344 5.40 32.28 -25.74
C GLY C 344 4.51 33.19 -24.93
N ILE C 345 5.08 33.83 -23.91
CA ILE C 345 4.30 34.68 -22.99
C ILE C 345 3.74 35.90 -23.71
N LEU C 346 4.50 36.49 -24.65
CA LEU C 346 4.09 37.75 -25.24
C LEU C 346 3.05 37.58 -26.34
N ALA C 347 2.55 36.36 -26.55
CA ALA C 347 1.46 36.14 -27.50
C ALA C 347 0.15 36.76 -27.03
N THR C 348 -0.06 36.81 -25.72
CA THR C 348 -1.25 37.42 -25.13
C THR C 348 -0.87 38.71 -24.41
N GLU C 349 -1.87 39.32 -23.76
CA GLU C 349 -1.67 40.54 -22.99
C GLU C 349 -1.35 40.19 -21.54
N VAL C 350 -0.24 40.72 -21.05
CA VAL C 350 0.27 40.43 -19.72
C VAL C 350 0.44 41.75 -18.98
N THR C 351 0.18 41.72 -17.67
CA THR C 351 0.37 42.90 -16.84
C THR C 351 1.84 43.11 -16.50
N PRO C 352 2.26 44.34 -16.20
CA PRO C 352 3.66 44.55 -15.78
C PRO C 352 4.04 43.75 -14.55
N GLU C 353 3.11 43.56 -13.60
CA GLU C 353 3.43 42.81 -12.40
C GLU C 353 3.72 41.35 -12.71
N ASP C 354 2.93 40.75 -13.59
CA ASP C 354 3.12 39.34 -13.93
C ASP C 354 4.36 39.13 -14.79
N ALA C 355 4.68 40.09 -15.66
CA ALA C 355 5.93 40.02 -16.41
C ALA C 355 7.13 40.06 -15.48
N GLN C 356 7.07 40.89 -14.42
CA GLN C 356 8.19 41.00 -13.50
C GLN C 356 8.46 39.69 -12.76
N LYS C 357 7.40 39.01 -12.31
CA LYS C 357 7.58 37.74 -11.59
C LYS C 357 8.15 36.67 -12.51
N LEU C 358 7.70 36.62 -13.76
CA LEU C 358 8.26 35.65 -14.71
C LEU C 358 9.74 35.91 -14.97
N LEU C 359 10.12 37.18 -15.12
CA LEU C 359 11.51 37.52 -15.39
C LEU C 359 12.43 37.17 -14.22
N VAL C 360 11.95 37.36 -12.98
CA VAL C 360 12.75 37.00 -11.82
C VAL C 360 12.99 35.48 -11.78
N GLY C 361 11.95 34.70 -12.10
CA GLY C 361 12.12 33.26 -12.16
C GLY C 361 13.14 32.81 -13.20
N LEU C 362 13.10 33.42 -14.38
CA LEU C 362 14.04 33.06 -15.44
C LEU C 362 15.46 33.51 -15.15
N ASN C 363 15.64 34.44 -14.20
CA ASN C 363 16.94 35.04 -13.95
C ASN C 363 17.79 34.27 -12.96
N GLN C 364 17.20 33.45 -12.09
CA GLN C 364 17.95 32.76 -11.06
C GLN C 364 18.84 31.65 -11.59
N ARG C 365 18.98 31.50 -12.90
CA ARG C 365 19.83 30.48 -13.48
C ARG C 365 21.31 30.79 -13.23
N THR C 376 23.61 33.43 -8.68
CA THR C 376 24.09 34.17 -9.86
C THR C 376 22.91 34.50 -10.79
N ASN C 377 22.94 35.69 -11.38
CA ASN C 377 21.88 36.19 -12.23
C ASN C 377 22.39 36.37 -13.66
N THR C 378 21.49 36.21 -14.63
CA THR C 378 21.85 36.48 -16.02
C THR C 378 21.93 37.98 -16.30
N MET C 379 20.99 38.74 -15.77
CA MET C 379 20.97 40.19 -15.93
C MET C 379 20.89 40.86 -14.56
N LYS C 380 21.32 42.12 -14.51
CA LYS C 380 21.26 42.89 -13.28
C LYS C 380 19.82 43.18 -12.87
N ASN C 381 19.57 43.13 -11.56
CA ASN C 381 18.21 43.22 -11.04
C ASN C 381 17.63 44.62 -11.07
N TYR C 382 18.47 45.67 -11.11
CA TYR C 382 17.93 47.02 -11.08
C TYR C 382 17.31 47.44 -12.41
N MET C 383 17.57 46.73 -13.49
CA MET C 383 16.94 47.04 -14.76
C MET C 383 15.67 46.23 -15.00
N ILE C 384 15.38 45.24 -14.14
CA ILE C 384 14.24 44.35 -14.38
C ILE C 384 12.89 45.07 -14.40
N PRO C 385 12.57 45.99 -13.48
CA PRO C 385 11.24 46.62 -13.53
C PRO C 385 10.95 47.40 -14.80
N VAL C 386 11.95 48.06 -15.41
CA VAL C 386 11.68 48.82 -16.61
C VAL C 386 11.61 47.91 -17.84
N VAL C 387 12.32 46.79 -17.82
CA VAL C 387 12.21 45.81 -18.90
C VAL C 387 10.84 45.13 -18.88
N ALA C 388 10.34 44.80 -17.69
CA ALA C 388 9.03 44.16 -17.58
C ALA C 388 7.92 45.08 -18.04
N GLN C 389 8.09 46.38 -17.85
CA GLN C 389 7.09 47.35 -18.29
C GLN C 389 7.11 47.56 -19.80
N ALA C 390 8.29 47.52 -20.42
CA ALA C 390 8.39 47.63 -21.87
C ALA C 390 7.76 46.42 -22.56
N PHE C 391 8.00 45.22 -22.04
CA PHE C 391 7.49 44.00 -22.67
C PHE C 391 5.97 43.97 -22.70
N SER C 392 5.32 44.45 -21.64
CA SER C 392 3.87 44.40 -21.60
C SER C 392 3.23 45.48 -22.49
N LYS C 393 3.88 46.63 -22.65
CA LYS C 393 3.36 47.63 -23.59
C LYS C 393 3.53 47.18 -25.03
N TRP C 394 4.61 46.45 -25.34
CA TRP C 394 4.81 45.93 -26.69
C TRP C 394 3.75 44.90 -27.05
N ALA C 395 3.42 44.00 -26.11
CA ALA C 395 2.42 42.98 -26.38
C ALA C 395 1.03 43.59 -26.57
N LYS C 396 0.75 44.71 -25.91
CA LYS C 396 -0.54 45.35 -26.06
C LYS C 396 -0.66 46.06 -27.41
N GLU C 397 0.40 46.69 -27.88
CA GLU C 397 0.36 47.38 -29.17
C GLU C 397 0.33 46.40 -30.34
N CYS C 398 0.80 45.16 -30.16
CA CYS C 398 0.69 44.17 -31.22
C CYS C 398 -0.75 43.68 -31.38
N ARG C 399 -1.48 43.54 -30.27
CA ARG C 399 -2.88 43.12 -30.34
C ARG C 399 -3.73 44.16 -31.06
N LYS C 400 -3.46 45.44 -30.84
CA LYS C 400 -4.27 46.50 -31.45
C LYS C 400 -4.09 46.55 -32.95
N ASP C 401 -2.89 46.27 -33.44
CA ASP C 401 -2.66 46.20 -34.88
C ASP C 401 -3.51 45.09 -35.50
N MET C 402 -3.54 43.93 -34.85
CA MET C 402 -4.24 42.77 -35.40
C MET C 402 -5.75 42.96 -35.44
N GLU C 403 -6.31 43.77 -34.55
CA GLU C 403 -7.75 43.98 -34.48
C GLU C 403 -8.22 45.20 -35.25
N ASP C 404 -7.32 45.96 -35.87
CA ASP C 404 -7.66 47.10 -36.72
C ASP C 404 -6.91 46.91 -38.03
N GLU C 405 -7.47 46.11 -38.92
CA GLU C 405 -6.78 45.60 -40.10
C GLU C 405 -7.29 46.32 -41.34
N LYS C 406 -6.37 46.69 -42.23
CA LYS C 406 -6.68 47.51 -43.38
C LYS C 406 -6.75 46.66 -44.64
N LEU C 407 -6.95 47.34 -45.78
CA LEU C 407 -6.98 46.69 -47.08
C LEU C 407 -5.59 46.70 -47.71
N LEU C 408 -5.31 45.68 -48.52
CA LEU C 408 -3.99 45.57 -49.14
C LEU C 408 -3.79 46.70 -50.14
N GLY C 409 -2.62 47.32 -50.10
CA GLY C 409 -2.24 48.26 -51.13
C GLY C 409 -2.92 49.61 -51.05
N VAL C 410 -3.61 49.90 -49.96
CA VAL C 410 -4.45 51.09 -49.84
C VAL C 410 -4.13 51.80 -48.54
N ARG C 411 -3.73 53.05 -48.64
CA ARG C 411 -3.72 53.98 -47.53
C ARG C 411 -5.09 54.64 -47.56
N GLU C 412 -5.81 54.68 -46.42
CA GLU C 412 -7.07 55.41 -46.41
C GLU C 412 -6.88 56.76 -45.71
N ARG C 413 -6.40 57.72 -46.50
CA ARG C 413 -6.28 59.11 -46.10
C ARG C 413 -7.53 59.91 -46.43
N THR C 414 -8.58 59.24 -46.91
CA THR C 414 -9.85 59.88 -47.28
C THR C 414 -9.64 60.99 -48.31
N CYS C 419 -11.43 63.60 -47.34
CA CYS C 419 -11.69 64.58 -48.39
C CYS C 419 -10.48 65.50 -48.54
N LEU C 420 -9.89 65.89 -47.40
CA LEU C 420 -8.60 66.54 -47.38
C LEU C 420 -7.59 65.60 -46.75
N TRP C 421 -6.37 65.63 -47.26
CA TRP C 421 -5.39 64.59 -46.94
C TRP C 421 -4.87 64.74 -45.52
N ALA C 422 -5.60 64.19 -44.56
CA ALA C 422 -5.22 64.27 -43.14
C ALA C 422 -5.43 62.90 -42.52
N PHE C 423 -4.35 62.25 -42.12
CA PHE C 423 -4.41 60.92 -41.56
C PHE C 423 -4.08 60.95 -40.06
N LYS C 424 -4.49 59.89 -39.37
CA LYS C 424 -4.30 59.78 -37.93
C LYS C 424 -3.04 58.97 -37.63
N LYS C 425 -2.21 59.49 -36.74
CA LYS C 425 -1.01 58.79 -36.29
C LYS C 425 -1.29 58.05 -34.99
N GLN C 426 -0.77 56.85 -34.89
CA GLN C 426 -0.94 56.04 -33.69
C GLN C 426 0.18 56.32 -32.70
N LYS C 427 -0.06 55.92 -31.46
CA LYS C 427 0.93 56.09 -30.40
C LYS C 427 1.84 54.87 -30.31
N THR C 428 3.14 55.13 -30.18
CA THR C 428 4.15 54.10 -30.03
C THR C 428 4.92 54.37 -28.75
N HIS C 429 4.89 53.42 -27.81
CA HIS C 429 5.57 53.56 -26.54
C HIS C 429 6.75 52.63 -26.36
N THR C 430 6.96 51.65 -27.23
CA THR C 430 8.06 50.71 -27.10
C THR C 430 8.67 50.45 -28.48
N VAL C 431 10.00 50.43 -28.52
CA VAL C 431 10.76 49.94 -29.67
C VAL C 431 11.55 48.73 -29.19
N TYR C 432 11.32 47.59 -29.82
CA TYR C 432 11.90 46.31 -29.42
C TYR C 432 12.57 45.67 -30.63
N LYS C 433 13.89 45.61 -30.63
CA LYS C 433 14.67 44.95 -31.67
C LYS C 433 15.12 43.58 -31.16
N ARG C 434 14.49 42.54 -31.69
CA ARG C 434 14.77 41.17 -31.29
C ARG C 434 16.10 40.69 -31.87
N PRO C 435 16.70 39.67 -31.26
CA PRO C 435 17.92 39.08 -31.84
C PRO C 435 17.70 38.60 -33.27
N ASP C 436 18.72 38.82 -34.11
CA ASP C 436 18.75 38.50 -35.53
C ASP C 436 17.97 39.48 -36.40
N THR C 437 17.63 40.67 -35.91
CA THR C 437 17.04 41.73 -36.71
C THR C 437 18.09 42.82 -36.92
N GLN C 438 17.73 43.85 -37.70
CA GLN C 438 18.67 44.91 -38.06
C GLN C 438 17.99 46.27 -38.05
N SER C 439 18.65 47.26 -37.48
CA SER C 439 18.25 48.66 -37.57
C SER C 439 18.87 49.30 -38.80
N ILE C 440 18.19 50.29 -39.36
CA ILE C 440 18.68 50.99 -40.54
C ILE C 440 18.34 52.47 -40.42
N GLN C 441 19.35 53.33 -40.54
CA GLN C 441 19.25 54.75 -40.27
C GLN C 441 19.78 55.56 -41.44
N LYS C 442 19.10 56.66 -41.75
CA LYS C 442 19.50 57.56 -42.84
C LYS C 442 20.38 58.67 -42.29
N VAL C 443 21.65 58.69 -42.68
CA VAL C 443 22.62 59.66 -42.19
C VAL C 443 23.30 60.34 -43.38
N GLN C 444 24.14 61.32 -43.07
CA GLN C 444 24.82 62.11 -44.09
C GLN C 444 26.06 61.39 -44.59
N ALA C 445 26.31 61.48 -45.90
CA ALA C 445 27.36 60.70 -46.54
C ALA C 445 28.29 61.49 -47.45
N GLU C 446 28.09 62.79 -47.63
CA GLU C 446 28.98 63.63 -48.45
C GLU C 446 29.58 64.72 -47.58
N PHE C 447 30.90 64.74 -47.46
CA PHE C 447 31.60 65.63 -46.54
C PHE C 447 32.58 66.50 -47.31
N ASP C 448 32.43 67.82 -47.18
CA ASP C 448 33.34 68.74 -47.86
C ASP C 448 33.90 69.82 -46.95
N SER C 449 33.18 70.22 -45.91
CA SER C 449 33.65 71.26 -45.00
C SER C 449 34.38 70.62 -43.83
N PHE C 450 35.61 71.09 -43.58
CA PHE C 450 36.50 70.55 -42.56
C PHE C 450 37.11 71.73 -41.81
N VAL C 451 36.41 72.18 -40.77
CA VAL C 451 36.82 73.37 -40.03
C VAL C 451 38.05 73.09 -39.17
N GLY C 459 50.48 73.98 -23.07
CA GLY C 459 50.21 72.94 -22.09
C GLY C 459 51.37 72.69 -21.16
N LEU C 460 52.43 72.08 -21.69
CA LEU C 460 53.59 71.73 -20.88
C LEU C 460 54.25 72.99 -20.33
N SER C 461 54.71 72.91 -19.08
CA SER C 461 55.35 74.04 -18.43
C SER C 461 56.48 73.53 -17.53
N ILE C 462 57.29 74.48 -17.05
CA ILE C 462 58.56 74.14 -16.41
C ILE C 462 58.39 73.20 -15.22
N PRO C 463 57.51 73.46 -14.24
CA PRO C 463 57.41 72.53 -13.11
C PRO C 463 57.12 71.11 -13.52
N LEU C 464 56.25 70.91 -14.51
CA LEU C 464 56.04 69.58 -15.06
C LEU C 464 57.21 69.17 -15.94
N ARG C 465 57.74 70.10 -16.74
CA ARG C 465 58.87 69.82 -17.59
C ARG C 465 60.08 69.38 -16.77
N THR C 466 60.35 70.08 -15.67
CA THR C 466 61.47 69.73 -14.81
C THR C 466 61.31 68.34 -14.20
N ARG C 467 60.10 68.02 -13.75
CA ARG C 467 59.87 66.73 -13.11
C ARG C 467 60.10 65.57 -14.06
N ILE C 468 59.61 65.70 -15.31
CA ILE C 468 59.83 64.64 -16.29
C ILE C 468 61.31 64.48 -16.58
N LYS C 469 62.01 65.60 -16.78
CA LYS C 469 63.43 65.54 -17.14
C LYS C 469 64.27 64.91 -16.03
N TRP C 470 63.84 65.09 -14.78
CA TRP C 470 64.64 64.62 -13.65
C TRP C 470 64.73 63.10 -13.61
N LEU C 471 63.63 62.40 -13.92
CA LEU C 471 63.66 60.94 -13.88
C LEU C 471 64.58 60.37 -14.96
N LEU C 472 64.47 60.86 -16.19
CA LEU C 472 65.30 60.32 -17.27
C LEU C 472 66.77 60.70 -17.14
N SER C 473 67.10 61.63 -16.24
CA SER C 473 68.48 62.02 -16.02
C SER C 473 69.30 60.84 -15.47
N ASP D 2 38.17 11.45 -51.54
CA ASP D 2 36.72 11.34 -51.59
C ASP D 2 35.98 12.30 -50.63
N PRO D 3 36.20 12.19 -49.32
CA PRO D 3 35.41 12.99 -48.39
C PRO D 3 35.68 14.47 -48.55
N VAL D 4 34.67 15.27 -48.23
CA VAL D 4 34.74 16.72 -48.32
C VAL D 4 34.44 17.30 -46.95
N TYR D 5 35.22 18.30 -46.55
CA TYR D 5 35.17 18.86 -45.21
C TYR D 5 34.66 20.29 -45.27
N VAL D 6 33.75 20.63 -44.36
CA VAL D 6 33.22 21.99 -44.25
C VAL D 6 33.73 22.62 -42.98
N ASP D 7 33.95 23.93 -43.03
CA ASP D 7 34.46 24.69 -41.89
C ASP D 7 33.35 25.19 -40.97
N ILE D 8 32.47 24.28 -40.53
CA ILE D 8 31.43 24.59 -39.58
C ILE D 8 31.50 23.57 -38.44
N ASP D 9 30.59 23.72 -37.48
CA ASP D 9 30.61 22.90 -36.27
C ASP D 9 30.03 21.52 -36.56
N ALA D 10 29.83 20.73 -35.51
CA ALA D 10 29.33 19.36 -35.64
C ALA D 10 27.99 19.13 -34.95
N ASP D 11 27.56 20.02 -34.06
CA ASP D 11 26.29 19.89 -33.38
C ASP D 11 25.20 20.78 -33.97
N SER D 12 25.51 21.55 -35.00
CA SER D 12 24.54 22.46 -35.59
C SER D 12 23.55 21.71 -36.47
N ALA D 13 22.37 22.30 -36.66
CA ALA D 13 21.36 21.73 -37.53
C ALA D 13 21.61 21.99 -39.00
N PHE D 14 22.50 22.92 -39.34
CA PHE D 14 22.79 23.19 -40.75
C PHE D 14 23.62 22.10 -41.40
N LEU D 15 24.32 21.28 -40.61
CA LEU D 15 25.11 20.19 -41.17
C LEU D 15 24.22 19.19 -41.89
N LYS D 16 23.10 18.82 -41.28
CA LYS D 16 22.19 17.87 -41.91
C LYS D 16 21.61 18.43 -43.20
N ALA D 17 21.22 19.70 -43.19
CA ALA D 17 20.69 20.33 -44.40
C ALA D 17 21.72 20.35 -45.51
N LEU D 18 22.97 20.69 -45.18
CA LEU D 18 24.03 20.67 -46.17
C LEU D 18 24.25 19.26 -46.72
N GLN D 19 24.20 18.25 -45.84
CA GLN D 19 24.32 16.87 -46.29
C GLN D 19 23.23 16.51 -47.29
N ARG D 20 21.98 16.75 -46.93
CA ARG D 20 20.89 16.33 -47.80
C ARG D 20 20.72 17.22 -49.02
N ALA D 21 21.41 18.36 -49.08
CA ALA D 21 21.42 19.14 -50.31
C ALA D 21 22.46 18.63 -51.31
N TYR D 22 23.49 17.94 -50.82
CA TYR D 22 24.54 17.35 -51.66
C TYR D 22 24.61 15.86 -51.31
N PRO D 23 23.73 15.04 -51.89
CA PRO D 23 23.62 13.64 -51.45
C PRO D 23 24.65 12.71 -52.05
N MET D 24 25.42 13.18 -53.02
CA MET D 24 26.49 12.43 -53.67
C MET D 24 27.86 12.75 -53.12
N PHE D 25 27.94 13.47 -52.01
CA PHE D 25 29.18 13.76 -51.32
C PHE D 25 29.08 13.19 -49.91
N GLU D 26 30.18 13.29 -49.16
CA GLU D 26 30.21 12.94 -47.75
C GLU D 26 30.83 14.12 -47.02
N VAL D 27 29.96 15.03 -46.57
CA VAL D 27 30.37 16.25 -45.92
C VAL D 27 30.69 15.95 -44.46
N GLU D 28 31.79 16.52 -43.96
CA GLU D 28 32.20 16.26 -42.60
C GLU D 28 32.57 17.54 -41.86
N PRO D 29 32.27 17.61 -40.57
CA PRO D 29 32.64 18.79 -39.78
C PRO D 29 34.13 18.83 -39.48
N ARG D 30 34.76 19.99 -39.67
CA ARG D 30 36.13 20.16 -39.25
C ARG D 30 36.35 21.53 -38.62
N ASP D 36 28.82 35.14 -38.49
CA ASP D 36 27.52 34.79 -39.06
C ASP D 36 27.60 34.73 -40.58
N HIS D 37 28.60 34.00 -41.10
CA HIS D 37 28.73 33.81 -42.54
C HIS D 37 29.21 32.41 -42.89
N ALA D 38 29.33 31.52 -41.90
CA ALA D 38 29.84 30.18 -42.18
C ALA D 38 28.87 29.35 -43.00
N ASN D 39 27.56 29.55 -42.77
CA ASN D 39 26.56 28.80 -43.53
C ASN D 39 26.64 29.13 -45.01
N ALA D 40 26.77 30.41 -45.35
CA ALA D 40 26.84 30.81 -46.75
C ALA D 40 28.16 30.42 -47.38
N ARG D 41 29.25 30.39 -46.60
CA ARG D 41 30.55 29.99 -47.15
C ARG D 41 30.50 28.58 -47.67
N ALA D 42 30.05 27.65 -46.81
CA ALA D 42 30.15 26.23 -47.10
C ALA D 42 29.30 25.85 -48.29
N PHE D 43 28.15 26.52 -48.46
CA PHE D 43 27.35 26.28 -49.65
C PHE D 43 28.12 26.69 -50.90
N SER D 44 28.86 27.79 -50.82
CA SER D 44 29.64 28.25 -51.96
C SER D 44 30.86 27.37 -52.19
N HIS D 45 31.42 26.80 -51.12
CA HIS D 45 32.54 25.89 -51.26
C HIS D 45 32.13 24.62 -52.00
N LEU D 46 31.01 24.00 -51.59
CA LEU D 46 30.55 22.79 -52.26
C LEU D 46 30.03 23.06 -53.66
N ALA D 47 29.56 24.26 -53.94
CA ALA D 47 29.06 24.55 -55.28
C ALA D 47 30.18 24.63 -56.29
N ILE D 48 31.33 25.21 -55.90
CA ILE D 48 32.48 25.26 -56.80
C ILE D 48 33.07 23.87 -56.99
N LYS D 49 33.12 23.07 -55.92
CA LYS D 49 33.63 21.71 -56.04
C LYS D 49 32.79 20.89 -57.01
N LEU D 50 31.47 21.03 -56.95
CA LEU D 50 30.60 20.31 -57.87
C LEU D 50 30.86 20.67 -59.33
N ILE D 51 31.05 21.96 -59.61
CA ILE D 51 31.21 22.39 -61.00
C ILE D 51 32.47 21.79 -61.60
N GLU D 52 33.56 21.79 -60.82
CA GLU D 52 34.81 21.22 -61.30
C GLU D 52 34.65 19.74 -61.62
N GLN D 53 33.99 18.99 -60.72
CA GLN D 53 33.73 17.58 -60.97
C GLN D 53 32.83 17.37 -62.18
N GLU D 54 32.07 18.40 -62.57
CA GLU D 54 31.12 18.29 -63.66
C GLU D 54 31.71 18.60 -65.03
N ILE D 55 32.96 19.05 -65.10
CA ILE D 55 33.56 19.45 -66.37
C ILE D 55 34.93 18.81 -66.50
N ASP D 56 35.28 18.47 -67.73
CA ASP D 56 36.60 17.90 -68.00
C ASP D 56 37.69 18.94 -67.74
N PRO D 57 38.81 18.54 -67.13
CA PRO D 57 39.89 19.51 -66.87
C PRO D 57 40.51 20.02 -68.15
N ASP D 58 41.50 20.92 -68.02
CA ASP D 58 42.11 21.61 -69.16
C ASP D 58 41.05 22.36 -69.97
N SER D 59 40.12 22.99 -69.26
CA SER D 59 39.09 23.83 -69.87
C SER D 59 39.26 25.26 -69.39
N THR D 60 38.99 26.22 -70.28
CA THR D 60 39.12 27.64 -69.92
C THR D 60 37.84 28.11 -69.23
N ILE D 61 37.99 28.64 -68.02
CA ILE D 61 36.86 29.01 -67.17
C ILE D 61 36.87 30.52 -66.98
N LEU D 62 35.78 31.18 -67.35
CA LEU D 62 35.61 32.59 -67.08
C LEU D 62 35.05 32.79 -65.67
N ASP D 63 35.29 33.99 -65.12
CA ASP D 63 34.72 34.41 -63.84
C ASP D 63 34.18 35.83 -63.99
N ILE D 64 32.86 35.96 -64.04
CA ILE D 64 32.24 37.26 -64.19
C ILE D 64 32.17 37.94 -62.84
N GLY D 65 32.68 39.17 -62.76
CA GLY D 65 32.67 39.96 -61.54
C GLY D 65 33.22 39.21 -60.35
N SER D 66 34.51 38.92 -60.38
CA SER D 66 35.13 38.00 -59.42
C SER D 66 36.07 38.75 -58.48
N ALA D 67 36.55 38.00 -57.48
CA ALA D 67 37.63 38.44 -56.60
C ALA D 67 38.79 37.47 -56.80
N PRO D 68 39.83 37.86 -57.54
CA PRO D 68 40.83 36.86 -57.98
C PRO D 68 41.55 36.15 -56.86
N ALA D 69 41.58 36.70 -55.65
CA ALA D 69 42.28 36.06 -54.55
C ALA D 69 41.68 34.71 -54.17
N ARG D 70 40.45 34.42 -54.60
CA ARG D 70 39.85 33.14 -54.28
C ARG D 70 40.23 32.06 -55.30
N ARG D 71 40.46 32.45 -56.54
CA ARG D 71 40.81 31.51 -57.62
C ARG D 71 42.32 31.33 -57.77
N MET D 72 43.12 31.98 -56.93
CA MET D 72 44.57 31.99 -57.13
C MET D 72 45.18 30.59 -56.94
N MET D 73 44.70 29.84 -55.95
CA MET D 73 45.31 28.57 -55.56
C MET D 73 44.60 27.36 -56.13
N SER D 74 44.07 27.47 -57.35
CA SER D 74 43.35 26.37 -57.98
C SER D 74 44.00 26.00 -59.30
N ASP D 75 43.95 24.71 -59.62
CA ASP D 75 44.62 24.15 -60.80
C ASP D 75 43.69 24.12 -62.01
N ARG D 76 43.08 25.25 -62.35
CA ARG D 76 42.19 25.31 -63.50
C ARG D 76 42.43 26.63 -64.23
N LYS D 77 42.07 26.63 -65.52
CA LYS D 77 42.31 27.79 -66.39
C LYS D 77 41.27 28.87 -66.10
N TYR D 78 41.48 29.57 -64.99
CA TYR D 78 40.59 30.66 -64.58
C TYR D 78 41.05 31.97 -65.23
N HIS D 79 40.09 32.70 -65.79
CA HIS D 79 40.33 34.03 -66.34
C HIS D 79 39.41 35.02 -65.61
N CYS D 80 39.93 35.68 -64.59
CA CYS D 80 39.13 36.56 -63.75
C CYS D 80 38.84 37.88 -64.44
N VAL D 81 37.62 38.36 -64.29
CA VAL D 81 37.16 39.62 -64.87
C VAL D 81 36.79 40.56 -63.74
N CYS D 82 37.44 41.72 -63.67
CA CYS D 82 37.36 42.60 -62.50
C CYS D 82 37.20 44.06 -62.93
N PRO D 83 36.00 44.49 -63.28
CA PRO D 83 35.76 45.91 -63.52
C PRO D 83 35.66 46.68 -62.21
N MET D 84 35.88 47.99 -62.31
CA MET D 84 35.80 48.90 -61.16
C MET D 84 34.40 49.48 -61.09
N ARG D 85 33.48 48.70 -60.53
CA ARG D 85 32.08 49.09 -60.43
C ARG D 85 31.64 49.51 -59.04
N SER D 86 32.27 48.99 -57.99
CA SER D 86 31.86 49.29 -56.62
C SER D 86 33.06 49.71 -55.79
N ALA D 87 32.76 50.34 -54.65
CA ALA D 87 33.78 50.86 -53.76
C ALA D 87 34.63 49.76 -53.11
N GLU D 88 34.20 48.52 -53.16
CA GLU D 88 34.93 47.40 -52.59
C GLU D 88 35.88 46.75 -53.61
N ASP D 89 35.89 47.20 -54.85
CA ASP D 89 36.68 46.55 -55.90
C ASP D 89 38.18 46.80 -55.75
N PRO D 90 38.64 48.04 -55.55
CA PRO D 90 40.10 48.24 -55.37
C PRO D 90 40.68 47.48 -54.20
N GLU D 91 39.89 47.22 -53.15
CA GLU D 91 40.37 46.38 -52.06
C GLU D 91 40.58 44.95 -52.55
N ARG D 92 39.69 44.46 -53.41
CA ARG D 92 39.85 43.12 -53.97
C ARG D 92 41.12 43.04 -54.82
N LEU D 93 41.37 44.08 -55.63
CA LEU D 93 42.58 44.10 -56.45
C LEU D 93 43.84 44.16 -55.58
N ALA D 94 43.81 45.01 -54.54
CA ALA D 94 45.00 45.18 -53.70
C ALA D 94 45.31 43.91 -52.91
N ASN D 95 44.27 43.19 -52.49
CA ASN D 95 44.50 41.95 -51.75
C ASN D 95 45.15 40.90 -52.63
N TYR D 96 44.79 40.86 -53.91
CA TYR D 96 45.43 39.96 -54.86
C TYR D 96 46.92 40.28 -54.98
N ALA D 97 47.24 41.56 -55.12
CA ALA D 97 48.63 41.96 -55.32
C ALA D 97 49.50 41.62 -54.12
N ARG D 98 48.90 41.43 -52.94
CA ARG D 98 49.66 41.09 -51.75
C ARG D 98 49.96 39.60 -51.70
N LYS D 99 48.92 38.77 -51.80
CA LYS D 99 49.11 37.32 -51.74
C LYS D 99 50.00 36.81 -52.87
N LEU D 100 50.02 37.52 -53.99
CA LEU D 100 50.91 37.14 -55.08
C LEU D 100 52.36 37.34 -54.67
N ALA D 101 52.70 38.53 -54.16
CA ALA D 101 54.04 38.76 -53.65
C ALA D 101 54.33 37.91 -52.42
N SER D 102 53.36 37.81 -51.50
CA SER D 102 53.59 37.10 -50.25
C SER D 102 53.77 35.60 -50.45
N ALA D 103 53.45 35.07 -51.63
CA ALA D 103 53.65 33.66 -51.94
C ALA D 103 54.28 33.52 -53.32
N ALA D 104 55.31 34.31 -53.59
CA ALA D 104 55.95 34.33 -54.90
C ALA D 104 57.07 33.32 -55.05
N GLY D 105 57.44 32.61 -53.99
CA GLY D 105 58.51 31.63 -54.10
C GLY D 105 58.34 30.39 -53.24
N LYS D 106 57.18 30.25 -52.59
CA LYS D 106 56.97 29.18 -51.62
C LYS D 106 56.21 27.98 -52.19
N VAL D 107 55.83 28.02 -53.46
CA VAL D 107 55.13 26.92 -54.11
C VAL D 107 55.72 26.69 -55.49
N LEU D 108 55.98 25.44 -55.83
CA LEU D 108 56.58 25.09 -57.12
C LEU D 108 55.70 24.09 -57.89
N ASP D 109 54.41 24.08 -57.61
CA ASP D 109 53.48 23.19 -58.30
C ASP D 109 52.48 23.94 -59.15
N ARG D 110 51.73 24.86 -58.56
CA ARG D 110 50.76 25.66 -59.30
C ARG D 110 51.42 26.92 -59.83
N ASN D 111 50.99 27.34 -61.01
CA ASN D 111 51.53 28.55 -61.63
C ASN D 111 51.28 29.75 -60.74
N ILE D 112 52.36 30.40 -60.30
CA ILE D 112 52.22 31.59 -59.46
C ILE D 112 52.98 32.76 -60.08
N SER D 113 54.06 32.44 -60.82
CA SER D 113 54.84 33.51 -61.44
C SER D 113 54.17 34.06 -62.69
N GLY D 114 53.42 33.22 -63.40
CA GLY D 114 52.69 33.70 -64.56
C GLY D 114 51.58 34.68 -64.20
N LYS D 115 50.94 34.46 -63.06
CA LYS D 115 49.90 35.39 -62.60
C LYS D 115 50.50 36.74 -62.22
N ILE D 116 51.72 36.73 -61.66
CA ILE D 116 52.39 37.98 -61.33
C ILE D 116 52.67 38.80 -62.59
N GLY D 117 53.12 38.14 -63.65
CA GLY D 117 53.44 38.85 -64.87
C GLY D 117 52.20 39.45 -65.54
N ASP D 118 51.07 38.74 -65.47
CA ASP D 118 49.84 39.24 -66.07
C ASP D 118 49.37 40.53 -65.40
N LEU D 119 49.45 40.58 -64.07
CA LEU D 119 49.01 41.76 -63.35
C LEU D 119 49.84 42.99 -63.73
N GLN D 120 51.17 42.87 -63.64
CA GLN D 120 52.02 44.02 -63.94
C GLN D 120 52.01 44.39 -65.41
N ALA D 121 51.58 43.48 -66.29
CA ALA D 121 51.35 43.87 -67.68
C ALA D 121 50.09 44.72 -67.81
N VAL D 122 49.01 44.32 -67.15
CA VAL D 122 47.78 45.13 -67.16
C VAL D 122 48.00 46.43 -66.38
N MET D 123 48.78 46.38 -65.30
CA MET D 123 49.10 47.59 -64.57
C MET D 123 49.82 48.60 -65.46
N ALA D 124 50.81 48.13 -66.22
CA ALA D 124 51.50 49.00 -67.17
C ALA D 124 50.56 49.42 -68.30
N VAL D 125 49.90 48.47 -68.93
CA VAL D 125 48.99 48.74 -70.05
C VAL D 125 47.57 48.40 -69.60
N PRO D 126 46.75 49.38 -69.26
CA PRO D 126 45.46 49.10 -68.61
C PRO D 126 44.35 48.63 -69.53
N ASP D 127 44.63 48.36 -70.80
CA ASP D 127 43.62 47.89 -71.74
C ASP D 127 44.16 46.72 -72.56
N THR D 128 44.79 45.76 -71.87
CA THR D 128 45.31 44.57 -72.51
C THR D 128 44.60 43.34 -71.96
N GLU D 129 44.18 42.45 -72.86
CA GLU D 129 43.56 41.20 -72.45
C GLU D 129 44.65 40.15 -72.25
N THR D 130 44.65 39.54 -71.08
CA THR D 130 45.69 38.63 -70.64
C THR D 130 45.06 37.31 -70.24
N PRO D 131 45.85 36.23 -70.17
CA PRO D 131 45.25 34.92 -69.87
C PRO D 131 44.51 34.85 -68.54
N THR D 132 44.98 35.53 -67.49
CA THR D 132 44.41 35.34 -66.16
C THR D 132 43.93 36.65 -65.52
N PHE D 133 43.65 37.68 -66.31
CA PHE D 133 43.23 38.96 -65.76
C PHE D 133 42.77 39.87 -66.89
N CYS D 134 41.85 40.77 -66.54
CA CYS D 134 41.42 41.85 -67.40
C CYS D 134 40.64 42.84 -66.53
N LEU D 135 40.41 44.02 -67.08
CA LEU D 135 39.75 45.11 -66.36
C LEU D 135 38.53 45.60 -67.14
N HIS D 136 37.75 44.65 -67.65
CA HIS D 136 36.57 44.96 -68.43
C HIS D 136 35.33 44.46 -67.70
N THR D 137 34.17 44.78 -68.27
CA THR D 137 32.90 44.27 -67.77
C THR D 137 32.69 42.86 -68.32
N ASP D 138 31.47 42.35 -68.21
CA ASP D 138 31.12 41.09 -68.83
C ASP D 138 30.70 41.24 -70.28
N VAL D 139 30.38 42.45 -70.72
CA VAL D 139 29.96 42.70 -72.09
C VAL D 139 31.12 43.10 -72.98
N SER D 140 32.05 43.92 -72.46
CA SER D 140 33.14 44.46 -73.29
C SER D 140 34.36 43.56 -73.35
N CYS D 141 34.46 42.53 -72.51
CA CYS D 141 35.58 41.62 -72.60
C CYS D 141 35.54 40.85 -73.92
N ARG D 142 36.72 40.56 -74.47
CA ARG D 142 36.82 39.97 -75.79
C ARG D 142 37.53 38.63 -75.81
N GLN D 143 37.89 38.08 -74.65
CA GLN D 143 38.53 36.78 -74.58
C GLN D 143 37.52 35.67 -74.90
N ARG D 144 37.95 34.68 -75.69
CA ARG D 144 37.10 33.56 -76.01
C ARG D 144 37.29 32.42 -75.01
N ALA D 145 36.20 31.72 -74.71
CA ALA D 145 36.22 30.61 -73.78
C ALA D 145 35.04 29.69 -74.08
N ASP D 146 34.78 28.75 -73.18
CA ASP D 146 33.68 27.81 -73.33
C ASP D 146 32.80 27.66 -72.10
N VAL D 147 33.28 28.01 -70.90
CA VAL D 147 32.54 27.85 -69.66
C VAL D 147 32.60 29.16 -68.89
N ALA D 148 31.45 29.62 -68.39
CA ALA D 148 31.37 30.82 -67.57
C ALA D 148 30.76 30.48 -66.21
N ILE D 149 31.11 31.29 -65.21
CA ILE D 149 30.61 31.10 -63.85
C ILE D 149 30.25 32.46 -63.25
N TYR D 150 29.14 32.51 -62.54
CA TYR D 150 28.69 33.70 -61.83
C TYR D 150 28.56 33.37 -60.35
N GLN D 151 28.96 34.30 -59.50
CA GLN D 151 28.74 34.15 -58.06
C GLN D 151 28.25 35.47 -57.50
N ASP D 152 27.07 35.42 -56.86
CA ASP D 152 26.46 36.59 -56.21
C ASP D 152 26.39 37.78 -57.16
N VAL D 153 26.01 37.52 -58.39
CA VAL D 153 25.87 38.54 -59.41
C VAL D 153 24.38 38.85 -59.54
N TYR D 154 23.96 40.01 -59.03
CA TYR D 154 22.55 40.36 -59.03
C TYR D 154 22.24 41.61 -59.84
N ALA D 155 23.23 42.27 -60.42
CA ALA D 155 23.04 43.56 -61.05
C ALA D 155 23.32 43.54 -62.55
N VAL D 156 22.96 42.46 -63.24
CA VAL D 156 23.09 42.39 -64.69
C VAL D 156 21.83 41.75 -65.27
N HIS D 157 21.49 42.17 -66.49
CA HIS D 157 20.39 41.57 -67.24
C HIS D 157 20.83 40.22 -67.77
N ALA D 158 20.11 39.16 -67.37
CA ALA D 158 20.57 37.80 -67.70
C ALA D 158 20.57 37.50 -69.19
N PRO D 159 19.49 37.76 -69.96
CA PRO D 159 19.57 37.45 -71.41
C PRO D 159 20.65 38.24 -72.13
N THR D 160 20.89 39.50 -71.76
CA THR D 160 21.92 40.28 -72.43
C THR D 160 23.31 39.78 -72.08
N SER D 161 23.55 39.47 -70.80
CA SER D 161 24.85 38.93 -70.41
C SER D 161 25.10 37.58 -71.05
N LEU D 162 24.08 36.70 -71.07
CA LEU D 162 24.27 35.36 -71.61
C LEU D 162 24.49 35.35 -73.12
N TYR D 163 23.92 36.31 -73.84
CA TYR D 163 24.18 36.39 -75.27
C TYR D 163 25.67 36.64 -75.51
N HIS D 164 26.25 37.60 -74.80
CA HIS D 164 27.63 38.00 -75.09
C HIS D 164 28.64 36.92 -74.72
N GLN D 165 28.26 35.96 -73.89
CA GLN D 165 29.14 34.82 -73.67
C GLN D 165 28.97 33.76 -74.75
N ALA D 166 27.83 33.75 -75.44
CA ALA D 166 27.56 32.74 -76.47
C ALA D 166 28.40 32.95 -77.72
N ILE D 167 28.43 34.19 -78.23
CA ILE D 167 29.11 34.48 -79.49
C ILE D 167 30.63 34.46 -79.29
N LYS D 168 31.08 34.14 -78.09
CA LYS D 168 32.49 33.92 -77.80
C LYS D 168 32.76 32.46 -77.46
N GLY D 169 31.81 31.57 -77.77
CA GLY D 169 32.04 30.14 -77.69
C GLY D 169 31.70 29.47 -76.38
N VAL D 170 31.00 30.13 -75.46
CA VAL D 170 30.65 29.51 -74.19
C VAL D 170 29.41 28.64 -74.39
N ARG D 171 29.48 27.40 -73.91
CA ARG D 171 28.38 26.46 -74.02
C ARG D 171 27.71 26.15 -72.68
N LEU D 172 28.39 26.40 -71.56
CA LEU D 172 27.93 25.96 -70.25
C LEU D 172 28.15 27.08 -69.25
N ALA D 173 27.10 27.48 -68.53
CA ALA D 173 27.17 28.56 -67.55
C ALA D 173 26.51 28.13 -66.25
N TYR D 174 27.01 28.65 -65.14
CA TYR D 174 26.40 28.44 -63.83
C TYR D 174 26.13 29.77 -63.16
N TRP D 175 25.28 29.70 -62.13
CA TRP D 175 24.85 30.86 -61.36
C TRP D 175 24.55 30.41 -59.94
N VAL D 176 25.23 31.03 -58.98
CA VAL D 176 25.03 30.76 -57.56
C VAL D 176 24.48 32.04 -56.91
N GLY D 177 23.52 31.88 -56.02
CA GLY D 177 22.93 33.04 -55.37
C GLY D 177 21.64 32.69 -54.67
N PHE D 178 20.94 33.76 -54.23
CA PHE D 178 19.68 33.61 -53.51
C PHE D 178 18.55 33.22 -54.46
N ASP D 179 17.60 32.44 -53.93
CA ASP D 179 16.41 32.04 -54.67
C ASP D 179 15.60 33.25 -55.10
N THR D 180 15.15 33.23 -56.35
CA THR D 180 14.41 34.34 -56.96
C THR D 180 12.91 34.23 -56.83
N THR D 181 12.40 33.15 -56.22
CA THR D 181 10.96 32.94 -56.11
C THR D 181 10.22 34.03 -55.33
N PRO D 182 10.71 34.55 -54.20
CA PRO D 182 9.95 35.61 -53.51
C PRO D 182 9.73 36.87 -54.34
N PHE D 183 10.61 37.17 -55.29
CA PHE D 183 10.43 38.34 -56.12
C PHE D 183 9.52 38.09 -57.31
N MET D 184 9.22 36.82 -57.62
CA MET D 184 8.19 36.53 -58.62
C MET D 184 6.79 36.57 -58.02
N TYR D 185 6.66 36.31 -56.73
CA TYR D 185 5.40 36.49 -56.02
C TYR D 185 5.15 37.93 -55.62
N ASN D 186 6.14 38.82 -55.78
CA ASN D 186 5.99 40.27 -55.58
C ASN D 186 5.71 40.66 -54.12
N ALA D 187 6.48 40.08 -53.20
CA ALA D 187 6.35 40.43 -51.78
C ALA D 187 7.00 41.78 -51.47
N MET D 188 6.53 42.41 -50.40
CA MET D 188 7.11 43.70 -50.01
C MET D 188 8.33 43.56 -49.10
N ALA D 189 8.44 42.49 -48.32
CA ALA D 189 9.61 42.25 -47.48
C ALA D 189 9.70 40.76 -47.21
N GLY D 190 10.85 40.31 -46.71
CA GLY D 190 11.01 38.89 -46.41
C GLY D 190 12.32 38.59 -45.73
N ALA D 191 12.50 37.30 -45.45
CA ALA D 191 13.66 36.81 -44.72
C ALA D 191 14.25 35.57 -45.38
N TYR D 192 15.55 35.35 -45.17
CA TYR D 192 16.25 34.11 -45.48
C TYR D 192 16.92 33.66 -44.18
N PRO D 193 16.15 33.13 -43.23
CA PRO D 193 16.63 33.05 -41.84
C PRO D 193 17.87 32.20 -41.62
N SER D 194 18.16 31.21 -42.46
CA SER D 194 19.32 30.36 -42.23
C SER D 194 20.63 31.02 -42.67
N TYR D 195 20.58 32.13 -43.40
CA TYR D 195 21.78 32.82 -43.85
C TYR D 195 21.91 34.21 -43.25
N SER D 196 21.20 34.47 -42.15
CA SER D 196 21.29 35.75 -41.42
C SER D 196 20.97 36.95 -42.31
N THR D 197 19.94 36.82 -43.15
CA THR D 197 19.61 37.86 -44.12
C THR D 197 18.16 38.31 -43.98
N ASN D 198 17.96 39.61 -44.06
CA ASN D 198 16.65 40.22 -44.20
C ASN D 198 16.70 41.23 -45.35
N TRP D 199 15.57 41.43 -46.02
CA TRP D 199 15.47 42.39 -47.10
C TRP D 199 14.16 43.12 -46.99
N ALA D 200 14.09 44.33 -47.55
CA ALA D 200 12.85 45.09 -47.51
C ALA D 200 12.81 46.10 -48.65
N ASP D 201 11.60 46.47 -49.03
CA ASP D 201 11.36 47.58 -49.94
C ASP D 201 11.68 48.92 -49.27
N GLU D 202 12.14 49.88 -50.08
CA GLU D 202 12.44 51.23 -49.58
C GLU D 202 11.28 51.85 -48.85
N GLN D 203 10.05 51.58 -49.28
CA GLN D 203 8.89 52.27 -48.75
C GLN D 203 8.52 51.85 -47.34
N VAL D 204 9.06 50.75 -46.82
CA VAL D 204 8.66 50.25 -45.51
C VAL D 204 9.84 50.20 -44.53
N LEU D 205 10.91 50.94 -44.80
CA LEU D 205 12.06 50.96 -43.90
C LEU D 205 11.76 51.57 -42.54
N LYS D 206 10.66 52.31 -42.39
CA LYS D 206 10.27 52.91 -41.11
C LYS D 206 9.13 52.15 -40.44
N ALA D 207 9.03 50.85 -40.68
CA ALA D 207 8.07 49.99 -40.00
C ALA D 207 8.58 49.66 -38.60
N LYS D 208 7.86 48.80 -37.90
CA LYS D 208 8.15 48.50 -36.50
C LYS D 208 8.50 47.04 -36.24
N ASN D 209 7.87 46.08 -36.90
CA ASN D 209 7.99 44.68 -36.49
C ASN D 209 8.44 43.73 -37.60
N ILE D 210 9.16 44.22 -38.61
CA ILE D 210 9.77 43.35 -39.61
C ILE D 210 11.26 43.24 -39.32
N GLY D 211 11.93 42.39 -40.08
CA GLY D 211 13.34 42.09 -39.82
C GLY D 211 14.27 43.28 -39.98
N LEU D 212 14.03 44.14 -40.97
CA LEU D 212 14.93 45.25 -41.31
C LEU D 212 14.15 46.56 -41.32
N CYS D 213 14.16 47.29 -40.20
CA CYS D 213 13.37 48.51 -40.06
C CYS D 213 13.87 49.29 -38.84
N SER D 214 13.33 50.49 -38.68
CA SER D 214 13.67 51.35 -37.54
C SER D 214 12.61 52.43 -37.41
N THR D 215 12.08 52.63 -36.21
CA THR D 215 11.04 53.63 -35.98
C THR D 215 11.31 54.38 -34.67
N ASP D 216 10.36 55.24 -34.28
CA ASP D 216 10.51 56.19 -33.18
C ASP D 216 9.38 56.04 -32.17
N LEU D 217 9.60 56.61 -30.98
CA LEU D 217 8.57 56.72 -29.95
C LEU D 217 7.75 57.99 -30.16
N THR D 218 6.45 57.88 -29.99
CA THR D 218 5.57 59.00 -30.28
C THR D 218 4.27 58.88 -29.48
N GLU D 219 3.59 60.01 -29.32
CA GLU D 219 2.29 60.03 -28.65
C GLU D 219 1.13 59.94 -29.63
N GLY D 220 1.27 60.52 -30.82
CA GLY D 220 0.26 60.34 -31.85
C GLY D 220 -0.78 61.44 -31.93
N ARG D 221 -1.03 61.93 -33.15
CA ARG D 221 -2.04 62.95 -33.37
C ARG D 221 -3.29 62.35 -34.00
N ARG D 222 -4.43 62.99 -33.75
CA ARG D 222 -5.67 62.65 -34.41
C ARG D 222 -5.84 63.36 -35.75
N GLY D 223 -4.89 64.22 -36.12
CA GLY D 223 -4.90 64.87 -37.40
C GLY D 223 -3.51 65.27 -37.86
N LYS D 224 -3.12 64.82 -39.06
CA LYS D 224 -1.83 65.16 -39.66
C LYS D 224 -2.11 65.52 -41.12
N LEU D 225 -2.40 66.80 -41.36
CA LEU D 225 -2.77 67.24 -42.69
C LEU D 225 -1.58 67.13 -43.64
N SER D 226 -1.87 66.78 -44.89
CA SER D 226 -0.87 66.77 -45.95
C SER D 226 -1.49 67.38 -47.21
N ILE D 227 -0.64 67.95 -48.05
CA ILE D 227 -1.11 68.43 -49.35
C ILE D 227 -0.91 67.37 -50.42
N MET D 228 0.03 66.45 -50.20
CA MET D 228 0.26 65.36 -51.15
C MET D 228 -0.41 64.09 -50.64
N ARG D 229 -1.22 63.48 -51.50
CA ARG D 229 -1.98 62.28 -51.16
C ARG D 229 -1.46 61.11 -51.99
N GLY D 230 -0.92 60.10 -51.30
CA GLY D 230 -0.51 58.88 -51.96
C GLY D 230 -1.65 57.90 -52.18
N LYS D 231 -2.19 57.37 -51.08
CA LYS D 231 -3.30 56.42 -51.10
C LYS D 231 -3.00 55.15 -51.89
N LYS D 232 -1.72 54.89 -52.19
CA LYS D 232 -1.35 53.69 -52.94
C LYS D 232 0.01 53.22 -52.44
N LEU D 233 0.07 51.98 -51.96
CA LEU D 233 1.28 51.39 -51.42
C LEU D 233 1.53 50.06 -52.15
N GLU D 234 2.45 50.06 -53.10
CA GLU D 234 2.78 48.89 -53.91
C GLU D 234 4.29 48.79 -54.08
N PRO D 235 4.80 47.57 -54.33
CA PRO D 235 6.24 47.40 -54.51
C PRO D 235 6.79 48.28 -55.63
N CYS D 236 7.97 48.82 -55.38
N CYS D 236 7.98 48.81 -55.39
CA CYS D 236 8.72 49.63 -56.33
CA CYS D 236 8.69 49.57 -56.41
C CYS D 236 10.05 48.93 -56.63
C CYS D 236 10.04 48.92 -56.63
N ASP D 237 10.83 49.51 -57.53
CA ASP D 237 12.00 48.79 -58.05
C ASP D 237 13.10 48.58 -57.02
N ARG D 238 13.38 49.57 -56.17
CA ARG D 238 14.58 49.53 -55.34
C ARG D 238 14.34 48.79 -54.03
N VAL D 239 15.27 47.89 -53.69
CA VAL D 239 15.17 46.97 -52.56
C VAL D 239 16.52 46.95 -51.84
N LEU D 240 16.49 46.78 -50.52
CA LEU D 240 17.70 46.76 -49.70
C LEU D 240 17.91 45.40 -49.07
N PHE D 241 19.11 44.87 -49.19
CA PHE D 241 19.49 43.59 -48.60
C PHE D 241 20.45 43.83 -47.44
N SER D 242 20.32 43.03 -46.38
CA SER D 242 21.24 43.09 -45.25
C SER D 242 21.72 41.68 -44.93
N VAL D 243 22.93 41.36 -45.34
CA VAL D 243 23.55 40.06 -45.07
C VAL D 243 24.44 40.23 -43.85
N GLY D 244 24.01 39.71 -42.71
CA GLY D 244 24.61 40.09 -41.45
C GLY D 244 24.46 41.58 -41.22
N SER D 245 25.58 42.31 -41.20
CA SER D 245 25.56 43.76 -41.09
C SER D 245 26.08 44.46 -42.34
N THR D 246 26.20 43.75 -43.46
CA THR D 246 26.61 44.35 -44.73
C THR D 246 25.37 44.70 -45.55
N LEU D 247 25.36 45.89 -46.13
CA LEU D 247 24.22 46.38 -46.86
C LEU D 247 24.47 46.31 -48.37
N TYR D 248 23.43 45.93 -49.12
CA TYR D 248 23.45 45.82 -50.59
C TYR D 248 22.15 46.37 -51.16
N PRO D 249 22.19 47.39 -52.02
CA PRO D 249 21.00 47.75 -52.79
C PRO D 249 20.89 46.96 -54.08
N GLU D 250 19.66 46.56 -54.44
CA GLU D 250 19.41 45.77 -55.64
C GLU D 250 18.16 46.29 -56.36
N SER D 251 17.90 45.71 -57.53
CA SER D 251 16.77 46.06 -58.39
C SER D 251 15.87 44.86 -58.58
N ARG D 252 14.55 45.09 -58.55
CA ARG D 252 13.58 44.01 -58.78
C ARG D 252 13.69 43.45 -60.19
N LYS D 253 13.84 44.34 -61.19
CA LYS D 253 13.85 43.90 -62.58
C LYS D 253 15.02 42.98 -62.88
N LEU D 254 16.20 43.30 -62.36
CA LEU D 254 17.37 42.49 -62.63
C LEU D 254 17.37 41.19 -61.83
N LEU D 255 16.73 41.17 -60.66
CA LEU D 255 16.59 39.93 -59.91
C LEU D 255 15.63 38.96 -60.59
N LYS D 256 14.52 39.49 -61.12
CA LYS D 256 13.52 38.66 -61.77
C LYS D 256 14.01 38.08 -63.08
N SER D 257 14.98 38.72 -63.73
CA SER D 257 15.46 38.26 -65.02
C SER D 257 16.32 37.01 -64.93
N TRP D 258 16.74 36.59 -63.74
CA TRP D 258 17.42 35.32 -63.56
C TRP D 258 16.46 34.19 -63.19
N HIS D 259 15.15 34.45 -63.22
CA HIS D 259 14.12 33.42 -63.04
C HIS D 259 13.67 32.99 -64.43
N LEU D 260 14.49 32.14 -65.08
CA LEU D 260 14.44 31.72 -66.47
C LEU D 260 13.58 30.46 -66.66
N PRO D 261 12.92 30.31 -67.80
CA PRO D 261 12.09 29.14 -68.06
C PRO D 261 12.93 27.92 -68.46
N SER D 262 12.24 26.81 -68.68
CA SER D 262 12.90 25.56 -69.08
C SER D 262 13.59 25.69 -70.42
N VAL D 263 12.96 26.35 -71.39
CA VAL D 263 13.50 26.50 -72.74
C VAL D 263 13.29 27.93 -73.20
N PHE D 264 14.34 28.56 -73.74
CA PHE D 264 14.21 29.90 -74.29
C PHE D 264 15.20 30.06 -75.45
N HIS D 265 14.89 30.99 -76.35
CA HIS D 265 15.68 31.24 -77.55
C HIS D 265 16.29 32.64 -77.50
N LEU D 266 17.55 32.74 -77.91
CA LEU D 266 18.25 34.02 -78.09
C LEU D 266 18.39 34.29 -79.58
N LYS D 267 17.81 35.38 -80.05
CA LYS D 267 17.75 35.69 -81.49
C LYS D 267 18.53 36.96 -81.80
N GLY D 268 19.81 36.79 -82.13
CA GLY D 268 20.63 37.90 -82.57
C GLY D 268 21.21 37.67 -83.94
N LYS D 269 22.44 38.14 -84.17
CA LYS D 269 23.17 37.78 -85.39
C LYS D 269 23.65 36.34 -85.36
N LEU D 270 23.55 35.67 -84.22
CA LEU D 270 23.84 34.25 -84.10
C LEU D 270 22.80 33.66 -83.16
N SER D 271 21.90 32.84 -83.69
CA SER D 271 20.78 32.33 -82.91
C SER D 271 21.23 31.17 -82.02
N PHE D 272 20.59 31.08 -80.86
CA PHE D 272 20.90 30.04 -79.88
C PHE D 272 19.61 29.50 -79.29
N THR D 273 19.70 28.27 -78.75
CA THR D 273 18.60 27.60 -78.06
C THR D 273 19.12 27.13 -76.71
N CYS D 274 18.40 27.44 -75.64
CA CYS D 274 18.96 27.34 -74.30
C CYS D 274 18.00 26.65 -73.33
N ARG D 275 18.59 26.01 -72.33
CA ARG D 275 17.89 25.32 -71.25
C ARG D 275 18.37 25.86 -69.91
N CYS D 276 17.52 25.73 -68.89
CA CYS D 276 17.86 26.17 -67.54
C CYS D 276 17.29 25.16 -66.54
N ASP D 277 18.17 24.57 -65.74
CA ASP D 277 17.77 23.62 -64.71
C ASP D 277 18.37 24.02 -63.36
N THR D 278 17.66 23.69 -62.28
CA THR D 278 18.12 23.94 -60.93
C THR D 278 18.72 22.65 -60.38
N VAL D 279 19.97 22.71 -59.96
CA VAL D 279 20.75 21.52 -59.64
C VAL D 279 20.90 21.33 -58.13
N VAL D 280 21.02 22.42 -57.37
CA VAL D 280 21.09 22.34 -55.91
C VAL D 280 20.09 23.33 -55.33
N SER D 281 19.64 23.05 -54.11
CA SER D 281 18.63 23.89 -53.45
C SER D 281 18.69 23.63 -51.96
N CYS D 282 19.03 24.65 -51.17
CA CYS D 282 19.18 24.49 -49.72
C CYS D 282 18.66 25.74 -49.00
N GLU D 283 17.40 25.69 -48.58
CA GLU D 283 16.80 26.67 -47.64
C GLU D 283 16.84 28.11 -48.15
N GLY D 284 16.84 28.32 -49.46
CA GLY D 284 16.86 29.65 -50.02
C GLY D 284 18.09 29.98 -50.83
N TYR D 285 19.04 29.07 -50.99
CA TYR D 285 20.23 29.30 -51.80
C TYR D 285 20.28 28.22 -52.86
N VAL D 286 20.54 28.60 -54.12
CA VAL D 286 20.43 27.67 -55.24
C VAL D 286 21.64 27.71 -56.15
N VAL D 287 21.80 26.65 -56.94
CA VAL D 287 22.74 26.57 -58.06
C VAL D 287 21.94 26.26 -59.31
N LYS D 288 22.10 27.09 -60.33
CA LYS D 288 21.48 26.87 -61.64
C LYS D 288 22.54 26.47 -62.67
N ARG D 289 22.10 25.73 -63.69
CA ARG D 289 22.95 25.33 -64.80
C ARG D 289 22.25 25.65 -66.11
N ILE D 290 22.95 26.32 -67.02
CA ILE D 290 22.39 26.76 -68.29
C ILE D 290 23.27 26.21 -69.42
N THR D 291 22.69 25.35 -70.24
CA THR D 291 23.34 24.86 -71.46
C THR D 291 22.84 25.66 -72.65
N MET D 292 23.72 25.83 -73.63
CA MET D 292 23.44 26.68 -74.78
C MET D 292 24.01 26.00 -76.03
N SER D 293 23.41 26.28 -77.18
CA SER D 293 23.75 25.59 -78.42
C SER D 293 23.32 26.43 -79.61
N PRO D 294 24.02 26.34 -80.73
CA PRO D 294 23.72 27.20 -81.87
C PRO D 294 22.54 26.72 -82.69
N GLY D 295 21.88 27.69 -83.34
CA GLY D 295 20.71 27.40 -84.16
C GLY D 295 19.45 27.22 -83.32
N LEU D 296 18.32 27.71 -83.82
CA LEU D 296 17.08 27.72 -83.06
C LEU D 296 16.20 26.54 -83.48
N TYR D 297 15.78 25.74 -82.50
CA TYR D 297 14.99 24.55 -82.75
C TYR D 297 14.23 24.18 -81.48
N GLY D 298 13.19 23.37 -81.65
CA GLY D 298 12.33 23.02 -80.55
C GLY D 298 11.20 24.02 -80.38
N LYS D 299 10.44 23.84 -79.30
CA LYS D 299 9.33 24.72 -79.00
C LYS D 299 9.37 25.15 -77.54
N THR D 300 8.87 26.35 -77.28
CA THR D 300 8.87 26.94 -75.95
C THR D 300 7.45 27.07 -75.44
N THR D 301 7.29 26.93 -74.12
CA THR D 301 6.02 27.18 -73.45
C THR D 301 6.01 28.46 -72.64
N GLY D 302 7.14 28.86 -72.06
CA GLY D 302 7.19 30.03 -71.21
C GLY D 302 6.77 29.79 -69.77
N TYR D 303 7.09 28.62 -69.22
CA TYR D 303 6.76 28.30 -67.83
C TYR D 303 8.04 28.01 -67.07
N ALA D 304 8.14 28.55 -65.85
CA ALA D 304 9.23 28.26 -64.94
C ALA D 304 8.68 27.57 -63.70
N VAL D 305 9.39 26.56 -63.22
CA VAL D 305 8.91 25.69 -62.15
C VAL D 305 9.90 25.70 -61.00
N THR D 306 9.38 25.81 -59.77
CA THR D 306 10.16 25.72 -58.55
C THR D 306 9.68 24.54 -57.73
N HIS D 307 10.59 23.67 -57.32
CA HIS D 307 10.27 22.55 -56.44
C HIS D 307 10.61 22.92 -55.01
N HIS D 308 9.68 22.69 -54.08
CA HIS D 308 9.80 23.14 -52.70
C HIS D 308 10.16 21.95 -51.82
N ALA D 309 11.40 21.93 -51.31
CA ALA D 309 11.80 20.91 -50.35
C ALA D 309 11.41 21.29 -48.92
N ASP D 310 11.36 22.58 -48.61
CA ASP D 310 10.78 23.09 -47.38
C ASP D 310 9.52 23.90 -47.70
N GLY D 311 8.83 24.36 -46.66
CA GLY D 311 7.66 25.17 -46.86
C GLY D 311 7.99 26.60 -47.23
N PHE D 312 7.13 27.20 -48.04
CA PHE D 312 7.22 28.60 -48.44
C PHE D 312 5.92 29.30 -48.09
N LEU D 313 6.01 30.40 -47.36
CA LEU D 313 4.84 31.14 -46.87
C LEU D 313 4.84 32.56 -47.38
N MET D 314 3.64 33.14 -47.45
CA MET D 314 3.45 34.54 -47.85
C MET D 314 2.08 34.99 -47.39
N CYS D 315 2.02 36.00 -46.52
CA CYS D 315 0.77 36.40 -45.92
C CYS D 315 0.67 37.91 -45.79
N LYS D 316 -0.53 38.36 -45.40
CA LYS D 316 -0.81 39.77 -45.14
C LYS D 316 -0.58 40.10 -43.67
N THR D 317 0.16 41.19 -43.42
CA THR D 317 0.39 41.66 -42.06
C THR D 317 -0.02 43.12 -41.94
N THR D 318 -0.33 43.52 -40.71
CA THR D 318 -0.63 44.91 -40.38
C THR D 318 0.47 45.45 -39.49
N ASP D 319 0.95 46.65 -39.81
CA ASP D 319 2.01 47.30 -39.06
C ASP D 319 1.78 48.80 -39.09
N THR D 320 2.64 49.54 -38.41
CA THR D 320 2.67 50.99 -38.45
C THR D 320 3.93 51.43 -39.16
N VAL D 321 3.80 52.26 -40.18
CA VAL D 321 4.92 52.77 -40.95
C VAL D 321 4.94 54.29 -40.77
N ASP D 322 5.95 54.77 -40.05
CA ASP D 322 6.09 56.20 -39.72
C ASP D 322 4.87 56.74 -39.00
N GLY D 323 4.22 55.94 -38.17
CA GLY D 323 3.06 56.35 -37.41
C GLY D 323 1.72 55.93 -37.99
N GLU D 324 1.67 55.58 -39.28
CA GLU D 324 0.42 55.30 -39.97
C GLU D 324 0.22 53.79 -40.14
N ARG D 325 -0.95 53.30 -39.74
CA ARG D 325 -1.28 51.89 -39.81
C ARG D 325 -1.62 51.48 -41.25
N VAL D 326 -0.99 50.41 -41.74
CA VAL D 326 -1.10 49.96 -43.14
C VAL D 326 -1.01 48.43 -43.18
N SER D 327 -1.18 47.87 -44.38
CA SER D 327 -1.10 46.42 -44.60
C SER D 327 -0.25 46.12 -45.83
N PHE D 328 0.54 45.05 -45.75
CA PHE D 328 1.37 44.61 -46.87
C PHE D 328 1.79 43.15 -46.63
N SER D 329 2.54 42.58 -47.58
CA SER D 329 2.82 41.16 -47.59
C SER D 329 4.28 40.85 -47.25
N VAL D 330 4.49 39.75 -46.52
CA VAL D 330 5.79 39.30 -46.04
C VAL D 330 5.95 37.81 -46.36
N CYS D 331 7.17 37.39 -46.66
CA CYS D 331 7.44 35.99 -47.02
C CYS D 331 8.57 35.42 -46.17
N THR D 332 8.60 34.09 -46.04
CA THR D 332 9.62 33.39 -45.26
C THR D 332 9.64 31.91 -45.62
N TYR D 333 10.65 31.20 -45.11
CA TYR D 333 10.82 29.77 -45.29
C TYR D 333 10.64 29.04 -43.97
N VAL D 334 10.01 27.87 -44.00
CA VAL D 334 9.70 27.09 -42.82
C VAL D 334 10.28 25.69 -43.00
N PRO D 335 10.97 25.12 -42.01
CA PRO D 335 11.55 23.78 -42.17
C PRO D 335 10.50 22.68 -42.28
N ALA D 336 10.86 21.62 -43.00
CA ALA D 336 9.91 20.58 -43.38
C ALA D 336 9.38 19.81 -42.17
N THR D 337 10.23 19.59 -41.16
CA THR D 337 9.77 18.89 -39.97
C THR D 337 8.68 19.66 -39.24
N ILE D 338 8.78 20.98 -39.17
CA ILE D 338 7.74 21.78 -38.54
C ILE D 338 6.42 21.69 -39.31
N CYS D 339 6.50 21.77 -40.63
CA CYS D 339 5.29 21.71 -41.46
C CYS D 339 4.56 20.38 -41.32
N ASP D 340 5.32 19.27 -41.26
CA ASP D 340 4.71 17.95 -41.11
C ASP D 340 3.96 17.83 -39.79
N GLN D 341 4.50 18.40 -38.72
CA GLN D 341 3.90 18.25 -37.40
C GLN D 341 2.71 19.16 -37.16
N MET D 342 2.38 20.05 -38.10
CA MET D 342 1.18 20.88 -37.98
C MET D 342 0.02 20.37 -38.82
N THR D 343 0.17 19.21 -39.47
CA THR D 343 -0.87 18.71 -40.37
C THR D 343 -2.18 18.43 -39.63
N GLY D 344 -2.08 17.80 -38.46
CA GLY D 344 -3.26 17.51 -37.66
C GLY D 344 -3.98 18.73 -37.13
N ILE D 345 -3.22 19.73 -36.65
CA ILE D 345 -3.79 20.91 -36.03
C ILE D 345 -4.58 21.75 -37.03
N LEU D 346 -4.12 21.83 -38.27
CA LEU D 346 -4.75 22.74 -39.23
C LEU D 346 -6.02 22.16 -39.85
N ALA D 347 -6.48 20.99 -39.38
CA ALA D 347 -7.76 20.45 -39.83
C ALA D 347 -8.93 21.28 -39.36
N THR D 348 -8.82 21.89 -38.19
CA THR D 348 -9.85 22.77 -37.64
C THR D 348 -9.40 24.23 -37.66
N GLU D 349 -10.23 25.09 -37.10
CA GLU D 349 -9.92 26.52 -37.01
C GLU D 349 -9.23 26.81 -35.68
N VAL D 350 -8.07 27.44 -35.76
CA VAL D 350 -7.22 27.71 -34.61
C VAL D 350 -6.96 29.21 -34.57
N THR D 351 -6.88 29.76 -33.35
CA THR D 351 -6.56 31.18 -33.19
C THR D 351 -5.06 31.42 -33.35
N PRO D 352 -4.66 32.64 -33.72
CA PRO D 352 -3.22 32.94 -33.80
C PRO D 352 -2.50 32.74 -32.49
N GLU D 353 -3.14 33.01 -31.35
CA GLU D 353 -2.49 32.83 -30.06
C GLU D 353 -2.19 31.36 -29.79
N ASP D 354 -3.15 30.49 -30.09
CA ASP D 354 -2.95 29.06 -29.84
C ASP D 354 -1.97 28.43 -30.81
N ALA D 355 -1.93 28.92 -32.06
CA ALA D 355 -0.90 28.47 -32.99
C ALA D 355 0.49 28.83 -32.50
N GLN D 356 0.65 30.03 -31.93
CA GLN D 356 1.95 30.47 -31.44
C GLN D 356 2.48 29.59 -30.32
N LYS D 357 1.61 29.24 -29.37
CA LYS D 357 2.04 28.38 -28.25
C LYS D 357 2.44 26.99 -28.73
N LEU D 358 1.69 26.44 -29.69
CA LEU D 358 2.05 25.13 -30.24
C LEU D 358 3.39 25.18 -30.95
N LEU D 359 3.65 26.25 -31.72
CA LEU D 359 4.91 26.36 -32.45
C LEU D 359 6.11 26.49 -31.52
N VAL D 360 5.94 27.22 -30.41
CA VAL D 360 7.03 27.34 -29.44
C VAL D 360 7.35 25.98 -28.83
N GLY D 361 6.34 25.19 -28.50
CA GLY D 361 6.57 23.86 -27.98
C GLY D 361 7.32 22.96 -28.96
N LEU D 362 6.94 23.01 -30.24
CA LEU D 362 7.61 22.18 -31.24
C LEU D 362 9.03 22.64 -31.52
N ASN D 363 9.38 23.87 -31.16
CA ASN D 363 10.66 24.45 -31.52
C ASN D 363 11.79 24.14 -30.55
N GLN D 364 11.48 23.80 -29.30
CA GLN D 364 12.51 23.58 -28.29
C GLN D 364 13.31 22.30 -28.51
N ARG D 365 13.12 21.60 -29.62
CA ARG D 365 13.87 20.39 -29.90
C ARG D 365 15.33 20.69 -30.19
N THR D 376 18.53 24.91 -27.95
CA THR D 376 18.64 25.04 -29.40
C THR D 376 17.26 25.01 -30.05
N ASN D 377 17.07 25.83 -31.07
CA ASN D 377 15.80 25.96 -31.76
C ASN D 377 15.92 25.50 -33.20
N THR D 378 14.81 24.99 -33.76
CA THR D 378 14.79 24.61 -35.16
C THR D 378 14.72 25.84 -36.07
N MET D 379 13.88 26.81 -35.71
CA MET D 379 13.74 28.05 -36.45
C MET D 379 13.96 29.24 -35.53
N LYS D 380 14.30 30.37 -36.12
CA LYS D 380 14.51 31.60 -35.37
C LYS D 380 13.21 32.11 -34.77
N ASN D 381 13.30 32.64 -33.55
CA ASN D 381 12.10 33.01 -32.80
C ASN D 381 11.45 34.30 -33.28
N TYR D 382 12.18 35.18 -33.97
CA TYR D 382 11.59 36.44 -34.37
C TYR D 382 10.63 36.29 -35.55
N MET D 383 10.66 35.16 -36.26
CA MET D 383 9.70 34.94 -37.33
C MET D 383 8.47 34.17 -36.87
N ILE D 384 8.47 33.65 -35.63
CA ILE D 384 7.35 32.81 -35.18
C ILE D 384 6.01 33.52 -35.16
N PRO D 385 5.88 34.76 -34.66
CA PRO D 385 4.54 35.38 -34.64
C PRO D 385 3.89 35.56 -36.02
N VAL D 386 4.66 35.84 -37.06
CA VAL D 386 4.04 36.02 -38.38
C VAL D 386 3.72 34.68 -39.03
N VAL D 387 4.49 33.63 -38.71
CA VAL D 387 4.18 32.30 -39.21
C VAL D 387 2.90 31.77 -38.55
N ALA D 388 2.74 32.00 -37.25
CA ALA D 388 1.54 31.54 -36.55
C ALA D 388 0.29 32.23 -37.07
N GLN D 389 0.42 33.48 -37.49
CA GLN D 389 -0.71 34.22 -38.04
C GLN D 389 -1.08 33.76 -39.45
N ALA D 390 -0.09 33.39 -40.26
CA ALA D 390 -0.38 32.87 -41.59
C ALA D 390 -1.08 31.52 -41.52
N PHE D 391 -0.64 30.64 -40.62
CA PHE D 391 -1.21 29.30 -40.52
C PHE D 391 -2.68 29.34 -40.15
N SER D 392 -3.08 30.26 -39.26
CA SER D 392 -4.47 30.31 -38.85
C SER D 392 -5.38 30.93 -39.91
N LYS D 393 -4.87 31.87 -40.71
CA LYS D 393 -5.65 32.40 -41.82
C LYS D 393 -5.83 31.36 -42.92
N TRP D 394 -4.82 30.52 -43.15
CA TRP D 394 -4.92 29.47 -44.15
C TRP D 394 -5.98 28.43 -43.76
N ALA D 395 -6.00 28.04 -42.48
CA ALA D 395 -6.98 27.05 -42.02
C ALA D 395 -8.40 27.59 -42.10
N LYS D 396 -8.57 28.91 -41.93
CA LYS D 396 -9.91 29.48 -42.00
C LYS D 396 -10.41 29.55 -43.45
N GLU D 397 -9.53 29.87 -44.40
CA GLU D 397 -9.94 29.93 -45.80
C GLU D 397 -10.20 28.55 -46.40
N CYS D 398 -9.63 27.49 -45.83
CA CYS D 398 -9.94 26.14 -46.29
C CYS D 398 -11.33 25.71 -45.86
N ARG D 399 -11.75 26.10 -44.66
CA ARG D 399 -13.09 25.77 -44.19
C ARG D 399 -14.16 26.43 -45.04
N LYS D 400 -13.93 27.68 -45.45
CA LYS D 400 -14.93 28.41 -46.23
C LYS D 400 -15.14 27.80 -47.61
N ASP D 401 -14.08 27.28 -48.22
CA ASP D 401 -14.22 26.58 -49.49
C ASP D 401 -15.12 25.37 -49.35
N MET D 402 -14.92 24.59 -48.28
CA MET D 402 -15.65 23.35 -48.08
C MET D 402 -17.14 23.59 -47.82
N GLU D 403 -17.50 24.74 -47.25
CA GLU D 403 -18.88 25.03 -46.91
C GLU D 403 -19.62 25.82 -47.99
N ASP D 404 -18.94 26.19 -49.08
CA ASP D 404 -19.57 26.87 -50.21
C ASP D 404 -19.14 26.10 -51.46
N GLU D 405 -19.86 25.02 -51.75
CA GLU D 405 -19.46 24.04 -52.73
C GLU D 405 -20.31 24.17 -53.98
N LYS D 406 -19.67 24.09 -55.15
CA LYS D 406 -20.30 24.35 -56.42
C LYS D 406 -20.64 23.05 -57.14
N LEU D 407 -21.16 23.18 -58.36
CA LEU D 407 -21.48 22.04 -59.21
C LEU D 407 -20.30 21.71 -60.11
N LEU D 408 -20.16 20.43 -60.44
CA LEU D 408 -19.03 19.99 -61.28
C LEU D 408 -19.16 20.57 -62.68
N GLY D 409 -18.06 21.09 -63.20
CA GLY D 409 -18.02 21.48 -64.59
C GLY D 409 -18.73 22.76 -64.92
N VAL D 410 -19.15 23.53 -63.93
CA VAL D 410 -19.99 24.69 -64.13
C VAL D 410 -19.41 25.88 -63.37
N ARG D 411 -19.13 26.94 -64.09
CA ARG D 411 -18.90 28.27 -63.52
C ARG D 411 -20.27 28.92 -63.48
N GLU D 412 -20.67 29.47 -62.33
CA GLU D 412 -21.94 30.21 -62.32
C GLU D 412 -21.67 31.71 -62.33
N ARG D 413 -21.46 32.21 -63.55
CA ARG D 413 -21.34 33.63 -63.82
C ARG D 413 -22.68 34.28 -64.14
N THR D 414 -23.77 33.52 -64.00
CA THR D 414 -25.13 34.00 -64.28
C THR D 414 -25.25 34.56 -65.70
N CYS D 419 -26.91 37.43 -65.51
CA CYS D 419 -27.48 37.88 -66.77
C CYS D 419 -26.42 38.58 -67.60
N LEU D 420 -25.59 39.37 -66.93
CA LEU D 420 -24.37 39.92 -67.51
C LEU D 420 -23.17 39.28 -66.82
N TRP D 421 -22.11 39.03 -67.59
CA TRP D 421 -21.04 38.17 -67.12
C TRP D 421 -20.18 38.89 -66.08
N ALA D 422 -20.61 38.84 -64.82
CA ALA D 422 -19.89 39.49 -63.73
C ALA D 422 -19.86 38.54 -62.55
N PHE D 423 -18.67 38.07 -62.19
CA PHE D 423 -18.50 37.11 -61.12
C PHE D 423 -17.82 37.76 -59.92
N LYS D 424 -17.96 37.12 -58.76
CA LYS D 424 -17.42 37.63 -57.51
C LYS D 424 -16.08 36.96 -57.24
N LYS D 425 -15.08 37.77 -56.88
CA LYS D 425 -13.77 37.27 -56.51
C LYS D 425 -13.67 37.17 -54.99
N GLN D 426 -13.06 36.09 -54.51
CA GLN D 426 -12.88 35.89 -53.09
C GLN D 426 -11.57 36.50 -52.63
N LYS D 427 -11.45 36.68 -51.32
CA LYS D 427 -10.25 37.25 -50.72
C LYS D 427 -9.27 36.14 -50.35
N THR D 428 -8.01 36.37 -50.69
CA THR D 428 -6.92 35.44 -50.37
C THR D 428 -5.87 36.18 -49.57
N HIS D 429 -5.61 35.74 -48.35
CA HIS D 429 -4.65 36.38 -47.47
C HIS D 429 -3.39 35.55 -47.21
N THR D 430 -3.36 34.28 -47.61
CA THR D 430 -2.20 33.43 -47.38
C THR D 430 -1.93 32.58 -48.60
N VAL D 431 -0.66 32.47 -48.97
CA VAL D 431 -0.18 31.50 -49.95
C VAL D 431 0.77 30.57 -49.23
N TYR D 432 0.46 29.28 -49.23
CA TYR D 432 1.21 28.27 -48.48
C TYR D 432 1.59 27.14 -49.43
N LYS D 433 2.88 27.02 -49.74
CA LYS D 433 3.41 25.94 -50.56
C LYS D 433 4.05 24.90 -49.65
N ARG D 434 3.39 23.76 -49.50
CA ARG D 434 3.85 22.68 -48.64
C ARG D 434 5.01 21.93 -49.27
N PRO D 435 5.81 21.24 -48.46
CA PRO D 435 6.88 20.41 -49.02
C PRO D 435 6.35 19.36 -49.99
N ASP D 436 7.09 19.15 -51.08
CA ASP D 436 6.80 18.25 -52.20
C ASP D 436 5.76 18.81 -53.16
N THR D 437 5.48 20.11 -53.16
CA THR D 437 4.64 20.75 -54.16
C THR D 437 5.53 21.59 -55.08
N GLN D 438 4.93 22.21 -56.09
CA GLN D 438 5.68 22.96 -57.09
C GLN D 438 4.93 24.22 -57.50
N SER D 439 5.67 25.33 -57.59
CA SER D 439 5.16 26.56 -58.17
C SER D 439 5.41 26.59 -59.67
N ILE D 440 4.55 27.29 -60.40
CA ILE D 440 4.68 27.38 -61.85
C ILE D 440 4.29 28.79 -62.29
N GLN D 441 5.18 29.46 -63.02
CA GLN D 441 5.07 30.87 -63.36
C GLN D 441 5.23 31.06 -64.86
N LYS D 442 4.42 31.96 -65.43
CA LYS D 442 4.47 32.29 -66.85
C LYS D 442 5.40 33.48 -67.07
N VAL D 443 6.53 33.26 -67.74
CA VAL D 443 7.53 34.30 -67.98
C VAL D 443 7.84 34.37 -69.47
N GLN D 444 8.67 35.35 -69.83
CA GLN D 444 9.03 35.59 -71.23
C GLN D 444 10.14 34.66 -71.67
N ALA D 445 10.05 34.17 -72.91
CA ALA D 445 10.96 33.14 -73.39
C ALA D 445 11.58 33.41 -74.76
N GLU D 446 11.25 34.52 -75.42
CA GLU D 446 11.85 34.87 -76.70
C GLU D 446 12.58 36.21 -76.57
N PHE D 447 13.89 36.20 -76.81
CA PHE D 447 14.74 37.36 -76.56
C PHE D 447 15.43 37.76 -77.86
N ASP D 448 15.25 39.01 -78.26
CA ASP D 448 15.89 39.52 -79.48
C ASP D 448 16.60 40.85 -79.29
N SER D 449 16.13 41.69 -78.39
CA SER D 449 16.75 43.00 -78.15
C SER D 449 17.79 42.89 -77.04
N PHE D 450 19.01 43.34 -77.34
CA PHE D 450 20.16 43.25 -76.45
C PHE D 450 20.86 44.60 -76.44
N VAL D 451 20.41 45.49 -75.56
CA VAL D 451 20.92 46.86 -75.53
C VAL D 451 22.34 46.90 -74.98
N GLY D 459 38.32 53.95 -64.52
CA GLY D 459 38.38 53.46 -63.16
C GLY D 459 39.75 53.55 -62.53
N LEU D 460 40.68 52.72 -63.00
CA LEU D 460 42.02 52.69 -62.44
C LEU D 460 42.72 54.04 -62.67
N SER D 461 43.48 54.47 -61.66
CA SER D 461 44.19 55.74 -61.74
C SER D 461 45.54 55.61 -61.04
N ILE D 462 46.38 56.63 -61.23
CA ILE D 462 47.79 56.53 -60.84
C ILE D 462 47.99 56.19 -59.36
N PRO D 463 47.36 56.89 -58.40
CA PRO D 463 47.61 56.55 -56.99
C PRO D 463 47.31 55.10 -56.67
N LEU D 464 46.24 54.55 -57.23
CA LEU D 464 45.98 53.11 -57.09
C LEU D 464 46.91 52.31 -57.98
N ARG D 465 47.17 52.78 -59.20
CA ARG D 465 48.08 52.10 -60.11
C ARG D 465 49.47 51.99 -59.51
N THR D 466 49.96 53.09 -58.92
CA THR D 466 51.29 53.07 -58.31
C THR D 466 51.37 52.10 -57.15
N ARG D 467 50.33 52.06 -56.31
CA ARG D 467 50.36 51.18 -55.14
C ARG D 467 50.40 49.71 -55.54
N ILE D 468 49.62 49.32 -56.55
CA ILE D 468 49.64 47.93 -57.01
C ILE D 468 51.02 47.60 -57.56
N LYS D 469 51.57 48.47 -58.41
CA LYS D 469 52.86 48.20 -59.03
C LYS D 469 53.98 48.07 -58.02
N TRP D 470 53.88 48.78 -56.90
CA TRP D 470 54.95 48.80 -55.93
C TRP D 470 55.15 47.44 -55.27
N LEU D 471 54.05 46.74 -54.96
CA LEU D 471 54.18 45.44 -54.32
C LEU D 471 54.84 44.40 -55.23
N LEU D 472 54.39 44.33 -56.49
CA LEU D 472 54.96 43.33 -57.40
C LEU D 472 56.39 43.66 -57.82
N SER D 473 56.87 44.86 -57.52
CA SER D 473 58.25 45.24 -57.85
C SER D 473 59.24 44.37 -57.08
N ASP E 2 23.22 -14.06 -59.20
CA ASP E 2 21.81 -14.11 -58.83
C ASP E 2 21.28 -12.81 -58.23
N PRO E 3 21.83 -12.34 -57.11
CA PRO E 3 21.24 -11.18 -56.44
C PRO E 3 21.38 -9.93 -57.29
N VAL E 4 20.43 -9.02 -57.09
CA VAL E 4 20.39 -7.75 -57.81
C VAL E 4 20.40 -6.63 -56.80
N TYR E 5 21.19 -5.59 -57.08
CA TYR E 5 21.44 -4.51 -56.14
C TYR E 5 20.84 -3.22 -56.68
N VAL E 6 20.16 -2.47 -55.81
CA VAL E 6 19.60 -1.17 -56.17
C VAL E 6 20.37 -0.08 -55.46
N ASP E 7 20.48 1.07 -56.12
CA ASP E 7 21.21 2.22 -55.59
C ASP E 7 20.33 3.12 -54.73
N ILE E 8 19.66 2.52 -53.74
CA ILE E 8 18.86 3.27 -52.77
C ILE E 8 19.28 2.85 -51.37
N ASP E 9 18.64 3.45 -50.37
CA ASP E 9 19.02 3.22 -48.97
C ASP E 9 18.47 1.88 -48.49
N ALA E 10 18.59 1.63 -47.19
CA ALA E 10 18.16 0.38 -46.59
C ALA E 10 17.07 0.53 -45.54
N ASP E 11 16.81 1.75 -45.06
CA ASP E 11 15.76 1.98 -44.09
C ASP E 11 14.51 2.59 -44.70
N SER E 12 14.49 2.82 -46.01
CA SER E 12 13.34 3.43 -46.66
C SER E 12 12.22 2.43 -46.85
N ALA E 13 10.99 2.95 -46.97
CA ALA E 13 9.83 2.11 -47.22
C ALA E 13 9.70 1.68 -48.67
N PHE E 14 10.41 2.33 -49.60
CA PHE E 14 10.31 1.96 -51.00
C PHE E 14 11.03 0.65 -51.31
N LEU E 15 11.95 0.22 -50.45
CA LEU E 15 12.65 -1.04 -50.67
C LEU E 15 11.68 -2.22 -50.63
N LYS E 16 10.76 -2.22 -49.67
CA LYS E 16 9.79 -3.31 -49.57
C LYS E 16 8.87 -3.32 -50.78
N ALA E 17 8.42 -2.15 -51.23
CA ALA E 17 7.55 -2.08 -52.40
C ALA E 17 8.28 -2.59 -53.64
N LEU E 18 9.54 -2.21 -53.80
CA LEU E 18 10.32 -2.72 -54.93
C LEU E 18 10.49 -4.23 -54.86
N GLN E 19 10.72 -4.76 -53.65
CA GLN E 19 10.81 -6.21 -53.48
C GLN E 19 9.53 -6.91 -53.91
N ARG E 20 8.39 -6.46 -53.38
CA ARG E 20 7.15 -7.16 -53.68
C ARG E 20 6.63 -6.88 -55.09
N ALA E 21 7.21 -5.91 -55.81
CA ALA E 21 6.86 -5.74 -57.21
C ALA E 21 7.65 -6.68 -58.11
N TYR E 22 8.82 -7.15 -57.66
CA TYR E 22 9.64 -8.10 -58.39
C TYR E 22 9.90 -9.29 -57.47
N PRO E 23 8.95 -10.24 -57.39
CA PRO E 23 9.05 -11.30 -56.38
C PRO E 23 9.96 -12.45 -56.76
N MET E 24 10.43 -12.49 -58.01
CA MET E 24 11.34 -13.49 -58.52
C MET E 24 12.79 -13.04 -58.52
N PHE E 25 13.09 -11.91 -57.89
CA PHE E 25 14.45 -11.42 -57.73
C PHE E 25 14.74 -11.33 -56.24
N GLU E 26 15.98 -10.97 -55.91
CA GLU E 26 16.40 -10.68 -54.54
C GLU E 26 17.09 -9.32 -54.57
N VAL E 27 16.31 -8.28 -54.36
CA VAL E 27 16.80 -6.91 -54.43
C VAL E 27 17.48 -6.57 -53.11
N GLU E 28 18.63 -5.90 -53.19
CA GLU E 28 19.39 -5.57 -52.01
C GLU E 28 19.85 -4.12 -52.02
N PRO E 29 19.88 -3.48 -50.85
CA PRO E 29 20.36 -2.10 -50.76
C PRO E 29 21.87 -2.00 -50.90
N ARG E 30 22.36 -1.08 -51.71
CA ARG E 30 23.78 -0.82 -51.78
C ARG E 30 24.05 0.67 -51.87
N ASP E 36 15.95 13.38 -55.70
CA ASP E 36 14.57 12.89 -55.73
C ASP E 36 14.27 12.18 -57.03
N HIS E 37 15.15 11.25 -57.42
CA HIS E 37 14.93 10.44 -58.62
C HIS E 37 15.40 9.01 -58.45
N ALA E 38 15.82 8.62 -57.23
CA ALA E 38 16.33 7.27 -57.04
C ALA E 38 15.23 6.23 -57.14
N ASN E 39 14.01 6.56 -56.69
CA ASN E 39 12.90 5.62 -56.78
C ASN E 39 12.60 5.27 -58.23
N ALA E 40 12.55 6.28 -59.10
CA ALA E 40 12.24 6.03 -60.50
C ALA E 40 13.39 5.32 -61.22
N ARG E 41 14.63 5.59 -60.81
CA ARG E 41 15.77 4.93 -61.44
C ARG E 41 15.69 3.42 -61.27
N ALA E 42 15.54 2.99 -60.01
CA ALA E 42 15.65 1.58 -59.68
C ALA E 42 14.55 0.76 -60.34
N PHE E 43 13.36 1.35 -60.47
CA PHE E 43 12.30 0.67 -61.20
C PHE E 43 12.71 0.46 -62.65
N SER E 44 13.36 1.45 -63.24
CA SER E 44 13.80 1.32 -64.63
C SER E 44 14.98 0.38 -64.76
N HIS E 45 15.83 0.30 -63.73
CA HIS E 45 16.94 -0.66 -63.75
C HIS E 45 16.44 -2.09 -63.73
N LEU E 46 15.50 -2.41 -62.83
CA LEU E 46 14.96 -3.77 -62.77
C LEU E 46 14.09 -4.10 -63.97
N ALA E 47 13.48 -3.11 -64.61
CA ALA E 47 12.65 -3.40 -65.77
C ALA E 47 13.48 -3.83 -66.97
N ILE E 48 14.64 -3.21 -67.16
CA ILE E 48 15.53 -3.61 -68.27
C ILE E 48 16.14 -4.96 -67.97
N LYS E 49 16.51 -5.23 -66.72
CA LYS E 49 17.06 -6.53 -66.37
C LYS E 49 16.06 -7.64 -66.65
N LEU E 50 14.78 -7.43 -66.32
CA LEU E 50 13.75 -8.42 -66.58
C LEU E 50 13.63 -8.74 -68.06
N ILE E 51 13.65 -7.71 -68.92
CA ILE E 51 13.43 -7.93 -70.34
C ILE E 51 14.54 -8.78 -70.92
N GLU E 52 15.79 -8.51 -70.52
CA GLU E 52 16.92 -9.31 -71.02
C GLU E 52 16.78 -10.77 -70.61
N GLN E 53 16.41 -11.02 -69.35
CA GLN E 53 16.19 -12.38 -68.89
C GLN E 53 15.02 -13.05 -69.62
N GLU E 54 14.13 -12.25 -70.21
CA GLU E 54 12.94 -12.76 -70.86
C GLU E 54 13.15 -13.11 -72.33
N ILE E 55 14.31 -12.79 -72.90
CA ILE E 55 14.55 -13.01 -74.33
C ILE E 55 15.88 -13.72 -74.52
N ASP E 56 15.94 -14.58 -75.53
CA ASP E 56 17.17 -15.27 -75.85
C ASP E 56 18.22 -14.29 -76.35
N PRO E 57 19.48 -14.44 -75.93
CA PRO E 57 20.53 -13.52 -76.39
C PRO E 57 20.79 -13.64 -77.89
N ASP E 58 21.71 -12.82 -78.40
CA ASP E 58 21.97 -12.72 -79.83
C ASP E 58 20.70 -12.34 -80.60
N SER E 59 19.94 -11.41 -80.03
CA SER E 59 18.74 -10.87 -80.65
C SER E 59 18.92 -9.38 -80.89
N THR E 60 18.39 -8.88 -82.00
CA THR E 60 18.50 -7.47 -82.34
C THR E 60 17.42 -6.68 -81.61
N ILE E 61 17.82 -5.69 -80.83
CA ILE E 61 16.92 -4.93 -79.97
C ILE E 61 16.88 -3.49 -80.46
N LEU E 62 15.70 -2.99 -80.79
CA LEU E 62 15.51 -1.59 -81.11
C LEU E 62 15.31 -0.77 -79.84
N ASP E 63 15.61 0.52 -79.93
CA ASP E 63 15.34 1.48 -78.85
C ASP E 63 14.70 2.72 -79.45
N ILE E 64 13.40 2.89 -79.23
CA ILE E 64 12.68 4.03 -79.76
C ILE E 64 12.90 5.23 -78.86
N GLY E 65 13.34 6.35 -79.45
CA GLY E 65 13.58 7.59 -78.73
C GLY E 65 14.46 7.40 -77.52
N SER E 66 15.73 7.06 -77.74
CA SER E 66 16.62 6.62 -76.68
C SER E 66 17.71 7.64 -76.42
N ALA E 67 18.48 7.37 -75.35
CA ALA E 67 19.72 8.09 -75.05
C ALA E 67 20.84 7.07 -75.10
N PRO E 68 21.65 7.04 -76.17
CA PRO E 68 22.56 5.91 -76.39
C PRO E 68 23.58 5.71 -75.28
N ALA E 69 23.88 6.74 -74.48
CA ALA E 69 24.87 6.59 -73.43
C ALA E 69 24.48 5.56 -72.37
N ARG E 70 23.20 5.19 -72.30
CA ARG E 70 22.78 4.19 -71.32
C ARG E 70 22.95 2.77 -71.84
N ARG E 71 22.84 2.57 -73.15
CA ARG E 71 22.98 1.24 -73.76
C ARG E 71 24.41 0.94 -74.20
N MET E 72 25.35 1.84 -73.95
CA MET E 72 26.70 1.68 -74.50
C MET E 72 27.42 0.48 -73.88
N MET E 73 27.26 0.26 -72.58
CA MET E 73 28.04 -0.75 -71.85
C MET E 73 27.28 -2.05 -71.66
N SER E 74 26.45 -2.45 -72.62
CA SER E 74 25.66 -3.68 -72.51
C SER E 74 25.99 -4.62 -73.66
N ASP E 75 25.94 -5.91 -73.37
CA ASP E 75 26.32 -6.96 -74.33
C ASP E 75 25.13 -7.47 -75.12
N ARG E 76 24.38 -6.56 -75.74
CA ARG E 76 23.22 -6.95 -76.55
C ARG E 76 23.19 -6.09 -77.81
N LYS E 77 22.53 -6.62 -78.83
CA LYS E 77 22.46 -5.97 -80.14
C LYS E 77 21.46 -4.83 -80.09
N TYR E 78 21.89 -3.72 -79.49
CA TYR E 78 21.07 -2.52 -79.37
C TYR E 78 21.26 -1.64 -80.61
N HIS E 79 20.15 -1.17 -81.17
CA HIS E 79 20.16 -0.22 -82.28
C HIS E 79 19.39 1.03 -81.84
N CYS E 80 20.12 2.04 -81.38
CA CYS E 80 19.49 3.23 -80.82
C CYS E 80 18.96 4.14 -81.92
N VAL E 81 17.78 4.71 -81.67
CA VAL E 81 17.11 5.61 -82.61
C VAL E 81 16.98 6.96 -81.93
N CYS E 82 17.55 8.00 -82.54
CA CYS E 82 17.70 9.31 -81.89
C CYS E 82 17.36 10.44 -82.84
N PRO E 83 16.08 10.74 -83.03
CA PRO E 83 15.69 11.93 -83.78
C PRO E 83 15.88 13.20 -82.95
N MET E 84 15.98 14.32 -83.66
CA MET E 84 16.14 15.63 -83.03
C MET E 84 14.77 16.27 -82.86
N ARG E 85 14.07 15.86 -81.82
CA ARG E 85 12.71 16.31 -81.54
C ARG E 85 12.61 17.32 -80.41
N SER E 86 13.52 17.27 -79.43
CA SER E 86 13.44 18.15 -78.27
C SER E 86 14.78 18.83 -78.04
N ALA E 87 14.74 19.89 -77.24
CA ALA E 87 15.91 20.69 -76.95
C ALA E 87 16.96 19.95 -76.13
N GLU E 88 16.61 18.82 -75.53
CA GLU E 88 17.55 18.02 -74.75
C GLU E 88 18.25 16.95 -75.58
N ASP E 89 17.92 16.82 -76.86
CA ASP E 89 18.45 15.74 -77.68
C ASP E 89 19.93 15.95 -78.04
N PRO E 90 20.35 17.13 -78.53
CA PRO E 90 21.77 17.31 -78.82
C PRO E 90 22.68 17.11 -77.62
N GLU E 91 22.20 17.37 -76.41
CA GLU E 91 22.98 17.06 -75.22
C GLU E 91 23.16 15.54 -75.08
N ARG E 92 22.12 14.78 -75.38
CA ARG E 92 22.22 13.32 -75.35
C ARG E 92 23.24 12.82 -76.37
N LEU E 93 23.22 13.38 -77.58
CA LEU E 93 24.18 13.00 -78.60
C LEU E 93 25.60 13.36 -78.20
N ALA E 94 25.79 14.57 -77.65
CA ALA E 94 27.12 15.02 -77.29
C ALA E 94 27.70 14.21 -76.14
N ASN E 95 26.85 13.79 -75.21
CA ASN E 95 27.34 12.99 -74.09
C ASN E 95 27.82 11.62 -74.57
N TYR E 96 27.15 11.06 -75.57
CA TYR E 96 27.58 9.80 -76.16
C TYR E 96 28.96 9.95 -76.79
N ALA E 97 29.17 11.03 -77.55
CA ALA E 97 30.44 11.24 -78.24
C ALA E 97 31.59 11.40 -77.27
N ARG E 98 31.32 11.77 -76.01
CA ARG E 98 32.38 11.94 -75.03
C ARG E 98 32.78 10.59 -74.43
N LYS E 99 31.80 9.86 -73.88
CA LYS E 99 32.09 8.58 -73.25
C LYS E 99 32.70 7.59 -74.24
N LEU E 100 32.39 7.73 -75.53
CA LEU E 100 33.01 6.88 -76.53
C LEU E 100 34.50 7.16 -76.63
N ALA E 101 34.88 8.43 -76.79
CA ALA E 101 36.29 8.79 -76.79
C ALA E 101 36.92 8.54 -75.43
N SER E 102 36.22 8.89 -74.35
CA SER E 102 36.80 8.78 -73.02
C SER E 102 37.03 7.35 -72.59
N ALA E 103 36.46 6.37 -73.30
CA ALA E 103 36.67 4.96 -73.01
C ALA E 103 36.93 4.20 -74.31
N ALA E 104 37.81 4.75 -75.14
CA ALA E 104 38.10 4.16 -76.45
C ALA E 104 39.21 3.12 -76.42
N GLY E 105 39.88 2.93 -75.29
CA GLY E 105 40.94 1.94 -75.23
C GLY E 105 41.07 1.21 -73.91
N LYS E 106 40.13 1.42 -73.00
CA LYS E 106 40.24 0.88 -71.65
C LYS E 106 39.44 -0.39 -71.44
N VAL E 107 38.75 -0.90 -72.46
CA VAL E 107 37.98 -2.13 -72.36
C VAL E 107 38.21 -2.95 -73.62
N LEU E 108 38.46 -4.26 -73.45
CA LEU E 108 38.74 -5.15 -74.56
C LEU E 108 37.77 -6.33 -74.58
N ASP E 109 36.59 -6.16 -74.01
CA ASP E 109 35.58 -7.21 -73.98
C ASP E 109 34.34 -6.85 -74.78
N ARG E 110 33.71 -5.71 -74.48
CA ARG E 110 32.53 -5.27 -75.22
C ARG E 110 32.96 -4.40 -76.38
N ASN E 111 32.22 -4.51 -77.49
CA ASN E 111 32.52 -3.72 -78.68
C ASN E 111 32.42 -2.24 -78.36
N ILE E 112 33.53 -1.52 -78.54
CA ILE E 112 33.53 -0.08 -78.28
C ILE E 112 34.03 0.66 -79.51
N SER E 113 34.91 0.01 -80.28
CA SER E 113 35.44 0.66 -81.48
C SER E 113 34.44 0.66 -82.63
N GLY E 114 33.59 -0.37 -82.70
CA GLY E 114 32.57 -0.40 -83.73
C GLY E 114 31.53 0.69 -83.55
N LYS E 115 31.20 1.02 -82.30
CA LYS E 115 30.25 2.11 -82.06
C LYS E 115 30.84 3.46 -82.45
N ILE E 116 32.16 3.63 -82.27
CA ILE E 116 32.82 4.86 -82.68
C ILE E 116 32.71 5.04 -84.20
N GLY E 117 32.94 3.97 -84.95
CA GLY E 117 32.88 4.07 -86.40
C GLY E 117 31.49 4.38 -86.92
N ASP E 118 30.46 3.83 -86.27
CA ASP E 118 29.09 4.09 -86.70
C ASP E 118 28.72 5.56 -86.55
N LEU E 119 29.12 6.18 -85.43
CA LEU E 119 28.80 7.58 -85.21
C LEU E 119 29.43 8.48 -86.27
N GLN E 120 30.74 8.33 -86.48
CA GLN E 120 31.42 9.19 -87.45
C GLN E 120 31.02 8.89 -88.88
N ALA E 121 30.44 7.72 -89.15
CA ALA E 121 29.84 7.48 -90.46
C ALA E 121 28.55 8.26 -90.62
N VAL E 122 27.69 8.25 -89.60
CA VAL E 122 26.45 9.03 -89.65
C VAL E 122 26.77 10.52 -89.58
N MET E 123 27.80 10.89 -88.82
CA MET E 123 28.22 12.30 -88.80
C MET E 123 28.62 12.77 -90.18
N ALA E 124 29.42 11.98 -90.89
CA ALA E 124 29.79 12.31 -92.26
C ALA E 124 28.57 12.27 -93.18
N VAL E 125 27.84 11.16 -93.15
CA VAL E 125 26.65 10.97 -94.00
C VAL E 125 25.43 10.92 -93.11
N PRO E 126 24.64 12.00 -93.03
CA PRO E 126 23.59 12.11 -92.02
C PRO E 126 22.32 11.34 -92.34
N ASP E 127 22.29 10.53 -93.39
CA ASP E 127 21.10 9.75 -93.75
C ASP E 127 21.50 8.33 -94.09
N THR E 128 22.34 7.72 -93.25
CA THR E 128 22.77 6.35 -93.42
C THR E 128 22.28 5.52 -92.23
N GLU E 129 21.71 4.35 -92.53
CA GLU E 129 21.30 3.43 -91.48
C GLU E 129 22.46 2.52 -91.13
N THR E 130 22.80 2.47 -89.85
CA THR E 130 23.97 1.79 -89.34
C THR E 130 23.55 0.80 -88.27
N PRO E 131 24.39 -0.18 -87.95
CA PRO E 131 23.97 -1.20 -86.97
C PRO E 131 23.60 -0.66 -85.60
N THR E 132 24.28 0.38 -85.10
CA THR E 132 24.07 0.83 -83.72
C THR E 132 23.68 2.30 -83.61
N PHE E 133 23.15 2.90 -84.67
CA PHE E 133 22.79 4.31 -84.63
C PHE E 133 22.01 4.67 -85.88
N CYS E 134 21.16 5.67 -85.74
CA CYS E 134 20.46 6.31 -86.85
C CYS E 134 19.85 7.61 -86.32
N LEU E 135 19.41 8.45 -87.23
CA LEU E 135 18.89 9.78 -86.92
C LEU E 135 17.48 9.94 -87.48
N HIS E 136 16.68 8.91 -87.33
CA HIS E 136 15.31 8.91 -87.83
C HIS E 136 14.33 8.84 -86.68
N THR E 137 13.05 8.95 -87.01
CA THR E 137 11.98 8.77 -86.04
C THR E 137 11.73 7.27 -85.85
N ASP E 138 10.61 6.93 -85.23
CA ASP E 138 10.19 5.54 -85.14
C ASP E 138 9.41 5.07 -86.36
N VAL E 139 8.91 5.99 -87.19
CA VAL E 139 8.14 5.65 -88.37
C VAL E 139 9.03 5.56 -89.61
N SER E 140 10.00 6.47 -89.75
CA SER E 140 10.81 6.55 -90.96
C SER E 140 12.03 5.65 -90.95
N CYS E 141 12.40 5.08 -89.80
CA CYS E 141 13.53 4.16 -89.77
C CYS E 141 13.20 2.91 -90.57
N ARG E 142 14.22 2.33 -91.21
CA ARG E 142 14.03 1.23 -92.14
C ARG E 142 14.80 -0.02 -91.76
N GLN E 143 15.47 -0.03 -90.61
CA GLN E 143 16.19 -1.21 -90.16
C GLN E 143 15.21 -2.29 -89.70
N ARG E 144 15.48 -3.54 -90.07
CA ARG E 144 14.65 -4.66 -89.65
C ARG E 144 15.16 -5.25 -88.34
N ALA E 145 14.22 -5.69 -87.51
CA ALA E 145 14.55 -6.29 -86.22
C ALA E 145 13.39 -7.19 -85.79
N ASP E 146 13.44 -7.65 -84.53
CA ASP E 146 12.38 -8.49 -83.98
C ASP E 146 11.85 -8.06 -82.63
N VAL E 147 12.60 -7.25 -81.86
CA VAL E 147 12.20 -6.81 -80.53
C VAL E 147 12.37 -5.30 -80.44
N ALA E 148 11.37 -4.62 -79.91
CA ALA E 148 11.39 -3.18 -79.71
C ALA E 148 11.18 -2.86 -78.23
N ILE E 149 11.71 -1.72 -77.79
CA ILE E 149 11.59 -1.29 -76.41
C ILE E 149 11.30 0.21 -76.39
N TYR E 150 10.40 0.63 -75.51
CA TYR E 150 10.07 2.03 -75.29
C TYR E 150 10.33 2.37 -73.83
N GLN E 151 10.88 3.57 -73.59
CA GLN E 151 11.03 4.06 -72.23
C GLN E 151 10.60 5.51 -72.18
N ASP E 152 9.64 5.81 -71.31
CA ASP E 152 9.14 7.17 -71.09
C ASP E 152 8.76 7.84 -72.40
N VAL E 153 8.09 7.09 -73.26
CA VAL E 153 7.64 7.58 -74.56
C VAL E 153 6.15 7.88 -74.43
N TYR E 154 5.79 9.16 -74.37
CA TYR E 154 4.41 9.56 -74.16
C TYR E 154 3.83 10.34 -75.33
N ALA E 155 4.61 10.64 -76.36
CA ALA E 155 4.18 11.54 -77.42
C ALA E 155 4.08 10.86 -78.78
N VAL E 156 3.61 9.61 -78.82
CA VAL E 156 3.38 8.92 -80.08
C VAL E 156 2.07 8.15 -79.99
N HIS E 157 1.41 8.03 -81.14
CA HIS E 157 0.20 7.22 -81.25
C HIS E 157 0.57 5.74 -81.24
N ALA E 158 0.04 5.00 -80.26
CA ALA E 158 0.48 3.62 -80.07
C ALA E 158 0.13 2.70 -81.25
N PRO E 159 -1.11 2.66 -81.75
CA PRO E 159 -1.38 1.76 -82.90
C PRO E 159 -0.58 2.09 -84.13
N THR E 160 -0.32 3.38 -84.41
CA THR E 160 0.45 3.74 -85.59
C THR E 160 1.92 3.37 -85.42
N SER E 161 2.49 3.63 -84.24
CA SER E 161 3.87 3.25 -84.00
C SER E 161 4.04 1.73 -84.04
N LEU E 162 3.12 0.99 -83.43
CA LEU E 162 3.25 -0.46 -83.35
C LEU E 162 3.08 -1.13 -84.71
N TYR E 163 2.28 -0.56 -85.61
CA TYR E 163 2.18 -1.11 -86.96
C TYR E 163 3.54 -1.07 -87.65
N HIS E 164 4.22 0.08 -87.59
CA HIS E 164 5.46 0.23 -88.36
C HIS E 164 6.59 -0.62 -87.82
N GLN E 165 6.49 -1.12 -86.60
CA GLN E 165 7.46 -2.10 -86.14
C GLN E 165 7.10 -3.50 -86.59
N ALA E 166 5.82 -3.75 -86.89
CA ALA E 166 5.37 -5.08 -87.28
C ALA E 166 5.85 -5.47 -88.66
N ILE E 167 5.68 -4.60 -89.64
CA ILE E 167 6.01 -4.91 -91.03
C ILE E 167 7.52 -4.92 -91.24
N LYS E 168 8.27 -4.70 -90.17
CA LYS E 168 9.73 -4.86 -90.19
C LYS E 168 10.17 -6.04 -89.33
N GLY E 169 9.24 -6.92 -88.97
CA GLY E 169 9.57 -8.19 -88.35
C GLY E 169 9.61 -8.21 -86.83
N VAL E 170 9.12 -7.18 -86.16
CA VAL E 170 9.13 -7.17 -84.69
C VAL E 170 7.94 -7.98 -84.18
N ARG E 171 8.21 -8.90 -83.25
CA ARG E 171 7.18 -9.73 -82.65
C ARG E 171 6.89 -9.40 -81.20
N LEU E 172 7.81 -8.72 -80.51
CA LEU E 172 7.71 -8.53 -79.06
C LEU E 172 8.11 -7.11 -78.74
N ALA E 173 7.26 -6.38 -78.03
CA ALA E 173 7.50 -4.99 -77.66
C ALA E 173 7.22 -4.79 -76.17
N TYR E 174 7.95 -3.86 -75.56
CA TYR E 174 7.69 -3.46 -74.19
C TYR E 174 7.51 -1.95 -74.09
N TRP E 175 6.96 -1.52 -72.96
CA TRP E 175 6.65 -0.12 -72.69
C TRP E 175 6.75 0.10 -71.19
N VAL E 176 7.61 1.03 -70.80
CA VAL E 176 7.79 1.42 -69.39
C VAL E 176 7.34 2.87 -69.24
N GLY E 177 6.64 3.17 -68.15
CA GLY E 177 6.16 4.51 -67.94
C GLY E 177 5.11 4.58 -66.85
N PHE E 178 4.49 5.75 -66.76
CA PHE E 178 3.46 6.00 -65.76
C PHE E 178 2.15 5.30 -66.12
N ASP E 179 1.42 4.88 -65.09
CA ASP E 179 0.11 4.26 -65.26
C ASP E 179 -0.86 5.21 -65.95
N THR E 180 -1.61 4.67 -66.91
CA THR E 180 -2.54 5.45 -67.72
C THR E 180 -3.97 5.48 -67.18
N THR E 181 -4.22 4.80 -66.06
CA THR E 181 -5.58 4.73 -65.51
C THR E 181 -6.17 6.09 -65.12
N PRO E 182 -5.44 7.02 -64.49
CA PRO E 182 -6.08 8.31 -64.15
C PRO E 182 -6.57 9.09 -65.36
N PHE E 183 -5.97 8.93 -66.53
CA PHE E 183 -6.43 9.63 -67.71
C PHE E 183 -7.60 8.93 -68.41
N MET E 184 -7.89 7.68 -68.04
CA MET E 184 -9.11 7.04 -68.54
C MET E 184 -10.31 7.39 -67.68
N TYR E 185 -10.10 7.73 -66.41
CA TYR E 185 -11.15 8.26 -65.55
C TYR E 185 -11.39 9.75 -65.77
N ASN E 186 -10.52 10.43 -66.53
CA ASN E 186 -10.72 11.83 -66.95
C ASN E 186 -10.64 12.82 -65.78
N ALA E 187 -9.63 12.66 -64.92
CA ALA E 187 -9.43 13.59 -63.81
C ALA E 187 -8.80 14.89 -64.28
N MET E 188 -9.03 15.97 -63.51
CA MET E 188 -8.46 17.26 -63.87
C MET E 188 -7.04 17.46 -63.34
N ALA E 189 -6.67 16.83 -62.22
CA ALA E 189 -5.32 16.91 -61.69
C ALA E 189 -5.06 15.68 -60.83
N GLY E 190 -3.80 15.44 -60.49
CA GLY E 190 -3.49 14.28 -59.68
C GLY E 190 -2.03 14.23 -59.28
N ALA E 191 -1.69 13.18 -58.54
CA ALA E 191 -0.36 12.99 -57.98
C ALA E 191 0.12 11.55 -58.18
N TYR E 192 1.44 11.39 -58.22
CA TYR E 192 2.12 10.11 -58.14
C TYR E 192 3.12 10.22 -56.99
N PRO E 193 2.64 10.19 -55.74
CA PRO E 193 3.46 10.70 -54.62
C PRO E 193 4.78 9.96 -54.38
N SER E 194 4.90 8.69 -54.75
CA SER E 194 6.14 7.97 -54.49
C SER E 194 7.25 8.30 -55.48
N TYR E 195 6.94 8.99 -56.57
CA TYR E 195 7.95 9.34 -57.57
C TYR E 195 8.14 10.86 -57.68
N SER E 196 7.71 11.61 -56.66
CA SER E 196 7.90 13.07 -56.60
C SER E 196 7.28 13.78 -57.81
N THR E 197 6.09 13.36 -58.22
CA THR E 197 5.47 13.87 -59.43
C THR E 197 4.08 14.42 -59.13
N ASN E 198 3.77 15.58 -59.71
CA ASN E 198 2.43 16.14 -59.76
C ASN E 198 2.13 16.55 -61.20
N TRP E 199 0.86 16.50 -61.58
CA TRP E 199 0.44 16.90 -62.91
C TRP E 199 -0.87 17.67 -62.78
N ALA E 200 -1.14 18.51 -63.78
CA ALA E 200 -2.38 19.28 -63.76
C ALA E 200 -2.75 19.71 -65.17
N ASP E 201 -4.05 19.94 -65.35
CA ASP E 201 -4.58 20.56 -66.56
C ASP E 201 -4.19 22.04 -66.63
N GLU E 202 -4.01 22.53 -67.86
CA GLU E 202 -3.68 23.94 -68.09
C GLU E 202 -4.66 24.89 -67.42
N GLN E 203 -5.94 24.52 -67.38
CA GLN E 203 -6.98 25.42 -66.92
C GLN E 203 -6.94 25.68 -65.41
N VAL E 204 -6.23 24.88 -64.63
CA VAL E 204 -6.26 25.01 -63.17
C VAL E 204 -4.86 25.33 -62.60
N LEU E 205 -3.95 25.83 -63.44
CA LEU E 205 -2.61 26.18 -62.95
C LEU E 205 -2.60 27.33 -61.96
N LYS E 206 -3.67 28.12 -61.87
CA LYS E 206 -3.77 29.22 -60.92
C LYS E 206 -4.65 28.89 -59.72
N ALA E 207 -4.71 27.62 -59.34
CA ALA E 207 -5.42 27.20 -58.15
C ALA E 207 -4.56 27.48 -56.91
N LYS E 208 -5.03 27.04 -55.76
CA LYS E 208 -4.39 27.36 -54.49
C LYS E 208 -3.88 26.14 -53.73
N ASN E 209 -4.60 25.01 -53.73
CA ASN E 209 -4.29 23.93 -52.80
C ASN E 209 -4.07 22.58 -53.47
N ILE E 210 -3.66 22.54 -54.74
CA ILE E 210 -3.27 21.28 -55.38
C ILE E 210 -1.74 21.24 -55.45
N GLY E 211 -1.23 20.11 -55.93
CA GLY E 211 0.22 19.89 -55.92
C GLY E 211 1.00 20.83 -56.82
N LEU E 212 0.46 21.20 -57.97
CA LEU E 212 1.17 22.00 -58.97
C LEU E 212 0.33 23.22 -59.36
N CYS E 213 0.58 24.35 -58.70
CA CYS E 213 -0.22 25.55 -58.90
C CYS E 213 0.51 26.75 -58.31
N SER E 214 -0.05 27.94 -58.54
CA SER E 214 0.51 29.19 -58.01
C SER E 214 -0.55 30.28 -58.10
N THR E 215 -0.77 31.01 -57.00
CA THR E 215 -1.79 32.05 -56.98
C THR E 215 -1.25 33.28 -56.23
N ASP E 216 -2.12 34.27 -56.03
CA ASP E 216 -1.76 35.59 -55.51
C ASP E 216 -2.58 35.95 -54.28
N LEU E 217 -2.11 36.97 -53.55
CA LEU E 217 -2.85 37.56 -52.44
C LEU E 217 -3.78 38.65 -52.97
N THR E 218 -5.00 38.70 -52.44
CA THR E 218 -5.99 39.63 -52.96
C THR E 218 -7.03 39.93 -51.88
N GLU E 219 -7.72 41.06 -52.05
CA GLU E 219 -8.81 41.43 -51.15
C GLU E 219 -10.17 40.98 -51.68
N GLY E 220 -10.38 40.98 -52.98
CA GLY E 220 -11.59 40.44 -53.55
C GLY E 220 -12.69 41.44 -53.84
N ARG E 221 -13.26 41.38 -55.03
CA ARG E 221 -14.36 42.25 -55.41
C ARG E 221 -15.68 41.50 -55.38
N ARG E 222 -16.76 42.25 -55.15
CA ARG E 222 -18.11 41.71 -55.26
C ARG E 222 -18.65 41.79 -56.68
N GLY E 223 -17.89 42.36 -57.61
CA GLY E 223 -18.26 42.39 -59.01
C GLY E 223 -17.06 42.48 -59.92
N LYS E 224 -16.95 41.54 -60.86
CA LYS E 224 -15.88 41.51 -61.86
C LYS E 224 -16.53 41.23 -63.21
N LEU E 225 -16.96 42.29 -63.89
CA LEU E 225 -17.67 42.14 -65.15
C LEU E 225 -16.75 41.56 -66.22
N SER E 226 -17.33 40.72 -67.08
CA SER E 226 -16.63 40.21 -68.25
C SER E 226 -17.57 40.24 -69.44
N ILE E 227 -17.00 40.34 -70.64
CA ILE E 227 -17.81 40.25 -71.85
C ILE E 227 -17.82 38.81 -72.36
N MET E 228 -16.80 38.03 -72.02
CA MET E 228 -16.74 36.64 -72.44
C MET E 228 -17.19 35.75 -71.28
N ARG E 229 -18.14 34.86 -71.55
CA ARG E 229 -18.72 33.97 -70.55
C ARG E 229 -18.34 32.53 -70.90
N GLY E 230 -17.59 31.90 -70.01
CA GLY E 230 -17.27 30.48 -70.16
C GLY E 230 -18.37 29.57 -69.64
N LYS E 231 -18.59 29.60 -68.32
CA LYS E 231 -19.61 28.79 -67.64
C LYS E 231 -19.42 27.29 -67.86
N LYS E 232 -18.25 26.86 -68.34
CA LYS E 232 -18.00 25.45 -68.57
C LYS E 232 -16.53 25.16 -68.28
N LEU E 233 -16.28 24.25 -67.34
CA LEU E 233 -14.93 23.88 -66.92
C LEU E 233 -14.79 22.36 -67.04
N GLU E 234 -14.14 21.90 -68.10
CA GLU E 234 -13.95 20.49 -68.40
C GLU E 234 -12.52 20.23 -68.88
N PRO E 235 -12.03 19.01 -68.71
CA PRO E 235 -10.66 18.70 -69.15
C PRO E 235 -10.47 18.98 -70.63
N CYS E 236 -9.29 19.50 -70.96
N CYS E 236 -9.30 19.49 -70.96
CA CYS E 236 -8.86 19.78 -72.31
CA CYS E 236 -8.90 19.70 -72.34
C CYS E 236 -7.60 18.98 -72.59
C CYS E 236 -7.60 18.96 -72.60
N ASP E 237 -7.12 19.05 -73.83
CA ASP E 237 -6.08 18.12 -74.27
C ASP E 237 -4.74 18.32 -73.56
N ARG E 238 -4.32 19.56 -73.32
CA ARG E 238 -2.94 19.82 -72.89
C ARG E 238 -2.81 19.73 -71.38
N VAL E 239 -1.77 19.01 -70.92
CA VAL E 239 -1.52 18.69 -69.53
C VAL E 239 -0.04 18.91 -69.24
N LEU E 240 0.28 19.33 -68.02
CA LEU E 240 1.65 19.60 -67.61
C LEU E 240 2.10 18.63 -66.52
N PHE E 241 3.27 18.03 -66.71
CA PHE E 241 3.87 17.12 -65.74
C PHE E 241 5.07 17.78 -65.09
N SER E 242 5.26 17.53 -63.79
CA SER E 242 6.42 18.03 -63.06
C SER E 242 7.06 16.87 -62.30
N VAL E 243 8.15 16.34 -62.82
CA VAL E 243 8.89 15.25 -62.18
C VAL E 243 10.04 15.90 -61.43
N GLY E 244 9.95 15.94 -60.11
CA GLY E 244 10.82 16.79 -59.33
C GLY E 244 10.64 18.24 -59.73
N SER E 245 11.68 18.84 -60.31
CA SER E 245 11.60 20.20 -60.84
C SER E 245 11.74 20.26 -62.35
N THR E 246 11.62 19.13 -63.05
CA THR E 246 11.66 19.10 -64.51
C THR E 246 10.24 19.12 -65.06
N LEU E 247 10.01 19.96 -66.07
CA LEU E 247 8.69 20.14 -66.63
C LEU E 247 8.55 19.41 -67.97
N TYR E 248 7.39 18.80 -68.19
CA TYR E 248 7.05 18.07 -69.43
C TYR E 248 5.61 18.38 -69.82
N PRO E 249 5.38 18.93 -71.01
CA PRO E 249 4.00 18.98 -71.53
C PRO E 249 3.62 17.72 -72.30
N GLU E 250 2.37 17.28 -72.12
CA GLU E 250 1.88 16.06 -72.76
C GLU E 250 0.46 16.28 -73.29
N SER E 251 -0.04 15.27 -73.99
CA SER E 251 -1.36 15.27 -74.59
C SER E 251 -2.22 14.15 -74.01
N ARG E 252 -3.50 14.45 -73.76
CA ARG E 252 -4.42 13.42 -73.24
C ARG E 252 -4.63 12.31 -74.26
N LYS E 253 -4.79 12.66 -75.54
CA LYS E 253 -5.11 11.66 -76.56
C LYS E 253 -3.99 10.64 -76.73
N LEU E 254 -2.74 11.11 -76.71
CA LEU E 254 -1.62 10.19 -76.88
C LEU E 254 -1.35 9.37 -75.64
N LEU E 255 -1.67 9.89 -74.45
CA LEU E 255 -1.53 9.10 -73.24
C LEU E 255 -2.58 7.99 -73.17
N LYS E 256 -3.81 8.29 -73.57
CA LYS E 256 -4.89 7.32 -73.52
C LYS E 256 -4.71 6.20 -74.54
N SER E 257 -3.97 6.44 -75.62
CA SER E 257 -3.80 5.45 -76.66
C SER E 257 -2.87 4.31 -76.26
N TRP E 258 -2.14 4.44 -75.16
CA TRP E 258 -1.36 3.33 -74.63
C TRP E 258 -2.12 2.52 -73.58
N HIS E 259 -3.41 2.82 -73.37
CA HIS E 259 -4.29 2.01 -72.53
C HIS E 259 -5.06 1.05 -73.43
N LEU E 260 -4.36 -0.04 -73.84
CA LEU E 260 -4.74 -1.02 -74.85
C LEU E 260 -5.52 -2.18 -74.25
N PRO E 261 -6.44 -2.77 -75.02
CA PRO E 261 -7.23 -3.90 -74.51
C PRO E 261 -6.45 -5.21 -74.56
N SER E 262 -7.10 -6.28 -74.11
CA SER E 262 -6.48 -7.60 -74.07
C SER E 262 -6.16 -8.10 -75.48
N VAL E 263 -7.05 -7.89 -76.43
CA VAL E 263 -6.88 -8.37 -77.80
C VAL E 263 -7.29 -7.25 -78.76
N PHE E 264 -6.45 -7.00 -79.77
CA PHE E 264 -6.79 -6.01 -80.79
C PHE E 264 -6.14 -6.42 -82.10
N HIS E 265 -6.72 -5.95 -83.21
CA HIS E 265 -6.28 -6.27 -84.56
C HIS E 265 -5.76 -5.03 -85.28
N LEU E 266 -4.66 -5.18 -86.00
CA LEU E 266 -4.12 -4.15 -86.87
C LEU E 266 -4.36 -4.55 -88.32
N LYS E 267 -5.11 -3.75 -89.05
CA LYS E 267 -5.56 -4.09 -90.41
C LYS E 267 -4.94 -3.12 -91.42
N GLY E 268 -3.79 -3.48 -91.96
CA GLY E 268 -3.18 -2.71 -93.03
C GLY E 268 -2.94 -3.54 -94.27
N LYS E 269 -1.85 -3.28 -94.98
CA LYS E 269 -1.43 -4.16 -96.06
C LYS E 269 -0.86 -5.47 -95.54
N LEU E 270 -0.64 -5.58 -94.24
CA LEU E 270 -0.23 -6.83 -93.60
C LEU E 270 -0.96 -6.89 -92.26
N SER E 271 -1.91 -7.82 -92.15
CA SER E 271 -2.76 -7.89 -90.97
C SER E 271 -2.03 -8.56 -89.82
N PHE E 272 -2.35 -8.11 -88.60
CA PHE E 272 -1.75 -8.65 -87.38
C PHE E 272 -2.80 -8.81 -86.31
N THR E 273 -2.51 -9.68 -85.34
CA THR E 273 -3.35 -9.94 -84.18
C THR E 273 -2.48 -9.81 -82.94
N CYS E 274 -2.93 -9.02 -81.96
CA CYS E 274 -2.05 -8.57 -80.90
C CYS E 274 -2.69 -8.72 -79.53
N ARG E 275 -1.82 -8.91 -78.52
CA ARG E 275 -2.19 -9.02 -77.13
C ARG E 275 -1.42 -7.98 -76.30
N CYS E 276 -1.98 -7.61 -75.16
CA CYS E 276 -1.35 -6.65 -74.26
C CYS E 276 -1.58 -7.10 -72.81
N ASP E 277 -0.49 -7.34 -72.08
CA ASP E 277 -0.56 -7.72 -70.68
C ASP E 277 0.34 -6.81 -69.84
N THR E 278 -0.06 -6.61 -68.59
CA THR E 278 0.71 -5.82 -67.64
C THR E 278 1.50 -6.77 -66.75
N VAL E 279 2.82 -6.61 -66.74
CA VAL E 279 3.73 -7.57 -66.14
C VAL E 279 4.26 -7.11 -64.79
N VAL E 280 4.49 -5.81 -64.62
CA VAL E 280 4.94 -5.25 -63.35
C VAL E 280 4.05 -4.07 -63.02
N SER E 281 3.93 -3.76 -61.72
CA SER E 281 3.08 -2.67 -61.27
C SER E 281 3.53 -2.27 -59.86
N CYS E 282 3.98 -1.02 -59.71
CA CYS E 282 4.50 -0.54 -58.43
C CYS E 282 4.11 0.91 -58.21
N GLU E 283 3.00 1.12 -57.50
CA GLU E 283 2.58 2.43 -56.96
C GLU E 283 2.40 3.51 -58.02
N GLY E 284 2.06 3.14 -59.24
CA GLY E 284 1.86 4.10 -60.32
C GLY E 284 2.82 3.98 -61.48
N TYR E 285 3.75 3.03 -61.46
CA TYR E 285 4.69 2.83 -62.56
C TYR E 285 4.53 1.40 -63.04
N VAL E 286 4.45 1.19 -64.35
CA VAL E 286 4.12 -0.13 -64.89
C VAL E 286 5.06 -0.55 -66.01
N VAL E 287 5.09 -1.85 -66.27
CA VAL E 287 5.72 -2.45 -67.44
C VAL E 287 4.66 -3.23 -68.20
N LYS E 288 4.51 -2.94 -69.49
CA LYS E 288 3.60 -3.67 -70.36
C LYS E 288 4.38 -4.52 -71.36
N ARG E 289 3.74 -5.60 -71.81
CA ARG E 289 4.31 -6.49 -72.81
C ARG E 289 3.29 -6.73 -73.91
N ILE E 290 3.71 -6.55 -75.16
CA ILE E 290 2.82 -6.67 -76.31
C ILE E 290 3.41 -7.71 -77.27
N THR E 291 2.70 -8.81 -77.48
CA THR E 291 3.06 -9.80 -78.47
C THR E 291 2.23 -9.57 -79.73
N MET E 292 2.82 -9.89 -80.88
CA MET E 292 2.20 -9.61 -82.16
C MET E 292 2.49 -10.78 -83.10
N SER E 293 1.59 -10.99 -84.07
CA SER E 293 1.66 -12.18 -84.93
C SER E 293 0.89 -11.91 -86.21
N PRO E 294 1.30 -12.51 -87.32
CA PRO E 294 0.67 -12.20 -88.61
C PRO E 294 -0.65 -12.93 -88.82
N GLY E 295 -1.52 -12.31 -89.62
CA GLY E 295 -2.82 -12.86 -89.91
C GLY E 295 -3.82 -12.60 -88.80
N LEU E 296 -5.07 -12.31 -89.15
CA LEU E 296 -6.08 -11.91 -88.18
C LEU E 296 -6.97 -13.09 -87.82
N TYR E 297 -7.07 -13.39 -86.52
CA TYR E 297 -7.82 -14.52 -86.02
C TYR E 297 -8.21 -14.27 -84.57
N GLY E 298 -9.20 -15.01 -84.10
CA GLY E 298 -9.74 -14.81 -82.77
C GLY E 298 -10.85 -13.77 -82.78
N LYS E 299 -11.30 -13.43 -81.58
CA LYS E 299 -12.36 -12.45 -81.41
C LYS E 299 -11.98 -11.44 -80.34
N THR E 300 -12.47 -10.21 -80.51
CA THR E 300 -12.18 -9.11 -79.61
C THR E 300 -13.44 -8.71 -78.85
N THR E 301 -13.25 -8.26 -77.61
CA THR E 301 -14.32 -7.67 -76.82
C THR E 301 -14.21 -6.16 -76.66
N GLY E 302 -13.00 -5.62 -76.62
CA GLY E 302 -12.81 -4.21 -76.39
C GLY E 302 -12.84 -3.78 -74.95
N TYR E 303 -12.32 -4.60 -74.04
CA TYR E 303 -12.27 -4.27 -72.63
C TYR E 303 -10.82 -4.27 -72.15
N ALA E 304 -10.47 -3.27 -71.36
CA ALA E 304 -9.16 -3.19 -70.72
C ALA E 304 -9.34 -3.25 -69.21
N VAL E 305 -8.47 -3.99 -68.54
CA VAL E 305 -8.61 -4.30 -67.12
C VAL E 305 -7.36 -3.84 -66.37
N THR E 306 -7.56 -3.19 -65.23
CA THR E 306 -6.50 -2.77 -64.32
C THR E 306 -6.69 -3.46 -62.98
N HIS E 307 -5.64 -4.12 -62.49
CA HIS E 307 -5.67 -4.72 -61.17
C HIS E 307 -5.00 -3.79 -60.17
N HIS E 308 -5.65 -3.55 -59.04
CA HIS E 308 -5.22 -2.57 -58.05
C HIS E 308 -4.57 -3.27 -56.86
N ALA E 309 -3.25 -3.13 -56.73
CA ALA E 309 -2.56 -3.65 -55.56
C ALA E 309 -2.59 -2.68 -54.40
N ASP E 310 -2.66 -1.38 -54.67
CA ASP E 310 -2.94 -0.36 -53.67
C ASP E 310 -4.28 0.29 -53.98
N GLY E 311 -4.72 1.19 -53.10
CA GLY E 311 -5.96 1.90 -53.32
C GLY E 311 -5.82 3.02 -54.35
N PHE E 312 -6.89 3.25 -55.09
CA PHE E 312 -6.99 4.33 -56.06
C PHE E 312 -8.21 5.18 -55.72
N LEU E 313 -8.01 6.49 -55.59
CA LEU E 313 -9.05 7.41 -55.18
C LEU E 313 -9.28 8.48 -56.23
N MET E 314 -10.49 9.04 -56.24
CA MET E 314 -10.87 10.13 -57.14
C MET E 314 -12.10 10.81 -56.59
N CYS E 315 -12.00 12.09 -56.26
CA CYS E 315 -13.09 12.79 -55.58
C CYS E 315 -13.26 14.20 -56.10
N LYS E 316 -14.34 14.83 -55.65
CA LYS E 316 -14.64 16.23 -55.96
C LYS E 316 -14.07 17.15 -54.89
N THR E 317 -13.36 18.19 -55.32
CA THR E 317 -12.82 19.19 -54.41
C THR E 317 -13.29 20.59 -54.82
N THR E 318 -13.30 21.50 -53.85
CA THR E 318 -13.60 22.91 -54.09
C THR E 318 -12.34 23.72 -53.83
N ASP E 319 -12.05 24.64 -54.74
CA ASP E 319 -10.87 25.50 -54.63
C ASP E 319 -11.20 26.84 -55.25
N THR E 320 -10.25 27.75 -55.20
CA THR E 320 -10.32 29.04 -55.86
C THR E 320 -9.29 29.07 -56.99
N VAL E 321 -9.75 29.38 -58.19
CA VAL E 321 -8.89 29.45 -59.37
C VAL E 321 -8.91 30.89 -59.86
N ASP E 322 -7.80 31.59 -59.70
CA ASP E 322 -7.66 33.01 -60.06
C ASP E 322 -8.70 33.87 -59.36
N GLY E 323 -9.06 33.54 -58.13
CA GLY E 323 -10.02 34.30 -57.36
C GLY E 323 -11.44 33.74 -57.35
N GLU E 324 -11.78 32.87 -58.30
CA GLU E 324 -13.14 32.38 -58.46
C GLU E 324 -13.28 30.96 -57.90
N ARG E 325 -14.29 30.76 -57.05
CA ARG E 325 -14.54 29.47 -56.43
C ARG E 325 -15.20 28.51 -57.42
N VAL E 326 -14.64 27.30 -57.54
CA VAL E 326 -15.07 26.29 -58.52
C VAL E 326 -14.89 24.90 -57.92
N SER E 327 -15.32 23.88 -58.68
CA SER E 327 -15.21 22.47 -58.29
C SER E 327 -14.68 21.63 -59.43
N PHE E 328 -13.82 20.66 -59.11
CA PHE E 328 -13.27 19.73 -60.09
C PHE E 328 -12.73 18.50 -59.36
N SER E 329 -12.20 17.54 -60.13
CA SER E 329 -11.83 16.23 -59.61
C SER E 329 -10.31 16.03 -59.55
N VAL E 330 -9.86 15.34 -58.49
CA VAL E 330 -8.45 15.08 -58.20
C VAL E 330 -8.29 13.59 -57.89
N CYS E 331 -7.15 13.01 -58.28
CA CYS E 331 -6.90 11.59 -58.05
C CYS E 331 -5.55 11.38 -57.37
N THR E 332 -5.41 10.23 -56.69
CA THR E 332 -4.18 9.89 -55.97
C THR E 332 -4.16 8.40 -55.65
N TYR E 333 -3.02 7.93 -55.15
CA TYR E 333 -2.79 6.55 -54.74
C TYR E 333 -2.59 6.47 -53.23
N VAL E 334 -3.13 5.44 -52.60
CA VAL E 334 -3.09 5.26 -51.16
C VAL E 334 -2.49 3.89 -50.86
N PRO E 335 -1.53 3.78 -49.94
CA PRO E 335 -0.93 2.47 -49.65
C PRO E 335 -1.91 1.49 -49.01
N ALA E 336 -1.66 0.20 -49.27
CA ALA E 336 -2.62 -0.85 -48.91
C ALA E 336 -2.77 -0.99 -47.39
N THR E 337 -1.69 -0.81 -46.64
CA THR E 337 -1.79 -0.89 -45.18
C THR E 337 -2.72 0.16 -44.61
N ILE E 338 -2.68 1.39 -45.14
CA ILE E 338 -3.58 2.44 -44.66
C ILE E 338 -5.03 2.09 -44.97
N CYS E 339 -5.30 1.58 -46.17
CA CYS E 339 -6.66 1.23 -46.56
C CYS E 339 -7.24 0.13 -45.68
N ASP E 340 -6.43 -0.87 -45.33
CA ASP E 340 -6.90 -1.97 -44.49
C ASP E 340 -7.29 -1.49 -43.10
N GLN E 341 -6.54 -0.52 -42.56
CA GLN E 341 -6.78 -0.06 -41.19
C GLN E 341 -7.93 0.92 -41.08
N MET E 342 -8.54 1.34 -42.19
CA MET E 342 -9.71 2.20 -42.14
C MET E 342 -11.01 1.44 -42.36
N THR E 343 -10.96 0.11 -42.46
CA THR E 343 -12.16 -0.67 -42.76
C THR E 343 -13.21 -0.54 -41.67
N GLY E 344 -12.79 -0.61 -40.41
CA GLY E 344 -13.71 -0.46 -39.29
C GLY E 344 -14.35 0.91 -39.17
N ILE E 345 -13.55 1.96 -39.38
CA ILE E 345 -14.03 3.33 -39.21
C ILE E 345 -15.09 3.69 -40.23
N LEU E 346 -14.97 3.20 -41.47
CA LEU E 346 -15.88 3.64 -42.53
C LEU E 346 -17.23 2.92 -42.49
N ALA E 347 -17.48 2.10 -41.46
CA ALA E 347 -18.78 1.48 -41.30
C ALA E 347 -19.86 2.50 -40.95
N THR E 348 -19.50 3.55 -40.24
CA THR E 348 -20.41 4.62 -39.87
C THR E 348 -20.06 5.90 -40.63
N GLU E 349 -20.79 6.98 -40.30
CA GLU E 349 -20.55 8.28 -40.91
C GLU E 349 -19.57 9.07 -40.06
N VAL E 350 -18.51 9.54 -40.69
CA VAL E 350 -17.42 10.25 -40.02
C VAL E 350 -17.24 11.60 -40.70
N THR E 351 -16.91 12.62 -39.91
CA THR E 351 -16.66 13.94 -40.45
C THR E 351 -15.26 14.02 -41.08
N PRO E 352 -15.05 14.94 -42.03
CA PRO E 352 -13.70 15.09 -42.58
C PRO E 352 -12.65 15.44 -41.54
N GLU E 353 -13.01 16.21 -40.52
CA GLU E 353 -12.04 16.57 -39.49
C GLU E 353 -11.60 15.35 -38.69
N ASP E 354 -12.53 14.48 -38.33
CA ASP E 354 -12.19 13.29 -37.55
C ASP E 354 -11.44 12.27 -38.38
N ALA E 355 -11.75 12.16 -39.68
CA ALA E 355 -10.96 11.30 -40.55
C ALA E 355 -9.51 11.77 -40.64
N GLN E 356 -9.30 13.08 -40.68
CA GLN E 356 -7.95 13.62 -40.79
C GLN E 356 -7.11 13.29 -39.57
N LYS E 357 -7.68 13.42 -38.37
CA LYS E 357 -6.93 13.10 -37.15
C LYS E 357 -6.57 11.63 -37.08
N LEU E 358 -7.50 10.75 -37.48
CA LEU E 358 -7.21 9.32 -37.48
C LEU E 358 -6.09 8.99 -38.46
N LEU E 359 -6.10 9.61 -39.64
CA LEU E 359 -5.08 9.33 -40.65
C LEU E 359 -3.70 9.79 -40.20
N VAL E 360 -3.62 10.92 -39.50
CA VAL E 360 -2.33 11.40 -39.00
C VAL E 360 -1.78 10.42 -37.96
N GLY E 361 -2.64 9.90 -37.09
CA GLY E 361 -2.20 8.92 -36.12
C GLY E 361 -1.66 7.64 -36.76
N LEU E 362 -2.34 7.16 -37.80
CA LEU E 362 -1.90 5.94 -38.48
C LEU E 362 -0.63 6.15 -39.29
N ASN E 363 -0.27 7.41 -39.58
CA ASN E 363 0.83 7.71 -40.48
C ASN E 363 2.19 7.79 -39.78
N GLN E 364 2.21 8.04 -38.47
CA GLN E 364 3.49 8.22 -37.77
C GLN E 364 4.28 6.94 -37.61
N ARG E 365 3.86 5.84 -38.22
CA ARG E 365 4.59 4.58 -38.13
C ARG E 365 5.91 4.66 -38.88
N THR E 376 9.30 9.25 -39.57
CA THR E 376 9.03 8.74 -40.91
C THR E 376 7.53 8.50 -41.10
N ASN E 377 7.04 8.81 -42.30
CA ASN E 377 5.64 8.70 -42.64
C ASN E 377 5.43 7.65 -43.71
N THR E 378 4.25 7.01 -43.70
CA THR E 378 3.91 6.06 -44.75
C THR E 378 3.52 6.78 -46.04
N MET E 379 2.74 7.86 -45.94
CA MET E 379 2.35 8.66 -47.07
C MET E 379 2.71 10.13 -46.84
N LYS E 380 2.82 10.87 -47.93
CA LYS E 380 3.14 12.29 -47.86
C LYS E 380 1.99 13.07 -47.23
N ASN E 381 2.35 14.07 -46.42
CA ASN E 381 1.36 14.79 -45.62
C ASN E 381 0.53 15.78 -46.43
N TYR E 382 1.01 16.24 -47.59
CA TYR E 382 0.25 17.22 -48.34
C TYR E 382 -0.96 16.64 -49.05
N MET E 383 -1.05 15.32 -49.19
CA MET E 383 -2.21 14.69 -49.77
C MET E 383 -3.24 14.26 -48.73
N ILE E 384 -2.91 14.33 -47.44
CA ILE E 384 -3.81 13.83 -46.40
C ILE E 384 -5.15 14.55 -46.35
N PRO E 385 -5.24 15.89 -46.42
CA PRO E 385 -6.57 16.52 -46.33
C PRO E 385 -7.54 16.13 -47.43
N VAL E 386 -7.08 15.89 -48.65
CA VAL E 386 -8.01 15.53 -49.71
C VAL E 386 -8.41 14.05 -49.62
N VAL E 387 -7.51 13.20 -49.10
CA VAL E 387 -7.86 11.80 -48.86
C VAL E 387 -8.89 11.67 -47.75
N ALA E 388 -8.74 12.45 -46.68
CA ALA E 388 -9.69 12.40 -45.57
C ALA E 388 -11.07 12.87 -46.00
N GLN E 389 -11.13 13.80 -46.94
CA GLN E 389 -12.41 14.29 -47.44
C GLN E 389 -13.09 13.30 -48.37
N ALA E 390 -12.32 12.56 -49.18
CA ALA E 390 -12.89 11.53 -50.03
C ALA E 390 -13.47 10.37 -49.21
N PHE E 391 -12.76 9.95 -48.16
CA PHE E 391 -13.20 8.81 -47.36
C PHE E 391 -14.53 9.10 -46.68
N SER E 392 -14.75 10.33 -46.21
CA SER E 392 -15.99 10.62 -45.52
C SER E 392 -17.18 10.77 -46.47
N LYS E 393 -16.95 11.24 -47.70
CA LYS E 393 -18.02 11.28 -48.69
C LYS E 393 -18.39 9.88 -49.15
N TRP E 394 -17.42 8.97 -49.25
CA TRP E 394 -17.71 7.60 -49.64
C TRP E 394 -18.56 6.89 -48.59
N ALA E 395 -18.24 7.08 -47.31
CA ALA E 395 -19.00 6.44 -46.23
C ALA E 395 -20.43 6.97 -46.17
N LYS E 396 -20.64 8.24 -46.55
CA LYS E 396 -21.99 8.80 -46.53
C LYS E 396 -22.84 8.26 -47.68
N GLU E 397 -22.25 8.10 -48.86
CA GLU E 397 -23.00 7.57 -49.99
C GLU E 397 -23.30 6.08 -49.85
N CYS E 398 -22.54 5.33 -49.05
CA CYS E 398 -22.87 3.94 -48.79
C CYS E 398 -24.07 3.81 -47.88
N ARG E 399 -24.22 4.70 -46.89
CA ARG E 399 -25.37 4.66 -46.01
C ARG E 399 -26.66 4.96 -46.76
N LYS E 400 -26.62 5.89 -47.73
CA LYS E 400 -27.83 6.26 -48.45
C LYS E 400 -28.34 5.14 -49.33
N ASP E 401 -27.43 4.35 -49.90
CA ASP E 401 -27.84 3.18 -50.67
C ASP E 401 -28.60 2.19 -49.80
N MET E 402 -28.08 1.95 -48.59
CA MET E 402 -28.67 0.95 -47.70
C MET E 402 -30.05 1.36 -47.20
N GLU E 403 -30.33 2.65 -47.11
CA GLU E 403 -31.60 3.13 -46.59
C GLU E 403 -32.62 3.42 -47.67
N ASP E 404 -32.28 3.25 -48.95
CA ASP E 404 -33.21 3.41 -50.07
C ASP E 404 -33.06 2.15 -50.92
N GLU E 405 -33.75 1.10 -50.53
CA GLU E 405 -33.55 -0.24 -51.06
C GLU E 405 -34.70 -0.62 -51.99
N LYS E 406 -34.36 -1.23 -53.12
CA LYS E 406 -35.30 -1.51 -54.18
C LYS E 406 -35.73 -2.97 -54.16
N LEU E 407 -36.54 -3.35 -55.15
CA LEU E 407 -36.99 -4.72 -55.31
C LEU E 407 -36.05 -5.47 -56.24
N LEU E 408 -35.93 -6.78 -56.02
CA LEU E 408 -35.02 -7.59 -56.84
C LEU E 408 -35.53 -7.67 -58.27
N GLY E 409 -34.63 -7.49 -59.23
CA GLY E 409 -34.96 -7.74 -60.62
C GLY E 409 -35.81 -6.68 -61.27
N VAL E 410 -36.02 -5.54 -60.62
CA VAL E 410 -36.96 -4.54 -61.08
C VAL E 410 -36.28 -3.18 -61.09
N ARG E 411 -36.26 -2.54 -62.25
CA ARG E 411 -35.98 -1.12 -62.38
C ARG E 411 -37.34 -0.44 -62.27
N GLU E 412 -37.48 0.57 -61.41
CA GLU E 412 -38.74 1.31 -61.39
C GLU E 412 -38.58 2.65 -62.13
N ARG E 413 -38.71 2.56 -63.45
CA ARG E 413 -38.76 3.72 -64.32
C ARG E 413 -40.17 4.23 -64.53
N THR E 414 -41.15 3.67 -63.82
CA THR E 414 -42.55 4.06 -63.92
C THR E 414 -43.06 3.95 -65.35
N CYS E 419 -44.80 6.69 -66.01
CA CYS E 419 -45.70 6.59 -67.15
C CYS E 419 -44.92 6.80 -68.45
N LEU E 420 -44.00 7.77 -68.41
CA LEU E 420 -43.00 7.94 -69.45
C LEU E 420 -41.63 7.61 -68.88
N TRP E 421 -40.80 6.99 -69.71
CA TRP E 421 -39.58 6.37 -69.21
C TRP E 421 -38.54 7.42 -68.84
N ALA E 422 -38.63 7.94 -67.61
CA ALA E 422 -37.71 8.97 -67.12
C ALA E 422 -37.32 8.61 -65.70
N PHE E 423 -36.05 8.28 -65.49
CA PHE E 423 -35.56 7.87 -64.19
C PHE E 423 -34.65 8.94 -63.61
N LYS E 424 -34.45 8.87 -62.30
CA LYS E 424 -33.64 9.83 -61.57
C LYS E 424 -32.23 9.28 -61.37
N LYS E 425 -31.24 10.11 -61.67
CA LYS E 425 -29.84 9.76 -61.46
C LYS E 425 -29.36 10.31 -60.13
N GLN E 426 -28.59 9.52 -59.41
CA GLN E 426 -28.04 9.94 -58.13
C GLN E 426 -26.70 10.62 -58.33
N LYS E 427 -26.27 11.34 -57.30
CA LYS E 427 -25.00 12.04 -57.32
C LYS E 427 -23.88 11.16 -56.78
N THR E 428 -22.76 11.15 -57.48
CA THR E 428 -21.57 10.39 -57.09
C THR E 428 -20.41 11.36 -56.98
N HIS E 429 -19.82 11.47 -55.78
CA HIS E 429 -18.71 12.37 -55.56
C HIS E 429 -17.38 11.67 -55.29
N THR E 430 -17.37 10.36 -55.09
CA THR E 430 -16.13 9.63 -54.82
C THR E 430 -16.12 8.32 -55.59
N VAL E 431 -14.98 7.99 -56.19
CA VAL E 431 -14.71 6.68 -56.74
C VAL E 431 -13.55 6.10 -55.95
N TYR E 432 -13.77 4.96 -55.31
CA TYR E 432 -12.78 4.33 -54.43
C TYR E 432 -12.58 2.88 -54.86
N LYS E 433 -11.40 2.57 -55.40
CA LYS E 433 -11.04 1.21 -55.78
C LYS E 433 -10.12 0.63 -54.71
N ARG E 434 -10.65 -0.29 -53.92
CA ARG E 434 -9.92 -0.91 -52.83
C ARG E 434 -8.91 -1.93 -53.35
N PRO E 435 -7.89 -2.24 -52.56
CA PRO E 435 -6.94 -3.29 -52.95
C PRO E 435 -7.65 -4.62 -53.21
N ASP E 436 -7.16 -5.31 -54.25
CA ASP E 436 -7.69 -6.59 -54.77
C ASP E 436 -8.96 -6.46 -55.58
N THR E 437 -9.31 -5.27 -56.05
CA THR E 437 -10.41 -5.07 -56.99
C THR E 437 -9.84 -4.76 -58.37
N GLN E 438 -10.71 -4.61 -59.36
CA GLN E 438 -10.28 -4.40 -60.75
C GLN E 438 -11.18 -3.40 -61.45
N SER E 439 -10.58 -2.48 -62.19
CA SER E 439 -11.29 -1.59 -63.10
C SER E 439 -11.42 -2.23 -64.47
N ILE E 440 -12.49 -1.88 -65.18
CA ILE E 440 -12.72 -2.41 -66.52
C ILE E 440 -13.30 -1.32 -67.40
N GLN E 441 -12.66 -1.07 -68.54
CA GLN E 441 -12.96 0.05 -69.41
C GLN E 441 -13.19 -0.42 -70.85
N LYS E 442 -14.15 0.18 -71.51
CA LYS E 442 -14.49 -0.15 -72.91
C LYS E 442 -13.72 0.79 -73.84
N VAL E 443 -12.79 0.24 -74.62
CA VAL E 443 -11.95 1.02 -75.52
C VAL E 443 -12.03 0.43 -76.93
N GLN E 444 -11.39 1.10 -77.87
CA GLN E 444 -11.41 0.70 -79.27
C GLN E 444 -10.38 -0.38 -79.54
N ALA E 445 -10.75 -1.36 -80.37
CA ALA E 445 -9.93 -2.54 -80.57
C ALA E 445 -9.68 -2.91 -82.03
N GLU E 446 -10.23 -2.18 -83.00
CA GLU E 446 -9.99 -2.44 -84.42
C GLU E 446 -9.34 -1.23 -85.06
N PHE E 447 -8.14 -1.41 -85.59
CA PHE E 447 -7.32 -0.30 -86.09
C PHE E 447 -7.01 -0.53 -87.57
N ASP E 448 -7.37 0.43 -88.41
CA ASP E 448 -7.09 0.33 -89.84
C ASP E 448 -6.44 1.56 -90.43
N SER E 449 -6.71 2.75 -89.88
CA SER E 449 -6.14 3.98 -90.41
C SER E 449 -4.86 4.31 -89.67
N PHE E 450 -3.79 4.53 -90.43
CA PHE E 450 -2.44 4.78 -89.89
C PHE E 450 -1.86 5.95 -90.65
N VAL E 451 -2.11 7.16 -90.17
CA VAL E 451 -1.70 8.38 -90.84
C VAL E 451 -0.20 8.58 -90.75
N GLY E 459 17.41 18.61 -88.75
CA GLY E 459 17.84 18.75 -87.37
C GLY E 459 19.31 19.04 -87.22
N LEU E 460 20.15 18.03 -87.50
CA LEU E 460 21.59 18.18 -87.35
C LEU E 460 22.11 19.25 -88.30
N SER E 461 23.08 20.03 -87.80
CA SER E 461 23.67 21.11 -88.60
C SER E 461 25.14 21.23 -88.28
N ILE E 462 25.85 22.02 -89.09
CA ILE E 462 27.31 22.02 -89.07
C ILE E 462 27.89 22.35 -87.70
N PRO E 463 27.47 23.42 -87.01
CA PRO E 463 28.10 23.71 -85.70
C PRO E 463 27.99 22.55 -84.72
N LEU E 464 26.84 21.88 -84.70
CA LEU E 464 26.72 20.66 -83.90
C LEU E 464 27.45 19.51 -84.55
N ARG E 465 27.36 19.40 -85.88
CA ARG E 465 28.05 18.34 -86.61
C ARG E 465 29.56 18.42 -86.39
N THR E 466 30.10 19.64 -86.46
CA THR E 466 31.54 19.82 -86.29
C THR E 466 31.97 19.44 -84.87
N ARG E 467 31.18 19.82 -83.86
CA ARG E 467 31.55 19.53 -82.49
C ARG E 467 31.60 18.04 -82.21
N ILE E 468 30.61 17.28 -82.71
CA ILE E 468 30.61 15.84 -82.53
C ILE E 468 31.82 15.21 -83.21
N LYS E 469 32.09 15.62 -84.45
CA LYS E 469 33.18 15.02 -85.21
C LYS E 469 34.54 15.30 -84.56
N TRP E 470 34.67 16.42 -83.86
CA TRP E 470 35.96 16.80 -83.30
C TRP E 470 36.40 15.85 -82.19
N LEU E 471 35.46 15.40 -81.35
CA LEU E 471 35.83 14.51 -80.26
C LEU E 471 36.29 13.15 -80.79
N LEU E 472 35.56 12.56 -81.72
CA LEU E 472 35.94 11.24 -82.23
C LEU E 472 37.19 11.29 -83.10
N SER E 473 37.66 12.48 -83.48
CA SER E 473 38.89 12.60 -84.27
C SER E 473 40.09 12.09 -83.49
N ASP F 2 8.65 -39.52 -51.06
CA ASP F 2 7.38 -39.33 -50.36
C ASP F 2 6.93 -37.86 -50.28
N PRO F 3 7.71 -37.00 -49.64
CA PRO F 3 7.22 -35.63 -49.42
C PRO F 3 7.06 -34.87 -50.73
N VAL F 4 6.13 -33.92 -50.72
CA VAL F 4 5.84 -33.09 -51.87
C VAL F 4 6.03 -31.64 -51.49
N TYR F 5 6.65 -30.88 -52.38
CA TYR F 5 7.06 -29.50 -52.10
C TYR F 5 6.26 -28.56 -52.97
N VAL F 6 5.78 -27.47 -52.38
CA VAL F 6 5.05 -26.43 -53.10
C VAL F 6 5.92 -25.17 -53.16
N ASP F 7 5.77 -24.43 -54.26
CA ASP F 7 6.54 -23.21 -54.49
C ASP F 7 5.85 -21.99 -53.90
N ILE F 8 5.48 -22.05 -52.62
CA ILE F 8 4.91 -20.92 -51.91
C ILE F 8 5.68 -20.71 -50.62
N ASP F 9 5.28 -19.70 -49.85
CA ASP F 9 6.00 -19.31 -48.64
C ASP F 9 5.68 -20.28 -47.51
N ALA F 10 6.13 -19.94 -46.30
CA ALA F 10 5.95 -20.79 -45.13
C ALA F 10 5.14 -20.13 -44.02
N ASP F 11 4.95 -18.82 -44.06
CA ASP F 11 4.15 -18.12 -43.05
C ASP F 11 2.75 -17.78 -43.53
N SER F 12 2.39 -18.14 -44.76
CA SER F 12 1.08 -17.81 -45.31
C SER F 12 0.01 -18.75 -44.75
N ALA F 13 -1.23 -18.27 -44.77
CA ALA F 13 -2.36 -19.08 -44.32
C ALA F 13 -2.82 -20.08 -45.36
N PHE F 14 -2.42 -19.94 -46.62
CA PHE F 14 -2.83 -20.87 -47.65
C PHE F 14 -2.13 -22.22 -47.53
N LEU F 15 -0.99 -22.29 -46.83
CA LEU F 15 -0.30 -23.55 -46.65
C LEU F 15 -1.15 -24.55 -45.87
N LYS F 16 -1.80 -24.08 -44.79
CA LYS F 16 -2.64 -24.96 -44.01
C LYS F 16 -3.83 -25.46 -44.81
N ALA F 17 -4.46 -24.58 -45.59
CA ALA F 17 -5.58 -24.98 -46.42
C ALA F 17 -5.17 -26.02 -47.45
N LEU F 18 -4.01 -25.81 -48.08
CA LEU F 18 -3.50 -26.79 -49.03
C LEU F 18 -3.23 -28.13 -48.34
N GLN F 19 -2.66 -28.09 -47.14
CA GLN F 19 -2.43 -29.33 -46.37
C GLN F 19 -3.73 -30.07 -46.14
N ARG F 20 -4.73 -29.39 -45.58
CA ARG F 20 -5.96 -30.08 -45.22
C ARG F 20 -6.83 -30.41 -46.42
N ALA F 21 -6.52 -29.88 -47.60
CA ALA F 21 -7.21 -30.32 -48.81
C ALA F 21 -6.62 -31.60 -49.38
N TYR F 22 -5.35 -31.88 -49.08
CA TYR F 22 -4.66 -33.10 -49.52
C TYR F 22 -4.12 -33.78 -48.26
N PRO F 23 -4.95 -34.55 -47.55
CA PRO F 23 -4.53 -35.07 -46.24
C PRO F 23 -3.67 -36.32 -46.30
N MET F 24 -3.53 -36.92 -47.48
CA MET F 24 -2.71 -38.10 -47.71
C MET F 24 -1.34 -37.76 -48.28
N PHE F 25 -0.96 -36.49 -48.29
CA PHE F 25 0.36 -36.05 -48.71
C PHE F 25 1.01 -35.32 -47.54
N GLU F 26 2.27 -34.94 -47.73
CA GLU F 26 2.99 -34.10 -46.77
C GLU F 26 3.57 -32.93 -47.56
N VAL F 27 2.79 -31.86 -47.64
CA VAL F 27 3.16 -30.67 -48.40
C VAL F 27 4.13 -29.83 -47.58
N GLU F 28 5.17 -29.33 -48.25
CA GLU F 28 6.17 -28.56 -47.55
C GLU F 28 6.52 -27.28 -48.30
N PRO F 29 6.80 -26.19 -47.57
CA PRO F 29 7.20 -24.95 -48.23
C PRO F 29 8.62 -25.01 -48.76
N ARG F 30 8.82 -24.54 -49.99
CA ARG F 30 10.17 -24.42 -50.52
C ARG F 30 10.30 -23.12 -51.32
N ASP F 36 0.69 -12.95 -58.10
CA ASP F 36 -0.61 -13.34 -57.55
C ASP F 36 -1.18 -14.53 -58.30
N HIS F 37 -0.37 -15.57 -58.46
CA HIS F 37 -0.82 -16.81 -59.09
C HIS F 37 -0.23 -18.05 -58.43
N ALA F 38 0.49 -17.89 -57.33
CA ALA F 38 1.13 -19.05 -56.70
C ALA F 38 0.11 -19.97 -56.06
N ASN F 39 -0.98 -19.41 -55.51
CA ASN F 39 -2.01 -20.25 -54.89
C ASN F 39 -2.65 -21.17 -55.92
N ALA F 40 -2.97 -20.64 -57.10
CA ALA F 40 -3.61 -21.47 -58.11
C ALA F 40 -2.63 -22.47 -58.73
N ARG F 41 -1.34 -22.11 -58.80
CA ARG F 41 -0.35 -23.04 -59.35
C ARG F 41 -0.29 -24.30 -58.53
N ALA F 42 -0.10 -24.15 -57.22
CA ALA F 42 0.18 -25.28 -56.33
C ALA F 42 -0.99 -26.24 -56.28
N PHE F 43 -2.22 -25.71 -56.35
CA PHE F 43 -3.37 -26.59 -56.41
C PHE F 43 -3.33 -27.42 -57.68
N SER F 44 -2.90 -26.83 -58.79
CA SER F 44 -2.82 -27.56 -60.04
C SER F 44 -1.64 -28.54 -60.04
N HIS F 45 -0.56 -28.21 -59.33
CA HIS F 45 0.56 -29.12 -59.21
C HIS F 45 0.17 -30.38 -58.45
N LEU F 46 -0.49 -30.23 -57.30
CA LEU F 46 -0.90 -31.39 -56.52
C LEU F 46 -2.01 -32.17 -57.20
N ALA F 47 -2.83 -31.52 -58.03
CA ALA F 47 -3.92 -32.25 -58.69
C ALA F 47 -3.38 -33.21 -59.75
N ILE F 48 -2.34 -32.79 -60.49
CA ILE F 48 -1.74 -33.66 -61.48
C ILE F 48 -0.98 -34.80 -60.80
N LYS F 49 -0.30 -34.50 -59.70
CA LYS F 49 0.40 -35.55 -58.97
C LYS F 49 -0.56 -36.62 -58.47
N LEU F 50 -1.73 -36.22 -57.96
CA LEU F 50 -2.71 -37.17 -57.50
C LEU F 50 -3.18 -38.10 -58.61
N ILE F 51 -3.44 -37.55 -59.80
CA ILE F 51 -4.00 -38.35 -60.88
C ILE F 51 -3.01 -39.44 -61.30
N GLU F 52 -1.73 -39.09 -61.38
CA GLU F 52 -0.72 -40.06 -61.74
C GLU F 52 -0.65 -41.19 -60.72
N GLN F 53 -0.66 -40.86 -59.44
CA GLN F 53 -0.68 -41.86 -58.38
C GLN F 53 -1.95 -42.71 -58.43
N GLU F 54 -3.00 -42.22 -59.07
CA GLU F 54 -4.28 -42.90 -59.11
C GLU F 54 -4.42 -43.87 -60.28
N ILE F 55 -3.48 -43.88 -61.21
CA ILE F 55 -3.58 -44.71 -62.41
C ILE F 55 -2.29 -45.51 -62.60
N ASP F 56 -2.44 -46.71 -63.12
CA ASP F 56 -1.27 -47.55 -63.40
C ASP F 56 -0.45 -46.93 -64.53
N PRO F 57 0.88 -46.95 -64.42
CA PRO F 57 1.72 -46.37 -65.48
C PRO F 57 1.60 -47.15 -66.79
N ASP F 58 2.31 -46.69 -67.81
CA ASP F 58 2.20 -47.25 -69.17
C ASP F 58 0.76 -47.16 -69.67
N SER F 59 0.10 -46.04 -69.38
CA SER F 59 -1.25 -45.76 -69.86
C SER F 59 -1.23 -44.53 -70.75
N THR F 60 -2.05 -44.55 -71.80
CA THR F 60 -2.11 -43.43 -72.73
C THR F 60 -3.04 -42.35 -72.17
N ILE F 61 -2.52 -41.13 -72.03
CA ILE F 61 -3.22 -40.02 -71.38
C ILE F 61 -3.47 -38.95 -72.43
N LEU F 62 -4.73 -38.58 -72.62
CA LEU F 62 -5.09 -37.45 -73.46
C LEU F 62 -5.02 -36.15 -72.67
N ASP F 63 -4.84 -35.04 -73.39
CA ASP F 63 -4.88 -33.71 -72.81
C ASP F 63 -5.74 -32.82 -73.70
N ILE F 64 -6.94 -32.50 -73.25
CA ILE F 64 -7.85 -31.67 -74.03
C ILE F 64 -7.48 -30.20 -73.82
N GLY F 65 -7.29 -29.49 -74.93
CA GLY F 65 -6.95 -28.07 -74.91
C GLY F 65 -5.78 -27.76 -74.00
N SER F 66 -4.60 -28.23 -74.36
CA SER F 66 -3.45 -28.20 -73.48
C SER F 66 -2.38 -27.23 -73.96
N ALA F 67 -1.38 -27.05 -73.13
CA ALA F 67 -0.14 -26.34 -73.49
C ALA F 67 1.00 -27.34 -73.37
N PRO F 68 1.51 -27.86 -74.49
CA PRO F 68 2.42 -29.02 -74.41
C PRO F 68 3.69 -28.78 -73.63
N ALA F 69 4.11 -27.52 -73.46
CA ALA F 69 5.34 -27.24 -72.73
C ALA F 69 5.28 -27.68 -71.28
N ARG F 70 4.09 -27.92 -70.73
CA ARG F 70 3.99 -28.37 -69.34
C ARG F 70 4.13 -29.89 -69.22
N ARG F 71 3.71 -30.63 -70.23
CA ARG F 71 3.78 -32.09 -70.23
C ARG F 71 5.06 -32.64 -70.83
N MET F 72 5.99 -31.76 -71.25
CA MET F 72 7.16 -32.22 -71.99
C MET F 72 8.08 -33.06 -71.13
N MET F 73 8.27 -32.69 -69.85
CA MET F 73 9.26 -33.31 -68.99
C MET F 73 8.66 -34.36 -68.05
N SER F 74 7.66 -35.10 -68.51
CA SER F 74 7.00 -36.11 -67.69
C SER F 74 7.09 -37.47 -68.36
N ASP F 75 7.21 -38.51 -67.53
CA ASP F 75 7.40 -39.88 -68.01
C ASP F 75 6.08 -40.62 -68.17
N ARG F 76 5.14 -40.05 -68.91
CA ARG F 76 3.86 -40.68 -69.15
C ARG F 76 3.46 -40.46 -70.59
N LYS F 77 2.59 -41.35 -71.09
CA LYS F 77 2.15 -41.33 -72.48
C LYS F 77 1.13 -40.22 -72.68
N TYR F 78 1.63 -38.99 -72.75
CA TYR F 78 0.79 -37.82 -72.97
C TYR F 78 0.60 -37.59 -74.46
N HIS F 79 -0.64 -37.34 -74.88
CA HIS F 79 -0.97 -36.98 -76.25
C HIS F 79 -1.69 -35.63 -76.22
N CYS F 80 -0.94 -34.55 -76.44
CA CYS F 80 -1.48 -33.20 -76.31
C CYS F 80 -2.33 -32.84 -77.52
N VAL F 81 -3.45 -32.16 -77.26
CA VAL F 81 -4.38 -31.73 -78.29
C VAL F 81 -4.43 -30.20 -78.26
N CYS F 82 -4.10 -29.57 -79.39
CA CYS F 82 -3.87 -28.12 -79.43
C CYS F 82 -4.52 -27.49 -80.65
N PRO F 83 -5.82 -27.24 -80.62
CA PRO F 83 -6.46 -26.48 -81.69
C PRO F 83 -6.15 -24.99 -81.57
N MET F 84 -6.31 -24.29 -82.69
CA MET F 84 -6.08 -22.85 -82.76
C MET F 84 -7.40 -22.13 -82.54
N ARG F 85 -7.79 -22.01 -81.28
CA ARG F 85 -9.07 -21.42 -80.91
C ARG F 85 -8.95 -20.00 -80.33
N SER F 86 -7.82 -19.67 -79.70
CA SER F 86 -7.67 -18.37 -79.06
C SER F 86 -6.36 -17.72 -79.49
N ALA F 87 -6.27 -16.41 -79.25
CA ALA F 87 -5.11 -15.63 -79.64
C ALA F 87 -3.85 -15.99 -78.87
N GLU F 88 -3.96 -16.73 -77.78
CA GLU F 88 -2.82 -17.16 -76.98
C GLU F 88 -2.27 -18.52 -77.42
N ASP F 89 -2.91 -19.18 -78.38
CA ASP F 89 -2.52 -20.54 -78.77
C ASP F 89 -1.21 -20.58 -79.54
N PRO F 90 -1.00 -19.75 -80.58
CA PRO F 90 0.31 -19.79 -81.27
C PRO F 90 1.49 -19.50 -80.37
N GLU F 91 1.31 -18.71 -79.31
CA GLU F 91 2.39 -18.53 -78.35
C GLU F 91 2.69 -19.83 -77.61
N ARG F 92 1.65 -20.59 -77.28
CA ARG F 92 1.86 -21.89 -76.65
C ARG F 92 2.62 -22.84 -77.56
N LEU F 93 2.26 -22.86 -78.85
CA LEU F 93 2.96 -23.70 -79.82
C LEU F 93 4.42 -23.27 -79.98
N ALA F 94 4.65 -21.96 -80.08
CA ALA F 94 6.00 -21.46 -80.31
C ALA F 94 6.90 -21.73 -79.11
N ASN F 95 6.35 -21.65 -77.90
CA ASN F 95 7.14 -21.91 -76.71
C ASN F 95 7.58 -23.37 -76.65
N TYR F 96 6.71 -24.28 -77.10
CA TYR F 96 7.07 -25.69 -77.18
C TYR F 96 8.24 -25.89 -78.14
N ALA F 97 8.17 -25.26 -79.31
CA ALA F 97 9.21 -25.45 -80.31
C ALA F 97 10.57 -24.94 -79.84
N ARG F 98 10.58 -24.05 -78.85
CA ARG F 98 11.85 -23.53 -78.34
C ARG F 98 12.46 -24.48 -77.33
N LYS F 99 11.71 -24.86 -76.30
CA LYS F 99 12.23 -25.75 -75.27
C LYS F 99 12.63 -27.10 -75.85
N LEU F 100 12.00 -27.52 -76.95
CA LEU F 100 12.41 -28.76 -77.60
C LEU F 100 13.81 -28.63 -78.19
N ALA F 101 14.05 -27.57 -78.96
CA ALA F 101 15.39 -27.32 -79.48
C ALA F 101 16.36 -26.99 -78.36
N SER F 102 15.93 -26.16 -77.39
CA SER F 102 16.82 -25.71 -76.34
C SER F 102 17.25 -26.83 -75.40
N ALA F 103 16.58 -27.98 -75.45
CA ALA F 103 16.95 -29.13 -74.64
C ALA F 103 16.93 -30.40 -75.50
N ALA F 104 17.54 -30.31 -76.69
CA ALA F 104 17.52 -31.42 -77.64
C ALA F 104 18.67 -32.40 -77.44
N GLY F 105 19.61 -32.13 -76.55
CA GLY F 105 20.72 -33.03 -76.34
C GLY F 105 21.22 -33.13 -74.91
N LYS F 106 20.52 -32.50 -73.98
CA LYS F 106 21.00 -32.39 -72.61
C LYS F 106 20.37 -33.41 -71.66
N VAL F 107 19.48 -34.27 -72.16
CA VAL F 107 18.83 -35.29 -71.34
C VAL F 107 18.81 -36.59 -72.14
N LEU F 108 19.17 -37.70 -71.47
CA LEU F 108 19.23 -39.01 -72.13
C LEU F 108 18.36 -40.02 -71.38
N ASP F 109 17.35 -39.56 -70.66
CA ASP F 109 16.45 -40.44 -69.93
C ASP F 109 15.02 -40.39 -70.48
N ARG F 110 14.42 -39.22 -70.54
CA ARG F 110 13.08 -39.07 -71.07
C ARG F 110 13.14 -38.82 -72.57
N ASN F 111 12.15 -39.37 -73.29
CA ASN F 111 12.09 -39.18 -74.74
C ASN F 111 11.97 -37.71 -75.07
N ILE F 112 12.95 -37.20 -75.82
CA ILE F 112 12.93 -35.81 -76.23
C ILE F 112 13.06 -35.70 -77.74
N SER F 113 13.76 -36.65 -78.35
CA SER F 113 13.94 -36.63 -79.80
C SER F 113 12.68 -37.08 -80.53
N GLY F 114 11.91 -37.99 -79.94
CA GLY F 114 10.67 -38.41 -80.57
C GLY F 114 9.64 -37.29 -80.61
N LYS F 115 9.61 -36.43 -79.60
CA LYS F 115 8.69 -35.30 -79.61
C LYS F 115 9.07 -34.29 -80.68
N ILE F 116 10.37 -34.13 -80.94
CA ILE F 116 10.82 -33.23 -82.01
C ILE F 116 10.34 -33.73 -83.36
N GLY F 117 10.43 -35.04 -83.60
CA GLY F 117 10.01 -35.58 -84.88
C GLY F 117 8.51 -35.44 -85.12
N ASP F 118 7.72 -35.60 -84.06
CA ASP F 118 6.27 -35.49 -84.19
C ASP F 118 5.85 -34.08 -84.61
N LEU F 119 6.48 -33.07 -84.02
CA LEU F 119 6.13 -31.69 -84.35
C LEU F 119 6.42 -31.38 -85.81
N GLN F 120 7.65 -31.67 -86.27
CA GLN F 120 8.01 -31.35 -87.64
C GLN F 120 7.28 -32.23 -88.65
N ALA F 121 6.72 -33.36 -88.23
CA ALA F 121 5.84 -34.11 -89.11
C ALA F 121 4.49 -33.42 -89.26
N VAL F 122 3.92 -32.95 -88.15
CA VAL F 122 2.67 -32.20 -88.21
C VAL F 122 2.88 -30.84 -88.89
N MET F 123 4.04 -30.22 -88.65
CA MET F 123 4.37 -28.98 -89.35
C MET F 123 4.37 -29.17 -90.85
N ALA F 124 5.03 -30.24 -91.32
CA ALA F 124 5.02 -30.55 -92.75
C ALA F 124 3.62 -30.94 -93.22
N VAL F 125 2.98 -31.88 -92.53
CA VAL F 125 1.65 -32.36 -92.89
C VAL F 125 0.68 -31.94 -91.78
N PRO F 126 -0.12 -30.90 -91.99
CA PRO F 126 -0.90 -30.32 -90.88
C PRO F 126 -2.16 -31.08 -90.50
N ASP F 127 -2.39 -32.26 -91.06
CA ASP F 127 -3.57 -33.06 -90.73
C ASP F 127 -3.18 -34.51 -90.51
N THR F 128 -2.13 -34.72 -89.73
CA THR F 128 -1.67 -36.06 -89.39
C THR F 128 -1.78 -36.27 -87.88
N GLU F 129 -2.33 -37.41 -87.49
CA GLU F 129 -2.41 -37.77 -86.08
C GLU F 129 -1.13 -38.49 -85.67
N THR F 130 -0.49 -37.98 -84.63
CA THR F 130 0.82 -38.44 -84.19
C THR F 130 0.73 -38.84 -82.72
N PRO F 131 1.70 -39.63 -82.24
CA PRO F 131 1.61 -40.09 -80.83
C PRO F 131 1.55 -38.98 -79.80
N THR F 132 2.27 -37.87 -79.98
CA THR F 132 2.37 -36.86 -78.94
C THR F 132 1.93 -35.47 -79.38
N PHE F 133 1.11 -35.37 -80.42
CA PHE F 133 0.69 -34.06 -80.90
C PHE F 133 -0.40 -34.24 -81.95
N CYS F 134 -1.26 -33.23 -82.04
CA CYS F 134 -2.26 -33.11 -83.11
C CYS F 134 -2.79 -31.68 -83.05
N LEU F 135 -3.49 -31.29 -84.10
CA LEU F 135 -4.02 -29.94 -84.27
C LEU F 135 -5.52 -29.97 -84.48
N HIS F 136 -6.20 -30.79 -83.69
CA HIS F 136 -7.65 -30.94 -83.79
C HIS F 136 -8.30 -30.44 -82.50
N THR F 137 -9.63 -30.43 -82.52
CA THR F 137 -10.41 -30.11 -81.33
C THR F 137 -10.50 -31.36 -80.46
N ASP F 138 -11.41 -31.34 -79.49
CA ASP F 138 -11.69 -32.53 -78.70
C ASP F 138 -12.72 -33.44 -79.35
N VAL F 139 -13.46 -32.94 -80.34
CA VAL F 139 -14.48 -33.72 -81.03
C VAL F 139 -13.94 -34.39 -82.29
N SER F 140 -13.09 -33.69 -83.04
CA SER F 140 -12.62 -34.19 -84.33
C SER F 140 -11.37 -35.06 -84.24
N CYS F 141 -10.69 -35.09 -83.09
CA CYS F 141 -9.53 -35.96 -82.95
C CYS F 141 -9.97 -37.42 -83.01
N ARG F 142 -9.10 -38.26 -83.58
CA ARG F 142 -9.45 -39.64 -83.86
C ARG F 142 -8.53 -40.64 -83.18
N GLN F 143 -7.60 -40.19 -82.36
CA GLN F 143 -6.72 -41.09 -81.62
C GLN F 143 -7.48 -41.80 -80.52
N ARG F 144 -7.23 -43.10 -80.36
CA ARG F 144 -7.84 -43.88 -79.31
C ARG F 144 -6.99 -43.87 -78.04
N ALA F 145 -7.66 -43.86 -76.89
CA ALA F 145 -6.98 -43.86 -75.60
C ALA F 145 -7.93 -44.42 -74.55
N ASP F 146 -7.55 -44.28 -73.28
CA ASP F 146 -8.38 -44.75 -72.17
C ASP F 146 -8.58 -43.74 -71.05
N VAL F 147 -7.72 -42.71 -70.93
CA VAL F 147 -7.79 -41.73 -69.86
C VAL F 147 -7.70 -40.33 -70.48
N ALA F 148 -8.60 -39.44 -70.06
CA ALA F 148 -8.61 -38.06 -70.52
C ALA F 148 -8.46 -37.12 -69.33
N ILE F 149 -7.93 -35.93 -69.58
CA ILE F 149 -7.73 -34.93 -68.54
C ILE F 149 -8.09 -33.55 -69.10
N TYR F 150 -8.78 -32.75 -68.29
CA TYR F 150 -9.13 -31.39 -68.63
C TYR F 150 -8.54 -30.45 -67.59
N GLN F 151 -8.02 -29.31 -68.02
CA GLN F 151 -7.56 -28.28 -67.11
C GLN F 151 -8.06 -26.93 -67.59
N ASP F 152 -8.80 -26.23 -66.71
CA ASP F 152 -9.31 -24.89 -66.99
C ASP F 152 -10.05 -24.84 -68.32
N VAL F 153 -10.86 -25.86 -68.57
CA VAL F 153 -11.66 -25.95 -69.79
C VAL F 153 -13.09 -25.55 -69.43
N TYR F 154 -13.50 -24.36 -69.86
CA TYR F 154 -14.80 -23.84 -69.50
C TYR F 154 -15.72 -23.60 -70.70
N ALA F 155 -15.24 -23.83 -71.91
CA ALA F 155 -15.98 -23.46 -73.11
C ALA F 155 -16.37 -24.66 -73.96
N VAL F 156 -16.74 -25.77 -73.34
CA VAL F 156 -17.23 -26.94 -74.07
C VAL F 156 -18.43 -27.51 -73.34
N HIS F 157 -19.35 -28.09 -74.10
CA HIS F 157 -20.49 -28.80 -73.55
C HIS F 157 -20.04 -30.14 -72.99
N ALA F 158 -20.25 -30.36 -71.69
CA ALA F 158 -19.68 -31.54 -71.04
C ALA F 158 -20.27 -32.86 -71.57
N PRO F 159 -21.58 -33.05 -71.67
CA PRO F 159 -22.07 -34.34 -72.19
C PRO F 159 -21.62 -34.63 -73.62
N THR F 160 -21.53 -33.61 -74.48
CA THR F 160 -21.09 -33.84 -75.86
C THR F 160 -19.61 -34.17 -75.92
N SER F 161 -18.79 -33.45 -75.16
CA SER F 161 -17.37 -33.76 -75.12
C SER F 161 -17.12 -35.15 -74.54
N LEU F 162 -17.82 -35.51 -73.46
CA LEU F 162 -17.57 -36.78 -72.80
C LEU F 162 -18.03 -37.97 -73.64
N TYR F 163 -19.06 -37.79 -74.47
CA TYR F 163 -19.45 -38.87 -75.37
C TYR F 163 -18.32 -39.21 -76.32
N HIS F 164 -17.71 -38.20 -76.95
CA HIS F 164 -16.73 -38.44 -78.00
C HIS F 164 -15.44 -39.04 -77.45
N GLN F 165 -15.19 -38.95 -76.14
CA GLN F 165 -14.08 -39.68 -75.57
C GLN F 165 -14.46 -41.12 -75.25
N ALA F 166 -15.74 -41.41 -75.09
CA ALA F 166 -16.20 -42.75 -74.72
C ALA F 166 -16.05 -43.74 -75.88
N ILE F 167 -16.51 -43.36 -77.06
CA ILE F 167 -16.52 -44.26 -78.21
C ILE F 167 -15.11 -44.45 -78.77
N LYS F 168 -14.14 -43.83 -78.13
CA LYS F 168 -12.73 -44.05 -78.44
C LYS F 168 -12.01 -44.76 -77.30
N GLY F 169 -12.76 -45.35 -76.37
CA GLY F 169 -12.21 -46.23 -75.36
C GLY F 169 -11.78 -45.60 -74.06
N VAL F 170 -12.16 -44.35 -73.79
CA VAL F 170 -11.78 -43.70 -72.53
C VAL F 170 -12.75 -44.14 -71.45
N ARG F 171 -12.20 -44.58 -70.31
CA ARG F 171 -12.99 -45.01 -69.17
C ARG F 171 -12.93 -44.06 -67.98
N LEU F 172 -11.91 -43.21 -67.90
CA LEU F 172 -11.65 -42.40 -66.72
C LEU F 172 -11.28 -40.99 -67.16
N ALA F 173 -11.98 -39.98 -66.64
CA ALA F 173 -11.74 -38.59 -66.98
C ALA F 173 -11.67 -37.74 -65.71
N TYR F 174 -10.87 -36.68 -65.78
CA TYR F 174 -10.80 -35.71 -64.70
C TYR F 174 -11.05 -34.31 -65.22
N TRP F 175 -11.32 -33.40 -64.29
CA TRP F 175 -11.65 -32.00 -64.58
C TRP F 175 -11.19 -31.15 -63.41
N VAL F 176 -10.32 -30.19 -63.68
CA VAL F 176 -9.82 -29.25 -62.70
C VAL F 176 -10.30 -27.85 -63.07
N GLY F 177 -10.73 -27.07 -62.08
CA GLY F 177 -11.23 -25.74 -62.37
C GLY F 177 -11.97 -25.16 -61.19
N PHE F 178 -12.64 -24.03 -61.46
CA PHE F 178 -13.41 -23.32 -60.44
C PHE F 178 -14.71 -24.04 -60.13
N ASP F 179 -15.13 -23.93 -58.86
CA ASP F 179 -16.39 -24.49 -58.41
C ASP F 179 -17.57 -23.89 -59.17
N THR F 180 -18.50 -24.75 -59.58
CA THR F 180 -19.65 -24.36 -60.39
C THR F 180 -20.89 -24.02 -59.57
N THR F 181 -20.82 -24.13 -58.24
CA THR F 181 -21.98 -23.89 -57.40
C THR F 181 -22.55 -22.47 -57.50
N PRO F 182 -21.75 -21.38 -57.53
CA PRO F 182 -22.36 -20.04 -57.65
C PRO F 182 -23.19 -19.84 -58.90
N PHE F 183 -22.89 -20.54 -60.00
CA PHE F 183 -23.68 -20.40 -61.21
C PHE F 183 -24.94 -21.27 -61.20
N MET F 184 -25.04 -22.23 -60.28
CA MET F 184 -26.30 -22.95 -60.12
C MET F 184 -27.27 -22.19 -59.23
N TYR F 185 -26.77 -21.35 -58.34
CA TYR F 185 -27.61 -20.44 -57.56
C TYR F 185 -27.99 -19.19 -58.33
N ASN F 186 -27.39 -18.95 -59.49
CA ASN F 186 -27.78 -17.87 -60.41
C ASN F 186 -27.47 -16.48 -59.85
N ALA F 187 -26.27 -16.29 -59.30
CA ALA F 187 -25.86 -14.99 -58.79
C ALA F 187 -25.46 -14.05 -59.93
N MET F 188 -25.56 -12.75 -59.67
CA MET F 188 -25.18 -11.77 -60.68
C MET F 188 -23.69 -11.42 -60.67
N ALA F 189 -23.01 -11.52 -59.52
CA ALA F 189 -21.58 -11.28 -59.44
C ALA F 189 -21.04 -12.04 -58.23
N GLY F 190 -19.72 -12.17 -58.15
CA GLY F 190 -19.13 -12.87 -57.02
C GLY F 190 -17.63 -12.82 -57.03
N ALA F 191 -17.04 -13.46 -56.01
CA ALA F 191 -15.61 -13.46 -55.78
C ALA F 191 -15.10 -14.86 -55.44
N TYR F 192 -13.82 -15.09 -55.75
CA TYR F 192 -13.05 -16.25 -55.29
C TYR F 192 -11.81 -15.69 -54.60
N PRO F 193 -11.96 -15.16 -53.39
CA PRO F 193 -10.93 -14.25 -52.86
C PRO F 193 -9.56 -14.88 -52.65
N SER F 194 -9.44 -16.19 -52.45
CA SER F 194 -8.13 -16.78 -52.23
C SER F 194 -7.33 -16.98 -53.51
N TYR F 195 -7.94 -16.82 -54.68
CA TYR F 195 -7.24 -16.98 -55.95
C TYR F 195 -7.19 -15.69 -56.74
N SER F 196 -7.39 -14.54 -56.08
CA SER F 196 -7.29 -13.22 -56.70
C SER F 196 -8.23 -13.06 -57.90
N THR F 197 -9.45 -13.56 -57.78
CA THR F 197 -10.39 -13.59 -58.89
C THR F 197 -11.70 -12.90 -58.51
N ASN F 198 -12.21 -12.10 -59.45
CA ASN F 198 -13.56 -11.55 -59.39
C ASN F 198 -14.22 -11.79 -60.73
N TRP F 199 -15.56 -11.93 -60.72
CA TRP F 199 -16.31 -12.13 -61.94
C TRP F 199 -17.60 -11.32 -61.84
N ALA F 200 -18.16 -10.97 -62.99
CA ALA F 200 -19.40 -10.21 -63.01
C ALA F 200 -20.16 -10.43 -64.31
N ASP F 201 -21.46 -10.23 -64.24
CA ASP F 201 -22.31 -10.17 -65.42
C ASP F 201 -22.05 -8.89 -66.23
N GLU F 202 -22.22 -8.99 -67.55
CA GLU F 202 -22.04 -7.84 -68.43
C GLU F 202 -22.89 -6.65 -68.03
N GLN F 203 -24.09 -6.90 -67.50
CA GLN F 203 -25.04 -5.82 -67.23
C GLN F 203 -24.65 -4.94 -66.05
N VAL F 204 -23.71 -5.35 -65.21
CA VAL F 204 -23.38 -4.61 -64.01
C VAL F 204 -21.92 -4.15 -64.00
N LEU F 205 -21.27 -4.10 -65.16
CA LEU F 205 -19.88 -3.66 -65.24
C LEU F 205 -19.70 -2.18 -64.87
N LYS F 206 -20.76 -1.38 -64.87
CA LYS F 206 -20.69 0.03 -64.50
C LYS F 206 -21.22 0.30 -63.10
N ALA F 207 -21.11 -0.67 -62.21
CA ALA F 207 -21.47 -0.49 -60.81
C ALA F 207 -20.35 0.25 -60.08
N LYS F 208 -20.47 0.38 -58.78
CA LYS F 208 -19.55 1.19 -57.98
C LYS F 208 -18.80 0.40 -56.92
N ASN F 209 -19.42 -0.57 -56.25
CA ASN F 209 -18.82 -1.17 -55.05
C ASN F 209 -18.68 -2.69 -55.10
N ILE F 210 -18.60 -3.29 -56.28
CA ILE F 210 -18.30 -4.71 -56.39
C ILE F 210 -16.84 -4.87 -56.82
N GLY F 211 -16.40 -6.12 -56.88
CA GLY F 211 -14.99 -6.39 -57.14
C GLY F 211 -14.51 -5.96 -58.51
N LEU F 212 -15.35 -6.11 -59.54
CA LEU F 212 -14.95 -5.87 -60.93
C LEU F 212 -15.94 -4.90 -61.59
N CYS F 213 -15.61 -3.61 -61.57
CA CYS F 213 -16.52 -2.57 -62.06
C CYS F 213 -15.74 -1.27 -62.25
N SER F 214 -16.42 -0.28 -62.84
CA SER F 214 -15.83 1.04 -63.06
C SER F 214 -16.94 2.04 -63.33
N THR F 215 -16.93 3.17 -62.65
CA THR F 215 -17.98 4.19 -62.82
C THR F 215 -17.35 5.58 -62.85
N ASP F 216 -18.21 6.61 -62.87
CA ASP F 216 -17.81 8.00 -63.10
C ASP F 216 -18.32 8.90 -61.98
N LEU F 217 -17.75 10.11 -61.91
CA LEU F 217 -18.24 11.16 -61.03
C LEU F 217 -19.33 11.97 -61.72
N THR F 218 -20.38 12.30 -60.97
CA THR F 218 -21.52 12.97 -61.57
C THR F 218 -22.28 13.75 -60.51
N GLU F 219 -23.07 14.72 -60.97
CA GLU F 219 -23.93 15.51 -60.08
C GLU F 219 -25.34 14.96 -59.99
N GLY F 220 -25.86 14.40 -61.08
CA GLY F 220 -27.13 13.72 -61.03
C GLY F 220 -28.34 14.56 -61.42
N ARG F 221 -29.18 14.01 -62.29
CA ARG F 221 -30.40 14.69 -62.72
C ARG F 221 -31.62 14.10 -62.03
N ARG F 222 -32.66 14.92 -61.88
CA ARG F 222 -33.95 14.46 -61.41
C ARG F 222 -34.83 13.94 -62.53
N GLY F 223 -34.36 14.01 -63.77
CA GLY F 223 -35.06 13.45 -64.90
C GLY F 223 -34.14 13.07 -66.04
N LYS F 224 -34.21 11.81 -66.47
CA LYS F 224 -33.43 11.30 -67.60
C LYS F 224 -34.37 10.49 -68.47
N LEU F 225 -35.02 11.16 -69.41
CA LEU F 225 -36.01 10.51 -70.25
C LEU F 225 -35.36 9.48 -71.16
N SER F 226 -36.07 8.38 -71.40
CA SER F 226 -35.67 7.37 -72.36
C SER F 226 -36.88 6.93 -73.17
N ILE F 227 -36.63 6.48 -74.39
CA ILE F 227 -37.71 5.91 -75.19
C ILE F 227 -37.74 4.39 -75.02
N MET F 228 -36.62 3.79 -74.64
CA MET F 228 -36.58 2.35 -74.41
C MET F 228 -36.66 2.08 -72.90
N ARG F 229 -37.60 1.21 -72.52
CA ARG F 229 -37.84 0.87 -71.13
C ARG F 229 -37.47 -0.58 -70.88
N GLY F 230 -36.48 -0.82 -70.03
CA GLY F 230 -36.13 -2.17 -69.63
C GLY F 230 -36.99 -2.71 -68.51
N LYS F 231 -36.87 -2.10 -67.33
CA LYS F 231 -37.63 -2.47 -66.13
C LYS F 231 -37.42 -3.92 -65.71
N LYS F 232 -36.38 -4.57 -66.23
CA LYS F 232 -36.09 -5.96 -65.89
C LYS F 232 -34.59 -6.17 -65.88
N LEU F 233 -34.06 -6.59 -64.75
CA LEU F 233 -32.62 -6.81 -64.55
C LEU F 233 -32.42 -8.23 -64.04
N GLU F 234 -32.02 -9.14 -64.92
CA GLU F 234 -31.82 -10.56 -64.61
C GLU F 234 -30.55 -11.06 -65.27
N PRO F 235 -29.93 -12.11 -64.72
CA PRO F 235 -28.71 -12.66 -65.31
C PRO F 235 -28.92 -13.05 -66.76
N CYS F 236 -27.90 -12.79 -67.57
N CYS F 236 -27.89 -12.80 -67.57
CA CYS F 236 -27.83 -13.14 -68.97
CA CYS F 236 -27.87 -13.22 -68.95
C CYS F 236 -26.63 -14.06 -69.19
C CYS F 236 -26.64 -14.08 -69.19
N ASP F 237 -26.47 -14.56 -70.41
CA ASP F 237 -25.52 -15.64 -70.65
C ASP F 237 -24.07 -15.22 -70.46
N ARG F 238 -23.68 -14.03 -70.90
CA ARG F 238 -22.26 -13.67 -70.99
C ARG F 238 -21.75 -13.11 -69.67
N VAL F 239 -20.59 -13.61 -69.23
CA VAL F 239 -19.97 -13.31 -67.95
C VAL F 239 -18.49 -13.06 -68.17
N LEU F 240 -17.91 -12.17 -67.37
CA LEU F 240 -16.49 -11.81 -67.49
C LEU F 240 -15.73 -12.24 -66.24
N PHE F 241 -14.61 -12.92 -66.43
CA PHE F 241 -13.72 -13.34 -65.35
C PHE F 241 -12.43 -12.52 -65.37
N SER F 242 -11.91 -12.19 -64.19
CA SER F 242 -10.64 -11.50 -64.07
C SER F 242 -9.77 -12.23 -63.07
N VAL F 243 -8.81 -12.99 -63.58
CA VAL F 243 -7.87 -13.72 -62.74
C VAL F 243 -6.60 -12.89 -62.65
N GLY F 244 -6.37 -12.27 -61.50
CA GLY F 244 -5.39 -11.21 -61.42
C GLY F 244 -5.75 -10.07 -62.35
N SER F 245 -4.93 -9.83 -63.38
CA SER F 245 -5.23 -8.84 -64.40
C SER F 245 -5.48 -9.45 -65.77
N THR F 246 -5.68 -10.76 -65.86
CA THR F 246 -6.02 -11.43 -67.12
C THR F 246 -7.52 -11.57 -67.24
N LEU F 247 -8.06 -11.24 -68.41
CA LEU F 247 -9.49 -11.27 -68.65
C LEU F 247 -9.90 -12.50 -69.45
N TYR F 248 -11.04 -13.09 -69.09
CA TYR F 248 -11.64 -14.26 -69.76
C TYR F 248 -13.13 -14.08 -69.87
N PRO F 249 -13.70 -14.09 -71.07
CA PRO F 249 -15.16 -14.19 -71.21
C PRO F 249 -15.63 -15.65 -71.22
N GLU F 250 -16.76 -15.90 -70.56
CA GLU F 250 -17.33 -17.25 -70.46
C GLU F 250 -18.84 -17.21 -70.66
N SER F 251 -19.44 -18.40 -70.69
CA SER F 251 -20.88 -18.60 -70.88
C SER F 251 -21.48 -19.30 -69.68
N ARG F 252 -22.67 -18.85 -69.26
CA ARG F 252 -23.36 -19.51 -68.15
C ARG F 252 -23.74 -20.94 -68.48
N LYS F 253 -24.24 -21.17 -69.70
CA LYS F 253 -24.74 -22.50 -70.07
C LYS F 253 -23.63 -23.53 -70.06
N LEU F 254 -22.46 -23.19 -70.55
CA LEU F 254 -21.36 -24.15 -70.60
C LEU F 254 -20.72 -24.35 -69.23
N LEU F 255 -20.78 -23.35 -68.36
CA LEU F 255 -20.28 -23.53 -66.99
C LEU F 255 -21.21 -24.45 -66.19
N LYS F 256 -22.52 -24.29 -66.36
CA LYS F 256 -23.48 -25.09 -65.62
C LYS F 256 -23.49 -26.54 -66.06
N SER F 257 -23.07 -26.83 -67.29
CA SER F 257 -23.10 -28.19 -67.80
C SER F 257 -22.02 -29.08 -67.19
N TRP F 258 -21.05 -28.53 -66.48
CA TRP F 258 -20.09 -29.34 -65.74
C TRP F 258 -20.51 -29.56 -64.29
N HIS F 259 -21.72 -29.15 -63.92
CA HIS F 259 -22.31 -29.45 -62.61
C HIS F 259 -23.21 -30.67 -62.78
N LEU F 260 -22.57 -31.87 -62.83
CA LEU F 260 -23.12 -33.17 -63.18
C LEU F 260 -23.66 -33.91 -61.97
N PRO F 261 -24.69 -34.72 -62.14
CA PRO F 261 -25.27 -35.48 -61.03
C PRO F 261 -24.43 -36.72 -60.69
N SER F 262 -24.88 -37.44 -59.67
CA SER F 262 -24.19 -38.65 -59.22
C SER F 262 -24.20 -39.73 -60.29
N VAL F 263 -25.31 -39.92 -60.99
CA VAL F 263 -25.45 -40.95 -62.01
C VAL F 263 -26.15 -40.34 -63.22
N PHE F 264 -25.62 -40.58 -64.41
CA PHE F 264 -26.27 -40.13 -65.65
C PHE F 264 -25.94 -41.11 -66.77
N HIS F 265 -26.81 -41.14 -67.78
CA HIS F 265 -26.69 -42.04 -68.92
C HIS F 265 -26.46 -41.26 -70.21
N LEU F 266 -25.55 -41.77 -71.04
CA LEU F 266 -25.32 -41.25 -72.39
C LEU F 266 -25.89 -42.23 -73.41
N LYS F 267 -26.86 -41.78 -74.20
CA LYS F 267 -27.60 -42.66 -75.11
C LYS F 267 -27.32 -42.25 -76.56
N GLY F 268 -26.31 -42.88 -77.16
CA GLY F 268 -26.04 -42.69 -78.57
C GLY F 268 -26.07 -43.99 -79.34
N LYS F 269 -25.20 -44.11 -80.35
CA LYS F 269 -25.01 -45.40 -81.01
C LYS F 269 -24.25 -46.38 -80.13
N LEU F 270 -23.70 -45.93 -79.01
CA LEU F 270 -23.07 -46.79 -78.02
C LEU F 270 -23.44 -46.23 -76.65
N SER F 271 -24.26 -46.96 -75.91
CA SER F 271 -24.79 -46.46 -74.65
C SER F 271 -23.75 -46.60 -73.54
N PHE F 272 -23.79 -45.65 -72.61
CA PHE F 272 -22.87 -45.64 -71.48
C PHE F 272 -23.62 -45.26 -70.21
N THR F 273 -23.02 -45.64 -69.07
CA THR F 273 -23.53 -45.32 -67.75
C THR F 273 -22.38 -44.71 -66.95
N CYS F 274 -22.63 -43.55 -66.32
CA CYS F 274 -21.54 -42.72 -65.82
C CYS F 274 -21.80 -42.23 -64.41
N ARG F 275 -20.71 -42.00 -63.68
CA ARG F 275 -20.71 -41.48 -62.33
C ARG F 275 -19.83 -40.24 -62.26
N CYS F 276 -20.11 -39.37 -61.29
CA CYS F 276 -19.33 -38.14 -61.08
C CYS F 276 -19.16 -37.91 -59.59
N ASP F 277 -17.91 -37.85 -59.13
CA ASP F 277 -17.61 -37.59 -57.73
C ASP F 277 -16.60 -36.45 -57.62
N THR F 278 -16.68 -35.70 -56.52
CA THR F 278 -15.76 -34.62 -56.24
C THR F 278 -14.70 -35.13 -55.27
N VAL F 279 -13.44 -35.04 -55.65
CA VAL F 279 -12.35 -35.71 -54.95
C VAL F 279 -11.53 -34.72 -54.11
N VAL F 280 -11.34 -33.50 -54.60
CA VAL F 280 -10.64 -32.46 -53.85
C VAL F 280 -11.49 -31.20 -53.85
N SER F 281 -11.29 -30.36 -52.83
CA SER F 281 -12.08 -29.13 -52.69
C SER F 281 -11.32 -28.18 -51.78
N CYS F 282 -10.93 -27.02 -52.29
CA CYS F 282 -10.13 -26.06 -51.52
C CYS F 282 -10.56 -24.64 -51.87
N GLU F 283 -11.47 -24.08 -51.06
CA GLU F 283 -11.81 -22.65 -51.06
C GLU F 283 -12.33 -22.13 -52.41
N GLY F 284 -12.94 -22.99 -53.22
CA GLY F 284 -13.46 -22.57 -54.50
C GLY F 284 -12.81 -23.24 -55.70
N TYR F 285 -11.85 -24.13 -55.50
CA TYR F 285 -11.21 -24.83 -56.61
C TYR F 285 -11.37 -26.33 -56.36
N VAL F 286 -11.77 -27.08 -57.38
CA VAL F 286 -12.15 -28.49 -57.19
C VAL F 286 -11.49 -29.40 -58.22
N VAL F 287 -11.44 -30.68 -57.88
CA VAL F 287 -11.09 -31.77 -58.80
C VAL F 287 -12.25 -32.74 -58.86
N LYS F 288 -12.74 -33.03 -60.05
CA LYS F 288 -13.78 -34.02 -60.26
C LYS F 288 -13.22 -35.26 -60.94
N ARG F 289 -13.87 -36.40 -60.71
CA ARG F 289 -13.52 -37.67 -61.34
C ARG F 289 -14.77 -38.30 -61.93
N ILE F 290 -14.69 -38.71 -63.18
CA ILE F 290 -15.83 -39.27 -63.91
C ILE F 290 -15.43 -40.65 -64.44
N THR F 291 -16.09 -41.69 -63.95
CA THR F 291 -15.93 -43.04 -64.48
C THR F 291 -17.05 -43.34 -65.46
N MET F 292 -16.75 -44.15 -66.47
CA MET F 292 -17.68 -44.44 -67.55
C MET F 292 -17.57 -45.91 -67.91
N SER F 293 -18.66 -46.48 -68.44
CA SER F 293 -18.73 -47.91 -68.69
C SER F 293 -19.82 -48.19 -69.72
N PRO F 294 -19.66 -49.24 -70.52
CA PRO F 294 -20.61 -49.49 -71.61
C PRO F 294 -21.89 -50.16 -71.14
N GLY F 295 -22.96 -49.91 -71.88
CA GLY F 295 -24.26 -50.46 -71.55
C GLY F 295 -24.97 -49.69 -70.47
N LEU F 296 -26.28 -49.52 -70.58
CA LEU F 296 -27.03 -48.69 -69.65
C LEU F 296 -27.72 -49.55 -68.60
N TYR F 297 -27.48 -49.24 -67.33
CA TYR F 297 -28.01 -50.01 -66.21
C TYR F 297 -28.04 -49.12 -64.97
N GLY F 298 -28.84 -49.54 -64.00
CA GLY F 298 -29.04 -48.75 -62.80
C GLY F 298 -30.17 -47.76 -62.97
N LYS F 299 -30.33 -46.91 -61.96
CA LYS F 299 -31.38 -45.90 -61.98
C LYS F 299 -30.81 -44.55 -61.58
N THR F 300 -31.41 -43.49 -62.13
CA THR F 300 -30.98 -42.13 -61.91
C THR F 300 -32.04 -41.36 -61.12
N THR F 301 -31.57 -40.42 -60.29
CA THR F 301 -32.45 -39.50 -59.59
C THR F 301 -32.40 -38.09 -60.14
N GLY F 302 -31.25 -37.65 -60.63
CA GLY F 302 -31.11 -36.28 -61.11
C GLY F 302 -30.81 -35.27 -60.03
N TYR F 303 -30.02 -35.63 -59.02
CA TYR F 303 -29.64 -34.73 -57.95
C TYR F 303 -28.13 -34.60 -57.91
N ALA F 304 -27.65 -33.38 -57.74
CA ALA F 304 -26.23 -33.09 -57.55
C ALA F 304 -26.02 -32.48 -56.18
N VAL F 305 -24.96 -32.90 -55.49
CA VAL F 305 -24.72 -32.55 -54.11
C VAL F 305 -23.37 -31.87 -53.97
N THR F 306 -23.32 -30.78 -53.21
CA THR F 306 -22.09 -30.07 -52.88
C THR F 306 -21.90 -30.09 -51.38
N HIS F 307 -20.72 -30.53 -50.92
CA HIS F 307 -20.37 -30.49 -49.51
C HIS F 307 -19.53 -29.25 -49.22
N HIS F 308 -19.90 -28.51 -48.18
CA HIS F 308 -19.29 -27.21 -47.86
C HIS F 308 -18.33 -27.36 -46.70
N ALA F 309 -17.03 -27.24 -46.98
CA ALA F 309 -16.04 -27.24 -45.91
C ALA F 309 -15.85 -25.85 -45.32
N ASP F 310 -16.06 -24.80 -46.10
CA ASP F 310 -16.15 -23.44 -45.61
C ASP F 310 -17.57 -22.92 -45.82
N GLY F 311 -17.83 -21.70 -45.33
CA GLY F 311 -19.13 -21.11 -45.53
C GLY F 311 -19.31 -20.55 -46.93
N PHE F 312 -20.57 -20.61 -47.40
CA PHE F 312 -20.96 -20.05 -48.69
C PHE F 312 -22.12 -19.09 -48.45
N LEU F 313 -21.97 -17.86 -48.96
CA LEU F 313 -22.95 -16.80 -48.74
C LEU F 313 -23.50 -16.28 -50.06
N MET F 314 -24.70 -15.73 -50.00
CA MET F 314 -25.36 -15.12 -51.16
C MET F 314 -26.45 -14.20 -50.66
N CYS F 315 -26.37 -12.91 -50.96
CA CYS F 315 -27.29 -11.93 -50.40
C CYS F 315 -27.68 -10.88 -51.43
N LYS F 316 -28.65 -10.06 -51.04
CA LYS F 316 -29.11 -8.93 -51.83
C LYS F 316 -28.35 -7.66 -51.45
N THR F 317 -27.85 -6.95 -52.45
CA THR F 317 -27.16 -5.67 -52.24
C THR F 317 -27.80 -4.59 -53.09
N THR F 318 -27.64 -3.34 -52.63
CA THR F 318 -28.08 -2.16 -53.37
C THR F 318 -26.85 -1.39 -53.82
N ASP F 319 -26.84 -0.97 -55.08
CA ASP F 319 -25.73 -0.22 -55.65
C ASP F 319 -26.30 0.74 -56.69
N THR F 320 -25.42 1.53 -57.28
CA THR F 320 -25.75 2.41 -58.39
C THR F 320 -25.04 1.89 -59.64
N VAL F 321 -25.79 1.67 -60.71
CA VAL F 321 -25.26 1.17 -61.97
C VAL F 321 -25.51 2.25 -63.01
N ASP F 322 -24.42 2.90 -63.46
CA ASP F 322 -24.48 4.00 -64.43
C ASP F 322 -25.37 5.15 -63.94
N GLY F 323 -25.39 5.40 -62.62
CA GLY F 323 -26.18 6.46 -62.04
C GLY F 323 -27.50 6.04 -61.44
N GLU F 324 -28.02 4.87 -61.80
CA GLU F 324 -29.35 4.42 -61.38
C GLU F 324 -29.25 3.40 -60.24
N ARG F 325 -29.99 3.64 -59.18
CA ARG F 325 -29.99 2.76 -58.01
C ARG F 325 -30.81 1.50 -58.28
N VAL F 326 -30.22 0.33 -58.00
CA VAL F 326 -30.82 -0.98 -58.31
C VAL F 326 -30.40 -1.98 -57.23
N SER F 327 -30.95 -3.20 -57.33
CA SER F 327 -30.65 -4.30 -56.40
C SER F 327 -30.37 -5.59 -57.16
N PHE F 328 -29.39 -6.36 -56.68
CA PHE F 328 -29.04 -7.65 -57.27
C PHE F 328 -28.25 -8.47 -56.25
N SER F 329 -27.87 -9.68 -56.62
CA SER F 329 -27.30 -10.65 -55.70
C SER F 329 -25.81 -10.89 -55.94
N VAL F 330 -25.07 -11.07 -54.85
CA VAL F 330 -23.62 -11.26 -54.83
C VAL F 330 -23.29 -12.46 -53.96
N CYS F 331 -22.25 -13.21 -54.33
CA CYS F 331 -21.85 -14.41 -53.58
C CYS F 331 -20.36 -14.36 -53.23
N THR F 332 -19.98 -15.10 -52.19
CA THR F 332 -18.60 -15.16 -51.73
C THR F 332 -18.40 -16.36 -50.81
N TYR F 333 -17.13 -16.62 -50.47
CA TYR F 333 -16.73 -17.71 -49.57
C TYR F 333 -16.16 -17.13 -48.28
N VAL F 334 -16.45 -17.75 -47.15
CA VAL F 334 -16.04 -17.29 -45.83
C VAL F 334 -15.29 -18.41 -45.14
N PRO F 335 -14.14 -18.17 -44.53
CA PRO F 335 -13.40 -19.25 -43.86
C PRO F 335 -14.11 -19.80 -42.63
N ALA F 336 -13.86 -21.09 -42.37
CA ALA F 336 -14.62 -21.82 -41.36
C ALA F 336 -14.39 -21.29 -39.95
N THR F 337 -13.16 -20.84 -39.65
CA THR F 337 -12.88 -20.28 -38.33
C THR F 337 -13.71 -19.03 -38.06
N ILE F 338 -13.89 -18.18 -39.05
CA ILE F 338 -14.71 -16.98 -38.87
C ILE F 338 -16.17 -17.34 -38.62
N CYS F 339 -16.69 -18.31 -39.37
CA CYS F 339 -18.08 -18.73 -39.22
C CYS F 339 -18.35 -19.29 -37.83
N ASP F 340 -17.42 -20.09 -37.30
CA ASP F 340 -17.59 -20.68 -35.98
C ASP F 340 -17.64 -19.62 -34.88
N GLN F 341 -16.85 -18.56 -35.02
CA GLN F 341 -16.76 -17.54 -33.98
C GLN F 341 -17.92 -16.54 -34.01
N MET F 342 -18.81 -16.62 -35.00
CA MET F 342 -19.98 -15.77 -35.04
C MET F 342 -21.25 -16.48 -34.57
N THR F 343 -21.14 -17.72 -34.09
CA THR F 343 -22.32 -18.49 -33.71
C THR F 343 -23.07 -17.84 -32.56
N GLY F 344 -22.35 -17.38 -31.54
CA GLY F 344 -22.97 -16.71 -30.42
C GLY F 344 -23.64 -15.39 -30.74
N ILE F 345 -23.00 -14.58 -31.58
CA ILE F 345 -23.50 -13.25 -31.90
C ILE F 345 -24.81 -13.32 -32.68
N LEU F 346 -24.97 -14.30 -33.56
CA LEU F 346 -26.13 -14.32 -34.44
C LEU F 346 -27.38 -14.87 -33.76
N ALA F 347 -27.31 -15.16 -32.46
CA ALA F 347 -28.50 -15.58 -31.71
C ALA F 347 -29.52 -14.46 -31.57
N THR F 348 -29.05 -13.21 -31.51
CA THR F 348 -29.91 -12.04 -31.42
C THR F 348 -29.85 -11.24 -32.72
N GLU F 349 -30.54 -10.10 -32.72
CA GLU F 349 -30.55 -9.21 -33.87
C GLU F 349 -29.45 -8.18 -33.73
N VAL F 350 -28.61 -8.08 -34.75
CA VAL F 350 -27.44 -7.21 -34.75
C VAL F 350 -27.52 -6.30 -35.97
N THR F 351 -27.07 -5.06 -35.82
CA THR F 351 -27.04 -4.12 -36.92
C THR F 351 -25.86 -4.40 -37.85
N PRO F 352 -25.94 -3.99 -39.12
CA PRO F 352 -24.79 -4.17 -40.01
C PRO F 352 -23.54 -3.46 -39.52
N GLU F 353 -23.68 -2.30 -38.88
CA GLU F 353 -22.51 -1.58 -38.39
C GLU F 353 -21.80 -2.34 -37.29
N ASP F 354 -22.56 -2.93 -36.36
CA ASP F 354 -21.96 -3.67 -35.25
C ASP F 354 -21.38 -4.99 -35.71
N ALA F 355 -21.99 -5.64 -36.71
CA ALA F 355 -21.40 -6.84 -37.29
C ALA F 355 -20.04 -6.52 -37.94
N GLN F 356 -19.94 -5.38 -38.60
CA GLN F 356 -18.69 -5.00 -39.28
C GLN F 356 -17.55 -4.82 -38.28
N LYS F 357 -17.81 -4.15 -37.16
CA LYS F 357 -16.77 -3.94 -36.15
C LYS F 357 -16.31 -5.25 -35.54
N LEU F 358 -17.24 -6.16 -35.26
CA LEU F 358 -16.88 -7.46 -34.73
C LEU F 358 -16.02 -8.25 -35.71
N LEU F 359 -16.36 -8.21 -37.00
CA LEU F 359 -15.61 -8.95 -38.01
C LEU F 359 -14.19 -8.41 -38.16
N VAL F 360 -14.02 -7.10 -38.08
CA VAL F 360 -12.68 -6.51 -38.17
C VAL F 360 -11.82 -6.96 -37.00
N GLY F 361 -12.40 -7.01 -35.80
CA GLY F 361 -11.66 -7.50 -34.64
C GLY F 361 -11.22 -8.94 -34.78
N LEU F 362 -12.11 -9.80 -35.29
CA LEU F 362 -11.77 -11.22 -35.47
C LEU F 362 -10.76 -11.44 -36.59
N ASN F 363 -10.57 -10.46 -37.46
CA ASN F 363 -9.74 -10.64 -38.65
C ASN F 363 -8.27 -10.33 -38.43
N GLN F 364 -7.93 -9.54 -37.42
CA GLN F 364 -6.54 -9.14 -37.20
C GLN F 364 -5.65 -10.26 -36.71
N ARG F 365 -6.13 -11.50 -36.65
CA ARG F 365 -5.32 -12.62 -36.21
C ARG F 365 -4.23 -12.96 -37.23
N THR F 376 -1.44 -9.29 -40.67
CA THR F 376 -2.00 -10.33 -41.54
C THR F 376 -3.48 -10.54 -41.23
N ASN F 377 -4.27 -10.76 -42.28
CA ASN F 377 -5.71 -10.94 -42.16
C ASN F 377 -6.11 -12.34 -42.59
N THR F 378 -7.20 -12.84 -42.00
CA THR F 378 -7.73 -14.14 -42.41
C THR F 378 -8.47 -14.04 -43.74
N MET F 379 -9.26 -12.98 -43.92
CA MET F 379 -9.99 -12.74 -45.15
C MET F 379 -9.68 -11.34 -45.67
N LYS F 380 -9.89 -11.15 -46.98
CA LYS F 380 -9.66 -9.86 -47.61
C LYS F 380 -10.66 -8.82 -47.12
N ASN F 381 -10.17 -7.59 -46.94
CA ASN F 381 -10.98 -6.54 -46.31
C ASN F 381 -12.05 -5.97 -47.23
N TYR F 382 -11.91 -6.08 -48.54
CA TYR F 382 -12.89 -5.48 -49.43
C TYR F 382 -14.20 -6.25 -49.49
N MET F 383 -14.22 -7.50 -49.01
CA MET F 383 -15.47 -8.25 -48.96
C MET F 383 -16.17 -8.13 -47.61
N ILE F 384 -15.52 -7.51 -46.61
CA ILE F 384 -16.10 -7.48 -45.26
C ILE F 384 -17.44 -6.73 -45.19
N PRO F 385 -17.62 -5.56 -45.80
CA PRO F 385 -18.93 -4.88 -45.67
C PRO F 385 -20.12 -5.67 -46.20
N VAL F 386 -19.97 -6.43 -47.28
CA VAL F 386 -21.11 -7.18 -47.80
C VAL F 386 -21.36 -8.45 -46.98
N VAL F 387 -20.32 -9.03 -46.38
CA VAL F 387 -20.50 -10.17 -45.49
C VAL F 387 -21.21 -9.75 -44.21
N ALA F 388 -20.85 -8.58 -43.66
CA ALA F 388 -21.49 -8.10 -42.44
C ALA F 388 -22.96 -7.80 -42.66
N GLN F 389 -23.31 -7.36 -43.86
CA GLN F 389 -24.70 -7.08 -44.20
C GLN F 389 -25.53 -8.34 -44.38
N ALA F 390 -24.93 -9.39 -44.96
CA ALA F 390 -25.63 -10.67 -45.11
C ALA F 390 -25.91 -11.32 -43.75
N PHE F 391 -24.93 -11.27 -42.84
CA PHE F 391 -25.08 -11.91 -41.54
C PHE F 391 -26.22 -11.31 -40.74
N SER F 392 -26.40 -9.98 -40.81
CA SER F 392 -27.45 -9.35 -40.02
C SER F 392 -28.83 -9.57 -40.62
N LYS F 393 -28.95 -9.69 -41.94
CA LYS F 393 -30.24 -10.03 -42.54
C LYS F 393 -30.63 -11.48 -42.25
N TRP F 394 -29.65 -12.38 -42.17
CA TRP F 394 -29.94 -13.76 -41.84
C TRP F 394 -30.46 -13.90 -40.42
N ALA F 395 -29.84 -13.20 -39.47
CA ALA F 395 -30.26 -13.25 -38.07
C ALA F 395 -31.66 -12.68 -37.89
N LYS F 396 -32.04 -11.70 -38.71
CA LYS F 396 -33.37 -11.12 -38.59
C LYS F 396 -34.44 -12.05 -39.14
N GLU F 397 -34.16 -12.74 -40.24
CA GLU F 397 -35.12 -13.68 -40.81
C GLU F 397 -35.30 -14.94 -39.97
N CYS F 398 -34.31 -15.29 -39.14
CA CYS F 398 -34.47 -16.42 -38.22
C CYS F 398 -35.40 -16.08 -37.06
N ARG F 399 -35.35 -14.84 -36.57
CA ARG F 399 -36.25 -14.42 -35.51
C ARG F 399 -37.70 -14.42 -35.95
N LYS F 400 -37.96 -14.00 -37.20
CA LYS F 400 -39.33 -13.92 -37.69
C LYS F 400 -39.96 -15.30 -37.83
N ASP F 401 -39.18 -16.29 -38.21
CA ASP F 401 -39.70 -17.66 -38.27
C ASP F 401 -40.14 -18.13 -36.89
N MET F 402 -39.33 -17.85 -35.86
CA MET F 402 -39.60 -18.33 -34.51
C MET F 402 -40.85 -17.68 -33.91
N GLU F 403 -41.18 -16.46 -34.32
CA GLU F 403 -42.31 -15.73 -33.76
C GLU F 403 -43.59 -15.90 -34.57
N ASP F 404 -43.55 -16.63 -35.68
CA ASP F 404 -44.74 -16.92 -36.49
C ASP F 404 -44.73 -18.42 -36.72
N GLU F 405 -45.24 -19.17 -35.75
CA GLU F 405 -45.09 -20.61 -35.67
C GLU F 405 -46.40 -21.29 -36.03
N LYS F 406 -46.32 -22.35 -36.83
CA LYS F 406 -47.48 -23.02 -37.38
C LYS F 406 -47.79 -24.30 -36.62
N LEU F 407 -48.79 -25.03 -37.11
CA LEU F 407 -49.18 -26.31 -36.54
C LEU F 407 -48.46 -27.44 -37.26
N LEU F 408 -48.20 -28.53 -36.53
CA LEU F 408 -47.47 -29.65 -37.12
C LEU F 408 -48.31 -30.32 -38.19
N GLY F 409 -47.69 -30.62 -39.33
CA GLY F 409 -48.34 -31.43 -40.33
C GLY F 409 -49.40 -30.73 -41.14
N VAL F 410 -49.51 -29.42 -41.03
CA VAL F 410 -50.60 -28.66 -41.62
C VAL F 410 -50.03 -27.47 -42.38
N ARG F 411 -50.35 -27.41 -43.67
CA ARG F 411 -50.20 -26.20 -44.47
C ARG F 411 -51.53 -25.47 -44.33
N GLU F 412 -51.51 -24.19 -43.99
CA GLU F 412 -52.78 -23.45 -43.97
C GLU F 412 -52.88 -22.58 -45.23
N ARG F 413 -53.34 -23.21 -46.30
CA ARG F 413 -53.67 -22.56 -47.56
C ARG F 413 -55.13 -22.12 -47.60
N THR F 414 -55.86 -22.26 -46.49
CA THR F 414 -57.27 -21.88 -46.39
C THR F 414 -58.11 -22.57 -47.46
N CYS F 419 -60.13 -20.31 -48.77
CA CYS F 419 -61.28 -20.86 -49.49
C CYS F 419 -60.86 -21.26 -50.89
N LEU F 420 -60.03 -20.43 -51.52
CA LEU F 420 -59.34 -20.78 -52.75
C LEU F 420 -57.85 -20.91 -52.46
N TRP F 421 -57.20 -21.86 -53.12
CA TRP F 421 -55.86 -22.25 -52.72
C TRP F 421 -54.84 -21.21 -53.11
N ALA F 422 -54.65 -20.20 -52.26
CA ALA F 422 -53.70 -19.12 -52.52
C ALA F 422 -52.96 -18.84 -51.22
N PHE F 423 -51.65 -19.12 -51.23
CA PHE F 423 -50.84 -18.94 -50.04
C PHE F 423 -49.87 -17.77 -50.23
N LYS F 424 -49.35 -17.27 -49.12
CA LYS F 424 -48.45 -16.13 -49.11
C LYS F 424 -47.01 -16.62 -49.06
N LYS F 425 -46.17 -16.05 -49.93
CA LYS F 425 -44.74 -16.35 -49.94
C LYS F 425 -43.98 -15.30 -49.16
N GLN F 426 -43.01 -15.73 -48.38
CA GLN F 426 -42.19 -14.83 -47.59
C GLN F 426 -40.99 -14.37 -48.41
N LYS F 427 -40.36 -13.30 -47.93
CA LYS F 427 -39.19 -12.74 -48.58
C LYS F 427 -37.92 -13.36 -48.00
N THR F 428 -37.00 -13.74 -48.90
CA THR F 428 -35.71 -14.30 -48.53
C THR F 428 -34.61 -13.45 -49.15
N HIS F 429 -33.77 -12.87 -48.31
CA HIS F 429 -32.69 -12.01 -48.79
C HIS F 429 -31.30 -12.58 -48.58
N THR F 430 -31.15 -13.68 -47.85
CA THR F 430 -29.84 -14.28 -47.62
C THR F 430 -29.94 -15.80 -47.70
N VAL F 431 -28.96 -16.40 -48.37
CA VAL F 431 -28.75 -17.85 -48.35
C VAL F 431 -27.39 -18.08 -47.70
N TYR F 432 -27.37 -18.82 -46.61
CA TYR F 432 -26.16 -19.05 -45.82
C TYR F 432 -25.98 -20.54 -45.61
N LYS F 433 -24.96 -21.12 -46.24
CA LYS F 433 -24.61 -22.53 -46.07
C LYS F 433 -23.42 -22.63 -45.13
N ARG F 434 -23.67 -23.09 -43.91
CA ARG F 434 -22.66 -23.21 -42.88
C ARG F 434 -21.74 -24.40 -43.16
N PRO F 435 -20.54 -24.38 -42.57
CA PRO F 435 -19.65 -25.55 -42.71
C PRO F 435 -20.30 -26.83 -42.18
N ASP F 436 -20.06 -27.93 -42.90
CA ASP F 436 -20.60 -29.27 -42.65
C ASP F 436 -22.05 -29.44 -43.10
N THR F 437 -22.58 -28.55 -43.94
CA THR F 437 -23.89 -28.74 -44.55
C THR F 437 -23.70 -29.08 -46.03
N GLN F 438 -24.81 -29.33 -46.73
CA GLN F 438 -24.75 -29.77 -48.12
C GLN F 438 -25.86 -29.14 -48.93
N SER F 439 -25.52 -28.66 -50.13
CA SER F 439 -26.49 -28.22 -51.12
C SER F 439 -26.92 -29.38 -52.00
N ILE F 440 -28.15 -29.32 -52.50
CA ILE F 440 -28.68 -30.38 -53.35
C ILE F 440 -29.53 -29.74 -54.45
N GLN F 441 -29.21 -30.06 -55.70
CA GLN F 441 -29.78 -29.42 -56.89
C GLN F 441 -30.33 -30.45 -57.85
N LYS F 442 -31.48 -30.15 -58.45
CA LYS F 442 -32.12 -31.03 -59.42
C LYS F 442 -31.68 -30.64 -60.84
N VAL F 443 -30.93 -31.51 -61.50
CA VAL F 443 -30.39 -31.25 -62.83
C VAL F 443 -30.79 -32.39 -63.77
N GLN F 444 -30.44 -32.23 -65.04
CA GLN F 444 -30.78 -33.19 -66.07
C GLN F 444 -29.78 -34.34 -66.09
N ALA F 445 -30.29 -35.56 -66.30
CA ALA F 445 -29.47 -36.76 -66.18
C ALA F 445 -29.57 -37.75 -67.33
N GLU F 446 -30.39 -37.48 -68.35
CA GLU F 446 -30.50 -38.34 -69.52
C GLU F 446 -30.11 -37.56 -70.77
N PHE F 447 -29.07 -38.03 -71.46
CA PHE F 447 -28.48 -37.29 -72.57
C PHE F 447 -28.53 -38.14 -73.83
N ASP F 448 -29.15 -37.63 -74.88
CA ASP F 448 -29.22 -38.37 -76.15
C ASP F 448 -28.83 -37.54 -77.36
N SER F 449 -29.03 -36.23 -77.33
CA SER F 449 -28.69 -35.37 -78.45
C SER F 449 -27.28 -34.82 -78.28
N PHE F 450 -26.45 -35.01 -79.32
CA PHE F 450 -25.05 -34.63 -79.29
C PHE F 450 -24.73 -33.93 -80.62
N VAL F 451 -24.94 -32.62 -80.65
CA VAL F 451 -24.79 -31.84 -81.87
C VAL F 451 -23.33 -31.70 -82.25
N GLY F 459 -6.47 -22.73 -89.32
CA GLY F 459 -5.73 -22.03 -88.30
C GLY F 459 -4.28 -21.78 -88.66
N LEU F 460 -3.49 -22.85 -88.68
CA LEU F 460 -2.06 -22.73 -88.98
C LEU F 460 -1.86 -22.20 -90.39
N SER F 461 -0.86 -21.32 -90.55
CA SER F 461 -0.55 -20.74 -91.85
C SER F 461 0.95 -20.57 -91.99
N ILE F 462 1.37 -20.25 -93.22
CA ILE F 462 2.79 -20.32 -93.58
C ILE F 462 3.68 -19.45 -92.68
N PRO F 463 3.37 -18.16 -92.45
CA PRO F 463 4.28 -17.37 -91.59
C PRO F 463 4.49 -17.97 -90.22
N LEU F 464 3.43 -18.51 -89.61
CA LEU F 464 3.60 -19.25 -88.36
C LEU F 464 4.22 -20.62 -88.61
N ARG F 465 3.80 -21.29 -89.69
CA ARG F 465 4.36 -22.59 -90.03
C ARG F 465 5.86 -22.49 -90.26
N THR F 466 6.29 -21.47 -90.99
CA THR F 466 7.71 -21.30 -91.28
C THR F 466 8.51 -21.05 -90.00
N ARG F 467 7.98 -20.22 -89.09
CA ARG F 467 8.70 -19.91 -87.87
C ARG F 467 8.90 -21.14 -87.00
N ILE F 468 7.87 -21.97 -86.86
CA ILE F 468 8.02 -23.19 -86.06
C ILE F 468 9.06 -24.11 -86.69
N LYS F 469 8.98 -24.30 -88.01
CA LYS F 469 9.89 -25.22 -88.69
C LYS F 469 11.33 -24.77 -88.58
N TRP F 470 11.56 -23.45 -88.50
CA TRP F 470 12.92 -22.94 -88.50
C TRP F 470 13.69 -23.34 -87.25
N LEU F 471 13.02 -23.32 -86.08
CA LEU F 471 13.71 -23.67 -84.85
C LEU F 471 14.12 -25.14 -84.83
N LEU F 472 13.21 -26.04 -85.20
CA LEU F 472 13.54 -27.46 -85.17
C LEU F 472 14.53 -27.87 -86.25
N SER F 473 14.81 -27.00 -87.21
CA SER F 473 15.78 -27.29 -88.26
C SER F 473 17.18 -27.46 -87.67
N ASP G 2 -1.77 -58.15 -29.43
CA ASP G 2 -2.84 -57.63 -28.59
C ASP G 2 -3.35 -56.24 -29.03
N PRO G 3 -2.49 -55.21 -29.06
CA PRO G 3 -2.99 -53.87 -29.33
C PRO G 3 -3.52 -53.75 -30.75
N VAL G 4 -4.47 -52.84 -30.91
CA VAL G 4 -5.11 -52.59 -32.20
C VAL G 4 -4.92 -51.11 -32.54
N TYR G 5 -4.59 -50.85 -33.80
CA TYR G 5 -4.22 -49.51 -34.25
C TYR G 5 -5.28 -48.99 -35.21
N VAL G 6 -5.66 -47.73 -35.04
CA VAL G 6 -6.62 -47.08 -35.94
C VAL G 6 -5.89 -46.01 -36.75
N ASP G 7 -6.34 -45.82 -37.97
CA ASP G 7 -5.74 -44.85 -38.90
C ASP G 7 -6.34 -43.46 -38.75
N ILE G 8 -6.38 -42.94 -37.51
CA ILE G 8 -6.83 -41.58 -37.24
C ILE G 8 -5.77 -40.88 -36.41
N ASP G 9 -6.05 -39.62 -36.07
CA ASP G 9 -5.07 -38.79 -35.38
C ASP G 9 -5.03 -39.15 -33.89
N ALA G 10 -4.31 -38.35 -33.10
CA ALA G 10 -4.14 -38.59 -31.68
C ALA G 10 -4.69 -37.49 -30.79
N ASP G 11 -4.99 -36.30 -31.35
CA ASP G 11 -5.55 -35.21 -30.57
C ASP G 11 -7.04 -35.04 -30.78
N SER G 12 -7.67 -35.88 -31.60
CA SER G 12 -9.09 -35.75 -31.88
C SER G 12 -9.93 -36.29 -30.73
N ALA G 13 -11.17 -35.82 -30.64
CA ALA G 13 -12.09 -36.29 -29.62
C ALA G 13 -12.73 -37.63 -29.98
N PHE G 14 -12.66 -38.06 -31.24
CA PHE G 14 -13.25 -39.33 -31.62
C PHE G 14 -12.46 -40.53 -31.11
N LEU G 15 -11.18 -40.34 -30.76
CA LEU G 15 -10.38 -41.44 -30.23
C LEU G 15 -10.95 -41.94 -28.91
N LYS G 16 -11.33 -41.03 -28.03
CA LYS G 16 -11.89 -41.44 -26.74
C LYS G 16 -13.21 -42.18 -26.93
N ALA G 17 -14.06 -41.69 -27.83
CA ALA G 17 -15.33 -42.36 -28.09
C ALA G 17 -15.11 -43.76 -28.64
N LEU G 18 -14.16 -43.90 -29.56
CA LEU G 18 -13.84 -45.22 -30.09
C LEU G 18 -13.33 -46.14 -29.00
N GLN G 19 -12.48 -45.61 -28.10
CA GLN G 19 -11.99 -46.41 -26.98
C GLN G 19 -13.13 -46.90 -26.11
N ARG G 20 -14.01 -46.00 -25.67
CA ARG G 20 -15.06 -46.40 -24.76
C ARG G 20 -16.18 -47.19 -25.44
N ALA G 21 -16.21 -47.24 -26.77
CA ALA G 21 -17.15 -48.12 -27.45
C ALA G 21 -16.62 -49.55 -27.54
N TYR G 22 -15.31 -49.74 -27.49
CA TYR G 22 -14.67 -51.05 -27.51
C TYR G 22 -13.79 -51.15 -26.26
N PRO G 23 -14.36 -51.50 -25.11
CA PRO G 23 -13.60 -51.41 -23.86
C PRO G 23 -12.71 -52.61 -23.58
N MET G 24 -12.82 -53.67 -24.38
CA MET G 24 -12.00 -54.87 -24.29
C MET G 24 -10.83 -54.88 -25.26
N PHE G 25 -10.56 -53.76 -25.93
CA PHE G 25 -9.42 -53.60 -26.81
C PHE G 25 -8.55 -52.48 -26.27
N GLU G 26 -7.41 -52.27 -26.91
CA GLU G 26 -6.53 -51.14 -26.63
C GLU G 26 -6.25 -50.46 -27.96
N VAL G 27 -7.08 -49.49 -28.29
CA VAL G 27 -6.99 -48.78 -29.56
C VAL G 27 -5.91 -47.71 -29.46
N GLU G 28 -5.11 -47.59 -30.51
CA GLU G 28 -4.01 -46.65 -30.49
C GLU G 28 -3.95 -45.83 -31.78
N PRO G 29 -3.57 -44.56 -31.69
CA PRO G 29 -3.43 -43.74 -32.89
C PRO G 29 -2.19 -44.09 -33.69
N ARG G 30 -2.33 -44.22 -35.00
CA ARG G 30 -1.16 -44.39 -35.86
C ARG G 30 -1.32 -43.59 -37.14
N ASP G 36 -12.96 -36.89 -44.97
CA ASP G 36 -14.06 -36.94 -44.00
C ASP G 36 -14.72 -38.31 -43.99
N HIS G 37 -13.90 -39.36 -43.88
CA HIS G 37 -14.42 -40.72 -43.78
C HIS G 37 -13.60 -41.58 -42.84
N ALA G 38 -12.64 -41.00 -42.13
CA ALA G 38 -11.79 -41.79 -41.24
C ALA G 38 -12.56 -42.30 -40.03
N ASN G 39 -13.50 -41.51 -39.53
CA ASN G 39 -14.30 -41.93 -38.38
C ASN G 39 -15.10 -43.18 -38.70
N ALA G 40 -15.75 -43.20 -39.87
CA ALA G 40 -16.56 -44.36 -40.24
C ALA G 40 -15.70 -45.56 -40.58
N ARG G 41 -14.49 -45.34 -41.13
CA ARG G 41 -13.61 -46.46 -41.45
C ARG G 41 -13.27 -47.26 -40.20
N ALA G 42 -12.77 -46.55 -39.18
CA ALA G 42 -12.19 -47.20 -38.01
C ALA G 42 -13.26 -47.98 -37.25
N PHE G 43 -14.49 -47.48 -37.23
CA PHE G 43 -15.57 -48.24 -36.61
C PHE G 43 -15.79 -49.54 -37.36
N SER G 44 -15.69 -49.51 -38.70
CA SER G 44 -15.86 -50.72 -39.49
C SER G 44 -14.67 -51.65 -39.36
N HIS G 45 -13.47 -51.09 -39.16
CA HIS G 45 -12.29 -51.93 -38.94
C HIS G 45 -12.39 -52.71 -37.64
N LEU G 46 -12.76 -52.04 -36.54
CA LEU G 46 -12.88 -52.73 -35.26
C LEU G 46 -14.09 -53.67 -35.23
N ALA G 47 -15.13 -53.41 -36.03
CA ALA G 47 -16.28 -54.29 -36.02
C ALA G 47 -15.96 -55.63 -36.66
N ILE G 48 -15.16 -55.63 -37.74
CA ILE G 48 -14.78 -56.88 -38.38
C ILE G 48 -13.80 -57.65 -37.49
N LYS G 49 -12.89 -56.93 -36.83
CA LYS G 49 -11.95 -57.60 -35.92
C LYS G 49 -12.69 -58.30 -34.79
N LEU G 50 -13.72 -57.66 -34.23
CA LEU G 50 -14.50 -58.27 -33.17
C LEU G 50 -15.17 -59.56 -33.61
N ILE G 51 -15.74 -59.57 -34.81
CA ILE G 51 -16.50 -60.73 -35.26
C ILE G 51 -15.58 -61.93 -35.41
N GLU G 52 -14.38 -61.72 -35.96
CA GLU G 52 -13.42 -62.81 -36.11
C GLU G 52 -13.04 -63.38 -34.75
N GLN G 53 -12.75 -62.52 -33.78
CA GLN G 53 -12.44 -62.98 -32.43
C GLN G 53 -13.62 -63.70 -31.78
N GLU G 54 -14.83 -63.47 -32.28
CA GLU G 54 -16.04 -64.05 -31.70
C GLU G 54 -16.40 -65.41 -32.27
N ILE G 55 -15.70 -65.88 -33.31
CA ILE G 55 -16.04 -67.13 -33.96
C ILE G 55 -14.80 -68.00 -34.10
N ASP G 56 -14.99 -69.30 -34.00
CA ASP G 56 -13.89 -70.23 -34.18
C ASP G 56 -13.40 -70.20 -35.63
N PRO G 57 -12.09 -70.24 -35.86
CA PRO G 57 -11.58 -70.22 -37.24
C PRO G 57 -11.97 -71.48 -38.01
N ASP G 58 -11.57 -71.55 -39.28
CA ASP G 58 -11.98 -72.62 -40.18
C ASP G 58 -13.50 -72.70 -40.29
N SER G 59 -14.14 -71.53 -40.36
CA SER G 59 -15.58 -71.42 -40.55
C SER G 59 -15.86 -70.70 -41.87
N THR G 60 -16.91 -71.13 -42.55
CA THR G 60 -17.27 -70.52 -43.83
C THR G 60 -18.11 -69.26 -43.58
N ILE G 61 -17.64 -68.13 -44.11
CA ILE G 61 -18.24 -66.83 -43.85
C ILE G 61 -18.81 -66.29 -45.16
N LEU G 62 -20.11 -65.99 -45.17
CA LEU G 62 -20.74 -65.31 -46.29
C LEU G 62 -20.56 -63.80 -46.17
N ASP G 63 -20.64 -63.13 -47.32
CA ASP G 63 -20.62 -61.66 -47.38
C ASP G 63 -21.73 -61.21 -48.32
N ILE G 64 -22.80 -60.67 -47.76
CA ILE G 64 -23.93 -60.21 -48.57
C ILE G 64 -23.62 -58.83 -49.11
N GLY G 65 -23.74 -58.67 -50.43
CA GLY G 65 -23.52 -57.40 -51.11
C GLY G 65 -22.18 -56.78 -50.75
N SER G 66 -21.10 -57.42 -51.16
CA SER G 66 -19.77 -57.07 -50.69
C SER G 66 -18.92 -56.46 -51.80
N ALA G 67 -17.75 -55.98 -51.41
CA ALA G 67 -16.70 -55.56 -52.33
C ALA G 67 -15.50 -56.47 -52.10
N PRO G 68 -15.25 -57.44 -52.97
CA PRO G 68 -14.28 -58.50 -52.62
C PRO G 68 -12.87 -58.00 -52.39
N ALA G 69 -12.50 -56.82 -52.87
CA ALA G 69 -11.15 -56.31 -52.68
C ALA G 69 -10.81 -56.07 -51.21
N ARG G 70 -11.82 -56.00 -50.33
CA ARG G 70 -11.53 -55.80 -48.91
C ARG G 70 -11.27 -57.11 -48.19
N ARG G 71 -11.88 -58.21 -48.64
CA ARG G 71 -11.71 -59.52 -48.02
C ARG G 71 -10.59 -60.33 -48.63
N MET G 72 -9.86 -59.78 -49.61
CA MET G 72 -8.88 -60.56 -50.35
C MET G 72 -7.71 -60.99 -49.47
N MET G 73 -7.25 -60.11 -48.58
CA MET G 73 -6.03 -60.35 -47.80
C MET G 73 -6.31 -60.86 -46.39
N SER G 74 -7.34 -61.68 -46.21
CA SER G 74 -7.71 -62.20 -44.90
C SER G 74 -7.69 -63.72 -44.92
N ASP G 75 -7.32 -64.30 -43.79
CA ASP G 75 -7.15 -65.74 -43.65
C ASP G 75 -8.42 -66.42 -43.15
N ARG G 76 -9.55 -66.18 -43.79
CA ARG G 76 -10.81 -66.79 -43.41
C ARG G 76 -11.57 -67.20 -44.66
N LYS G 77 -12.47 -68.17 -44.48
CA LYS G 77 -13.23 -68.73 -45.60
C LYS G 77 -14.35 -67.77 -45.99
N TYR G 78 -13.97 -66.72 -46.70
CA TYR G 78 -14.91 -65.72 -47.18
C TYR G 78 -15.47 -66.14 -48.53
N HIS G 79 -16.80 -66.04 -48.68
CA HIS G 79 -17.48 -66.29 -49.94
C HIS G 79 -18.25 -65.02 -50.31
N CYS G 80 -17.66 -64.19 -51.16
CA CYS G 80 -18.24 -62.90 -51.49
C CYS G 80 -19.39 -63.04 -52.49
N VAL G 81 -20.44 -62.27 -52.27
CA VAL G 81 -21.63 -62.28 -53.12
C VAL G 81 -21.77 -60.89 -53.73
N CYS G 82 -21.77 -60.82 -55.07
CA CYS G 82 -21.65 -59.54 -55.78
C CYS G 82 -22.62 -59.47 -56.94
N PRO G 83 -23.89 -59.17 -56.69
CA PRO G 83 -24.83 -58.92 -57.79
C PRO G 83 -24.60 -57.55 -58.40
N MET G 84 -25.08 -57.40 -59.64
CA MET G 84 -24.97 -56.14 -60.39
C MET G 84 -26.24 -55.34 -60.17
N ARG G 85 -26.31 -54.66 -59.03
CA ARG G 85 -27.49 -53.90 -58.63
C ARG G 85 -27.32 -52.39 -58.77
N SER G 86 -26.10 -51.87 -58.65
CA SER G 86 -25.88 -50.43 -58.70
C SER G 86 -24.76 -50.09 -59.68
N ALA G 87 -24.70 -48.83 -60.06
CA ALA G 87 -23.73 -48.34 -61.02
C ALA G 87 -22.30 -48.39 -60.52
N GLU G 88 -22.09 -48.58 -59.22
CA GLU G 88 -20.76 -48.68 -58.64
C GLU G 88 -20.25 -50.11 -58.57
N ASP G 89 -21.05 -51.10 -58.97
CA ASP G 89 -20.68 -52.50 -58.81
C ASP G 89 -19.61 -52.95 -59.80
N PRO G 90 -19.71 -52.66 -61.09
CA PRO G 90 -18.63 -53.05 -62.01
C PRO G 90 -17.28 -52.47 -61.66
N GLU G 91 -17.24 -51.29 -61.04
CA GLU G 91 -15.97 -50.76 -60.55
C GLU G 91 -15.41 -51.62 -59.43
N ARG G 92 -16.28 -52.13 -58.55
CA ARG G 92 -15.84 -53.02 -57.50
C ARG G 92 -15.27 -54.31 -58.08
N LEU G 93 -15.94 -54.87 -59.09
CA LEU G 93 -15.44 -56.08 -59.74
C LEU G 93 -14.11 -55.83 -60.43
N ALA G 94 -13.99 -54.71 -61.14
CA ALA G 94 -12.77 -54.42 -61.89
C ALA G 94 -11.60 -54.19 -60.97
N ASN G 95 -11.83 -53.57 -59.81
CA ASN G 95 -10.74 -53.33 -58.87
C ASN G 95 -10.22 -54.63 -58.30
N TYR G 96 -11.11 -55.60 -58.08
CA TYR G 96 -10.68 -56.93 -57.63
C TYR G 96 -9.78 -57.58 -58.66
N ALA G 97 -10.17 -57.52 -59.94
CA ALA G 97 -9.41 -58.17 -61.00
C ALA G 97 -8.01 -57.58 -61.14
N ARG G 98 -7.81 -56.34 -60.67
CA ARG G 98 -6.49 -55.72 -60.77
C ARG G 98 -5.59 -56.17 -59.64
N LYS G 99 -6.04 -56.03 -58.39
CA LYS G 99 -5.22 -56.41 -57.24
C LYS G 99 -4.88 -57.90 -57.27
N LEU G 100 -5.74 -58.72 -57.89
CA LEU G 100 -5.42 -60.14 -58.02
C LEU G 100 -4.23 -60.34 -58.94
N ALA G 101 -4.26 -59.74 -60.12
CA ALA G 101 -3.10 -59.80 -61.02
C ALA G 101 -1.92 -59.06 -60.43
N SER G 102 -2.14 -57.88 -59.84
CA SER G 102 -1.05 -57.06 -59.35
C SER G 102 -0.33 -57.68 -58.17
N ALA G 103 -0.91 -58.71 -57.55
CA ALA G 103 -0.28 -59.42 -56.44
C ALA G 103 -0.43 -60.92 -56.63
N ALA G 104 -0.14 -61.39 -57.85
CA ALA G 104 -0.31 -62.80 -58.19
C ALA G 104 0.91 -63.65 -57.90
N GLY G 105 2.02 -63.06 -57.47
CA GLY G 105 3.21 -63.86 -57.18
C GLY G 105 4.05 -63.34 -56.03
N LYS G 106 3.56 -62.33 -55.31
CA LYS G 106 4.36 -61.66 -54.29
C LYS G 106 4.04 -62.14 -52.88
N VAL G 107 3.13 -63.09 -52.71
CA VAL G 107 2.78 -63.63 -51.40
C VAL G 107 2.63 -65.14 -51.52
N LEU G 108 3.22 -65.87 -50.56
CA LEU G 108 3.20 -67.32 -50.58
C LEU G 108 2.62 -67.88 -49.28
N ASP G 109 1.79 -67.10 -48.60
CA ASP G 109 1.15 -67.53 -47.36
C ASP G 109 -0.35 -67.65 -47.49
N ARG G 110 -1.04 -66.59 -47.90
CA ARG G 110 -2.48 -66.63 -48.09
C ARG G 110 -2.81 -67.06 -49.51
N ASN G 111 -3.90 -67.80 -49.65
CA ASN G 111 -4.33 -68.27 -50.97
C ASN G 111 -4.62 -67.09 -51.87
N ILE G 112 -3.89 -66.99 -52.98
CA ILE G 112 -4.12 -65.91 -53.93
C ILE G 112 -4.37 -66.48 -55.32
N SER G 113 -3.78 -67.64 -55.62
CA SER G 113 -3.98 -68.24 -56.92
C SER G 113 -5.33 -68.90 -57.05
N GLY G 114 -5.87 -69.43 -55.95
CA GLY G 114 -7.20 -70.01 -56.00
C GLY G 114 -8.29 -68.99 -56.27
N LYS G 115 -8.11 -67.78 -55.74
CA LYS G 115 -9.09 -66.72 -56.01
C LYS G 115 -9.05 -66.28 -57.46
N ILE G 116 -7.87 -66.31 -58.09
CA ILE G 116 -7.75 -65.99 -59.51
C ILE G 116 -8.52 -67.00 -60.35
N GLY G 117 -8.41 -68.29 -60.03
CA GLY G 117 -9.10 -69.31 -60.79
C GLY G 117 -10.61 -69.22 -60.68
N ASP G 118 -11.11 -68.86 -59.48
CA ASP G 118 -12.55 -68.75 -59.29
C ASP G 118 -13.15 -67.64 -60.14
N LEU G 119 -12.45 -66.49 -60.23
CA LEU G 119 -12.96 -65.38 -61.03
C LEU G 119 -13.07 -65.76 -62.50
N GLN G 120 -11.99 -66.27 -63.09
CA GLN G 120 -12.00 -66.60 -64.50
C GLN G 120 -12.90 -67.78 -64.82
N ALA G 121 -13.25 -68.59 -63.82
CA ALA G 121 -14.27 -69.61 -64.04
C ALA G 121 -15.66 -68.98 -64.13
N VAL G 122 -15.97 -68.05 -63.22
CA VAL G 122 -17.25 -67.35 -63.29
C VAL G 122 -17.29 -66.44 -64.51
N MET G 123 -16.15 -65.84 -64.87
CA MET G 123 -16.09 -65.02 -66.08
C MET G 123 -16.44 -65.85 -67.30
N ALA G 124 -15.86 -67.04 -67.42
CA ALA G 124 -16.20 -67.94 -68.51
C ALA G 124 -17.65 -68.43 -68.41
N VAL G 125 -18.03 -68.93 -67.24
CA VAL G 125 -19.38 -69.46 -67.00
C VAL G 125 -20.06 -68.57 -65.98
N PRO G 126 -20.96 -67.68 -66.41
CA PRO G 126 -21.48 -66.63 -65.52
C PRO G 126 -22.55 -67.10 -64.53
N ASP G 127 -22.84 -68.38 -64.45
CA ASP G 127 -23.85 -68.89 -63.53
C ASP G 127 -23.31 -70.13 -62.80
N THR G 128 -22.09 -70.04 -62.30
CA THR G 128 -21.46 -71.12 -61.55
C THR G 128 -21.19 -70.64 -60.13
N GLU G 129 -21.55 -71.47 -59.15
CA GLU G 129 -21.26 -71.18 -57.76
C GLU G 129 -19.88 -71.72 -57.42
N THR G 130 -19.02 -70.85 -56.90
CA THR G 130 -17.62 -71.13 -56.64
C THR G 130 -17.31 -70.86 -55.19
N PRO G 131 -16.21 -71.40 -54.66
CA PRO G 131 -15.91 -71.21 -53.23
C PRO G 131 -15.79 -69.76 -52.79
N THR G 132 -15.21 -68.87 -53.61
CA THR G 132 -14.91 -67.51 -53.16
C THR G 132 -15.55 -66.43 -54.03
N PHE G 133 -16.60 -66.75 -54.78
CA PHE G 133 -17.23 -65.76 -55.65
C PHE G 133 -18.52 -66.33 -56.21
N CYS G 134 -19.44 -65.42 -56.51
CA CYS G 134 -20.67 -65.71 -57.23
C CYS G 134 -21.27 -64.38 -57.67
N LEU G 135 -22.25 -64.45 -58.56
CA LEU G 135 -22.87 -63.28 -59.16
C LEU G 135 -24.37 -63.32 -58.94
N HIS G 136 -24.79 -63.68 -57.75
CA HIS G 136 -26.20 -63.79 -57.40
C HIS G 136 -26.55 -62.76 -56.34
N THR G 137 -27.83 -62.68 -56.01
CA THR G 137 -28.30 -61.84 -54.93
C THR G 137 -28.10 -62.58 -53.61
N ASP G 138 -28.74 -62.10 -52.54
CA ASP G 138 -28.74 -62.82 -51.27
C ASP G 138 -29.83 -63.87 -51.20
N VAL G 139 -30.83 -63.82 -52.08
CA VAL G 139 -31.94 -64.78 -52.08
C VAL G 139 -31.68 -65.93 -53.03
N SER G 140 -31.08 -65.68 -54.20
CA SER G 140 -30.92 -66.70 -55.21
C SER G 140 -29.63 -67.50 -55.07
N CYS G 141 -28.69 -67.07 -54.24
CA CYS G 141 -27.47 -67.85 -54.03
C CYS G 141 -27.82 -69.17 -53.36
N ARG G 142 -27.07 -70.22 -53.70
CA ARG G 142 -27.38 -71.57 -53.25
C ARG G 142 -26.26 -72.22 -52.46
N GLN G 143 -25.18 -71.49 -52.18
CA GLN G 143 -24.09 -72.04 -51.39
C GLN G 143 -24.51 -72.17 -49.93
N ARG G 144 -24.13 -73.28 -49.30
CA ARG G 144 -24.42 -73.49 -47.88
C ARG G 144 -23.28 -72.98 -47.01
N ALA G 145 -23.64 -72.44 -45.86
CA ALA G 145 -22.66 -71.90 -44.91
C ALA G 145 -23.29 -71.91 -43.52
N ASP G 146 -22.61 -71.26 -42.57
CA ASP G 146 -23.10 -71.16 -41.20
C ASP G 146 -23.08 -69.75 -40.61
N VAL G 147 -22.31 -68.83 -41.16
CA VAL G 147 -22.17 -67.47 -40.64
C VAL G 147 -22.33 -66.49 -41.80
N ALA G 148 -23.15 -65.46 -41.60
CA ALA G 148 -23.37 -64.41 -42.59
C ALA G 148 -22.99 -63.05 -41.99
N ILE G 149 -22.61 -62.13 -42.87
CA ILE G 149 -22.23 -60.78 -42.45
C ILE G 149 -22.82 -59.77 -43.43
N TYR G 150 -23.33 -58.67 -42.90
CA TYR G 150 -23.84 -57.56 -43.69
C TYR G 150 -23.07 -56.30 -43.33
N GLN G 151 -22.76 -55.49 -44.34
CA GLN G 151 -22.17 -54.18 -44.10
C GLN G 151 -22.85 -53.14 -44.97
N ASP G 152 -23.39 -52.11 -44.34
CA ASP G 152 -24.04 -50.99 -45.02
C ASP G 152 -25.09 -51.49 -46.01
N VAL G 153 -25.87 -52.47 -45.59
CA VAL G 153 -26.93 -53.04 -46.40
C VAL G 153 -28.25 -52.45 -45.90
N TYR G 154 -28.84 -51.55 -46.67
CA TYR G 154 -30.05 -50.86 -46.26
C TYR G 154 -31.23 -51.13 -47.17
N ALA G 155 -31.06 -51.88 -48.25
CA ALA G 155 -32.10 -52.03 -49.26
C ALA G 155 -32.61 -53.46 -49.39
N VAL G 156 -32.74 -54.17 -48.27
CA VAL G 156 -33.32 -55.51 -48.29
C VAL G 156 -34.25 -55.66 -47.09
N HIS G 157 -35.30 -56.46 -47.28
CA HIS G 157 -36.22 -56.80 -46.19
C HIS G 157 -35.55 -57.79 -45.25
N ALA G 158 -35.42 -57.42 -43.98
CA ALA G 158 -34.63 -58.23 -43.05
C ALA G 158 -35.23 -59.61 -42.79
N PRO G 159 -36.52 -59.77 -42.47
CA PRO G 159 -37.04 -61.13 -42.25
C PRO G 159 -36.94 -62.03 -43.47
N THR G 160 -37.13 -61.48 -44.67
CA THR G 160 -37.03 -62.31 -45.88
C THR G 160 -35.59 -62.70 -46.16
N SER G 161 -34.66 -61.76 -46.02
CA SER G 161 -33.26 -62.10 -46.21
C SER G 161 -32.78 -63.12 -45.19
N LEU G 162 -33.16 -62.93 -43.92
CA LEU G 162 -32.67 -63.81 -42.86
C LEU G 162 -33.25 -65.22 -42.96
N TYR G 163 -34.46 -65.37 -43.49
CA TYR G 163 -34.99 -66.71 -43.70
C TYR G 163 -34.11 -67.48 -44.67
N HIS G 164 -33.75 -66.87 -45.80
CA HIS G 164 -33.04 -67.60 -46.85
C HIS G 164 -31.62 -67.96 -46.45
N GLN G 165 -31.07 -67.33 -45.42
CA GLN G 165 -29.80 -67.78 -44.89
C GLN G 165 -29.98 -68.93 -43.89
N ALA G 166 -31.17 -69.06 -43.30
CA ALA G 166 -31.42 -70.08 -42.29
C ALA G 166 -31.51 -71.47 -42.91
N ILE G 167 -32.28 -71.64 -43.98
CA ILE G 167 -32.51 -72.94 -44.59
C ILE G 167 -31.27 -73.40 -45.35
N LYS G 168 -30.21 -72.62 -45.31
CA LYS G 168 -28.91 -73.02 -45.83
C LYS G 168 -27.88 -73.21 -44.72
N GLY G 169 -28.34 -73.30 -43.48
CA GLY G 169 -27.50 -73.67 -42.37
C GLY G 169 -26.81 -72.57 -41.60
N VAL G 170 -27.19 -71.31 -41.83
CA VAL G 170 -26.55 -70.20 -41.10
C VAL G 170 -27.19 -70.09 -39.73
N ARG G 171 -26.35 -70.01 -38.70
CA ARG G 171 -26.80 -69.87 -37.32
C ARG G 171 -26.52 -68.50 -36.71
N LEU G 172 -25.56 -67.75 -37.26
CA LEU G 172 -25.08 -66.52 -36.66
C LEU G 172 -24.92 -65.46 -37.74
N ALA G 173 -25.54 -64.30 -37.53
CA ALA G 173 -25.49 -63.21 -38.50
C ALA G 173 -25.15 -61.90 -37.79
N TYR G 174 -24.46 -61.01 -38.50
CA TYR G 174 -24.19 -59.67 -38.00
C TYR G 174 -24.66 -58.62 -39.00
N TRP G 175 -24.75 -57.39 -38.50
CA TRP G 175 -25.23 -56.24 -39.28
C TRP G 175 -24.55 -55.00 -38.75
N VAL G 176 -23.85 -54.28 -39.62
CA VAL G 176 -23.18 -53.03 -39.29
C VAL G 176 -23.83 -51.92 -40.10
N GLY G 177 -24.05 -50.77 -39.47
CA GLY G 177 -24.70 -49.67 -40.16
C GLY G 177 -25.17 -48.59 -39.21
N PHE G 178 -25.95 -47.67 -39.75
CA PHE G 178 -26.48 -46.55 -38.99
C PHE G 178 -27.62 -46.99 -38.07
N ASP G 179 -27.71 -46.32 -36.93
CA ASP G 179 -28.79 -46.57 -35.97
C ASP G 179 -30.16 -46.31 -36.59
N THR G 180 -31.10 -47.20 -36.34
CA THR G 180 -32.44 -47.15 -36.92
C THR G 180 -33.45 -46.43 -36.04
N THR G 181 -33.05 -45.96 -34.86
CA THR G 181 -33.98 -45.31 -33.94
C THR G 181 -34.64 -44.05 -34.50
N PRO G 182 -33.95 -43.13 -35.20
CA PRO G 182 -34.66 -41.95 -35.72
C PRO G 182 -35.78 -42.27 -36.69
N PHE G 183 -35.72 -43.39 -37.41
CA PHE G 183 -36.80 -43.75 -38.31
C PHE G 183 -37.95 -44.46 -37.63
N MET G 184 -37.76 -44.92 -36.39
CA MET G 184 -38.89 -45.44 -35.61
C MET G 184 -39.66 -44.32 -34.93
N TYR G 185 -39.01 -43.20 -34.64
CA TYR G 185 -39.69 -42.02 -34.14
C TYR G 185 -40.33 -41.19 -35.26
N ASN G 186 -40.06 -41.52 -36.53
CA ASN G 186 -40.73 -40.92 -37.69
C ASN G 186 -40.38 -39.44 -37.88
N ALA G 187 -39.10 -39.10 -37.78
CA ALA G 187 -38.66 -37.72 -38.00
C ALA G 187 -38.62 -37.38 -39.50
N MET G 188 -38.73 -36.10 -39.81
CA MET G 188 -38.68 -35.67 -41.21
C MET G 188 -37.26 -35.43 -41.72
N ALA G 189 -36.33 -35.06 -40.85
CA ALA G 189 -34.93 -34.88 -41.23
C ALA G 189 -34.06 -35.06 -40.00
N GLY G 190 -32.76 -35.21 -40.21
CA GLY G 190 -31.87 -35.38 -39.08
C GLY G 190 -30.41 -35.41 -39.48
N ALA G 191 -29.55 -35.57 -38.48
CA ALA G 191 -28.11 -35.54 -38.64
C ALA G 191 -27.44 -36.68 -37.87
N TYR G 192 -26.27 -37.09 -38.35
CA TYR G 192 -25.33 -37.96 -37.65
C TYR G 192 -24.00 -37.24 -37.61
N PRO G 193 -23.87 -36.22 -36.75
CA PRO G 193 -22.80 -35.22 -36.93
C PRO G 193 -21.38 -35.77 -36.84
N SER G 194 -21.14 -36.86 -36.13
CA SER G 194 -19.78 -37.37 -36.01
C SER G 194 -19.30 -38.13 -37.24
N TYR G 195 -20.19 -38.47 -38.17
CA TYR G 195 -19.82 -39.19 -39.37
C TYR G 195 -20.06 -38.37 -40.63
N SER G 196 -20.17 -37.05 -40.50
CA SER G 196 -20.31 -36.14 -41.64
C SER G 196 -21.53 -36.47 -42.50
N THR G 197 -22.65 -36.80 -41.87
CA THR G 197 -23.84 -37.26 -42.58
C THR G 197 -25.04 -36.42 -42.23
N ASN G 198 -25.82 -36.07 -43.25
CA ASN G 198 -27.15 -35.48 -43.10
C ASN G 198 -28.11 -36.25 -43.99
N TRP G 199 -29.38 -36.31 -43.58
CA TRP G 199 -30.41 -36.98 -44.37
C TRP G 199 -31.67 -36.14 -44.31
N ALA G 200 -32.53 -36.31 -45.31
CA ALA G 200 -33.79 -35.56 -45.33
C ALA G 200 -34.82 -36.28 -46.19
N ASP G 201 -36.08 -36.01 -45.89
CA ASP G 201 -37.20 -36.42 -46.72
C ASP G 201 -37.23 -35.63 -48.03
N GLU G 202 -37.71 -36.29 -49.09
CA GLU G 202 -37.84 -35.64 -50.40
C GLU G 202 -38.63 -34.36 -50.34
N GLN G 203 -39.65 -34.29 -49.48
CA GLN G 203 -40.57 -33.17 -49.47
C GLN G 203 -39.96 -31.88 -48.92
N VAL G 204 -38.82 -31.93 -48.25
CA VAL G 204 -38.24 -30.75 -47.61
C VAL G 204 -36.86 -30.41 -48.18
N LEU G 205 -36.53 -30.90 -49.37
CA LEU G 205 -35.23 -30.60 -49.97
C LEU G 205 -35.07 -29.12 -50.34
N LYS G 206 -36.15 -28.35 -50.42
CA LYS G 206 -36.08 -26.93 -50.72
C LYS G 206 -36.26 -26.05 -49.49
N ALA G 207 -35.86 -26.54 -48.32
CA ALA G 207 -35.88 -25.76 -47.09
C ALA G 207 -34.66 -24.83 -47.07
N LYS G 208 -34.47 -24.13 -45.96
CA LYS G 208 -33.45 -23.11 -45.85
C LYS G 208 -32.40 -23.40 -44.78
N ASN G 209 -32.77 -23.96 -43.63
CA ASN G 209 -31.85 -24.01 -42.49
C ASN G 209 -31.63 -25.40 -41.90
N ILE G 210 -31.80 -26.46 -42.69
CA ILE G 210 -31.44 -27.80 -42.25
C ILE G 210 -30.13 -28.20 -42.92
N GLY G 211 -29.63 -29.37 -42.55
CA GLY G 211 -28.31 -29.79 -43.01
C GLY G 211 -28.22 -30.04 -44.51
N LEU G 212 -29.27 -30.57 -45.12
CA LEU G 212 -29.26 -30.97 -46.53
C LEU G 212 -30.44 -30.33 -47.27
N CYS G 213 -30.20 -29.18 -47.89
CA CYS G 213 -31.27 -28.41 -48.54
C CYS G 213 -30.65 -27.37 -49.46
N SER G 214 -31.51 -26.69 -50.22
CA SER G 214 -31.09 -25.63 -51.13
C SER G 214 -32.30 -24.80 -51.52
N THR G 215 -32.19 -23.47 -51.41
CA THR G 215 -33.32 -22.59 -51.74
C THR G 215 -32.81 -21.37 -52.52
N ASP G 216 -33.71 -20.42 -52.77
CA ASP G 216 -33.48 -19.28 -53.66
C ASP G 216 -33.75 -17.96 -52.94
N LEU G 217 -33.27 -16.88 -53.55
CA LEU G 217 -33.58 -15.52 -53.12
C LEU G 217 -34.87 -15.04 -53.79
N THR G 218 -35.72 -14.37 -53.02
CA THR G 218 -37.02 -13.97 -53.54
C THR G 218 -37.54 -12.76 -52.76
N GLU G 219 -38.47 -12.04 -53.39
CA GLU G 219 -39.13 -10.92 -52.73
C GLU G 219 -40.44 -11.31 -52.06
N GLY G 220 -41.17 -12.26 -52.63
CA GLY G 220 -42.35 -12.78 -51.97
C GLY G 220 -43.67 -12.14 -52.37
N ARG G 221 -44.67 -12.96 -52.68
CA ARG G 221 -45.99 -12.48 -53.04
C ARG G 221 -46.96 -12.66 -51.88
N ARG G 222 -47.98 -11.80 -51.84
CA ARG G 222 -49.09 -11.95 -50.91
C ARG G 222 -50.18 -12.86 -51.44
N GLY G 223 -50.03 -13.36 -52.67
CA GLY G 223 -50.96 -14.31 -53.23
C GLY G 223 -50.32 -15.19 -54.26
N LYS G 224 -50.42 -16.51 -54.09
CA LYS G 224 -49.91 -17.49 -55.04
C LYS G 224 -50.98 -18.56 -55.21
N LEU G 225 -51.89 -18.32 -56.16
CA LEU G 225 -53.02 -19.23 -56.36
C LEU G 225 -52.53 -20.58 -56.86
N SER G 226 -53.21 -21.64 -56.42
CA SER G 226 -52.99 -22.98 -56.92
C SER G 226 -54.32 -23.67 -57.13
N ILE G 227 -54.35 -24.62 -58.06
CA ILE G 227 -55.56 -25.43 -58.23
C ILE G 227 -55.46 -26.71 -57.42
N MET G 228 -54.24 -27.14 -57.11
CA MET G 228 -54.04 -28.34 -56.29
C MET G 228 -53.74 -27.93 -54.86
N ARG G 229 -54.48 -28.50 -53.92
CA ARG G 229 -54.35 -28.19 -52.50
C ARG G 229 -53.84 -29.41 -51.76
N GLY G 230 -52.66 -29.30 -51.17
CA GLY G 230 -52.12 -30.36 -50.33
C GLY G 230 -52.65 -30.32 -48.90
N LYS G 231 -52.28 -29.27 -48.17
CA LYS G 231 -52.70 -29.05 -46.79
C LYS G 231 -52.29 -30.18 -45.86
N LYS G 232 -51.36 -31.05 -46.29
CA LYS G 232 -50.92 -32.16 -45.46
C LYS G 232 -49.44 -32.42 -45.75
N LEU G 233 -48.61 -32.33 -44.72
CA LEU G 233 -47.17 -32.53 -44.82
C LEU G 233 -46.75 -33.59 -43.80
N GLU G 234 -46.53 -34.81 -44.28
CA GLU G 234 -46.16 -35.95 -43.45
C GLU G 234 -45.06 -36.76 -44.13
N PRO G 235 -44.26 -37.50 -43.35
CA PRO G 235 -43.19 -38.30 -43.94
C PRO G 235 -43.72 -39.29 -44.98
N CYS G 236 -42.94 -39.44 -46.04
N CYS G 236 -42.95 -39.45 -46.04
CA CYS G 236 -43.21 -40.37 -47.13
CA CYS G 236 -43.24 -40.43 -47.07
C CYS G 236 -42.05 -41.35 -47.22
C CYS G 236 -42.05 -41.36 -47.21
N ASP G 237 -42.17 -42.34 -48.10
CA ASP G 237 -41.23 -43.46 -48.08
C ASP G 237 -39.81 -43.07 -48.48
N ARG G 238 -39.63 -42.20 -49.47
CA ARG G 238 -38.29 -42.00 -50.05
C ARG G 238 -37.51 -40.94 -49.28
N VAL G 239 -36.25 -41.26 -48.98
CA VAL G 239 -35.35 -40.46 -48.14
C VAL G 239 -33.98 -40.40 -48.82
N LEU G 240 -33.28 -39.28 -48.66
CA LEU G 240 -31.97 -39.08 -49.27
C LEU G 240 -30.90 -38.96 -48.19
N PHE G 241 -29.81 -39.71 -48.36
CA PHE G 241 -28.66 -39.66 -47.45
C PHE G 241 -27.48 -39.01 -48.15
N SER G 242 -26.71 -38.23 -47.40
CA SER G 242 -25.49 -37.60 -47.92
C SER G 242 -24.35 -37.88 -46.95
N VAL G 243 -23.50 -38.83 -47.31
CA VAL G 243 -22.33 -39.17 -46.50
C VAL G 243 -21.14 -38.45 -47.11
N GLY G 244 -20.68 -37.41 -46.43
CA GLY G 244 -19.78 -36.47 -47.07
C GLY G 244 -20.44 -35.82 -48.27
N SER G 245 -19.92 -36.09 -49.46
CA SER G 245 -20.52 -35.63 -50.70
C SER G 245 -21.06 -36.76 -51.57
N THR G 246 -21.20 -37.97 -51.03
CA THR G 246 -21.79 -39.08 -51.76
C THR G 246 -23.26 -39.20 -51.42
N LEU G 247 -24.09 -39.39 -52.43
CA LEU G 247 -25.53 -39.44 -52.27
C LEU G 247 -26.04 -40.88 -52.34
N TYR G 248 -27.02 -41.20 -51.48
CA TYR G 248 -27.68 -42.51 -51.40
C TYR G 248 -29.18 -42.32 -51.20
N PRO G 249 -30.01 -42.82 -52.10
CA PRO G 249 -31.45 -42.90 -51.80
C PRO G 249 -31.82 -44.20 -51.07
N GLU G 250 -32.73 -44.08 -50.11
CA GLU G 250 -33.16 -45.22 -49.30
C GLU G 250 -34.67 -45.20 -49.11
N SER G 251 -35.17 -46.26 -48.47
CA SER G 251 -36.60 -46.45 -48.20
C SER G 251 -36.84 -46.53 -46.69
N ARG G 252 -37.92 -45.89 -46.22
CA ARG G 252 -38.27 -45.95 -44.80
C ARG G 252 -38.62 -47.38 -44.38
N LYS G 253 -39.40 -48.08 -45.21
CA LYS G 253 -39.88 -49.41 -44.83
C LYS G 253 -38.73 -50.40 -44.65
N LEU G 254 -37.74 -50.36 -45.53
CA LEU G 254 -36.63 -51.29 -45.44
C LEU G 254 -35.66 -50.92 -44.32
N LEU G 255 -35.57 -49.64 -43.98
CA LEU G 255 -34.74 -49.24 -42.83
C LEU G 255 -35.38 -49.67 -41.52
N LYS G 256 -36.69 -49.53 -41.40
CA LYS G 256 -37.38 -49.89 -40.17
C LYS G 256 -37.41 -51.38 -39.93
N SER G 257 -37.29 -52.19 -40.97
CA SER G 257 -37.35 -53.64 -40.83
C SER G 257 -36.11 -54.23 -40.19
N TRP G 258 -35.02 -53.48 -40.05
CA TRP G 258 -33.86 -53.92 -39.30
C TRP G 258 -33.89 -53.48 -37.85
N HIS G 259 -35.00 -52.88 -37.39
CA HIS G 259 -35.22 -52.57 -35.98
C HIS G 259 -36.06 -53.70 -35.37
N LEU G 260 -35.37 -54.82 -35.07
CA LEU G 260 -35.90 -56.12 -34.68
C LEU G 260 -36.07 -56.23 -33.16
N PRO G 261 -37.06 -56.99 -32.70
CA PRO G 261 -37.28 -57.16 -31.27
C PRO G 261 -36.30 -58.17 -30.65
N SER G 262 -36.45 -58.35 -29.34
CA SER G 262 -35.59 -59.29 -28.61
C SER G 262 -35.78 -60.73 -29.08
N VAL G 263 -37.03 -61.14 -29.32
CA VAL G 263 -37.34 -62.50 -29.73
C VAL G 263 -38.36 -62.45 -30.86
N PHE G 264 -38.12 -63.21 -31.92
CA PHE G 264 -39.08 -63.30 -33.01
C PHE G 264 -38.98 -64.68 -33.66
N HIS G 265 -40.08 -65.10 -34.30
CA HIS G 265 -40.18 -66.41 -34.93
C HIS G 265 -40.33 -66.28 -36.44
N LEU G 266 -39.62 -67.14 -37.18
CA LEU G 266 -39.78 -67.27 -38.62
C LEU G 266 -40.51 -68.56 -38.93
N LYS G 267 -41.67 -68.46 -39.58
CA LYS G 267 -42.55 -69.61 -39.81
C LYS G 267 -42.67 -69.88 -41.30
N GLY G 268 -41.81 -70.76 -41.81
CA GLY G 268 -41.90 -71.20 -43.18
C GLY G 268 -42.04 -72.70 -43.28
N LYS G 269 -41.44 -73.30 -44.31
CA LYS G 269 -41.33 -74.75 -44.39
C LYS G 269 -40.32 -75.30 -43.40
N LEU G 270 -39.53 -74.43 -42.76
CA LEU G 270 -38.62 -74.80 -41.68
C LEU G 270 -38.68 -73.70 -40.65
N SER G 271 -39.25 -73.99 -39.48
CA SER G 271 -39.47 -72.97 -38.47
C SER G 271 -38.18 -72.66 -37.71
N PHE G 272 -38.04 -71.40 -37.30
CA PHE G 272 -36.88 -70.95 -36.57
C PHE G 272 -37.31 -70.02 -35.44
N THR G 273 -36.44 -69.90 -34.44
CA THR G 273 -36.62 -69.01 -33.30
C THR G 273 -35.35 -68.17 -33.15
N CYS G 274 -35.51 -66.85 -33.05
CA CYS G 274 -34.40 -65.94 -33.26
C CYS G 274 -34.32 -64.88 -32.17
N ARG G 275 -33.10 -64.41 -31.91
CA ARG G 275 -32.81 -63.35 -30.97
C ARG G 275 -32.02 -62.24 -31.66
N CYS G 276 -32.11 -61.03 -31.12
CA CYS G 276 -31.39 -59.87 -31.67
C CYS G 276 -30.87 -59.02 -30.52
N ASP G 277 -29.55 -58.84 -30.46
CA ASP G 277 -28.93 -58.01 -29.44
C ASP G 277 -28.00 -56.99 -30.09
N THR G 278 -27.86 -55.84 -29.43
CA THR G 278 -26.96 -54.79 -29.89
C THR G 278 -25.67 -54.87 -29.09
N VAL G 279 -24.55 -55.03 -29.79
CA VAL G 279 -23.28 -55.37 -29.16
C VAL G 279 -22.34 -54.17 -29.07
N VAL G 280 -22.36 -53.28 -30.06
CA VAL G 280 -21.56 -52.06 -30.04
C VAL G 280 -22.47 -50.88 -30.36
N SER G 281 -22.09 -49.70 -29.89
CA SER G 281 -22.89 -48.50 -30.10
C SER G 281 -22.00 -47.28 -29.91
N CYS G 282 -21.82 -46.47 -30.96
CA CYS G 282 -20.93 -45.32 -30.89
C CYS G 282 -21.52 -44.16 -31.70
N GLU G 283 -22.24 -43.27 -31.02
CA GLU G 283 -22.67 -41.97 -31.54
C GLU G 283 -23.53 -42.05 -32.79
N GLY G 284 -24.26 -43.14 -32.98
CA GLY G 284 -25.12 -43.30 -34.14
C GLY G 284 -24.74 -44.45 -35.06
N TYR G 285 -23.70 -45.22 -34.76
CA TYR G 285 -23.30 -46.36 -35.56
C TYR G 285 -23.30 -47.59 -34.66
N VAL G 286 -23.89 -48.69 -35.12
CA VAL G 286 -24.11 -49.86 -34.26
C VAL G 286 -23.68 -51.15 -34.94
N VAL G 287 -23.46 -52.17 -34.10
CA VAL G 287 -23.27 -53.55 -34.52
C VAL G 287 -24.35 -54.40 -33.85
N LYS G 288 -25.09 -55.15 -34.64
CA LYS G 288 -26.09 -56.08 -34.12
C LYS G 288 -25.63 -57.52 -34.33
N ARG G 289 -26.13 -58.41 -33.47
CA ARG G 289 -25.86 -59.84 -33.57
C ARG G 289 -27.17 -60.61 -33.48
N ILE G 290 -27.38 -61.52 -34.42
CA ILE G 290 -28.62 -62.29 -34.52
C ILE G 290 -28.27 -63.78 -34.49
N THR G 291 -28.73 -64.48 -33.45
CA THR G 291 -28.61 -65.92 -33.37
C THR G 291 -29.92 -66.55 -33.80
N MET G 292 -29.82 -67.74 -34.40
CA MET G 292 -30.98 -68.41 -34.97
C MET G 292 -30.86 -69.91 -34.69
N SER G 293 -32.00 -70.60 -34.63
CA SER G 293 -32.04 -71.98 -34.20
C SER G 293 -33.32 -72.63 -34.70
N PRO G 294 -33.30 -73.93 -34.99
CA PRO G 294 -34.47 -74.58 -35.59
C PRO G 294 -35.55 -74.92 -34.57
N GLY G 295 -36.78 -74.96 -35.05
CA GLY G 295 -37.93 -75.26 -34.20
C GLY G 295 -38.38 -74.05 -33.40
N LEU G 296 -39.69 -73.89 -33.25
CA LEU G 296 -40.26 -72.70 -32.62
C LEU G 296 -40.61 -72.99 -31.16
N TYR G 297 -40.07 -72.16 -30.26
CA TYR G 297 -40.25 -72.35 -28.83
C TYR G 297 -40.04 -71.02 -28.12
N GLY G 298 -40.53 -70.93 -26.89
CA GLY G 298 -40.48 -69.69 -26.15
C GLY G 298 -41.70 -68.82 -26.44
N LYS G 299 -41.66 -67.61 -25.89
CA LYS G 299 -42.74 -66.65 -26.07
C LYS G 299 -42.18 -65.30 -26.46
N THR G 300 -42.96 -64.55 -27.24
CA THR G 300 -42.59 -63.24 -27.74
C THR G 300 -43.45 -62.16 -27.12
N THR G 301 -42.86 -60.99 -26.92
CA THR G 301 -43.61 -59.81 -26.49
C THR G 301 -43.79 -58.77 -27.58
N GLY G 302 -42.83 -58.65 -28.49
CA GLY G 302 -42.90 -57.63 -29.52
C GLY G 302 -42.40 -56.27 -29.10
N TYR G 303 -41.37 -56.20 -28.27
CA TYR G 303 -40.80 -54.94 -27.83
C TYR G 303 -39.34 -54.88 -28.23
N ALA G 304 -38.91 -53.73 -28.73
CA ALA G 304 -37.51 -53.46 -29.04
C ALA G 304 -37.01 -52.32 -28.17
N VAL G 305 -35.79 -52.46 -27.67
CA VAL G 305 -35.24 -51.55 -26.67
C VAL G 305 -33.94 -50.95 -27.19
N THR G 306 -33.77 -49.64 -27.01
CA THR G 306 -32.55 -48.92 -27.34
C THR G 306 -31.98 -48.29 -26.08
N HIS G 307 -30.71 -48.55 -25.80
CA HIS G 307 -30.03 -47.93 -24.67
C HIS G 307 -29.23 -46.73 -25.17
N HIS G 308 -29.37 -45.59 -24.49
CA HIS G 308 -28.80 -44.32 -24.92
C HIS G 308 -27.57 -43.99 -24.09
N ALA G 309 -26.39 -44.08 -24.71
CA ALA G 309 -25.17 -43.66 -24.04
C ALA G 309 -24.93 -42.16 -24.17
N ASP G 310 -25.40 -41.55 -25.24
CA ASP G 310 -25.45 -40.10 -25.38
C ASP G 310 -26.91 -39.66 -25.43
N GLY G 311 -27.12 -38.34 -25.47
CA GLY G 311 -28.47 -37.81 -25.57
C GLY G 311 -29.03 -37.92 -26.97
N PHE G 312 -30.35 -38.11 -27.05
CA PHE G 312 -31.09 -38.15 -28.30
C PHE G 312 -32.21 -37.12 -28.22
N LEU G 313 -32.28 -36.24 -29.22
CA LEU G 313 -33.24 -35.14 -29.25
C LEU G 313 -34.13 -35.23 -30.48
N MET G 314 -35.32 -34.63 -30.37
CA MET G 314 -36.28 -34.56 -31.46
C MET G 314 -37.28 -33.46 -31.15
N CYS G 315 -37.35 -32.43 -31.98
CA CYS G 315 -38.17 -31.27 -31.68
C CYS G 315 -38.87 -30.75 -32.93
N LYS G 316 -39.77 -29.79 -32.70
CA LYS G 316 -40.48 -29.09 -33.77
C LYS G 316 -39.74 -27.82 -34.17
N THR G 317 -39.55 -27.64 -35.48
CA THR G 317 -38.91 -26.43 -36.00
C THR G 317 -39.82 -25.78 -37.04
N THR G 318 -39.63 -24.49 -37.24
CA THR G 318 -40.31 -23.73 -38.27
C THR G 318 -39.29 -23.27 -39.30
N ASP G 319 -39.62 -23.45 -40.57
CA ASP G 319 -38.75 -23.07 -41.67
C ASP G 319 -39.61 -22.63 -42.84
N THR G 320 -38.96 -22.21 -43.92
CA THR G 320 -39.61 -21.89 -45.18
C THR G 320 -39.20 -22.93 -46.21
N VAL G 321 -40.18 -23.56 -46.85
CA VAL G 321 -39.94 -24.57 -47.87
C VAL G 321 -40.51 -24.04 -49.18
N ASP G 322 -39.62 -23.71 -50.12
CA ASP G 322 -39.99 -23.12 -51.40
C ASP G 322 -40.81 -21.84 -51.25
N GLY G 323 -40.51 -21.06 -50.22
CA GLY G 323 -41.19 -19.80 -49.98
C GLY G 323 -42.30 -19.86 -48.94
N GLU G 324 -42.81 -21.05 -48.61
CA GLU G 324 -43.96 -21.19 -47.73
C GLU G 324 -43.52 -21.63 -46.33
N ARG G 325 -43.99 -20.91 -45.31
CA ARG G 325 -43.64 -21.20 -43.92
C ARG G 325 -44.41 -22.41 -43.40
N VAL G 326 -43.70 -23.38 -42.81
CA VAL G 326 -44.27 -24.65 -42.36
C VAL G 326 -43.54 -25.12 -41.10
N SER G 327 -44.00 -26.23 -40.53
CA SER G 327 -43.41 -26.82 -39.33
C SER G 327 -43.24 -28.32 -39.50
N PHE G 328 -42.12 -28.86 -39.01
CA PHE G 328 -41.85 -30.30 -39.04
C PHE G 328 -40.78 -30.62 -38.00
N SER G 329 -40.42 -31.91 -37.90
CA SER G 329 -39.58 -32.41 -36.82
C SER G 329 -38.18 -32.80 -37.31
N VAL G 330 -37.17 -32.52 -36.48
CA VAL G 330 -35.77 -32.76 -36.74
C VAL G 330 -35.15 -33.48 -35.55
N CYS G 331 -34.18 -34.37 -35.81
CA CYS G 331 -33.53 -35.14 -34.75
C CYS G 331 -32.01 -35.03 -34.84
N THR G 332 -31.34 -35.25 -33.71
CA THR G 332 -29.88 -35.18 -33.64
C THR G 332 -29.38 -35.87 -32.37
N TYR G 333 -28.06 -36.02 -32.28
CA TYR G 333 -27.37 -36.63 -31.14
C TYR G 333 -26.53 -35.57 -30.42
N VAL G 334 -26.50 -35.64 -29.10
CA VAL G 334 -25.80 -34.67 -28.26
C VAL G 334 -24.84 -35.42 -27.36
N PRO G 335 -23.58 -34.99 -27.23
CA PRO G 335 -22.63 -35.71 -26.37
C PRO G 335 -22.98 -35.64 -24.88
N ALA G 336 -22.59 -36.69 -24.17
CA ALA G 336 -23.02 -36.88 -22.78
C ALA G 336 -22.47 -35.80 -21.85
N THR G 337 -21.25 -35.33 -22.09
CA THR G 337 -20.69 -34.27 -21.25
C THR G 337 -21.51 -32.98 -21.35
N ILE G 338 -21.99 -32.64 -22.54
CA ILE G 338 -22.81 -31.44 -22.70
C ILE G 338 -24.13 -31.59 -21.95
N CYS G 339 -24.76 -32.76 -22.04
CA CYS G 339 -26.04 -32.99 -21.39
C CYS G 339 -25.93 -32.89 -19.87
N ASP G 340 -24.84 -33.43 -19.31
CA ASP G 340 -24.63 -33.38 -17.86
C ASP G 340 -24.48 -31.95 -17.36
N GLN G 341 -23.82 -31.09 -18.13
CA GLN G 341 -23.55 -29.73 -17.69
C GLN G 341 -24.74 -28.79 -17.87
N MET G 342 -25.84 -29.24 -18.47
CA MET G 342 -27.04 -28.43 -18.56
C MET G 342 -28.09 -28.80 -17.53
N THR G 343 -27.79 -29.73 -16.61
CA THR G 343 -28.79 -30.20 -15.65
C THR G 343 -29.27 -29.07 -14.74
N GLY G 344 -28.36 -28.25 -14.24
CA GLY G 344 -28.72 -27.14 -13.39
C GLY G 344 -29.54 -26.06 -14.07
N ILE G 345 -29.17 -25.71 -15.31
CA ILE G 345 -29.83 -24.63 -16.04
C ILE G 345 -31.28 -24.96 -16.35
N LEU G 346 -31.59 -26.22 -16.66
CA LEU G 346 -32.93 -26.56 -17.12
C LEU G 346 -33.93 -26.71 -15.97
N ALA G 347 -33.52 -26.40 -14.74
CA ALA G 347 -34.45 -26.41 -13.61
C ALA G 347 -35.49 -25.29 -13.72
N THR G 348 -35.11 -24.16 -14.31
CA THR G 348 -35.99 -23.03 -14.52
C THR G 348 -36.31 -22.87 -16.01
N GLU G 349 -37.04 -21.82 -16.33
CA GLU G 349 -37.40 -21.50 -17.72
C GLU G 349 -36.37 -20.56 -18.31
N VAL G 350 -35.81 -20.96 -19.45
CA VAL G 350 -34.74 -20.24 -20.12
C VAL G 350 -35.19 -19.94 -21.54
N THR G 351 -34.79 -18.78 -22.05
CA THR G 351 -35.11 -18.41 -23.43
C THR G 351 -34.17 -19.13 -24.40
N PRO G 352 -34.59 -19.30 -25.66
CA PRO G 352 -33.68 -19.90 -26.66
C PRO G 352 -32.41 -19.11 -26.85
N GLU G 353 -32.46 -17.79 -26.75
CA GLU G 353 -31.26 -16.98 -26.94
C GLU G 353 -30.25 -17.23 -25.83
N ASP G 354 -30.72 -17.32 -24.58
CA ASP G 354 -29.81 -17.54 -23.46
C ASP G 354 -29.27 -18.96 -23.43
N ALA G 355 -30.07 -19.94 -23.86
CA ALA G 355 -29.55 -21.30 -24.00
C ALA G 355 -28.44 -21.37 -25.03
N GLN G 356 -28.57 -20.62 -26.14
CA GLN G 356 -27.56 -20.65 -27.19
C GLN G 356 -26.22 -20.10 -26.70
N LYS G 357 -26.24 -18.99 -25.95
CA LYS G 357 -25.00 -18.42 -25.44
C LYS G 357 -24.32 -19.36 -24.44
N LEU G 358 -25.09 -20.01 -23.58
CA LEU G 358 -24.52 -20.98 -22.64
C LEU G 358 -23.87 -22.15 -23.38
N LEU G 359 -24.53 -22.66 -24.43
CA LEU G 359 -24.00 -23.79 -25.17
C LEU G 359 -22.71 -23.45 -25.90
N VAL G 360 -22.60 -22.24 -26.44
CA VAL G 360 -21.38 -21.82 -27.10
C VAL G 360 -20.22 -21.76 -26.10
N GLY G 361 -20.48 -21.24 -24.89
CA GLY G 361 -19.45 -21.23 -23.87
C GLY G 361 -18.96 -22.61 -23.48
N LEU G 362 -19.89 -23.56 -23.33
CA LEU G 362 -19.51 -24.92 -22.96
C LEU G 362 -18.80 -25.65 -24.09
N ASN G 363 -18.89 -25.17 -25.32
CA ASN G 363 -18.39 -25.88 -26.48
C ASN G 363 -16.92 -25.58 -26.78
N GLN G 364 -16.39 -24.45 -26.33
CA GLN G 364 -15.03 -24.05 -26.67
C GLN G 364 -13.96 -24.90 -26.00
N ARG G 365 -14.34 -25.97 -25.29
CA ARG G 365 -13.38 -26.83 -24.63
C ARG G 365 -12.56 -27.62 -25.64
N THR G 376 -10.95 -25.95 -30.90
CA THR G 376 -11.63 -27.23 -31.07
C THR G 376 -12.97 -27.23 -30.34
N ASN G 377 -13.97 -27.83 -30.95
CA ASN G 377 -15.33 -27.86 -30.41
C ASN G 377 -15.73 -29.30 -30.07
N THR G 378 -16.61 -29.44 -29.07
CA THR G 378 -17.14 -30.76 -28.74
C THR G 378 -18.19 -31.20 -29.76
N MET G 379 -19.07 -30.29 -30.16
CA MET G 379 -20.09 -30.57 -31.15
C MET G 379 -20.01 -29.55 -32.28
N LYS G 380 -20.55 -29.94 -33.44
CA LYS G 380 -20.58 -29.06 -34.60
C LYS G 380 -21.48 -27.86 -34.36
N ASN G 381 -21.06 -26.70 -34.86
CA ASN G 381 -21.74 -25.45 -34.57
C ASN G 381 -23.05 -25.27 -35.34
N TYR G 382 -23.23 -25.95 -36.47
CA TYR G 382 -24.44 -25.75 -37.25
C TYR G 382 -25.67 -26.41 -36.64
N MET G 383 -25.49 -27.31 -35.68
CA MET G 383 -26.62 -27.91 -35.00
C MET G 383 -26.98 -27.18 -33.70
N ILE G 384 -26.15 -26.23 -33.27
CA ILE G 384 -26.38 -25.58 -31.97
C ILE G 384 -27.69 -24.82 -31.89
N PRO G 385 -28.11 -24.02 -32.88
CA PRO G 385 -29.38 -23.29 -32.73
C PRO G 385 -30.61 -24.17 -32.55
N VAL G 386 -30.67 -25.33 -33.19
CA VAL G 386 -31.86 -26.17 -33.04
C VAL G 386 -31.82 -26.94 -31.71
N VAL G 387 -30.63 -27.25 -31.21
CA VAL G 387 -30.50 -27.89 -29.90
C VAL G 387 -30.90 -26.92 -28.79
N ALA G 388 -30.49 -25.65 -28.91
CA ALA G 388 -30.84 -24.66 -27.90
C ALA G 388 -32.34 -24.41 -27.85
N GLN G 389 -33.01 -24.52 -28.99
CA GLN G 389 -34.46 -24.33 -29.04
C GLN G 389 -35.21 -25.52 -28.47
N ALA G 390 -34.71 -26.74 -28.66
CA ALA G 390 -35.34 -27.91 -28.06
C ALA G 390 -35.22 -27.89 -26.54
N PHE G 391 -34.06 -27.51 -26.01
CA PHE G 391 -33.84 -27.53 -24.57
C PHE G 391 -34.79 -26.56 -23.85
N SER G 392 -35.06 -25.40 -24.44
CA SER G 392 -35.92 -24.44 -23.77
C SER G 392 -37.40 -24.83 -23.84
N LYS G 393 -37.83 -25.50 -24.90
CA LYS G 393 -39.19 -26.01 -24.95
C LYS G 393 -39.41 -27.16 -23.98
N TRP G 394 -38.38 -28.00 -23.77
CA TRP G 394 -38.48 -29.09 -22.81
C TRP G 394 -38.62 -28.56 -21.39
N ALA G 395 -37.83 -27.54 -21.03
CA ALA G 395 -37.90 -26.97 -19.68
C ALA G 395 -39.25 -26.31 -19.42
N LYS G 396 -39.87 -25.76 -20.45
CA LYS G 396 -41.17 -25.12 -20.27
C LYS G 396 -42.29 -26.16 -20.07
N GLU G 397 -42.23 -27.27 -20.79
CA GLU G 397 -43.24 -28.30 -20.65
C GLU G 397 -43.12 -29.06 -19.33
N CYS G 398 -41.94 -29.07 -18.71
CA CYS G 398 -41.79 -29.69 -17.39
C CYS G 398 -42.44 -28.84 -16.30
N ARG G 399 -42.34 -27.51 -16.41
CA ARG G 399 -42.97 -26.62 -15.45
C ARG G 399 -44.48 -26.74 -15.47
N LYS G 400 -45.06 -26.90 -16.66
CA LYS G 400 -46.52 -26.96 -16.78
C LYS G 400 -47.08 -28.23 -16.16
N ASP G 401 -46.35 -29.34 -16.25
CA ASP G 401 -46.76 -30.57 -15.58
C ASP G 401 -46.82 -30.37 -14.06
N MET G 402 -45.81 -29.71 -13.51
CA MET G 402 -45.71 -29.55 -12.06
C MET G 402 -46.80 -28.64 -11.51
N GLU G 403 -47.30 -27.70 -12.31
CA GLU G 403 -48.30 -26.76 -11.85
C GLU G 403 -49.73 -27.19 -12.15
N ASP G 404 -49.92 -28.32 -12.82
CA ASP G 404 -51.26 -28.88 -13.09
C ASP G 404 -51.20 -30.34 -12.65
N GLU G 405 -51.40 -30.55 -11.35
CA GLU G 405 -51.15 -31.83 -10.70
C GLU G 405 -52.45 -32.54 -10.38
N LYS G 406 -52.50 -33.84 -10.63
CA LYS G 406 -53.72 -34.62 -10.54
C LYS G 406 -53.74 -35.44 -9.25
N LEU G 407 -54.78 -36.24 -9.11
CA LEU G 407 -54.93 -37.14 -7.97
C LEU G 407 -54.34 -38.50 -8.28
N LEU G 408 -53.82 -39.18 -7.26
CA LEU G 408 -53.20 -40.47 -7.46
C LEU G 408 -54.23 -41.51 -7.89
N GLY G 409 -53.90 -42.30 -8.90
CA GLY G 409 -54.72 -43.43 -9.27
C GLY G 409 -55.99 -43.10 -10.00
N VAL G 410 -56.16 -41.85 -10.44
CA VAL G 410 -57.41 -41.39 -11.00
C VAL G 410 -57.13 -40.67 -12.32
N ARG G 411 -57.76 -41.15 -13.38
CA ARG G 411 -57.89 -40.42 -14.63
C ARG G 411 -59.19 -39.64 -14.49
N GLU G 412 -59.18 -38.33 -14.76
CA GLU G 412 -60.45 -37.61 -14.74
C GLU G 412 -60.92 -37.35 -16.17
N ARG G 413 -61.57 -38.37 -16.71
CA ARG G 413 -62.26 -38.30 -18.00
C ARG G 413 -63.71 -37.85 -17.86
N THR G 414 -64.13 -37.47 -16.65
CA THR G 414 -65.49 -37.02 -16.37
C THR G 414 -66.52 -38.05 -16.79
N CYS G 419 -68.95 -36.48 -18.39
CA CYS G 419 -70.20 -37.24 -18.50
C CYS G 419 -70.12 -38.23 -19.64
N LEU G 420 -69.53 -37.79 -20.75
CA LEU G 420 -69.14 -38.67 -21.84
C LEU G 420 -67.61 -38.73 -21.91
N TRP G 421 -67.10 -39.91 -22.23
CA TRP G 421 -65.67 -40.16 -22.05
C TRP G 421 -64.85 -39.43 -23.10
N ALA G 422 -64.52 -38.17 -22.83
CA ALA G 422 -63.74 -37.35 -23.77
C ALA G 422 -62.72 -36.58 -22.96
N PHE G 423 -61.45 -36.90 -23.17
CA PHE G 423 -60.36 -36.26 -22.43
C PHE G 423 -59.56 -35.34 -23.34
N LYS G 424 -58.82 -34.43 -22.72
CA LYS G 424 -58.02 -33.45 -23.43
C LYS G 424 -56.58 -33.93 -23.54
N LYS G 425 -56.02 -33.84 -24.75
CA LYS G 425 -54.63 -34.18 -24.98
C LYS G 425 -53.77 -32.94 -24.95
N GLN G 426 -52.61 -33.04 -24.33
CA GLN G 426 -51.68 -31.93 -24.26
C GLN G 426 -50.75 -31.92 -25.46
N LYS G 427 -50.09 -30.78 -25.67
CA LYS G 427 -49.15 -30.62 -26.77
C LYS G 427 -47.75 -30.99 -26.32
N THR G 428 -47.06 -31.76 -27.16
CA THR G 428 -45.68 -32.18 -26.93
C THR G 428 -44.83 -31.73 -28.10
N HIS G 429 -43.84 -30.88 -27.84
CA HIS G 429 -42.98 -30.37 -28.90
C HIS G 429 -41.54 -30.87 -28.82
N THR G 430 -41.14 -31.55 -27.75
CA THR G 430 -39.79 -32.05 -27.61
C THR G 430 -39.80 -33.44 -27.02
N VAL G 431 -38.99 -34.34 -27.58
CA VAL G 431 -38.67 -35.63 -27.00
C VAL G 431 -37.19 -35.63 -26.69
N TYR G 432 -36.84 -35.82 -25.41
CA TYR G 432 -35.47 -35.74 -24.93
C TYR G 432 -35.14 -37.01 -24.15
N LYS G 433 -34.27 -37.85 -24.72
CA LYS G 433 -33.80 -39.07 -24.06
C LYS G 433 -32.40 -38.81 -23.49
N ARG G 434 -32.32 -38.68 -22.17
CA ARG G 434 -31.08 -38.39 -21.49
C ARG G 434 -30.17 -39.62 -21.43
N PRO G 435 -28.87 -39.43 -21.25
CA PRO G 435 -27.97 -40.58 -21.08
C PRO G 435 -28.39 -41.46 -19.91
N ASP G 436 -28.26 -42.78 -20.12
CA ASP G 436 -28.63 -43.85 -19.20
C ASP G 436 -30.13 -44.12 -19.14
N THR G 437 -30.91 -43.67 -20.11
CA THR G 437 -32.32 -44.03 -20.24
C THR G 437 -32.48 -44.99 -21.42
N GLN G 438 -33.70 -45.47 -21.64
CA GLN G 438 -33.96 -46.47 -22.67
C GLN G 438 -35.28 -46.19 -23.37
N SER G 439 -35.28 -46.30 -24.70
CA SER G 439 -36.49 -46.28 -25.50
C SER G 439 -37.04 -47.68 -25.65
N ILE G 440 -38.36 -47.79 -25.81
CA ILE G 440 -39.01 -49.09 -25.95
C ILE G 440 -40.15 -48.95 -26.97
N GLN G 441 -40.13 -49.78 -28.00
CA GLN G 441 -41.03 -49.69 -29.15
C GLN G 441 -41.72 -51.01 -29.41
N LYS G 442 -42.99 -50.94 -29.77
CA LYS G 442 -43.81 -52.12 -30.07
C LYS G 442 -43.75 -52.40 -31.57
N VAL G 443 -43.13 -53.52 -31.96
CA VAL G 443 -42.97 -53.88 -33.37
C VAL G 443 -43.50 -55.30 -33.59
N GLN G 444 -43.50 -55.72 -34.85
CA GLN G 444 -44.02 -57.02 -35.24
C GLN G 444 -42.98 -58.11 -35.01
N ALA G 445 -43.43 -59.27 -34.54
CA ALA G 445 -42.54 -60.34 -34.13
C ALA G 445 -42.86 -61.72 -34.67
N GLU G 446 -43.91 -61.88 -35.47
CA GLU G 446 -44.26 -63.15 -36.08
C GLU G 446 -44.24 -63.01 -37.60
N PHE G 447 -43.38 -63.77 -38.26
CA PHE G 447 -43.13 -63.63 -39.70
C PHE G 447 -43.43 -64.95 -40.40
N ASP G 448 -44.33 -64.90 -41.38
CA ASP G 448 -44.67 -66.10 -42.14
C ASP G 448 -44.64 -65.91 -43.65
N SER G 449 -44.92 -64.70 -44.13
CA SER G 449 -44.92 -64.43 -45.57
C SER G 449 -43.55 -63.94 -46.01
N PHE G 450 -42.99 -64.59 -47.02
CA PHE G 450 -41.65 -64.31 -47.52
C PHE G 450 -41.73 -64.27 -49.05
N VAL G 451 -42.03 -63.09 -49.59
CA VAL G 451 -42.23 -62.93 -51.01
C VAL G 451 -40.93 -63.03 -51.78
N GLY G 459 -26.98 -58.85 -66.02
CA GLY G 459 -26.05 -57.82 -65.62
C GLY G 459 -24.76 -57.82 -66.41
N LEU G 460 -23.93 -58.82 -66.16
CA LEU G 460 -22.64 -58.91 -66.83
C LEU G 460 -22.82 -59.07 -68.34
N SER G 461 -21.95 -58.40 -69.10
CA SER G 461 -22.02 -58.45 -70.56
C SER G 461 -20.61 -58.43 -71.14
N ILE G 462 -20.53 -58.69 -72.44
CA ILE G 462 -19.23 -58.97 -73.08
C ILE G 462 -18.22 -57.85 -72.89
N PRO G 463 -18.54 -56.57 -73.17
CA PRO G 463 -17.50 -55.54 -73.00
C PRO G 463 -16.92 -55.50 -71.60
N LEU G 464 -17.75 -55.67 -70.58
CA LEU G 464 -17.24 -55.80 -69.22
C LEU G 464 -16.61 -57.17 -69.00
N ARG G 465 -17.23 -58.22 -69.54
CA ARG G 465 -16.69 -59.57 -69.42
C ARG G 465 -15.31 -59.65 -70.05
N THR G 466 -15.14 -59.07 -71.23
CA THR G 466 -13.84 -59.11 -71.90
C THR G 466 -12.78 -58.37 -71.11
N ARG G 467 -13.13 -57.20 -70.54
CA ARG G 467 -12.15 -56.42 -69.80
C ARG G 467 -11.65 -57.16 -68.57
N ILE G 468 -12.56 -57.81 -67.82
CA ILE G 468 -12.15 -58.57 -66.65
C ILE G 468 -11.22 -59.72 -67.06
N LYS G 469 -11.62 -60.46 -68.09
CA LYS G 469 -10.85 -61.62 -68.52
C LYS G 469 -9.45 -61.24 -68.98
N TRP G 470 -9.30 -60.04 -69.54
CA TRP G 470 -8.01 -59.64 -70.11
C TRP G 470 -6.94 -59.49 -69.04
N LEU G 471 -7.30 -58.94 -67.87
CA LEU G 471 -6.31 -58.76 -66.82
C LEU G 471 -5.80 -60.09 -66.27
N LEU G 472 -6.71 -61.02 -65.98
CA LEU G 472 -6.29 -62.29 -65.42
C LEU G 472 -5.58 -63.18 -66.44
N SER G 473 -5.61 -62.83 -67.72
CA SER G 473 -4.90 -63.59 -68.74
C SER G 473 -3.39 -63.56 -68.50
N ASP H 2 -5.23 -64.90 0.08
CA ASP H 2 -6.09 -64.00 0.85
C ASP H 2 -6.78 -62.92 -0.01
N PRO H 3 -6.02 -62.06 -0.69
CA PRO H 3 -6.67 -60.95 -1.39
C PRO H 3 -7.55 -61.42 -2.53
N VAL H 4 -8.57 -60.63 -2.82
CA VAL H 4 -9.51 -60.93 -3.88
C VAL H 4 -9.52 -59.77 -4.87
N TYR H 5 -9.53 -60.08 -6.15
CA TYR H 5 -9.38 -59.10 -7.21
C TYR H 5 -10.67 -59.01 -8.01
N VAL H 6 -11.09 -57.78 -8.31
CA VAL H 6 -12.27 -57.53 -9.12
C VAL H 6 -11.83 -56.97 -10.47
N ASP H 7 -12.59 -57.30 -11.51
CA ASP H 7 -12.31 -56.87 -12.86
C ASP H 7 -12.95 -55.53 -13.18
N ILE H 8 -12.71 -54.52 -12.34
CA ILE H 8 -13.17 -53.16 -12.59
C ILE H 8 -11.98 -52.21 -12.43
N ASP H 9 -12.24 -50.93 -12.62
CA ASP H 9 -11.18 -49.92 -12.63
C ASP H 9 -10.74 -49.61 -11.20
N ALA H 10 -9.91 -48.57 -11.05
CA ALA H 10 -9.38 -48.18 -9.76
C ALA H 10 -9.76 -46.77 -9.34
N ASP H 11 -10.25 -45.94 -10.25
CA ASP H 11 -10.68 -44.59 -9.91
C ASP H 11 -12.19 -44.45 -9.79
N SER H 12 -12.94 -45.53 -9.97
CA SER H 12 -14.39 -45.46 -9.91
C SER H 12 -14.87 -45.40 -8.47
N ALA H 13 -16.08 -44.87 -8.28
CA ALA H 13 -16.68 -44.81 -6.96
C ALA H 13 -17.31 -46.12 -6.53
N PHE H 14 -17.51 -47.07 -7.45
CA PHE H 14 -18.11 -48.35 -7.06
C PHE H 14 -17.13 -49.24 -6.30
N LEU H 15 -15.83 -48.98 -6.42
CA LEU H 15 -14.85 -49.78 -5.69
C LEU H 15 -15.03 -49.63 -4.18
N LYS H 16 -15.23 -48.40 -3.72
CA LYS H 16 -15.43 -48.18 -2.29
C LYS H 16 -16.70 -48.85 -1.79
N ALA H 17 -17.78 -48.77 -2.57
CA ALA H 17 -19.03 -49.41 -2.17
C ALA H 17 -18.87 -50.92 -2.09
N LEU H 18 -18.17 -51.50 -3.07
CA LEU H 18 -17.91 -52.93 -3.04
C LEU H 18 -17.07 -53.31 -1.82
N GLN H 19 -16.06 -52.49 -1.50
CA GLN H 19 -15.26 -52.74 -0.30
C GLN H 19 -16.11 -52.75 0.94
N ARG H 20 -16.91 -51.70 1.15
CA ARG H 20 -17.67 -51.62 2.39
C ARG H 20 -18.86 -52.55 2.42
N ALA H 21 -19.23 -53.18 1.30
CA ALA H 21 -20.25 -54.22 1.34
C ALA H 21 -19.67 -55.57 1.75
N TYR H 22 -18.37 -55.77 1.54
CA TYR H 22 -17.68 -57.00 1.94
C TYR H 22 -16.51 -56.60 2.83
N PRO H 23 -16.75 -56.37 4.12
CA PRO H 23 -15.70 -55.80 4.98
C PRO H 23 -14.68 -56.79 5.50
N MET H 24 -14.92 -58.09 5.30
CA MET H 24 -14.04 -59.17 5.70
C MET H 24 -13.16 -59.67 4.56
N PHE H 25 -13.13 -58.95 3.44
CA PHE H 25 -12.26 -59.26 2.32
C PHE H 25 -11.36 -58.07 2.07
N GLU H 26 -10.44 -58.22 1.14
CA GLU H 26 -9.59 -57.12 0.67
C GLU H 26 -9.70 -57.11 -0.85
N VAL H 27 -10.64 -56.34 -1.34
CA VAL H 27 -10.92 -56.26 -2.77
C VAL H 27 -9.93 -55.31 -3.42
N GLU H 28 -9.42 -55.71 -4.59
CA GLU H 28 -8.41 -54.91 -5.26
C GLU H 28 -8.73 -54.74 -6.74
N PRO H 29 -8.43 -53.58 -7.32
CA PRO H 29 -8.65 -53.37 -8.75
C PRO H 29 -7.62 -54.11 -9.60
N ARG H 30 -8.08 -54.78 -10.65
CA ARG H 30 -7.16 -55.37 -11.60
C ARG H 30 -7.69 -55.21 -13.02
N ASP H 36 -21.34 -51.98 -19.74
CA ASP H 36 -22.16 -51.55 -18.61
C ASP H 36 -22.69 -52.74 -17.83
N HIS H 37 -21.81 -53.68 -17.49
CA HIS H 37 -22.19 -54.84 -16.69
C HIS H 37 -21.11 -55.24 -15.70
N ALA H 38 -20.03 -54.46 -15.58
CA ALA H 38 -18.94 -54.83 -14.68
C ALA H 38 -19.35 -54.72 -13.23
N ASN H 39 -20.19 -53.74 -12.89
CA ASN H 39 -20.64 -53.58 -11.51
C ASN H 39 -21.42 -54.79 -11.05
N ALA H 40 -22.33 -55.29 -11.89
CA ALA H 40 -23.13 -56.44 -11.49
C ALA H 40 -22.31 -57.73 -11.49
N ARG H 41 -21.29 -57.82 -12.35
CA ARG H 41 -20.46 -59.02 -12.37
C ARG H 41 -19.75 -59.20 -11.04
N ALA H 42 -19.06 -58.15 -10.59
CA ALA H 42 -18.17 -58.26 -9.44
C ALA H 42 -18.96 -58.57 -8.18
N PHE H 43 -20.18 -58.04 -8.06
CA PHE H 43 -21.01 -58.40 -6.93
C PHE H 43 -21.32 -59.89 -6.96
N SER H 44 -21.56 -60.44 -8.14
CA SER H 44 -21.85 -61.86 -8.25
C SER H 44 -20.61 -62.71 -8.05
N HIS H 45 -19.43 -62.19 -8.41
CA HIS H 45 -18.19 -62.90 -8.17
C HIS H 45 -17.91 -63.04 -6.68
N LEU H 46 -18.02 -61.93 -5.93
CA LEU H 46 -17.79 -61.99 -4.49
C LEU H 46 -18.87 -62.76 -3.75
N ALA H 47 -20.09 -62.82 -4.29
CA ALA H 47 -21.15 -63.54 -3.60
C ALA H 47 -20.92 -65.05 -3.66
N ILE H 48 -20.42 -65.56 -4.79
CA ILE H 48 -20.13 -66.98 -4.89
C ILE H 48 -18.90 -67.33 -4.04
N LYS H 49 -17.90 -66.45 -4.02
CA LYS H 49 -16.73 -66.69 -3.18
C LYS H 49 -17.12 -66.80 -1.71
N LEU H 50 -18.00 -65.92 -1.24
CA LEU H 50 -18.46 -65.97 0.14
C LEU H 50 -19.12 -67.29 0.49
N ILE H 51 -19.99 -67.78 -0.40
CA ILE H 51 -20.75 -68.98 -0.09
C ILE H 51 -19.82 -70.18 0.07
N GLU H 52 -18.82 -70.28 -0.80
CA GLU H 52 -17.85 -71.38 -0.71
C GLU H 52 -17.10 -71.33 0.62
N GLN H 53 -16.64 -70.15 1.02
CA GLN H 53 -15.97 -69.98 2.31
C GLN H 53 -16.90 -70.28 3.47
N GLU H 54 -18.21 -70.23 3.25
CA GLU H 54 -19.19 -70.43 4.30
C GLU H 54 -19.59 -71.89 4.50
N ILE H 55 -19.15 -72.80 3.63
CA ILE H 55 -19.56 -74.20 3.71
C ILE H 55 -18.34 -75.09 3.63
N ASP H 56 -18.41 -76.22 4.34
CA ASP H 56 -17.33 -77.19 4.30
C ASP H 56 -17.23 -77.82 2.91
N PRO H 57 -16.02 -78.02 2.40
CA PRO H 57 -15.87 -78.64 1.07
C PRO H 57 -16.36 -80.08 1.05
N ASP H 58 -16.28 -80.71 -0.12
CA ASP H 58 -16.84 -82.05 -0.33
C ASP H 58 -18.33 -82.09 0.00
N SER H 59 -19.04 -81.04 -0.41
CA SER H 59 -20.48 -80.95 -0.25
C SER H 59 -21.14 -80.86 -1.63
N THR H 60 -22.30 -81.48 -1.77
CA THR H 60 -23.00 -81.48 -3.04
C THR H 60 -23.84 -80.19 -3.17
N ILE H 61 -23.59 -79.43 -4.23
CA ILE H 61 -24.18 -78.12 -4.43
C ILE H 61 -25.10 -78.18 -5.64
N LEU H 62 -26.37 -77.84 -5.45
CA LEU H 62 -27.31 -77.69 -6.56
C LEU H 62 -27.20 -76.29 -7.16
N ASP H 63 -27.61 -76.18 -8.43
CA ASP H 63 -27.71 -74.90 -9.12
C ASP H 63 -29.05 -74.84 -9.84
N ILE H 64 -29.98 -74.05 -9.32
CA ILE H 64 -31.30 -73.93 -9.93
C ILE H 64 -31.23 -72.95 -11.08
N GLY H 65 -31.69 -73.37 -12.26
CA GLY H 65 -31.72 -72.55 -13.44
C GLY H 65 -30.39 -71.90 -13.74
N SER H 66 -29.39 -72.71 -14.10
CA SER H 66 -28.02 -72.26 -14.18
C SER H 66 -27.52 -72.25 -15.63
N ALA H 67 -26.32 -71.69 -15.80
CA ALA H 67 -25.57 -71.78 -17.04
C ALA H 67 -24.29 -72.55 -16.75
N PRO H 68 -24.20 -73.83 -17.14
CA PRO H 68 -23.11 -74.68 -16.63
C PRO H 68 -21.72 -74.19 -17.00
N ALA H 69 -21.56 -73.36 -18.03
CA ALA H 69 -20.24 -72.90 -18.42
C ALA H 69 -19.57 -72.06 -17.35
N ARG H 70 -20.32 -71.56 -16.36
CA ARG H 70 -19.71 -70.78 -15.30
C ARG H 70 -19.18 -71.65 -14.17
N ARG H 71 -19.82 -72.80 -13.93
CA ARG H 71 -19.41 -73.71 -12.87
C ARG H 71 -18.41 -74.77 -13.32
N MET H 72 -18.00 -74.73 -14.59
CA MET H 72 -17.19 -75.82 -15.14
C MET H 72 -15.81 -75.88 -14.49
N MET H 73 -15.19 -74.73 -14.22
CA MET H 73 -13.81 -74.66 -13.76
C MET H 73 -13.69 -74.49 -12.24
N SER H 74 -14.59 -75.10 -11.47
CA SER H 74 -14.57 -74.97 -10.03
C SER H 74 -14.47 -76.35 -9.38
N ASP H 75 -13.78 -76.39 -8.25
CA ASP H 75 -13.49 -77.64 -7.55
C ASP H 75 -14.55 -77.97 -6.48
N ARG H 76 -15.82 -77.97 -6.87
CA ARG H 76 -16.89 -78.28 -5.94
C ARG H 76 -17.92 -79.15 -6.66
N LYS H 77 -18.68 -79.91 -5.86
CA LYS H 77 -19.66 -80.86 -6.38
C LYS H 77 -20.89 -80.10 -6.85
N TYR H 78 -20.78 -79.49 -8.02
CA TYR H 78 -21.88 -78.76 -8.62
C TYR H 78 -22.74 -79.69 -9.47
N HIS H 79 -24.05 -79.60 -9.31
CA HIS H 79 -25.01 -80.34 -10.12
C HIS H 79 -25.93 -79.32 -10.79
N CYS H 80 -25.63 -78.97 -12.03
CA CYS H 80 -26.36 -77.93 -12.74
C CYS H 80 -27.70 -78.43 -13.24
N VAL H 81 -28.72 -77.59 -13.12
CA VAL H 81 -30.08 -77.89 -13.54
C VAL H 81 -30.46 -76.92 -14.64
N CYS H 82 -30.80 -77.43 -15.83
CA CYS H 82 -30.96 -76.60 -17.02
C CYS H 82 -32.19 -77.01 -17.82
N PRO H 83 -33.37 -76.55 -17.41
CA PRO H 83 -34.56 -76.76 -18.24
C PRO H 83 -34.59 -75.80 -19.42
N MET H 84 -35.37 -76.18 -20.43
CA MET H 84 -35.53 -75.38 -21.65
C MET H 84 -36.77 -74.50 -21.48
N ARG H 85 -36.59 -73.38 -20.77
CA ARG H 85 -37.67 -72.47 -20.47
C ARG H 85 -37.65 -71.19 -21.28
N SER H 86 -36.47 -70.72 -21.72
CA SER H 86 -36.37 -69.46 -22.44
C SER H 86 -35.55 -69.65 -23.71
N ALA H 87 -35.67 -68.68 -24.60
CA ALA H 87 -35.01 -68.72 -25.90
C ALA H 87 -33.50 -68.63 -25.80
N GLU H 88 -32.96 -68.23 -24.66
CA GLU H 88 -31.52 -68.14 -24.45
C GLU H 88 -30.91 -69.43 -23.89
N ASP H 89 -31.73 -70.44 -23.61
CA ASP H 89 -31.24 -71.65 -22.95
C ASP H 89 -30.42 -72.54 -23.89
N PRO H 90 -30.87 -72.84 -25.11
CA PRO H 90 -30.02 -73.65 -26.00
C PRO H 90 -28.67 -73.04 -26.30
N GLU H 91 -28.56 -71.71 -26.28
CA GLU H 91 -27.24 -71.09 -26.41
C GLU H 91 -26.37 -71.41 -25.21
N ARG H 92 -26.95 -71.43 -24.01
CA ARG H 92 -26.20 -71.80 -22.82
C ARG H 92 -25.70 -73.24 -22.91
N LEU H 93 -26.57 -74.14 -23.37
CA LEU H 93 -26.18 -75.54 -23.54
C LEU H 93 -25.08 -75.69 -24.58
N ALA H 94 -25.22 -75.00 -25.71
CA ALA H 94 -24.25 -75.14 -26.80
C ALA H 94 -22.89 -74.58 -26.40
N ASN H 95 -22.87 -73.50 -25.61
CA ASN H 95 -21.61 -72.94 -25.17
C ASN H 95 -20.86 -73.89 -24.25
N TYR H 96 -21.60 -74.62 -23.41
CA TYR H 96 -20.99 -75.63 -22.56
C TYR H 96 -20.34 -76.72 -23.40
N ALA H 97 -21.04 -77.20 -24.42
CA ALA H 97 -20.52 -78.28 -25.25
C ALA H 97 -19.26 -77.89 -25.99
N ARG H 98 -19.03 -76.58 -26.17
CA ARG H 98 -17.82 -76.14 -26.85
C ARG H 98 -16.63 -76.10 -25.91
N LYS H 99 -16.76 -75.40 -24.78
CA LYS H 99 -15.65 -75.29 -23.84
C LYS H 99 -15.24 -76.65 -23.29
N LEU H 100 -16.17 -77.61 -23.26
CA LEU H 100 -15.80 -78.95 -22.83
C LEU H 100 -14.87 -79.61 -23.84
N ALA H 101 -15.23 -79.59 -25.12
CA ALA H 101 -14.34 -80.09 -26.16
C ALA H 101 -13.08 -79.23 -26.28
N SER H 102 -13.24 -77.90 -26.22
CA SER H 102 -12.11 -77.00 -26.43
C SER H 102 -11.08 -77.09 -25.31
N ALA H 103 -11.42 -77.71 -24.20
CA ALA H 103 -10.49 -77.90 -23.09
C ALA H 103 -10.58 -79.32 -22.56
N ALA H 104 -10.57 -80.29 -23.48
CA ALA H 104 -10.74 -81.70 -23.12
C ALA H 104 -9.43 -82.40 -22.81
N GLY H 105 -8.28 -81.74 -22.98
CA GLY H 105 -7.02 -82.38 -22.69
C GLY H 105 -5.95 -81.47 -22.13
N LYS H 106 -6.30 -80.22 -21.82
CA LYS H 106 -5.32 -79.22 -21.43
C LYS H 106 -5.24 -79.02 -19.92
N VAL H 107 -6.03 -79.74 -19.13
CA VAL H 107 -5.99 -79.64 -17.68
C VAL H 107 -6.06 -81.04 -17.10
N LEU H 108 -5.21 -81.31 -16.10
CA LEU H 108 -5.14 -82.62 -15.47
C LEU H 108 -5.34 -82.53 -13.96
N ASP H 109 -6.02 -81.48 -13.51
CA ASP H 109 -6.29 -81.29 -12.08
C ASP H 109 -7.77 -81.39 -11.76
N ARG H 110 -8.61 -80.57 -12.40
CA ARG H 110 -10.05 -80.61 -12.18
C ARG H 110 -10.69 -81.60 -13.14
N ASN H 111 -11.72 -82.28 -12.66
CA ASN H 111 -12.44 -83.24 -13.48
C ASN H 111 -13.03 -82.57 -14.71
N ILE H 112 -12.62 -83.00 -15.89
CA ILE H 112 -13.13 -82.42 -17.13
C ILE H 112 -13.69 -83.53 -18.01
N SER H 113 -13.12 -84.73 -17.91
CA SER H 113 -13.59 -85.84 -18.73
C SER H 113 -14.89 -86.42 -18.21
N GLY H 114 -15.10 -86.38 -16.89
CA GLY H 114 -16.36 -86.86 -16.34
C GLY H 114 -17.55 -86.00 -16.75
N LYS H 115 -17.34 -84.69 -16.86
CA LYS H 115 -18.40 -83.80 -17.31
C LYS H 115 -18.77 -84.05 -18.76
N ILE H 116 -17.78 -84.42 -19.59
CA ILE H 116 -18.05 -84.75 -20.99
C ILE H 116 -18.93 -85.98 -21.09
N GLY H 117 -18.65 -86.99 -20.26
CA GLY H 117 -19.45 -88.21 -20.31
C GLY H 117 -20.88 -88.00 -19.86
N ASP H 118 -21.09 -87.14 -18.87
CA ASP H 118 -22.43 -86.87 -18.38
C ASP H 118 -23.30 -86.22 -19.45
N LEU H 119 -22.74 -85.27 -20.19
CA LEU H 119 -23.50 -84.59 -21.23
C LEU H 119 -23.94 -85.56 -22.32
N GLN H 120 -23.01 -86.33 -22.87
CA GLN H 120 -23.36 -87.25 -23.96
C GLN H 120 -24.23 -88.41 -23.48
N ALA H 121 -24.26 -88.68 -22.18
CA ALA H 121 -25.23 -89.63 -21.66
C ALA H 121 -26.64 -89.03 -21.66
N VAL H 122 -26.77 -87.79 -21.21
CA VAL H 122 -28.07 -87.12 -21.25
C VAL H 122 -28.48 -86.83 -22.70
N MET H 123 -27.51 -86.50 -23.55
CA MET H 123 -27.81 -86.31 -24.97
C MET H 123 -28.40 -87.57 -25.58
N ALA H 124 -27.78 -88.72 -25.30
CA ALA H 124 -28.33 -89.99 -25.77
C ALA H 124 -29.66 -90.30 -25.10
N VAL H 125 -29.71 -90.23 -23.78
CA VAL H 125 -30.92 -90.53 -23.00
C VAL H 125 -31.39 -89.24 -22.33
N PRO H 126 -32.41 -88.58 -22.86
CA PRO H 126 -32.76 -87.23 -22.41
C PRO H 126 -33.52 -87.16 -21.09
N ASP H 127 -33.69 -88.27 -20.38
CA ASP H 127 -34.39 -88.27 -19.11
C ASP H 127 -33.62 -89.09 -18.08
N THR H 128 -32.31 -88.86 -18.00
CA THR H 128 -31.46 -89.52 -17.03
C THR H 128 -30.87 -88.50 -16.09
N GLU H 129 -30.91 -88.79 -14.80
CA GLU H 129 -30.30 -87.94 -13.79
C GLU H 129 -28.85 -88.35 -13.61
N THR H 130 -27.95 -87.39 -13.75
CA THR H 130 -26.51 -87.60 -13.76
C THR H 130 -25.86 -86.73 -12.71
N PRO H 131 -24.63 -87.05 -12.30
CA PRO H 131 -24.00 -86.27 -11.22
C PRO H 131 -23.87 -84.78 -11.50
N THR H 132 -23.58 -84.37 -12.74
CA THR H 132 -23.26 -82.97 -13.01
C THR H 132 -24.17 -82.35 -14.08
N PHE H 133 -25.35 -82.90 -14.32
CA PHE H 133 -26.24 -82.36 -15.34
C PHE H 133 -27.59 -83.05 -15.25
N CYS H 134 -28.61 -82.31 -15.67
CA CYS H 134 -29.96 -82.82 -15.85
C CYS H 134 -30.74 -81.79 -16.65
N LEU H 135 -31.90 -82.20 -17.15
CA LEU H 135 -32.73 -81.37 -18.02
C LEU H 135 -34.13 -81.24 -17.43
N HIS H 136 -34.20 -81.01 -16.13
CA HIS H 136 -35.47 -80.89 -15.42
C HIS H 136 -35.61 -79.48 -14.87
N THR H 137 -36.77 -79.20 -14.30
CA THR H 137 -37.01 -77.95 -13.61
C THR H 137 -36.44 -78.05 -12.20
N ASP H 138 -36.81 -77.12 -11.33
CA ASP H 138 -36.46 -77.21 -9.92
C ASP H 138 -37.43 -78.07 -9.12
N VAL H 139 -38.61 -78.35 -9.65
CA VAL H 139 -39.61 -79.15 -8.95
C VAL H 139 -39.52 -80.62 -9.33
N SER H 140 -39.26 -80.93 -10.60
CA SER H 140 -39.29 -82.30 -11.08
C SER H 140 -37.96 -83.03 -10.93
N CYS H 141 -36.87 -82.33 -10.64
CA CYS H 141 -35.59 -83.00 -10.43
C CYS H 141 -35.67 -83.87 -9.18
N ARG H 142 -34.96 -85.00 -9.22
CA ARG H 142 -35.06 -86.00 -8.16
C ARG H 142 -33.74 -86.30 -7.49
N GLN H 143 -32.67 -85.59 -7.84
CA GLN H 143 -31.39 -85.78 -7.19
C GLN H 143 -31.41 -85.24 -5.76
N ARG H 144 -30.82 -85.98 -4.83
CA ARG H 144 -30.73 -85.54 -3.45
C ARG H 144 -29.45 -84.77 -3.20
N ALA H 145 -29.54 -83.75 -2.34
CA ALA H 145 -28.39 -82.91 -2.00
C ALA H 145 -28.65 -82.27 -0.65
N ASP H 146 -27.80 -81.31 -0.28
CA ASP H 146 -27.93 -80.59 0.99
C ASP H 146 -27.87 -79.08 0.87
N VAL H 147 -27.30 -78.53 -0.20
CA VAL H 147 -27.14 -77.09 -0.37
C VAL H 147 -27.65 -76.71 -1.76
N ALA H 148 -28.46 -75.65 -1.83
CA ALA H 148 -28.97 -75.13 -3.08
C ALA H 148 -28.56 -73.68 -3.25
N ILE H 149 -28.47 -73.24 -4.50
CA ILE H 149 -28.08 -71.86 -4.83
C ILE H 149 -28.96 -71.35 -5.96
N TYR H 150 -29.39 -70.10 -5.86
CA TYR H 150 -30.16 -69.43 -6.88
C TYR H 150 -29.42 -68.18 -7.33
N GLN H 151 -29.42 -67.91 -8.62
CA GLN H 151 -28.86 -66.66 -9.13
C GLN H 151 -29.81 -66.08 -10.17
N ASP H 152 -30.25 -64.84 -9.93
CA ASP H 152 -31.12 -64.10 -10.84
C ASP H 152 -32.35 -64.92 -11.21
N VAL H 153 -32.94 -65.58 -10.22
CA VAL H 153 -34.13 -66.39 -10.41
C VAL H 153 -35.31 -65.58 -9.90
N TYR H 154 -36.13 -65.08 -10.81
CA TYR H 154 -37.24 -64.21 -10.45
C TYR H 154 -38.60 -64.78 -10.81
N ALA H 155 -38.66 -65.94 -11.46
CA ALA H 155 -39.90 -66.46 -12.01
C ALA H 155 -40.33 -67.77 -11.37
N VAL H 156 -40.13 -67.92 -10.06
CA VAL H 156 -40.60 -69.10 -9.34
C VAL H 156 -41.19 -68.66 -8.00
N HIS H 157 -42.20 -69.41 -7.56
CA HIS H 157 -42.79 -69.20 -6.25
C HIS H 157 -41.85 -69.71 -5.17
N ALA H 158 -41.42 -68.82 -4.26
CA ALA H 158 -40.37 -69.19 -3.31
C ALA H 158 -40.81 -70.28 -2.33
N PRO H 159 -41.96 -70.22 -1.66
CA PRO H 159 -42.32 -71.32 -0.74
C PRO H 159 -42.47 -72.66 -1.43
N THR H 160 -42.99 -72.70 -2.66
CA THR H 160 -43.14 -73.96 -3.36
C THR H 160 -41.80 -74.52 -3.81
N SER H 161 -40.92 -73.67 -4.32
CA SER H 161 -39.60 -74.12 -4.71
C SER H 161 -38.80 -74.61 -3.49
N LEU H 162 -38.87 -73.86 -2.38
CA LEU H 162 -38.07 -74.22 -1.21
C LEU H 162 -38.56 -75.50 -0.54
N TYR H 163 -39.86 -75.81 -0.62
CA TYR H 163 -40.34 -77.07 -0.09
C TYR H 163 -39.68 -78.24 -0.82
N HIS H 164 -39.66 -78.20 -2.15
CA HIS H 164 -39.19 -79.34 -2.92
C HIS H 164 -37.69 -79.57 -2.78
N GLN H 165 -36.93 -78.58 -2.30
CA GLN H 165 -35.54 -78.82 -1.97
C GLN H 165 -35.40 -79.41 -0.57
N ALA H 166 -36.39 -79.20 0.30
CA ALA H 166 -36.32 -79.67 1.69
C ALA H 166 -36.45 -81.20 1.78
N ILE H 167 -37.46 -81.76 1.11
CA ILE H 167 -37.75 -83.18 1.22
C ILE H 167 -36.72 -84.00 0.45
N LYS H 168 -35.73 -83.33 -0.13
CA LYS H 168 -34.59 -83.99 -0.73
C LYS H 168 -33.30 -83.73 0.05
N GLY H 169 -33.42 -83.24 1.28
CA GLY H 169 -32.31 -83.14 2.20
C GLY H 169 -31.52 -81.85 2.18
N VAL H 170 -32.02 -80.80 1.55
CA VAL H 170 -31.31 -79.52 1.53
C VAL H 170 -31.58 -78.77 2.83
N ARG H 171 -30.51 -78.30 3.47
CA ARG H 171 -30.61 -77.56 4.71
C ARG H 171 -30.28 -76.08 4.57
N LEU H 172 -29.55 -75.69 3.53
CA LEU H 172 -29.01 -74.35 3.40
C LEU H 172 -29.19 -73.88 1.96
N ALA H 173 -29.81 -72.71 1.79
CA ALA H 173 -30.07 -72.15 0.46
C ALA H 173 -29.66 -70.69 0.42
N TYR H 174 -29.23 -70.23 -0.75
CA TYR H 174 -28.94 -68.82 -0.97
C TYR H 174 -29.70 -68.30 -2.16
N TRP H 175 -29.76 -66.97 -2.26
CA TRP H 175 -30.49 -66.25 -3.30
C TRP H 175 -29.78 -64.94 -3.55
N VAL H 176 -29.36 -64.71 -4.79
CA VAL H 176 -28.72 -63.48 -5.23
C VAL H 176 -29.63 -62.80 -6.24
N GLY H 177 -29.75 -61.48 -6.14
CA GLY H 177 -30.62 -60.76 -7.06
C GLY H 177 -30.91 -59.35 -6.57
N PHE H 178 -31.86 -58.72 -7.25
CA PHE H 178 -32.25 -57.35 -6.94
C PHE H 178 -33.10 -57.29 -5.67
N ASP H 179 -32.94 -56.19 -4.94
CA ASP H 179 -33.72 -55.94 -3.73
C ASP H 179 -35.21 -55.90 -4.04
N THR H 180 -36.01 -56.55 -3.20
CA THR H 180 -37.45 -56.68 -3.39
C THR H 180 -38.25 -55.59 -2.68
N THR H 181 -37.60 -54.68 -1.96
CA THR H 181 -38.31 -53.65 -1.22
C THR H 181 -39.17 -52.72 -2.07
N PRO H 182 -38.75 -52.23 -3.25
CA PRO H 182 -39.63 -51.37 -4.03
C PRO H 182 -40.95 -52.02 -4.44
N PHE H 183 -41.00 -53.34 -4.60
CA PHE H 183 -42.24 -54.00 -4.96
C PHE H 183 -43.13 -54.29 -3.76
N MET H 184 -42.61 -54.16 -2.54
CA MET H 184 -43.46 -54.24 -1.36
C MET H 184 -44.11 -52.90 -1.05
N TYR H 185 -43.48 -51.80 -1.45
CA TYR H 185 -44.09 -50.48 -1.36
C TYR H 185 -45.05 -50.19 -2.52
N ASN H 186 -45.09 -51.05 -3.55
CA ASN H 186 -46.06 -50.98 -4.64
C ASN H 186 -45.87 -49.75 -5.54
N ALA H 187 -44.63 -49.47 -5.94
CA ALA H 187 -44.36 -48.36 -6.83
C ALA H 187 -44.71 -48.71 -8.27
N MET H 188 -44.98 -47.67 -9.08
CA MET H 188 -45.32 -47.90 -10.48
C MET H 188 -44.09 -47.99 -11.39
N ALA H 189 -42.98 -47.33 -11.04
CA ALA H 189 -41.75 -47.41 -11.80
C ALA H 189 -40.58 -47.07 -10.88
N GLY H 190 -39.36 -47.37 -11.33
CA GLY H 190 -38.21 -47.07 -10.50
C GLY H 190 -36.90 -47.35 -11.20
N ALA H 191 -35.82 -47.11 -10.48
CA ALA H 191 -34.46 -47.23 -11.01
C ALA H 191 -33.55 -47.95 -10.02
N TYR H 192 -32.52 -48.59 -10.56
CA TYR H 192 -31.38 -49.12 -9.80
C TYR H 192 -30.12 -48.51 -10.42
N PRO H 193 -29.85 -47.23 -10.16
CA PRO H 193 -28.93 -46.47 -11.02
C PRO H 193 -27.50 -47.00 -11.06
N SER H 194 -27.02 -47.69 -10.04
CA SER H 194 -25.64 -48.16 -10.06
C SER H 194 -25.44 -49.41 -10.90
N TYR H 195 -26.52 -50.06 -11.34
CA TYR H 195 -26.41 -51.26 -12.15
C TYR H 195 -27.00 -51.06 -13.54
N SER H 196 -27.17 -49.81 -13.98
CA SER H 196 -27.65 -49.47 -15.32
C SER H 196 -29.01 -50.08 -15.61
N THR H 197 -29.91 -50.05 -14.64
CA THR H 197 -31.21 -50.71 -14.76
C THR H 197 -32.35 -49.74 -14.51
N ASN H 198 -33.39 -49.83 -15.35
CA ASN H 198 -34.67 -49.17 -15.13
C ASN H 198 -35.77 -50.20 -15.32
N TRP H 199 -36.88 -50.01 -14.62
CA TRP H 199 -38.02 -50.89 -14.75
C TRP H 199 -39.29 -50.05 -14.74
N ALA H 200 -40.36 -50.59 -15.31
CA ALA H 200 -41.63 -49.87 -15.34
C ALA H 200 -42.79 -50.83 -15.51
N ASP H 201 -43.95 -50.40 -15.04
CA ASP H 201 -45.21 -51.07 -15.30
C ASP H 201 -45.62 -50.93 -16.76
N GLU H 202 -46.31 -51.96 -17.27
CA GLU H 202 -46.81 -51.95 -18.65
C GLU H 202 -47.65 -50.71 -18.96
N GLN H 203 -48.41 -50.23 -17.99
CA GLN H 203 -49.37 -49.17 -18.23
C GLN H 203 -48.73 -47.80 -18.47
N VAL H 204 -47.45 -47.62 -18.16
CA VAL H 204 -46.82 -46.31 -18.26
C VAL H 204 -45.65 -46.32 -19.25
N LEU H 205 -45.60 -47.30 -20.16
CA LEU H 205 -44.51 -47.36 -21.13
C LEU H 205 -44.54 -46.20 -22.14
N LYS H 206 -45.65 -45.49 -22.27
CA LYS H 206 -45.76 -44.35 -23.17
C LYS H 206 -45.68 -43.01 -22.43
N ALA H 207 -44.98 -42.96 -21.32
CA ALA H 207 -44.73 -41.72 -20.59
C ALA H 207 -43.61 -40.94 -21.27
N LYS H 208 -43.19 -39.85 -20.67
CA LYS H 208 -42.24 -38.94 -21.28
C LYS H 208 -40.95 -38.78 -20.51
N ASN H 209 -40.97 -38.76 -19.17
CA ASN H 209 -39.80 -38.34 -18.39
C ASN H 209 -39.35 -39.37 -17.34
N ILE H 210 -39.65 -40.64 -17.51
CA ILE H 210 -39.10 -41.67 -16.64
C ILE H 210 -37.98 -42.39 -17.38
N GLY H 211 -37.32 -43.31 -16.67
CA GLY H 211 -36.14 -43.96 -17.23
C GLY H 211 -36.40 -44.83 -18.44
N LEU H 212 -37.54 -45.53 -18.46
CA LEU H 212 -37.86 -46.50 -19.52
C LEU H 212 -39.23 -46.19 -20.13
N CYS H 213 -39.22 -45.44 -21.23
CA CYS H 213 -40.47 -44.98 -21.85
C CYS H 213 -40.17 -44.47 -23.26
N SER H 214 -41.25 -44.15 -23.99
CA SER H 214 -41.12 -43.62 -25.34
C SER H 214 -42.44 -42.97 -25.74
N THR H 215 -42.41 -41.74 -26.24
CA THR H 215 -43.63 -41.03 -26.63
C THR H 215 -43.41 -40.31 -27.96
N ASP H 216 -44.41 -39.51 -28.36
CA ASP H 216 -44.49 -38.89 -29.68
C ASP H 216 -44.67 -37.38 -29.57
N LEU H 217 -44.41 -36.69 -30.69
CA LEU H 217 -44.70 -35.27 -30.83
C LEU H 217 -46.14 -35.07 -31.28
N THR H 218 -46.81 -34.09 -30.70
CA THR H 218 -48.23 -33.88 -30.99
C THR H 218 -48.62 -32.43 -30.71
N GLU H 219 -49.72 -32.01 -31.32
CA GLU H 219 -50.27 -30.68 -31.08
C GLU H 219 -51.34 -30.67 -30.00
N GLY H 220 -52.13 -31.74 -29.90
CA GLY H 220 -53.07 -31.85 -28.80
C GLY H 220 -54.48 -31.38 -29.09
N ARG H 221 -55.46 -32.20 -28.74
CA ARG H 221 -56.86 -31.86 -28.93
C ARG H 221 -57.50 -31.46 -27.59
N ARG H 222 -58.53 -30.62 -27.68
CA ARG H 222 -59.35 -30.28 -26.53
C ARG H 222 -60.48 -31.28 -26.32
N GLY H 223 -60.61 -32.27 -27.19
CA GLY H 223 -61.59 -33.32 -27.02
C GLY H 223 -61.18 -34.61 -27.71
N LYS H 224 -61.13 -35.71 -26.96
CA LYS H 224 -60.82 -37.02 -27.48
C LYS H 224 -61.83 -38.01 -26.90
N LEU H 225 -62.96 -38.16 -27.58
CA LEU H 225 -64.04 -38.99 -27.08
C LEU H 225 -63.62 -40.47 -27.05
N SER H 226 -64.08 -41.18 -26.03
CA SER H 226 -63.90 -42.62 -25.94
C SER H 226 -65.20 -43.26 -25.48
N ILE H 227 -65.41 -44.52 -25.86
CA ILE H 227 -66.56 -45.25 -25.36
C ILE H 227 -66.17 -46.06 -24.13
N MET H 228 -64.88 -46.38 -23.97
CA MET H 228 -64.42 -47.11 -22.80
C MET H 228 -63.79 -46.13 -21.82
N ARG H 229 -64.23 -46.18 -20.57
CA ARG H 229 -63.77 -45.29 -19.51
C ARG H 229 -63.01 -46.11 -18.47
N GLY H 230 -61.73 -45.81 -18.31
CA GLY H 230 -60.93 -46.42 -17.26
C GLY H 230 -61.08 -45.74 -15.91
N LYS H 231 -60.61 -44.49 -15.83
CA LYS H 231 -60.68 -43.66 -14.62
C LYS H 231 -59.97 -44.30 -13.43
N LYS H 232 -59.14 -45.31 -13.66
CA LYS H 232 -58.42 -45.98 -12.58
C LYS H 232 -57.06 -46.40 -13.08
N LEU H 233 -56.01 -45.92 -12.44
CA LEU H 233 -54.62 -46.21 -12.82
C LEU H 233 -53.89 -46.76 -11.58
N GLU H 234 -53.71 -48.07 -11.52
CA GLU H 234 -53.08 -48.75 -10.40
C GLU H 234 -52.13 -49.83 -10.92
N PRO H 235 -51.13 -50.19 -10.13
CA PRO H 235 -50.19 -51.23 -10.56
C PRO H 235 -50.89 -52.53 -10.89
N CYS H 236 -50.40 -53.18 -11.94
N CYS H 236 -50.40 -53.19 -11.93
CA CYS H 236 -50.85 -54.48 -12.41
CA CYS H 236 -50.87 -54.50 -12.34
C CYS H 236 -49.69 -55.45 -12.39
C CYS H 236 -49.68 -55.45 -12.37
N ASP H 237 -49.97 -56.72 -12.66
CA ASP H 237 -48.99 -57.77 -12.40
C ASP H 237 -47.74 -57.67 -13.27
N ARG H 238 -47.87 -57.33 -14.55
CA ARG H 238 -46.74 -57.47 -15.47
C ARG H 238 -45.86 -56.22 -15.47
N VAL H 239 -44.54 -56.44 -15.39
CA VAL H 239 -43.53 -55.41 -15.24
C VAL H 239 -42.38 -55.73 -16.20
N LEU H 240 -41.73 -54.68 -16.72
CA LEU H 240 -40.63 -54.84 -17.67
C LEU H 240 -39.33 -54.32 -17.06
N PHE H 241 -38.27 -55.12 -17.16
CA PHE H 241 -36.94 -54.75 -16.69
C PHE H 241 -36.02 -54.52 -17.88
N SER H 242 -35.14 -53.54 -17.76
CA SER H 242 -34.13 -53.26 -18.79
C SER H 242 -32.77 -53.14 -18.13
N VAL H 243 -31.97 -54.20 -18.23
CA VAL H 243 -30.61 -54.22 -17.68
C VAL H 243 -29.67 -53.89 -18.83
N GLY H 244 -29.12 -52.68 -18.82
CA GLY H 244 -28.47 -52.16 -20.00
C GLY H 244 -29.45 -52.08 -21.16
N SER H 245 -29.23 -52.87 -22.20
CA SER H 245 -30.16 -52.96 -23.32
C SER H 245 -30.82 -54.33 -23.45
N THR H 246 -30.74 -55.17 -22.42
CA THR H 246 -31.42 -56.46 -22.41
C THR H 246 -32.75 -56.34 -21.69
N LEU H 247 -33.80 -56.91 -22.27
CA LEU H 247 -35.15 -56.81 -21.75
C LEU H 247 -35.56 -58.10 -21.06
N TYR H 248 -36.26 -57.97 -19.92
CA TYR H 248 -36.79 -59.08 -19.12
C TYR H 248 -38.20 -58.74 -18.65
N PRO H 249 -39.20 -59.54 -18.99
CA PRO H 249 -40.51 -59.41 -18.33
C PRO H 249 -40.60 -60.23 -17.05
N GLU H 250 -41.25 -59.66 -16.03
CA GLU H 250 -41.38 -60.31 -14.73
C GLU H 250 -42.79 -60.13 -14.19
N SER H 251 -43.05 -60.77 -13.05
CA SER H 251 -44.34 -60.74 -12.37
C SER H 251 -44.20 -60.15 -10.98
N ARG H 252 -45.16 -59.32 -10.57
CA ARG H 252 -45.14 -58.74 -9.22
C ARG H 252 -45.29 -59.81 -8.15
N LYS H 253 -46.19 -60.77 -8.36
CA LYS H 253 -46.48 -61.77 -7.34
C LYS H 253 -45.26 -62.64 -7.04
N LEU H 254 -44.53 -63.04 -8.08
CA LEU H 254 -43.37 -63.89 -7.87
C LEU H 254 -42.17 -63.12 -7.31
N LEU H 255 -42.08 -61.82 -7.59
CA LEU H 255 -41.02 -61.01 -6.99
C LEU H 255 -41.28 -60.79 -5.51
N LYS H 256 -42.53 -60.55 -5.13
CA LYS H 256 -42.86 -60.29 -3.74
C LYS H 256 -42.73 -61.54 -2.87
N SER H 257 -42.82 -62.72 -3.46
CA SER H 257 -42.75 -63.95 -2.68
C SER H 257 -41.34 -64.28 -2.19
N TRP H 258 -40.32 -63.59 -2.67
CA TRP H 258 -38.97 -63.73 -2.13
C TRP H 258 -38.66 -62.69 -1.06
N HIS H 259 -39.66 -61.90 -0.64
CA HIS H 259 -39.54 -60.99 0.49
C HIS H 259 -40.12 -61.69 1.72
N LEU H 260 -39.31 -62.60 2.30
CA LEU H 260 -39.64 -63.58 3.33
C LEU H 260 -39.42 -63.01 4.73
N PRO H 261 -40.21 -63.44 5.71
CA PRO H 261 -40.05 -62.95 7.09
C PRO H 261 -38.89 -63.64 7.81
N SER H 262 -38.68 -63.24 9.06
CA SER H 262 -37.61 -63.79 9.87
C SER H 262 -37.82 -65.27 10.14
N VAL H 263 -39.05 -65.69 10.43
CA VAL H 263 -39.37 -67.08 10.75
C VAL H 263 -40.65 -67.46 10.02
N PHE H 264 -40.64 -68.63 9.36
CA PHE H 264 -41.83 -69.14 8.70
C PHE H 264 -41.80 -70.66 8.72
N HIS H 265 -42.99 -71.26 8.63
CA HIS H 265 -43.17 -72.71 8.68
C HIS H 265 -43.69 -73.24 7.35
N LEU H 266 -43.14 -74.37 6.92
CA LEU H 266 -43.64 -75.11 5.75
C LEU H 266 -44.34 -76.37 6.24
N LYS H 267 -45.63 -76.50 5.93
CA LYS H 267 -46.47 -77.58 6.45
C LYS H 267 -46.94 -78.48 5.31
N GLY H 268 -46.18 -79.52 5.04
CA GLY H 268 -46.58 -80.52 4.06
C GLY H 268 -46.64 -81.91 4.67
N LYS H 269 -46.28 -82.92 3.88
CA LYS H 269 -46.10 -84.27 4.42
C LYS H 269 -44.83 -84.37 5.26
N LEU H 270 -43.98 -83.36 5.22
CA LEU H 270 -42.80 -83.28 6.09
C LEU H 270 -42.66 -81.82 6.51
N SER H 271 -42.91 -81.55 7.80
CA SER H 271 -42.93 -80.18 8.28
C SER H 271 -41.53 -79.64 8.48
N PHE H 272 -41.37 -78.34 8.25
CA PHE H 272 -40.09 -77.67 8.40
C PHE H 272 -40.28 -76.32 9.08
N THR H 273 -39.20 -75.82 9.66
CA THR H 273 -39.14 -74.52 10.31
C THR H 273 -37.94 -73.77 9.75
N CYS H 274 -38.15 -72.52 9.31
CA CYS H 274 -37.18 -71.86 8.45
C CYS H 274 -36.92 -70.43 8.90
N ARG H 275 -35.70 -69.96 8.61
CA ARG H 275 -35.24 -68.61 8.90
C ARG H 275 -34.74 -67.96 7.61
N CYS H 276 -34.77 -66.63 7.58
CA CYS H 276 -34.29 -65.87 6.42
C CYS H 276 -33.55 -64.64 6.91
N ASP H 277 -32.27 -64.51 6.55
CA ASP H 277 -31.47 -63.36 6.92
C ASP H 277 -30.80 -62.77 5.67
N THR H 278 -30.57 -61.46 5.70
CA THR H 278 -29.89 -60.76 4.63
C THR H 278 -28.43 -60.56 5.02
N VAL H 279 -27.52 -61.06 4.20
CA VAL H 279 -26.12 -61.15 4.57
C VAL H 279 -25.27 -60.09 3.89
N VAL H 280 -25.59 -59.71 2.65
CA VAL H 280 -24.90 -58.66 1.94
C VAL H 280 -25.93 -57.69 1.38
N SER H 281 -25.53 -56.44 1.17
CA SER H 281 -26.43 -55.41 0.68
C SER H 281 -25.60 -54.28 0.09
N CYS H 282 -25.74 -54.03 -1.21
CA CYS H 282 -24.94 -53.01 -1.89
C CYS H 282 -25.79 -52.28 -2.94
N GLU H 283 -26.38 -51.15 -2.56
CA GLU H 283 -27.00 -50.19 -3.47
C GLU H 283 -28.15 -50.77 -4.30
N GLY H 284 -28.83 -51.79 -3.79
CA GLY H 284 -29.93 -52.39 -4.51
C GLY H 284 -29.73 -53.83 -4.90
N TYR H 285 -28.59 -54.46 -4.56
CA TYR H 285 -28.34 -55.85 -4.87
C TYR H 285 -28.04 -56.56 -3.55
N VAL H 286 -28.65 -57.73 -3.33
CA VAL H 286 -28.57 -58.38 -2.03
C VAL H 286 -28.22 -59.86 -2.15
N VAL H 287 -27.74 -60.43 -1.04
CA VAL H 287 -27.57 -61.86 -0.85
C VAL H 287 -28.38 -62.27 0.37
N LYS H 288 -29.26 -63.25 0.20
CA LYS H 288 -30.04 -63.81 1.31
C LYS H 288 -29.55 -65.22 1.64
N ARG H 289 -29.76 -65.62 2.90
CA ARG H 289 -29.42 -66.96 3.37
C ARG H 289 -30.61 -67.55 4.10
N ILE H 290 -31.00 -68.77 3.74
CA ILE H 290 -32.16 -69.43 4.31
C ILE H 290 -31.72 -70.77 4.89
N THR H 291 -31.86 -70.92 6.20
CA THR H 291 -31.63 -72.19 6.88
C THR H 291 -32.96 -72.88 7.11
N MET H 292 -32.94 -74.21 7.08
CA MET H 292 -34.16 -75.01 7.16
C MET H 292 -33.87 -76.23 8.03
N SER H 293 -34.92 -76.76 8.68
CA SER H 293 -34.75 -77.82 9.66
C SER H 293 -36.07 -78.56 9.83
N PRO H 294 -36.04 -79.85 10.15
CA PRO H 294 -37.28 -80.63 10.21
C PRO H 294 -38.04 -80.44 11.51
N GLY H 295 -39.35 -80.62 11.42
CA GLY H 295 -40.22 -80.45 12.57
C GLY H 295 -40.55 -79.00 12.86
N LEU H 296 -41.78 -78.71 13.25
CA LEU H 296 -42.25 -77.34 13.42
C LEU H 296 -42.19 -76.95 14.89
N TYR H 297 -41.50 -75.84 15.19
CA TYR H 297 -41.32 -75.37 16.54
C TYR H 297 -41.01 -73.88 16.52
N GLY H 298 -41.19 -73.24 17.67
CA GLY H 298 -41.04 -71.81 17.77
C GLY H 298 -42.34 -71.09 17.45
N LYS H 299 -42.24 -69.76 17.38
CA LYS H 299 -43.40 -68.93 17.09
C LYS H 299 -43.04 -67.91 16.02
N THR H 300 -44.04 -67.54 15.23
CA THR H 300 -43.89 -66.60 14.13
C THR H 300 -44.64 -65.31 14.42
N THR H 301 -44.10 -64.20 13.93
CA THR H 301 -44.79 -62.92 13.98
C THR H 301 -45.30 -62.45 12.63
N GLY H 302 -44.61 -62.79 11.53
CA GLY H 302 -45.01 -62.32 10.23
C GLY H 302 -44.52 -60.94 9.86
N TYR H 303 -43.32 -60.57 10.29
CA TYR H 303 -42.73 -59.27 10.00
C TYR H 303 -41.42 -59.47 9.24
N ALA H 304 -41.21 -58.68 8.20
CA ALA H 304 -39.96 -58.65 7.46
C ALA H 304 -39.33 -57.27 7.59
N VAL H 305 -38.01 -57.23 7.77
CA VAL H 305 -37.29 -56.01 8.11
C VAL H 305 -36.20 -55.77 7.06
N THR H 306 -36.09 -54.52 6.61
CA THR H 306 -35.04 -54.09 5.69
C THR H 306 -34.22 -53.00 6.37
N HIS H 307 -32.91 -53.18 6.41
CA HIS H 307 -32.00 -52.16 6.93
C HIS H 307 -31.43 -51.33 5.78
N HIS H 308 -31.48 -50.01 5.91
CA HIS H 308 -31.11 -49.09 4.84
C HIS H 308 -29.74 -48.50 5.09
N ALA H 309 -28.75 -48.91 4.30
CA ALA H 309 -27.42 -48.31 4.39
C ALA H 309 -27.32 -47.03 3.57
N ASP H 310 -28.09 -46.92 2.48
CA ASP H 310 -28.26 -45.67 1.75
C ASP H 310 -29.72 -45.22 1.89
N GLY H 311 -30.02 -44.04 1.33
CA GLY H 311 -31.37 -43.55 1.36
C GLY H 311 -32.27 -44.22 0.34
N PHE H 312 -33.55 -44.36 0.69
CA PHE H 312 -34.57 -44.90 -0.18
C PHE H 312 -35.70 -43.89 -0.28
N LEU H 313 -36.08 -43.53 -1.50
CA LEU H 313 -37.09 -42.50 -1.76
C LEU H 313 -38.26 -43.06 -2.57
N MET H 314 -39.41 -42.42 -2.42
CA MET H 314 -40.61 -42.79 -3.16
C MET H 314 -41.58 -41.61 -3.11
N CYS H 315 -41.92 -41.05 -4.26
CA CYS H 315 -42.72 -39.83 -4.29
C CYS H 315 -43.74 -39.86 -5.42
N LYS H 316 -44.60 -38.86 -5.41
CA LYS H 316 -45.62 -38.67 -6.45
C LYS H 316 -45.08 -37.73 -7.54
N THR H 317 -45.23 -38.14 -8.80
CA THR H 317 -44.83 -37.33 -9.94
C THR H 317 -46.01 -37.16 -10.89
N THR H 318 -45.96 -36.08 -11.66
CA THR H 318 -46.94 -35.80 -12.72
C THR H 318 -46.23 -35.91 -14.07
N ASP H 319 -46.87 -36.60 -15.01
CA ASP H 319 -46.32 -36.80 -16.35
C ASP H 319 -47.48 -36.86 -17.33
N THR H 320 -47.14 -36.98 -18.60
CA THR H 320 -48.11 -37.21 -19.67
C THR H 320 -47.90 -38.62 -20.21
N VAL H 321 -48.98 -39.42 -20.24
CA VAL H 321 -48.93 -40.78 -20.74
C VAL H 321 -49.84 -40.84 -21.96
N ASP H 322 -49.24 -41.00 -23.14
CA ASP H 322 -49.96 -41.02 -24.42
C ASP H 322 -50.79 -39.76 -24.63
N GLY H 323 -50.31 -38.61 -24.15
CA GLY H 323 -50.99 -37.35 -24.32
C GLY H 323 -51.79 -36.89 -23.11
N GLU H 324 -52.12 -37.79 -22.19
CA GLU H 324 -52.99 -37.47 -21.06
C GLU H 324 -52.19 -37.27 -19.78
N ARG H 325 -52.43 -36.16 -19.10
CA ARG H 325 -51.72 -35.84 -17.86
C ARG H 325 -52.27 -36.66 -16.69
N VAL H 326 -51.37 -37.30 -15.94
CA VAL H 326 -51.72 -38.22 -14.85
C VAL H 326 -50.67 -38.13 -13.75
N SER H 327 -50.89 -38.86 -12.65
CA SER H 327 -49.98 -38.90 -11.51
C SER H 327 -49.77 -40.33 -11.05
N PHE H 328 -48.53 -40.66 -10.66
CA PHE H 328 -48.18 -41.97 -10.14
C PHE H 328 -46.86 -41.87 -9.38
N SER H 329 -46.41 -43.00 -8.82
CA SER H 329 -45.29 -43.02 -7.88
C SER H 329 -44.04 -43.65 -8.49
N VAL H 330 -42.88 -43.09 -8.14
CA VAL H 330 -41.56 -43.51 -8.63
C VAL H 330 -40.61 -43.66 -7.44
N CYS H 331 -39.69 -44.62 -7.52
CA CYS H 331 -38.75 -44.88 -6.44
C CYS H 331 -37.32 -44.90 -6.96
N THR H 332 -36.36 -44.65 -6.06
CA THR H 332 -34.94 -44.62 -6.40
C THR H 332 -34.09 -44.73 -5.12
N TYR H 333 -32.79 -44.89 -5.32
CA TYR H 333 -31.81 -44.97 -4.24
C TYR H 333 -30.88 -43.75 -4.29
N VAL H 334 -30.52 -43.22 -3.13
CA VAL H 334 -29.69 -42.02 -3.00
C VAL H 334 -28.48 -42.36 -2.14
N PRO H 335 -27.26 -41.99 -2.54
CA PRO H 335 -26.08 -42.31 -1.72
C PRO H 335 -26.06 -41.58 -0.39
N ALA H 336 -25.43 -42.23 0.60
CA ALA H 336 -25.49 -41.77 1.99
C ALA H 336 -24.80 -40.43 2.18
N THR H 337 -23.70 -40.17 1.46
CA THR H 337 -23.03 -38.89 1.58
C THR H 337 -23.92 -37.74 1.14
N ILE H 338 -24.71 -37.91 0.08
CA ILE H 338 -25.62 -36.86 -0.36
C ILE H 338 -26.69 -36.60 0.69
N CYS H 339 -27.25 -37.67 1.27
CA CYS H 339 -28.31 -37.51 2.26
C CYS H 339 -27.82 -36.77 3.50
N ASP H 340 -26.60 -37.07 3.95
CA ASP H 340 -26.04 -36.40 5.13
C ASP H 340 -25.86 -34.90 4.90
N GLN H 341 -25.46 -34.50 3.69
CA GLN H 341 -25.19 -33.10 3.42
C GLN H 341 -26.44 -32.27 3.16
N MET H 342 -27.62 -32.88 3.12
CA MET H 342 -28.87 -32.14 2.99
C MET H 342 -29.60 -31.96 4.31
N THR H 343 -29.01 -32.41 5.42
CA THR H 343 -29.70 -32.36 6.71
C THR H 343 -30.02 -30.92 7.13
N GLY H 344 -29.06 -30.02 6.97
CA GLY H 344 -29.27 -28.63 7.31
C GLY H 344 -30.30 -27.92 6.46
N ILE H 345 -30.29 -28.17 5.16
CA ILE H 345 -31.17 -27.48 4.21
C ILE H 345 -32.63 -27.83 4.47
N LEU H 346 -32.92 -29.09 4.82
CA LEU H 346 -34.32 -29.52 4.92
C LEU H 346 -34.98 -29.10 6.23
N ALA H 347 -34.30 -28.31 7.05
CA ALA H 347 -34.92 -27.77 8.26
C ALA H 347 -36.01 -26.75 7.94
N THR H 348 -35.86 -26.02 6.85
CA THR H 348 -36.85 -25.05 6.39
C THR H 348 -37.53 -25.54 5.12
N GLU H 349 -38.40 -24.69 4.57
CA GLU H 349 -39.12 -25.00 3.34
C GLU H 349 -38.33 -24.47 2.15
N VAL H 350 -38.05 -25.36 1.20
CA VAL H 350 -37.24 -25.05 0.04
C VAL H 350 -38.04 -25.39 -1.21
N THR H 351 -37.86 -24.58 -2.26
CA THR H 351 -38.53 -24.84 -3.52
C THR H 351 -37.82 -25.95 -4.30
N PRO H 352 -38.54 -26.64 -5.20
CA PRO H 352 -37.87 -27.65 -6.03
C PRO H 352 -36.74 -27.10 -6.87
N GLU H 353 -36.85 -25.86 -7.35
CA GLU H 353 -35.79 -25.29 -8.17
C GLU H 353 -34.52 -25.08 -7.34
N ASP H 354 -34.65 -24.59 -6.11
CA ASP H 354 -33.48 -24.34 -5.28
C ASP H 354 -32.85 -25.63 -4.77
N ALA H 355 -33.67 -26.66 -4.52
CA ALA H 355 -33.12 -27.97 -4.18
C ALA H 355 -32.30 -28.54 -5.33
N GLN H 356 -32.75 -28.34 -6.57
CA GLN H 356 -32.04 -28.88 -7.72
C GLN H 356 -30.66 -28.24 -7.88
N LYS H 357 -30.56 -26.92 -7.70
CA LYS H 357 -29.27 -26.25 -7.82
C LYS H 357 -28.30 -26.70 -6.74
N LEU H 358 -28.79 -26.87 -5.51
CA LEU H 358 -27.93 -27.36 -4.43
C LEU H 358 -27.42 -28.76 -4.72
N LEU H 359 -28.29 -29.63 -5.23
CA LEU H 359 -27.89 -31.02 -5.52
C LEU H 359 -26.84 -31.09 -6.62
N VAL H 360 -26.96 -30.23 -7.64
CA VAL H 360 -25.97 -30.22 -8.71
C VAL H 360 -24.60 -29.79 -8.16
N GLY H 361 -24.59 -28.79 -7.28
CA GLY H 361 -23.34 -28.38 -6.66
C GLY H 361 -22.68 -29.48 -5.85
N LEU H 362 -23.47 -30.22 -5.07
CA LEU H 362 -22.93 -31.29 -4.26
C LEU H 362 -22.47 -32.49 -5.10
N ASN H 363 -22.90 -32.58 -6.35
CA ASN H 363 -22.66 -33.75 -7.17
C ASN H 363 -21.34 -33.69 -7.93
N GLN H 364 -20.79 -32.50 -8.17
CA GLN H 364 -19.58 -32.37 -8.98
C GLN H 364 -18.33 -32.88 -8.29
N ARG H 365 -18.45 -33.52 -7.13
CA ARG H 365 -17.29 -34.05 -6.43
C ARG H 365 -16.70 -35.25 -7.17
N THR H 376 -16.58 -36.13 -12.85
CA THR H 376 -17.20 -37.32 -12.27
C THR H 376 -18.31 -36.92 -11.29
N ASN H 377 -19.39 -37.69 -11.29
CA ASN H 377 -20.56 -37.41 -10.48
C ASN H 377 -20.77 -38.53 -9.47
N THR H 378 -21.35 -38.17 -8.32
CA THR H 378 -21.70 -39.19 -7.31
C THR H 378 -22.94 -39.96 -7.73
N MET H 379 -23.94 -39.29 -8.26
CA MET H 379 -25.17 -39.91 -8.74
C MET H 379 -25.44 -39.50 -10.18
N LYS H 380 -26.23 -40.31 -10.87
CA LYS H 380 -26.60 -40.04 -12.25
C LYS H 380 -27.50 -38.81 -12.34
N ASN H 381 -27.29 -38.00 -13.38
CA ASN H 381 -27.96 -36.72 -13.49
C ASN H 381 -29.42 -36.82 -13.90
N TYR H 382 -29.83 -37.92 -14.54
CA TYR H 382 -31.21 -38.01 -14.99
C TYR H 382 -32.20 -38.27 -13.87
N MET H 383 -31.73 -38.68 -12.69
CA MET H 383 -32.62 -38.86 -11.55
C MET H 383 -32.69 -37.63 -10.66
N ILE H 384 -31.84 -36.62 -10.90
CA ILE H 384 -31.77 -35.45 -10.01
C ILE H 384 -33.07 -34.67 -9.93
N PRO H 385 -33.78 -34.36 -11.04
CA PRO H 385 -35.02 -33.58 -10.90
C PRO H 385 -36.10 -34.21 -10.05
N VAL H 386 -36.24 -35.54 -10.08
CA VAL H 386 -37.29 -36.16 -9.28
C VAL H 386 -36.87 -36.29 -7.82
N VAL H 387 -35.58 -36.41 -7.55
CA VAL H 387 -35.08 -36.41 -6.18
C VAL H 387 -35.26 -35.04 -5.54
N ALA H 388 -34.98 -33.97 -6.29
CA ALA H 388 -35.13 -32.62 -5.76
C ALA H 388 -36.58 -32.30 -5.45
N GLN H 389 -37.50 -32.86 -6.21
CA GLN H 389 -38.92 -32.64 -5.97
C GLN H 389 -39.43 -33.41 -4.76
N ALA H 390 -38.91 -34.62 -4.53
CA ALA H 390 -39.29 -35.38 -3.35
C ALA H 390 -38.80 -34.71 -2.06
N PHE H 391 -37.57 -34.19 -2.07
CA PHE H 391 -36.99 -33.59 -0.87
C PHE H 391 -37.80 -32.37 -0.43
N SER H 392 -38.28 -31.56 -1.38
CA SER H 392 -39.01 -30.35 -0.99
C SER H 392 -40.41 -30.66 -0.51
N LYS H 393 -41.06 -31.71 -1.03
CA LYS H 393 -42.36 -32.11 -0.50
C LYS H 393 -42.25 -32.71 0.90
N TRP H 394 -41.15 -33.42 1.17
CA TRP H 394 -40.94 -33.98 2.50
C TRP H 394 -40.74 -32.89 3.54
N ALA H 395 -39.96 -31.85 3.21
CA ALA H 395 -39.73 -30.75 4.14
C ALA H 395 -41.00 -29.96 4.42
N LYS H 396 -41.91 -29.90 3.45
CA LYS H 396 -43.16 -29.18 3.66
C LYS H 396 -44.11 -29.95 4.57
N GLU H 397 -44.17 -31.27 4.41
CA GLU H 397 -45.05 -32.08 5.24
C GLU H 397 -44.54 -32.20 6.68
N CYS H 398 -43.24 -32.00 6.92
CA CYS H 398 -42.73 -31.99 8.29
C CYS H 398 -43.13 -30.71 9.02
N ARG H 399 -43.15 -29.57 8.33
CA ARG H 399 -43.57 -28.32 8.94
C ARG H 399 -45.03 -28.36 9.35
N LYS H 400 -45.89 -28.99 8.54
CA LYS H 400 -47.33 -29.02 8.83
C LYS H 400 -47.62 -29.86 10.07
N ASP H 401 -46.86 -30.93 10.28
CA ASP H 401 -47.02 -31.72 11.50
C ASP H 401 -46.72 -30.89 12.73
N MET H 402 -45.63 -30.11 12.68
CA MET H 402 -45.19 -29.33 13.82
C MET H 402 -46.16 -28.21 14.19
N GLU H 403 -46.91 -27.69 13.22
CA GLU H 403 -47.82 -26.59 13.46
C GLU H 403 -49.25 -27.03 13.75
N ASP H 404 -49.53 -28.33 13.72
CA ASP H 404 -50.84 -28.89 14.05
C ASP H 404 -50.59 -30.00 15.07
N GLU H 405 -50.44 -29.63 16.32
CA GLU H 405 -49.94 -30.50 17.38
C GLU H 405 -51.08 -30.93 18.29
N LYS H 406 -51.10 -32.20 18.64
CA LYS H 406 -52.20 -32.81 19.37
C LYS H 406 -51.85 -32.98 20.85
N LEU H 407 -52.77 -33.58 21.60
CA LEU H 407 -52.57 -33.87 23.01
C LEU H 407 -51.99 -35.27 23.17
N LEU H 408 -51.19 -35.46 24.23
CA LEU H 408 -50.54 -36.75 24.45
C LEU H 408 -51.59 -37.80 24.79
N GLY H 409 -51.47 -38.98 24.18
CA GLY H 409 -52.27 -40.11 24.56
C GLY H 409 -53.71 -40.06 24.11
N VAL H 410 -54.06 -39.13 23.23
CA VAL H 410 -55.44 -38.89 22.86
C VAL H 410 -55.55 -38.84 21.34
N ARG H 411 -56.39 -39.70 20.79
CA ARG H 411 -56.89 -39.58 19.42
C ARG H 411 -58.15 -38.75 19.54
N GLU H 412 -58.29 -37.69 18.74
CA GLU H 412 -59.56 -36.95 18.75
C GLU H 412 -60.39 -37.34 17.53
N ARG H 413 -61.10 -38.45 17.67
CA ARG H 413 -62.08 -38.92 16.71
C ARG H 413 -63.47 -38.38 17.00
N THR H 414 -63.60 -37.49 17.97
CA THR H 414 -64.88 -36.89 18.37
C THR H 414 -65.92 -37.95 18.73
N CYS H 419 -68.77 -37.11 17.28
CA CYS H 419 -69.95 -37.76 17.83
C CYS H 419 -70.09 -39.15 17.25
N LEU H 420 -69.83 -39.28 15.95
CA LEU H 420 -69.67 -40.56 15.29
C LEU H 420 -68.21 -40.73 14.87
N TRP H 421 -67.72 -41.95 14.97
CA TRP H 421 -66.28 -42.18 14.88
C TRP H 421 -65.79 -42.02 13.44
N ALA H 422 -65.50 -40.80 13.04
CA ALA H 422 -65.04 -40.51 11.68
C ALA H 422 -63.88 -39.51 11.78
N PHE H 423 -62.69 -39.95 11.42
CA PHE H 423 -61.50 -39.11 11.51
C PHE H 423 -61.01 -38.73 10.12
N LYS H 424 -60.20 -37.68 10.07
CA LYS H 424 -59.67 -37.14 8.83
C LYS H 424 -58.28 -37.70 8.57
N LYS H 425 -58.04 -38.18 7.35
CA LYS H 425 -56.74 -38.67 6.93
C LYS H 425 -55.99 -37.57 6.20
N GLN H 426 -54.70 -37.46 6.49
CA GLN H 426 -53.85 -36.48 5.84
C GLN H 426 -53.26 -37.04 4.56
N LYS H 427 -52.76 -36.14 3.72
CA LYS H 427 -52.13 -36.53 2.47
C LYS H 427 -50.64 -36.75 2.66
N THR H 428 -50.13 -37.83 2.09
CA THR H 428 -48.72 -38.17 2.12
C THR H 428 -48.22 -38.33 0.70
N HIS H 429 -47.26 -37.51 0.29
CA HIS H 429 -46.72 -37.55 -1.05
C HIS H 429 -45.28 -38.05 -1.14
N THR H 430 -44.58 -38.21 -0.02
CA THR H 430 -43.20 -38.67 -0.03
C THR H 430 -42.98 -39.67 1.10
N VAL H 431 -42.27 -40.75 0.78
CA VAL H 431 -41.74 -41.68 1.78
C VAL H 431 -40.22 -41.62 1.67
N TYR H 432 -39.56 -41.25 2.77
CA TYR H 432 -38.11 -41.04 2.79
C TYR H 432 -37.52 -41.87 3.94
N LYS H 433 -36.77 -42.91 3.60
CA LYS H 433 -36.06 -43.74 4.57
C LYS H 433 -34.60 -43.32 4.59
N ARG H 434 -34.19 -42.64 5.66
CA ARG H 434 -32.84 -42.15 5.81
C ARG H 434 -31.87 -43.28 6.15
N PRO H 435 -30.58 -43.08 5.90
CA PRO H 435 -29.59 -44.09 6.32
C PRO H 435 -29.65 -44.36 7.82
N ASP H 436 -29.48 -45.63 8.18
CA ASP H 436 -29.54 -46.18 9.53
C ASP H 436 -30.96 -46.32 10.08
N THR H 437 -31.99 -46.30 9.24
CA THR H 437 -33.35 -46.60 9.65
C THR H 437 -33.74 -47.97 9.09
N GLN H 438 -34.94 -48.43 9.42
CA GLN H 438 -35.39 -49.76 9.03
C GLN H 438 -36.87 -49.76 8.63
N SER H 439 -37.18 -50.43 7.54
CA SER H 439 -38.57 -50.70 7.14
C SER H 439 -39.04 -52.00 7.76
N ILE H 440 -40.34 -52.09 8.01
CA ILE H 440 -40.93 -53.29 8.60
C ILE H 440 -42.28 -53.54 7.96
N GLN H 441 -42.47 -54.75 7.42
CA GLN H 441 -43.63 -55.12 6.62
C GLN H 441 -44.29 -56.39 7.15
N LYS H 442 -45.61 -56.41 7.13
CA LYS H 442 -46.38 -57.56 7.59
C LYS H 442 -46.69 -58.47 6.40
N VAL H 443 -46.12 -59.68 6.39
CA VAL H 443 -46.28 -60.62 5.29
C VAL H 443 -46.76 -61.96 5.85
N GLN H 444 -47.05 -62.89 4.94
CA GLN H 444 -47.56 -64.21 5.30
C GLN H 444 -46.43 -65.14 5.71
N ALA H 445 -46.67 -65.95 6.74
CA ALA H 445 -45.64 -66.77 7.33
C ALA H 445 -46.00 -68.24 7.54
N GLU H 446 -47.20 -68.68 7.20
CA GLU H 446 -47.60 -70.08 7.31
C GLU H 446 -47.98 -70.61 5.92
N PHE H 447 -47.26 -71.62 5.46
CA PHE H 447 -47.39 -72.13 4.10
C PHE H 447 -47.78 -73.61 4.14
N ASP H 448 -48.89 -73.95 3.51
CA ASP H 448 -49.32 -75.35 3.46
C ASP H 448 -49.69 -75.83 2.05
N SER H 449 -50.15 -74.94 1.18
CA SER H 449 -50.54 -75.33 -0.17
C SER H 449 -49.36 -75.14 -1.11
N PHE H 450 -49.03 -76.20 -1.85
CA PHE H 450 -47.88 -76.24 -2.74
C PHE H 450 -48.34 -76.86 -4.06
N VAL H 451 -48.84 -76.03 -4.96
CA VAL H 451 -49.42 -76.49 -6.22
C VAL H 451 -48.33 -76.99 -7.17
N GLY H 459 -38.71 -80.17 -24.82
CA GLY H 459 -37.78 -79.11 -25.17
C GLY H 459 -36.73 -79.53 -26.17
N LEU H 460 -35.80 -80.37 -25.74
CA LEU H 460 -34.72 -80.81 -26.61
C LEU H 460 -35.26 -81.58 -27.79
N SER H 461 -34.66 -81.37 -28.97
CA SER H 461 -35.08 -82.05 -30.18
C SER H 461 -33.88 -82.35 -31.05
N ILE H 462 -34.11 -83.16 -32.09
CA ILE H 462 -33.00 -83.76 -32.84
C ILE H 462 -32.05 -82.72 -33.43
N PRO H 463 -32.51 -81.68 -34.14
CA PRO H 463 -31.53 -80.73 -34.71
C PRO H 463 -30.62 -80.12 -33.66
N LEU H 464 -31.15 -79.78 -32.49
CA LEU H 464 -30.31 -79.33 -31.39
C LEU H 464 -29.56 -80.50 -30.77
N ARG H 465 -30.23 -81.65 -30.62
CA ARG H 465 -29.59 -82.83 -30.07
C ARG H 465 -28.39 -83.26 -30.92
N THR H 466 -28.57 -83.26 -32.24
CA THR H 466 -27.48 -83.65 -33.14
C THR H 466 -26.31 -82.69 -33.03
N ARG H 467 -26.57 -81.39 -32.96
CA ARG H 467 -25.49 -80.41 -32.92
C ARG H 467 -24.65 -80.56 -31.65
N ILE H 468 -25.30 -80.78 -30.50
CA ILE H 468 -24.56 -80.97 -29.26
C ILE H 468 -23.71 -82.23 -29.35
N LYS H 469 -24.29 -83.32 -29.82
CA LYS H 469 -23.58 -84.59 -29.88
C LYS H 469 -22.38 -84.52 -30.81
N TRP H 470 -22.44 -83.69 -31.85
CA TRP H 470 -21.37 -83.65 -32.84
C TRP H 470 -20.08 -83.11 -32.24
N LEU H 471 -20.17 -82.09 -31.38
CA LEU H 471 -18.95 -81.51 -30.82
C LEU H 471 -18.25 -82.49 -29.90
N LEU H 472 -18.98 -83.15 -29.00
CA LEU H 472 -18.36 -84.08 -28.07
C LEU H 472 -17.86 -85.36 -28.74
N SER H 473 -18.24 -85.60 -30.00
CA SER H 473 -17.76 -86.76 -30.72
C SER H 473 -16.25 -86.71 -30.92
N ASP I 2 -0.80 -58.04 29.22
CA ASP I 2 -1.50 -56.85 29.72
C ASP I 2 -2.45 -56.22 28.69
N PRO I 3 -1.96 -55.77 27.53
CA PRO I 3 -2.83 -55.04 26.61
C PRO I 3 -3.93 -55.93 26.07
N VAL I 4 -5.06 -55.29 25.74
CA VAL I 4 -6.22 -55.97 25.19
C VAL I 4 -6.56 -55.35 23.84
N TYR I 5 -6.87 -56.20 22.87
CA TYR I 5 -7.06 -55.80 21.49
C TYR I 5 -8.51 -55.98 21.09
N VAL I 6 -9.08 -54.99 20.42
CA VAL I 6 -10.45 -55.06 19.91
C VAL I 6 -10.41 -55.16 18.39
N ASP I 7 -11.38 -55.87 17.83
CA ASP I 7 -11.48 -56.09 16.41
C ASP I 7 -12.27 -54.99 15.70
N ILE I 8 -11.89 -53.73 15.94
CA ILE I 8 -12.49 -52.59 15.27
C ILE I 8 -11.36 -51.73 14.68
N ASP I 9 -11.76 -50.64 14.02
CA ASP I 9 -10.81 -49.80 13.31
C ASP I 9 -10.05 -48.91 14.29
N ALA I 10 -9.28 -47.97 13.76
CA ALA I 10 -8.46 -47.08 14.56
C ALA I 10 -8.81 -45.61 14.42
N ASP I 11 -9.58 -45.23 13.41
CA ASP I 11 -10.00 -43.85 13.21
C ASP I 11 -11.43 -43.58 13.66
N SER I 12 -12.13 -44.61 14.16
CA SER I 12 -13.52 -44.45 14.56
C SER I 12 -13.62 -43.74 15.91
N ALA I 13 -14.78 -43.13 16.15
CA ALA I 13 -15.03 -42.46 17.41
C ALA I 13 -15.43 -43.42 18.52
N PHE I 14 -15.79 -44.66 18.19
CA PHE I 14 -16.18 -45.61 19.22
C PHE I 14 -14.99 -46.13 20.01
N LEU I 15 -13.78 -46.02 19.47
CA LEU I 15 -12.59 -46.47 20.19
C LEU I 15 -12.39 -45.67 21.47
N LYS I 16 -12.56 -44.35 21.39
CA LYS I 16 -12.40 -43.52 22.58
C LYS I 16 -13.45 -43.84 23.64
N ALA I 17 -14.69 -44.05 23.21
CA ALA I 17 -15.76 -44.39 24.15
C ALA I 17 -15.46 -45.73 24.83
N LEU I 18 -15.01 -46.72 24.05
CA LEU I 18 -14.65 -48.00 24.64
C LEU I 18 -13.50 -47.85 25.63
N GLN I 19 -12.51 -47.02 25.30
CA GLN I 19 -11.41 -46.76 26.22
C GLN I 19 -11.92 -46.19 27.54
N ARG I 20 -12.70 -45.12 27.47
CA ARG I 20 -13.12 -44.46 28.70
C ARG I 20 -14.21 -45.22 29.44
N ALA I 21 -14.80 -46.26 28.82
CA ALA I 21 -15.70 -47.12 29.57
C ALA I 21 -14.95 -48.19 30.36
N TYR I 22 -13.73 -48.54 29.95
CA TYR I 22 -12.88 -49.51 30.63
C TYR I 22 -11.55 -48.81 30.93
N PRO I 23 -11.46 -48.03 32.00
CA PRO I 23 -10.28 -47.19 32.22
C PRO I 23 -9.11 -47.92 32.85
N MET I 24 -9.29 -49.14 33.29
CA MET I 24 -8.26 -49.99 33.87
C MET I 24 -7.67 -50.98 32.88
N PHE I 25 -7.99 -50.84 31.60
CA PHE I 25 -7.40 -51.64 30.54
C PHE I 25 -6.68 -50.72 29.58
N GLU I 26 -6.02 -51.31 28.59
CA GLU I 26 -5.40 -50.56 27.49
C GLU I 26 -5.88 -51.20 26.20
N VAL I 27 -6.98 -50.69 25.69
CA VAL I 27 -7.62 -51.22 24.49
C VAL I 27 -6.88 -50.70 23.27
N GLU I 28 -6.66 -51.59 22.30
CA GLU I 28 -5.92 -51.21 21.10
C GLU I 28 -6.62 -51.70 19.84
N PRO I 29 -6.55 -50.91 18.76
CA PRO I 29 -7.14 -51.34 17.49
C PRO I 29 -6.32 -52.42 16.82
N ARG I 30 -6.98 -53.46 16.32
CA ARG I 30 -6.29 -54.45 15.51
C ARG I 30 -7.17 -54.89 14.35
N ASP I 36 -22.27 -54.23 10.69
CA ASP I 36 -22.80 -53.32 11.69
C ASP I 36 -23.04 -54.02 13.02
N HIS I 37 -22.04 -54.76 13.48
CA HIS I 37 -22.12 -55.43 14.78
C HIS I 37 -20.80 -55.41 15.52
N ALA I 38 -19.79 -54.71 15.01
CA ALA I 38 -18.49 -54.71 15.67
C ALA I 38 -18.51 -53.96 16.97
N ASN I 39 -19.30 -52.89 17.06
CA ASN I 39 -19.39 -52.11 18.30
C ASN I 39 -19.94 -52.98 19.43
N ALA I 40 -21.00 -53.75 19.16
CA ALA I 40 -21.60 -54.56 20.20
C ALA I 40 -20.71 -55.76 20.55
N ARG I 41 -19.95 -56.27 19.58
CA ARG I 41 -19.06 -57.40 19.86
C ARG I 41 -18.03 -57.02 20.91
N ALA I 42 -17.32 -55.91 20.67
CA ALA I 42 -16.17 -55.56 21.48
C ALA I 42 -16.58 -55.25 22.91
N PHE I 43 -17.76 -54.66 23.08
CA PHE I 43 -18.25 -54.45 24.44
C PHE I 43 -18.46 -55.79 25.15
N SER I 44 -18.96 -56.78 24.42
CA SER I 44 -19.17 -58.09 25.01
C SER I 44 -17.85 -58.83 25.24
N HIS I 45 -16.85 -58.58 24.39
CA HIS I 45 -15.54 -59.17 24.58
C HIS I 45 -14.88 -58.66 25.86
N LEU I 46 -14.87 -57.34 26.06
CA LEU I 46 -14.28 -56.78 27.26
C LEU I 46 -15.09 -57.09 28.52
N ALA I 47 -16.39 -57.31 28.39
CA ALA I 47 -17.18 -57.61 29.58
C ALA I 47 -16.87 -59.01 30.12
N ILE I 48 -16.65 -59.97 29.24
CA ILE I 48 -16.29 -61.32 29.67
C ILE I 48 -14.87 -61.32 30.25
N LYS I 49 -13.96 -60.57 29.63
CA LYS I 49 -12.60 -60.49 30.15
C LYS I 49 -12.59 -59.92 31.57
N LEU I 50 -13.39 -58.89 31.83
CA LEU I 50 -13.46 -58.31 33.15
C LEU I 50 -13.94 -59.30 34.20
N ILE I 51 -14.96 -60.09 33.87
CA ILE I 51 -15.54 -61.00 34.85
C ILE I 51 -14.51 -62.05 35.26
N GLU I 52 -13.76 -62.58 34.30
CA GLU I 52 -12.73 -63.57 34.61
C GLU I 52 -11.67 -62.98 35.54
N GLN I 53 -11.21 -61.76 35.25
CA GLN I 53 -10.25 -61.10 36.11
C GLN I 53 -10.83 -60.81 37.50
N GLU I 54 -12.14 -60.80 37.63
CA GLU I 54 -12.81 -60.47 38.88
C GLU I 54 -13.05 -61.67 39.78
N ILE I 55 -12.78 -62.89 39.31
CA ILE I 55 -13.07 -64.09 40.08
C ILE I 55 -11.83 -64.99 40.09
N ASP I 56 -11.66 -65.69 41.20
CA ASP I 56 -10.55 -66.63 41.31
C ASP I 56 -10.77 -67.81 40.36
N PRO I 57 -9.71 -68.28 39.69
CA PRO I 57 -9.86 -69.42 38.77
C PRO I 57 -10.24 -70.70 39.50
N ASP I 58 -10.42 -71.78 38.75
CA ASP I 58 -10.91 -73.05 39.29
C ASP I 58 -12.27 -72.87 39.97
N SER I 59 -13.13 -72.06 39.35
CA SER I 59 -14.49 -71.84 39.82
C SER I 59 -15.47 -72.33 38.76
N THR I 60 -16.59 -72.90 39.21
CA THR I 60 -17.60 -73.40 38.29
C THR I 60 -18.52 -72.26 37.84
N ILE I 61 -18.60 -72.05 36.53
CA ILE I 61 -19.32 -70.93 35.95
C ILE I 61 -20.51 -71.46 35.16
N LEU I 62 -21.71 -71.00 35.51
CA LEU I 62 -22.90 -71.31 34.74
C LEU I 62 -23.05 -70.32 33.58
N ASP I 63 -23.78 -70.75 32.54
CA ASP I 63 -24.13 -69.89 31.42
C ASP I 63 -25.61 -70.09 31.12
N ILE I 64 -26.44 -69.11 31.47
CA ILE I 64 -27.87 -69.20 31.23
C ILE I 64 -28.16 -68.81 29.79
N GLY I 65 -28.87 -69.68 29.07
CA GLY I 65 -29.26 -69.46 27.70
C GLY I 65 -28.11 -69.07 26.81
N SER I 66 -27.18 -70.00 26.60
CA SER I 66 -25.90 -69.71 25.98
C SER I 66 -25.79 -70.34 24.60
N ALA I 67 -24.72 -69.99 23.90
CA ALA I 67 -24.30 -70.64 22.66
C ALA I 67 -22.94 -71.28 22.93
N PRO I 68 -22.86 -72.59 23.12
CA PRO I 68 -21.62 -73.20 23.64
C PRO I 68 -20.41 -72.99 22.76
N ALA I 69 -20.58 -72.70 21.47
CA ALA I 69 -19.44 -72.52 20.59
C ALA I 69 -18.56 -71.33 20.98
N ARG I 70 -19.08 -70.41 21.80
CA ARG I 70 -18.27 -69.28 22.23
C ARG I 70 -17.42 -69.60 23.45
N ARG I 71 -17.88 -70.49 24.32
CA ARG I 71 -17.17 -70.88 25.52
C ARG I 71 -16.25 -72.08 25.32
N MET I 72 -16.17 -72.61 24.10
CA MET I 72 -15.45 -73.86 23.89
C MET I 72 -13.95 -73.71 24.12
N MET I 73 -13.37 -72.59 23.70
CA MET I 73 -11.92 -72.40 23.71
C MET I 73 -11.44 -71.59 24.91
N SER I 74 -12.07 -71.75 26.07
CA SER I 74 -11.69 -71.02 27.27
C SER I 74 -11.34 -71.97 28.39
N ASP I 75 -10.38 -71.56 29.22
CA ASP I 75 -9.83 -72.40 30.29
C ASP I 75 -10.55 -72.16 31.61
N ARG I 76 -11.88 -72.28 31.60
CA ARG I 76 -12.66 -72.10 32.82
C ARG I 76 -13.77 -73.14 32.85
N LYS I 77 -14.25 -73.43 34.06
CA LYS I 77 -15.26 -74.46 34.28
C LYS I 77 -16.63 -73.93 33.86
N TYR I 78 -16.85 -73.89 32.56
CA TYR I 78 -18.12 -73.44 32.00
C TYR I 78 -19.10 -74.60 31.90
N HIS I 79 -20.32 -74.38 32.34
CA HIS I 79 -21.42 -75.35 32.21
C HIS I 79 -22.54 -74.68 31.43
N CYS I 80 -22.59 -74.92 30.12
CA CYS I 80 -23.54 -74.25 29.25
C CYS I 80 -24.93 -74.86 29.38
N VAL I 81 -25.95 -74.00 29.39
CA VAL I 81 -27.34 -74.40 29.51
C VAL I 81 -28.05 -73.97 28.22
N CYS I 82 -28.65 -74.93 27.52
CA CYS I 82 -29.16 -74.70 26.16
C CYS I 82 -30.52 -75.35 25.96
N PRO I 83 -31.58 -74.70 26.44
CA PRO I 83 -32.94 -75.18 26.12
C PRO I 83 -33.33 -74.84 24.69
N MET I 84 -34.32 -75.58 24.18
CA MET I 84 -34.84 -75.38 22.83
C MET I 84 -36.04 -74.45 22.91
N ARG I 85 -35.77 -73.16 22.99
CA ARG I 85 -36.80 -72.15 23.15
C ARG I 85 -37.07 -71.35 21.88
N SER I 86 -36.09 -71.18 21.00
CA SER I 86 -36.25 -70.36 19.81
C SER I 86 -35.77 -71.13 18.57
N ALA I 87 -36.19 -70.64 17.40
CA ALA I 87 -35.87 -71.27 16.14
C ALA I 87 -34.39 -71.22 15.79
N GLU I 88 -33.61 -70.40 16.47
CA GLU I 88 -32.18 -70.30 16.24
C GLU I 88 -31.36 -71.23 17.12
N ASP I 89 -32.01 -71.98 18.02
CA ASP I 89 -31.29 -72.81 18.97
C ASP I 89 -30.67 -74.06 18.34
N PRO I 90 -31.40 -74.84 17.52
CA PRO I 90 -30.75 -76.00 16.90
C PRO I 90 -29.55 -75.64 16.02
N GLU I 91 -29.54 -74.45 15.44
CA GLU I 91 -28.35 -74.01 14.71
C GLU I 91 -27.18 -73.82 15.66
N ARG I 92 -27.43 -73.29 16.85
CA ARG I 92 -26.38 -73.14 17.85
C ARG I 92 -25.83 -74.50 18.27
N LEU I 93 -26.71 -75.48 18.48
CA LEU I 93 -26.28 -76.82 18.84
C LEU I 93 -25.47 -77.47 17.72
N ALA I 94 -25.94 -77.33 16.48
CA ALA I 94 -25.27 -77.98 15.35
C ALA I 94 -23.91 -77.37 15.11
N ASN I 95 -23.76 -76.06 15.32
CA ASN I 95 -22.46 -75.42 15.13
C ASN I 95 -21.45 -75.91 16.14
N TYR I 96 -21.89 -76.16 17.37
CA TYR I 96 -21.02 -76.74 18.39
C TYR I 96 -20.53 -78.11 17.96
N ALA I 97 -21.44 -78.95 17.46
CA ALA I 97 -21.07 -80.32 17.09
C ALA I 97 -20.06 -80.34 15.95
N ARG I 98 -19.98 -79.26 15.18
CA ARG I 98 -19.02 -79.22 14.07
C ARG I 98 -17.63 -78.84 14.57
N LYS I 99 -17.52 -77.71 15.27
CA LYS I 99 -16.22 -77.26 15.75
C LYS I 99 -15.59 -78.27 16.70
N LEU I 100 -16.41 -79.06 17.39
CA LEU I 100 -15.86 -80.11 18.24
C LEU I 100 -15.16 -81.18 17.41
N ALA I 101 -15.84 -81.70 16.39
CA ALA I 101 -15.22 -82.64 15.48
C ALA I 101 -14.10 -81.99 14.69
N SER I 102 -14.32 -80.77 14.20
CA SER I 102 -13.35 -80.10 13.33
C SER I 102 -12.06 -79.74 14.07
N ALA I 103 -12.06 -79.80 15.40
CA ALA I 103 -10.87 -79.53 16.20
C ALA I 103 -10.73 -80.58 17.29
N ALA I 104 -10.89 -81.85 16.91
CA ALA I 104 -10.85 -82.95 17.87
C ALA I 104 -9.46 -83.51 18.11
N GLY I 105 -8.45 -83.06 17.38
CA GLY I 105 -7.11 -83.56 17.58
C GLY I 105 -6.00 -82.55 17.39
N LYS I 106 -6.35 -81.28 17.20
CA LYS I 106 -5.38 -80.26 16.86
C LYS I 106 -4.92 -79.43 18.05
N VAL I 107 -5.43 -79.70 19.25
CA VAL I 107 -5.04 -78.97 20.45
C VAL I 107 -4.86 -79.97 21.58
N LEU I 108 -3.76 -79.83 22.33
CA LEU I 108 -3.43 -80.73 23.43
C LEU I 108 -3.26 -79.98 24.74
N ASP I 109 -3.87 -78.80 24.86
CA ASP I 109 -3.79 -78.01 26.08
C ASP I 109 -5.13 -77.88 26.78
N ARG I 110 -6.15 -77.39 26.10
CA ARG I 110 -7.48 -77.25 26.67
C ARG I 110 -8.28 -78.52 26.43
N ASN I 111 -9.11 -78.87 27.42
CA ASN I 111 -9.94 -80.07 27.31
C ASN I 111 -10.86 -79.95 26.10
N ILE I 112 -10.73 -80.88 25.16
CA ILE I 112 -11.59 -80.87 23.98
C ILE I 112 -12.27 -82.23 23.83
N SER I 113 -11.62 -83.29 24.30
CA SER I 113 -12.21 -84.62 24.18
C SER I 113 -13.29 -84.85 25.23
N GLY I 114 -13.16 -84.24 26.41
CA GLY I 114 -14.20 -84.36 27.41
C GLY I 114 -15.51 -83.70 26.99
N LYS I 115 -15.42 -82.58 26.27
CA LYS I 115 -16.63 -81.93 25.79
C LYS I 115 -17.33 -82.77 24.73
N ILE I 116 -16.56 -83.51 23.92
CA ILE I 116 -17.15 -84.40 22.92
C ILE I 116 -17.95 -85.51 23.60
N GLY I 117 -17.39 -86.08 24.68
CA GLY I 117 -18.09 -87.15 25.37
C GLY I 117 -19.37 -86.69 26.03
N ASP I 118 -19.38 -85.47 26.57
CA ASP I 118 -20.58 -84.96 27.23
C ASP I 118 -21.73 -84.80 26.25
N LEU I 119 -21.44 -84.29 25.04
CA LEU I 119 -22.49 -84.09 24.05
C LEU I 119 -23.12 -85.41 23.65
N GLN I 120 -22.31 -86.40 23.26
CA GLN I 120 -22.86 -87.67 22.81
C GLN I 120 -23.50 -88.46 23.94
N ALA I 121 -23.17 -88.15 25.20
CA ALA I 121 -23.92 -88.73 26.32
C ALA I 121 -25.32 -88.11 26.42
N VAL I 122 -25.41 -86.79 26.31
CA VAL I 122 -26.72 -86.14 26.31
C VAL I 122 -27.51 -86.49 25.06
N MET I 123 -26.81 -86.61 23.92
CA MET I 123 -27.47 -87.04 22.69
C MET I 123 -28.11 -88.42 22.86
N ALA I 124 -27.37 -89.35 23.44
CA ALA I 124 -27.94 -90.67 23.72
C ALA I 124 -29.03 -90.59 24.77
N VAL I 125 -28.73 -89.95 25.90
CA VAL I 125 -29.68 -89.83 27.01
C VAL I 125 -30.05 -88.35 27.15
N PRO I 126 -31.23 -87.93 26.69
CA PRO I 126 -31.53 -86.50 26.57
C PRO I 126 -31.94 -85.84 27.88
N ASP I 127 -31.85 -86.51 29.02
CA ASP I 127 -32.21 -85.92 30.31
C ASP I 127 -31.14 -86.26 31.34
N THR I 128 -29.88 -86.07 30.97
CA THR I 128 -28.76 -86.30 31.88
C THR I 128 -28.01 -84.99 32.09
N GLU I 129 -27.70 -84.69 33.35
CA GLU I 129 -26.92 -83.51 33.69
C GLU I 129 -25.44 -83.88 33.65
N THR I 130 -24.68 -83.13 32.88
CA THR I 130 -23.29 -83.40 32.59
C THR I 130 -22.45 -82.19 32.96
N PRO I 131 -21.14 -82.36 33.13
CA PRO I 131 -20.31 -81.22 33.57
C PRO I 131 -20.36 -80.01 32.64
N THR I 132 -20.42 -80.20 31.32
CA THR I 132 -20.28 -79.08 30.39
C THR I 132 -21.47 -78.92 29.44
N PHE I 133 -22.63 -79.47 29.77
CA PHE I 133 -23.78 -79.39 28.89
C PHE I 133 -25.02 -79.90 29.61
N CYS I 134 -26.16 -79.36 29.20
CA CYS I 134 -27.48 -79.83 29.62
C CYS I 134 -28.50 -79.22 28.67
N LEU I 135 -29.71 -79.74 28.72
CA LEU I 135 -30.79 -79.33 27.82
C LEU I 135 -32.00 -78.89 28.64
N HIS I 136 -31.76 -78.12 29.68
CA HIS I 136 -32.81 -77.63 30.57
C HIS I 136 -32.90 -76.11 30.47
N THR I 137 -33.90 -75.56 31.15
CA THR I 137 -34.05 -74.12 31.27
C THR I 137 -33.12 -73.63 32.38
N ASP I 138 -33.32 -72.39 32.83
CA ASP I 138 -32.62 -71.88 33.99
C ASP I 138 -33.28 -72.25 35.31
N VAL I 139 -34.55 -72.67 35.28
CA VAL I 139 -35.28 -73.05 36.48
C VAL I 139 -35.19 -74.54 36.77
N SER I 140 -35.25 -75.38 35.74
CA SER I 140 -35.29 -76.82 35.92
C SER I 140 -33.93 -77.48 36.02
N CYS I 141 -32.85 -76.78 35.68
CA CYS I 141 -31.52 -77.34 35.82
C CYS I 141 -31.21 -77.59 37.31
N ARG I 142 -30.46 -78.65 37.58
CA ARG I 142 -30.22 -79.10 38.95
C ARG I 142 -28.74 -79.13 39.32
N GLN I 143 -27.85 -78.69 38.44
CA GLN I 143 -26.44 -78.66 38.74
C GLN I 143 -26.14 -77.55 39.74
N ARG I 144 -25.27 -77.84 40.71
CA ARG I 144 -24.87 -76.84 41.70
C ARG I 144 -23.62 -76.10 41.24
N ALA I 145 -23.56 -74.81 41.56
CA ALA I 145 -22.43 -73.97 41.20
C ALA I 145 -22.37 -72.80 42.17
N ASP I 146 -21.53 -71.81 41.85
CA ASP I 146 -21.38 -70.61 42.67
C ASP I 146 -21.45 -69.29 41.90
N VAL I 147 -21.22 -69.30 40.58
CA VAL I 147 -21.21 -68.09 39.77
C VAL I 147 -22.07 -68.32 38.54
N ALA I 148 -22.95 -67.37 38.23
CA ALA I 148 -23.80 -67.42 37.06
C ALA I 148 -23.54 -66.20 36.18
N ILE I 149 -23.81 -66.35 34.88
CA ILE I 149 -23.61 -65.27 33.91
C ILE I 149 -24.78 -65.27 32.93
N TYR I 150 -25.26 -64.08 32.60
CA TYR I 150 -26.31 -63.88 31.62
C TYR I 150 -25.78 -62.99 30.50
N GLN I 151 -26.15 -63.30 29.27
CA GLN I 151 -25.82 -62.43 28.14
C GLN I 151 -27.04 -62.32 27.24
N ASP I 152 -27.48 -61.08 27.02
CA ASP I 152 -28.61 -60.77 26.15
C ASP I 152 -29.84 -61.60 26.50
N VAL I 153 -30.10 -61.73 27.79
CA VAL I 153 -31.24 -62.48 28.29
C VAL I 153 -32.31 -61.48 28.69
N TYR I 154 -33.37 -61.38 27.88
CA TYR I 154 -34.41 -60.38 28.11
C TYR I 154 -35.77 -60.99 28.40
N ALA I 155 -35.91 -62.30 28.35
CA ALA I 155 -37.21 -62.95 28.42
C ALA I 155 -37.37 -63.83 29.66
N VAL I 156 -36.84 -63.40 30.80
CA VAL I 156 -37.03 -64.12 32.05
C VAL I 156 -37.29 -63.13 33.16
N HIS I 157 -38.09 -63.55 34.15
CA HIS I 157 -38.35 -62.76 35.34
C HIS I 157 -37.12 -62.80 36.25
N ALA I 158 -36.55 -61.63 36.53
CA ALA I 158 -35.27 -61.59 37.25
C ALA I 158 -35.36 -62.14 38.67
N PRO I 159 -36.31 -61.72 39.53
CA PRO I 159 -36.33 -62.30 40.88
C PRO I 159 -36.57 -63.80 40.90
N THR I 160 -37.39 -64.34 39.99
CA THR I 160 -37.63 -65.77 39.98
C THR I 160 -36.40 -66.53 39.48
N SER I 161 -35.75 -66.04 38.44
CA SER I 161 -34.53 -66.68 37.96
C SER I 161 -33.42 -66.63 39.02
N LEU I 162 -33.26 -65.47 39.67
CA LEU I 162 -32.17 -65.32 40.63
C LEU I 162 -32.38 -66.16 41.89
N TYR I 163 -33.62 -66.40 42.28
CA TYR I 163 -33.87 -67.29 43.42
C TYR I 163 -33.33 -68.68 43.13
N HIS I 164 -33.66 -69.24 41.95
CA HIS I 164 -33.32 -70.62 41.66
C HIS I 164 -31.82 -70.84 41.49
N GLN I 165 -31.05 -69.77 41.29
CA GLN I 165 -29.61 -69.92 41.32
C GLN I 165 -29.06 -69.84 42.74
N ALA I 166 -29.82 -69.22 43.66
CA ALA I 166 -29.36 -69.06 45.04
C ALA I 166 -29.36 -70.37 45.81
N ILE I 167 -30.46 -71.12 45.74
CA ILE I 167 -30.62 -72.34 46.53
C ILE I 167 -29.77 -73.46 45.95
N LYS I 168 -29.00 -73.16 44.90
CA LYS I 168 -28.00 -74.08 44.38
C LYS I 168 -26.59 -73.56 44.59
N GLY I 169 -26.43 -72.59 45.48
CA GLY I 169 -25.12 -72.15 45.94
C GLY I 169 -24.46 -71.04 45.17
N VAL I 170 -25.18 -70.34 44.29
CA VAL I 170 -24.58 -69.23 43.54
C VAL I 170 -24.56 -67.98 44.41
N ARG I 171 -23.40 -67.33 44.49
CA ARG I 171 -23.24 -66.12 45.27
C ARG I 171 -23.04 -64.87 44.42
N LEU I 172 -22.64 -65.02 43.16
CA LEU I 172 -22.24 -63.89 42.33
C LEU I 172 -22.81 -64.08 40.93
N ALA I 173 -23.54 -63.08 40.43
CA ALA I 173 -24.17 -63.14 39.11
C ALA I 173 -23.88 -61.86 38.34
N TYR I 174 -23.79 -61.98 37.03
CA TYR I 174 -23.66 -60.82 36.15
C TYR I 174 -24.74 -60.83 35.08
N TRP I 175 -24.90 -59.67 34.45
CA TRP I 175 -25.92 -59.45 33.43
C TRP I 175 -25.40 -58.40 32.46
N VAL I 176 -25.34 -58.77 31.18
CA VAL I 176 -24.91 -57.88 30.11
C VAL I 176 -26.09 -57.66 29.17
N GLY I 177 -26.27 -56.43 28.72
CA GLY I 177 -27.40 -56.14 27.84
C GLY I 177 -27.64 -54.65 27.73
N PHE I 178 -28.78 -54.32 27.10
CA PHE I 178 -29.18 -52.94 26.88
C PHE I 178 -29.67 -52.29 28.17
N ASP I 179 -29.41 -50.99 28.28
CA ASP I 179 -29.87 -50.20 29.42
C ASP I 179 -31.40 -50.22 29.53
N THR I 180 -31.90 -50.40 30.75
CA THR I 180 -33.33 -50.53 31.01
C THR I 180 -34.00 -49.20 31.36
N THR I 181 -33.25 -48.11 31.41
CA THR I 181 -33.82 -46.83 31.80
C THR I 181 -34.94 -46.31 30.89
N PRO I 182 -34.85 -46.41 29.55
CA PRO I 182 -35.97 -45.92 28.72
C PRO I 182 -37.29 -46.62 28.99
N PHE I 183 -37.29 -47.87 29.44
CA PHE I 183 -38.53 -48.57 29.74
C PHE I 183 -39.07 -48.25 31.13
N MET I 184 -38.26 -47.64 31.99
CA MET I 184 -38.79 -47.14 33.26
C MET I 184 -39.42 -45.78 33.11
N TYR I 185 -38.99 -44.99 32.13
CA TYR I 185 -39.65 -43.75 31.79
C TYR I 185 -40.88 -43.93 30.92
N ASN I 186 -41.12 -45.15 30.41
CA ASN I 186 -42.35 -45.52 29.69
C ASN I 186 -42.48 -44.82 28.33
N ALA I 187 -41.40 -44.80 27.55
CA ALA I 187 -41.44 -44.19 26.22
C ALA I 187 -42.13 -45.13 25.22
N MET I 188 -42.66 -44.54 24.15
CA MET I 188 -43.33 -45.34 23.13
C MET I 188 -42.37 -45.87 22.06
N ALA I 189 -41.27 -45.18 21.79
CA ALA I 189 -40.26 -45.64 20.84
C ALA I 189 -38.92 -44.99 21.19
N GLY I 190 -37.85 -45.52 20.62
CA GLY I 190 -36.54 -44.95 20.90
C GLY I 190 -35.44 -45.58 20.08
N ALA I 191 -34.22 -45.09 20.31
CA ALA I 191 -33.04 -45.50 19.56
C ALA I 191 -31.86 -45.77 20.50
N TYR I 192 -30.95 -46.62 20.04
CA TYR I 192 -29.63 -46.83 20.62
C TYR I 192 -28.62 -46.61 19.51
N PRO I 193 -28.38 -45.36 19.11
CA PRO I 193 -27.77 -45.10 17.79
C PRO I 193 -26.36 -45.66 17.62
N SER I 194 -25.58 -45.86 18.67
CA SER I 194 -24.22 -46.36 18.51
C SER I 194 -24.16 -47.86 18.26
N TYR I 195 -25.26 -48.60 18.45
CA TYR I 195 -25.29 -50.03 18.24
C TYR I 195 -26.23 -50.42 17.10
N SER I 196 -26.58 -49.48 16.23
CA SER I 196 -27.41 -49.74 15.05
C SER I 196 -28.76 -50.35 15.41
N THR I 197 -29.39 -49.85 16.48
CA THR I 197 -30.61 -50.43 16.99
C THR I 197 -31.72 -49.39 17.08
N ASN I 198 -32.92 -49.78 16.67
CA ASN I 198 -34.15 -49.03 16.90
C ASN I 198 -35.19 -49.98 17.46
N TRP I 199 -36.10 -49.46 18.27
CA TRP I 199 -37.18 -50.25 18.84
C TRP I 199 -38.45 -49.42 18.81
N ALA I 200 -39.60 -50.10 18.83
CA ALA I 200 -40.87 -49.40 18.81
C ALA I 200 -41.97 -50.28 19.39
N ASP I 201 -43.00 -49.62 19.91
CA ASP I 201 -44.24 -50.28 20.31
C ASP I 201 -45.01 -50.76 19.08
N GLU I 202 -45.74 -51.88 19.26
CA GLU I 202 -46.56 -52.45 18.20
C GLU I 202 -47.55 -51.43 17.62
N GLN I 203 -48.07 -50.54 18.45
CA GLN I 203 -49.12 -49.63 18.02
C GLN I 203 -48.66 -48.55 17.06
N VAL I 204 -47.36 -48.31 16.93
CA VAL I 204 -46.87 -47.21 16.10
C VAL I 204 -45.99 -47.71 14.95
N LEU I 205 -46.10 -48.98 14.58
CA LEU I 205 -45.30 -49.52 13.47
C LEU I 205 -45.67 -48.91 12.11
N LYS I 206 -46.82 -48.26 11.99
CA LYS I 206 -47.23 -47.62 10.74
C LYS I 206 -47.06 -46.11 10.78
N ALA I 207 -46.10 -45.62 11.55
CA ALA I 207 -45.76 -44.20 11.57
C ALA I 207 -44.91 -43.86 10.35
N LYS I 208 -44.43 -42.63 10.29
CA LYS I 208 -43.73 -42.11 9.12
C LYS I 208 -42.29 -41.71 9.39
N ASN I 209 -41.98 -41.10 10.55
CA ASN I 209 -40.69 -40.45 10.73
C ASN I 209 -39.91 -40.93 11.96
N ILE I 210 -40.15 -42.15 12.45
CA ILE I 210 -39.34 -42.73 13.50
C ILE I 210 -38.39 -43.75 12.88
N GLY I 211 -37.51 -44.30 13.71
CA GLY I 211 -36.46 -45.18 13.21
C GLY I 211 -36.97 -46.49 12.61
N LEU I 212 -38.02 -47.06 13.19
CA LEU I 212 -38.53 -48.38 12.78
C LEU I 212 -40.03 -48.29 12.47
N CYS I 213 -40.36 -48.10 11.19
CA CYS I 213 -41.75 -47.89 10.78
C CYS I 213 -41.86 -48.06 9.27
N SER I 214 -43.09 -48.04 8.78
CA SER I 214 -43.36 -48.16 7.34
C SER I 214 -44.79 -47.68 7.07
N THR I 215 -44.96 -46.80 6.09
CA THR I 215 -46.29 -46.27 5.77
C THR I 215 -46.46 -46.20 4.25
N ASP I 216 -47.59 -45.61 3.81
CA ASP I 216 -48.04 -45.62 2.42
C ASP I 216 -48.28 -44.21 1.91
N LEU I 217 -48.38 -44.09 0.58
CA LEU I 217 -48.78 -42.85 -0.07
C LEU I 217 -50.30 -42.80 -0.18
N THR I 218 -50.88 -41.63 0.07
CA THR I 218 -52.32 -41.50 0.10
C THR I 218 -52.73 -40.05 -0.19
N GLU I 219 -53.98 -39.89 -0.61
CA GLU I 219 -54.54 -38.56 -0.85
C GLU I 219 -55.29 -38.03 0.37
N GLY I 220 -55.96 -38.90 1.12
CA GLY I 220 -56.57 -38.48 2.37
C GLY I 220 -58.04 -38.11 2.28
N ARG I 221 -58.84 -38.65 3.18
CA ARG I 221 -60.27 -38.35 3.25
C ARG I 221 -60.58 -37.38 4.39
N ARG I 222 -61.65 -36.61 4.22
CA ARG I 222 -62.17 -35.76 5.27
C ARG I 222 -63.14 -36.51 6.18
N GLY I 223 -63.42 -37.78 5.88
CA GLY I 223 -64.24 -38.60 6.74
C GLY I 223 -63.93 -40.07 6.60
N LYS I 224 -63.62 -40.73 7.71
CA LYS I 224 -63.36 -42.17 7.75
C LYS I 224 -64.12 -42.74 8.94
N LEU I 225 -65.37 -43.12 8.70
CA LEU I 225 -66.22 -43.60 9.78
C LEU I 225 -65.71 -44.93 10.33
N SER I 226 -65.86 -45.10 11.64
CA SER I 226 -65.55 -46.37 12.29
C SER I 226 -66.65 -46.67 13.30
N ILE I 227 -66.86 -47.97 13.57
CA ILE I 227 -67.79 -48.35 14.63
C ILE I 227 -67.04 -48.55 15.93
N MET I 228 -65.75 -48.84 15.88
CA MET I 228 -64.95 -49.01 17.08
C MET I 228 -64.15 -47.74 17.34
N ARG I 229 -64.26 -47.22 18.56
CA ARG I 229 -63.61 -45.99 18.97
C ARG I 229 -62.56 -46.30 20.03
N GLY I 230 -61.29 -46.03 19.70
CA GLY I 230 -60.22 -46.16 20.66
C GLY I 230 -60.07 -44.95 21.57
N LYS I 231 -59.68 -43.82 20.98
CA LYS I 231 -59.50 -42.55 21.69
C LYS I 231 -58.46 -42.63 22.81
N LYS I 232 -57.65 -43.69 22.83
CA LYS I 232 -56.64 -43.85 23.88
C LYS I 232 -55.42 -44.53 23.27
N LEU I 233 -54.28 -43.86 23.34
CA LEU I 233 -53.01 -44.36 22.79
C LEU I 233 -51.96 -44.34 23.89
N GLU I 234 -51.69 -45.51 24.47
CA GLU I 234 -50.74 -45.67 25.56
C GLU I 234 -49.88 -46.90 25.34
N PRO I 235 -48.68 -46.94 25.92
CA PRO I 235 -47.81 -48.11 25.76
C PRO I 235 -48.49 -49.40 26.21
N CYS I 236 -48.24 -50.45 25.45
N CYS I 236 -48.24 -50.46 25.46
CA CYS I 236 -48.72 -51.81 25.72
CA CYS I 236 -48.71 -51.80 25.76
C CYS I 236 -47.51 -52.73 25.83
C CYS I 236 -47.51 -52.74 25.84
N ASP I 237 -47.77 -53.97 26.26
CA ASP I 237 -46.68 -54.85 26.69
C ASP I 237 -45.69 -55.20 25.57
N ARG I 238 -46.17 -55.44 24.35
CA ARG I 238 -45.32 -56.03 23.32
C ARG I 238 -44.55 -54.95 22.56
N VAL I 239 -43.24 -55.18 22.37
CA VAL I 239 -42.29 -54.24 21.80
C VAL I 239 -41.41 -55.01 20.80
N LEU I 240 -40.99 -54.32 19.73
CA LEU I 240 -40.16 -54.93 18.70
C LEU I 240 -38.79 -54.26 18.67
N PHE I 241 -37.74 -55.08 18.66
CA PHE I 241 -36.36 -54.61 18.56
C PHE I 241 -35.79 -54.96 17.19
N SER I 242 -34.97 -54.07 16.63
CA SER I 242 -34.28 -54.33 15.37
C SER I 242 -32.81 -54.01 15.54
N VAL I 243 -31.99 -55.04 15.70
CA VAL I 243 -30.55 -54.89 15.83
C VAL I 243 -29.95 -55.13 14.45
N GLY I 244 -29.49 -54.07 13.79
CA GLY I 244 -29.21 -54.15 12.38
C GLY I 244 -30.45 -54.53 11.60
N SER I 245 -30.45 -55.71 10.98
CA SER I 245 -31.63 -56.23 10.29
C SER I 245 -32.20 -57.48 10.96
N THR I 246 -31.81 -57.79 12.18
CA THR I 246 -32.37 -58.92 12.93
C THR I 246 -33.47 -58.42 13.84
N LEU I 247 -34.60 -59.15 13.85
CA LEU I 247 -35.77 -58.75 14.61
C LEU I 247 -35.90 -59.58 15.88
N TYR I 248 -36.31 -58.94 16.98
CA TYR I 248 -36.53 -59.56 18.29
C TYR I 248 -37.80 -58.98 18.92
N PRO I 249 -38.80 -59.81 19.23
CA PRO I 249 -39.90 -59.33 20.08
C PRO I 249 -39.60 -59.51 21.56
N GLU I 250 -40.00 -58.52 22.36
CA GLU I 250 -39.76 -58.53 23.80
C GLU I 250 -41.00 -58.06 24.56
N SER I 251 -40.91 -58.13 25.88
CA SER I 251 -41.99 -57.75 26.79
C SER I 251 -41.53 -56.61 27.70
N ARG I 252 -42.41 -55.64 27.94
CA ARG I 252 -42.09 -54.54 28.84
C ARG I 252 -41.88 -55.03 30.27
N LYS I 253 -42.75 -55.94 30.74
CA LYS I 253 -42.69 -56.38 32.13
C LYS I 253 -41.39 -57.09 32.45
N LEU I 254 -40.91 -57.93 31.54
CA LEU I 254 -39.68 -58.67 31.78
C LEU I 254 -38.45 -57.79 31.63
N LEU I 255 -38.51 -56.75 30.79
CA LEU I 255 -37.40 -55.82 30.69
C LEU I 255 -37.27 -54.97 31.94
N LYS I 256 -38.41 -54.51 32.48
CA LYS I 256 -38.40 -53.66 33.67
C LYS I 256 -37.95 -54.40 34.92
N SER I 257 -38.11 -55.73 34.95
CA SER I 257 -37.77 -56.49 36.13
C SER I 257 -36.26 -56.64 36.34
N TRP I 258 -35.44 -56.30 35.35
CA TRP I 258 -33.99 -56.24 35.54
C TRP I 258 -33.50 -54.86 35.94
N HIS I 259 -34.41 -53.92 36.21
CA HIS I 259 -34.06 -52.61 36.76
C HIS I 259 -34.26 -52.68 38.28
N LEU I 260 -33.27 -53.29 38.97
CA LEU I 260 -33.26 -53.70 40.37
C LEU I 260 -32.73 -52.59 41.27
N PRO I 261 -33.21 -52.51 42.51
CA PRO I 261 -32.74 -51.48 43.45
C PRO I 261 -31.39 -51.85 44.06
N SER I 262 -30.91 -50.95 44.91
CA SER I 262 -29.63 -51.15 45.58
C SER I 262 -29.65 -52.36 46.51
N VAL I 263 -30.74 -52.54 47.25
CA VAL I 263 -30.87 -53.64 48.22
C VAL I 263 -32.26 -54.23 48.08
N PHE I 264 -32.33 -55.56 48.01
CA PHE I 264 -33.62 -56.25 47.97
C PHE I 264 -33.48 -57.61 48.64
N HIS I 265 -34.61 -58.13 49.12
CA HIS I 265 -34.67 -59.40 49.84
C HIS I 265 -35.48 -60.43 49.06
N LEU I 266 -34.98 -61.67 49.03
CA LEU I 266 -35.70 -62.81 48.47
C LEU I 266 -36.17 -63.71 49.62
N LYS I 267 -37.48 -63.89 49.74
CA LYS I 267 -38.08 -64.59 50.88
C LYS I 267 -38.77 -65.86 50.40
N GLY I 268 -38.03 -66.96 50.42
CA GLY I 268 -38.59 -68.26 50.12
C GLY I 268 -38.41 -69.25 51.26
N LYS I 269 -38.19 -70.53 50.92
CA LYS I 269 -37.78 -71.50 51.92
C LYS I 269 -36.34 -71.30 52.37
N LEU I 270 -35.59 -70.44 51.68
CA LEU I 270 -34.24 -70.05 52.08
C LEU I 270 -34.11 -68.57 51.78
N SER I 271 -34.03 -67.75 52.83
CA SER I 271 -34.02 -66.31 52.68
C SER I 271 -32.65 -65.81 52.24
N PHE I 272 -32.65 -64.74 51.45
CA PHE I 272 -31.42 -64.15 50.95
C PHE I 272 -31.54 -62.62 51.00
N THR I 273 -30.38 -61.97 51.01
CA THR I 273 -30.24 -60.52 51.00
C THR I 273 -29.29 -60.15 49.87
N CYS I 274 -29.68 -59.22 49.01
CA CYS I 274 -29.02 -59.04 47.73
C CYS I 274 -28.74 -57.57 47.44
N ARG I 275 -27.68 -57.34 46.67
CA ARG I 275 -27.26 -56.03 46.21
C ARG I 275 -27.13 -56.03 44.68
N CYS I 276 -27.27 -54.85 44.08
CA CYS I 276 -27.14 -54.69 42.64
C CYS I 276 -26.40 -53.40 42.34
N ASP I 277 -25.27 -53.51 41.65
CA ASP I 277 -24.47 -52.35 41.25
C ASP I 277 -24.19 -52.40 39.76
N THR I 278 -24.06 -51.22 39.15
CA THR I 278 -23.72 -51.09 37.73
C THR I 278 -22.23 -50.81 37.62
N VAL I 279 -21.52 -51.66 36.89
CA VAL I 279 -20.07 -51.66 36.89
C VAL I 279 -19.50 -51.04 35.61
N VAL I 280 -20.15 -51.23 34.48
CA VAL I 280 -19.73 -50.62 33.21
C VAL I 280 -20.94 -49.94 32.59
N SER I 281 -20.68 -48.93 31.76
CA SER I 281 -21.76 -48.18 31.11
C SER I 281 -21.18 -47.46 29.91
N CYS I 282 -21.67 -47.78 28.71
CA CYS I 282 -21.14 -47.21 27.47
C CYS I 282 -22.28 -46.97 26.48
N GLU I 283 -22.81 -45.75 26.47
CA GLU I 283 -23.73 -45.25 25.43
C GLU I 283 -24.99 -46.08 25.27
N GLY I 284 -25.45 -46.74 26.31
CA GLY I 284 -26.66 -47.55 26.24
C GLY I 284 -26.46 -49.02 26.48
N TYR I 285 -25.24 -49.49 26.74
CA TYR I 285 -24.97 -50.89 27.01
C TYR I 285 -24.30 -50.97 28.38
N VAL I 286 -24.75 -51.89 29.24
CA VAL I 286 -24.29 -51.91 30.62
C VAL I 286 -23.90 -53.32 31.07
N VAL I 287 -23.11 -53.36 32.14
CA VAL I 287 -22.80 -54.58 32.89
C VAL I 287 -23.25 -54.38 34.33
N LYS I 288 -24.06 -55.29 34.84
CA LYS I 288 -24.49 -55.28 36.23
C LYS I 288 -23.84 -56.42 36.99
N ARG I 289 -23.70 -56.22 38.31
CA ARG I 289 -23.16 -57.24 39.21
C ARG I 289 -24.08 -57.39 40.41
N ILE I 290 -24.45 -58.62 40.73
CA ILE I 290 -25.39 -58.91 41.80
C ILE I 290 -24.73 -59.89 42.77
N THR I 291 -24.51 -59.44 44.01
CA THR I 291 -24.03 -60.30 45.08
C THR I 291 -25.21 -60.76 45.92
N MET I 292 -25.11 -61.96 46.46
CA MET I 292 -26.20 -62.58 47.20
C MET I 292 -25.62 -63.32 48.41
N SER I 293 -26.43 -63.46 49.46
CA SER I 293 -25.95 -64.00 50.72
C SER I 293 -27.13 -64.52 51.53
N PRO I 294 -26.93 -65.54 52.35
CA PRO I 294 -28.05 -66.16 53.06
C PRO I 294 -28.47 -65.37 54.30
N GLY I 295 -29.74 -65.52 54.65
CA GLY I 295 -30.30 -64.82 55.79
C GLY I 295 -30.65 -63.38 55.49
N LEU I 296 -31.76 -62.89 56.03
CA LEU I 296 -32.26 -61.56 55.71
C LEU I 296 -31.85 -60.56 56.80
N TYR I 297 -31.20 -59.48 56.39
CA TYR I 297 -30.70 -58.47 57.32
C TYR I 297 -30.51 -57.15 56.57
N GLY I 298 -30.44 -56.07 57.33
CA GLY I 298 -30.37 -54.74 56.75
C GLY I 298 -31.75 -54.18 56.50
N LYS I 299 -31.77 -53.01 55.84
CA LYS I 299 -33.01 -52.34 55.53
C LYS I 299 -33.01 -51.90 54.08
N THR I 300 -34.20 -51.87 53.48
CA THR I 300 -34.40 -51.51 52.09
C THR I 300 -35.15 -50.18 51.98
N THR I 301 -34.82 -49.42 50.94
CA THR I 301 -35.56 -48.21 50.60
C THR I 301 -36.43 -48.36 49.37
N GLY I 302 -36.02 -49.17 48.39
CA GLY I 302 -36.77 -49.30 47.17
C GLY I 302 -36.48 -48.24 46.13
N TYR I 303 -35.24 -47.78 46.03
CA TYR I 303 -34.84 -46.78 45.05
C TYR I 303 -33.75 -47.36 44.15
N ALA I 304 -33.88 -47.10 42.86
CA ALA I 304 -32.86 -47.46 41.87
C ALA I 304 -32.32 -46.19 41.23
N VAL I 305 -31.00 -46.14 41.04
CA VAL I 305 -30.30 -44.94 40.61
C VAL I 305 -29.54 -45.23 39.32
N THR I 306 -29.63 -44.32 38.35
CA THR I 306 -28.88 -44.37 37.11
C THR I 306 -27.99 -43.14 37.02
N HIS I 307 -26.70 -43.35 36.79
CA HIS I 307 -25.76 -42.26 36.56
C HIS I 307 -25.57 -42.04 35.06
N HIS I 308 -25.66 -40.79 34.61
CA HIS I 308 -25.65 -40.45 33.19
C HIS I 308 -24.30 -39.88 32.81
N ALA I 309 -23.51 -40.64 32.04
CA ALA I 309 -22.26 -40.12 31.51
C ALA I 309 -22.46 -39.34 30.22
N ASP I 310 -23.48 -39.68 29.44
CA ASP I 310 -23.92 -38.87 28.31
C ASP I 310 -25.32 -38.32 28.61
N GLY I 311 -25.83 -37.50 27.70
CA GLY I 311 -27.17 -36.96 27.87
C GLY I 311 -28.25 -37.97 27.51
N PHE I 312 -29.38 -37.88 28.19
CA PHE I 312 -30.56 -38.70 27.94
C PHE I 312 -31.74 -37.77 27.70
N LEU I 313 -32.44 -37.96 26.60
CA LEU I 313 -33.54 -37.10 26.19
C LEU I 313 -34.84 -37.89 26.04
N MET I 314 -35.96 -37.19 26.19
CA MET I 314 -37.28 -37.78 26.03
C MET I 314 -38.28 -36.65 25.80
N CYS I 315 -38.95 -36.64 24.65
CA CYS I 315 -39.81 -35.52 24.30
C CYS I 315 -41.07 -35.98 23.60
N LYS I 316 -41.98 -35.04 23.41
CA LYS I 316 -43.23 -35.25 22.68
C LYS I 316 -43.05 -34.93 21.20
N THR I 317 -43.49 -35.83 20.33
CA THR I 317 -43.46 -35.61 18.89
C THR I 317 -44.84 -35.81 18.30
N THR I 318 -45.08 -35.19 17.15
CA THR I 318 -46.29 -35.35 16.37
C THR I 318 -45.96 -36.06 15.07
N ASP I 319 -46.76 -37.07 14.73
CA ASP I 319 -46.55 -37.84 13.51
C ASP I 319 -47.92 -38.27 13.00
N THR I 320 -47.91 -38.96 11.86
CA THR I 320 -49.10 -39.58 11.29
C THR I 320 -48.94 -41.09 11.38
N VAL I 321 -49.92 -41.76 11.97
CA VAL I 321 -49.91 -43.20 12.11
C VAL I 321 -51.10 -43.74 11.33
N ASP I 322 -50.81 -44.44 10.22
CA ASP I 322 -51.83 -44.97 9.31
C ASP I 322 -52.77 -43.88 8.80
N GLY I 323 -52.26 -42.67 8.58
CA GLY I 323 -53.04 -41.58 8.08
C GLY I 323 -53.55 -40.60 9.12
N GLU I 324 -53.57 -40.98 10.40
CA GLU I 324 -54.15 -40.17 11.46
C GLU I 324 -53.06 -39.47 12.27
N ARG I 325 -53.20 -38.17 12.45
CA ARG I 325 -52.23 -37.37 13.19
C ARG I 325 -52.40 -37.57 14.70
N VAL I 326 -51.30 -37.87 15.39
CA VAL I 326 -51.28 -38.20 16.82
C VAL I 326 -49.99 -37.69 17.46
N SER I 327 -49.89 -37.86 18.78
CA SER I 327 -48.72 -37.44 19.55
C SER I 327 -48.29 -38.55 20.52
N PHE I 328 -46.98 -38.73 20.67
CA PHE I 328 -46.42 -39.71 21.60
C PHE I 328 -44.96 -39.35 21.88
N SER I 329 -44.30 -40.15 22.72
CA SER I 329 -42.98 -39.82 23.25
C SER I 329 -41.89 -40.71 22.68
N VAL I 330 -40.71 -40.11 22.44
CA VAL I 330 -39.55 -40.76 21.84
C VAL I 330 -38.32 -40.43 22.70
N CYS I 331 -37.39 -41.38 22.79
CA CYS I 331 -36.18 -41.19 23.61
C CYS I 331 -34.92 -41.50 22.80
N THR I 332 -33.79 -40.93 23.23
CA THR I 332 -32.51 -41.13 22.55
C THR I 332 -31.36 -40.71 23.47
N TYR I 333 -30.13 -41.00 23.03
CA TYR I 333 -28.90 -40.65 23.75
C TYR I 333 -28.12 -39.63 22.94
N VAL I 334 -27.50 -38.67 23.62
CA VAL I 334 -26.76 -37.58 23.00
C VAL I 334 -25.35 -37.57 23.58
N PRO I 335 -24.31 -37.47 22.76
CA PRO I 335 -22.93 -37.46 23.29
C PRO I 335 -22.62 -36.23 24.13
N ALA I 336 -21.71 -36.42 25.09
CA ALA I 336 -21.46 -35.40 26.11
C ALA I 336 -20.83 -34.14 25.52
N THR I 337 -19.98 -34.28 24.50
CA THR I 337 -19.39 -33.10 23.87
C THR I 337 -20.43 -32.21 23.23
N ILE I 338 -21.45 -32.79 22.59
CA ILE I 338 -22.51 -32.00 21.99
C ILE I 338 -23.31 -31.25 23.07
N CYS I 339 -23.62 -31.92 24.17
CA CYS I 339 -24.39 -31.31 25.25
C CYS I 339 -23.66 -30.12 25.86
N ASP I 340 -22.35 -30.25 26.06
CA ASP I 340 -21.56 -29.17 26.65
C ASP I 340 -21.55 -27.93 25.75
N GLN I 341 -21.50 -28.12 24.43
CA GLN I 341 -21.40 -26.99 23.51
C GLN I 341 -22.73 -26.29 23.26
N MET I 342 -23.84 -26.80 23.80
CA MET I 342 -25.13 -26.13 23.68
C MET I 342 -25.51 -25.37 24.94
N THR I 343 -24.63 -25.31 25.94
CA THR I 343 -24.97 -24.67 27.21
C THR I 343 -25.26 -23.18 27.04
N GLY I 344 -24.44 -22.48 26.26
CA GLY I 344 -24.66 -21.06 26.01
C GLY I 344 -25.91 -20.74 25.23
N ILE I 345 -26.21 -21.55 24.21
CA ILE I 345 -27.36 -21.28 23.33
C ILE I 345 -28.68 -21.42 24.07
N LEU I 346 -28.78 -22.38 25.00
CA LEU I 346 -30.07 -22.66 25.63
C LEU I 346 -30.41 -21.68 26.75
N ALA I 347 -29.58 -20.64 26.95
CA ALA I 347 -29.92 -19.60 27.91
C ALA I 347 -31.12 -18.77 27.48
N THR I 348 -31.31 -18.60 26.19
CA THR I 348 -32.44 -17.88 25.63
C THR I 348 -33.40 -18.83 24.92
N GLU I 349 -34.43 -18.27 24.30
CA GLU I 349 -35.41 -19.04 23.55
C GLU I 349 -35.00 -19.12 22.09
N VAL I 350 -34.91 -20.34 21.58
CA VAL I 350 -34.43 -20.62 20.23
C VAL I 350 -35.51 -21.42 19.51
N THR I 351 -35.66 -21.16 18.21
CA THR I 351 -36.61 -21.91 17.40
C THR I 351 -36.04 -23.28 17.03
N PRO I 352 -36.92 -24.25 16.74
CA PRO I 352 -36.41 -25.56 16.29
C PRO I 352 -35.57 -25.49 15.03
N GLU I 353 -35.89 -24.58 14.11
CA GLU I 353 -35.11 -24.47 12.89
C GLU I 353 -33.69 -24.00 13.17
N ASP I 354 -33.54 -23.01 14.05
CA ASP I 354 -32.22 -22.48 14.37
C ASP I 354 -31.40 -23.45 15.20
N ALA I 355 -32.05 -24.22 16.07
CA ALA I 355 -31.35 -25.28 16.79
C ALA I 355 -30.80 -26.33 15.84
N GLN I 356 -31.57 -26.67 14.79
CA GLN I 356 -31.13 -27.69 13.84
C GLN I 356 -29.88 -27.26 13.08
N LYS I 357 -29.84 -26.00 12.64
CA LYS I 357 -28.67 -25.52 11.90
C LYS I 357 -27.43 -25.49 12.79
N LEU I 358 -27.57 -25.09 14.04
CA LEU I 358 -26.45 -25.10 14.97
C LEU I 358 -25.93 -26.51 15.21
N LEU I 359 -26.83 -27.48 15.35
CA LEU I 359 -26.42 -28.86 15.60
C LEU I 359 -25.69 -29.46 14.41
N VAL I 360 -26.12 -29.13 13.19
CA VAL I 360 -25.43 -29.63 12.00
C VAL I 360 -24.01 -29.08 11.93
N GLY I 361 -23.84 -27.80 12.26
CA GLY I 361 -22.50 -27.22 12.29
C GLY I 361 -21.59 -27.89 13.29
N LEU I 362 -22.11 -28.18 14.49
CA LEU I 362 -21.30 -28.82 15.53
C LEU I 362 -20.99 -30.27 15.20
N ASN I 363 -21.72 -30.88 14.27
CA ASN I 363 -21.60 -32.31 14.00
C ASN I 363 -20.54 -32.66 12.98
N GLN I 364 -20.15 -31.72 12.12
CA GLN I 364 -19.19 -32.01 11.04
C GLN I 364 -17.78 -32.24 11.54
N ARG I 365 -17.55 -32.30 12.84
CA ARG I 365 -16.22 -32.53 13.38
C ARG I 365 -15.76 -33.96 13.11
N THR I 376 -17.02 -37.22 8.55
CA THR I 376 -17.39 -38.01 9.73
C THR I 376 -18.24 -37.18 10.68
N ASN I 377 -19.24 -37.81 11.29
CA ASN I 377 -20.17 -37.14 12.18
C ASN I 377 -20.04 -37.69 13.60
N THR I 378 -20.33 -36.84 14.59
CA THR I 378 -20.35 -37.31 15.98
C THR I 378 -21.59 -38.13 16.27
N MET I 379 -22.75 -37.69 15.79
CA MET I 379 -24.00 -38.40 15.97
C MET I 379 -24.66 -38.64 14.61
N LYS I 380 -25.54 -39.63 14.57
CA LYS I 380 -26.27 -39.97 13.36
C LYS I 380 -27.25 -38.86 12.98
N ASN I 381 -27.36 -38.59 11.67
CA ASN I 381 -28.13 -37.45 11.19
C ASN I 381 -29.63 -37.66 11.26
N TYR I 382 -30.12 -38.90 11.29
CA TYR I 382 -31.56 -39.11 11.30
C TYR I 382 -32.21 -38.80 12.64
N MET I 383 -31.42 -38.68 13.71
CA MET I 383 -31.97 -38.31 15.01
C MET I 383 -31.90 -36.80 15.26
N ILE I 384 -31.21 -36.05 14.39
CA ILE I 384 -31.00 -34.62 14.65
C ILE I 384 -32.30 -33.82 14.71
N PRO I 385 -33.27 -33.98 13.81
CA PRO I 385 -34.49 -33.15 13.90
C PRO I 385 -35.28 -33.30 15.20
N VAL I 386 -35.33 -34.50 15.78
CA VAL I 386 -36.10 -34.66 17.01
C VAL I 386 -35.32 -34.16 18.22
N VAL I 387 -33.98 -34.21 18.16
CA VAL I 387 -33.16 -33.64 19.22
C VAL I 387 -33.26 -32.12 19.23
N ALA I 388 -33.25 -31.51 18.04
CA ALA I 388 -33.36 -30.05 17.95
C ALA I 388 -34.69 -29.55 18.46
N GLN I 389 -35.74 -30.35 18.28
CA GLN I 389 -37.06 -29.97 18.76
C GLN I 389 -37.20 -30.11 20.27
N ALA I 390 -36.55 -31.12 20.86
CA ALA I 390 -36.57 -31.27 22.32
C ALA I 390 -35.82 -30.14 23.00
N PHE I 391 -34.67 -29.74 22.46
CA PHE I 391 -33.85 -28.70 23.08
C PHE I 391 -34.59 -27.37 23.13
N SER I 392 -35.35 -27.03 22.10
CA SER I 392 -36.04 -25.75 22.10
C SER I 392 -37.27 -25.74 23.01
N LYS I 393 -37.93 -26.88 23.18
CA LYS I 393 -39.03 -26.94 24.14
C LYS I 393 -38.52 -26.88 25.58
N TRP I 394 -37.35 -27.45 25.85
CA TRP I 394 -36.76 -27.38 27.19
C TRP I 394 -36.38 -25.95 27.55
N ALA I 395 -35.79 -25.21 26.62
CA ALA I 395 -35.40 -23.83 26.89
C ALA I 395 -36.61 -22.94 27.12
N LYS I 396 -37.74 -23.25 26.49
CA LYS I 396 -38.94 -22.45 26.68
C LYS I 396 -39.57 -22.71 28.04
N GLU I 397 -39.59 -23.97 28.49
CA GLU I 397 -40.17 -24.28 29.79
C GLU I 397 -39.30 -23.79 30.96
N CYS I 398 -38.00 -23.56 30.74
CA CYS I 398 -37.16 -22.99 31.77
C CYS I 398 -37.45 -21.49 31.97
N ARG I 399 -37.72 -20.78 30.88
CA ARG I 399 -38.06 -19.37 30.97
C ARG I 399 -39.37 -19.16 31.73
N LYS I 400 -40.35 -20.03 31.52
CA LYS I 400 -41.66 -19.85 32.16
C LYS I 400 -41.57 -20.05 33.66
N ASP I 401 -40.72 -20.97 34.12
CA ASP I 401 -40.50 -21.14 35.56
C ASP I 401 -39.95 -19.86 36.18
N MET I 402 -38.98 -19.24 35.51
CA MET I 402 -38.30 -18.07 36.04
C MET I 402 -39.23 -16.86 36.14
N GLU I 403 -40.23 -16.77 35.26
CA GLU I 403 -41.13 -15.63 35.23
C GLU I 403 -42.40 -15.83 36.05
N ASP I 404 -42.59 -17.00 36.65
CA ASP I 404 -43.73 -17.28 37.53
C ASP I 404 -43.15 -17.86 38.82
N GLU I 405 -42.71 -16.98 39.70
CA GLU I 405 -41.91 -17.34 40.86
C GLU I 405 -42.75 -17.26 42.13
N LYS I 406 -42.58 -18.26 42.99
CA LYS I 406 -43.42 -18.42 44.17
C LYS I 406 -42.69 -17.96 45.42
N LEU I 407 -43.35 -18.13 46.57
CA LEU I 407 -42.77 -17.79 47.86
C LEU I 407 -42.07 -19.00 48.45
N LEU I 408 -41.02 -18.75 49.23
CA LEU I 408 -40.26 -19.84 49.83
C LEU I 408 -41.11 -20.60 50.84
N GLY I 409 -41.06 -21.91 50.78
CA GLY I 409 -41.66 -22.73 51.83
C GLY I 409 -43.17 -22.81 51.78
N VAL I 410 -43.79 -22.34 50.71
CA VAL I 410 -45.24 -22.21 50.63
C VAL I 410 -45.73 -22.83 49.34
N ARG I 411 -46.63 -23.80 49.45
CA ARG I 411 -47.45 -24.26 48.35
C ARG I 411 -48.71 -23.39 48.41
N GLU I 412 -49.11 -22.79 47.30
CA GLU I 412 -50.39 -22.06 47.33
C GLU I 412 -51.48 -22.89 46.65
N ARG I 413 -52.05 -23.79 47.44
CA ARG I 413 -53.20 -24.59 47.06
C ARG I 413 -54.52 -23.91 47.44
N THR I 414 -54.45 -22.67 47.93
CA THR I 414 -55.62 -21.89 48.34
C THR I 414 -56.45 -22.63 49.38
N CYS I 419 -59.63 -22.38 48.50
CA CYS I 419 -60.59 -22.66 49.56
C CYS I 419 -60.79 -24.16 49.71
N LEU I 420 -60.85 -24.84 48.57
CA LEU I 420 -60.77 -26.29 48.51
C LEU I 420 -59.46 -26.70 47.84
N TRP I 421 -58.87 -27.78 48.33
CA TRP I 421 -57.49 -28.09 47.97
C TRP I 421 -57.40 -28.61 46.55
N ALA I 422 -57.30 -27.69 45.58
CA ALA I 422 -57.22 -28.05 44.17
C ALA I 422 -56.16 -27.16 43.54
N PHE I 423 -55.06 -27.78 43.10
CA PHE I 423 -53.95 -27.05 42.51
C PHE I 423 -53.87 -27.33 41.00
N LYS I 424 -53.16 -26.45 40.31
CA LYS I 424 -53.00 -26.54 38.87
C LYS I 424 -51.69 -27.23 38.53
N LYS I 425 -51.75 -28.19 37.62
CA LYS I 425 -50.56 -28.88 37.14
C LYS I 425 -50.09 -28.25 35.83
N GLN I 426 -48.78 -28.08 35.69
CA GLN I 426 -48.20 -27.53 34.49
C GLN I 426 -47.92 -28.62 33.48
N LYS I 427 -47.70 -28.20 32.23
CA LYS I 427 -47.40 -29.13 31.15
C LYS I 427 -45.90 -29.32 31.02
N THR I 428 -45.48 -30.57 30.87
CA THR I 428 -44.07 -30.93 30.68
C THR I 428 -43.96 -31.72 29.38
N HIS I 429 -43.18 -31.20 28.44
CA HIS I 429 -43.00 -31.85 27.15
C HIS I 429 -41.60 -32.40 26.92
N THR I 430 -40.64 -32.10 27.78
CA THR I 430 -39.27 -32.59 27.61
C THR I 430 -38.71 -33.01 28.96
N VAL I 431 -38.02 -34.15 28.97
CA VAL I 431 -37.19 -34.58 30.09
C VAL I 431 -35.76 -34.65 29.59
N TYR I 432 -34.87 -33.88 30.20
CA TYR I 432 -33.49 -33.75 29.76
C TYR I 432 -32.56 -34.03 30.95
N LYS I 433 -31.85 -35.15 30.91
CA LYS I 433 -30.87 -35.49 31.93
C LYS I 433 -29.47 -35.20 31.39
N ARG I 434 -28.86 -34.14 31.91
CA ARG I 434 -27.55 -33.70 31.48
C ARG I 434 -26.46 -34.62 32.01
N PRO I 435 -25.29 -34.61 31.38
CA PRO I 435 -24.16 -35.39 31.91
C PRO I 435 -23.80 -34.97 33.34
N ASP I 436 -23.47 -35.98 34.16
CA ASP I 436 -23.14 -35.87 35.59
C ASP I 436 -24.36 -35.69 36.48
N THR I 437 -25.56 -35.98 36.02
CA THR I 437 -26.76 -36.01 36.85
C THR I 437 -27.18 -37.47 37.06
N GLN I 438 -28.22 -37.68 37.86
CA GLN I 438 -28.66 -39.02 38.22
C GLN I 438 -30.19 -39.11 38.25
N SER I 439 -30.73 -40.17 37.67
CA SER I 439 -32.14 -40.52 37.80
C SER I 439 -32.35 -41.39 39.02
N ILE I 440 -33.54 -41.30 39.62
CA ILE I 440 -33.87 -42.10 40.80
C ILE I 440 -35.33 -42.53 40.70
N GLN I 441 -35.55 -43.85 40.81
CA GLN I 441 -36.85 -44.46 40.57
C GLN I 441 -37.26 -45.33 41.75
N LYS I 442 -38.54 -45.30 42.10
CA LYS I 442 -39.09 -46.10 43.18
C LYS I 442 -39.63 -47.42 42.63
N VAL I 443 -39.00 -48.54 42.99
CA VAL I 443 -39.37 -49.86 42.50
C VAL I 443 -39.60 -50.79 43.68
N GLN I 444 -40.04 -52.01 43.37
CA GLN I 444 -40.36 -53.01 44.39
C GLN I 444 -39.10 -53.73 44.85
N ALA I 445 -39.02 -54.00 46.16
CA ALA I 445 -37.80 -54.53 46.75
C ALA I 445 -38.00 -55.74 47.66
N GLU I 446 -39.22 -56.22 47.87
CA GLU I 446 -39.48 -57.42 48.66
C GLU I 446 -40.16 -58.47 47.79
N PHE I 447 -39.51 -59.63 47.65
CA PHE I 447 -39.94 -60.67 46.73
C PHE I 447 -40.20 -61.95 47.50
N ASP I 448 -41.42 -62.48 47.39
CA ASP I 448 -41.75 -63.74 48.07
C ASP I 448 -42.43 -64.77 47.16
N SER I 449 -43.16 -64.32 46.14
CA SER I 449 -43.85 -65.23 45.24
C SER I 449 -42.96 -65.54 44.04
N PHE I 450 -42.76 -66.83 43.78
CA PHE I 450 -41.88 -67.31 42.72
C PHE I 450 -42.61 -68.42 41.97
N VAL I 451 -43.38 -68.03 40.96
CA VAL I 451 -44.22 -68.96 40.23
C VAL I 451 -43.39 -69.88 39.35
N GLY I 459 -38.39 -80.91 22.98
CA GLY I 459 -37.64 -80.16 21.98
C GLY I 459 -36.86 -81.02 21.02
N LEU I 460 -35.79 -81.64 21.52
CA LEU I 460 -34.94 -82.46 20.68
C LEU I 460 -35.71 -83.65 20.13
N SER I 461 -35.44 -84.00 18.87
CA SER I 461 -36.12 -85.11 18.22
C SER I 461 -35.14 -85.82 17.29
N ILE I 462 -35.58 -86.99 16.81
CA ILE I 462 -34.66 -87.91 16.13
C ILE I 462 -33.96 -87.28 14.93
N PRO I 463 -34.66 -86.64 13.97
CA PRO I 463 -33.93 -86.07 12.83
C PRO I 463 -32.82 -85.11 13.23
N LEU I 464 -33.07 -84.28 14.23
CA LEU I 464 -32.00 -83.44 14.77
C LEU I 464 -31.04 -84.26 15.62
N ARG I 465 -31.57 -85.19 16.41
CA ARG I 465 -30.72 -86.05 17.24
C ARG I 465 -29.76 -86.86 16.38
N THR I 466 -30.27 -87.42 15.28
CA THR I 466 -29.43 -88.22 14.39
C THR I 466 -28.32 -87.38 13.77
N ARG I 467 -28.65 -86.16 13.33
CA ARG I 467 -27.67 -85.32 12.67
C ARG I 467 -26.53 -84.95 13.61
N ILE I 468 -26.85 -84.60 14.86
CA ILE I 468 -25.81 -84.27 15.83
C ILE I 468 -24.91 -85.49 16.07
N LYS I 469 -25.53 -86.65 16.29
CA LYS I 469 -24.76 -87.84 16.60
C LYS I 469 -23.83 -88.25 15.46
N TRP I 470 -24.23 -87.95 14.22
CA TRP I 470 -23.45 -88.40 13.08
C TRP I 470 -22.09 -87.72 13.02
N LEU I 471 -22.03 -86.43 13.34
CA LEU I 471 -20.75 -85.72 13.27
C LEU I 471 -19.77 -86.24 14.31
N LEU I 472 -20.21 -86.40 15.56
CA LEU I 472 -19.30 -86.86 16.60
C LEU I 472 -18.91 -88.33 16.44
N SER I 473 -19.57 -89.07 15.56
CA SER I 473 -19.21 -90.46 15.31
C SER I 473 -17.81 -90.57 14.73
N ASP J 2 39.50 11.19 50.28
CA ASP J 2 38.71 12.22 49.61
C ASP J 2 37.20 11.88 49.57
N PRO J 3 36.80 10.77 48.94
CA PRO J 3 35.37 10.52 48.76
C PRO J 3 34.67 10.29 50.09
N VAL J 4 33.39 10.63 50.11
CA VAL J 4 32.56 10.48 51.30
C VAL J 4 31.36 9.61 50.94
N TYR J 5 31.03 8.68 51.84
CA TYR J 5 30.03 7.66 51.58
C TYR J 5 28.83 7.88 52.49
N VAL J 6 27.63 7.77 51.93
CA VAL J 6 26.39 7.89 52.69
C VAL J 6 25.73 6.53 52.76
N ASP J 7 25.04 6.28 53.87
CA ASP J 7 24.36 5.01 54.11
C ASP J 7 22.94 5.02 53.58
N ILE J 8 22.78 5.37 52.31
CA ILE J 8 21.49 5.32 51.62
C ILE J 8 21.66 4.55 50.32
N ASP J 9 20.55 4.42 49.58
CA ASP J 9 20.53 3.60 48.37
C ASP J 9 21.18 4.36 47.23
N ALA J 10 21.08 3.80 46.01
CA ALA J 10 21.69 4.38 44.83
C ALA J 10 20.70 4.77 43.75
N ASP J 11 19.45 4.31 43.82
CA ASP J 11 18.43 4.65 42.85
C ASP J 11 17.46 5.71 43.35
N SER J 12 17.64 6.19 44.59
CA SER J 12 16.73 7.17 45.16
C SER J 12 17.00 8.55 44.60
N ALA J 13 15.97 9.41 44.66
CA ALA J 13 16.11 10.78 44.21
C ALA J 13 16.78 11.68 45.23
N PHE J 14 16.89 11.24 46.48
CA PHE J 14 17.55 12.07 47.51
C PHE J 14 19.06 12.12 47.34
N LEU J 15 19.64 11.16 46.62
CA LEU J 15 21.09 11.17 46.40
C LEU J 15 21.51 12.41 45.61
N LYS J 16 20.76 12.74 44.56
CA LYS J 16 21.09 13.92 43.76
C LYS J 16 20.96 15.20 44.57
N ALA J 17 19.91 15.31 45.39
CA ALA J 17 19.73 16.48 46.23
C ALA J 17 20.87 16.62 47.23
N LEU J 18 21.28 15.51 47.83
CA LEU J 18 22.41 15.55 48.76
C LEU J 18 23.69 15.96 48.03
N GLN J 19 23.90 15.46 46.82
CA GLN J 19 25.06 15.86 46.04
C GLN J 19 25.06 17.37 45.79
N ARG J 20 23.97 17.91 45.28
CA ARG J 20 23.95 19.31 44.92
C ARG J 20 23.86 20.23 46.14
N ALA J 21 23.58 19.70 47.32
CA ALA J 21 23.65 20.51 48.53
C ALA J 21 25.09 20.62 49.06
N TYR J 22 25.94 19.65 48.73
CA TYR J 22 27.35 19.64 49.12
C TYR J 22 28.18 19.51 47.85
N PRO J 23 28.42 20.61 47.13
CA PRO J 23 29.04 20.51 45.81
C PRO J 23 30.55 20.37 45.82
N MET J 24 31.18 20.54 46.98
CA MET J 24 32.61 20.40 47.17
C MET J 24 33.01 19.03 47.72
N PHE J 25 32.08 18.09 47.76
CA PHE J 25 32.35 16.72 48.16
C PHE J 25 32.01 15.80 46.99
N GLU J 26 32.28 14.52 47.18
CA GLU J 26 31.88 13.48 46.22
C GLU J 26 31.17 12.40 47.03
N VAL J 27 29.86 12.55 47.14
CA VAL J 27 29.04 11.64 47.92
C VAL J 27 28.75 10.40 47.11
N GLU J 28 28.84 9.23 47.76
CA GLU J 28 28.65 7.98 47.06
C GLU J 28 27.72 7.05 47.84
N PRO J 29 26.89 6.28 47.13
CA PRO J 29 26.02 5.31 47.81
C PRO J 29 26.77 4.11 48.31
N ARG J 30 26.51 3.70 49.55
CA ARG J 30 27.07 2.46 50.05
C ARG J 30 26.04 1.71 50.89
N ASP J 36 12.66 5.06 58.06
CA ASP J 36 12.34 6.39 57.53
C ASP J 36 13.13 7.47 58.26
N HIS J 37 14.44 7.28 58.38
CA HIS J 37 15.30 8.27 58.99
C HIS J 37 16.66 8.36 58.30
N ALA J 38 16.85 7.66 57.18
CA ALA J 38 18.14 7.68 56.52
C ALA J 38 18.43 9.03 55.87
N ASN J 39 17.40 9.70 55.36
CA ASN J 39 17.60 11.00 54.75
C ASN J 39 18.12 12.01 55.76
N ALA J 40 17.53 12.03 56.96
CA ALA J 40 17.97 12.98 57.96
C ALA J 40 19.34 12.61 58.54
N ARG J 41 19.67 11.32 58.59
CA ARG J 41 20.98 10.91 59.10
C ARG J 41 22.09 11.49 58.25
N ALA J 42 22.00 11.25 56.93
CA ALA J 42 23.10 11.56 56.03
C ALA J 42 23.35 13.06 55.97
N PHE J 43 22.30 13.86 56.08
CA PHE J 43 22.50 15.30 56.14
C PHE J 43 23.29 15.66 57.39
N SER J 44 23.01 14.99 58.51
CA SER J 44 23.73 15.28 59.74
C SER J 44 25.15 14.73 59.70
N HIS J 45 25.37 13.64 58.97
CA HIS J 45 26.72 13.10 58.81
C HIS J 45 27.60 14.06 58.04
N LEU J 46 27.11 14.56 56.89
CA LEU J 46 27.90 15.50 56.10
C LEU J 46 28.05 16.86 56.77
N ALA J 47 27.11 17.25 57.63
CA ALA J 47 27.24 18.54 58.30
C ALA J 47 28.36 18.53 59.33
N ILE J 48 28.52 17.42 60.06
CA ILE J 48 29.61 17.32 61.02
C ILE J 48 30.95 17.22 60.31
N LYS J 49 31.00 16.49 59.19
CA LYS J 49 32.23 16.38 58.42
C LYS J 49 32.68 17.75 57.92
N LEU J 50 31.74 18.57 57.45
CA LEU J 50 32.07 19.91 56.98
C LEU J 50 32.69 20.76 58.08
N ILE J 51 32.11 20.72 59.28
CA ILE J 51 32.57 21.59 60.34
C ILE J 51 34.01 21.26 60.73
N GLU J 52 34.34 19.97 60.80
CA GLU J 52 35.70 19.55 61.12
C GLU J 52 36.69 20.06 60.08
N GLN J 53 36.35 19.92 58.79
CA GLN J 53 37.18 20.44 57.72
C GLN J 53 37.31 21.96 57.77
N GLU J 54 36.37 22.64 58.43
CA GLU J 54 36.34 24.08 58.49
C GLU J 54 37.15 24.67 59.64
N ILE J 55 37.66 23.85 60.55
CA ILE J 55 38.36 24.34 61.73
C ILE J 55 39.69 23.60 61.87
N ASP J 56 40.69 24.32 62.38
CA ASP J 56 41.98 23.72 62.62
C ASP J 56 41.89 22.68 63.74
N PRO J 57 42.56 21.54 63.61
CA PRO J 57 42.49 20.52 64.67
C PRO J 57 43.14 21.00 65.96
N ASP J 58 43.13 20.14 66.98
CA ASP J 58 43.59 20.51 68.33
C ASP J 58 42.82 21.73 68.86
N SER J 59 41.52 21.75 68.60
CA SER J 59 40.63 22.78 69.11
C SER J 59 39.60 22.16 70.04
N THR J 60 39.24 22.88 71.09
CA THR J 60 38.25 22.38 72.05
C THR J 60 36.84 22.66 71.54
N ILE J 61 36.04 21.60 71.41
CA ILE J 61 34.71 21.69 70.81
C ILE J 61 33.67 21.36 71.88
N LEU J 62 32.75 22.30 72.10
CA LEU J 62 31.61 22.04 72.97
C LEU J 62 30.49 21.35 72.21
N ASP J 63 29.64 20.64 72.95
CA ASP J 63 28.43 20.03 72.39
C ASP J 63 27.26 20.34 73.32
N ILE J 64 26.37 21.23 72.91
CA ILE J 64 25.23 21.62 73.71
C ILE J 64 24.14 20.58 73.54
N GLY J 65 23.64 20.04 74.66
CA GLY J 65 22.57 19.06 74.66
C GLY J 65 22.83 17.90 73.73
N SER J 66 23.84 17.09 74.06
CA SER J 66 24.36 16.08 73.16
C SER J 66 24.04 14.67 73.66
N ALA J 67 24.36 13.70 72.80
CA ALA J 67 24.35 12.29 73.16
C ALA J 67 25.78 11.78 73.01
N PRO J 68 26.52 11.59 74.10
CA PRO J 68 27.97 11.37 73.97
C PRO J 68 28.35 10.14 73.18
N ALA J 69 27.46 9.15 73.03
CA ALA J 69 27.80 7.95 72.29
C ALA J 69 28.11 8.22 70.82
N ARG J 70 27.72 9.38 70.29
CA ARG J 70 28.03 9.69 68.89
C ARG J 70 29.42 10.32 68.73
N ARG J 71 29.89 11.05 69.75
CA ARG J 71 31.19 11.70 69.70
C ARG J 71 32.31 10.84 70.27
N MET J 72 32.01 9.62 70.68
CA MET J 72 33.00 8.81 71.40
C MET J 72 34.17 8.42 70.49
N MET J 73 33.90 8.08 69.23
CA MET J 73 34.91 7.53 68.33
C MET J 73 35.50 8.56 67.39
N SER J 74 35.67 9.80 67.84
CA SER J 74 36.20 10.87 67.01
C SER J 74 37.45 11.46 67.65
N ASP J 75 38.38 11.88 66.80
CA ASP J 75 39.69 12.37 67.23
C ASP J 75 39.69 13.89 67.40
N ARG J 76 38.75 14.41 68.18
CA ARG J 76 38.68 15.85 68.42
C ARG J 76 38.33 16.09 69.88
N LYS J 77 38.70 17.27 70.37
CA LYS J 77 38.52 17.64 71.78
C LYS J 77 37.05 17.98 72.02
N TYR J 78 36.22 16.95 72.10
CA TYR J 78 34.80 17.11 72.36
C TYR J 78 34.54 17.15 73.87
N HIS J 79 33.74 18.11 74.30
CA HIS J 79 33.30 18.21 75.70
C HIS J 79 31.76 18.17 75.70
N CYS J 80 31.20 16.99 75.94
CA CYS J 80 29.76 16.81 75.85
C CYS J 80 29.05 17.36 77.08
N VAL J 81 27.92 18.00 76.86
CA VAL J 81 27.10 18.60 77.92
C VAL J 81 25.76 17.89 77.92
N CYS J 82 25.39 17.28 79.05
CA CYS J 82 24.24 16.38 79.11
C CYS J 82 23.42 16.63 80.37
N PRO J 83 22.56 17.65 80.36
CA PRO J 83 21.62 17.82 81.46
C PRO J 83 20.46 16.83 81.37
N MET J 84 19.81 16.61 82.51
CA MET J 84 18.66 15.70 82.61
C MET J 84 17.39 16.52 82.44
N ARG J 85 17.05 16.79 81.18
CA ARG J 85 15.90 17.61 80.84
C ARG J 85 14.72 16.83 80.30
N SER J 86 14.96 15.68 79.66
CA SER J 86 13.88 14.92 79.04
C SER J 86 13.98 13.45 79.45
N ALA J 87 12.87 12.73 79.25
CA ALA J 87 12.77 11.34 79.64
C ALA J 87 13.68 10.42 78.84
N GLU J 88 14.23 10.88 77.73
CA GLU J 88 15.15 10.10 76.91
C GLU J 88 16.61 10.29 77.30
N ASP J 89 16.90 11.16 78.26
CA ASP J 89 18.28 11.49 78.60
C ASP J 89 18.99 10.35 79.36
N PRO J 90 18.40 9.76 80.41
CA PRO J 90 19.10 8.65 81.07
C PRO J 90 19.39 7.47 80.17
N GLU J 91 18.59 7.26 79.13
CA GLU J 91 18.92 6.23 78.15
C GLU J 91 20.19 6.60 77.38
N ARG J 92 20.34 7.89 77.06
CA ARG J 92 21.55 8.35 76.38
C ARG J 92 22.77 8.14 77.26
N LEU J 93 22.66 8.46 78.56
CA LEU J 93 23.75 8.26 79.49
C LEU J 93 24.09 6.78 79.63
N ALA J 94 23.07 5.93 79.76
CA ALA J 94 23.31 4.50 79.97
C ALA J 94 23.94 3.86 78.75
N ASN J 95 23.57 4.31 77.56
CA ASN J 95 24.16 3.74 76.34
C ASN J 95 25.64 4.09 76.26
N TYR J 96 26.02 5.29 76.69
CA TYR J 96 27.43 5.66 76.73
C TYR J 96 28.21 4.74 77.67
N ALA J 97 27.66 4.48 78.85
CA ALA J 97 28.35 3.66 79.84
C ALA J 97 28.56 2.23 79.35
N ARG J 98 27.76 1.79 78.38
CA ARG J 98 27.92 0.43 77.86
C ARG J 98 29.03 0.37 76.82
N LYS J 99 28.95 1.22 75.79
CA LYS J 99 29.95 1.21 74.73
C LYS J 99 31.34 1.51 75.27
N LEU J 100 31.43 2.26 76.38
CA LEU J 100 32.73 2.51 76.99
C LEU J 100 33.31 1.23 77.55
N ALA J 101 32.53 0.50 78.35
CA ALA J 101 32.98 -0.80 78.84
C ALA J 101 33.14 -1.80 77.71
N SER J 102 32.18 -1.83 76.78
CA SER J 102 32.19 -2.83 75.71
C SER J 102 33.36 -2.64 74.75
N ALA J 103 34.03 -1.50 74.79
CA ALA J 103 35.20 -1.25 73.94
C ALA J 103 36.31 -0.61 74.77
N ALA J 104 36.57 -1.19 75.95
CA ALA J 104 37.55 -0.64 76.87
C ALA J 104 38.97 -1.15 76.64
N GLY J 105 39.15 -2.11 75.73
CA GLY J 105 40.49 -2.62 75.48
C GLY J 105 40.78 -3.01 74.05
N LYS J 106 39.85 -2.71 73.14
CA LYS J 106 39.96 -3.17 71.76
C LYS J 106 40.51 -2.12 70.81
N VAL J 107 40.83 -0.92 71.30
CA VAL J 107 41.40 0.14 70.47
C VAL J 107 42.53 0.80 71.24
N LEU J 108 43.66 1.03 70.54
CA LEU J 108 44.84 1.62 71.16
C LEU J 108 45.29 2.87 70.41
N ASP J 109 44.36 3.53 69.72
CA ASP J 109 44.67 4.76 68.98
C ASP J 109 43.95 5.97 69.56
N ARG J 110 42.62 5.92 69.66
CA ARG J 110 41.85 7.02 70.22
C ARG J 110 41.71 6.83 71.72
N ASN J 111 41.73 7.95 72.44
CA ASN J 111 41.58 7.92 73.90
C ASN J 111 40.25 7.29 74.27
N ILE J 112 40.30 6.18 75.01
CA ILE J 112 39.07 5.52 75.45
C ILE J 112 39.10 5.34 76.97
N SER J 113 40.29 5.20 77.53
CA SER J 113 40.39 5.03 78.98
C SER J 113 40.19 6.34 79.72
N GLY J 114 40.59 7.46 79.13
CA GLY J 114 40.36 8.75 79.76
C GLY J 114 38.89 9.10 79.87
N LYS J 115 38.11 8.71 78.86
CA LYS J 115 36.67 8.96 78.92
C LYS J 115 36.00 8.12 80.00
N ILE J 116 36.51 6.91 80.24
CA ILE J 116 35.97 6.07 81.32
C ILE J 116 36.21 6.73 82.68
N GLY J 117 37.40 7.28 82.88
CA GLY J 117 37.69 7.91 84.16
C GLY J 117 36.86 9.15 84.41
N ASP J 118 36.58 9.93 83.37
CA ASP J 118 35.77 11.13 83.53
C ASP J 118 34.36 10.80 83.98
N LEU J 119 33.76 9.76 83.41
CA LEU J 119 32.40 9.39 83.78
C LEU J 119 32.31 8.98 85.24
N GLN J 120 33.18 8.05 85.67
CA GLN J 120 33.12 7.57 87.05
C GLN J 120 33.54 8.63 88.05
N ALA J 121 34.26 9.68 87.61
CA ALA J 121 34.50 10.81 88.48
C ALA J 121 33.24 11.64 88.68
N VAL J 122 32.52 11.92 87.59
CA VAL J 122 31.25 12.64 87.70
C VAL J 122 30.20 11.78 88.40
N MET J 123 30.23 10.47 88.16
CA MET J 123 29.31 9.58 88.87
C MET J 123 29.53 9.65 90.37
N ALA J 124 30.79 9.60 90.81
CA ALA J 124 31.10 9.77 92.22
C ALA J 124 30.76 11.17 92.71
N VAL J 125 31.25 12.19 92.01
CA VAL J 125 31.02 13.58 92.37
C VAL J 125 30.17 14.23 91.30
N PRO J 126 28.87 14.42 91.55
CA PRO J 126 27.95 14.81 90.48
C PRO J 126 27.98 16.29 90.10
N ASP J 127 28.91 17.07 90.62
CA ASP J 127 29.01 18.49 90.30
C ASP J 127 30.47 18.86 90.04
N THR J 128 31.15 18.05 89.24
CA THR J 128 32.53 18.30 88.85
C THR J 128 32.61 18.51 87.35
N GLU J 129 33.32 19.55 86.93
CA GLU J 129 33.55 19.81 85.52
C GLU J 129 34.80 19.05 85.08
N THR J 130 34.65 18.25 84.04
CA THR J 130 35.68 17.34 83.56
C THR J 130 35.94 17.61 82.09
N PRO J 131 37.08 17.15 81.57
CA PRO J 131 37.40 17.47 80.17
C PRO J 131 36.38 16.98 79.15
N THR J 132 35.77 15.81 79.35
CA THR J 132 34.91 15.23 78.32
C THR J 132 33.50 14.93 78.81
N PHE J 133 33.04 15.58 79.87
CA PHE J 133 31.70 15.31 80.39
C PHE J 133 31.35 16.35 81.45
N CYS J 134 30.06 16.60 81.57
CA CYS J 134 29.49 17.41 82.66
C CYS J 134 27.99 17.16 82.65
N LEU J 135 27.33 17.58 83.72
CA LEU J 135 25.90 17.37 83.92
C LEU J 135 25.20 18.70 84.16
N HIS J 136 25.55 19.70 83.37
CA HIS J 136 24.98 21.04 83.49
C HIS J 136 24.19 21.36 82.23
N THR J 137 23.53 22.51 82.27
CA THR J 137 22.83 23.04 81.09
C THR J 137 23.85 23.74 80.20
N ASP J 138 23.36 24.53 79.24
CA ASP J 138 24.23 25.37 78.43
C ASP J 138 24.55 26.70 79.09
N VAL J 139 23.78 27.10 80.10
CA VAL J 139 23.98 28.37 80.78
C VAL J 139 24.86 28.21 82.02
N SER J 140 24.69 27.12 82.78
CA SER J 140 25.38 26.96 84.04
C SER J 140 26.75 26.29 83.90
N CYS J 141 27.08 25.72 82.75
CA CYS J 141 28.40 25.14 82.56
C CYS J 141 29.46 26.24 82.60
N ARG J 142 30.63 25.89 83.14
CA ARG J 142 31.68 26.88 83.39
C ARG J 142 32.99 26.57 82.67
N GLN J 143 33.01 25.53 81.84
CA GLN J 143 34.21 25.21 81.08
C GLN J 143 34.44 26.23 79.97
N ARG J 144 35.69 26.64 79.77
CA ARG J 144 36.03 27.58 78.71
C ARG J 144 36.41 26.82 77.44
N ALA J 145 36.03 27.40 76.30
CA ALA J 145 36.33 26.82 75.00
C ALA J 145 36.32 27.93 73.95
N ASP J 146 36.34 27.54 72.67
CA ASP J 146 36.32 28.49 71.57
C ASP J 146 35.31 28.17 70.48
N VAL J 147 34.83 26.93 70.36
CA VAL J 147 33.91 26.51 69.32
C VAL J 147 32.76 25.75 69.98
N ALA J 148 31.52 26.09 69.60
CA ALA J 148 30.33 25.42 70.08
C ALA J 148 29.55 24.84 68.91
N ILE J 149 28.78 23.79 69.17
CA ILE J 149 27.98 23.12 68.16
C ILE J 149 26.62 22.77 68.76
N TYR J 150 25.56 22.98 67.98
CA TYR J 150 24.20 22.61 68.34
C TYR J 150 23.66 21.64 67.31
N GLN J 151 22.92 20.63 67.77
CA GLN J 151 22.23 19.74 66.86
C GLN J 151 20.82 19.50 67.39
N ASP J 152 19.83 19.80 66.55
CA ASP J 152 18.42 19.60 66.86
C ASP J 152 18.04 20.21 68.21
N VAL J 153 18.53 21.41 68.45
CA VAL J 153 18.26 22.15 69.68
C VAL J 153 17.21 23.20 69.35
N TYR J 154 15.98 22.97 69.81
CA TYR J 154 14.88 23.85 69.49
C TYR J 154 14.27 24.52 70.71
N ALA J 155 14.73 24.22 71.91
CA ALA J 155 14.07 24.67 73.13
C ALA J 155 14.95 25.60 73.96
N VAL J 156 15.72 26.47 73.32
CA VAL J 156 16.52 27.47 74.04
C VAL J 156 16.42 28.80 73.31
N HIS J 157 16.49 29.88 74.08
CA HIS J 157 16.53 31.23 73.53
C HIS J 157 17.91 31.49 72.93
N ALA J 158 17.96 31.79 71.63
CA ALA J 158 19.25 31.88 70.94
C ALA J 158 20.12 33.02 71.45
N PRO J 159 19.65 34.27 71.58
CA PRO J 159 20.55 35.32 72.08
C PRO J 159 21.06 35.07 73.50
N THR J 160 20.24 34.49 74.37
CA THR J 160 20.69 34.21 75.73
C THR J 160 21.71 33.08 75.75
N SER J 161 21.47 32.02 74.99
CA SER J 161 22.43 30.93 74.93
C SER J 161 23.74 31.40 74.32
N LEU J 162 23.68 32.18 73.24
CA LEU J 162 24.89 32.59 72.54
C LEU J 162 25.73 33.57 73.37
N TYR J 163 25.10 34.38 74.22
CA TYR J 163 25.87 35.25 75.11
C TYR J 163 26.74 34.43 76.03
N HIS J 164 26.17 33.40 76.66
CA HIS J 164 26.90 32.66 77.68
C HIS J 164 28.04 31.82 77.11
N GLN J 165 28.04 31.58 75.80
CA GLN J 165 29.21 30.96 75.19
C GLN J 165 30.28 32.00 74.84
N ALA J 166 29.89 33.26 74.69
CA ALA J 166 30.82 34.32 74.31
C ALA J 166 31.79 34.66 75.44
N ILE J 167 31.27 34.89 76.65
CA ILE J 167 32.08 35.33 77.77
C ILE J 167 32.94 34.19 78.30
N LYS J 168 32.87 33.03 77.65
CA LYS J 168 33.75 31.91 77.93
C LYS J 168 34.69 31.64 76.76
N GLY J 169 34.81 32.59 75.84
CA GLY J 169 35.82 32.55 74.80
C GLY J 169 35.44 31.86 73.50
N VAL J 170 34.16 31.59 73.27
CA VAL J 170 33.75 30.95 72.02
C VAL J 170 33.63 32.01 70.94
N ARG J 171 34.24 31.74 69.79
CA ARG J 171 34.21 32.65 68.65
C ARG J 171 33.37 32.14 67.49
N LEU J 172 33.13 30.83 67.40
CA LEU J 172 32.51 30.22 66.24
C LEU J 172 31.48 29.20 66.70
N ALA J 173 30.25 29.32 66.21
CA ALA J 173 29.16 28.43 66.59
C ALA J 173 28.43 27.95 65.34
N TYR J 174 27.89 26.74 65.41
CA TYR J 174 27.05 26.20 64.34
C TYR J 174 25.72 25.73 64.92
N TRP J 175 24.77 25.53 64.01
CA TRP J 175 23.40 25.13 64.33
C TRP J 175 22.85 24.32 63.18
N VAL J 176 22.44 23.09 63.45
CA VAL J 176 21.84 22.19 62.47
C VAL J 176 20.40 21.93 62.91
N GLY J 177 19.48 21.93 61.93
CA GLY J 177 18.09 21.71 62.26
C GLY J 177 17.18 22.08 61.10
N PHE J 178 15.88 22.11 61.41
CA PHE J 178 14.85 22.42 60.43
C PHE J 178 14.83 23.92 60.12
N ASP J 179 14.50 24.22 58.86
CA ASP J 179 14.35 25.61 58.42
C ASP J 179 13.28 26.34 59.21
N THR J 180 13.58 27.57 59.62
CA THR J 180 12.70 28.38 60.47
C THR J 180 11.77 29.29 59.67
N THR J 181 11.86 29.29 58.34
CA THR J 181 11.05 30.19 57.52
C THR J 181 9.55 29.98 57.66
N PRO J 182 9.00 28.77 57.71
CA PRO J 182 7.54 28.64 57.86
C PRO J 182 6.98 29.25 59.14
N PHE J 183 7.77 29.34 60.21
CA PHE J 183 7.30 29.95 61.44
C PHE J 183 7.44 31.47 61.44
N MET J 184 8.20 32.02 60.49
CA MET J 184 8.20 33.48 60.34
C MET J 184 7.04 33.97 59.49
N TYR J 185 6.53 33.11 58.60
CA TYR J 185 5.31 33.41 57.86
C TYR J 185 4.04 33.12 58.66
N ASN J 186 4.16 32.48 59.83
CA ASN J 186 3.06 32.28 60.77
C ASN J 186 1.98 31.33 60.24
N ALA J 187 2.39 30.20 59.67
CA ALA J 187 1.44 29.21 59.19
C ALA J 187 0.85 28.39 60.34
N MET J 188 -0.34 27.83 60.11
CA MET J 188 -0.98 27.02 61.14
C MET J 188 -0.54 25.55 61.11
N ALA J 189 -0.16 25.01 59.95
CA ALA J 189 0.34 23.65 59.83
C ALA J 189 1.22 23.55 58.60
N GLY J 190 1.98 22.47 58.50
CA GLY J 190 2.84 22.31 57.34
C GLY J 190 3.54 20.97 57.32
N ALA J 191 4.35 20.78 56.29
CA ALA J 191 5.05 19.53 56.03
C ALA J 191 6.51 19.77 55.65
N TYR J 192 7.35 18.78 55.93
CA TYR J 192 8.71 18.68 55.43
C TYR J 192 8.82 17.32 54.73
N PRO J 193 8.25 17.19 53.53
CA PRO J 193 7.95 15.84 53.00
C PRO J 193 9.17 14.96 52.77
N SER J 194 10.36 15.50 52.53
CA SER J 194 11.51 14.66 52.27
C SER J 194 12.11 14.05 53.53
N TYR J 195 11.70 14.49 54.71
CA TYR J 195 12.22 13.96 55.97
C TYR J 195 11.14 13.27 56.78
N SER J 196 10.03 12.89 56.15
CA SER J 196 8.94 12.16 56.80
C SER J 196 8.38 12.89 58.02
N THR J 197 8.21 14.21 57.90
CA THR J 197 7.81 15.03 59.03
C THR J 197 6.56 15.84 58.71
N ASN J 198 5.63 15.88 59.66
CA ASN J 198 4.49 16.79 59.65
C ASN J 198 4.41 17.49 60.99
N TRP J 199 3.89 18.71 60.99
CA TRP J 199 3.72 19.47 62.23
C TRP J 199 2.38 20.18 62.18
N ALA J 200 1.83 20.51 63.34
CA ALA J 200 0.57 21.21 63.39
C ALA J 200 0.42 21.96 64.70
N ASP J 201 -0.40 23.01 64.66
CA ASP J 201 -0.83 23.71 65.86
C ASP J 201 -1.79 22.86 66.68
N GLU J 202 -1.74 23.05 68.00
CA GLU J 202 -2.63 22.33 68.91
C GLU J 202 -4.11 22.49 68.55
N GLN J 203 -4.49 23.65 68.04
CA GLN J 203 -5.89 23.96 67.82
C GLN J 203 -6.51 23.19 66.64
N VAL J 204 -5.70 22.58 65.78
CA VAL J 204 -6.24 21.92 64.58
C VAL J 204 -5.92 20.42 64.56
N LEU J 205 -5.61 19.83 65.72
CA LEU J 205 -5.31 18.41 65.77
C LEU J 205 -6.52 17.53 65.45
N LYS J 206 -7.74 18.06 65.48
CA LYS J 206 -8.94 17.30 65.15
C LYS J 206 -9.47 17.64 63.75
N ALA J 207 -8.61 18.02 62.84
CA ALA J 207 -8.97 18.25 61.45
C ALA J 207 -9.09 16.92 60.72
N LYS J 208 -9.31 16.97 59.42
CA LYS J 208 -9.59 15.78 58.62
C LYS J 208 -8.55 15.52 57.54
N ASN J 209 -8.03 16.53 56.86
CA ASN J 209 -7.26 16.31 55.63
C ASN J 209 -5.86 16.94 55.65
N ILE J 210 -5.26 17.16 56.81
CA ILE J 210 -3.88 17.59 56.89
C ILE J 210 -3.01 16.40 57.29
N GLY J 211 -1.70 16.61 57.30
CA GLY J 211 -0.77 15.52 57.54
C GLY J 211 -0.86 14.88 58.90
N LEU J 212 -1.11 15.69 59.94
CA LEU J 212 -1.09 15.22 61.33
C LEU J 212 -2.41 15.59 62.02
N CYS J 213 -3.38 14.68 62.03
CA CYS J 213 -4.70 14.95 62.57
C CYS J 213 -5.44 13.64 62.78
N SER J 214 -6.64 13.74 63.39
CA SER J 214 -7.49 12.58 63.63
C SER J 214 -8.89 13.06 63.95
N THR J 215 -9.90 12.49 63.28
CA THR J 215 -11.28 12.91 63.51
C THR J 215 -12.19 11.68 63.55
N ASP J 216 -13.50 11.92 63.62
CA ASP J 216 -14.52 10.89 63.87
C ASP J 216 -15.59 10.91 62.77
N LEU J 217 -16.36 9.82 62.72
CA LEU J 217 -17.54 9.72 61.87
C LEU J 217 -18.76 10.29 62.61
N THR J 218 -19.59 11.03 61.88
CA THR J 218 -20.71 11.71 62.52
C THR J 218 -21.79 11.98 61.48
N GLU J 219 -23.02 12.19 61.98
CA GLU J 219 -24.14 12.55 61.13
C GLU J 219 -24.36 14.05 61.05
N GLY J 220 -24.09 14.78 62.14
CA GLY J 220 -24.14 16.23 62.09
C GLY J 220 -25.44 16.87 62.52
N ARG J 221 -25.36 17.86 63.39
CA ARG J 221 -26.52 18.59 63.86
C ARG J 221 -26.62 19.95 63.18
N ARG J 222 -27.85 20.45 63.07
CA ARG J 222 -28.10 21.81 62.61
C ARG J 222 -28.04 22.82 63.74
N GLY J 223 -27.85 22.37 64.97
CA GLY J 223 -27.67 23.26 66.10
C GLY J 223 -26.85 22.64 67.21
N LYS J 224 -25.77 23.31 67.61
CA LYS J 224 -24.91 22.87 68.72
C LYS J 224 -24.64 24.09 69.59
N LEU J 225 -25.52 24.32 70.55
CA LEU J 225 -25.42 25.50 71.40
C LEU J 225 -24.17 25.43 72.27
N SER J 226 -23.56 26.59 72.50
CA SER J 226 -22.46 26.72 73.43
C SER J 226 -22.64 27.99 74.25
N ILE J 227 -22.08 27.98 75.46
CA ILE J 227 -22.10 29.20 76.26
C ILE J 227 -20.80 29.99 76.06
N MET J 228 -19.73 29.31 75.64
CA MET J 228 -18.46 29.97 75.38
C MET J 228 -18.32 30.19 73.87
N ARG J 229 -18.03 31.42 73.48
CA ARG J 229 -17.89 31.81 72.08
C ARG J 229 -16.45 32.21 71.82
N GLY J 230 -15.78 31.46 70.93
CA GLY J 230 -14.45 31.81 70.50
C GLY J 230 -14.43 32.84 69.38
N LYS J 231 -14.94 32.44 68.21
CA LYS J 231 -15.02 33.30 67.02
C LYS J 231 -13.66 33.81 66.56
N LYS J 232 -12.57 33.23 67.05
CA LYS J 232 -11.23 33.67 66.67
C LYS J 232 -10.32 32.45 66.63
N LEU J 233 -9.72 32.20 65.47
CA LEU J 233 -8.82 31.06 65.26
C LEU J 233 -7.50 31.58 64.70
N GLU J 234 -6.49 31.68 65.56
CA GLU J 234 -5.17 32.20 65.21
C GLU J 234 -4.09 31.33 65.84
N PRO J 235 -2.89 31.32 65.25
CA PRO J 235 -1.80 30.52 65.81
C PRO J 235 -1.51 30.88 67.26
N CYS J 236 -1.23 29.85 68.05
N CYS J 236 -1.22 29.86 68.04
CA CYS J 236 -0.85 29.94 69.45
CA CYS J 236 -0.82 29.99 69.44
C CYS J 236 0.53 29.31 69.63
C CYS J 236 0.54 29.32 69.62
N ASP J 237 1.10 29.48 70.82
CA ASP J 237 2.52 29.18 71.02
C ASP J 237 2.86 27.70 70.82
N ARG J 238 2.02 26.78 71.28
CA ARG J 238 2.41 25.37 71.34
C ARG J 238 2.13 24.65 70.03
N VAL J 239 3.12 23.88 69.56
CA VAL J 239 3.12 23.21 68.27
C VAL J 239 3.65 21.79 68.47
N LEU J 240 3.13 20.84 67.68
CA LEU J 240 3.51 19.43 67.78
C LEU J 240 4.22 18.99 66.50
N PHE J 241 5.36 18.34 66.66
CA PHE J 241 6.14 17.79 65.56
C PHE J 241 6.06 16.26 65.57
N SER J 242 6.00 15.65 64.40
CA SER J 242 6.00 14.20 64.27
C SER J 242 7.05 13.80 63.24
N VAL J 243 8.20 13.34 63.70
CA VAL J 243 9.28 12.88 62.83
C VAL J 243 9.16 11.37 62.74
N GLY J 244 8.70 10.87 61.61
CA GLY J 244 8.26 9.49 61.53
C GLY J 244 7.11 9.26 62.49
N SER J 245 7.33 8.41 63.50
CA SER J 245 6.35 8.18 64.56
C SER J 245 6.80 8.69 65.92
N THR J 246 7.85 9.51 65.98
CA THR J 246 8.30 10.12 67.23
C THR J 246 7.69 11.51 67.38
N LEU J 247 7.18 11.82 68.56
CA LEU J 247 6.50 13.06 68.83
C LEU J 247 7.40 14.02 69.61
N TYR J 248 7.34 15.31 69.26
CA TYR J 248 8.09 16.39 69.90
C TYR J 248 7.20 17.62 70.05
N PRO J 249 6.97 18.11 71.26
CA PRO J 249 6.35 19.44 71.42
C PRO J 249 7.38 20.55 71.42
N GLU J 250 7.03 21.67 70.77
CA GLU J 250 7.92 22.82 70.65
C GLU J 250 7.16 24.11 70.88
N SER J 251 7.90 25.22 70.89
CA SER J 251 7.38 26.56 71.10
C SER J 251 7.66 27.44 69.90
N ARG J 252 6.68 28.27 69.51
CA ARG J 252 6.87 29.20 68.40
C ARG J 252 7.94 30.23 68.71
N LYS J 253 7.93 30.77 69.92
CA LYS J 253 8.85 31.85 70.27
C LYS J 253 10.31 31.40 70.22
N LEU J 254 10.59 30.19 70.70
CA LEU J 254 11.96 29.71 70.70
C LEU J 254 12.42 29.27 69.32
N LEU J 255 11.50 28.83 68.46
CA LEU J 255 11.85 28.50 67.09
C LEU J 255 12.18 29.75 66.29
N LYS J 256 11.40 30.82 66.48
CA LYS J 256 11.60 32.05 65.74
C LYS J 256 12.88 32.77 66.14
N SER J 257 13.38 32.53 67.36
CA SER J 257 14.56 33.23 67.84
C SER J 257 15.85 32.73 67.19
N TRP J 258 15.82 31.61 66.47
CA TRP J 258 16.97 31.18 65.70
C TRP J 258 16.92 31.65 64.25
N HIS J 259 15.96 32.52 63.92
CA HIS J 259 15.89 33.17 62.61
C HIS J 259 16.52 34.56 62.76
N LEU J 260 17.87 34.60 62.78
CA LEU J 260 18.75 35.71 63.11
C LEU J 260 19.10 36.55 61.89
N PRO J 261 19.31 37.84 62.07
CA PRO J 261 19.66 38.73 60.94
C PRO J 261 21.13 38.60 60.56
N SER J 262 21.52 39.36 59.53
CA SER J 262 22.89 39.35 59.05
C SER J 262 23.87 39.87 60.10
N VAL J 263 23.49 40.93 60.81
CA VAL J 263 24.36 41.55 61.81
C VAL J 263 23.52 41.87 63.05
N PHE J 264 24.02 41.51 64.22
CA PHE J 264 23.35 41.85 65.48
C PHE J 264 24.40 42.04 66.57
N HIS J 265 24.02 42.81 67.60
CA HIS J 265 24.90 43.14 68.71
C HIS J 265 24.37 42.55 70.01
N LEU J 266 25.28 42.01 70.82
CA LEU J 266 24.97 41.54 72.18
C LEU J 266 25.58 42.52 73.17
N LYS J 267 24.74 43.13 74.00
CA LYS J 267 25.16 44.20 74.90
C LYS J 267 24.99 43.76 76.35
N GLY J 268 26.04 43.19 76.92
CA GLY J 268 26.05 42.84 78.33
C GLY J 268 27.19 43.51 79.08
N LYS J 269 27.76 42.81 80.07
CA LYS J 269 28.99 43.27 80.69
C LYS J 269 30.20 43.09 79.77
N LEU J 270 30.03 42.39 78.66
CA LEU J 270 31.07 42.27 77.64
C LEU J 270 30.36 42.33 76.30
N SER J 271 30.57 43.41 75.56
CA SER J 271 29.85 43.63 74.31
C SER J 271 30.45 42.80 73.18
N PHE J 272 29.57 42.36 72.26
CA PHE J 272 29.98 41.56 71.12
C PHE J 272 29.25 42.03 69.87
N THR J 273 29.83 41.71 68.72
CA THR J 273 29.26 42.00 67.41
C THR J 273 29.27 40.70 66.60
N CYS J 274 28.13 40.35 66.00
CA CYS J 274 27.92 39.01 65.51
C CYS J 274 27.33 39.00 64.11
N ARG J 275 27.65 37.94 63.37
CA ARG J 275 27.15 37.68 62.03
C ARG J 275 26.49 36.31 61.98
N CYS J 276 25.58 36.13 61.03
CA CYS J 276 24.89 34.86 60.84
C CYS J 276 24.71 34.60 59.35
N ASP J 277 25.26 33.49 58.86
CA ASP J 277 25.15 33.10 57.47
C ASP J 277 24.65 31.66 57.37
N THR J 278 23.93 31.36 56.29
CA THR J 278 23.43 30.03 56.02
C THR J 278 24.36 29.37 55.00
N VAL J 279 24.92 28.22 55.38
CA VAL J 279 26.00 27.60 54.64
C VAL J 279 25.53 26.41 53.82
N VAL J 280 24.57 25.64 54.31
CA VAL J 280 23.99 24.52 53.58
C VAL J 280 22.47 24.65 53.62
N SER J 281 21.81 24.07 52.62
CA SER J 281 20.35 24.15 52.52
C SER J 281 19.87 23.04 51.61
N CYS J 282 19.06 22.12 52.15
CA CYS J 282 18.60 20.96 51.38
C CYS J 282 17.15 20.63 51.77
N GLU J 283 16.20 21.16 51.00
CA GLU J 283 14.79 20.75 51.03
C GLU J 283 14.12 20.94 52.40
N GLY J 284 14.58 21.88 53.20
CA GLY J 284 14.01 22.14 54.50
C GLY J 284 14.94 21.89 55.67
N TYR J 285 16.18 21.49 55.45
CA TYR J 285 17.14 21.26 56.51
C TYR J 285 18.35 22.15 56.23
N VAL J 286 18.85 22.86 57.26
CA VAL J 286 19.88 23.87 57.04
C VAL J 286 21.02 23.74 58.03
N VAL J 287 22.16 24.33 57.67
CA VAL J 287 23.31 24.55 58.56
C VAL J 287 23.59 26.05 58.60
N LYS J 288 23.64 26.60 59.80
CA LYS J 288 23.98 28.00 60.00
C LYS J 288 25.36 28.11 60.65
N ARG J 289 26.02 29.24 60.41
CA ARG J 289 27.32 29.55 61.00
C ARG J 289 27.28 30.95 61.59
N ILE J 290 27.71 31.07 62.84
CA ILE J 290 27.67 32.34 63.57
C ILE J 290 29.08 32.65 64.07
N THR J 291 29.65 33.75 63.57
CA THR J 291 30.91 34.27 64.06
C THR J 291 30.65 35.39 65.05
N MET J 292 31.54 35.52 66.04
CA MET J 292 31.35 36.47 67.13
C MET J 292 32.71 37.09 67.45
N SER J 293 32.68 38.31 67.99
CA SER J 293 33.90 39.08 68.20
C SER J 293 33.65 40.16 69.24
N PRO J 294 34.66 40.53 70.02
CA PRO J 294 34.45 41.48 71.12
C PRO J 294 34.39 42.93 70.66
N GLY J 295 33.66 43.73 71.43
CA GLY J 295 33.50 45.14 71.11
C GLY J 295 32.46 45.38 70.05
N LEU J 296 31.66 46.44 70.19
CA LEU J 296 30.54 46.70 69.30
C LEU J 296 30.93 47.73 68.24
N TYR J 297 30.73 47.36 66.98
CA TYR J 297 31.11 48.20 65.85
C TYR J 297 30.30 47.81 64.63
N GLY J 298 30.24 48.71 63.66
CA GLY J 298 29.42 48.50 62.49
C GLY J 298 28.01 49.01 62.70
N LYS J 299 27.15 48.74 61.72
CA LYS J 299 25.76 49.15 61.77
C LYS J 299 24.85 48.00 61.40
N THR J 300 23.66 48.00 61.99
CA THR J 300 22.67 46.95 61.78
C THR J 300 21.46 47.50 61.03
N THR J 301 20.86 46.64 60.21
CA THR J 301 19.60 46.96 59.55
C THR J 301 18.41 46.22 60.12
N GLY J 302 18.60 45.00 60.62
CA GLY J 302 17.50 44.21 61.11
C GLY J 302 16.73 43.45 60.06
N TYR J 303 17.40 42.95 59.03
CA TYR J 303 16.77 42.18 57.97
C TYR J 303 17.40 40.79 57.91
N ALA J 304 16.56 39.78 57.76
CA ALA J 304 17.00 38.40 57.54
C ALA J 304 16.53 37.93 56.18
N VAL J 305 17.40 37.21 55.47
CA VAL J 305 17.16 36.84 54.08
C VAL J 305 17.23 35.33 53.94
N THR J 306 16.29 34.76 53.20
CA THR J 306 16.26 33.34 52.87
C THR J 306 16.33 33.18 51.36
N HIS J 307 17.27 32.38 50.88
CA HIS J 307 17.37 32.05 49.46
C HIS J 307 16.69 30.72 49.18
N HIS J 308 15.83 30.68 48.16
CA HIS J 308 15.00 29.53 47.88
C HIS J 308 15.57 28.76 46.68
N ALA J 309 16.11 27.57 46.94
CA ALA J 309 16.56 26.71 45.86
C ALA J 309 15.43 25.86 45.29
N ASP J 310 14.43 25.53 46.10
CA ASP J 310 13.19 24.94 45.64
C ASP J 310 12.04 25.92 45.88
N GLY J 311 10.86 25.56 45.44
CA GLY J 311 9.69 26.39 45.66
C GLY J 311 9.16 26.29 47.09
N PHE J 312 8.61 27.39 47.58
CA PHE J 312 7.97 27.46 48.89
C PHE J 312 6.56 27.99 48.69
N LEU J 313 5.58 27.27 49.22
CA LEU J 313 4.16 27.60 49.05
C LEU J 313 3.48 27.82 50.39
N MET J 314 2.40 28.59 50.36
CA MET J 314 1.59 28.86 51.54
C MET J 314 0.23 29.38 51.09
N CYS J 315 -0.84 28.66 51.42
CA CYS J 315 -2.16 28.99 50.90
C CYS J 315 -3.24 28.81 51.95
N LYS J 316 -4.43 29.25 51.60
CA LYS J 316 -5.62 29.09 52.42
C LYS J 316 -6.36 27.82 52.06
N THR J 317 -6.72 27.01 53.07
CA THR J 317 -7.50 25.79 52.87
C THR J 317 -8.74 25.82 53.74
N THR J 318 -9.74 25.07 53.33
CA THR J 318 -10.97 24.87 54.10
C THR J 318 -11.04 23.42 54.54
N ASP J 319 -11.36 23.20 55.81
CA ASP J 319 -11.45 21.87 56.38
C ASP J 319 -12.53 21.88 57.45
N THR J 320 -12.78 20.72 58.04
CA THR J 320 -13.67 20.58 59.18
C THR J 320 -12.83 20.21 60.40
N VAL J 321 -12.99 20.97 61.47
CA VAL J 321 -12.25 20.73 62.72
C VAL J 321 -13.28 20.42 63.79
N ASP J 322 -13.31 19.16 64.24
CA ASP J 322 -14.28 18.66 65.22
C ASP J 322 -15.72 18.88 64.76
N GLY J 323 -15.98 18.78 63.47
CA GLY J 323 -17.31 18.95 62.93
C GLY J 323 -17.60 20.32 62.34
N GLU J 324 -16.82 21.34 62.68
CA GLU J 324 -17.10 22.71 62.27
C GLU J 324 -16.20 23.13 61.12
N ARG J 325 -16.80 23.66 60.06
CA ARG J 325 -16.07 24.10 58.88
C ARG J 325 -15.36 25.44 59.13
N VAL J 326 -14.06 25.50 58.82
CA VAL J 326 -13.21 26.65 59.11
C VAL J 326 -12.16 26.80 58.00
N SER J 327 -11.36 27.87 58.08
CA SER J 327 -10.29 28.14 57.13
C SER J 327 -9.00 28.53 57.85
N PHE J 328 -7.86 28.06 57.34
CA PHE J 328 -6.55 28.39 57.90
C PHE J 328 -5.49 28.11 56.83
N SER J 329 -4.22 28.36 57.17
CA SER J 329 -3.13 28.35 56.21
C SER J 329 -2.18 27.16 56.43
N VAL J 330 -1.69 26.60 55.32
CA VAL J 330 -0.82 25.43 55.28
C VAL J 330 0.36 25.75 54.36
N CYS J 331 1.54 25.20 54.70
CA CYS J 331 2.76 25.44 53.92
C CYS J 331 3.44 24.13 53.54
N THR J 332 4.24 24.16 52.48
CA THR J 332 4.96 22.98 52.00
C THR J 332 6.08 23.41 51.05
N TYR J 333 6.91 22.44 50.67
CA TYR J 333 8.02 22.61 49.74
C TYR J 333 7.76 21.83 48.46
N VAL J 334 8.13 22.42 47.32
CA VAL J 334 7.89 21.82 46.01
C VAL J 334 9.22 21.73 45.27
N PRO J 335 9.56 20.61 44.65
CA PRO J 335 10.84 20.50 43.94
C PRO J 335 10.93 21.40 42.72
N ALA J 336 12.17 21.81 42.41
CA ALA J 336 12.41 22.83 41.40
C ALA J 336 12.01 22.37 40.01
N THR J 337 12.22 21.09 39.69
CA THR J 337 11.84 20.58 38.38
C THR J 337 10.33 20.69 38.15
N ILE J 338 9.52 20.42 39.17
CA ILE J 338 8.08 20.55 39.03
C ILE J 338 7.67 22.00 38.80
N CYS J 339 8.29 22.92 39.54
CA CYS J 339 7.95 24.34 39.40
C CYS J 339 8.27 24.86 38.00
N ASP J 340 9.41 24.44 37.44
CA ASP J 340 9.81 24.89 36.11
C ASP J 340 8.83 24.42 35.04
N GLN J 341 8.30 23.20 35.18
CA GLN J 341 7.41 22.64 34.16
C GLN J 341 5.99 23.16 34.25
N MET J 342 5.65 23.96 35.25
CA MET J 342 4.32 24.57 35.32
C MET J 342 4.31 26.03 34.85
N THR J 343 5.44 26.54 34.35
CA THR J 343 5.52 27.95 33.97
C THR J 343 4.55 28.29 32.85
N GLY J 344 4.47 27.44 31.83
CA GLY J 344 3.55 27.66 30.73
C GLY J 344 2.09 27.60 31.09
N ILE J 345 1.72 26.63 31.94
CA ILE J 345 0.31 26.41 32.31
C ILE J 345 -0.24 27.58 33.09
N LEU J 346 0.56 28.20 33.96
CA LEU J 346 0.03 29.22 34.86
C LEU J 346 -0.11 30.58 34.19
N ALA J 347 0.14 30.67 32.88
CA ALA J 347 -0.10 31.91 32.15
C ALA J 347 -1.59 32.25 32.06
N THR J 348 -2.44 31.25 32.01
CA THR J 348 -3.88 31.41 31.97
C THR J 348 -4.53 30.96 33.28
N GLU J 349 -5.84 31.00 33.33
CA GLU J 349 -6.61 30.57 34.50
C GLU J 349 -6.97 29.11 34.36
N VAL J 350 -6.61 28.32 35.36
CA VAL J 350 -6.79 26.88 35.36
C VAL J 350 -7.60 26.49 36.60
N THR J 351 -8.45 25.49 36.46
CA THR J 351 -9.23 25.00 37.60
C THR J 351 -8.37 24.10 38.49
N PRO J 352 -8.74 23.98 39.77
CA PRO J 352 -8.00 23.05 40.64
C PRO J 352 -8.01 21.62 40.14
N GLU J 353 -9.11 21.17 39.53
CA GLU J 353 -9.19 19.80 39.04
C GLU J 353 -8.19 19.57 37.90
N ASP J 354 -8.09 20.52 36.98
CA ASP J 354 -7.18 20.36 35.85
C ASP J 354 -5.72 20.50 36.26
N ALA J 355 -5.43 21.35 37.25
CA ALA J 355 -4.08 21.41 37.79
C ALA J 355 -3.67 20.08 38.43
N GLN J 356 -4.61 19.42 39.12
CA GLN J 356 -4.29 18.15 39.77
C GLN J 356 -3.93 17.07 38.77
N LYS J 357 -4.67 16.97 37.66
CA LYS J 357 -4.38 15.96 36.65
C LYS J 357 -3.02 16.22 35.99
N LEU J 358 -2.70 17.47 35.72
CA LEU J 358 -1.40 17.79 35.14
C LEU J 358 -0.26 17.42 36.09
N LEU J 359 -0.43 17.70 37.38
CA LEU J 359 0.61 17.40 38.36
C LEU J 359 0.84 15.90 38.51
N VAL J 360 -0.22 15.10 38.45
CA VAL J 360 -0.07 13.65 38.53
C VAL J 360 0.71 13.13 37.33
N GLY J 361 0.44 13.66 36.14
CA GLY J 361 1.19 13.26 34.96
C GLY J 361 2.67 13.59 35.06
N LEU J 362 2.99 14.78 35.57
CA LEU J 362 4.40 15.17 35.71
C LEU J 362 5.12 14.41 36.79
N ASN J 363 4.39 13.76 37.70
CA ASN J 363 4.97 13.12 38.86
C ASN J 363 5.43 11.68 38.61
N GLN J 364 4.87 11.00 37.62
CA GLN J 364 5.19 9.59 37.38
C GLN J 364 6.60 9.36 36.86
N ARG J 365 7.43 10.40 36.78
CA ARG J 365 8.80 10.24 36.30
C ARG J 365 9.65 9.45 37.30
N THR J 376 7.93 5.21 40.77
CA THR J 376 8.58 6.19 41.62
C THR J 376 8.04 7.59 41.33
N ASN J 377 7.88 8.38 42.39
CA ASN J 377 7.31 9.72 42.29
C ASN J 377 8.35 10.77 42.70
N THR J 378 8.24 11.96 42.11
CA THR J 378 9.12 13.06 42.50
C THR J 378 8.70 13.65 43.85
N MET J 379 7.40 13.82 44.06
CA MET J 379 6.87 14.33 45.32
C MET J 379 5.82 13.36 45.86
N LYS J 380 5.59 13.45 47.17
CA LYS J 380 4.59 12.62 47.84
C LYS J 380 3.18 12.98 47.38
N ASN J 381 2.34 11.96 47.22
CA ASN J 381 1.02 12.15 46.63
C ASN J 381 0.02 12.80 47.58
N TYR J 382 0.23 12.72 48.89
CA TYR J 382 -0.75 13.28 49.81
C TYR J 382 -0.71 14.80 49.88
N MET J 383 0.34 15.43 49.36
CA MET J 383 0.39 16.88 49.32
C MET J 383 -0.10 17.45 47.98
N ILE J 384 -0.35 16.59 46.99
CA ILE J 384 -0.71 17.08 45.65
C ILE J 384 -2.01 17.88 45.63
N PRO J 385 -3.10 17.46 46.26
CA PRO J 385 -4.34 18.27 46.17
C PRO J 385 -4.23 19.68 46.71
N VAL J 386 -3.44 19.93 47.76
CA VAL J 386 -3.34 21.27 48.29
C VAL J 386 -2.39 22.13 47.45
N VAL J 387 -1.40 21.50 46.82
CA VAL J 387 -0.51 22.22 45.91
C VAL J 387 -1.27 22.64 44.64
N ALA J 388 -2.12 21.76 44.12
CA ALA J 388 -2.88 22.09 42.92
C ALA J 388 -3.87 23.22 43.18
N GLN J 389 -4.38 23.31 44.39
CA GLN J 389 -5.30 24.38 44.75
C GLN J 389 -4.59 25.71 44.94
N ALA J 390 -3.37 25.71 45.47
CA ALA J 390 -2.60 26.95 45.60
C ALA J 390 -2.22 27.51 44.24
N PHE J 391 -1.79 26.65 43.31
CA PHE J 391 -1.34 27.10 41.99
C PHE J 391 -2.46 27.80 41.23
N SER J 392 -3.70 27.30 41.34
CA SER J 392 -4.78 27.91 40.58
C SER J 392 -5.26 29.22 41.20
N LYS J 393 -5.16 29.37 42.51
CA LYS J 393 -5.48 30.66 43.13
C LYS J 393 -4.43 31.72 42.82
N TRP J 394 -3.16 31.30 42.70
CA TRP J 394 -2.09 32.23 42.34
C TRP J 394 -2.27 32.76 40.92
N ALA J 395 -2.61 31.87 39.98
CA ALA J 395 -2.81 32.29 38.60
C ALA J 395 -4.01 33.22 38.45
N LYS J 396 -5.02 33.06 39.30
CA LYS J 396 -6.19 33.94 39.22
C LYS J 396 -5.88 35.33 39.76
N GLU J 397 -5.10 35.42 40.84
CA GLU J 397 -4.75 36.72 41.40
C GLU J 397 -3.75 37.49 40.53
N CYS J 398 -2.99 36.81 39.68
CA CYS J 398 -2.11 37.50 38.75
C CYS J 398 -2.90 38.16 37.62
N ARG J 399 -3.97 37.51 37.15
CA ARG J 399 -4.81 38.08 36.10
C ARG J 399 -5.50 39.35 36.59
N LYS J 400 -5.95 39.37 37.84
CA LYS J 400 -6.69 40.52 38.36
C LYS J 400 -5.80 41.74 38.48
N ASP J 401 -4.53 41.55 38.82
CA ASP J 401 -3.58 42.66 38.86
C ASP J 401 -3.44 43.29 37.48
N MET J 402 -3.31 42.45 36.45
CA MET J 402 -3.07 42.93 35.09
C MET J 402 -4.27 43.69 34.53
N GLU J 403 -5.48 43.38 34.97
CA GLU J 403 -6.68 44.02 34.45
C GLU J 403 -7.14 45.20 35.27
N ASP J 404 -6.46 45.53 36.37
CA ASP J 404 -6.76 46.70 37.18
C ASP J 404 -5.44 47.43 37.38
N GLU J 405 -5.07 48.24 36.40
CA GLU J 405 -3.74 48.83 36.29
C GLU J 405 -3.77 50.30 36.66
N LYS J 406 -2.79 50.74 37.43
CA LYS J 406 -2.76 52.08 37.99
C LYS J 406 -1.81 52.98 37.21
N LEU J 407 -1.66 54.20 37.69
CA LEU J 407 -0.75 55.17 37.10
C LEU J 407 0.61 55.09 37.79
N LEU J 408 1.67 55.40 37.03
CA LEU J 408 3.01 55.32 37.57
C LEU J 408 3.21 56.38 38.65
N GLY J 409 3.82 55.97 39.77
CA GLY J 409 4.23 56.94 40.77
C GLY J 409 3.13 57.51 41.60
N VAL J 410 1.92 56.96 41.53
CA VAL J 410 0.74 57.55 42.16
C VAL J 410 0.01 56.46 42.94
N ARG J 411 -0.16 56.70 44.23
CA ARG J 411 -1.12 55.98 45.05
C ARG J 411 -2.40 56.78 44.95
N GLU J 412 -3.53 56.14 44.65
CA GLU J 412 -4.79 56.87 44.67
C GLU J 412 -5.58 56.54 45.94
N ARG J 413 -5.20 57.24 47.00
CA ARG J 413 -5.91 57.21 48.28
C ARG J 413 -7.00 58.27 48.36
N THR J 414 -7.26 58.96 47.26
CA THR J 414 -8.29 60.01 47.20
C THR J 414 -8.07 61.09 48.26
N CYS J 419 -11.00 61.73 49.66
CA CYS J 419 -11.06 62.99 50.39
C CYS J 419 -10.46 62.82 51.78
N LEU J 420 -10.76 61.68 52.41
CA LEU J 420 -10.08 61.25 53.61
C LEU J 420 -9.25 60.02 53.29
N TRP J 421 -8.09 59.92 53.92
CA TRP J 421 -7.10 58.95 53.48
C TRP J 421 -7.49 57.53 53.88
N ALA J 422 -8.31 56.88 53.05
CA ALA J 422 -8.77 55.53 53.32
C ALA J 422 -8.68 54.74 52.02
N PHE J 423 -7.81 53.75 51.99
CA PHE J 423 -7.59 52.94 50.80
C PHE J 423 -8.14 51.53 51.00
N LYS J 424 -8.35 50.84 49.89
CA LYS J 424 -8.90 49.49 49.88
C LYS J 424 -7.77 48.47 49.80
N LYS J 425 -7.84 47.46 50.66
CA LYS J 425 -6.87 46.37 50.65
C LYS J 425 -7.45 45.19 49.87
N GLN J 426 -6.60 44.56 49.06
CA GLN J 426 -7.01 43.41 48.29
C GLN J 426 -6.80 42.12 49.09
N LYS J 427 -7.45 41.05 48.63
CA LYS J 427 -7.33 39.76 49.27
C LYS J 427 -6.18 38.96 48.65
N THR J 428 -5.39 38.34 49.53
CA THR J 428 -4.27 37.50 49.12
C THR J 428 -4.46 36.12 49.74
N HIS J 429 -4.58 35.10 48.90
CA HIS J 429 -4.79 33.74 49.37
C HIS J 429 -3.61 32.81 49.13
N THR J 430 -2.60 33.22 48.37
CA THR J 430 -1.44 32.37 48.10
C THR J 430 -0.16 33.20 48.16
N VAL J 431 0.86 32.65 48.80
CA VAL J 431 2.22 33.17 48.73
C VAL J 431 3.07 32.10 48.06
N TYR J 432 3.70 32.45 46.95
CA TYR J 432 4.47 31.51 46.13
C TYR J 432 5.86 32.09 45.89
N LYS J 433 6.88 31.47 46.48
CA LYS J 433 8.26 31.86 46.28
C LYS J 433 8.91 30.89 45.31
N ARG J 434 9.15 31.34 44.09
CA ARG J 434 9.73 30.52 43.04
C ARG J 434 11.21 30.29 43.26
N PRO J 435 11.78 29.25 42.68
CA PRO J 435 13.23 29.04 42.76
C PRO J 435 14.01 30.23 42.21
N ASP J 436 15.11 30.56 42.89
CA ASP J 436 16.01 31.69 42.64
C ASP J 436 15.45 33.04 43.10
N THR J 437 14.45 33.06 43.97
CA THR J 437 13.98 34.29 44.61
C THR J 437 14.42 34.29 46.07
N GLN J 438 14.12 35.37 46.78
CA GLN J 438 14.57 35.54 48.16
C GLN J 438 13.49 36.18 49.01
N SER J 439 13.28 35.64 50.22
CA SER J 439 12.44 36.28 51.23
C SER J 439 13.28 37.21 52.09
N ILE J 440 12.64 38.25 52.61
CA ILE J 440 13.32 39.22 53.46
C ILE J 440 12.38 39.64 54.58
N GLN J 441 12.85 39.52 55.82
CA GLN J 441 12.03 39.70 57.02
C GLN J 441 12.69 40.68 57.97
N LYS J 442 11.89 41.53 58.60
CA LYS J 442 12.37 42.51 59.57
C LYS J 442 12.29 41.93 60.97
N VAL J 443 13.44 41.71 61.61
CA VAL J 443 13.51 41.11 62.94
C VAL J 443 14.33 42.00 63.86
N GLN J 444 14.40 41.61 65.13
CA GLN J 444 15.10 42.39 66.14
C GLN J 444 16.59 42.08 66.12
N ALA J 445 17.41 43.11 66.30
CA ALA J 445 18.85 42.98 66.14
C ALA J 445 19.70 43.56 67.28
N GLU J 446 19.10 44.13 68.31
CA GLU J 446 19.83 44.65 69.46
C GLU J 446 19.37 43.91 70.73
N PHE J 447 20.30 43.23 71.38
CA PHE J 447 19.98 42.35 72.51
C PHE J 447 20.74 42.81 73.74
N ASP J 448 20.02 43.10 74.82
CA ASP J 448 20.66 43.52 76.07
C ASP J 448 20.17 42.76 77.30
N SER J 449 18.93 42.29 77.30
CA SER J 449 18.37 41.57 78.43
C SER J 449 18.58 40.07 78.25
N PHE J 450 19.18 39.44 79.26
CA PHE J 450 19.54 38.02 79.22
C PHE J 450 19.12 37.41 80.55
N VAL J 451 17.88 36.95 80.62
CA VAL J 451 17.31 36.43 81.85
C VAL J 451 17.91 35.08 82.21
N GLY J 459 18.56 15.96 89.18
CA GLY J 459 18.28 14.97 88.15
C GLY J 459 18.78 13.58 88.50
N LEU J 460 20.11 13.42 88.48
CA LEU J 460 20.70 12.12 88.76
C LEU J 460 20.38 11.67 90.18
N SER J 461 20.12 10.37 90.35
CA SER J 461 19.79 9.82 91.65
C SER J 461 20.39 8.42 91.77
N ILE J 462 20.35 7.89 92.99
CA ILE J 462 21.12 6.68 93.32
C ILE J 462 20.77 5.50 92.43
N PRO J 463 19.49 5.12 92.22
CA PRO J 463 19.22 3.95 91.38
C PRO J 463 19.81 4.07 89.99
N LEU J 464 19.75 5.26 89.38
CA LEU J 464 20.43 5.48 88.12
C LEU J 464 21.94 5.61 88.33
N ARG J 465 22.35 6.30 89.40
CA ARG J 465 23.76 6.44 89.70
C ARG J 465 24.43 5.09 89.90
N THR J 466 23.76 4.21 90.66
CA THR J 466 24.32 2.89 90.91
C THR J 466 24.45 2.08 89.63
N ARG J 467 23.45 2.14 88.74
CA ARG J 467 23.48 1.36 87.52
C ARG J 467 24.63 1.79 86.62
N ILE J 468 24.85 3.10 86.48
CA ILE J 468 25.96 3.58 85.66
C ILE J 468 27.29 3.11 86.24
N LYS J 469 27.45 3.27 87.56
CA LYS J 469 28.72 2.93 88.20
C LYS J 469 29.04 1.44 88.07
N TRP J 470 28.00 0.60 88.02
CA TRP J 470 28.21 -0.84 88.01
C TRP J 470 28.90 -1.30 86.73
N LEU J 471 28.54 -0.72 85.59
CA LEU J 471 29.13 -1.15 84.33
C LEU J 471 30.62 -0.79 84.26
N LEU J 472 30.97 0.44 84.63
CA LEU J 472 32.36 0.86 84.55
C LEU J 472 33.23 0.19 85.62
N SER J 473 32.64 -0.48 86.59
CA SER J 473 33.41 -1.20 87.61
C SER J 473 34.22 -2.33 86.99
N ASP K 2 10.19 -39.59 50.52
CA ASP K 2 9.57 -38.27 50.62
C ASP K 2 8.35 -38.10 49.71
N PRO K 3 8.51 -38.23 48.39
CA PRO K 3 7.38 -37.93 47.50
C PRO K 3 6.24 -38.90 47.68
N VAL K 4 5.04 -38.41 47.41
CA VAL K 4 3.81 -39.20 47.53
C VAL K 4 3.11 -39.21 46.19
N TYR K 5 2.61 -40.38 45.80
CA TYR K 5 2.06 -40.60 44.46
C TYR K 5 0.57 -40.86 44.58
N VAL K 6 -0.21 -40.24 43.70
CA VAL K 6 -1.65 -40.45 43.64
C VAL K 6 -2.00 -41.21 42.37
N ASP K 7 -3.02 -42.04 42.45
CA ASP K 7 -3.47 -42.85 41.32
C ASP K 7 -4.48 -42.12 40.45
N ILE K 8 -4.14 -40.92 40.00
CA ILE K 8 -4.96 -40.15 39.08
C ILE K 8 -4.08 -39.70 37.90
N ASP K 9 -4.68 -38.98 36.98
CA ASP K 9 -4.01 -38.58 35.75
C ASP K 9 -3.08 -37.40 36.01
N ALA K 10 -2.53 -36.83 34.95
CA ALA K 10 -1.59 -35.71 35.05
C ALA K 10 -2.07 -34.44 34.38
N ASP K 11 -3.08 -34.50 33.53
CA ASP K 11 -3.62 -33.32 32.88
C ASP K 11 -4.92 -32.82 33.51
N SER K 12 -5.40 -33.48 34.56
CA SER K 12 -6.65 -33.08 35.18
C SER K 12 -6.45 -31.86 36.07
N ALA K 13 -7.55 -31.13 36.31
CA ALA K 13 -7.51 -29.97 37.18
C ALA K 13 -7.56 -30.33 38.65
N PHE K 14 -7.92 -31.57 39.00
CA PHE K 14 -7.97 -31.95 40.41
C PHE K 14 -6.58 -32.14 41.01
N LEU K 15 -5.56 -32.35 40.18
CA LEU K 15 -4.20 -32.50 40.70
C LEU K 15 -3.74 -31.23 41.41
N LYS K 16 -4.00 -30.07 40.81
CA LYS K 16 -3.60 -28.81 41.44
C LYS K 16 -4.33 -28.59 42.75
N ALA K 17 -5.63 -28.89 42.79
CA ALA K 17 -6.40 -28.74 44.03
C ALA K 17 -5.87 -29.65 45.11
N LEU K 18 -5.56 -30.90 44.76
CA LEU K 18 -4.97 -31.82 45.73
C LEU K 18 -3.63 -31.31 46.23
N GLN K 19 -2.80 -30.77 45.33
CA GLN K 19 -1.53 -30.20 45.74
C GLN K 19 -1.72 -29.08 46.75
N ARG K 20 -2.57 -28.10 46.43
CA ARG K 20 -2.71 -26.95 47.31
C ARG K 20 -3.52 -27.26 48.56
N ALA K 21 -4.18 -28.43 48.63
CA ALA K 21 -4.81 -28.83 49.88
C ALA K 21 -3.81 -29.48 50.84
N TYR K 22 -2.72 -30.04 50.32
CA TYR K 22 -1.66 -30.65 51.11
C TYR K 22 -0.35 -29.98 50.72
N PRO K 23 -0.04 -28.81 51.30
CA PRO K 23 1.10 -28.02 50.82
C PRO K 23 2.44 -28.47 51.38
N MET K 24 2.45 -29.37 52.35
CA MET K 24 3.64 -29.93 52.96
C MET K 24 4.03 -31.28 52.37
N PHE K 25 3.40 -31.70 51.28
CA PHE K 25 3.73 -32.91 50.57
C PHE K 25 4.14 -32.54 49.15
N GLU K 26 4.56 -33.54 48.39
CA GLU K 26 4.84 -33.39 46.96
C GLU K 26 4.09 -34.50 46.24
N VAL K 27 2.87 -34.19 45.85
CA VAL K 27 1.99 -35.16 45.22
C VAL K 27 2.35 -35.27 43.74
N GLU K 28 2.38 -36.50 43.23
CA GLU K 28 2.76 -36.72 41.86
C GLU K 28 1.81 -37.67 41.15
N PRO K 29 1.56 -37.44 39.87
CA PRO K 29 0.68 -38.34 39.10
C PRO K 29 1.38 -39.65 38.77
N ARG K 30 0.69 -40.76 38.97
CA ARG K 30 1.20 -42.05 38.52
C ARG K 30 0.09 -42.90 37.93
N ASP K 36 -15.45 -43.09 38.33
CA ASP K 36 -15.77 -41.79 38.92
C ASP K 36 -15.62 -41.84 40.44
N HIS K 37 -14.48 -42.36 40.91
CA HIS K 37 -14.20 -42.39 42.33
C HIS K 37 -12.74 -42.12 42.64
N ALA K 38 -11.93 -41.77 41.64
CA ALA K 38 -10.51 -41.56 41.87
C ALA K 38 -10.25 -40.30 42.68
N ASN K 39 -11.06 -39.26 42.48
CA ASN K 39 -10.89 -38.03 43.25
C ASN K 39 -11.08 -38.27 44.74
N ALA K 40 -12.12 -39.02 45.10
CA ALA K 40 -12.39 -39.28 46.51
C ALA K 40 -11.36 -40.25 47.11
N ARG K 41 -10.84 -41.17 46.30
CA ARG K 41 -9.83 -42.11 46.81
C ARG K 41 -8.60 -41.36 47.29
N ALA K 42 -8.06 -40.52 46.42
CA ALA K 42 -6.76 -39.90 46.67
C ALA K 42 -6.81 -38.98 47.87
N PHE K 43 -7.94 -38.31 48.08
CA PHE K 43 -8.09 -37.50 49.28
C PHE K 43 -8.03 -38.39 50.51
N SER K 44 -8.64 -39.57 50.45
CA SER K 44 -8.60 -40.48 51.59
C SER K 44 -7.23 -41.11 51.76
N HIS K 45 -6.49 -41.31 50.67
CA HIS K 45 -5.14 -41.84 50.77
C HIS K 45 -4.21 -40.86 51.47
N LEU K 46 -4.24 -39.58 51.07
CA LEU K 46 -3.39 -38.59 51.72
C LEU K 46 -3.84 -38.27 53.15
N ALA K 47 -5.11 -38.45 53.46
CA ALA K 47 -5.57 -38.17 54.82
C ALA K 47 -5.03 -39.20 55.81
N ILE K 48 -4.99 -40.46 55.41
CA ILE K 48 -4.44 -41.50 56.29
C ILE K 48 -2.93 -41.33 56.42
N LYS K 49 -2.25 -40.98 55.33
CA LYS K 49 -0.82 -40.74 55.40
C LYS K 49 -0.48 -39.62 56.37
N LEU K 50 -1.26 -38.54 56.35
CA LEU K 50 -1.03 -37.43 57.27
C LEU K 50 -1.16 -37.85 58.72
N ILE K 51 -2.17 -38.65 59.03
CA ILE K 51 -2.43 -39.01 60.43
C ILE K 51 -1.27 -39.81 60.98
N GLU K 52 -0.75 -40.76 60.19
CA GLU K 52 0.38 -41.56 60.62
C GLU K 52 1.61 -40.69 60.90
N GLN K 53 1.90 -39.75 60.01
CA GLN K 53 3.00 -38.82 60.22
C GLN K 53 2.77 -37.93 61.44
N GLU K 54 1.53 -37.79 61.88
CA GLU K 54 1.18 -36.91 62.98
C GLU K 54 1.26 -37.59 64.35
N ILE K 55 1.47 -38.91 64.40
CA ILE K 55 1.47 -39.64 65.66
C ILE K 55 2.71 -40.51 65.75
N ASP K 56 3.21 -40.66 66.97
CA ASP K 56 4.37 -41.51 67.20
C ASP K 56 4.00 -42.98 66.94
N PRO K 57 4.88 -43.75 66.29
CA PRO K 57 4.57 -45.16 66.03
C PRO K 57 4.48 -45.97 67.32
N ASP K 58 4.17 -47.27 67.18
CA ASP K 58 3.91 -48.14 68.32
C ASP K 58 2.77 -47.60 69.18
N SER K 59 1.73 -47.10 68.51
CA SER K 59 0.52 -46.62 69.17
C SER K 59 -0.66 -47.47 68.71
N THR K 60 -1.59 -47.73 69.63
CA THR K 60 -2.77 -48.53 69.31
C THR K 60 -3.84 -47.65 68.66
N ILE K 61 -4.26 -48.03 67.46
CA ILE K 61 -5.18 -47.23 66.65
C ILE K 61 -6.48 -47.99 66.50
N LEU K 62 -7.59 -47.37 66.92
CA LEU K 62 -8.92 -47.91 66.68
C LEU K 62 -9.42 -47.52 65.30
N ASP K 63 -10.35 -48.32 64.77
CA ASP K 63 -11.04 -48.02 63.51
C ASP K 63 -12.52 -48.25 63.71
N ILE K 64 -13.29 -47.17 63.79
CA ILE K 64 -14.73 -47.28 64.00
C ILE K 64 -15.40 -47.54 62.66
N GLY K 65 -16.22 -48.59 62.60
CA GLY K 65 -16.95 -48.97 61.40
C GLY K 65 -16.08 -49.08 60.18
N SER K 66 -15.18 -50.06 60.17
CA SER K 66 -14.12 -50.13 59.18
C SER K 66 -14.32 -51.31 58.24
N ALA K 67 -13.47 -51.35 57.21
CA ALA K 67 -13.35 -52.50 56.32
C ALA K 67 -11.93 -53.03 56.47
N PRO K 68 -11.72 -54.14 57.19
CA PRO K 68 -10.35 -54.51 57.58
C PRO K 68 -9.42 -54.78 56.43
N ALA K 69 -9.93 -55.07 55.23
CA ALA K 69 -9.06 -55.36 54.10
C ALA K 69 -8.19 -54.16 53.70
N ARG K 70 -8.53 -52.95 54.14
CA ARG K 70 -7.72 -51.79 53.81
C ARG K 70 -6.57 -51.59 54.79
N ARG K 71 -6.75 -51.99 56.05
CA ARG K 71 -5.73 -51.85 57.08
C ARG K 71 -4.81 -53.07 57.19
N MET K 72 -5.01 -54.08 56.35
CA MET K 72 -4.29 -55.34 56.53
C MET K 72 -2.79 -55.18 56.28
N MET K 73 -2.41 -54.39 55.27
CA MET K 73 -1.02 -54.29 54.84
C MET K 73 -0.29 -53.08 55.41
N SER K 74 -0.60 -52.68 56.63
CA SER K 74 0.00 -51.51 57.25
C SER K 74 0.70 -51.90 58.55
N ASP K 75 1.81 -51.22 58.83
CA ASP K 75 2.65 -51.53 59.99
C ASP K 75 2.28 -50.72 61.21
N ARG K 76 1.00 -50.74 61.59
CA ARG K 76 0.54 -50.01 62.77
C ARG K 76 -0.46 -50.88 63.53
N LYS K 77 -0.59 -50.58 64.82
CA LYS K 77 -1.46 -51.36 65.72
C LYS K 77 -2.91 -50.99 65.47
N TYR K 78 -3.45 -51.51 64.38
CA TYR K 78 -4.85 -51.27 64.03
C TYR K 78 -5.74 -52.32 64.69
N HIS K 79 -6.84 -51.85 65.29
CA HIS K 79 -7.86 -52.73 65.88
C HIS K 79 -9.19 -52.40 65.20
N CYS K 80 -9.54 -53.19 64.18
CA CYS K 80 -10.73 -52.91 63.39
C CYS K 80 -12.00 -53.32 64.12
N VAL K 81 -13.02 -52.49 64.00
CA VAL K 81 -14.33 -52.72 64.63
C VAL K 81 -15.36 -52.87 63.52
N CYS K 82 -16.05 -54.00 63.47
CA CYS K 82 -16.90 -54.36 62.33
C CYS K 82 -18.23 -54.95 62.80
N PRO K 83 -19.18 -54.11 63.19
CA PRO K 83 -20.52 -54.61 63.47
C PRO K 83 -21.29 -54.90 62.18
N MET K 84 -22.32 -55.73 62.32
CA MET K 84 -23.17 -56.11 61.19
C MET K 84 -24.38 -55.19 61.17
N ARG K 85 -24.17 -53.99 60.60
CA ARG K 85 -25.20 -52.97 60.56
C ARG K 85 -25.84 -52.79 59.19
N SER K 86 -25.11 -53.07 58.11
CA SER K 86 -25.62 -52.85 56.76
C SER K 86 -25.43 -54.10 55.91
N ALA K 87 -26.15 -54.14 54.79
CA ALA K 87 -26.13 -55.28 53.89
C ALA K 87 -24.80 -55.47 53.18
N GLU K 88 -23.91 -54.48 53.23
CA GLU K 88 -22.60 -54.57 52.61
C GLU K 88 -21.52 -55.07 53.58
N ASP K 89 -21.87 -55.31 54.84
CA ASP K 89 -20.89 -55.67 55.85
C ASP K 89 -20.37 -57.11 55.67
N PRO K 90 -21.22 -58.13 55.50
CA PRO K 90 -20.68 -59.48 55.29
C PRO K 90 -19.78 -59.60 54.08
N GLU K 91 -19.98 -58.79 53.05
CA GLU K 91 -19.04 -58.77 51.94
C GLU K 91 -17.68 -58.26 52.38
N ARG K 92 -17.67 -57.24 53.24
CA ARG K 92 -16.41 -56.73 53.76
C ARG K 92 -15.68 -57.80 54.58
N LEU K 93 -16.42 -58.53 55.41
CA LEU K 93 -15.82 -59.61 56.20
C LEU K 93 -15.29 -60.71 55.30
N ALA K 94 -16.07 -61.12 54.29
CA ALA K 94 -15.66 -62.22 53.43
C ALA K 94 -14.44 -61.86 52.60
N ASN K 95 -14.33 -60.59 52.18
CA ASN K 95 -13.16 -60.18 51.41
C ASN K 95 -11.90 -60.23 52.25
N TYR K 96 -12.01 -59.89 53.53
CA TYR K 96 -10.87 -60.02 54.44
C TYR K 96 -10.41 -61.47 54.54
N ALA K 97 -11.36 -62.39 54.70
CA ALA K 97 -11.01 -63.79 54.88
C ALA K 97 -10.32 -64.37 53.66
N ARG K 98 -10.51 -63.74 52.49
CA ARG K 98 -9.87 -64.24 51.28
C ARG K 98 -8.42 -63.75 51.18
N LYS K 99 -8.21 -62.44 51.28
CA LYS K 99 -6.87 -61.89 51.17
C LYS K 99 -5.96 -62.41 52.26
N LEU K 100 -6.52 -62.79 53.41
CA LEU K 100 -5.70 -63.39 54.46
C LEU K 100 -5.17 -64.75 54.03
N ALA K 101 -6.06 -65.63 53.54
CA ALA K 101 -5.61 -66.90 53.02
C ALA K 101 -4.78 -66.72 51.76
N SER K 102 -5.20 -65.82 50.86
CA SER K 102 -4.52 -65.65 49.58
C SER K 102 -3.11 -65.09 49.73
N ALA K 103 -2.77 -64.55 50.91
CA ALA K 103 -1.43 -64.04 51.18
C ALA K 103 -0.96 -64.51 52.54
N ALA K 104 -1.13 -65.81 52.81
CA ALA K 104 -0.79 -66.37 54.10
C ALA K 104 0.66 -66.85 54.20
N GLY K 105 1.42 -66.82 53.11
CA GLY K 105 2.80 -67.26 53.17
C GLY K 105 3.76 -66.49 52.28
N LYS K 106 3.30 -65.41 51.66
CA LYS K 106 4.08 -64.70 50.67
C LYS K 106 4.77 -63.45 51.23
N VAL K 107 4.60 -63.15 52.50
CA VAL K 107 5.23 -61.99 53.13
C VAL K 107 5.76 -62.41 54.50
N LEU K 108 6.99 -62.01 54.80
CA LEU K 108 7.63 -62.36 56.06
C LEU K 108 8.09 -61.13 56.82
N ASP K 109 7.46 -59.98 56.57
CA ASP K 109 7.79 -58.74 57.25
C ASP K 109 6.67 -58.25 58.15
N ARG K 110 5.47 -58.05 57.60
CA ARG K 110 4.33 -57.60 58.37
C ARG K 110 3.58 -58.80 58.93
N ASN K 111 3.04 -58.65 60.14
CA ASN K 111 2.29 -59.72 60.77
C ASN K 111 1.08 -60.09 59.92
N ILE K 112 1.03 -61.35 59.48
CA ILE K 112 -0.09 -61.81 58.67
C ILE K 112 -0.70 -63.05 59.31
N SER K 113 0.12 -63.84 60.00
CA SER K 113 -0.39 -65.05 60.63
C SER K 113 -1.17 -64.74 61.92
N GLY K 114 -0.79 -63.68 62.63
CA GLY K 114 -1.53 -63.30 63.82
C GLY K 114 -2.93 -62.81 63.50
N LYS K 115 -3.10 -62.14 62.37
CA LYS K 115 -4.43 -61.69 61.96
C LYS K 115 -5.32 -62.88 61.59
N ILE K 116 -4.73 -63.93 61.02
CA ILE K 116 -5.50 -65.13 60.70
C ILE K 116 -6.03 -65.78 61.97
N GLY K 117 -5.19 -65.86 63.01
CA GLY K 117 -5.62 -66.49 64.25
C GLY K 117 -6.72 -65.72 64.95
N ASP K 118 -6.67 -64.39 64.88
CA ASP K 118 -7.69 -63.57 65.54
C ASP K 118 -9.06 -63.79 64.91
N LEU K 119 -9.11 -63.88 63.57
CA LEU K 119 -10.39 -64.08 62.89
C LEU K 119 -11.02 -65.40 63.28
N GLN K 120 -10.27 -66.50 63.18
CA GLN K 120 -10.83 -67.81 63.47
C GLN K 120 -11.12 -67.99 64.96
N ALA K 121 -10.50 -67.18 65.82
CA ALA K 121 -10.91 -67.17 67.23
C ALA K 121 -12.26 -66.50 67.41
N VAL K 122 -12.48 -65.36 66.76
CA VAL K 122 -13.78 -64.70 66.82
C VAL K 122 -14.83 -65.51 66.08
N MET K 123 -14.44 -66.17 64.98
CA MET K 123 -15.36 -67.04 64.27
C MET K 123 -15.85 -68.17 65.17
N ALA K 124 -14.93 -68.81 65.90
CA ALA K 124 -15.32 -69.84 66.85
C ALA K 124 -16.11 -69.25 68.01
N VAL K 125 -15.58 -68.20 68.63
CA VAL K 125 -16.22 -67.55 69.77
C VAL K 125 -16.64 -66.14 69.36
N PRO K 126 -17.92 -65.91 69.06
CA PRO K 126 -18.34 -64.65 68.42
C PRO K 126 -18.44 -63.46 69.36
N ASP K 127 -18.02 -63.57 70.61
CA ASP K 127 -18.08 -62.47 71.56
C ASP K 127 -16.77 -62.38 72.34
N THR K 128 -15.66 -62.44 71.62
CA THR K 128 -14.34 -62.31 72.21
C THR K 128 -13.64 -61.08 71.64
N GLU K 129 -13.05 -60.28 72.52
CA GLU K 129 -12.28 -59.12 72.11
C GLU K 129 -10.84 -59.54 71.85
N THR K 130 -10.35 -59.24 70.66
CA THR K 130 -9.06 -59.69 70.17
C THR K 130 -8.23 -58.48 69.75
N PRO K 131 -6.91 -58.63 69.63
CA PRO K 131 -6.08 -57.46 69.32
C PRO K 131 -6.43 -56.78 68.00
N THR K 132 -6.81 -57.51 66.95
CA THR K 132 -6.99 -56.92 65.64
C THR K 132 -8.37 -57.14 65.04
N PHE K 133 -9.38 -57.41 65.87
CA PHE K 133 -10.71 -57.67 65.36
C PHE K 133 -11.70 -57.73 66.52
N CYS K 134 -12.95 -57.38 66.22
CA CYS K 134 -14.07 -57.55 67.12
C CYS K 134 -15.34 -57.35 66.29
N LEU K 135 -16.47 -57.74 66.87
CA LEU K 135 -17.76 -57.70 66.20
C LEU K 135 -18.76 -56.88 67.01
N HIS K 136 -18.30 -55.75 67.52
CA HIS K 136 -19.13 -54.88 68.34
C HIS K 136 -19.34 -53.55 67.62
N THR K 137 -20.17 -52.70 68.22
CA THR K 137 -20.36 -51.34 67.74
C THR K 137 -19.23 -50.47 68.24
N ASP K 138 -19.39 -49.15 68.15
CA ASP K 138 -18.45 -48.22 68.75
C ASP K 138 -18.73 -47.95 70.23
N VAL K 139 -19.93 -48.27 70.70
CA VAL K 139 -20.32 -48.04 72.08
C VAL K 139 -20.06 -49.26 72.96
N SER K 140 -20.32 -50.46 72.44
CA SER K 140 -20.23 -51.68 73.25
C SER K 140 -18.84 -52.30 73.26
N CYS K 141 -17.93 -51.87 72.39
CA CYS K 141 -16.58 -52.40 72.43
C CYS K 141 -15.90 -51.99 73.74
N ARG K 142 -15.03 -52.86 74.25
CA ARG K 142 -14.43 -52.67 75.56
C ARG K 142 -12.90 -52.63 75.53
N GLN K 143 -12.30 -52.66 74.34
CA GLN K 143 -10.85 -52.57 74.23
C GLN K 143 -10.38 -51.16 74.54
N ARG K 144 -9.29 -51.05 75.29
CA ARG K 144 -8.70 -49.74 75.60
C ARG K 144 -7.67 -49.34 74.56
N ALA K 145 -7.61 -48.05 74.27
CA ALA K 145 -6.66 -47.50 73.31
C ALA K 145 -6.43 -46.04 73.61
N ASP K 146 -5.77 -45.34 72.69
CA ASP K 146 -5.50 -43.91 72.84
C ASP K 146 -5.84 -43.06 71.62
N VAL K 147 -5.95 -43.65 70.43
CA VAL K 147 -6.22 -42.91 69.20
C VAL K 147 -7.35 -43.61 68.46
N ALA K 148 -8.33 -42.83 68.00
CA ALA K 148 -9.45 -43.35 67.22
C ALA K 148 -9.50 -42.66 65.87
N ILE K 149 -10.07 -43.35 64.88
CA ILE K 149 -10.19 -42.82 63.52
C ILE K 149 -11.57 -43.17 62.97
N TYR K 150 -12.19 -42.22 62.28
CA TYR K 150 -13.47 -42.42 61.62
C TYR K 150 -13.29 -42.13 60.13
N GLN K 151 -13.93 -42.94 59.30
CA GLN K 151 -13.96 -42.66 57.87
C GLN K 151 -15.37 -42.87 57.35
N ASP K 152 -15.93 -41.84 56.73
CA ASP K 152 -17.26 -41.88 56.13
C ASP K 152 -18.30 -42.41 57.10
N VAL K 153 -18.23 -41.95 58.34
CA VAL K 153 -19.15 -42.35 59.39
C VAL K 153 -20.16 -41.21 59.57
N TYR K 154 -21.38 -41.41 59.10
CA TYR K 154 -22.39 -40.36 59.13
C TYR K 154 -23.59 -40.71 59.98
N ALA K 155 -23.65 -41.91 60.56
CA ALA K 155 -24.86 -42.38 61.22
C ALA K 155 -24.65 -42.62 62.72
N VAL K 156 -23.87 -41.77 63.38
CA VAL K 156 -23.69 -41.86 64.83
C VAL K 156 -23.73 -40.46 65.43
N HIS K 157 -24.24 -40.38 66.65
CA HIS K 157 -24.23 -39.13 67.41
C HIS K 157 -22.82 -38.84 67.90
N ALA K 158 -22.27 -37.69 67.49
CA ALA K 158 -20.85 -37.42 67.77
C ALA K 158 -20.53 -37.28 69.26
N PRO K 159 -21.26 -36.48 70.05
CA PRO K 159 -20.92 -36.41 71.49
C PRO K 159 -21.04 -37.74 72.22
N THR K 160 -22.02 -38.57 71.88
CA THR K 160 -22.17 -39.86 72.54
C THR K 160 -21.06 -40.83 72.13
N SER K 161 -20.72 -40.87 70.85
CA SER K 161 -19.62 -41.71 70.42
C SER K 161 -18.31 -41.27 71.02
N LEU K 162 -18.04 -39.95 71.04
CA LEU K 162 -16.76 -39.46 71.53
C LEU K 162 -16.59 -39.66 73.03
N TYR K 163 -17.69 -39.64 73.79
CA TYR K 163 -17.58 -39.93 75.22
C TYR K 163 -17.05 -41.33 75.44
N HIS K 164 -17.62 -42.32 74.74
CA HIS K 164 -17.28 -43.71 75.01
C HIS K 164 -15.86 -44.05 74.57
N GLN K 165 -15.23 -43.24 73.74
CA GLN K 165 -13.81 -43.43 73.47
C GLN K 165 -12.94 -42.77 74.53
N ALA K 166 -13.48 -41.78 75.24
CA ALA K 166 -12.71 -41.05 76.24
C ALA K 166 -12.44 -41.89 77.48
N ILE K 167 -13.46 -42.54 78.03
CA ILE K 167 -13.34 -43.28 79.28
C ILE K 167 -12.58 -44.59 79.05
N LYS K 168 -12.13 -44.81 77.82
CA LYS K 168 -11.24 -45.92 77.50
C LYS K 168 -9.84 -45.44 77.12
N GLY K 169 -9.53 -44.19 77.41
CA GLY K 169 -8.19 -43.67 77.29
C GLY K 169 -7.81 -43.04 75.97
N VAL K 170 -8.77 -42.75 75.09
CA VAL K 170 -8.45 -42.12 73.81
C VAL K 170 -8.30 -40.62 74.02
N ARG K 171 -7.19 -40.07 73.51
CA ARG K 171 -6.92 -38.64 73.61
C ARG K 171 -7.03 -37.90 72.28
N LEU K 172 -6.95 -38.60 71.16
CA LEU K 172 -6.84 -37.97 69.85
C LEU K 172 -7.73 -38.72 68.87
N ALA K 173 -8.62 -38.01 68.19
CA ALA K 173 -9.55 -38.59 67.23
C ALA K 173 -9.55 -37.79 65.94
N TYR K 174 -9.80 -38.49 64.83
CA TYR K 174 -9.96 -37.84 63.54
C TYR K 174 -11.28 -38.26 62.90
N TRP K 175 -11.66 -37.48 61.88
CA TRP K 175 -12.93 -37.67 61.17
C TRP K 175 -12.73 -37.19 59.74
N VAL K 176 -12.97 -38.07 58.77
CA VAL K 176 -12.88 -37.76 57.35
C VAL K 176 -14.27 -37.91 56.75
N GLY K 177 -14.64 -37.00 55.87
CA GLY K 177 -15.96 -37.05 55.27
C GLY K 177 -16.33 -35.74 54.59
N PHE K 178 -17.59 -35.66 54.20
CA PHE K 178 -18.13 -34.49 53.50
C PHE K 178 -18.31 -33.32 54.47
N ASP K 179 -18.12 -32.12 53.93
CA ASP K 179 -18.33 -30.88 54.68
C ASP K 179 -19.78 -30.77 55.17
N THR K 180 -19.95 -30.38 56.43
CA THR K 180 -21.24 -30.30 57.08
C THR K 180 -21.89 -28.93 56.98
N THR K 181 -21.23 -27.96 56.36
CA THR K 181 -21.76 -26.59 56.28
C THR K 181 -23.10 -26.48 55.54
N PRO K 182 -23.35 -27.16 54.41
CA PRO K 182 -24.67 -27.02 53.77
C PRO K 182 -25.84 -27.46 54.63
N PHE K 183 -25.63 -28.39 55.57
CA PHE K 183 -26.72 -28.81 56.44
C PHE K 183 -26.91 -27.89 57.65
N MET K 184 -25.95 -27.01 57.93
CA MET K 184 -26.17 -25.99 58.94
C MET K 184 -26.91 -24.79 58.38
N TYR K 185 -26.80 -24.54 57.08
CA TYR K 185 -27.60 -23.52 56.41
C TYR K 185 -28.99 -24.01 56.05
N ASN K 186 -29.26 -25.31 56.20
CA ASN K 186 -30.61 -25.90 56.05
C ASN K 186 -31.12 -25.85 54.61
N ALA K 187 -30.28 -26.22 53.65
CA ALA K 187 -30.69 -26.26 52.25
C ALA K 187 -31.55 -27.50 51.96
N MET K 188 -32.38 -27.40 50.92
CA MET K 188 -33.22 -28.53 50.55
C MET K 188 -32.53 -29.52 49.61
N ALA K 189 -31.58 -29.08 48.80
CA ALA K 189 -30.81 -29.97 47.93
C ALA K 189 -29.48 -29.31 47.61
N GLY K 190 -28.55 -30.08 47.07
CA GLY K 190 -27.25 -29.52 46.73
C GLY K 190 -26.36 -30.50 46.02
N ALA K 191 -25.15 -30.03 45.70
CA ALA K 191 -24.17 -30.78 44.93
C ALA K 191 -22.78 -30.68 45.55
N TYR K 192 -21.96 -31.71 45.30
CA TYR K 192 -20.53 -31.71 45.56
C TYR K 192 -19.84 -32.06 44.24
N PRO K 193 -19.79 -31.12 43.30
CA PRO K 193 -19.55 -31.50 41.89
C PRO K 193 -18.20 -32.15 41.62
N SER K 194 -17.17 -31.91 42.43
CA SER K 194 -15.87 -32.50 42.15
C SER K 194 -15.78 -33.96 42.58
N TYR K 195 -16.74 -34.48 43.33
CA TYR K 195 -16.73 -35.86 43.78
C TYR K 195 -17.90 -36.65 43.21
N SER K 196 -18.52 -36.16 42.14
CA SER K 196 -19.60 -36.87 41.44
C SER K 196 -20.78 -37.18 42.37
N THR K 197 -21.14 -36.24 43.22
CA THR K 197 -22.16 -36.47 44.24
C THR K 197 -23.27 -35.43 44.14
N ASN K 198 -24.52 -35.90 44.26
CA ASN K 198 -25.69 -35.06 44.44
C ASN K 198 -26.50 -35.61 45.61
N TRP K 199 -27.20 -34.73 46.30
CA TRP K 199 -28.05 -35.15 47.42
C TRP K 199 -29.34 -34.35 47.36
N ALA K 200 -30.40 -34.89 47.96
CA ALA K 200 -31.68 -34.19 47.97
C ALA K 200 -32.54 -34.67 49.13
N ASP K 201 -33.44 -33.80 49.55
CA ASP K 201 -34.49 -34.15 50.49
C ASP K 201 -35.52 -35.09 49.84
N GLU K 202 -36.10 -35.96 50.66
CA GLU K 202 -37.13 -36.89 50.21
C GLU K 202 -38.29 -36.18 49.51
N GLN K 203 -38.64 -34.98 49.96
CA GLN K 203 -39.83 -34.31 49.48
C GLN K 203 -39.69 -33.77 48.05
N VAL K 204 -38.49 -33.69 47.50
CA VAL K 204 -38.29 -33.09 46.19
C VAL K 204 -37.70 -34.08 45.19
N LEU K 205 -37.81 -35.38 45.45
CA LEU K 205 -37.28 -36.39 44.53
C LEU K 205 -38.02 -36.42 43.19
N LYS K 206 -39.22 -35.83 43.08
CA LYS K 206 -39.96 -35.78 41.83
C LYS K 206 -39.88 -34.42 41.16
N ALA K 207 -38.80 -33.68 41.36
CA ALA K 207 -38.55 -32.42 40.68
C ALA K 207 -38.06 -32.69 39.26
N LYS K 208 -37.69 -31.63 38.56
CA LYS K 208 -37.34 -31.72 37.15
C LYS K 208 -35.91 -31.31 36.85
N ASN K 209 -35.36 -30.29 37.50
CA ASN K 209 -34.10 -29.69 37.04
C ASN K 209 -33.02 -29.63 38.12
N ILE K 210 -33.05 -30.50 39.12
CA ILE K 210 -31.96 -30.60 40.09
C ILE K 210 -31.13 -31.84 39.75
N GLY K 211 -30.04 -32.02 40.49
CA GLY K 211 -29.10 -33.09 40.17
C GLY K 211 -29.66 -34.48 40.35
N LEU K 212 -30.49 -34.70 41.36
CA LEU K 212 -30.99 -36.04 41.71
C LEU K 212 -32.53 -36.01 41.79
N CYS K 213 -33.18 -36.37 40.68
CA CYS K 213 -34.63 -36.29 40.59
C CYS K 213 -35.11 -37.11 39.38
N SER K 214 -36.43 -37.23 39.26
CA SER K 214 -37.05 -37.94 38.14
C SER K 214 -38.52 -37.55 38.06
N THR K 215 -39.00 -37.18 36.88
CA THR K 215 -40.39 -36.77 36.71
C THR K 215 -40.95 -37.37 35.41
N ASP K 216 -42.18 -36.97 35.06
CA ASP K 216 -42.96 -37.55 33.99
C ASP K 216 -43.42 -36.50 32.98
N LEU K 217 -43.85 -36.97 31.82
CA LEU K 217 -44.49 -36.12 30.81
C LEU K 217 -45.99 -36.03 31.08
N THR K 218 -46.55 -34.84 30.93
CA THR K 218 -47.95 -34.63 31.27
C THR K 218 -48.50 -33.44 30.50
N GLU K 219 -49.83 -33.41 30.37
CA GLU K 219 -50.50 -32.28 29.74
C GLU K 219 -50.97 -31.24 30.75
N GLY K 220 -51.36 -31.65 31.95
CA GLY K 220 -51.68 -30.70 32.99
C GLY K 220 -53.14 -30.33 33.13
N ARG K 221 -53.65 -30.37 34.35
CA ARG K 221 -55.03 -30.00 34.63
C ARG K 221 -55.10 -28.62 35.28
N ARG K 222 -56.23 -27.95 35.07
CA ARG K 222 -56.53 -26.69 35.75
C ARG K 222 -57.18 -26.92 37.11
N GLY K 223 -57.45 -28.16 37.47
CA GLY K 223 -57.98 -28.49 38.78
C GLY K 223 -57.62 -29.89 39.21
N LYS K 224 -57.00 -30.01 40.39
CA LYS K 224 -56.64 -31.31 40.97
C LYS K 224 -57.04 -31.26 42.45
N LEU K 225 -58.28 -31.64 42.72
CA LEU K 225 -58.80 -31.55 44.08
C LEU K 225 -58.08 -32.53 44.99
N SER K 226 -57.88 -32.11 46.24
CA SER K 226 -57.34 -32.98 47.28
C SER K 226 -58.13 -32.76 48.57
N ILE K 227 -58.18 -33.78 49.41
CA ILE K 227 -58.79 -33.61 50.72
C ILE K 227 -57.72 -33.28 51.76
N MET K 228 -56.48 -33.63 51.50
CA MET K 228 -55.39 -33.30 52.41
C MET K 228 -54.63 -32.09 51.89
N ARG K 229 -54.47 -31.08 52.74
CA ARG K 229 -53.82 -29.83 52.39
C ARG K 229 -52.51 -29.71 53.17
N GLY K 230 -51.39 -29.67 52.45
CA GLY K 230 -50.10 -29.42 53.07
C GLY K 230 -49.80 -27.96 53.28
N LYS K 231 -49.66 -27.22 52.20
CA LYS K 231 -49.38 -25.78 52.20
C LYS K 231 -48.09 -25.42 52.94
N LYS K 232 -47.23 -26.40 53.21
CA LYS K 232 -45.98 -26.14 53.92
C LYS K 232 -44.92 -27.09 53.39
N LEU K 233 -43.84 -26.52 52.87
CA LEU K 233 -42.72 -27.27 52.29
C LEU K 233 -41.43 -26.84 52.98
N GLU K 234 -40.94 -27.65 53.90
CA GLU K 234 -39.75 -27.36 54.69
C GLU K 234 -38.89 -28.62 54.81
N PRO K 235 -37.59 -28.47 55.03
CA PRO K 235 -36.72 -29.64 55.17
C PRO K 235 -37.17 -30.56 56.29
N CYS K 236 -37.05 -31.85 56.03
N CYS K 236 -37.05 -31.85 56.03
CA CYS K 236 -37.36 -32.94 56.95
CA CYS K 236 -37.34 -32.90 56.98
C CYS K 236 -36.12 -33.78 57.16
C CYS K 236 -36.11 -33.77 57.16
N ASP K 237 -36.17 -34.68 58.14
CA ASP K 237 -34.95 -35.35 58.61
C ASP K 237 -34.26 -36.20 57.55
N ARG K 238 -35.02 -36.93 56.72
CA ARG K 238 -34.41 -37.95 55.86
C ARG K 238 -33.92 -37.36 54.54
N VAL K 239 -32.70 -37.71 54.15
CA VAL K 239 -31.99 -37.17 53.00
C VAL K 239 -31.33 -38.32 52.25
N LEU K 240 -31.25 -38.22 50.93
CA LEU K 240 -30.66 -39.25 50.09
C LEU K 240 -29.39 -38.74 49.42
N PHE K 241 -28.32 -39.54 49.50
CA PHE K 241 -27.05 -39.23 48.85
C PHE K 241 -26.82 -40.18 47.69
N SER K 242 -26.24 -39.67 46.62
CA SER K 242 -25.87 -40.48 45.46
C SER K 242 -24.42 -40.20 45.08
N VAL K 243 -23.53 -41.10 45.47
CA VAL K 243 -22.11 -40.99 45.14
C VAL K 243 -21.86 -41.84 43.91
N GLY K 244 -21.66 -41.20 42.77
CA GLY K 244 -21.73 -41.91 41.50
C GLY K 244 -23.11 -42.51 41.32
N SER K 245 -23.18 -43.84 41.29
CA SER K 245 -24.46 -44.55 41.22
C SER K 245 -24.77 -45.35 42.48
N THR K 246 -24.06 -45.11 43.57
CA THR K 246 -24.33 -45.76 44.85
C THR K 246 -25.21 -44.87 45.71
N LEU K 247 -26.24 -45.45 46.31
CA LEU K 247 -27.21 -44.71 47.10
C LEU K 247 -26.96 -44.90 48.60
N TYR K 248 -27.12 -43.81 49.36
CA TYR K 248 -26.97 -43.79 50.83
C TYR K 248 -28.07 -42.93 51.43
N PRO K 249 -28.90 -43.48 52.31
CA PRO K 249 -29.78 -42.62 53.12
C PRO K 249 -29.11 -42.15 54.41
N GLU K 250 -29.36 -40.89 54.77
CA GLU K 250 -28.76 -40.29 55.96
C GLU K 250 -29.80 -39.47 56.72
N SER K 251 -29.38 -38.95 57.87
CA SER K 251 -30.21 -38.16 58.77
C SER K 251 -29.61 -36.76 58.95
N ARG K 252 -30.47 -35.74 58.96
CA ARG K 252 -29.99 -34.37 59.17
C ARG K 252 -29.41 -34.20 60.57
N LYS K 253 -30.07 -34.77 61.58
CA LYS K 253 -29.64 -34.56 62.97
C LYS K 253 -28.25 -35.14 63.22
N LEU K 254 -27.97 -36.32 62.67
CA LEU K 254 -26.67 -36.93 62.90
C LEU K 254 -25.57 -36.29 62.06
N LEU K 255 -25.91 -35.70 60.91
CA LEU K 255 -24.92 -34.98 60.13
C LEU K 255 -24.55 -33.66 60.82
N LYS K 256 -25.53 -32.96 61.37
CA LYS K 256 -25.28 -31.69 62.02
C LYS K 256 -24.49 -31.83 63.31
N SER K 257 -24.54 -33.00 63.95
CA SER K 257 -23.86 -33.19 65.22
C SER K 257 -22.35 -33.31 65.08
N TRP K 258 -21.83 -33.48 63.87
CA TRP K 258 -20.38 -33.43 63.64
C TRP K 258 -19.90 -32.04 63.26
N HIS K 259 -20.77 -31.03 63.32
CA HIS K 259 -20.38 -29.62 63.14
C HIS K 259 -20.19 -29.02 64.54
N LEU K 260 -19.01 -29.32 65.14
CA LEU K 260 -18.63 -29.08 66.52
C LEU K 260 -17.95 -27.72 66.68
N PRO K 261 -18.12 -27.08 67.85
CA PRO K 261 -17.49 -25.78 68.09
C PRO K 261 -16.01 -25.91 68.44
N SER K 262 -15.39 -24.75 68.65
CA SER K 262 -13.96 -24.72 68.99
C SER K 262 -13.68 -25.39 70.33
N VAL K 263 -14.53 -25.17 71.34
CA VAL K 263 -14.35 -25.72 72.67
C VAL K 263 -15.69 -26.25 73.17
N PHE K 264 -15.69 -27.47 73.70
CA PHE K 264 -16.90 -28.04 74.29
C PHE K 264 -16.51 -28.98 75.43
N HIS K 265 -17.44 -29.18 76.36
CA HIS K 265 -17.24 -29.99 77.55
C HIS K 265 -18.15 -31.21 77.53
N LEU K 266 -17.60 -32.37 77.91
CA LEU K 266 -18.36 -33.59 78.11
C LEU K 266 -18.47 -33.87 79.60
N LYS K 267 -19.69 -33.91 80.12
CA LYS K 267 -19.95 -34.01 81.56
C LYS K 267 -20.65 -35.33 81.88
N GLY K 268 -19.85 -36.36 82.18
CA GLY K 268 -20.40 -37.62 82.63
C GLY K 268 -19.87 -38.02 83.99
N LYS K 269 -19.66 -39.33 84.21
CA LYS K 269 -18.95 -39.79 85.39
C LYS K 269 -17.46 -39.49 85.32
N LEU K 270 -16.96 -39.06 84.17
CA LEU K 270 -15.59 -38.61 84.00
C LEU K 270 -15.63 -37.41 83.07
N SER K 271 -15.34 -36.23 83.60
CA SER K 271 -15.46 -35.00 82.83
C SER K 271 -14.28 -34.81 81.89
N PHE K 272 -14.55 -34.20 80.74
CA PHE K 272 -13.52 -33.94 79.74
C PHE K 272 -13.71 -32.55 79.15
N THR K 273 -12.63 -32.02 78.58
CA THR K 273 -12.60 -30.74 77.90
C THR K 273 -11.98 -30.94 76.53
N CYS K 274 -12.64 -30.46 75.48
CA CYS K 274 -12.34 -30.89 74.12
C CYS K 274 -12.24 -29.72 73.17
N ARG K 275 -11.42 -29.91 72.14
CA ARG K 275 -11.21 -28.94 71.05
C ARG K 275 -11.47 -29.62 69.72
N CYS K 276 -11.83 -28.81 68.71
CA CYS K 276 -12.09 -29.30 67.36
C CYS K 276 -11.52 -28.32 66.36
N ASP K 277 -10.60 -28.78 65.52
CA ASP K 277 -10.01 -27.95 64.47
C ASP K 277 -10.11 -28.67 63.12
N THR K 278 -10.20 -27.88 62.05
CA THR K 278 -10.24 -28.40 60.69
C THR K 278 -8.85 -28.28 60.09
N VAL K 279 -8.29 -29.40 59.66
CA VAL K 279 -6.89 -29.48 59.28
C VAL K 279 -6.69 -29.50 57.77
N VAL K 280 -7.60 -30.14 57.03
CA VAL K 280 -7.56 -30.16 55.57
C VAL K 280 -8.93 -29.77 55.04
N SER K 281 -8.95 -29.23 53.82
CA SER K 281 -10.20 -28.77 53.20
C SER K 281 -10.00 -28.68 51.71
N CYS K 282 -10.75 -29.48 50.93
CA CYS K 282 -10.59 -29.52 49.48
C CYS K 282 -11.94 -29.69 48.81
N GLU K 283 -12.54 -28.57 48.41
CA GLU K 283 -13.72 -28.51 47.53
C GLU K 283 -14.93 -29.27 48.07
N GLY K 284 -15.08 -29.38 49.37
CA GLY K 284 -16.20 -30.06 49.96
C GLY K 284 -15.86 -31.30 50.77
N TYR K 285 -14.59 -31.67 50.88
CA TYR K 285 -14.17 -32.83 51.66
C TYR K 285 -13.17 -32.34 52.70
N VAL K 286 -13.33 -32.77 53.96
CA VAL K 286 -12.53 -32.20 55.05
C VAL K 286 -11.95 -33.29 55.95
N VAL K 287 -10.91 -32.90 56.70
CA VAL K 287 -10.35 -33.70 57.79
C VAL K 287 -10.43 -32.86 59.06
N LYS K 288 -11.03 -33.41 60.10
CA LYS K 288 -11.10 -32.78 61.41
C LYS K 288 -10.20 -33.50 62.40
N ARG K 289 -9.75 -32.76 63.41
CA ARG K 289 -8.94 -33.31 64.49
C ARG K 289 -9.51 -32.86 65.83
N ILE K 290 -9.72 -33.81 66.73
CA ILE K 290 -10.33 -33.56 68.03
C ILE K 290 -9.38 -34.05 69.12
N THR K 291 -8.89 -33.12 69.94
CA THR K 291 -8.11 -33.46 71.13
C THR K 291 -9.00 -33.43 72.35
N MET K 292 -8.68 -34.29 73.32
CA MET K 292 -9.52 -34.47 74.50
C MET K 292 -8.61 -34.63 75.70
N SER K 293 -9.12 -34.26 76.88
CA SER K 293 -8.30 -34.22 78.09
C SER K 293 -9.20 -34.26 79.32
N PRO K 294 -8.74 -34.84 80.42
CA PRO K 294 -9.60 -35.02 81.59
C PRO K 294 -9.75 -33.75 82.42
N GLY K 295 -10.88 -33.65 83.10
CA GLY K 295 -11.18 -32.51 83.94
C GLY K 295 -11.68 -31.32 83.14
N LEU K 296 -12.65 -30.59 83.67
CA LEU K 296 -13.29 -29.51 82.93
C LEU K 296 -12.69 -28.16 83.35
N TYR K 297 -12.23 -27.39 82.35
CA TYR K 297 -11.57 -26.11 82.58
C TYR K 297 -11.68 -25.26 81.32
N GLY K 298 -11.48 -23.96 81.50
CA GLY K 298 -11.65 -23.03 80.40
C GLY K 298 -13.07 -22.56 80.29
N LYS K 299 -13.33 -21.79 79.23
CA LYS K 299 -14.66 -21.26 78.97
C LYS K 299 -15.05 -21.49 77.52
N THR K 300 -16.36 -21.66 77.30
CA THR K 300 -16.91 -21.93 75.99
C THR K 300 -17.75 -20.76 75.51
N THR K 301 -17.74 -20.54 74.20
CA THR K 301 -18.62 -19.56 73.56
C THR K 301 -19.76 -20.18 72.79
N GLY K 302 -19.56 -21.36 72.20
CA GLY K 302 -20.58 -21.97 71.37
C GLY K 302 -20.63 -21.48 69.94
N TYR K 303 -19.48 -21.18 69.34
CA TYR K 303 -19.41 -20.73 67.97
C TYR K 303 -18.55 -21.70 67.17
N ALA K 304 -19.02 -22.03 65.97
CA ALA K 304 -18.25 -22.83 65.01
C ALA K 304 -17.96 -22.00 63.78
N VAL K 305 -16.76 -22.12 63.24
CA VAL K 305 -16.27 -21.26 62.17
C VAL K 305 -15.84 -22.12 61.00
N THR K 306 -16.22 -21.72 59.79
CA THR K 306 -15.81 -22.36 58.54
C THR K 306 -15.05 -21.34 57.69
N HIS K 307 -13.85 -21.70 57.26
CA HIS K 307 -13.08 -20.87 56.35
C HIS K 307 -13.27 -21.34 54.92
N HIS K 308 -13.56 -20.40 54.01
CA HIS K 308 -13.93 -20.71 52.63
C HIS K 308 -12.76 -20.44 51.71
N ALA K 309 -12.14 -21.51 51.17
CA ALA K 309 -11.10 -21.34 50.18
C ALA K 309 -11.67 -21.18 48.77
N ASP K 310 -12.83 -21.77 48.50
CA ASP K 310 -13.59 -21.51 47.29
C ASP K 310 -14.90 -20.82 47.67
N GLY K 311 -15.68 -20.44 46.65
CA GLY K 311 -16.96 -19.82 46.90
C GLY K 311 -18.03 -20.83 47.30
N PHE K 312 -18.95 -20.38 48.15
CA PHE K 312 -20.10 -21.16 48.58
C PHE K 312 -21.36 -20.37 48.28
N LEU K 313 -22.31 -20.98 47.58
CA LEU K 313 -23.54 -20.33 47.13
C LEU K 313 -24.76 -21.04 47.68
N MET K 314 -25.85 -20.28 47.79
CA MET K 314 -27.14 -20.81 48.23
C MET K 314 -28.23 -19.84 47.81
N CYS K 315 -29.16 -20.29 46.98
CA CYS K 315 -30.16 -19.39 46.40
C CYS K 315 -31.53 -20.05 46.32
N LYS K 316 -32.51 -19.23 45.97
CA LYS K 316 -33.88 -19.68 45.76
C LYS K 316 -34.10 -20.03 44.29
N THR K 317 -34.69 -21.20 44.05
CA THR K 317 -35.03 -21.64 42.69
C THR K 317 -36.51 -21.99 42.63
N THR K 318 -37.05 -21.92 41.41
CA THR K 318 -38.42 -22.35 41.13
C THR K 318 -38.38 -23.57 40.23
N ASP K 319 -39.18 -24.58 40.56
CA ASP K 319 -39.23 -25.81 39.80
C ASP K 319 -40.66 -26.35 39.89
N THR K 320 -40.89 -27.47 39.21
CA THR K 320 -42.14 -28.21 39.28
C THR K 320 -41.87 -29.53 39.98
N VAL K 321 -42.64 -29.82 41.03
CA VAL K 321 -42.49 -31.06 41.78
C VAL K 321 -43.79 -31.82 41.64
N ASP K 322 -43.76 -32.94 40.90
CA ASP K 322 -44.93 -33.77 40.61
C ASP K 322 -46.04 -32.96 39.94
N GLY K 323 -45.68 -32.00 39.09
CA GLY K 323 -46.63 -31.19 38.38
C GLY K 323 -46.91 -29.83 38.98
N GLU K 324 -46.60 -29.62 40.26
CA GLU K 324 -46.94 -28.39 40.97
C GLU K 324 -45.72 -27.47 41.10
N ARG K 325 -45.89 -26.21 40.71
CA ARG K 325 -44.83 -25.23 40.76
C ARG K 325 -44.59 -24.74 42.19
N VAL K 326 -43.33 -24.77 42.64
CA VAL K 326 -42.95 -24.45 44.01
C VAL K 326 -41.58 -23.77 44.02
N SER K 327 -41.12 -23.36 45.21
CA SER K 327 -39.83 -22.71 45.40
C SER K 327 -39.11 -23.30 46.60
N PHE K 328 -37.79 -23.47 46.48
CA PHE K 328 -36.94 -23.98 47.57
C PHE K 328 -35.50 -23.61 47.27
N SER K 329 -34.60 -23.99 48.18
CA SER K 329 -33.21 -23.54 48.16
C SER K 329 -32.24 -24.65 47.78
N VAL K 330 -31.21 -24.29 47.02
CA VAL K 330 -30.18 -25.18 46.49
C VAL K 330 -28.81 -24.59 46.77
N CYS K 331 -27.82 -25.44 47.03
CA CYS K 331 -26.47 -24.99 47.35
C CYS K 331 -25.43 -25.68 46.46
N THR K 332 -24.27 -25.05 46.29
CA THR K 332 -23.18 -25.59 45.48
C THR K 332 -21.87 -24.87 45.81
N TYR K 333 -20.78 -25.39 45.24
CA TYR K 333 -19.44 -24.85 45.38
C TYR K 333 -18.95 -24.31 44.05
N VAL K 334 -18.24 -23.19 44.06
CA VAL K 334 -17.76 -22.52 42.86
C VAL K 334 -16.25 -22.33 43.00
N PRO K 335 -15.44 -22.65 41.98
CA PRO K 335 -14.00 -22.49 42.09
C PRO K 335 -13.56 -21.03 42.19
N ALA K 336 -12.43 -20.83 42.89
CA ALA K 336 -11.98 -19.49 43.26
C ALA K 336 -11.61 -18.65 42.03
N THR K 337 -11.03 -19.27 41.00
CA THR K 337 -10.69 -18.51 39.80
C THR K 337 -11.93 -17.93 39.12
N ILE K 338 -13.03 -18.67 39.08
CA ILE K 338 -14.26 -18.16 38.48
C ILE K 338 -14.80 -16.99 39.29
N CYS K 339 -14.78 -17.09 40.61
CA CYS K 339 -15.30 -16.03 41.48
C CYS K 339 -14.52 -14.73 41.31
N ASP K 340 -13.19 -14.85 41.20
CA ASP K 340 -12.35 -13.66 41.03
C ASP K 340 -12.64 -12.94 39.73
N GLN K 341 -12.91 -13.68 38.65
CA GLN K 341 -13.12 -13.07 37.34
C GLN K 341 -14.51 -12.49 37.16
N MET K 342 -15.42 -12.65 38.12
CA MET K 342 -16.73 -12.02 38.06
C MET K 342 -16.84 -10.76 38.90
N THR K 343 -15.74 -10.32 39.52
CA THR K 343 -15.78 -9.18 40.43
C THR K 343 -16.21 -7.90 39.71
N GLY K 344 -15.66 -7.65 38.53
CA GLY K 344 -16.01 -6.49 37.74
C GLY K 344 -17.45 -6.46 37.26
N ILE K 345 -17.95 -7.62 36.79
CA ILE K 345 -19.28 -7.71 36.22
C ILE K 345 -20.36 -7.43 37.25
N LEU K 346 -20.17 -7.88 38.50
CA LEU K 346 -21.23 -7.80 39.49
C LEU K 346 -21.35 -6.41 40.11
N ALA K 347 -20.57 -5.43 39.63
CA ALA K 347 -20.71 -4.06 40.10
C ALA K 347 -22.04 -3.43 39.67
N THR K 348 -22.55 -3.83 38.52
CA THR K 348 -23.84 -3.36 38.01
C THR K 348 -24.87 -4.48 38.06
N GLU K 349 -26.06 -4.18 37.54
CA GLU K 349 -27.15 -5.15 37.48
C GLU K 349 -27.10 -5.89 36.15
N VAL K 350 -27.08 -7.21 36.22
CA VAL K 350 -26.93 -8.07 35.05
C VAL K 350 -28.11 -9.04 35.04
N THR K 351 -28.59 -9.38 33.85
CA THR K 351 -29.67 -10.35 33.71
C THR K 351 -29.13 -11.78 33.85
N PRO K 352 -29.98 -12.73 34.24
CA PRO K 352 -29.53 -14.13 34.29
C PRO K 352 -29.03 -14.65 32.96
N GLU K 353 -29.63 -14.22 31.85
CA GLU K 353 -29.20 -14.69 30.54
C GLU K 353 -27.78 -14.22 30.22
N ASP K 354 -27.48 -12.96 30.52
CA ASP K 354 -26.16 -12.42 30.22
C ASP K 354 -25.10 -12.98 31.16
N ALA K 355 -25.45 -13.25 32.42
CA ALA K 355 -24.52 -13.93 33.31
C ALA K 355 -24.17 -15.32 32.81
N GLN K 356 -25.16 -16.04 32.25
CA GLN K 356 -24.91 -17.40 31.76
C GLN K 356 -23.93 -17.40 30.60
N LYS K 357 -24.07 -16.47 29.66
CA LYS K 357 -23.16 -16.41 28.51
C LYS K 357 -21.73 -16.08 28.95
N LEU K 358 -21.59 -15.16 29.90
CA LEU K 358 -20.26 -14.82 30.42
C LEU K 358 -19.61 -16.03 31.10
N LEU K 359 -20.38 -16.78 31.88
CA LEU K 359 -19.84 -17.92 32.59
C LEU K 359 -19.40 -19.03 31.63
N VAL K 360 -20.14 -19.24 30.55
CA VAL K 360 -19.74 -20.24 29.56
C VAL K 360 -18.43 -19.85 28.90
N GLY K 361 -18.26 -18.57 28.58
CA GLY K 361 -17.00 -18.11 28.03
C GLY K 361 -15.81 -18.33 28.95
N LEU K 362 -15.99 -18.03 30.24
CA LEU K 362 -14.91 -18.21 31.21
C LEU K 362 -14.60 -19.67 31.48
N ASN K 363 -15.51 -20.58 31.13
CA ASN K 363 -15.37 -21.99 31.49
C ASN K 363 -14.58 -22.80 30.47
N GLN K 364 -14.47 -22.35 29.23
CA GLN K 364 -13.81 -23.14 28.19
C GLN K 364 -12.30 -23.20 28.35
N ARG K 365 -11.74 -22.69 29.45
CA ARG K 365 -10.31 -22.74 29.68
C ARG K 365 -9.85 -24.18 29.95
N THR K 376 -12.01 -29.02 27.75
CA THR K 376 -12.01 -29.19 29.20
C THR K 376 -12.64 -27.98 29.87
N ASN K 377 -13.42 -28.23 30.93
CA ASN K 377 -14.14 -27.20 31.65
C ASN K 377 -13.62 -27.08 33.08
N THR K 378 -13.71 -25.87 33.63
CA THR K 378 -13.35 -25.68 35.04
C THR K 378 -14.42 -26.22 35.97
N MET K 379 -15.68 -25.98 35.66
CA MET K 379 -16.81 -26.47 36.44
C MET K 379 -17.76 -27.24 35.53
N LYS K 380 -18.57 -28.11 36.16
CA LYS K 380 -19.55 -28.90 35.44
C LYS K 380 -20.66 -28.01 34.88
N ASN K 381 -21.12 -28.33 33.67
CA ASN K 381 -22.05 -27.47 32.95
C ASN K 381 -23.48 -27.55 33.48
N TYR K 382 -23.85 -28.62 34.17
CA TYR K 382 -25.23 -28.74 34.64
C TYR K 382 -25.53 -27.83 35.83
N MET K 383 -24.52 -27.31 36.50
CA MET K 383 -24.75 -26.37 37.59
C MET K 383 -24.71 -24.92 37.14
N ILE K 384 -24.31 -24.65 35.89
CA ILE K 384 -24.15 -23.27 35.43
C ILE K 384 -25.42 -22.44 35.46
N PRO K 385 -26.58 -22.94 35.00
CA PRO K 385 -27.79 -22.08 35.03
C PRO K 385 -28.21 -21.62 36.42
N VAL K 386 -28.05 -22.44 37.46
CA VAL K 386 -28.47 -22.00 38.79
C VAL K 386 -27.43 -21.06 39.41
N VAL K 387 -26.15 -21.20 39.05
CA VAL K 387 -25.13 -20.28 39.51
C VAL K 387 -25.33 -18.91 38.88
N ALA K 388 -25.65 -18.87 37.58
CA ALA K 388 -25.87 -17.60 36.91
C ALA K 388 -27.06 -16.86 37.46
N GLN K 389 -28.08 -17.58 37.92
CA GLN K 389 -29.25 -16.98 38.50
C GLN K 389 -28.99 -16.43 39.91
N ALA K 390 -28.16 -17.12 40.69
CA ALA K 390 -27.79 -16.62 42.02
C ALA K 390 -26.97 -15.33 41.93
N PHE K 391 -26.02 -15.29 40.99
CA PHE K 391 -25.14 -14.12 40.87
C PHE K 391 -25.92 -12.86 40.53
N SER K 392 -26.94 -12.97 39.68
CA SER K 392 -27.69 -11.78 39.30
C SER K 392 -28.64 -11.30 40.39
N LYS K 393 -29.17 -12.21 41.21
CA LYS K 393 -29.99 -11.80 42.35
C LYS K 393 -29.14 -11.13 43.43
N TRP K 394 -27.90 -11.61 43.61
CA TRP K 394 -27.00 -11.00 44.58
C TRP K 394 -26.64 -9.56 44.19
N ALA K 395 -26.35 -9.34 42.90
CA ALA K 395 -25.99 -8.00 42.44
C ALA K 395 -27.16 -7.04 42.56
N LYS K 396 -28.39 -7.53 42.43
CA LYS K 396 -29.55 -6.67 42.56
C LYS K 396 -29.81 -6.27 44.00
N GLU K 397 -29.62 -7.19 44.94
CA GLU K 397 -29.83 -6.88 46.35
C GLU K 397 -28.74 -5.97 46.93
N CYS K 398 -27.55 -5.94 46.31
CA CYS K 398 -26.51 -5.02 46.75
C CYS K 398 -26.84 -3.59 46.34
N ARG K 399 -27.43 -3.40 45.15
CA ARG K 399 -27.82 -2.06 44.70
C ARG K 399 -28.91 -1.47 45.60
N LYS K 400 -29.85 -2.30 46.05
CA LYS K 400 -30.96 -1.79 46.85
C LYS K 400 -30.49 -1.32 48.22
N ASP K 401 -29.49 -1.99 48.80
CA ASP K 401 -28.91 -1.53 50.06
C ASP K 401 -28.30 -0.14 49.89
N MET K 402 -27.56 0.07 48.80
CA MET K 402 -26.86 1.33 48.59
C MET K 402 -27.81 2.50 48.38
N GLU K 403 -29.00 2.26 47.84
CA GLU K 403 -29.95 3.31 47.54
C GLU K 403 -30.96 3.55 48.65
N ASP K 404 -30.92 2.78 49.73
CA ASP K 404 -31.78 2.98 50.90
C ASP K 404 -30.86 2.98 52.12
N GLU K 405 -30.27 4.14 52.39
CA GLU K 405 -29.18 4.28 53.34
C GLU K 405 -29.67 4.93 54.62
N LYS K 406 -29.23 4.41 55.76
CA LYS K 406 -29.74 4.83 57.06
C LYS K 406 -28.74 5.75 57.75
N LEU K 407 -29.08 6.13 58.98
CA LEU K 407 -28.22 6.96 59.80
C LEU K 407 -27.32 6.10 60.67
N LEU K 408 -26.13 6.61 60.97
CA LEU K 408 -25.16 5.84 61.76
C LEU K 408 -25.68 5.65 63.18
N GLY K 409 -25.57 4.43 63.70
CA GLY K 409 -25.84 4.20 65.10
C GLY K 409 -27.30 4.18 65.48
N VAL K 410 -28.19 4.18 64.51
CA VAL K 410 -29.62 4.34 64.76
C VAL K 410 -30.39 3.25 64.03
N ARG K 411 -31.15 2.47 64.77
CA ARG K 411 -32.20 1.62 64.23
C ARG K 411 -33.45 2.49 64.23
N GLU K 412 -34.16 2.58 63.11
CA GLU K 412 -35.44 3.31 63.13
C GLU K 412 -36.60 2.33 63.20
N ARG K 413 -36.90 1.89 64.41
CA ARG K 413 -38.06 1.08 64.72
C ARG K 413 -39.27 1.94 65.08
N THR K 414 -39.16 3.25 64.96
CA THR K 414 -40.24 4.19 65.27
C THR K 414 -40.75 4.02 66.70
N CYS K 419 -44.05 4.05 66.63
CA CYS K 419 -44.68 4.31 67.92
C CYS K 419 -44.74 3.02 68.74
N LEU K 420 -45.05 1.92 68.07
CA LEU K 420 -44.89 0.59 68.64
C LEU K 420 -43.78 -0.14 67.90
N TRP K 421 -43.00 -0.94 68.65
CA TRP K 421 -41.74 -1.44 68.12
C TRP K 421 -41.99 -2.54 67.09
N ALA K 422 -42.19 -2.14 65.84
CA ALA K 422 -42.45 -3.07 64.75
C ALA K 422 -41.64 -2.62 63.55
N PHE K 423 -40.65 -3.42 63.15
CA PHE K 423 -39.77 -3.08 62.05
C PHE K 423 -40.05 -3.99 60.86
N LYS K 424 -39.60 -3.54 59.68
CA LYS K 424 -39.81 -4.26 58.43
C LYS K 424 -38.58 -5.09 58.11
N LYS K 425 -38.80 -6.36 57.76
CA LYS K 425 -37.73 -7.25 57.33
C LYS K 425 -37.65 -7.28 55.82
N GLN K 426 -36.43 -7.26 55.30
CA GLN K 426 -36.21 -7.31 53.87
C GLN K 426 -36.12 -8.76 53.39
N LYS K 427 -36.25 -8.94 52.08
CA LYS K 427 -36.17 -10.26 51.48
C LYS K 427 -34.73 -10.56 51.06
N THR K 428 -34.30 -11.77 51.37
CA THR K 428 -32.96 -12.26 51.01
C THR K 428 -33.12 -13.53 50.20
N HIS K 429 -32.64 -13.52 48.96
CA HIS K 429 -32.75 -14.68 48.08
C HIS K 429 -31.42 -15.36 47.77
N THR K 430 -30.29 -14.76 48.13
CA THR K 430 -28.99 -15.35 47.85
C THR K 430 -28.07 -15.17 49.05
N VAL K 431 -27.34 -16.22 49.40
CA VAL K 431 -26.23 -16.16 50.34
C VAL K 431 -24.98 -16.53 49.56
N TYR K 432 -24.00 -15.62 49.53
CA TYR K 432 -22.78 -15.77 48.75
C TYR K 432 -21.58 -15.55 49.66
N LYS K 433 -20.82 -16.61 49.93
CA LYS K 433 -19.60 -16.53 50.72
C LYS K 433 -18.41 -16.57 49.77
N ARG K 434 -17.75 -15.43 49.59
CA ARG K 434 -16.62 -15.29 48.70
C ARG K 434 -15.37 -15.94 49.28
N PRO K 435 -14.40 -16.28 48.44
CA PRO K 435 -13.12 -16.81 48.95
C PRO K 435 -12.46 -15.83 49.91
N ASP K 436 -11.86 -16.39 50.97
CA ASP K 436 -11.19 -15.69 52.07
C ASP K 436 -12.16 -15.07 53.07
N THR K 437 -13.42 -15.47 53.11
CA THR K 437 -14.36 -15.07 54.15
C THR K 437 -14.62 -16.26 55.06
N GLN K 438 -15.42 -16.05 56.11
CA GLN K 438 -15.66 -17.08 57.11
C GLN K 438 -17.12 -17.06 57.57
N SER K 439 -17.72 -18.24 57.68
CA SER K 439 -19.03 -18.41 58.30
C SER K 439 -18.87 -18.66 59.78
N ILE K 440 -19.87 -18.25 60.56
CA ILE K 440 -19.85 -18.43 62.01
C ILE K 440 -21.25 -18.78 62.49
N GLN K 441 -21.36 -19.90 63.21
CA GLN K 441 -22.64 -20.49 63.60
C GLN K 441 -22.68 -20.74 65.11
N LYS K 442 -23.83 -20.50 65.71
CA LYS K 442 -24.03 -20.71 67.13
C LYS K 442 -24.61 -22.10 67.37
N VAL K 443 -23.83 -22.98 68.01
CA VAL K 443 -24.23 -24.36 68.25
C VAL K 443 -24.09 -24.68 69.74
N GLN K 444 -24.53 -25.88 70.10
CA GLN K 444 -24.52 -26.32 71.50
C GLN K 444 -23.13 -26.83 71.90
N ALA K 445 -22.71 -26.51 73.12
CA ALA K 445 -21.35 -26.80 73.55
C ALA K 445 -21.23 -27.48 74.92
N GLU K 446 -22.34 -27.75 75.61
CA GLU K 446 -22.31 -28.46 76.88
C GLU K 446 -23.11 -29.75 76.77
N PHE K 447 -22.45 -30.88 76.99
CA PHE K 447 -23.04 -32.20 76.74
C PHE K 447 -23.01 -33.01 78.04
N ASP K 448 -24.17 -33.47 78.48
CA ASP K 448 -24.25 -34.28 79.69
C ASP K 448 -25.06 -35.56 79.53
N SER K 449 -26.06 -35.56 78.65
CA SER K 449 -26.89 -36.74 78.43
C SER K 449 -26.32 -37.59 77.31
N PHE K 450 -26.11 -38.87 77.59
CA PHE K 450 -25.49 -39.82 76.66
C PHE K 450 -26.31 -41.10 76.68
N VAL K 451 -27.33 -41.15 75.84
CA VAL K 451 -28.28 -42.26 75.82
C VAL K 451 -27.63 -43.52 75.24
N GLY K 459 -26.21 -60.82 64.62
CA GLY K 459 -25.80 -60.61 63.24
C GLY K 459 -25.23 -61.86 62.59
N LEU K 460 -24.03 -62.25 63.02
CA LEU K 460 -23.36 -63.41 62.43
C LEU K 460 -24.18 -64.67 62.68
N SER K 461 -24.22 -65.55 61.67
CA SER K 461 -24.95 -66.79 61.77
C SER K 461 -24.20 -67.89 61.02
N ILE K 462 -24.67 -69.13 61.22
CA ILE K 462 -23.89 -70.30 60.81
C ILE K 462 -23.56 -70.30 59.32
N PRO K 463 -24.51 -70.09 58.39
CA PRO K 463 -24.14 -70.13 56.96
C PRO K 463 -23.04 -69.15 56.61
N LEU K 464 -23.07 -67.95 57.19
CA LEU K 464 -21.96 -67.01 57.01
C LEU K 464 -20.76 -67.44 57.85
N ARG K 465 -21.01 -67.90 59.08
CA ARG K 465 -19.94 -68.36 59.95
C ARG K 465 -19.17 -69.51 59.32
N THR K 466 -19.90 -70.47 58.74
CA THR K 466 -19.26 -71.61 58.11
C THR K 466 -18.40 -71.20 56.92
N ARG K 467 -18.91 -70.27 56.11
CA ARG K 467 -18.18 -69.86 54.91
C ARG K 467 -16.87 -69.17 55.28
N ILE K 468 -16.88 -68.30 56.28
CA ILE K 468 -15.65 -67.64 56.71
C ILE K 468 -14.65 -68.66 57.22
N LYS K 469 -15.12 -69.59 58.07
CA LYS K 469 -14.22 -70.57 58.67
C LYS K 469 -13.59 -71.48 57.63
N TRP K 470 -14.30 -71.74 56.53
CA TRP K 470 -13.81 -72.68 55.53
C TRP K 470 -12.55 -72.17 54.83
N LEU K 471 -12.49 -70.87 54.54
CA LEU K 471 -11.32 -70.33 53.85
C LEU K 471 -10.08 -70.40 54.72
N LEU K 472 -10.18 -69.97 55.98
CA LEU K 472 -9.01 -69.99 56.85
C LEU K 472 -8.58 -71.39 57.26
N SER K 473 -9.39 -72.41 56.98
CA SER K 473 -9.03 -73.79 57.28
C SER K 473 -7.81 -74.21 56.47
N ASP L 2 24.97 -14.20 58.22
CA ASP L 2 24.31 -12.95 57.89
C ASP L 2 22.89 -13.12 57.34
N PRO L 3 22.72 -13.83 56.21
CA PRO L 3 21.40 -13.88 55.59
C PRO L 3 20.40 -14.61 56.46
N VAL L 4 19.14 -14.23 56.32
CA VAL L 4 18.04 -14.83 57.07
C VAL L 4 17.02 -15.39 56.08
N TYR L 5 16.52 -16.58 56.37
CA TYR L 5 15.67 -17.33 55.46
C TYR L 5 14.27 -17.45 56.04
N VAL L 6 13.27 -17.22 55.21
CA VAL L 6 11.86 -17.37 55.61
C VAL L 6 11.27 -18.58 54.92
N ASP L 7 10.35 -19.24 55.60
CA ASP L 7 9.69 -20.43 55.09
C ASP L 7 8.45 -20.10 54.27
N ILE L 8 8.60 -19.23 53.28
CA ILE L 8 7.52 -18.90 52.36
C ILE L 8 8.06 -19.04 50.93
N ASP L 9 7.18 -18.77 49.96
CA ASP L 9 7.51 -18.98 48.56
C ASP L 9 8.39 -17.84 48.05
N ALA L 10 8.62 -17.81 46.74
CA ALA L 10 9.48 -16.82 46.11
C ALA L 10 8.78 -15.94 45.10
N ASP L 11 7.57 -16.30 44.65
CA ASP L 11 6.82 -15.49 43.71
C ASP L 11 5.70 -14.70 44.37
N SER L 12 5.53 -14.82 45.68
CA SER L 12 4.46 -14.13 46.37
C SER L 12 4.78 -12.65 46.56
N ALA L 13 3.73 -11.85 46.73
CA ALA L 13 3.90 -10.42 46.98
C ALA L 13 4.26 -10.11 48.43
N PHE L 14 4.07 -11.05 49.35
CA PHE L 14 4.39 -10.80 50.74
C PHE L 14 5.90 -10.78 51.00
N LEU L 15 6.70 -11.36 50.10
CA LEU L 15 8.15 -11.34 50.28
C LEU L 15 8.69 -9.92 50.24
N LYS L 16 8.21 -9.11 49.29
CA LYS L 16 8.67 -7.73 49.19
C LYS L 16 8.27 -6.93 50.42
N ALA L 17 7.05 -7.12 50.91
CA ALA L 17 6.61 -6.41 52.11
C ALA L 17 7.45 -6.79 53.31
N LEU L 18 7.75 -8.08 53.45
CA LEU L 18 8.60 -8.53 54.55
C LEU L 18 10.00 -7.92 54.43
N GLN L 19 10.54 -7.86 53.20
CA GLN L 19 11.84 -7.23 52.99
C GLN L 19 11.83 -5.78 53.44
N ARG L 20 10.86 -4.99 52.95
CA ARG L 20 10.87 -3.57 53.25
C ARG L 20 10.42 -3.26 54.68
N ALA L 21 9.88 -4.24 55.40
CA ALA L 21 9.61 -4.04 56.82
C ALA L 21 10.85 -4.26 57.68
N TYR L 22 11.82 -5.05 57.19
CA TYR L 22 13.07 -5.32 57.87
C TYR L 22 14.20 -4.94 56.92
N PRO L 23 14.56 -3.65 56.84
CA PRO L 23 15.50 -3.20 55.80
C PRO L 23 16.97 -3.43 56.13
N MET L 24 17.26 -3.82 57.36
CA MET L 24 18.61 -4.13 57.83
C MET L 24 18.93 -5.61 57.81
N PHE L 25 18.07 -6.43 57.20
CA PHE L 25 18.31 -7.85 57.02
C PHE L 25 18.32 -8.15 55.53
N GLU L 26 18.61 -9.40 55.19
CA GLU L 26 18.51 -9.89 53.81
C GLU L 26 17.67 -11.16 53.86
N VAL L 27 16.37 -10.99 53.70
CA VAL L 27 15.42 -12.09 53.78
C VAL L 27 15.42 -12.85 52.46
N GLU L 28 15.40 -14.18 52.54
CA GLU L 28 15.45 -15.00 51.35
C GLU L 28 14.41 -16.10 51.38
N PRO L 29 13.83 -16.44 50.23
CA PRO L 29 12.87 -17.55 50.18
C PRO L 29 13.53 -18.90 50.28
N ARG L 30 12.99 -19.78 51.10
CA ARG L 30 13.46 -21.16 51.14
C ARG L 30 12.30 -22.12 51.27
N ASP L 36 -2.61 -21.35 55.62
CA ASP L 36 -2.86 -19.91 55.66
C ASP L 36 -2.34 -19.30 56.96
N HIS L 37 -1.08 -19.62 57.30
CA HIS L 37 -0.46 -19.04 58.48
C HIS L 37 1.02 -18.74 58.25
N ALA L 38 1.52 -18.90 57.03
CA ALA L 38 2.95 -18.68 56.79
C ALA L 38 3.31 -17.21 56.89
N ASN L 39 2.41 -16.32 56.47
CA ASN L 39 2.69 -14.89 56.56
C ASN L 39 2.89 -14.46 58.01
N ALA L 40 2.02 -14.93 58.90
CA ALA L 40 2.14 -14.53 60.30
C ALA L 40 3.33 -15.19 60.98
N ARG L 41 3.71 -16.41 60.55
CA ARG L 41 4.86 -17.07 61.14
C ARG L 41 6.12 -16.26 60.92
N ALA L 42 6.38 -15.91 59.66
CA ALA L 42 7.65 -15.31 59.29
C ALA L 42 7.84 -13.96 59.94
N PHE L 43 6.75 -13.21 60.13
CA PHE L 43 6.85 -11.96 60.86
C PHE L 43 7.28 -12.21 62.29
N SER L 44 6.76 -13.28 62.90
CA SER L 44 7.14 -13.61 64.27
C SER L 44 8.55 -14.17 64.35
N HIS L 45 9.00 -14.86 63.29
CA HIS L 45 10.37 -15.36 63.26
C HIS L 45 11.37 -14.21 63.22
N LEU L 46 11.16 -13.24 62.33
CA LEU L 46 12.08 -12.10 62.25
C LEU L 46 11.98 -11.19 63.46
N ALA L 47 10.83 -11.14 64.14
CA ALA L 47 10.71 -10.28 65.31
C ALA L 47 11.54 -10.80 66.48
N ILE L 48 11.58 -12.12 66.66
CA ILE L 48 12.39 -12.70 67.73
C ILE L 48 13.87 -12.57 67.40
N LYS L 49 14.23 -12.75 66.12
CA LYS L 49 15.62 -12.59 65.72
C LYS L 49 16.11 -11.17 65.99
N LEU L 50 15.29 -10.17 65.71
CA LEU L 50 15.65 -8.78 65.97
C LEU L 50 15.93 -8.53 67.44
N ILE L 51 15.07 -9.06 68.31
CA ILE L 51 15.20 -8.77 69.73
C ILE L 51 16.51 -9.31 70.28
N GLU L 52 16.88 -10.53 69.86
CA GLU L 52 18.13 -11.13 70.30
C GLU L 52 19.32 -10.28 69.86
N GLN L 53 19.32 -9.84 68.60
CA GLN L 53 20.38 -8.96 68.11
C GLN L 53 20.41 -7.63 68.85
N GLU L 54 19.30 -7.25 69.47
CA GLU L 54 19.18 -5.97 70.15
C GLU L 54 19.64 -5.99 71.60
N ILE L 55 19.95 -7.16 72.16
CA ILE L 55 20.31 -7.27 73.57
C ILE L 55 21.59 -8.07 73.70
N ASP L 56 22.39 -7.71 74.69
CA ASP L 56 23.61 -8.44 74.97
C ASP L 56 23.29 -9.85 75.46
N PRO L 57 24.03 -10.87 75.02
CA PRO L 57 23.76 -12.24 75.48
C PRO L 57 24.04 -12.41 76.96
N ASP L 58 23.80 -13.62 77.48
CA ASP L 58 23.90 -13.90 78.91
C ASP L 58 22.96 -12.99 79.71
N SER L 59 21.76 -12.78 79.18
CA SER L 59 20.72 -12.00 79.84
C SER L 59 19.52 -12.91 80.11
N THR L 60 18.87 -12.69 81.25
CA THR L 60 17.70 -13.49 81.62
C THR L 60 16.45 -12.92 80.95
N ILE L 61 15.77 -13.77 80.18
CA ILE L 61 14.63 -13.35 79.37
C ILE L 61 13.38 -14.04 79.89
N LEU L 62 12.38 -13.24 80.26
CA LEU L 62 11.07 -13.77 80.62
C LEU L 62 10.21 -13.99 79.38
N ASP L 63 9.23 -14.88 79.50
CA ASP L 63 8.25 -15.12 78.46
C ASP L 63 6.87 -15.17 79.10
N ILE L 64 6.08 -14.12 78.91
CA ILE L 64 4.74 -14.06 79.49
C ILE L 64 3.78 -14.85 78.62
N GLY L 65 3.04 -15.78 79.23
CA GLY L 65 2.07 -16.59 78.53
C GLY L 65 2.62 -17.27 77.29
N SER L 66 3.54 -18.19 77.48
CA SER L 66 4.32 -18.74 76.38
C SER L 66 3.96 -20.20 76.13
N ALA L 67 4.53 -20.72 75.05
CA ALA L 67 4.52 -22.15 74.73
C ALA L 67 5.96 -22.63 74.73
N PRO L 68 6.41 -23.33 75.78
CA PRO L 68 7.85 -23.56 75.94
C PRO L 68 8.50 -24.35 74.81
N ALA L 69 7.72 -25.10 74.03
CA ALA L 69 8.29 -25.90 72.95
C ALA L 69 8.96 -25.04 71.88
N ARG L 70 8.65 -23.73 71.82
CA ARG L 70 9.28 -22.87 70.83
C ARG L 70 10.62 -22.34 71.30
N ARG L 71 10.79 -22.14 72.61
CA ARG L 71 12.02 -21.62 73.18
C ARG L 71 13.01 -22.71 73.58
N MET L 72 12.69 -23.98 73.33
CA MET L 72 13.51 -25.07 73.85
C MET L 72 14.87 -25.11 73.18
N MET L 73 14.95 -24.85 71.88
CA MET L 73 16.18 -25.02 71.11
C MET L 73 16.94 -23.71 70.89
N SER L 74 16.92 -22.81 71.87
CA SER L 74 17.59 -21.53 71.75
C SER L 74 18.61 -21.35 72.86
N ASP L 75 19.70 -20.67 72.54
CA ASP L 75 20.82 -20.50 73.46
C ASP L 75 20.71 -19.21 74.27
N ARG L 76 19.58 -19.01 74.93
CA ARG L 76 19.38 -17.82 75.75
C ARG L 76 18.66 -18.21 77.03
N LYS L 77 18.83 -17.39 78.06
CA LYS L 77 18.27 -17.66 79.39
C LYS L 77 16.78 -17.36 79.38
N TYR L 78 16.01 -18.27 78.80
CA TYR L 78 14.56 -18.14 78.74
C TYR L 78 13.93 -18.74 79.99
N HIS L 79 12.99 -18.02 80.59
CA HIS L 79 12.21 -18.50 81.73
C HIS L 79 10.74 -18.43 81.34
N CYS L 80 10.19 -19.57 80.89
CA CYS L 80 8.83 -19.61 80.37
C CYS L 80 7.81 -19.60 81.50
N VAL L 81 6.73 -18.85 81.31
CA VAL L 81 5.65 -18.72 82.28
C VAL L 81 4.38 -19.26 81.64
N CYS L 82 3.78 -20.28 82.27
CA CYS L 82 2.70 -21.04 81.64
C CYS L 82 1.57 -21.32 82.62
N PRO L 83 0.70 -20.34 82.86
CA PRO L 83 -0.51 -20.61 83.65
C PRO L 83 -1.54 -21.38 82.84
N MET L 84 -2.46 -22.02 83.58
CA MET L 84 -3.53 -22.81 82.99
C MET L 84 -4.77 -21.92 82.87
N ARG L 85 -4.79 -21.11 81.82
CA ARG L 85 -5.86 -20.14 81.60
C ARG L 85 -6.83 -20.54 80.49
N SER L 86 -6.38 -21.31 79.49
CA SER L 86 -7.22 -21.67 78.36
C SER L 86 -7.15 -23.17 78.11
N ALA L 87 -8.13 -23.64 77.34
CA ALA L 87 -8.26 -25.07 77.05
C ALA L 87 -7.13 -25.61 76.18
N GLU L 88 -6.34 -24.74 75.56
CA GLU L 88 -5.21 -25.15 74.74
C GLU L 88 -3.90 -25.25 75.53
N ASP L 89 -3.91 -24.90 76.81
CA ASP L 89 -2.68 -24.84 77.59
C ASP L 89 -2.13 -26.23 77.93
N PRO L 90 -2.93 -27.17 78.43
CA PRO L 90 -2.37 -28.52 78.69
C PRO L 90 -1.79 -29.19 77.47
N GLU L 91 -2.30 -28.89 76.27
CA GLU L 91 -1.67 -29.41 75.07
C GLU L 91 -0.28 -28.82 74.88
N ARG L 92 -0.12 -27.54 75.19
CA ARG L 92 1.21 -26.91 75.11
C ARG L 92 2.17 -27.56 76.09
N LEU L 93 1.72 -27.82 77.32
CA LEU L 93 2.55 -28.48 78.31
C LEU L 93 2.92 -29.89 77.88
N ALA L 94 1.95 -30.64 77.37
CA ALA L 94 2.20 -32.04 76.99
C ALA L 94 3.15 -32.12 75.81
N ASN L 95 3.07 -31.18 74.88
CA ASN L 95 3.97 -31.19 73.73
C ASN L 95 5.41 -30.95 74.17
N TYR L 96 5.60 -30.08 75.15
CA TYR L 96 6.93 -29.85 75.71
C TYR L 96 7.50 -31.14 76.31
N ALA L 97 6.68 -31.85 77.08
CA ALA L 97 7.15 -33.06 77.76
C ALA L 97 7.55 -34.14 76.77
N ARG L 98 7.05 -34.06 75.53
CA ARG L 98 7.40 -35.07 74.53
C ARG L 98 8.73 -34.75 73.88
N LYS L 99 8.87 -33.54 73.34
CA LYS L 99 10.11 -33.16 72.67
C LYS L 99 11.30 -33.20 73.62
N LEU L 100 11.07 -33.01 74.91
CA LEU L 100 12.16 -33.14 75.88
C LEU L 100 12.65 -34.58 75.95
N ALA L 101 11.73 -35.53 76.14
CA ALA L 101 12.11 -36.93 76.11
C ALA L 101 12.60 -37.35 74.73
N SER L 102 11.91 -36.91 73.67
CA SER L 102 12.23 -37.35 72.32
C SER L 102 13.59 -36.84 71.86
N ALA L 103 14.18 -35.88 72.55
CA ALA L 103 15.50 -35.35 72.23
C ALA L 103 16.34 -35.22 73.49
N ALA L 104 16.33 -36.26 74.32
CA ALA L 104 17.01 -36.23 75.61
C ALA L 104 18.47 -36.69 75.53
N GLY L 105 18.92 -37.16 74.38
CA GLY L 105 20.31 -37.61 74.28
C GLY L 105 20.96 -37.35 72.93
N LYS L 106 20.28 -36.63 72.04
CA LYS L 106 20.76 -36.45 70.69
C LYS L 106 21.47 -35.13 70.45
N VAL L 107 21.60 -34.29 71.48
CA VAL L 107 22.30 -33.00 71.36
C VAL L 107 23.16 -32.82 72.60
N LEU L 108 24.41 -32.39 72.37
CA LEU L 108 25.37 -32.19 73.46
C LEU L 108 25.93 -30.77 73.47
N ASP L 109 25.18 -29.82 72.92
CA ASP L 109 25.59 -28.42 72.89
C ASP L 109 24.68 -27.53 73.74
N ARG L 110 23.39 -27.53 73.48
CA ARG L 110 22.44 -26.74 74.25
C ARG L 110 21.93 -27.54 75.44
N ASN L 111 21.71 -26.86 76.55
CA ASN L 111 21.20 -27.51 77.76
C ASN L 111 19.86 -28.15 77.48
N ILE L 112 19.78 -29.47 77.65
CA ILE L 112 18.52 -30.18 77.43
C ILE L 112 18.17 -30.99 78.67
N SER L 113 19.19 -31.45 79.41
CA SER L 113 18.93 -32.23 80.60
C SER L 113 18.48 -31.37 81.77
N GLY L 114 18.96 -30.12 81.84
CA GLY L 114 18.51 -29.23 82.89
C GLY L 114 17.05 -28.86 82.76
N LYS L 115 16.55 -28.73 81.53
CA LYS L 115 15.14 -28.44 81.33
C LYS L 115 14.26 -29.61 81.74
N ILE L 116 14.76 -30.84 81.55
CA ILE L 116 14.02 -32.02 81.98
C ILE L 116 13.86 -32.03 83.50
N GLY L 117 14.93 -31.70 84.22
CA GLY L 117 14.87 -31.71 85.67
C GLY L 117 13.94 -30.66 86.23
N ASP L 118 13.88 -29.48 85.59
CA ASP L 118 13.00 -28.42 86.05
C ASP L 118 11.54 -28.83 85.94
N LEU L 119 11.16 -29.47 84.85
CA LEU L 119 9.77 -29.88 84.66
C LEU L 119 9.34 -30.87 85.73
N GLN L 120 10.11 -31.95 85.91
CA GLN L 120 9.74 -32.97 86.88
C GLN L 120 9.85 -32.48 88.33
N ALA L 121 10.59 -31.41 88.56
CA ALA L 121 10.54 -30.77 89.88
C ALA L 121 9.23 -30.03 90.09
N VAL L 122 8.79 -29.26 89.10
CA VAL L 122 7.50 -28.58 89.19
C VAL L 122 6.37 -29.58 89.16
N MET L 123 6.51 -30.66 88.38
CA MET L 123 5.50 -31.71 88.39
C MET L 123 5.33 -32.31 89.77
N ALA L 124 6.44 -32.62 90.44
CA ALA L 124 6.37 -33.11 91.81
C ALA L 124 5.85 -32.04 92.76
N VAL L 125 6.45 -30.85 92.72
CA VAL L 125 6.07 -29.75 93.59
C VAL L 125 5.47 -28.64 92.73
N PRO L 126 4.15 -28.49 92.69
CA PRO L 126 3.50 -27.61 91.72
C PRO L 126 3.56 -26.13 92.03
N ASP L 127 4.28 -25.71 93.06
CA ASP L 127 4.38 -24.30 93.43
C ASP L 127 5.84 -23.95 93.73
N THR L 128 6.74 -24.38 92.85
CA THR L 128 8.16 -24.07 92.98
C THR L 128 8.60 -23.24 91.78
N GLU L 129 9.33 -22.17 92.05
CA GLU L 129 9.91 -21.34 90.99
C GLU L 129 11.26 -21.90 90.59
N THR L 130 11.42 -22.18 89.30
CA THR L 130 12.58 -22.85 88.76
C THR L 130 13.19 -21.99 87.66
N PRO L 131 14.45 -22.23 87.29
CA PRO L 131 15.10 -21.37 86.30
C PRO L 131 14.39 -21.30 84.95
N THR L 132 13.80 -22.41 84.46
CA THR L 132 13.27 -22.43 83.11
C THR L 132 11.79 -22.81 83.04
N PHE L 133 11.04 -22.65 84.12
CA PHE L 133 9.64 -23.03 84.13
C PHE L 133 8.98 -22.54 85.41
N CYS L 134 7.68 -22.29 85.31
CA CYS L 134 6.83 -22.00 86.45
C CYS L 134 5.39 -22.11 85.97
N LEU L 135 4.46 -22.15 86.92
CA LEU L 135 3.04 -22.34 86.65
C LEU L 135 2.24 -21.21 87.26
N HIS L 136 2.72 -19.99 87.09
CA HIS L 136 2.07 -18.81 87.63
C HIS L 136 1.60 -17.91 86.49
N THR L 137 0.89 -16.85 86.86
CA THR L 137 0.48 -15.83 85.90
C THR L 137 1.67 -14.87 85.68
N ASP L 138 1.40 -13.73 85.08
CA ASP L 138 2.39 -12.68 84.95
C ASP L 138 2.46 -11.78 86.18
N VAL L 139 1.44 -11.80 87.04
CA VAL L 139 1.40 -10.98 88.23
C VAL L 139 1.95 -11.71 89.46
N SER L 140 1.64 -13.00 89.59
CA SER L 140 2.02 -13.75 90.79
C SER L 140 3.40 -14.37 90.73
N CYS L 141 4.04 -14.41 89.55
CA CYS L 141 5.40 -14.94 89.47
C CYS L 141 6.36 -14.04 90.25
N ARG L 142 7.37 -14.65 90.85
CA ARG L 142 8.27 -13.95 91.76
C ARG L 142 9.72 -13.99 91.32
N GLN L 143 10.01 -14.56 90.16
CA GLN L 143 11.38 -14.60 89.66
C GLN L 143 11.83 -13.21 89.20
N ARG L 144 13.06 -12.85 89.53
CA ARG L 144 13.61 -11.57 89.10
C ARG L 144 14.34 -11.71 87.76
N ALA L 145 14.23 -10.67 86.94
CA ALA L 145 14.87 -10.65 85.62
C ALA L 145 15.06 -9.20 85.21
N ASP L 146 15.44 -9.00 83.93
CA ASP L 146 15.64 -7.67 83.38
C ASP L 146 14.95 -7.41 82.05
N VAL L 147 14.60 -8.45 81.29
CA VAL L 147 13.97 -8.31 79.99
C VAL L 147 12.74 -9.21 79.92
N ALA L 148 11.63 -8.66 79.44
CA ALA L 148 10.39 -9.40 79.27
C ALA L 148 9.95 -9.35 77.81
N ILE L 149 9.21 -10.38 77.39
CA ILE L 149 8.71 -10.48 76.02
C ILE L 149 7.27 -10.97 76.05
N TYR L 150 6.44 -10.37 75.20
CA TYR L 150 5.05 -10.77 75.02
C TYR L 150 4.83 -11.17 73.57
N GLN L 151 4.06 -12.22 73.35
CA GLN L 151 3.65 -12.59 71.99
C GLN L 151 2.18 -12.94 72.00
N ASP L 152 1.41 -12.24 71.16
CA ASP L 152 -0.02 -12.48 70.98
C ASP L 152 -0.75 -12.48 72.32
N VAL L 153 -0.40 -11.53 73.18
CA VAL L 153 -1.01 -11.38 74.50
C VAL L 153 -2.00 -10.24 74.41
N TYR L 154 -3.29 -10.56 74.40
CA TYR L 154 -4.33 -9.55 74.23
C TYR L 154 -5.26 -9.43 75.43
N ALA L 155 -5.09 -10.27 76.45
CA ALA L 155 -6.05 -10.35 77.54
C ALA L 155 -5.47 -9.93 78.88
N VAL L 156 -4.60 -8.91 78.90
CA VAL L 156 -4.07 -8.38 80.14
C VAL L 156 -4.05 -6.86 80.07
N HIS L 157 -4.23 -6.23 81.23
CA HIS L 157 -4.12 -4.78 81.34
C HIS L 157 -2.65 -4.37 81.28
N ALA L 158 -2.29 -3.54 80.30
CA ALA L 158 -0.88 -3.25 80.07
C ALA L 158 -0.22 -2.50 81.22
N PRO L 159 -0.78 -1.40 81.75
CA PRO L 159 -0.09 -0.74 82.87
C PRO L 159 0.07 -1.60 84.11
N THR L 160 -0.92 -2.45 84.41
CA THR L 160 -0.81 -3.32 85.58
C THR L 160 0.22 -4.41 85.37
N SER L 161 0.24 -5.03 84.19
CA SER L 161 1.25 -6.04 83.90
C SER L 161 2.64 -5.44 83.90
N LEU L 162 2.81 -4.27 83.29
CA LEU L 162 4.14 -3.67 83.18
C LEU L 162 4.68 -3.20 84.52
N TYR L 163 3.82 -2.80 85.45
CA TYR L 163 4.30 -2.45 86.78
C TYR L 163 4.95 -3.65 87.45
N HIS L 164 4.29 -4.81 87.41
CA HIS L 164 4.78 -5.96 88.15
C HIS L 164 6.07 -6.53 87.56
N GLN L 165 6.41 -6.19 86.33
CA GLN L 165 7.73 -6.55 85.82
C GLN L 165 8.78 -5.54 86.23
N ALA L 166 8.39 -4.32 86.56
CA ALA L 166 9.34 -3.27 86.92
C ALA L 166 9.96 -3.50 88.29
N ILE L 167 9.15 -3.80 89.29
CA ILE L 167 9.63 -3.94 90.66
C ILE L 167 10.38 -5.24 90.85
N LYS L 168 10.53 -6.00 89.76
CA LYS L 168 11.38 -7.18 89.74
C LYS L 168 12.60 -6.99 88.84
N GLY L 169 12.90 -5.73 88.48
CA GLY L 169 14.14 -5.40 87.82
C GLY L 169 14.13 -5.41 86.30
N VAL L 170 12.96 -5.49 85.66
CA VAL L 170 12.92 -5.49 84.21
C VAL L 170 13.01 -4.06 83.70
N ARG L 171 13.92 -3.84 82.74
CA ARG L 171 14.11 -2.53 82.14
C ARG L 171 13.63 -2.42 80.70
N LEU L 172 13.48 -3.54 80.00
CA LEU L 172 13.21 -3.55 78.57
C LEU L 172 12.15 -4.60 78.28
N ALA L 173 11.07 -4.21 77.60
CA ALA L 173 9.98 -5.10 77.25
C ALA L 173 9.61 -4.94 75.80
N TYR L 174 9.13 -6.03 75.19
CA TYR L 174 8.61 -5.99 73.83
C TYR L 174 7.21 -6.58 73.79
N TRP L 175 6.53 -6.31 72.67
CA TRP L 175 5.15 -6.73 72.45
C TRP L 175 4.95 -6.91 70.96
N VAL L 176 4.55 -8.12 70.56
CA VAL L 176 4.25 -8.45 69.18
C VAL L 176 2.77 -8.78 69.06
N GLY L 177 2.13 -8.32 68.00
CA GLY L 177 0.71 -8.56 67.84
C GLY L 177 0.10 -7.66 66.78
N PHE L 178 -1.22 -7.69 66.72
CA PHE L 178 -1.99 -6.91 65.76
C PHE L 178 -2.01 -5.43 66.13
N ASP L 179 -2.03 -4.59 65.10
CA ASP L 179 -2.13 -3.15 65.28
C ASP L 179 -3.41 -2.76 66.02
N THR L 180 -3.29 -1.86 66.98
CA THR L 180 -4.40 -1.44 67.84
C THR L 180 -5.14 -0.21 67.33
N THR L 181 -4.71 0.36 66.20
CA THR L 181 -5.33 1.58 65.68
C THR L 181 -6.81 1.43 65.34
N PRO L 182 -7.30 0.35 64.71
CA PRO L 182 -8.74 0.26 64.43
C PRO L 182 -9.62 0.30 65.66
N PHE L 183 -9.13 -0.15 66.82
CA PHE L 183 -9.94 -0.10 68.03
C PHE L 183 -9.87 1.25 68.72
N MET L 184 -8.94 2.12 68.34
CA MET L 184 -8.97 3.49 68.84
C MET L 184 -9.90 4.37 68.02
N TYR L 185 -10.13 4.03 66.76
CA TYR L 185 -11.14 4.70 65.95
C TYR L 185 -12.55 4.17 66.20
N ASN L 186 -12.69 3.08 66.95
CA ASN L 186 -13.98 2.56 67.42
C ASN L 186 -14.85 2.00 66.27
N ALA L 187 -14.24 1.20 65.39
CA ALA L 187 -14.99 0.58 64.30
C ALA L 187 -15.80 -0.61 64.80
N MET L 188 -16.87 -0.93 64.06
CA MET L 188 -17.70 -2.07 64.44
C MET L 188 -17.20 -3.40 63.88
N ALA L 189 -16.51 -3.40 62.74
CA ALA L 189 -15.93 -4.62 62.18
C ALA L 189 -14.76 -4.23 61.28
N GLY L 190 -13.94 -5.21 60.91
CA GLY L 190 -12.81 -4.91 60.05
C GLY L 190 -12.06 -6.15 59.63
N ALA L 191 -11.01 -5.92 58.85
CA ALA L 191 -10.21 -6.98 58.25
C ALA L 191 -8.72 -6.69 58.40
N TYR L 192 -7.91 -7.76 58.41
CA TYR L 192 -6.46 -7.72 58.28
C TYR L 192 -6.12 -8.63 57.12
N PRO L 193 -6.36 -8.20 55.87
CA PRO L 193 -6.45 -9.15 54.76
C PRO L 193 -5.17 -9.93 54.46
N SER L 194 -3.98 -9.41 54.80
CA SER L 194 -2.76 -10.14 54.49
C SER L 194 -2.47 -11.27 55.46
N TYR L 195 -3.19 -11.36 56.58
CA TYR L 195 -2.97 -12.41 57.57
C TYR L 195 -4.18 -13.32 57.71
N SER L 196 -5.09 -13.31 56.72
CA SER L 196 -6.26 -14.19 56.69
C SER L 196 -7.14 -14.02 57.93
N THR L 197 -7.35 -12.78 58.35
CA THR L 197 -8.06 -12.49 59.59
C THR L 197 -9.23 -11.55 59.34
N ASN L 198 -10.37 -11.87 59.96
CA ASN L 198 -11.51 -10.97 60.05
C ASN L 198 -11.97 -10.92 61.50
N TRP L 199 -12.53 -9.79 61.91
CA TRP L 199 -13.05 -9.64 63.27
C TRP L 199 -14.37 -8.88 63.19
N ALA L 200 -15.20 -9.06 64.21
CA ALA L 200 -16.48 -8.37 64.24
C ALA L 200 -16.99 -8.25 65.67
N ASP L 201 -17.82 -7.23 65.89
CA ASP L 201 -18.57 -7.09 67.13
C ASP L 201 -19.66 -8.16 67.22
N GLU L 202 -19.97 -8.56 68.46
CA GLU L 202 -21.02 -9.55 68.72
C GLU L 202 -22.36 -9.15 68.10
N GLN L 203 -22.66 -7.86 68.07
CA GLN L 203 -23.97 -7.40 67.66
C GLN L 203 -24.23 -7.55 66.17
N VAL L 204 -23.22 -7.77 65.35
CA VAL L 204 -23.39 -7.80 63.90
C VAL L 204 -23.01 -9.16 63.31
N LEU L 205 -22.96 -10.21 64.12
CA LEU L 205 -22.62 -11.54 63.63
C LEU L 205 -23.65 -12.11 62.66
N LYS L 206 -24.87 -11.57 62.61
CA LYS L 206 -25.90 -12.02 61.70
C LYS L 206 -26.09 -11.09 60.51
N ALA L 207 -25.03 -10.40 60.10
CA ALA L 207 -25.05 -9.57 58.90
C ALA L 207 -24.92 -10.44 57.67
N LYS L 208 -24.80 -9.81 56.51
CA LYS L 208 -24.81 -10.52 55.23
C LYS L 208 -23.52 -10.36 54.43
N ASN L 209 -22.90 -9.18 54.42
CA ASN L 209 -21.83 -8.91 53.45
C ASN L 209 -20.53 -8.44 54.09
N ILE L 210 -20.24 -8.79 55.33
CA ILE L 210 -18.95 -8.51 55.94
C ILE L 210 -18.15 -9.82 55.97
N GLY L 211 -16.89 -9.71 56.42
CA GLY L 211 -15.99 -10.85 56.37
C GLY L 211 -16.40 -12.02 57.26
N LEU L 212 -16.95 -11.73 58.44
CA LEU L 212 -17.26 -12.75 59.45
C LEU L 212 -18.72 -12.63 59.89
N CYS L 213 -19.60 -13.40 59.25
CA CYS L 213 -21.04 -13.29 59.50
C CYS L 213 -21.74 -14.52 58.93
N SER L 214 -23.04 -14.62 59.20
CA SER L 214 -23.87 -15.71 58.69
C SER L 214 -25.33 -15.32 58.83
N THR L 215 -26.11 -15.48 57.77
CA THR L 215 -27.53 -15.11 57.79
C THR L 215 -28.36 -16.18 57.06
N ASP L 216 -29.66 -15.91 56.90
CA ASP L 216 -30.65 -16.87 56.42
C ASP L 216 -31.40 -16.33 55.21
N LEU L 217 -32.08 -17.22 54.50
CA LEU L 217 -33.00 -16.87 53.43
C LEU L 217 -34.39 -16.60 54.01
N THR L 218 -35.05 -15.56 53.51
CA THR L 218 -36.32 -15.16 54.06
C THR L 218 -37.13 -14.39 53.03
N GLU L 219 -38.44 -14.35 53.23
CA GLU L 219 -39.34 -13.57 52.37
C GLU L 219 -39.61 -12.17 52.91
N GLY L 220 -39.67 -12.01 54.23
CA GLY L 220 -39.76 -10.69 54.81
C GLY L 220 -41.17 -10.22 55.14
N ARG L 221 -41.35 -9.70 56.35
CA ARG L 221 -42.65 -9.18 56.78
C ARG L 221 -42.63 -7.65 56.76
N ARG L 222 -43.82 -7.08 56.57
CA ARG L 222 -44.02 -5.64 56.69
C ARG L 222 -44.30 -5.22 58.13
N GLY L 223 -44.39 -6.18 59.06
CA GLY L 223 -44.55 -5.88 60.46
C GLY L 223 -44.00 -6.97 61.36
N LYS L 224 -43.11 -6.61 62.26
CA LYS L 224 -42.53 -7.53 63.24
C LYS L 224 -42.56 -6.84 64.59
N LEU L 225 -43.66 -6.99 65.31
CA LEU L 225 -43.83 -6.30 66.58
C LEU L 225 -42.85 -6.82 67.62
N SER L 226 -42.37 -5.92 68.47
CA SER L 226 -41.54 -6.28 69.61
C SER L 226 -41.99 -5.49 70.82
N ILE L 227 -41.76 -6.04 72.01
CA ILE L 227 -42.03 -5.30 73.23
C ILE L 227 -40.77 -4.59 73.70
N MET L 228 -39.60 -5.09 73.32
CA MET L 228 -38.35 -4.45 73.70
C MET L 228 -37.83 -3.63 72.53
N ARG L 229 -37.52 -2.36 72.80
CA ARG L 229 -37.06 -1.41 71.79
C ARG L 229 -35.61 -1.03 72.08
N GLY L 230 -34.71 -1.37 71.17
CA GLY L 230 -33.33 -0.94 71.28
C GLY L 230 -33.09 0.46 70.76
N LYS L 231 -33.26 0.65 69.44
CA LYS L 231 -33.09 1.93 68.76
C LYS L 231 -31.68 2.51 68.93
N LYS L 232 -30.71 1.70 69.37
CA LYS L 232 -29.35 2.18 69.56
C LYS L 232 -28.40 1.04 69.23
N LEU L 233 -27.51 1.27 68.27
CA LEU L 233 -26.54 0.29 67.81
C LEU L 233 -25.14 0.91 67.89
N GLU L 234 -24.38 0.56 68.92
CA GLU L 234 -23.05 1.09 69.17
C GLU L 234 -22.12 -0.02 69.60
N PRO L 235 -20.82 0.15 69.39
CA PRO L 235 -19.86 -0.89 69.80
C PRO L 235 -19.95 -1.21 71.29
N CYS L 236 -19.83 -2.50 71.59
N CYS L 236 -19.82 -2.49 71.59
CA CYS L 236 -19.82 -3.04 72.93
CA CYS L 236 -19.80 -3.01 72.94
C CYS L 236 -18.50 -3.78 73.15
C CYS L 236 -18.50 -3.77 73.16
N ASP L 237 -18.26 -4.18 74.41
CA ASP L 237 -16.92 -4.64 74.79
C ASP L 237 -16.47 -5.90 74.06
N ARG L 238 -17.35 -6.87 73.85
CA ARG L 238 -16.91 -8.19 73.40
C ARG L 238 -16.81 -8.25 71.88
N VAL L 239 -15.70 -8.80 71.38
CA VAL L 239 -15.34 -8.85 69.97
C VAL L 239 -14.81 -10.25 69.65
N LEU L 240 -15.06 -10.72 68.44
CA LEU L 240 -14.65 -12.05 68.01
C LEU L 240 -13.61 -11.95 66.89
N PHE L 241 -12.51 -12.67 67.02
CA PHE L 241 -11.46 -12.74 66.01
C PHE L 241 -11.46 -14.11 65.35
N SER L 242 -11.20 -14.15 64.05
CA SER L 242 -11.08 -15.40 63.31
C SER L 242 -9.79 -15.37 62.50
N VAL L 243 -8.78 -16.07 62.99
CA VAL L 243 -7.48 -16.17 62.31
C VAL L 243 -7.49 -17.49 61.54
N GLY L 244 -7.63 -17.41 60.22
CA GLY L 244 -7.97 -18.59 59.45
C GLY L 244 -9.31 -19.15 59.90
N SER L 245 -9.30 -20.35 60.46
CA SER L 245 -10.50 -20.95 61.03
C SER L 245 -10.44 -21.12 62.54
N THR L 246 -9.49 -20.47 63.22
CA THR L 246 -9.40 -20.50 64.67
C THR L 246 -10.09 -19.27 65.25
N LEU L 247 -10.89 -19.48 66.28
CA LEU L 247 -11.69 -18.43 66.89
C LEU L 247 -11.07 -17.96 68.21
N TYR L 248 -11.10 -16.64 68.44
CA TYR L 248 -10.59 -16.00 69.66
C TYR L 248 -11.55 -14.91 70.09
N PRO L 249 -12.11 -14.98 71.30
CA PRO L 249 -12.82 -13.81 71.86
C PRO L 249 -11.87 -12.87 72.60
N GLU L 250 -12.11 -11.57 72.44
CA GLU L 250 -11.27 -10.54 73.06
C GLU L 250 -12.14 -9.42 73.62
N SER L 251 -11.48 -8.48 74.30
CA SER L 251 -12.12 -7.34 74.94
C SER L 251 -11.58 -6.03 74.36
N ARG L 252 -12.48 -5.07 74.14
CA ARG L 252 -12.06 -3.76 73.62
C ARG L 252 -11.16 -3.03 74.60
N LYS L 253 -11.50 -3.08 75.89
CA LYS L 253 -10.76 -2.31 76.89
C LYS L 253 -9.31 -2.79 77.01
N LEU L 254 -9.09 -4.10 76.97
CA LEU L 254 -7.74 -4.62 77.11
C LEU L 254 -6.94 -4.45 75.83
N LEU L 255 -7.59 -4.42 74.66
CA LEU L 255 -6.87 -4.14 73.42
C LEU L 255 -6.43 -2.69 73.35
N LYS L 256 -7.29 -1.76 73.79
CA LYS L 256 -6.97 -0.35 73.73
C LYS L 256 -5.87 0.04 74.72
N SER L 257 -5.69 -0.73 75.79
CA SER L 257 -4.70 -0.39 76.80
C SER L 257 -3.27 -0.64 76.35
N TRP L 258 -3.05 -1.33 75.24
CA TRP L 258 -1.72 -1.46 74.66
C TRP L 258 -1.44 -0.41 73.60
N HIS L 259 -2.32 0.58 73.44
CA HIS L 259 -2.09 1.74 72.59
C HIS L 259 -1.59 2.88 73.49
N LEU L 260 -0.30 2.81 73.84
CA LEU L 260 0.41 3.62 74.84
C LEU L 260 1.01 4.87 74.23
N PRO L 261 1.09 5.96 74.99
CA PRO L 261 1.68 7.21 74.49
C PRO L 261 3.20 7.17 74.47
N SER L 262 3.79 8.27 74.01
CA SER L 262 5.25 8.38 73.93
C SER L 262 5.89 8.34 75.31
N VAL L 263 5.30 9.00 76.29
CA VAL L 263 5.84 9.07 77.64
C VAL L 263 4.72 8.88 78.64
N PHE L 264 4.93 8.02 79.64
CA PHE L 264 3.94 7.82 80.70
C PHE L 264 4.66 7.45 81.99
N HIS L 265 4.00 7.72 83.11
CA HIS L 265 4.56 7.48 84.44
C HIS L 265 3.74 6.41 85.18
N LEU L 266 4.45 5.52 85.87
CA LEU L 266 3.85 4.54 86.76
C LEU L 266 4.13 4.94 88.20
N LYS L 267 3.07 5.19 88.98
CA LYS L 267 3.20 5.73 90.33
C LYS L 267 2.69 4.72 91.35
N GLY L 268 3.60 3.89 91.85
CA GLY L 268 3.27 2.96 92.92
C GLY L 268 4.14 3.17 94.15
N LYS L 269 4.48 2.07 94.83
CA LYS L 269 5.49 2.14 95.88
C LYS L 269 6.90 2.30 95.31
N LEU L 270 7.06 2.16 94.00
CA LEU L 270 8.32 2.43 93.32
C LEU L 270 7.97 3.10 92.01
N SER L 271 8.30 4.39 91.89
CA SER L 271 7.92 5.17 90.73
C SER L 271 8.81 4.87 89.53
N PHE L 272 8.22 4.94 88.34
CA PHE L 272 8.94 4.68 87.11
C PHE L 272 8.53 5.70 86.05
N THR L 273 9.40 5.87 85.05
CA THR L 273 9.17 6.74 83.90
C THR L 273 9.45 5.92 82.64
N CYS L 274 8.51 5.94 81.69
CA CYS L 274 8.50 4.95 80.63
C CYS L 274 8.28 5.59 79.26
N ARG L 275 8.82 4.94 78.24
CA ARG L 275 8.70 5.32 76.84
C ARG L 275 8.15 4.15 76.03
N CYS L 276 7.51 4.45 74.90
CA CYS L 276 6.96 3.44 74.02
C CYS L 276 7.18 3.86 72.57
N ASP L 277 7.89 3.04 71.82
CA ASP L 277 8.15 3.30 70.41
C ASP L 277 7.77 2.08 69.57
N THR L 278 7.36 2.34 68.33
CA THR L 278 7.02 1.29 67.38
C THR L 278 8.21 1.07 66.46
N VAL L 279 8.71 -0.16 66.42
CA VAL L 279 9.98 -0.47 65.77
C VAL L 279 9.78 -1.15 64.43
N VAL L 280 8.76 -1.99 64.29
CA VAL L 280 8.46 -2.65 63.02
C VAL L 280 6.97 -2.45 62.73
N SER L 281 6.61 -2.49 61.46
CA SER L 281 5.22 -2.29 61.04
C SER L 281 5.04 -2.86 59.65
N CYS L 282 4.17 -3.87 59.51
CA CYS L 282 3.98 -4.56 58.23
C CYS L 282 2.50 -4.92 58.06
N GLU L 283 1.75 -4.05 57.39
CA GLU L 283 0.39 -4.33 56.89
C GLU L 283 -0.60 -4.71 57.99
N GLY L 284 -0.40 -4.24 59.20
CA GLY L 284 -1.30 -4.55 60.30
C GLY L 284 -0.69 -5.34 61.43
N TYR L 285 0.60 -5.68 61.38
CA TYR L 285 1.26 -6.41 62.44
C TYR L 285 2.46 -5.57 62.88
N VAL L 286 2.65 -5.40 64.20
CA VAL L 286 3.65 -4.46 64.71
C VAL L 286 4.51 -5.09 65.79
N VAL L 287 5.68 -4.47 66.02
CA VAL L 287 6.54 -4.74 67.16
C VAL L 287 6.72 -3.43 67.92
N LYS L 288 6.44 -3.45 69.22
CA LYS L 288 6.65 -2.30 70.10
C LYS L 288 7.82 -2.57 71.05
N ARG L 289 8.46 -1.49 71.49
CA ARG L 289 9.55 -1.55 72.46
C ARG L 289 9.29 -0.55 73.57
N ILE L 290 9.38 -1.01 74.81
CA ILE L 290 9.09 -0.18 75.98
C ILE L 290 10.31 -0.21 76.90
N THR L 291 10.93 0.96 77.08
CA THR L 291 12.01 1.13 78.05
C THR L 291 11.44 1.72 79.34
N MET L 292 12.05 1.36 80.47
CA MET L 292 11.54 1.76 81.77
C MET L 292 12.74 2.08 82.66
N SER L 293 12.51 2.94 83.66
CA SER L 293 13.60 3.47 84.47
C SER L 293 13.03 4.01 85.78
N PRO L 294 13.80 3.94 86.87
CA PRO L 294 13.26 4.32 88.18
C PRO L 294 13.25 5.83 88.39
N GLY L 295 12.31 6.27 89.23
CA GLY L 295 12.16 7.68 89.54
C GLY L 295 11.41 8.42 88.45
N LEU L 296 10.55 9.37 88.84
CA LEU L 296 9.68 10.06 87.90
C LEU L 296 10.26 11.41 87.53
N TYR L 297 10.42 11.65 86.22
CA TYR L 297 11.02 12.87 85.71
C TYR L 297 10.55 13.09 84.28
N GLY L 298 10.70 14.32 83.82
CA GLY L 298 10.21 14.70 82.51
C GLY L 298 8.77 15.16 82.56
N LYS L 299 8.21 15.39 81.38
CA LYS L 299 6.83 15.84 81.27
C LYS L 299 6.10 15.01 80.21
N THR L 300 4.80 14.83 80.43
CA THR L 300 3.95 14.04 79.55
C THR L 300 2.95 14.94 78.83
N THR L 301 2.61 14.57 77.60
CA THR L 301 1.54 15.22 76.85
C THR L 301 0.28 14.39 76.73
N GLY L 302 0.41 13.06 76.67
CA GLY L 302 -0.75 12.21 76.48
C GLY L 302 -1.18 12.02 75.05
N TYR L 303 -0.24 11.99 74.11
CA TYR L 303 -0.54 11.79 72.70
C TYR L 303 0.15 10.53 72.20
N ALA L 304 -0.57 9.74 71.42
CA ALA L 304 -0.02 8.56 70.75
C ALA L 304 -0.10 8.76 69.25
N VAL L 305 0.94 8.37 68.54
CA VAL L 305 1.10 8.65 67.12
C VAL L 305 1.28 7.35 66.36
N THR L 306 0.58 7.20 65.23
CA THR L 306 0.71 6.07 64.32
C THR L 306 1.16 6.59 62.96
N HIS L 307 2.24 6.02 62.43
CA HIS L 307 2.70 6.34 61.09
C HIS L 307 2.18 5.30 60.10
N HIS L 308 1.62 5.76 58.98
CA HIS L 308 0.94 4.91 58.02
C HIS L 308 1.83 4.70 56.80
N ALA L 309 2.36 3.48 56.64
CA ALA L 309 3.11 3.15 55.44
C ALA L 309 2.20 2.70 54.30
N ASP L 310 1.06 2.12 54.61
CA ASP L 310 -0.01 1.87 53.65
C ASP L 310 -1.22 2.71 54.00
N GLY L 311 -2.25 2.66 53.15
CA GLY L 311 -3.47 3.39 53.43
C GLY L 311 -4.34 2.70 54.48
N PHE L 312 -5.04 3.53 55.25
CA PHE L 312 -5.99 3.07 56.25
C PHE L 312 -7.35 3.71 55.96
N LEU L 313 -8.39 2.90 55.86
CA LEU L 313 -9.73 3.36 55.51
C LEU L 313 -10.74 3.02 56.59
N MET L 314 -11.81 3.80 56.63
CA MET L 314 -12.91 3.58 57.58
C MET L 314 -14.13 4.33 57.06
N CYS L 315 -15.21 3.61 56.77
CA CYS L 315 -16.37 4.22 56.14
C CYS L 315 -17.68 3.66 56.70
N LYS L 316 -18.77 4.29 56.30
CA LYS L 316 -20.11 3.87 56.64
C LYS L 316 -20.67 2.93 55.59
N THR L 317 -21.22 1.80 56.03
CA THR L 317 -21.86 0.84 55.12
C THR L 317 -23.28 0.56 55.59
N THR L 318 -24.11 0.13 54.65
CA THR L 318 -25.48 -0.30 54.93
C THR L 318 -25.57 -1.80 54.66
N ASP L 319 -26.20 -2.52 55.59
CA ASP L 319 -26.37 -3.96 55.47
C ASP L 319 -27.69 -4.34 56.14
N THR L 320 -28.00 -5.62 56.08
CA THR L 320 -29.14 -6.20 56.78
C THR L 320 -28.62 -7.11 57.89
N VAL L 321 -29.08 -6.87 59.11
CA VAL L 321 -28.67 -7.68 60.27
C VAL L 321 -29.92 -8.36 60.80
N ASP L 322 -29.98 -9.68 60.63
CA ASP L 322 -31.14 -10.49 61.03
C ASP L 322 -32.44 -10.01 60.37
N GLY L 323 -32.36 -9.52 59.14
CA GLY L 323 -33.52 -9.05 58.42
C GLY L 323 -33.73 -7.54 58.42
N GLU L 324 -33.11 -6.82 59.36
CA GLU L 324 -33.35 -5.39 59.54
C GLU L 324 -32.21 -4.58 58.95
N ARG L 325 -32.55 -3.60 58.12
CA ARG L 325 -31.57 -2.74 57.46
C ARG L 325 -31.02 -1.69 58.43
N VAL L 326 -29.68 -1.58 58.52
CA VAL L 326 -28.99 -0.73 59.48
C VAL L 326 -27.71 -0.19 58.84
N SER L 327 -27.01 0.68 59.59
CA SER L 327 -25.75 1.28 59.14
C SER L 327 -24.71 1.23 60.26
N PHE L 328 -23.46 0.96 59.89
CA PHE L 328 -22.34 0.93 60.84
C PHE L 328 -21.04 1.06 60.06
N SER L 329 -19.92 1.07 60.79
CA SER L 329 -18.61 1.40 60.22
C SER L 329 -17.69 0.18 60.12
N VAL L 330 -16.91 0.13 59.04
CA VAL L 330 -15.99 -0.96 58.72
C VAL L 330 -14.63 -0.37 58.36
N CYS L 331 -13.56 -1.07 58.70
CA CYS L 331 -12.20 -0.60 58.44
C CYS L 331 -11.38 -1.65 57.71
N THR L 332 -10.34 -1.22 57.00
CA THR L 332 -9.46 -2.12 56.25
C THR L 332 -8.16 -1.40 55.88
N TYR L 333 -7.21 -2.16 55.35
CA TYR L 333 -5.91 -1.67 54.90
C TYR L 333 -5.80 -1.80 53.39
N VAL L 334 -5.19 -0.80 52.74
CA VAL L 334 -5.06 -0.76 51.29
C VAL L 334 -3.58 -0.59 50.94
N PRO L 335 -3.05 -1.36 50.00
CA PRO L 335 -1.62 -1.24 49.66
C PRO L 335 -1.27 0.09 49.01
N ALA L 336 -0.02 0.52 49.24
CA ALA L 336 0.41 1.86 48.87
C ALA L 336 0.41 2.08 47.36
N THR L 337 0.75 1.05 46.58
CA THR L 337 0.74 1.19 45.13
C THR L 337 -0.66 1.48 44.60
N ILE L 338 -1.69 0.84 45.17
CA ILE L 338 -3.06 1.10 44.75
C ILE L 338 -3.46 2.55 45.07
N CYS L 339 -3.10 3.02 46.26
CA CYS L 339 -3.47 4.37 46.68
C CYS L 339 -2.83 5.42 45.77
N ASP L 340 -1.57 5.22 45.39
CA ASP L 340 -0.87 6.17 44.53
C ASP L 340 -1.53 6.27 43.15
N GLN L 341 -2.01 5.15 42.62
CA GLN L 341 -2.58 5.14 41.27
C GLN L 341 -4.01 5.66 41.22
N MET L 342 -4.63 5.97 42.35
CA MET L 342 -5.96 6.58 42.35
C MET L 342 -5.93 8.08 42.57
N THR L 343 -4.74 8.69 42.64
CA THR L 343 -4.64 10.12 42.95
C THR L 343 -5.31 10.97 41.89
N GLY L 344 -5.09 10.65 40.61
CA GLY L 344 -5.71 11.39 39.53
C GLY L 344 -7.22 11.27 39.45
N ILE L 345 -7.73 10.06 39.67
CA ILE L 345 -9.17 9.80 39.54
C ILE L 345 -9.97 10.54 40.60
N LEU L 346 -9.45 10.67 41.82
CA LEU L 346 -10.24 11.23 42.90
C LEU L 346 -10.27 12.76 42.88
N ALA L 347 -9.72 13.39 41.85
CA ALA L 347 -9.82 14.83 41.70
C ALA L 347 -11.24 15.27 41.40
N THR L 348 -12.01 14.44 40.70
CA THR L 348 -13.41 14.71 40.38
C THR L 348 -14.33 13.78 41.17
N GLU L 349 -15.62 13.88 40.88
CA GLU L 349 -16.62 13.03 41.52
C GLU L 349 -16.87 11.80 40.67
N VAL L 350 -16.73 10.64 41.30
CA VAL L 350 -16.83 9.35 40.62
C VAL L 350 -17.89 8.52 41.32
N THR L 351 -18.64 7.73 40.56
CA THR L 351 -19.66 6.85 41.13
C THR L 351 -19.01 5.60 41.73
N PRO L 352 -19.68 4.96 42.69
CA PRO L 352 -19.12 3.70 43.22
C PRO L 352 -18.94 2.62 42.17
N GLU L 353 -19.83 2.57 41.17
CA GLU L 353 -19.70 1.54 40.13
C GLU L 353 -18.44 1.77 39.29
N ASP L 354 -18.16 3.02 38.94
CA ASP L 354 -16.99 3.31 38.11
C ASP L 354 -15.69 3.16 38.89
N ALA L 355 -15.71 3.47 40.19
CA ALA L 355 -14.55 3.20 41.03
C ALA L 355 -14.24 1.71 41.09
N GLN L 356 -15.28 0.88 41.18
CA GLN L 356 -15.07 -0.57 41.26
C GLN L 356 -14.41 -1.14 40.01
N LYS L 357 -14.85 -0.69 38.83
CA LYS L 357 -14.25 -1.18 37.59
C LYS L 357 -12.79 -0.76 37.47
N LEU L 358 -12.48 0.47 37.86
CA LEU L 358 -11.08 0.93 37.82
C LEU L 358 -10.21 0.11 38.76
N LEU L 359 -10.71 -0.19 39.97
CA LEU L 359 -9.94 -0.95 40.94
C LEU L 359 -9.67 -2.38 40.47
N VAL L 360 -10.64 -3.00 39.81
CA VAL L 360 -10.44 -4.34 39.29
C VAL L 360 -9.35 -4.35 38.21
N GLY L 361 -9.36 -3.33 37.34
CA GLY L 361 -8.31 -3.23 36.34
C GLY L 361 -6.92 -3.07 36.94
N LEU L 362 -6.79 -2.25 37.98
CA LEU L 362 -5.50 -2.04 38.62
C LEU L 362 -5.03 -3.26 39.40
N ASN L 363 -5.94 -4.18 39.72
CA ASN L 363 -5.63 -5.30 40.60
C ASN L 363 -5.05 -6.50 39.88
N GLN L 364 -5.30 -6.66 38.56
CA GLN L 364 -4.86 -7.84 37.84
C GLN L 364 -3.35 -7.90 37.63
N ARG L 365 -2.58 -7.00 38.22
CA ARG L 365 -1.14 -7.02 38.08
C ARG L 365 -0.52 -8.21 38.80
N THR L 376 -2.84 -13.42 39.53
CA THR L 376 -2.47 -12.95 40.86
C THR L 376 -3.00 -11.53 41.10
N ASN L 377 -3.46 -11.26 42.31
CA ASN L 377 -4.05 -9.98 42.67
C ASN L 377 -3.21 -9.29 43.73
N THR L 378 -3.22 -7.96 43.71
CA THR L 378 -2.53 -7.19 44.76
C THR L 378 -3.30 -7.22 46.07
N MET L 379 -4.63 -7.08 46.01
CA MET L 379 -5.48 -7.12 47.18
C MET L 379 -6.58 -8.16 46.97
N LYS L 380 -7.14 -8.64 48.08
CA LYS L 380 -8.23 -9.61 48.05
C LYS L 380 -9.49 -8.99 47.46
N ASN L 381 -10.21 -9.78 46.67
CA ASN L 381 -11.35 -9.28 45.91
C ASN L 381 -12.59 -9.05 46.76
N TYR L 382 -12.72 -9.70 47.92
CA TYR L 382 -13.93 -9.53 48.72
C TYR L 382 -13.98 -8.19 49.44
N MET L 383 -12.86 -7.47 49.53
CA MET L 383 -12.88 -6.14 50.14
C MET L 383 -13.05 -5.03 49.11
N ILE L 384 -13.00 -5.35 47.82
CA ILE L 384 -13.04 -4.31 46.79
C ILE L 384 -14.32 -3.50 46.78
N PRO L 385 -15.52 -4.08 46.88
CA PRO L 385 -16.73 -3.23 46.85
C PRO L 385 -16.83 -2.20 47.95
N VAL L 386 -16.36 -2.49 49.16
CA VAL L 386 -16.46 -1.51 50.23
C VAL L 386 -15.37 -0.44 50.10
N VAL L 387 -14.21 -0.79 49.54
CA VAL L 387 -13.17 0.19 49.28
C VAL L 387 -13.60 1.17 48.19
N ALA L 388 -14.25 0.66 47.14
CA ALA L 388 -14.71 1.51 46.06
C ALA L 388 -15.78 2.49 46.52
N GLN L 389 -16.59 2.07 47.49
CA GLN L 389 -17.63 2.94 48.03
C GLN L 389 -17.06 4.02 48.95
N ALA L 390 -16.01 3.70 49.71
CA ALA L 390 -15.37 4.70 50.56
C ALA L 390 -14.67 5.78 49.72
N PHE L 391 -13.99 5.37 48.64
CA PHE L 391 -13.25 6.32 47.82
C PHE L 391 -14.17 7.35 47.17
N SER L 392 -15.36 6.94 46.74
CA SER L 392 -16.26 7.88 46.09
C SER L 392 -16.93 8.83 47.07
N LYS L 393 -17.19 8.39 48.31
CA LYS L 393 -17.72 9.30 49.32
C LYS L 393 -16.67 10.31 49.76
N TRP L 394 -15.40 9.91 49.81
CA TRP L 394 -14.33 10.83 50.16
C TRP L 394 -14.17 11.93 49.12
N ALA L 395 -14.22 11.57 47.84
CA ALA L 395 -14.08 12.55 46.77
C ALA L 395 -15.25 13.54 46.75
N LYS L 396 -16.43 13.09 47.16
CA LYS L 396 -17.58 13.98 47.18
C LYS L 396 -17.49 14.98 48.34
N GLU L 397 -17.02 14.55 49.50
CA GLU L 397 -16.89 15.44 50.64
C GLU L 397 -15.75 16.45 50.47
N CYS L 398 -14.76 16.16 49.62
CA CYS L 398 -13.71 17.13 49.34
C CYS L 398 -14.23 18.26 48.45
N ARG L 399 -15.10 17.94 47.50
CA ARG L 399 -15.68 18.97 46.63
C ARG L 399 -16.54 19.94 47.43
N LYS L 400 -17.30 19.44 48.41
CA LYS L 400 -18.20 20.30 49.17
C LYS L 400 -17.43 21.29 50.03
N ASP L 401 -16.28 20.89 50.57
CA ASP L 401 -15.43 21.81 51.31
C ASP L 401 -14.97 22.97 50.43
N MET L 402 -14.55 22.65 49.20
CA MET L 402 -14.01 23.66 48.30
C MET L 402 -15.05 24.67 47.85
N GLU L 403 -16.32 24.27 47.78
CA GLU L 403 -17.38 25.14 47.31
C GLU L 403 -18.10 25.89 48.43
N ASP L 404 -17.73 25.66 49.69
CA ASP L 404 -18.29 26.38 50.84
C ASP L 404 -17.10 26.87 51.65
N GLU L 405 -16.54 27.99 51.24
CA GLU L 405 -15.25 28.47 51.74
C GLU L 405 -15.46 29.65 52.68
N LYS L 406 -14.72 29.65 53.79
CA LYS L 406 -14.91 30.61 54.86
C LYS L 406 -13.84 31.69 54.81
N LEU L 407 -13.88 32.58 55.80
CA LEU L 407 -12.91 33.64 55.94
C LEU L 407 -11.76 33.19 56.83
N LEU L 408 -10.56 33.72 56.58
CA LEU L 408 -9.39 33.33 57.35
C LEU L 408 -9.53 33.80 58.79
N GLY L 409 -9.20 32.91 59.73
CA GLY L 409 -9.09 33.32 61.11
C GLY L 409 -10.41 33.54 61.82
N VAL L 410 -11.53 33.16 61.21
CA VAL L 410 -12.85 33.49 61.72
C VAL L 410 -13.70 32.23 61.74
N ARG L 411 -14.20 31.89 62.92
CA ARG L 411 -15.30 30.94 63.08
C ARG L 411 -16.56 31.79 63.02
N GLU L 412 -17.53 31.42 62.19
CA GLU L 412 -18.81 32.16 62.23
C GLU L 412 -19.86 31.35 62.98
N ARG L 413 -19.80 31.49 64.30
CA ARG L 413 -20.80 30.96 65.21
C ARG L 413 -21.94 31.94 65.47
N THR L 414 -21.96 33.07 64.76
CA THR L 414 -22.97 34.11 64.91
C THR L 414 -23.10 34.59 66.35
N CYS L 419 -26.31 34.76 67.12
CA CYS L 419 -26.62 35.58 68.28
C CYS L 419 -26.38 34.78 69.55
N LEU L 420 -26.77 33.51 69.53
CA LEU L 420 -26.39 32.55 70.55
C LEU L 420 -25.45 31.53 69.94
N TRP L 421 -24.47 31.09 70.73
CA TRP L 421 -23.34 30.34 70.18
C TRP L 421 -23.77 28.92 69.82
N ALA L 422 -24.31 28.76 68.60
CA ALA L 422 -24.76 27.45 68.13
C ALA L 422 -24.30 27.29 66.69
N PHE L 423 -23.40 26.36 66.44
CA PHE L 423 -22.85 26.14 65.12
C PHE L 423 -23.35 24.82 64.54
N LYS L 424 -23.23 24.70 63.23
CA LYS L 424 -23.71 23.52 62.50
C LYS L 424 -22.54 22.57 62.27
N LYS L 425 -22.76 21.29 62.56
CA LYS L 425 -21.77 20.26 62.32
C LYS L 425 -22.07 19.56 60.99
N GLN L 426 -21.02 19.29 60.22
CA GLN L 426 -21.15 18.62 58.95
C GLN L 426 -21.09 17.11 59.13
N LYS L 427 -21.54 16.39 58.11
CA LYS L 427 -21.52 14.94 58.13
C LYS L 427 -20.22 14.41 57.54
N THR L 428 -19.64 13.43 58.21
CA THR L 428 -18.41 12.77 57.77
C THR L 428 -18.68 11.28 57.67
N HIS L 429 -18.53 10.73 56.46
CA HIS L 429 -18.77 9.31 56.23
C HIS L 429 -17.52 8.51 55.92
N THR L 430 -16.37 9.14 55.68
CA THR L 430 -15.15 8.43 55.36
C THR L 430 -13.98 9.06 56.09
N VAL L 431 -13.12 8.22 56.66
CA VAL L 431 -11.81 8.62 57.17
C VAL L 431 -10.76 7.90 56.34
N TYR L 432 -9.89 8.67 55.68
CA TYR L 432 -8.90 8.12 54.76
C TYR L 432 -7.53 8.66 55.14
N LYS L 433 -6.66 7.78 55.65
CA LYS L 433 -5.28 8.13 55.99
C LYS L 433 -4.37 7.62 54.88
N ARG L 434 -3.85 8.54 54.08
CA ARG L 434 -2.99 8.23 52.96
C ARG L 434 -1.60 7.83 53.42
N PRO L 435 -0.85 7.12 52.60
CA PRO L 435 0.55 6.80 52.95
C PRO L 435 1.37 8.06 53.19
N ASP L 436 2.24 7.98 54.19
CA ASP L 436 3.12 9.06 54.68
C ASP L 436 2.40 10.10 55.53
N THR L 437 1.21 9.81 56.05
CA THR L 437 0.53 10.66 57.02
C THR L 437 0.59 10.01 58.39
N GLN L 438 0.06 10.69 59.40
CA GLN L 438 0.14 10.20 60.78
C GLN L 438 -1.15 10.50 61.53
N SER L 439 -1.63 9.50 62.28
CA SER L 439 -2.72 9.68 63.23
C SER L 439 -2.18 10.10 64.58
N ILE L 440 -2.99 10.85 65.34
CA ILE L 440 -2.58 11.31 66.65
C ILE L 440 -3.81 11.27 67.58
N GLN L 441 -3.66 10.58 68.71
CA GLN L 441 -4.75 10.28 69.63
C GLN L 441 -4.40 10.71 71.05
N LYS L 442 -5.38 11.24 71.75
CA LYS L 442 -5.21 11.69 73.13
C LYS L 442 -5.62 10.55 74.08
N VAL L 443 -4.66 10.00 74.82
CA VAL L 443 -4.89 8.89 75.73
C VAL L 443 -4.37 9.24 77.12
N GLN L 444 -4.61 8.34 78.06
CA GLN L 444 -4.22 8.53 79.46
C GLN L 444 -2.76 8.18 79.66
N ALA L 445 -2.07 8.98 80.48
CA ALA L 445 -0.63 8.84 80.65
C ALA L 445 -0.13 8.81 82.08
N GLU L 446 -1.00 8.92 83.08
CA GLU L 446 -0.61 8.83 84.49
C GLU L 446 -1.33 7.66 85.14
N PHE L 447 -0.56 6.70 85.64
CA PHE L 447 -1.11 5.44 86.16
C PHE L 447 -0.70 5.27 87.61
N ASP L 448 -1.69 5.10 88.50
CA ASP L 448 -1.41 4.90 89.91
C ASP L 448 -2.15 3.72 90.52
N SER L 449 -3.33 3.38 90.01
CA SER L 449 -4.11 2.27 90.55
C SER L 449 -3.78 1.00 89.79
N PHE L 450 -3.43 -0.05 90.53
CA PHE L 450 -3.00 -1.33 89.98
C PHE L 450 -3.70 -2.43 90.76
N VAL L 451 -4.90 -2.79 90.31
CA VAL L 451 -5.73 -3.75 91.00
C VAL L 451 -5.18 -5.17 90.88
N GLY L 459 -5.31 -25.42 88.76
CA GLY L 459 -5.26 -25.84 87.37
C GLY L 459 -4.79 -27.27 87.19
N LEU L 460 -3.50 -27.51 87.43
CA LEU L 460 -2.93 -28.83 87.25
C LEU L 460 -3.57 -29.82 88.21
N SER L 461 -3.79 -31.04 87.72
CA SER L 461 -4.41 -32.09 88.52
C SER L 461 -3.79 -33.43 88.17
N ILE L 462 -4.12 -34.44 89.00
CA ILE L 462 -3.39 -35.72 88.93
C ILE L 462 -3.45 -36.38 87.56
N PRO L 463 -4.60 -36.54 86.91
CA PRO L 463 -4.59 -37.21 85.59
C PRO L 463 -3.68 -36.54 84.58
N LEU L 464 -3.65 -35.21 84.58
CA LEU L 464 -2.68 -34.49 83.75
C LEU L 464 -1.28 -34.57 84.36
N ARG L 465 -1.20 -34.44 85.68
CA ARG L 465 0.08 -34.53 86.36
C ARG L 465 0.74 -35.88 86.11
N THR L 466 -0.04 -36.95 86.21
CA THR L 466 0.50 -38.30 86.00
C THR L 466 1.00 -38.47 84.57
N ARG L 467 0.25 -37.97 83.59
CA ARG L 467 0.64 -38.14 82.19
C ARG L 467 1.95 -37.44 81.89
N ILE L 468 2.12 -36.21 82.39
CA ILE L 468 3.39 -35.50 82.16
C ILE L 468 4.54 -36.25 82.80
N LYS L 469 4.36 -36.70 84.05
CA LYS L 469 5.45 -37.36 84.76
C LYS L 469 5.85 -38.67 84.08
N TRP L 470 4.91 -39.34 83.42
CA TRP L 470 5.20 -40.64 82.84
C TRP L 470 6.21 -40.54 81.71
N LEU L 471 6.10 -39.50 80.86
CA LEU L 471 7.03 -39.37 79.74
C LEU L 471 8.46 -39.12 80.22
N LEU L 472 8.64 -38.19 81.16
CA LEU L 472 9.98 -37.88 81.62
C LEU L 472 10.60 -39.00 82.46
N SER L 473 9.82 -39.99 82.87
CA SER L 473 10.33 -41.12 83.62
C SER L 473 11.33 -41.91 82.81
#